data_7X8X
#
_entry.id   7X8X
#
_cell.length_a   207.510
_cell.length_b   182.500
_cell.length_c   188.700
_cell.angle_alpha   90.000
_cell.angle_beta   95.020
_cell.angle_gamma   90.000
#
_symmetry.space_group_name_H-M   'C 1 2 1'
#
loop_
_entity.id
_entity.type
_entity.pdbx_description
1 polymer 'ATP-dependent Clp protease proteolytic subunit 2'
2 polymer 'ATP-dependent Clp protease proteolytic subunit 1'
3 polymer 4-[[3,5-bis(fluoranyl)phenyl]methyl]-N-[(4-bromophenyl)methyl]piperazine-1-carboxamide
4 non-polymer 4-[1-[3-[4-[(4-fluoranyl-2-methyl-1H-indol-5-yl)oxy]-6-methoxy-quinazolin-7-yl]oxypropyl]piperidin-4-yl]benzamide
#
loop_
_entity_poly.entity_id
_entity_poly.type
_entity_poly.pdbx_seq_one_letter_code
_entity_poly.pdbx_strand_id
1 'polypeptide(L)'
;YILPSFIEHSSFGVKESNPYNKLFEERIIFLGVQVDDASANDIMAQLLVLESLDPDRDITMYINSPGGGFTSLMAIYDTM
QYVRADIQTVCLGQAASAAAVLLAAGTPGKRMALPNARVLIHQPSLSGVIQGQFSDLEIQAAEIERMRTLMETTLARHTG
KDAGVIRKDTDRDKILTAEEAKDYGIIDTVLEYRKLS
;
A,O,C,Q,F,S,H,T,J,V,L,X,E,a
2 'polypeptide(L)'
;LTDSVYERLLSERIIFLGSEVNDEIANRLCAQILLLAAEDASKDISLYINSPGGSISAGMAIYDTMVLAPCDIATYAMGM
AASMGEFLLAAGTKGKRYALPHARILMHQPLGGVTGSAADIAIQAEQFAVIKKEMFRLNAEFTGQPIERIEADSDRDRWF
TAAEALEYGFVDHIITR
;
B,P,D,R,I,U,K,W,M,Y,N,Z,G,b
3 'polypeptide(L)' (BEZ)LL c,e,f,g,h,i,j,k,l,m,n,o,p,q,r,s,t,u,v,w,x,y,z,0,1,2,3,4
#
loop_
_chem_comp.id
_chem_comp.type
_chem_comp.name
_chem_comp.formula
AI4 non-polymer 4-[1-[3-[4-[(4-fluoranyl-2-methyl-1H-indol-5-yl)oxy]-6-methoxy-quinazolin-7-yl]oxypropyl]piperidin-4-yl]benzamide 'C33 H34 F N5 O4'
BEZ non-polymer 'BENZOIC ACID' 'C7 H6 O2'
#
# COMPACT_ATOMS: atom_id res chain seq x y z
N ILE A 2 -12.82 9.91 -40.45
CA ILE A 2 -14.22 10.41 -40.29
C ILE A 2 -14.81 11.21 -41.54
N LEU A 3 -14.54 12.60 -41.57
CA LEU A 3 -15.03 13.63 -42.52
C LEU A 3 -16.54 13.80 -42.54
N PRO A 4 -17.06 14.73 -41.75
CA PRO A 4 -18.51 14.82 -41.60
C PRO A 4 -19.14 15.33 -42.89
N SER A 5 -20.45 15.11 -42.97
CA SER A 5 -21.31 15.81 -43.92
C SER A 5 -22.24 16.78 -43.19
N PHE A 6 -22.68 17.78 -43.94
CA PHE A 6 -23.45 18.87 -43.40
C PHE A 6 -24.71 18.93 -44.28
N ILE A 7 -25.69 19.71 -43.90
CA ILE A 7 -26.98 19.75 -44.57
C ILE A 7 -27.23 21.21 -44.86
N GLU A 8 -27.60 21.53 -46.10
CA GLU A 8 -27.97 22.86 -46.53
C GLU A 8 -29.46 22.88 -46.84
N HIS A 9 -30.09 24.05 -46.69
CA HIS A 9 -31.53 24.15 -46.81
C HIS A 9 -31.84 25.44 -47.53
N SER A 10 -32.85 25.37 -48.38
CA SER A 10 -33.34 26.50 -49.14
C SER A 10 -34.86 26.39 -49.27
N SER A 11 -35.51 27.45 -49.77
CA SER A 11 -36.93 27.34 -50.11
C SER A 11 -37.20 26.22 -51.10
N PHE A 12 -36.17 25.69 -51.73
CA PHE A 12 -36.34 24.66 -52.72
C PHE A 12 -36.27 23.26 -52.17
N GLY A 13 -35.42 23.04 -51.17
CA GLY A 13 -35.17 21.68 -50.72
C GLY A 13 -34.02 21.60 -49.74
N VAL A 14 -33.94 20.45 -49.12
CA VAL A 14 -32.90 20.20 -48.15
C VAL A 14 -31.88 19.41 -48.91
N LYS A 15 -30.65 19.88 -48.91
CA LYS A 15 -29.53 19.26 -49.60
C LYS A 15 -28.46 18.81 -48.63
N GLU A 16 -28.14 17.50 -48.63
CA GLU A 16 -27.03 16.98 -47.83
C GLU A 16 -25.80 16.73 -48.70
N SER A 17 -24.67 17.32 -48.32
CA SER A 17 -23.46 17.12 -49.08
C SER A 17 -22.29 17.15 -48.12
N ASN A 18 -21.10 16.95 -48.65
CA ASN A 18 -19.91 16.89 -47.80
C ASN A 18 -18.84 17.87 -48.26
N PRO A 19 -17.76 18.03 -47.52
CA PRO A 19 -16.86 19.13 -47.85
C PRO A 19 -16.28 19.09 -49.23
N TYR A 20 -16.09 17.94 -49.81
CA TYR A 20 -15.51 17.97 -51.15
C TYR A 20 -16.51 18.15 -52.26
N ASN A 21 -17.72 17.72 -51.99
CA ASN A 21 -18.83 18.05 -52.87
C ASN A 21 -19.08 19.54 -52.89
N LYS A 22 -19.06 20.19 -51.72
CA LYS A 22 -19.27 21.64 -51.63
C LYS A 22 -18.16 22.37 -52.36
N LEU A 23 -16.92 21.96 -52.17
CA LEU A 23 -15.85 22.58 -52.93
C LEU A 23 -16.03 22.40 -54.44
N PHE A 24 -16.38 21.18 -54.90
CA PHE A 24 -16.61 20.97 -56.34
C PHE A 24 -17.78 21.84 -56.86
N GLU A 25 -18.85 21.97 -56.05
CA GLU A 25 -19.99 22.81 -56.42
C GLU A 25 -19.57 24.25 -56.70
N GLU A 26 -18.54 24.72 -56.01
CA GLU A 26 -17.98 26.04 -56.24
C GLU A 26 -16.78 26.00 -57.19
N ARG A 27 -16.66 24.96 -58.03
CA ARG A 27 -15.67 24.85 -59.11
C ARG A 27 -14.23 24.72 -58.57
N ILE A 28 -14.08 24.08 -57.42
CA ILE A 28 -12.78 23.84 -56.83
C ILE A 28 -12.43 22.36 -56.95
N ILE A 29 -11.33 22.05 -57.59
CA ILE A 29 -10.87 20.68 -57.63
C ILE A 29 -9.75 20.54 -56.64
N PHE A 30 -9.72 19.44 -55.89
CA PHE A 30 -8.68 19.22 -54.91
C PHE A 30 -7.70 18.19 -55.47
N LEU A 31 -6.45 18.58 -55.58
CA LEU A 31 -5.34 17.69 -55.92
C LEU A 31 -4.39 17.61 -54.74
N GLY A 32 -4.69 16.72 -53.80
CA GLY A 32 -3.97 16.76 -52.54
C GLY A 32 -3.36 15.45 -52.12
N VAL A 33 -3.17 14.55 -53.06
CA VAL A 33 -2.65 13.22 -52.78
C VAL A 33 -1.46 13.17 -53.70
N GLN A 34 -0.94 11.97 -53.96
CA GLN A 34 -0.01 11.72 -55.08
C GLN A 34 -0.69 11.56 -56.46
N VAL A 35 -0.15 12.29 -57.44
CA VAL A 35 -0.55 12.20 -58.84
C VAL A 35 -0.15 10.85 -59.39
N ASP A 36 -1.02 9.86 -59.33
CA ASP A 36 -0.80 8.66 -60.12
C ASP A 36 -1.83 8.55 -61.28
N ASP A 37 -1.85 7.41 -61.94
CA ASP A 37 -2.70 7.28 -63.11
C ASP A 37 -4.18 7.43 -62.73
N ALA A 38 -4.59 6.79 -61.65
CA ALA A 38 -5.93 7.00 -61.16
C ALA A 38 -6.21 8.47 -60.80
N SER A 39 -5.48 9.02 -59.85
CA SER A 39 -5.74 10.40 -59.45
C SER A 39 -5.82 11.32 -60.66
N ALA A 40 -4.98 11.03 -61.67
CA ALA A 40 -4.94 11.90 -62.84
C ALA A 40 -6.19 11.77 -63.66
N ASN A 41 -6.63 10.53 -63.90
CA ASN A 41 -7.90 10.34 -64.56
C ASN A 41 -9.03 10.96 -63.74
N ASP A 42 -9.01 10.81 -62.42
CA ASP A 42 -10.01 11.49 -61.60
C ASP A 42 -10.03 13.01 -61.84
N ILE A 43 -8.85 13.63 -61.99
CA ILE A 43 -8.81 15.08 -62.12
C ILE A 43 -9.25 15.53 -63.49
N MET A 44 -8.84 14.79 -64.52
CA MET A 44 -9.25 15.15 -65.86
C MET A 44 -10.76 15.11 -66.02
N ALA A 45 -11.37 14.05 -65.49
CA ALA A 45 -12.82 13.95 -65.47
C ALA A 45 -13.44 15.13 -64.73
N GLN A 46 -12.84 15.52 -63.58
CA GLN A 46 -13.34 16.71 -62.87
C GLN A 46 -13.16 17.95 -63.74
N LEU A 47 -11.99 18.12 -64.37
CA LEU A 47 -11.79 19.30 -65.21
C LEU A 47 -12.81 19.34 -66.33
N LEU A 48 -12.94 18.23 -67.08
CA LEU A 48 -13.84 18.20 -68.24
C LEU A 48 -15.30 18.37 -67.81
N VAL A 49 -15.68 17.81 -66.66
CA VAL A 49 -17.05 17.99 -66.22
C VAL A 49 -17.28 19.44 -65.86
N LEU A 50 -16.36 20.09 -65.16
CA LEU A 50 -16.60 21.50 -64.82
C LEU A 50 -16.57 22.40 -66.05
N GLU A 51 -15.84 22.00 -67.08
CA GLU A 51 -15.89 22.72 -68.34
C GLU A 51 -17.21 22.52 -69.03
N SER A 52 -17.85 21.38 -68.80
CA SER A 52 -19.15 21.18 -69.41
C SER A 52 -20.24 22.00 -68.72
N LEU A 53 -20.24 22.09 -67.38
CA LEU A 53 -21.35 22.77 -66.71
C LEU A 53 -21.35 24.25 -67.06
N ASP A 54 -20.14 24.88 -67.22
CA ASP A 54 -20.02 26.31 -67.54
C ASP A 54 -18.61 26.68 -67.99
N PRO A 55 -18.37 26.82 -69.29
CA PRO A 55 -17.02 27.11 -69.77
C PRO A 55 -16.59 28.55 -69.64
N ASP A 56 -17.48 29.42 -69.21
CA ASP A 56 -17.11 30.82 -69.07
C ASP A 56 -16.73 31.17 -67.66
N ARG A 57 -16.81 30.21 -66.75
CA ARG A 57 -16.45 30.42 -65.36
C ARG A 57 -15.21 29.63 -65.02
N ASP A 58 -14.47 30.14 -64.03
CA ASP A 58 -13.14 29.64 -63.69
C ASP A 58 -13.23 28.38 -62.83
N ILE A 59 -12.24 27.55 -63.02
CA ILE A 59 -12.06 26.37 -62.23
C ILE A 59 -10.88 26.64 -61.34
N THR A 60 -10.95 26.21 -60.08
CA THR A 60 -9.83 26.34 -59.15
C THR A 60 -9.28 24.97 -58.72
N MET A 61 -7.96 24.82 -58.74
CA MET A 61 -7.30 23.60 -58.30
C MET A 61 -6.46 23.91 -57.06
N TYR A 62 -6.87 23.45 -55.87
CA TYR A 62 -6.05 23.52 -54.66
C TYR A 62 -4.98 22.40 -54.70
N ILE A 63 -3.74 22.70 -54.32
CA ILE A 63 -2.62 21.79 -54.50
C ILE A 63 -1.82 21.65 -53.21
N ASN A 64 -1.80 20.45 -52.65
CA ASN A 64 -1.00 20.09 -51.51
C ASN A 64 -0.53 18.71 -51.90
N SER A 65 0.45 18.65 -52.77
CA SER A 65 0.79 17.40 -53.45
C SER A 65 2.25 17.20 -53.61
N PRO A 66 2.73 15.89 -53.37
CA PRO A 66 4.13 15.63 -53.56
C PRO A 66 4.45 15.40 -55.01
N GLY A 67 3.48 15.49 -55.89
CA GLY A 67 3.83 15.37 -57.29
C GLY A 67 3.44 14.02 -57.80
N GLY A 68 4.02 13.52 -58.88
CA GLY A 68 3.65 12.20 -59.34
C GLY A 68 4.25 11.92 -60.69
N GLY A 69 3.77 10.86 -61.31
CA GLY A 69 4.33 10.41 -62.54
C GLY A 69 4.32 11.49 -63.60
N PHE A 70 5.03 11.15 -64.66
CA PHE A 70 5.29 12.13 -65.69
C PHE A 70 4.17 12.08 -66.72
N THR A 71 3.84 10.89 -67.24
CA THR A 71 2.72 10.92 -68.17
C THR A 71 1.44 11.30 -67.49
N SER A 72 1.37 11.09 -66.18
CA SER A 72 0.20 11.53 -65.45
C SER A 72 0.16 13.06 -65.40
N LEU A 73 1.32 13.67 -65.20
CA LEU A 73 1.35 15.13 -65.19
C LEU A 73 0.85 15.72 -66.49
N MET A 74 1.36 15.21 -67.60
CA MET A 74 1.10 15.76 -68.91
C MET A 74 -0.33 15.46 -69.38
N ALA A 75 -0.98 14.39 -68.91
CA ALA A 75 -2.41 14.36 -69.13
C ALA A 75 -3.09 15.54 -68.44
N ILE A 76 -2.83 15.71 -67.13
CA ILE A 76 -3.48 16.77 -66.35
C ILE A 76 -3.15 18.12 -66.92
N TYR A 77 -1.89 18.33 -67.27
CA TYR A 77 -1.48 19.59 -67.88
C TYR A 77 -2.16 19.85 -69.23
N ASP A 78 -2.16 18.89 -70.18
CA ASP A 78 -2.79 19.14 -71.49
C ASP A 78 -4.26 19.44 -71.34
N THR A 79 -4.90 18.78 -70.39
CA THR A 79 -6.30 19.04 -70.09
C THR A 79 -6.55 20.44 -69.53
N MET A 80 -5.80 20.85 -68.52
CA MET A 80 -5.88 22.24 -68.08
C MET A 80 -5.77 23.27 -69.24
N GLN A 81 -4.85 23.06 -70.18
CA GLN A 81 -4.67 24.05 -71.24
C GLN A 81 -5.72 23.94 -72.37
N TYR A 82 -6.34 22.76 -72.57
CA TYR A 82 -7.36 22.58 -73.63
C TYR A 82 -8.69 23.22 -73.27
N VAL A 83 -9.12 23.04 -72.01
CA VAL A 83 -10.33 23.65 -71.48
C VAL A 83 -10.29 25.16 -71.65
N ARG A 84 -11.46 25.69 -72.06
CA ARG A 84 -11.67 27.09 -72.36
C ARG A 84 -11.67 27.91 -71.08
N ALA A 85 -12.24 27.34 -70.05
CA ALA A 85 -12.38 28.03 -68.79
C ALA A 85 -11.00 28.28 -68.20
N ASP A 86 -10.85 29.44 -67.57
CA ASP A 86 -9.58 29.72 -66.93
C ASP A 86 -9.37 28.79 -65.76
N ILE A 87 -8.10 28.60 -65.38
CA ILE A 87 -7.73 27.80 -64.22
C ILE A 87 -6.89 28.60 -63.24
N GLN A 88 -7.42 28.79 -62.06
CA GLN A 88 -6.74 29.33 -60.91
C GLN A 88 -6.13 28.20 -60.09
N THR A 89 -4.84 28.27 -59.84
CA THR A 89 -4.17 27.29 -59.01
C THR A 89 -3.81 27.88 -57.65
N VAL A 90 -3.95 27.08 -56.59
CA VAL A 90 -3.56 27.51 -55.25
C VAL A 90 -2.75 26.42 -54.54
N CYS A 91 -1.54 26.79 -54.09
CA CYS A 91 -0.64 25.89 -53.37
C CYS A 91 -0.86 26.17 -51.88
N LEU A 92 -1.38 25.15 -51.17
CA LEU A 92 -1.78 25.32 -49.79
C LEU A 92 -0.69 24.89 -48.83
N GLY A 93 -0.02 23.79 -49.15
CA GLY A 93 1.09 23.32 -48.35
C GLY A 93 2.31 23.17 -49.23
N GLN A 94 2.28 22.27 -50.22
CA GLN A 94 3.44 21.99 -51.07
C GLN A 94 2.98 21.65 -52.47
N ALA A 95 3.81 22.00 -53.43
CA ALA A 95 3.56 21.68 -54.83
C ALA A 95 4.93 21.28 -55.30
N ALA A 96 5.18 19.99 -55.39
CA ALA A 96 6.51 19.53 -55.68
C ALA A 96 6.55 18.72 -56.95
N SER A 97 7.68 18.82 -57.64
CA SER A 97 7.97 17.99 -58.79
C SER A 97 6.86 18.28 -59.82
N ALA A 98 6.12 17.24 -60.21
CA ALA A 98 5.08 17.39 -61.21
C ALA A 98 4.09 18.44 -60.78
N ALA A 99 3.84 18.54 -59.46
CA ALA A 99 2.79 19.42 -59.00
C ALA A 99 3.24 20.84 -59.11
N ALA A 100 4.54 21.09 -59.01
CA ALA A 100 4.99 22.46 -59.14
C ALA A 100 4.82 22.95 -60.55
N VAL A 101 4.87 22.03 -61.52
CA VAL A 101 4.64 22.38 -62.91
C VAL A 101 3.20 22.76 -63.14
N LEU A 102 2.27 21.98 -62.55
CA LEU A 102 0.84 22.26 -62.60
C LEU A 102 0.49 23.55 -61.87
N LEU A 103 1.15 23.84 -60.75
CA LEU A 103 0.88 25.14 -60.16
C LEU A 103 1.18 26.24 -61.16
N ALA A 104 2.34 26.13 -61.81
CA ALA A 104 2.80 27.20 -62.71
C ALA A 104 1.92 27.29 -63.94
N ALA A 105 1.22 26.19 -64.27
CA ALA A 105 0.45 26.12 -65.50
C ALA A 105 -0.94 26.73 -65.43
N GLY A 106 -1.40 27.14 -64.25
CA GLY A 106 -2.63 27.94 -64.20
C GLY A 106 -2.59 29.14 -65.14
N THR A 107 -3.76 29.74 -65.40
CA THR A 107 -3.87 30.84 -66.37
C THR A 107 -3.25 32.06 -65.73
N PRO A 108 -2.51 32.85 -66.48
CA PRO A 108 -1.71 33.89 -65.84
C PRO A 108 -2.51 34.85 -64.98
N GLY A 109 -1.92 35.18 -63.85
CA GLY A 109 -2.55 36.07 -62.90
C GLY A 109 -3.38 35.37 -61.84
N LYS A 110 -3.65 34.08 -62.01
CA LYS A 110 -4.51 33.36 -61.10
C LYS A 110 -3.74 32.22 -60.44
N ARG A 111 -2.42 32.34 -60.38
CA ARG A 111 -1.58 31.34 -59.73
C ARG A 111 -1.18 31.93 -58.37
N MET A 112 -1.47 31.25 -57.28
CA MET A 112 -1.20 31.80 -55.96
C MET A 112 -0.79 30.72 -54.96
N ALA A 113 -0.35 31.17 -53.77
CA ALA A 113 0.12 30.30 -52.69
C ALA A 113 -0.16 31.00 -51.37
N LEU A 114 -0.48 30.22 -50.36
CA LEU A 114 -0.58 30.71 -49.01
C LEU A 114 0.82 30.97 -48.46
N PRO A 115 0.94 31.80 -47.45
CA PRO A 115 2.26 32.40 -47.21
C PRO A 115 3.34 31.39 -46.87
N ASN A 116 3.04 30.32 -46.13
CA ASN A 116 4.10 29.40 -45.70
C ASN A 116 4.29 28.18 -46.58
N ALA A 117 3.67 28.16 -47.78
CA ALA A 117 3.71 27.05 -48.72
C ALA A 117 5.10 26.97 -49.19
N ARG A 118 5.53 25.78 -49.58
CA ARG A 118 6.87 25.57 -50.11
C ARG A 118 6.62 24.99 -51.52
N VAL A 119 7.51 25.28 -52.45
CA VAL A 119 7.50 24.74 -53.82
C VAL A 119 8.81 24.03 -54.07
N LEU A 120 8.75 22.82 -54.61
CA LEU A 120 9.95 22.08 -54.90
C LEU A 120 10.02 21.85 -56.38
N ILE A 121 11.20 22.02 -56.97
CA ILE A 121 11.43 21.74 -58.38
C ILE A 121 12.66 20.85 -58.48
N HIS A 122 12.51 19.66 -59.08
CA HIS A 122 13.65 18.77 -59.33
C HIS A 122 13.32 18.00 -60.63
N GLN A 123 14.30 17.48 -61.24
CA GLN A 123 14.11 16.82 -62.52
C GLN A 123 13.68 15.37 -62.35
N PRO A 124 13.05 14.80 -63.38
CA PRO A 124 12.55 13.42 -63.30
C PRO A 124 13.58 12.47 -62.74
N SER A 125 13.15 11.63 -61.80
CA SER A 125 13.94 10.61 -61.15
C SER A 125 13.26 9.29 -61.46
N LEU A 126 13.91 8.20 -61.11
CA LEU A 126 13.33 6.87 -61.15
C LEU A 126 13.73 6.15 -59.88
N SER A 127 12.79 5.90 -58.95
CA SER A 127 13.13 5.26 -57.67
C SER A 127 13.34 3.76 -57.85
N GLY A 128 12.60 3.17 -58.78
CA GLY A 128 12.81 1.80 -59.16
C GLY A 128 14.09 1.55 -59.92
N VAL A 129 14.18 0.36 -60.48
CA VAL A 129 15.22 -0.01 -61.43
C VAL A 129 14.58 -0.63 -62.65
N ILE A 130 15.07 -0.29 -63.81
CA ILE A 130 14.62 -0.88 -65.06
C ILE A 130 15.73 -1.69 -65.66
N GLN A 131 15.46 -2.91 -66.05
CA GLN A 131 16.57 -3.69 -66.57
C GLN A 131 16.20 -4.31 -67.90
N GLY A 132 17.21 -4.61 -68.70
CA GLY A 132 16.98 -5.24 -69.98
C GLY A 132 18.28 -5.38 -70.76
N GLN A 133 18.15 -5.85 -71.99
CA GLN A 133 19.27 -5.72 -72.89
C GLN A 133 19.59 -4.23 -73.03
N PHE A 134 20.87 -3.94 -73.33
CA PHE A 134 21.27 -2.53 -73.41
C PHE A 134 20.44 -1.82 -74.47
N SER A 135 20.15 -2.51 -75.59
CA SER A 135 19.32 -1.96 -76.66
C SER A 135 17.96 -1.50 -76.17
N ASP A 136 17.43 -2.21 -75.18
CA ASP A 136 16.19 -1.82 -74.51
C ASP A 136 16.41 -0.62 -73.62
N LEU A 137 17.51 -0.61 -72.87
CA LEU A 137 17.76 0.50 -71.96
C LEU A 137 18.15 1.79 -72.69
N GLU A 138 18.82 1.68 -73.84
CA GLU A 138 19.14 2.86 -74.64
C GLU A 138 17.87 3.60 -75.05
N ILE A 139 16.80 2.86 -75.33
CA ILE A 139 15.57 3.47 -75.80
C ILE A 139 14.90 4.24 -74.69
N GLN A 140 14.77 3.59 -73.52
CA GLN A 140 14.18 4.18 -72.31
C GLN A 140 15.02 5.34 -71.80
N ALA A 141 16.35 5.14 -71.75
CA ALA A 141 17.22 6.23 -71.34
C ALA A 141 17.03 7.45 -72.22
N ALA A 142 16.70 7.24 -73.51
CA ALA A 142 16.50 8.35 -74.43
C ALA A 142 15.21 9.14 -74.16
N GLU A 143 14.13 8.41 -73.86
CA GLU A 143 12.81 8.94 -73.53
C GLU A 143 12.82 9.64 -72.16
N ILE A 144 13.61 9.10 -71.19
CA ILE A 144 13.81 9.79 -69.91
C ILE A 144 14.47 11.12 -70.17
N GLU A 145 15.30 11.18 -71.19
CA GLU A 145 15.89 12.46 -71.49
C GLU A 145 14.89 13.37 -72.19
N ARG A 146 14.11 12.81 -73.08
CA ARG A 146 13.07 13.61 -73.72
C ARG A 146 12.11 14.14 -72.65
N MET A 147 11.68 13.28 -71.71
CA MET A 147 10.76 13.71 -70.67
C MET A 147 11.41 14.79 -69.81
N ARG A 148 12.68 14.63 -69.46
CA ARG A 148 13.33 15.68 -68.69
C ARG A 148 13.23 17.01 -69.42
N THR A 149 13.62 17.02 -70.70
CA THR A 149 13.69 18.29 -71.40
C THR A 149 12.31 18.86 -71.71
N LEU A 150 11.27 18.06 -71.66
CA LEU A 150 9.94 18.65 -71.79
C LEU A 150 9.53 19.36 -70.51
N MET A 151 9.89 18.82 -69.35
CA MET A 151 9.53 19.50 -68.13
C MET A 151 10.21 20.85 -68.09
N GLU A 152 11.45 20.92 -68.61
CA GLU A 152 12.26 22.14 -68.58
C GLU A 152 11.78 23.12 -69.61
N THR A 153 11.22 22.64 -70.69
CA THR A 153 10.72 23.63 -71.63
C THR A 153 9.32 24.11 -71.28
N THR A 154 8.50 23.24 -70.69
CA THR A 154 7.16 23.69 -70.35
C THR A 154 7.19 24.50 -69.07
N LEU A 155 8.11 24.24 -68.15
CA LEU A 155 8.21 25.13 -66.99
C LEU A 155 8.59 26.51 -67.46
N ALA A 156 9.46 26.57 -68.47
CA ALA A 156 9.92 27.84 -68.97
C ALA A 156 8.78 28.63 -69.61
N ARG A 157 7.89 27.96 -70.35
CA ARG A 157 6.86 28.70 -71.07
C ARG A 157 6.03 29.53 -70.08
N HIS A 158 5.87 29.01 -68.87
CA HIS A 158 4.99 29.57 -67.87
C HIS A 158 5.66 30.42 -66.81
N THR A 159 6.97 30.27 -66.62
CA THR A 159 7.71 31.11 -65.70
C THR A 159 8.40 32.24 -66.41
N GLY A 160 8.56 32.13 -67.71
CA GLY A 160 9.19 33.16 -68.47
C GLY A 160 10.69 33.06 -68.48
N LYS A 161 11.26 32.07 -67.83
CA LYS A 161 12.70 31.82 -67.86
C LYS A 161 13.08 31.06 -69.13
N ASP A 162 14.36 31.06 -69.42
CA ASP A 162 14.81 30.22 -70.50
C ASP A 162 14.88 28.77 -70.06
N ALA A 163 14.70 27.85 -71.00
CA ALA A 163 14.79 26.43 -70.62
C ALA A 163 16.17 26.06 -70.07
N GLY A 164 17.22 26.73 -70.53
CA GLY A 164 18.52 26.39 -69.96
C GLY A 164 18.63 26.78 -68.49
N VAL A 165 17.89 27.82 -68.05
CA VAL A 165 17.99 28.17 -66.64
C VAL A 165 17.27 27.14 -65.79
N ILE A 166 16.04 26.82 -66.18
CA ILE A 166 15.29 25.71 -65.58
C ILE A 166 16.14 24.45 -65.49
N ARG A 167 16.82 24.09 -66.61
CA ARG A 167 17.53 22.81 -66.63
C ARG A 167 18.65 22.78 -65.60
N LYS A 168 19.30 23.92 -65.30
CA LYS A 168 20.32 24.02 -64.24
C LYS A 168 19.68 24.17 -62.85
N ASP A 169 18.53 24.82 -62.75
CA ASP A 169 17.99 24.93 -61.41
C ASP A 169 17.50 23.62 -60.90
N THR A 170 17.02 22.78 -61.78
CA THR A 170 16.53 21.48 -61.39
C THR A 170 17.62 20.39 -61.45
N ASP A 171 18.87 20.71 -61.81
CA ASP A 171 19.89 19.66 -61.76
C ASP A 171 19.92 19.00 -60.40
N ARG A 172 19.98 19.81 -59.34
CA ARG A 172 19.68 19.38 -57.98
C ARG A 172 18.41 20.07 -57.52
N ASP A 173 17.67 19.39 -56.64
CA ASP A 173 16.38 19.88 -56.18
C ASP A 173 16.53 21.32 -55.73
N LYS A 174 15.46 22.08 -55.88
CA LYS A 174 15.40 23.48 -55.49
C LYS A 174 14.12 23.77 -54.78
N ILE A 175 14.21 24.03 -53.48
CA ILE A 175 13.04 24.38 -52.66
C ILE A 175 12.85 25.89 -52.60
N LEU A 176 11.61 26.33 -52.75
CA LEU A 176 11.34 27.78 -52.80
C LEU A 176 10.25 28.21 -51.85
N THR A 177 10.41 29.34 -51.16
CA THR A 177 9.29 29.80 -50.34
C THR A 177 8.19 30.47 -51.21
N ALA A 178 7.00 30.66 -50.65
CA ALA A 178 5.99 31.24 -51.54
C ALA A 178 6.47 32.54 -52.19
N GLU A 179 7.10 33.43 -51.44
CA GLU A 179 7.52 34.64 -52.11
C GLU A 179 8.57 34.36 -53.21
N GLU A 180 9.51 33.46 -52.92
CA GLU A 180 10.53 33.09 -53.89
C GLU A 180 9.94 32.38 -55.09
N ALA A 181 8.79 31.74 -54.91
CA ALA A 181 8.10 31.12 -56.04
C ALA A 181 7.50 32.16 -56.98
N LYS A 182 7.02 33.28 -56.44
CA LYS A 182 6.56 34.41 -57.25
C LYS A 182 7.73 35.08 -57.97
N ASP A 183 8.87 35.24 -57.28
CA ASP A 183 10.02 35.86 -57.94
C ASP A 183 10.43 35.03 -59.13
N TYR A 184 10.44 33.72 -58.91
CA TYR A 184 10.84 32.74 -59.90
C TYR A 184 9.87 32.76 -61.06
N GLY A 185 8.60 33.06 -60.80
CA GLY A 185 7.63 33.08 -61.88
C GLY A 185 6.68 31.92 -61.86
N ILE A 186 6.70 31.14 -60.80
CA ILE A 186 5.82 30.00 -60.71
C ILE A 186 4.41 30.41 -60.29
N ILE A 187 4.25 31.41 -59.43
CA ILE A 187 2.95 31.88 -59.01
C ILE A 187 2.93 33.39 -59.19
N ASP A 188 1.75 33.97 -59.02
CA ASP A 188 1.56 35.42 -59.16
C ASP A 188 1.40 36.16 -57.84
N THR A 189 0.76 35.57 -56.85
CA THR A 189 0.63 36.29 -55.58
C THR A 189 0.64 35.37 -54.37
N VAL A 190 1.10 35.94 -53.26
CA VAL A 190 1.05 35.27 -51.97
C VAL A 190 -0.17 35.80 -51.19
N LEU A 191 -1.09 34.93 -50.89
CA LEU A 191 -2.33 35.31 -50.25
C LEU A 191 -2.10 35.81 -48.83
N GLU A 192 -2.68 36.96 -48.52
CA GLU A 192 -2.64 37.53 -47.18
C GLU A 192 -3.81 37.02 -46.38
N TYR A 193 -3.57 36.79 -45.10
CA TYR A 193 -4.67 36.48 -44.18
C TYR A 193 -5.77 37.53 -44.21
N ARG A 194 -7.01 37.11 -44.48
CA ARG A 194 -8.13 38.06 -44.52
C ARG A 194 -8.81 38.28 -43.16
N LYS A 195 -8.28 37.70 -42.09
CA LYS A 195 -8.86 37.76 -40.73
C LYS A 195 -8.56 39.13 -40.03
N ILE B 2 -24.23 35.43 49.70
CA ILE B 2 -25.52 36.07 50.01
C ILE B 2 -26.09 36.83 48.78
N LEU B 3 -25.72 38.13 48.66
CA LEU B 3 -26.21 39.15 47.72
C LEU B 3 -27.73 39.31 47.75
N PRO B 4 -28.23 40.34 48.43
CA PRO B 4 -29.68 40.44 48.65
C PRO B 4 -30.35 40.86 47.36
N SER B 5 -31.66 40.72 47.35
CA SER B 5 -32.55 41.38 46.41
C SER B 5 -33.29 42.49 47.14
N PHE B 6 -33.71 43.50 46.40
CA PHE B 6 -34.49 44.59 46.96
C PHE B 6 -35.72 44.67 46.09
N ILE B 7 -36.68 45.47 46.51
CA ILE B 7 -37.96 45.53 45.83
C ILE B 7 -38.26 46.99 45.62
N GLU B 8 -38.53 47.35 44.38
CA GLU B 8 -38.91 48.69 43.97
C GLU B 8 -40.39 48.66 43.64
N HIS B 9 -41.05 49.81 43.77
CA HIS B 9 -42.49 49.88 43.63
C HIS B 9 -42.83 51.12 42.82
N SER B 10 -43.86 51.00 42.00
CA SER B 10 -44.35 52.09 41.18
C SER B 10 -45.86 51.99 41.11
N SER B 11 -46.50 53.10 40.72
CA SER B 11 -47.94 53.09 40.47
C SER B 11 -48.30 52.07 39.41
N PHE B 12 -47.32 51.52 38.71
CA PHE B 12 -47.65 50.56 37.69
C PHE B 12 -47.59 49.14 38.21
N GLY B 13 -46.69 48.87 39.14
CA GLY B 13 -46.46 47.51 39.55
C GLY B 13 -45.25 47.50 40.45
N VAL B 14 -45.03 46.34 41.04
CA VAL B 14 -43.95 46.07 41.96
C VAL B 14 -42.89 45.22 41.28
N LYS B 15 -41.64 45.65 41.37
CA LYS B 15 -40.53 44.97 40.71
C LYS B 15 -39.51 44.53 41.75
N GLU B 16 -39.21 43.22 41.78
CA GLU B 16 -38.13 42.67 42.56
C GLU B 16 -36.92 42.39 41.68
N SER B 17 -35.78 42.98 42.02
CA SER B 17 -34.55 42.74 41.25
C SER B 17 -33.38 42.80 42.23
N ASN B 18 -32.17 42.52 41.72
CA ASN B 18 -30.97 42.39 42.55
C ASN B 18 -29.95 43.39 42.07
N PRO B 19 -28.88 43.59 42.81
CA PRO B 19 -28.04 44.75 42.54
C PRO B 19 -27.47 44.76 41.17
N TYR B 20 -27.22 43.60 40.55
CA TYR B 20 -26.70 43.68 39.20
C TYR B 20 -27.80 43.87 38.16
N ASN B 21 -29.03 43.40 38.42
CA ASN B 21 -30.15 43.68 37.51
C ASN B 21 -30.45 45.17 37.47
N LYS B 22 -30.39 45.85 38.64
CA LYS B 22 -30.56 47.30 38.71
C LYS B 22 -29.45 48.00 37.94
N LEU B 23 -28.20 47.57 38.11
CA LEU B 23 -27.10 48.15 37.31
C LEU B 23 -27.31 47.97 35.81
N PHE B 24 -27.72 46.79 35.38
CA PHE B 24 -28.00 46.65 33.96
C PHE B 24 -29.19 47.53 33.55
N GLU B 25 -30.20 47.69 34.41
CA GLU B 25 -31.33 48.59 34.12
C GLU B 25 -30.87 49.99 33.78
N GLU B 26 -29.88 50.49 34.48
CA GLU B 26 -29.27 51.77 34.21
C GLU B 26 -28.08 51.67 33.29
N ARG B 27 -28.00 50.62 32.47
CA ARG B 27 -27.00 50.51 31.40
C ARG B 27 -25.56 50.41 31.89
N ILE B 28 -25.38 49.77 33.05
CA ILE B 28 -24.06 49.59 33.64
C ILE B 28 -23.68 48.12 33.54
N ILE B 29 -22.58 47.83 32.86
CA ILE B 29 -22.07 46.47 32.79
C ILE B 29 -20.93 46.31 33.77
N PHE B 30 -20.86 45.14 34.39
CA PHE B 30 -19.81 44.88 35.32
C PHE B 30 -18.91 43.88 34.61
N LEU B 31 -17.64 44.25 34.44
CA LEU B 31 -16.50 43.41 34.05
C LEU B 31 -15.61 43.31 35.28
N GLY B 32 -15.92 42.37 36.17
CA GLY B 32 -15.18 42.33 37.42
C GLY B 32 -14.58 40.98 37.78
N VAL B 33 -14.49 40.13 36.80
CA VAL B 33 -14.04 38.78 37.04
C VAL B 33 -12.89 38.69 36.07
N GLN B 34 -12.31 37.50 35.89
CA GLN B 34 -11.29 37.31 34.86
C GLN B 34 -11.93 37.15 33.50
N VAL B 35 -11.39 37.91 32.54
CA VAL B 35 -11.83 37.86 31.16
C VAL B 35 -11.47 36.46 30.65
N ASP B 36 -12.38 35.50 30.76
CA ASP B 36 -12.15 34.29 29.97
C ASP B 36 -13.19 34.23 28.82
N ASP B 37 -13.23 33.10 28.11
CA ASP B 37 -14.10 32.98 26.94
C ASP B 37 -15.58 33.08 27.34
N ALA B 38 -15.96 32.40 28.42
CA ALA B 38 -17.29 32.59 28.98
C ALA B 38 -17.54 34.07 29.30
N SER B 39 -16.80 34.63 30.21
CA SER B 39 -17.02 36.02 30.58
C SER B 39 -17.10 36.93 29.37
N ALA B 40 -16.35 36.64 28.30
CA ALA B 40 -16.34 37.58 27.18
C ALA B 40 -17.69 37.57 26.48
N ASN B 41 -18.17 36.37 26.17
CA ASN B 41 -19.48 36.24 25.57
C ASN B 41 -20.55 36.91 26.42
N ASP B 42 -20.52 36.69 27.73
CA ASP B 42 -21.52 37.33 28.57
C ASP B 42 -21.57 38.83 28.28
N ILE B 43 -20.39 39.42 28.02
CA ILE B 43 -20.24 40.85 27.89
C ILE B 43 -20.58 41.33 26.50
N MET B 44 -20.22 40.56 25.49
CA MET B 44 -20.68 40.88 24.16
C MET B 44 -22.18 40.81 24.07
N ALA B 45 -22.79 39.76 24.64
CA ALA B 45 -24.25 39.67 24.72
C ALA B 45 -24.82 40.86 25.46
N GLN B 46 -24.23 41.22 26.60
CA GLN B 46 -24.76 42.40 27.28
C GLN B 46 -24.59 43.64 26.42
N LEU B 47 -23.40 43.84 25.86
CA LEU B 47 -23.18 45.08 25.10
C LEU B 47 -24.16 45.17 23.96
N LEU B 48 -24.38 44.06 23.23
CA LEU B 48 -25.30 44.07 22.10
C LEU B 48 -26.76 44.28 22.53
N VAL B 49 -27.16 43.70 23.66
CA VAL B 49 -28.53 43.87 24.11
C VAL B 49 -28.80 45.33 24.47
N LEU B 50 -27.85 45.98 25.16
CA LEU B 50 -28.04 47.39 25.55
C LEU B 50 -28.02 48.33 24.34
N GLU B 51 -27.27 47.96 23.31
CA GLU B 51 -27.32 48.69 22.06
C GLU B 51 -28.65 48.50 21.35
N SER B 52 -29.29 47.35 21.56
CA SER B 52 -30.62 47.13 20.98
C SER B 52 -31.69 47.95 21.68
N LEU B 53 -31.66 48.01 23.02
CA LEU B 53 -32.76 48.67 23.72
C LEU B 53 -32.83 50.16 23.36
N ASP B 54 -31.67 50.83 23.22
CA ASP B 54 -31.54 52.26 22.91
C ASP B 54 -30.10 52.62 22.58
N PRO B 55 -29.75 52.73 21.30
CA PRO B 55 -28.37 53.05 20.93
C PRO B 55 -27.96 54.50 21.12
N ASP B 56 -28.88 55.38 21.44
CA ASP B 56 -28.55 56.79 21.56
C ASP B 56 -28.17 57.15 22.99
N ARG B 57 -28.16 56.15 23.88
CA ARG B 57 -27.80 56.32 25.28
C ARG B 57 -26.52 55.59 25.60
N ASP B 58 -25.80 56.14 26.60
CA ASP B 58 -24.44 55.72 26.93
C ASP B 58 -24.48 54.42 27.71
N ILE B 59 -23.45 53.60 27.47
CA ILE B 59 -23.19 52.38 28.21
C ILE B 59 -21.96 52.54 29.09
N THR B 60 -22.09 52.10 30.33
CA THR B 60 -20.99 52.23 31.27
C THR B 60 -20.45 50.84 31.61
N MET B 61 -19.14 50.65 31.57
CA MET B 61 -18.50 49.41 32.00
C MET B 61 -17.73 49.72 33.28
N TYR B 62 -18.13 49.16 34.44
CA TYR B 62 -17.29 49.21 35.64
C TYR B 62 -16.25 48.09 35.53
N ILE B 63 -14.99 48.37 35.84
CA ILE B 63 -13.92 47.43 35.57
C ILE B 63 -13.05 47.26 36.79
N ASN B 64 -13.04 46.03 37.39
CA ASN B 64 -12.17 45.68 38.52
C ASN B 64 -11.67 44.27 38.26
N SER B 65 -10.77 44.15 37.29
CA SER B 65 -10.42 42.92 36.63
C SER B 65 -8.95 42.74 36.37
N PRO B 66 -8.43 41.48 36.58
CA PRO B 66 -7.00 41.25 36.39
C PRO B 66 -6.67 41.07 34.94
N GLY B 67 -7.66 41.18 34.09
CA GLY B 67 -7.33 41.09 32.70
C GLY B 67 -7.76 39.77 32.20
N GLY B 68 -7.16 39.23 31.15
CA GLY B 68 -7.60 37.95 30.65
C GLY B 68 -7.07 37.70 29.27
N GLY B 69 -7.55 36.62 28.68
CA GLY B 69 -6.98 36.19 27.42
C GLY B 69 -7.05 37.23 26.30
N PHE B 70 -6.35 36.92 25.22
CA PHE B 70 -6.21 37.93 24.18
C PHE B 70 -7.38 37.94 23.18
N THR B 71 -7.74 36.77 22.62
CA THR B 71 -8.86 36.74 21.67
C THR B 71 -10.17 37.12 22.34
N SER B 72 -10.32 36.88 23.63
CA SER B 72 -11.49 37.39 24.34
C SER B 72 -11.43 38.89 24.53
N LEU B 73 -10.26 39.45 24.79
CA LEU B 73 -10.18 40.90 24.76
C LEU B 73 -10.65 41.48 23.41
N MET B 74 -10.12 40.99 22.29
CA MET B 74 -10.41 41.62 21.00
C MET B 74 -11.84 41.35 20.54
N ALA B 75 -12.49 40.31 21.04
CA ALA B 75 -13.93 40.28 20.84
C ALA B 75 -14.56 41.50 21.53
N ILE B 76 -14.28 41.68 22.82
CA ILE B 76 -14.91 42.75 23.57
C ILE B 76 -14.54 44.12 23.02
N TYR B 77 -13.27 44.32 22.75
CA TYR B 77 -12.89 45.63 22.24
C TYR B 77 -13.63 45.94 20.95
N ASP B 78 -13.60 45.02 19.99
CA ASP B 78 -14.24 45.28 18.71
C ASP B 78 -15.72 45.59 18.89
N THR B 79 -16.37 44.89 19.82
CA THR B 79 -17.78 45.16 20.08
C THR B 79 -18.00 46.52 20.66
N MET B 80 -17.19 46.89 21.64
CA MET B 80 -17.28 48.24 22.18
C MET B 80 -17.23 49.28 21.05
N GLN B 81 -16.34 49.09 20.09
CA GLN B 81 -16.20 50.10 19.07
C GLN B 81 -17.29 50.01 18.00
N TYR B 82 -17.89 48.82 17.77
CA TYR B 82 -18.90 48.66 16.70
C TYR B 82 -20.23 49.28 17.10
N VAL B 83 -20.61 49.07 18.35
CA VAL B 83 -21.80 49.65 18.94
C VAL B 83 -21.87 51.16 18.74
N ARG B 84 -23.08 51.62 18.46
CA ARG B 84 -23.31 53.03 18.22
C ARG B 84 -23.20 53.83 19.49
N ALA B 85 -23.68 53.26 20.60
CA ALA B 85 -23.75 54.01 21.84
C ALA B 85 -22.35 54.33 22.33
N ASP B 86 -22.19 55.50 22.95
CA ASP B 86 -20.89 55.77 23.54
C ASP B 86 -20.62 54.80 24.68
N ILE B 87 -19.34 54.57 25.02
CA ILE B 87 -19.02 53.77 26.18
C ILE B 87 -18.13 54.52 27.17
N GLN B 88 -18.65 54.69 28.38
CA GLN B 88 -17.94 55.25 29.51
C GLN B 88 -17.35 54.09 30.30
N THR B 89 -16.03 54.05 30.47
CA THR B 89 -15.38 53.00 31.23
C THR B 89 -14.88 53.55 32.53
N VAL B 90 -15.04 52.82 33.62
CA VAL B 90 -14.65 53.33 34.92
C VAL B 90 -13.84 52.27 35.64
N CYS B 91 -12.63 52.63 36.10
CA CYS B 91 -11.78 51.68 36.82
C CYS B 91 -12.04 51.85 38.32
N LEU B 92 -12.52 50.79 38.97
CA LEU B 92 -12.77 50.87 40.42
C LEU B 92 -11.60 50.36 41.22
N GLY B 93 -11.27 49.10 41.05
CA GLY B 93 -10.14 48.51 41.71
C GLY B 93 -8.89 48.63 40.88
N GLN B 94 -8.88 47.87 39.80
CA GLN B 94 -7.68 47.64 39.04
C GLN B 94 -8.14 47.32 37.64
N ALA B 95 -7.33 47.67 36.66
CA ALA B 95 -7.65 47.43 35.27
C ALA B 95 -6.30 47.00 34.79
N ALA B 96 -6.07 45.70 34.60
CA ALA B 96 -4.76 45.17 34.24
C ALA B 96 -4.76 44.46 32.89
N SER B 97 -3.62 44.50 32.21
CA SER B 97 -3.46 43.65 31.02
C SER B 97 -4.60 43.87 30.05
N ALA B 98 -5.39 42.84 29.75
CA ALA B 98 -6.40 43.07 28.75
C ALA B 98 -7.38 44.15 29.20
N ALA B 99 -7.64 44.22 30.51
CA ALA B 99 -8.66 45.12 31.01
C ALA B 99 -8.23 46.55 30.97
N ALA B 100 -6.93 46.80 31.07
CA ALA B 100 -6.42 48.16 30.93
C ALA B 100 -6.54 48.66 29.50
N VAL B 101 -6.49 47.75 28.52
CA VAL B 101 -6.78 48.13 27.15
C VAL B 101 -8.25 48.47 26.99
N LEU B 102 -9.12 47.68 27.62
CA LEU B 102 -10.53 48.01 27.57
C LEU B 102 -10.80 49.33 28.30
N LEU B 103 -10.07 49.58 29.37
CA LEU B 103 -10.24 50.84 30.08
C LEU B 103 -9.93 51.97 29.16
N ALA B 104 -8.81 51.84 28.47
CA ALA B 104 -8.43 52.92 27.62
C ALA B 104 -9.37 53.03 26.45
N ALA B 105 -10.02 51.94 26.07
CA ALA B 105 -10.73 51.96 24.82
C ALA B 105 -12.11 52.55 24.93
N GLY B 106 -12.55 52.93 26.13
CA GLY B 106 -13.83 53.59 26.23
C GLY B 106 -13.84 54.82 25.34
N THR B 107 -15.00 55.39 25.04
CA THR B 107 -15.00 56.51 24.09
C THR B 107 -14.40 57.76 24.72
N PRO B 108 -13.65 58.56 23.98
CA PRO B 108 -12.89 59.68 24.57
C PRO B 108 -13.75 60.65 25.39
N GLY B 109 -13.22 61.09 26.54
CA GLY B 109 -13.94 61.98 27.43
C GLY B 109 -14.72 61.27 28.53
N LYS B 110 -14.93 59.96 28.42
CA LYS B 110 -15.76 59.23 29.36
C LYS B 110 -14.97 58.07 29.99
N ARG B 111 -13.64 58.19 30.06
CA ARG B 111 -12.79 57.16 30.64
C ARG B 111 -12.30 57.66 31.99
N MET B 112 -12.61 56.93 33.05
CA MET B 112 -12.34 57.41 34.41
C MET B 112 -11.94 56.31 35.37
N ALA B 113 -11.48 56.76 36.52
CA ALA B 113 -10.97 55.83 37.52
C ALA B 113 -11.25 56.46 38.87
N LEU B 114 -11.65 55.64 39.85
CA LEU B 114 -11.68 56.12 41.23
C LEU B 114 -10.26 56.33 41.74
N PRO B 115 -10.07 57.17 42.80
CA PRO B 115 -8.72 57.73 43.09
C PRO B 115 -7.69 56.68 43.49
N ASN B 116 -8.06 55.67 44.25
CA ASN B 116 -7.09 54.66 44.63
C ASN B 116 -7.08 53.41 43.69
N ALA B 117 -7.70 53.47 42.51
CA ALA B 117 -7.53 52.43 41.50
C ALA B 117 -6.12 52.48 40.92
N ARG B 118 -5.66 51.31 40.46
CA ARG B 118 -4.34 51.13 39.86
C ARG B 118 -4.63 50.53 38.50
N VAL B 119 -3.75 50.80 37.58
CA VAL B 119 -3.72 50.29 36.21
C VAL B 119 -2.43 49.59 36.00
N LEU B 120 -2.45 48.40 35.43
CA LEU B 120 -1.23 47.67 35.14
C LEU B 120 -1.17 47.48 33.62
N ILE B 121 0.00 47.65 33.01
CA ILE B 121 0.15 47.47 31.58
C ILE B 121 1.32 46.53 31.38
N HIS B 122 1.07 45.37 30.77
CA HIS B 122 2.20 44.51 30.42
C HIS B 122 1.84 43.75 29.13
N GLN B 123 2.86 43.24 28.47
CA GLN B 123 2.77 42.53 27.20
C GLN B 123 2.29 41.09 27.35
N PRO B 124 1.68 40.53 26.32
CA PRO B 124 1.10 39.18 26.42
C PRO B 124 2.07 38.20 27.06
N SER B 125 1.55 37.38 27.97
CA SER B 125 2.37 36.36 28.62
C SER B 125 1.77 35.02 28.28
N LEU B 126 2.52 33.97 28.51
CA LEU B 126 1.97 32.63 28.40
C LEU B 126 2.40 31.90 29.65
N SER B 127 1.46 31.58 30.54
CA SER B 127 1.85 30.85 31.73
C SER B 127 2.06 29.36 31.42
N GLY B 128 1.24 28.81 30.52
CA GLY B 128 1.38 27.43 30.16
C GLY B 128 2.68 27.21 29.41
N VAL B 129 2.86 25.95 28.99
CA VAL B 129 3.91 25.58 28.05
C VAL B 129 3.23 24.90 26.90
N ILE B 130 3.45 25.41 25.70
CA ILE B 130 2.87 24.76 24.54
C ILE B 130 4.00 24.16 23.73
N GLN B 131 3.75 22.93 23.25
CA GLN B 131 4.80 22.04 22.84
C GLN B 131 4.49 21.63 21.42
N GLY B 132 5.52 21.22 20.69
CA GLY B 132 5.31 20.66 19.37
C GLY B 132 6.63 20.57 18.64
N GLN B 133 6.51 20.21 17.36
CA GLN B 133 7.61 20.31 16.41
C GLN B 133 7.98 21.78 16.23
N PHE B 134 9.23 22.02 15.86
CA PHE B 134 9.65 23.43 15.75
C PHE B 134 8.78 24.19 14.76
N SER B 135 8.36 23.53 13.68
CA SER B 135 7.54 24.17 12.65
C SER B 135 6.20 24.66 13.20
N ASP B 136 5.64 23.89 14.14
CA ASP B 136 4.40 24.24 14.82
C ASP B 136 4.65 25.38 15.81
N LEU B 137 5.77 25.33 16.54
CA LEU B 137 6.11 26.38 17.49
C LEU B 137 6.48 27.67 16.80
N GLU B 138 7.12 27.56 15.64
CA GLU B 138 7.43 28.76 14.89
C GLU B 138 6.18 29.56 14.50
N ILE B 139 5.08 28.90 14.16
CA ILE B 139 3.87 29.64 13.75
C ILE B 139 3.26 30.34 14.95
N GLN B 140 3.15 29.60 16.06
CA GLN B 140 2.59 30.14 17.30
C GLN B 140 3.42 31.33 17.77
N ALA B 141 4.76 31.20 17.76
CA ALA B 141 5.64 32.30 18.19
C ALA B 141 5.44 33.55 17.36
N ALA B 142 5.07 33.37 16.09
CA ALA B 142 4.75 34.49 15.20
C ALA B 142 3.41 35.12 15.54
N GLU B 143 2.39 34.31 15.79
CA GLU B 143 1.09 34.83 16.18
C GLU B 143 1.19 35.57 17.52
N ILE B 144 2.01 35.04 18.44
CA ILE B 144 2.21 35.69 19.73
C ILE B 144 2.88 37.03 19.54
N GLU B 145 3.77 37.16 18.61
CA GLU B 145 4.35 38.46 18.38
C GLU B 145 3.36 39.39 17.68
N ARG B 146 2.58 38.86 16.73
CA ARG B 146 1.54 39.67 16.09
C ARG B 146 0.58 40.19 17.16
N MET B 147 0.22 39.32 18.12
CA MET B 147 -0.70 39.69 19.19
C MET B 147 -0.09 40.80 20.04
N ARG B 148 1.18 40.67 20.36
CA ARG B 148 1.80 41.71 21.14
C ARG B 148 1.73 43.04 20.42
N THR B 149 2.14 43.09 19.14
CA THR B 149 2.22 44.39 18.47
C THR B 149 0.84 44.99 18.21
N LEU B 150 -0.19 44.16 18.13
CA LEU B 150 -1.56 44.67 18.04
C LEU B 150 -2.00 45.29 19.38
N MET B 151 -1.55 44.74 20.50
CA MET B 151 -1.81 45.44 21.75
C MET B 151 -1.11 46.80 21.76
N GLU B 152 0.10 46.86 21.27
CA GLU B 152 0.83 48.12 21.31
C GLU B 152 0.22 49.12 20.36
N THR B 153 -0.32 48.68 19.23
CA THR B 153 -0.85 49.68 18.32
C THR B 153 -2.26 50.15 18.70
N THR B 154 -3.08 49.27 19.28
CA THR B 154 -4.39 49.78 19.69
C THR B 154 -4.29 50.57 20.97
N LEU B 155 -3.38 50.21 21.88
CA LEU B 155 -3.23 51.04 23.06
C LEU B 155 -2.79 52.45 22.71
N ALA B 156 -1.80 52.57 21.79
CA ALA B 156 -1.32 53.86 21.33
C ALA B 156 -2.42 54.63 20.61
N ARG B 157 -3.27 53.93 19.86
CA ARG B 157 -4.35 54.59 19.14
C ARG B 157 -5.24 55.33 20.12
N HIS B 158 -5.41 54.80 21.32
CA HIS B 158 -6.32 55.35 22.32
C HIS B 158 -5.67 56.17 23.42
N THR B 159 -4.35 56.04 23.66
CA THR B 159 -3.62 56.90 24.61
C THR B 159 -2.98 58.10 23.94
N GLY B 160 -2.84 58.09 22.61
CA GLY B 160 -2.16 59.13 21.87
C GLY B 160 -0.67 58.98 21.72
N LYS B 161 -0.07 57.93 22.33
CA LYS B 161 1.34 57.60 22.21
C LYS B 161 1.63 56.81 20.95
N ASP B 162 2.91 56.74 20.61
CA ASP B 162 3.35 55.95 19.48
C ASP B 162 3.44 54.50 19.89
N ALA B 163 3.20 53.59 18.93
CA ALA B 163 3.28 52.16 19.26
C ALA B 163 4.65 51.83 19.82
N GLY B 164 5.65 52.62 19.43
CA GLY B 164 6.99 52.38 19.89
C GLY B 164 7.22 52.65 21.35
N VAL B 165 6.55 53.65 21.91
CA VAL B 165 6.68 53.88 23.33
C VAL B 165 5.98 52.78 24.12
N ILE B 166 4.72 52.52 23.80
CA ILE B 166 4.02 51.40 24.44
C ILE B 166 4.95 50.18 24.46
N ARG B 167 5.55 49.84 23.29
CA ARG B 167 6.31 48.60 23.21
C ARG B 167 7.43 48.60 24.22
N LYS B 168 7.98 49.78 24.53
CA LYS B 168 9.05 49.91 25.48
C LYS B 168 8.56 49.91 26.90
N ASP B 169 7.43 50.59 27.14
CA ASP B 169 6.96 50.72 28.52
C ASP B 169 6.42 49.43 29.05
N THR B 170 5.89 48.57 28.16
CA THR B 170 5.29 47.27 28.46
C THR B 170 6.29 46.12 28.40
N ASP B 171 7.55 46.38 28.01
CA ASP B 171 8.54 45.30 28.01
C ASP B 171 8.55 44.65 29.39
N ARG B 172 8.65 45.47 30.46
CA ARG B 172 8.39 45.05 31.84
C ARG B 172 7.16 45.75 32.41
N ASP B 173 6.44 45.04 33.34
CA ASP B 173 5.12 45.49 33.84
C ASP B 173 5.25 46.91 34.34
N LYS B 174 4.20 47.69 34.25
CA LYS B 174 4.22 49.08 34.67
C LYS B 174 2.96 49.40 35.42
N ILE B 175 3.05 49.59 36.67
CA ILE B 175 1.87 49.97 37.46
C ILE B 175 1.68 51.47 37.43
N LEU B 176 0.42 51.90 37.23
CA LEU B 176 0.10 53.32 37.17
C LEU B 176 -0.99 53.69 38.16
N THR B 177 -0.79 54.79 38.90
CA THR B 177 -1.84 55.24 39.80
C THR B 177 -2.94 55.92 39.00
N ALA B 178 -4.07 56.19 39.65
CA ALA B 178 -5.14 56.80 38.86
C ALA B 178 -4.65 58.05 38.11
N GLU B 179 -3.87 58.91 38.80
CA GLU B 179 -3.35 60.14 38.20
C GLU B 179 -2.34 59.86 37.08
N GLU B 180 -1.40 58.95 37.33
CA GLU B 180 -0.41 58.58 36.32
C GLU B 180 -1.08 57.95 35.13
N ALA B 181 -2.22 57.30 35.37
CA ALA B 181 -3.01 56.69 34.31
C ALA B 181 -3.60 57.76 33.43
N LYS B 182 -3.99 58.88 34.08
CA LYS B 182 -4.55 60.04 33.37
C LYS B 182 -3.50 60.78 32.58
N ASP B 183 -2.32 61.01 33.18
CA ASP B 183 -1.25 61.69 32.46
C ASP B 183 -0.81 60.82 31.29
N TYR B 184 -0.82 59.50 31.51
CA TYR B 184 -0.43 58.50 30.51
C TYR B 184 -1.37 58.53 29.33
N GLY B 185 -2.64 58.83 29.55
CA GLY B 185 -3.61 58.85 28.47
C GLY B 185 -4.58 57.69 28.47
N ILE B 186 -4.60 56.90 29.54
CA ILE B 186 -5.45 55.73 29.71
C ILE B 186 -6.83 56.10 30.17
N ILE B 187 -6.93 57.13 31.00
CA ILE B 187 -8.22 57.65 31.38
C ILE B 187 -8.24 59.15 31.18
N ASP B 188 -9.44 59.71 31.30
CA ASP B 188 -9.62 61.14 31.12
C ASP B 188 -9.80 61.89 32.42
N THR B 189 -10.51 61.33 33.39
CA THR B 189 -10.67 62.02 34.66
C THR B 189 -10.63 61.06 35.84
N VAL B 190 -10.18 61.59 36.97
CA VAL B 190 -10.18 60.90 38.25
C VAL B 190 -11.37 61.39 39.05
N LEU B 191 -12.28 60.47 39.39
CA LEU B 191 -13.49 60.82 40.10
C LEU B 191 -13.12 61.38 41.46
N GLU B 192 -13.72 62.49 41.80
CA GLU B 192 -13.58 63.00 43.13
C GLU B 192 -14.72 62.48 43.98
N TYR B 193 -14.42 62.27 45.23
CA TYR B 193 -15.48 62.04 46.19
C TYR B 193 -16.53 63.14 46.15
N ARG B 194 -17.79 62.75 45.87
CA ARG B 194 -18.92 63.68 45.93
C ARG B 194 -19.56 63.72 47.33
N LYS B 195 -18.85 63.25 48.35
CA LYS B 195 -19.32 63.31 49.75
C LYS B 195 -18.97 64.61 50.43
N LEU C 1 35.86 -34.55 -50.46
CA LEU C 1 35.54 -33.11 -50.39
C LEU C 1 35.53 -32.62 -51.82
N THR C 2 34.58 -31.77 -52.17
CA THR C 2 34.68 -31.13 -53.47
C THR C 2 35.99 -30.35 -53.60
N ASP C 3 36.50 -29.85 -52.47
CA ASP C 3 37.67 -28.98 -52.54
C ASP C 3 38.97 -29.74 -52.74
N SER C 4 39.06 -30.98 -52.25
CA SER C 4 40.30 -31.72 -52.47
C SER C 4 40.50 -32.18 -53.92
N VAL C 5 39.42 -32.38 -54.69
CA VAL C 5 39.59 -32.66 -56.11
C VAL C 5 39.96 -31.39 -56.84
N TYR C 6 39.32 -30.25 -56.49
CA TYR C 6 39.68 -29.02 -57.20
C TYR C 6 41.13 -28.68 -56.89
N GLU C 7 41.62 -28.98 -55.66
CA GLU C 7 43.01 -28.68 -55.33
C GLU C 7 44.00 -29.63 -55.98
N ARG C 8 43.67 -30.93 -55.99
CA ARG C 8 44.50 -31.91 -56.68
C ARG C 8 44.59 -31.62 -58.18
N LEU C 9 43.52 -31.11 -58.81
CA LEU C 9 43.65 -30.64 -60.19
C LEU C 9 44.47 -29.36 -60.29
N LEU C 10 44.52 -28.56 -59.24
CA LEU C 10 45.36 -27.38 -59.32
C LEU C 10 46.84 -27.73 -59.45
N SER C 11 47.29 -28.81 -58.79
CA SER C 11 48.72 -29.11 -58.96
C SER C 11 49.01 -29.58 -60.36
N GLU C 12 48.01 -30.12 -61.05
CA GLU C 12 48.09 -30.50 -62.44
C GLU C 12 47.78 -29.33 -63.38
N ARG C 13 47.61 -28.14 -62.82
CA ARG C 13 47.48 -26.90 -63.59
C ARG C 13 46.16 -26.82 -64.35
N ILE C 14 45.08 -27.22 -63.70
CA ILE C 14 43.71 -27.15 -64.20
C ILE C 14 42.88 -26.27 -63.27
N ILE C 15 42.06 -25.37 -63.82
CA ILE C 15 41.14 -24.65 -62.95
C ILE C 15 39.77 -24.57 -63.63
N PHE C 16 38.73 -24.42 -62.81
CA PHE C 16 37.35 -24.43 -63.26
C PHE C 16 36.67 -23.08 -63.13
N LEU C 17 35.92 -22.69 -64.14
CA LEU C 17 34.96 -21.58 -64.03
C LEU C 17 33.61 -22.21 -64.22
N GLY C 18 33.08 -22.86 -63.17
CA GLY C 18 31.87 -23.69 -63.28
C GLY C 18 30.60 -23.05 -62.76
N SER C 19 30.66 -21.80 -62.42
CA SER C 19 29.56 -21.12 -61.81
C SER C 19 29.30 -19.93 -62.68
N GLU C 20 28.39 -19.09 -62.26
CA GLU C 20 28.27 -17.77 -62.84
C GLU C 20 29.48 -16.91 -62.44
N VAL C 21 29.82 -15.97 -63.30
CA VAL C 21 30.98 -15.10 -63.15
C VAL C 21 30.61 -13.92 -62.27
N ASN C 22 30.96 -14.00 -61.01
CA ASN C 22 30.84 -12.89 -60.08
C ASN C 22 32.18 -12.63 -59.47
N ASP C 23 32.23 -11.60 -58.63
CA ASP C 23 33.53 -11.14 -58.18
C ASP C 23 34.25 -12.19 -57.38
N GLU C 24 33.53 -13.09 -56.70
CA GLU C 24 34.18 -14.07 -55.85
C GLU C 24 34.88 -15.16 -56.66
N ILE C 25 34.22 -15.69 -57.69
CA ILE C 25 34.88 -16.69 -58.52
C ILE C 25 35.98 -16.03 -59.30
N ALA C 26 35.80 -14.77 -59.71
CA ALA C 26 36.81 -14.03 -60.48
C ALA C 26 38.06 -13.81 -59.66
N ASN C 27 37.89 -13.51 -58.38
CA ASN C 27 39.03 -13.35 -57.47
C ASN C 27 39.67 -14.68 -57.12
N ARG C 28 38.88 -15.73 -56.91
CA ARG C 28 39.47 -17.06 -56.72
C ARG C 28 40.23 -17.45 -57.98
N LEU C 29 39.71 -17.08 -59.15
CA LEU C 29 40.34 -17.49 -60.39
C LEU C 29 41.56 -16.65 -60.72
N CYS C 30 41.47 -15.33 -60.56
CA CYS C 30 42.66 -14.50 -60.80
C CYS C 30 43.76 -14.89 -59.81
N ALA C 31 43.41 -15.07 -58.54
CA ALA C 31 44.40 -15.56 -57.59
C ALA C 31 45.03 -16.83 -58.12
N GLN C 32 44.22 -17.80 -58.55
CA GLN C 32 44.77 -19.08 -58.97
C GLN C 32 45.76 -18.93 -60.12
N ILE C 33 45.48 -18.01 -61.05
CA ILE C 33 46.38 -17.88 -62.18
C ILE C 33 47.72 -17.29 -61.75
N LEU C 34 47.74 -16.35 -60.78
CA LEU C 34 49.01 -15.79 -60.31
C LEU C 34 49.91 -16.84 -59.65
N LEU C 35 49.36 -17.59 -58.68
CA LEU C 35 50.06 -18.75 -58.12
C LEU C 35 50.62 -19.66 -59.19
N LEU C 36 49.79 -20.08 -60.12
CA LEU C 36 50.28 -21.03 -61.09
C LEU C 36 51.34 -20.42 -62.02
N ALA C 37 51.34 -19.09 -62.24
CA ALA C 37 52.38 -18.47 -63.04
C ALA C 37 53.64 -18.36 -62.23
N ALA C 38 53.52 -18.23 -60.91
CA ALA C 38 54.71 -18.17 -60.06
C ALA C 38 55.42 -19.52 -59.95
N GLU C 39 54.67 -20.60 -59.85
CA GLU C 39 55.29 -21.91 -59.73
C GLU C 39 56.08 -22.25 -61.00
N ASP C 40 55.49 -22.00 -62.16
CA ASP C 40 56.08 -22.37 -63.45
C ASP C 40 55.55 -21.46 -64.54
N ALA C 41 56.42 -20.71 -65.21
CA ALA C 41 55.94 -19.72 -66.16
C ALA C 41 55.99 -20.16 -67.62
N SER C 42 56.27 -21.44 -67.90
CA SER C 42 56.32 -21.99 -69.24
C SER C 42 55.36 -23.16 -69.46
N LYS C 43 54.79 -23.73 -68.38
CA LYS C 43 53.80 -24.81 -68.48
C LYS C 43 52.45 -24.14 -68.63
N ASP C 44 51.66 -24.62 -69.58
CA ASP C 44 50.37 -23.96 -69.81
C ASP C 44 49.49 -24.13 -68.60
N ILE C 45 48.43 -23.33 -68.55
CA ILE C 45 47.33 -23.47 -67.61
C ILE C 45 46.04 -23.82 -68.35
N SER C 46 45.28 -24.73 -67.75
CA SER C 46 44.03 -25.21 -68.27
C SER C 46 42.89 -24.65 -67.43
N LEU C 47 41.99 -23.97 -68.09
CA LEU C 47 40.78 -23.30 -67.60
C LEU C 47 39.57 -23.96 -68.26
N TYR C 48 38.83 -24.79 -67.51
CA TYR C 48 37.60 -25.40 -68.00
C TYR C 48 36.45 -24.43 -67.70
N ILE C 49 35.51 -24.28 -68.65
CA ILE C 49 34.43 -23.29 -68.52
C ILE C 49 33.11 -24.01 -68.69
N ASN C 50 32.24 -23.92 -67.64
CA ASN C 50 30.85 -24.39 -67.64
C ASN C 50 30.07 -23.30 -66.95
N SER C 51 29.82 -22.20 -67.67
CA SER C 51 29.36 -20.97 -67.08
C SER C 51 28.22 -20.27 -67.81
N PRO C 52 27.25 -19.76 -67.08
CA PRO C 52 26.17 -19.10 -67.77
C PRO C 52 26.49 -17.68 -68.05
N GLY C 53 27.56 -17.13 -67.48
CA GLY C 53 27.85 -15.71 -67.65
C GLY C 53 27.83 -14.94 -66.35
N GLY C 54 27.75 -13.64 -66.35
CA GLY C 54 27.84 -12.93 -65.09
C GLY C 54 28.36 -11.53 -65.37
N SER C 55 29.03 -10.97 -64.39
CA SER C 55 29.48 -9.59 -64.53
C SER C 55 30.54 -9.39 -65.60
N ILE C 56 30.46 -8.25 -66.29
CA ILE C 56 31.53 -7.92 -67.22
C ILE C 56 32.77 -7.52 -66.44
N SER C 57 32.62 -6.75 -65.35
CA SER C 57 33.81 -6.29 -64.63
C SER C 57 34.51 -7.47 -64.01
N ALA C 58 33.73 -8.45 -63.49
CA ALA C 58 34.33 -9.68 -62.93
C ALA C 58 35.08 -10.45 -63.99
N GLY C 59 34.53 -10.53 -65.21
CA GLY C 59 35.21 -11.22 -66.29
C GLY C 59 36.41 -10.45 -66.81
N MET C 60 36.40 -9.14 -66.73
CA MET C 60 37.57 -8.43 -67.25
C MET C 60 38.73 -8.52 -66.29
N ALA C 61 38.45 -8.86 -65.06
CA ALA C 61 39.56 -9.13 -64.19
C ALA C 61 40.23 -10.39 -64.64
N ILE C 62 39.40 -11.41 -64.81
CA ILE C 62 39.91 -12.66 -65.33
C ILE C 62 40.59 -12.39 -66.64
N TYR C 63 39.96 -11.59 -67.53
CA TYR C 63 40.45 -11.49 -68.91
C TYR C 63 41.83 -10.82 -68.92
N ASP C 64 42.00 -9.70 -68.26
CA ASP C 64 43.31 -9.06 -68.26
C ASP C 64 44.32 -10.05 -67.65
N THR C 65 43.91 -10.79 -66.62
CA THR C 65 44.80 -11.74 -65.97
C THR C 65 45.18 -12.93 -66.86
N MET C 66 44.28 -13.41 -67.72
CA MET C 66 44.65 -14.44 -68.67
C MET C 66 45.72 -13.91 -69.58
N VAL C 67 45.53 -12.69 -70.10
CA VAL C 67 46.42 -12.12 -71.12
C VAL C 67 47.78 -11.73 -70.54
N LEU C 68 47.83 -11.11 -69.35
CA LEU C 68 49.13 -10.68 -68.82
C LEU C 68 49.98 -11.83 -68.29
N ALA C 69 49.38 -12.98 -68.14
CA ALA C 69 50.14 -14.10 -67.65
C ALA C 69 51.27 -14.48 -68.60
N PRO C 70 52.34 -14.98 -68.08
CA PRO C 70 53.43 -15.44 -68.95
C PRO C 70 53.09 -16.68 -69.81
N CYS C 71 52.56 -17.66 -69.11
CA CYS C 71 52.20 -18.90 -69.74
C CYS C 71 50.92 -18.72 -70.55
N ASP C 72 50.63 -19.69 -71.41
CA ASP C 72 49.42 -19.66 -72.21
C ASP C 72 48.24 -20.19 -71.40
N ILE C 73 47.06 -19.77 -71.77
CA ILE C 73 45.88 -20.29 -71.15
C ILE C 73 45.04 -21.04 -72.18
N ALA C 74 44.93 -22.36 -72.00
CA ALA C 74 43.94 -23.14 -72.74
C ALA C 74 42.54 -23.04 -72.12
N THR C 75 41.54 -22.90 -72.98
CA THR C 75 40.16 -22.83 -72.53
C THR C 75 39.43 -23.99 -73.17
N TYR C 76 38.62 -24.66 -72.32
CA TYR C 76 37.83 -25.81 -72.67
C TYR C 76 36.37 -25.50 -72.35
N ALA C 77 35.46 -25.64 -73.31
CA ALA C 77 34.05 -25.39 -73.02
C ALA C 77 33.40 -26.73 -72.67
N MET C 78 33.03 -26.94 -71.38
CA MET C 78 32.33 -28.17 -70.98
C MET C 78 30.84 -27.91 -70.85
N GLY C 79 30.03 -28.60 -71.62
CA GLY C 79 28.63 -28.30 -71.34
C GLY C 79 28.13 -26.96 -71.84
N MET C 80 28.41 -25.85 -71.19
CA MET C 80 27.90 -24.60 -71.74
C MET C 80 28.85 -23.51 -71.33
N ALA C 81 29.16 -22.61 -72.27
CA ALA C 81 29.96 -21.39 -72.03
C ALA C 81 29.12 -20.25 -72.60
N ALA C 82 28.50 -19.45 -71.76
CA ALA C 82 27.48 -18.54 -72.26
C ALA C 82 27.80 -17.10 -71.91
N SER C 83 27.64 -16.20 -72.87
CA SER C 83 27.83 -14.79 -72.57
C SER C 83 29.27 -14.54 -72.16
N MET C 84 29.47 -14.07 -70.95
CA MET C 84 30.81 -13.92 -70.43
C MET C 84 31.58 -15.21 -70.39
N GLY C 85 30.90 -16.34 -70.36
CA GLY C 85 31.59 -17.59 -70.50
C GLY C 85 32.13 -17.71 -71.91
N GLU C 86 31.31 -17.33 -72.89
CA GLU C 86 31.80 -17.32 -74.26
C GLU C 86 32.97 -16.40 -74.44
N PHE C 87 32.94 -15.25 -73.78
CA PHE C 87 34.02 -14.28 -73.89
C PHE C 87 35.31 -14.88 -73.36
N LEU C 88 35.26 -15.51 -72.19
CA LEU C 88 36.50 -16.04 -71.62
C LEU C 88 36.99 -17.28 -72.39
N LEU C 89 36.08 -18.03 -73.01
CA LEU C 89 36.52 -19.17 -73.81
C LEU C 89 37.21 -18.66 -75.04
N ALA C 90 36.60 -17.70 -75.73
CA ALA C 90 37.26 -17.12 -76.90
C ALA C 90 38.54 -16.34 -76.57
N ALA C 91 38.73 -15.93 -75.32
CA ALA C 91 39.92 -15.18 -74.96
C ALA C 91 41.10 -16.06 -74.67
N GLY C 92 40.88 -17.35 -74.62
CA GLY C 92 41.98 -18.26 -74.43
C GLY C 92 43.00 -18.04 -75.52
N THR C 93 44.21 -18.58 -75.31
CA THR C 93 45.29 -18.50 -76.29
C THR C 93 44.91 -19.00 -77.69
N LYS C 94 45.19 -18.21 -78.75
CA LYS C 94 44.83 -18.69 -80.08
C LYS C 94 45.54 -20.02 -80.31
N GLY C 95 44.78 -21.02 -80.74
CA GLY C 95 45.28 -22.35 -80.87
C GLY C 95 45.04 -23.22 -79.68
N LYS C 96 44.67 -22.65 -78.55
CA LYS C 96 44.47 -23.44 -77.35
C LYS C 96 43.07 -23.25 -76.79
N ARG C 97 42.07 -23.02 -77.66
CA ARG C 97 40.66 -22.89 -77.27
C ARG C 97 39.89 -24.13 -77.78
N TYR C 98 39.31 -24.93 -76.84
CA TYR C 98 38.66 -26.21 -77.13
C TYR C 98 37.19 -26.17 -76.75
N ALA C 99 36.40 -26.97 -77.40
CA ALA C 99 35.01 -27.19 -77.07
C ALA C 99 34.89 -28.72 -76.93
N LEU C 100 34.18 -29.17 -75.90
CA LEU C 100 33.84 -30.58 -76.02
C LEU C 100 32.69 -30.71 -77.02
N PRO C 101 32.56 -31.89 -77.65
CA PRO C 101 31.71 -32.01 -78.86
C PRO C 101 30.25 -31.59 -78.68
N HIS C 102 29.66 -31.85 -77.51
CA HIS C 102 28.29 -31.44 -77.25
C HIS C 102 28.25 -30.22 -76.36
N ALA C 103 29.32 -29.46 -76.24
CA ALA C 103 29.20 -28.22 -75.51
C ALA C 103 28.31 -27.31 -76.33
N ARG C 104 27.80 -26.24 -75.70
CA ARG C 104 27.04 -25.21 -76.40
C ARG C 104 27.62 -23.82 -76.09
N ILE C 105 27.60 -22.93 -77.08
CA ILE C 105 28.07 -21.56 -76.89
C ILE C 105 26.92 -20.60 -77.14
N LEU C 106 26.74 -19.65 -76.24
CA LEU C 106 25.76 -18.58 -76.43
C LEU C 106 26.45 -17.24 -76.43
N MET C 107 26.13 -16.39 -77.40
CA MET C 107 26.59 -15.02 -77.35
C MET C 107 25.40 -14.10 -77.59
N HIS C 108 25.32 -13.05 -76.76
CA HIS C 108 24.32 -12.00 -76.86
C HIS C 108 24.93 -10.72 -76.28
N GLN C 109 24.17 -9.66 -76.33
CA GLN C 109 24.61 -8.35 -75.88
C GLN C 109 24.36 -8.10 -74.41
N PRO C 110 25.03 -7.10 -73.83
CA PRO C 110 25.04 -7.00 -72.37
C PRO C 110 23.65 -6.62 -71.87
N LEU C 111 23.36 -7.00 -70.62
CA LEU C 111 22.14 -6.57 -69.97
C LEU C 111 22.47 -5.87 -68.65
N GLY C 112 21.58 -4.98 -68.21
CA GLY C 112 21.78 -4.28 -66.95
C GLY C 112 20.59 -3.47 -66.56
N GLY C 113 20.81 -2.45 -65.78
CA GLY C 113 19.72 -1.59 -65.38
C GLY C 113 20.11 -0.13 -65.37
N VAL C 114 19.06 0.69 -65.41
CA VAL C 114 19.13 2.12 -65.15
C VAL C 114 18.24 2.47 -63.94
N THR C 115 18.64 3.53 -63.24
CA THR C 115 18.00 3.97 -62.01
C THR C 115 18.52 5.36 -61.67
N GLY C 116 17.73 6.14 -60.96
CA GLY C 116 18.22 7.42 -60.47
C GLY C 116 17.57 8.60 -61.18
N SER C 117 18.24 9.72 -61.09
CA SER C 117 17.70 10.90 -61.73
C SER C 117 17.95 10.84 -63.22
N ALA C 118 17.31 11.73 -63.95
CA ALA C 118 17.46 11.70 -65.39
C ALA C 118 18.88 12.05 -65.83
N ALA C 119 19.60 12.76 -64.98
CA ALA C 119 20.99 13.05 -65.29
C ALA C 119 21.87 11.83 -65.06
N ASP C 120 21.57 11.05 -64.01
CA ASP C 120 22.31 9.83 -63.71
C ASP C 120 22.03 8.76 -64.76
N ILE C 121 20.79 8.68 -65.23
CA ILE C 121 20.45 7.69 -66.25
C ILE C 121 21.11 8.07 -67.54
N ALA C 122 21.33 9.38 -67.72
CA ALA C 122 22.07 9.83 -68.87
C ALA C 122 23.48 9.25 -68.87
N ILE C 123 24.13 9.23 -67.70
CA ILE C 123 25.49 8.74 -67.62
C ILE C 123 25.55 7.24 -67.82
N GLN C 124 24.67 6.53 -67.17
CA GLN C 124 24.62 5.09 -67.33
C GLN C 124 24.52 4.69 -68.81
N ALA C 125 23.67 5.39 -69.56
CA ALA C 125 23.48 5.08 -70.96
C ALA C 125 24.71 5.46 -71.80
N GLU C 126 25.44 6.49 -71.38
CA GLU C 126 26.73 6.77 -71.99
C GLU C 126 27.63 5.54 -71.95
N GLN C 127 27.71 4.88 -70.80
CA GLN C 127 28.52 3.68 -70.59
C GLN C 127 27.95 2.42 -71.22
N PHE C 128 26.62 2.29 -71.32
CA PHE C 128 26.09 1.17 -72.07
C PHE C 128 26.71 1.14 -73.46
N ALA C 129 26.78 2.29 -74.12
CA ALA C 129 27.32 2.36 -75.48
C ALA C 129 28.83 2.11 -75.49
N VAL C 130 29.53 2.71 -74.53
CA VAL C 130 30.96 2.56 -74.48
C VAL C 130 31.28 1.08 -74.31
N ILE C 131 30.70 0.50 -73.27
CA ILE C 131 30.92 -0.90 -72.93
C ILE C 131 30.51 -1.81 -74.08
N LYS C 132 29.38 -1.52 -74.71
CA LYS C 132 28.91 -2.35 -75.80
C LYS C 132 29.94 -2.32 -76.95
N LYS C 133 30.51 -1.15 -77.22
CA LYS C 133 31.44 -1.07 -78.34
C LYS C 133 32.68 -1.87 -78.03
N GLU C 134 33.18 -1.75 -76.81
CA GLU C 134 34.42 -2.46 -76.50
C GLU C 134 34.15 -3.94 -76.41
N MET C 135 32.92 -4.33 -76.02
CA MET C 135 32.61 -5.74 -75.78
C MET C 135 32.50 -6.47 -77.07
N PHE C 136 31.97 -5.78 -78.09
CA PHE C 136 31.89 -6.28 -79.46
C PHE C 136 33.24 -6.21 -80.17
N ARG C 137 33.99 -5.14 -79.96
CA ARG C 137 35.33 -5.07 -80.52
C ARG C 137 36.17 -6.27 -80.12
N LEU C 138 36.08 -6.68 -78.86
CA LEU C 138 36.90 -7.80 -78.41
C LEU C 138 36.46 -9.14 -78.98
N ASN C 139 35.15 -9.45 -78.99
CA ASN C 139 34.66 -10.67 -79.65
C ASN C 139 35.01 -10.70 -81.14
N ALA C 140 35.02 -9.55 -81.78
CA ALA C 140 35.38 -9.52 -83.17
C ALA C 140 36.85 -9.90 -83.33
N GLU C 141 37.67 -9.49 -82.36
CA GLU C 141 39.08 -9.83 -82.37
C GLU C 141 39.28 -11.33 -82.14
N PHE C 142 38.57 -11.89 -81.12
CA PHE C 142 38.72 -13.30 -80.75
C PHE C 142 38.21 -14.19 -81.85
N THR C 143 37.12 -13.80 -82.49
CA THR C 143 36.53 -14.64 -83.52
C THR C 143 36.95 -14.27 -84.93
N GLY C 144 37.36 -13.03 -85.20
CA GLY C 144 37.71 -12.71 -86.57
C GLY C 144 36.59 -12.28 -87.46
N GLN C 145 35.39 -12.17 -86.95
CA GLN C 145 34.25 -11.68 -87.69
C GLN C 145 34.31 -10.16 -87.75
N PRO C 146 33.67 -9.57 -88.74
CA PRO C 146 33.60 -8.11 -88.80
C PRO C 146 32.83 -7.61 -87.61
N ILE C 147 33.24 -6.44 -87.09
CA ILE C 147 32.51 -5.96 -85.90
C ILE C 147 31.04 -5.92 -86.20
N GLU C 148 30.68 -5.68 -87.43
CA GLU C 148 29.27 -5.55 -87.75
C GLU C 148 28.54 -6.87 -87.62
N ARG C 149 29.18 -7.98 -87.93
CA ARG C 149 28.43 -9.23 -87.80
C ARG C 149 28.27 -9.62 -86.34
N ILE C 150 29.26 -9.33 -85.51
CA ILE C 150 29.13 -9.55 -84.07
C ILE C 150 27.95 -8.75 -83.50
N GLU C 151 27.85 -7.46 -83.84
CA GLU C 151 26.72 -6.70 -83.31
C GLU C 151 25.37 -7.32 -83.67
N ALA C 152 25.15 -7.66 -84.95
CA ALA C 152 23.83 -8.13 -85.38
C ALA C 152 23.51 -9.48 -84.79
N ASP C 153 24.47 -10.41 -84.81
CA ASP C 153 24.25 -11.74 -84.25
C ASP C 153 24.02 -11.67 -82.76
N SER C 154 24.61 -10.67 -82.09
CA SER C 154 24.48 -10.51 -80.65
C SER C 154 23.25 -9.71 -80.19
N ASP C 155 22.44 -9.11 -81.08
CA ASP C 155 21.27 -8.36 -80.62
C ASP C 155 20.41 -9.22 -79.69
N ARG C 156 20.11 -10.44 -80.13
CA ARG C 156 19.38 -11.40 -79.32
C ARG C 156 20.13 -12.73 -79.34
N ASP C 157 19.81 -13.56 -78.36
CA ASP C 157 20.59 -14.76 -78.16
C ASP C 157 20.80 -15.55 -79.45
N ARG C 158 22.09 -15.83 -79.77
CA ARG C 158 22.51 -16.73 -80.84
C ARG C 158 23.26 -17.88 -80.18
N TRP C 159 22.72 -19.06 -80.33
CA TRP C 159 23.31 -20.26 -79.78
C TRP C 159 24.12 -20.95 -80.88
N PHE C 160 25.23 -21.56 -80.46
CA PHE C 160 26.15 -22.30 -81.32
C PHE C 160 26.35 -23.68 -80.70
N THR C 161 26.37 -24.69 -81.54
CA THR C 161 26.88 -25.98 -81.11
C THR C 161 28.40 -26.00 -81.17
N ALA C 162 29.00 -27.01 -80.53
CA ALA C 162 30.45 -26.97 -80.50
C ALA C 162 30.97 -26.66 -81.90
N ALA C 163 30.39 -27.27 -82.93
CA ALA C 163 30.85 -27.07 -84.31
C ALA C 163 30.54 -25.68 -84.86
N GLU C 164 29.33 -25.17 -84.57
CA GLU C 164 28.99 -23.87 -85.11
C GLU C 164 29.95 -22.85 -84.55
N ALA C 165 30.45 -23.14 -83.37
CA ALA C 165 31.34 -22.21 -82.69
C ALA C 165 32.73 -22.18 -83.31
N LEU C 166 33.26 -23.32 -83.78
CA LEU C 166 34.56 -23.38 -84.46
C LEU C 166 34.46 -22.68 -85.81
N GLU C 167 33.33 -22.83 -86.51
CA GLU C 167 33.09 -22.11 -87.74
C GLU C 167 33.06 -20.60 -87.44
N TYR C 168 32.50 -20.23 -86.30
CA TYR C 168 32.37 -18.79 -86.09
C TYR C 168 33.70 -18.19 -85.63
N GLY C 169 34.50 -18.94 -84.88
CA GLY C 169 35.78 -18.46 -84.35
C GLY C 169 35.92 -18.49 -82.83
N PHE C 170 34.95 -18.98 -82.11
CA PHE C 170 35.09 -19.00 -80.68
C PHE C 170 36.18 -19.95 -80.20
N VAL C 171 36.32 -21.11 -80.84
CA VAL C 171 37.34 -22.08 -80.47
C VAL C 171 38.19 -22.42 -81.68
N ASP C 172 39.28 -23.12 -81.39
CA ASP C 172 40.18 -23.57 -82.44
C ASP C 172 40.12 -25.07 -82.73
N HIS C 173 39.60 -25.85 -81.80
CA HIS C 173 39.55 -27.31 -81.93
C HIS C 173 38.37 -27.82 -81.13
N ILE C 174 37.92 -29.01 -81.51
CA ILE C 174 36.90 -29.73 -80.79
C ILE C 174 37.51 -31.04 -80.37
N ILE C 175 37.56 -31.31 -79.07
CA ILE C 175 38.25 -32.49 -78.60
C ILE C 175 37.45 -33.76 -78.86
N THR C 176 38.17 -34.86 -79.12
CA THR C 176 37.54 -36.15 -79.36
C THR C 176 38.36 -37.24 -78.66
N ARG C 177 39.67 -37.16 -78.76
CA ARG C 177 40.59 -37.92 -77.89
C ARG C 177 40.54 -39.46 -78.02
N LEU D 1 24.17 -9.09 38.00
CA LEU D 1 24.02 -7.66 38.25
C LEU D 1 24.03 -7.12 36.78
N THR D 2 23.06 -6.28 36.38
CA THR D 2 23.13 -5.55 35.11
C THR D 2 24.48 -4.83 34.96
N ASP D 3 24.92 -4.15 35.99
CA ASP D 3 26.13 -3.38 35.76
C ASP D 3 27.42 -4.21 35.70
N SER D 4 27.41 -5.46 36.17
CA SER D 4 28.63 -6.25 36.11
C SER D 4 28.91 -6.71 34.69
N VAL D 5 27.84 -6.99 33.93
CA VAL D 5 28.04 -7.30 32.52
C VAL D 5 28.42 -6.03 31.77
N TYR D 6 27.80 -4.90 32.10
CA TYR D 6 28.20 -3.66 31.41
C TYR D 6 29.65 -3.27 31.72
N GLU D 7 30.15 -3.63 32.92
CA GLU D 7 31.55 -3.33 33.21
C GLU D 7 32.46 -4.33 32.46
N ARG D 8 32.04 -5.60 32.42
CA ARG D 8 32.79 -6.57 31.65
C ARG D 8 32.89 -6.20 30.19
N LEU D 9 31.84 -5.56 29.63
CA LEU D 9 31.92 -5.11 28.23
C LEU D 9 32.74 -3.87 28.04
N LEU D 10 32.88 -3.04 29.08
CA LEU D 10 33.73 -1.87 29.01
C LEU D 10 35.22 -2.26 28.91
N SER D 11 35.65 -3.36 29.55
CA SER D 11 37.04 -3.77 29.37
C SER D 11 37.28 -4.17 27.92
N GLU D 12 36.23 -4.56 27.24
CA GLU D 12 36.27 -4.93 25.85
C GLU D 12 35.98 -3.74 24.93
N ARG D 13 35.87 -2.54 25.49
CA ARG D 13 35.74 -1.26 24.75
C ARG D 13 34.42 -1.07 24.02
N ILE D 14 33.35 -1.53 24.67
CA ILE D 14 31.97 -1.43 24.19
C ILE D 14 31.15 -0.60 25.18
N ILE D 15 30.35 0.28 24.63
CA ILE D 15 29.42 1.03 25.45
C ILE D 15 28.06 1.14 24.79
N PHE D 16 27.05 1.31 25.64
CA PHE D 16 25.65 1.30 25.23
C PHE D 16 24.94 2.63 25.40
N LEU D 17 24.18 3.00 24.38
CA LEU D 17 23.21 4.07 24.50
C LEU D 17 21.85 3.40 24.32
N GLY D 18 21.35 2.78 25.39
CA GLY D 18 20.18 1.91 25.37
C GLY D 18 18.92 2.54 25.91
N SER D 19 18.97 3.83 26.23
CA SER D 19 17.97 4.61 26.92
C SER D 19 17.70 5.86 26.11
N GLU D 20 16.81 6.68 26.65
CA GLU D 20 16.61 8.03 26.19
C GLU D 20 17.84 8.87 26.49
N VAL D 21 18.12 9.79 25.58
CA VAL D 21 19.35 10.56 25.67
C VAL D 21 19.04 11.71 26.60
N ASN D 22 19.47 11.61 27.84
CA ASN D 22 19.34 12.72 28.75
C ASN D 22 20.72 13.08 29.31
N ASP D 23 20.79 14.08 30.18
CA ASP D 23 22.11 14.50 30.67
C ASP D 23 22.81 13.39 31.44
N GLU D 24 22.04 12.53 32.10
CA GLU D 24 22.67 11.53 32.95
C GLU D 24 23.36 10.47 32.13
N ILE D 25 22.65 9.91 31.15
CA ILE D 25 23.29 8.91 30.30
C ILE D 25 24.39 9.55 29.49
N ALA D 26 24.22 10.83 29.11
CA ALA D 26 25.22 11.55 28.32
C ALA D 26 26.53 11.72 29.08
N ASN D 27 26.44 12.13 30.33
CA ASN D 27 27.62 12.25 31.14
C ASN D 27 28.27 10.90 31.40
N ARG D 28 27.49 9.87 31.74
CA ARG D 28 28.08 8.55 31.95
C ARG D 28 28.82 8.12 30.70
N LEU D 29 28.28 8.52 29.57
CA LEU D 29 28.84 8.06 28.31
C LEU D 29 30.04 8.89 27.90
N CYS D 30 30.00 10.21 28.07
CA CYS D 30 31.20 10.99 27.80
C CYS D 30 32.34 10.59 28.74
N ALA D 31 32.03 10.35 30.02
CA ALA D 31 33.04 9.82 30.94
C ALA D 31 33.63 8.51 30.40
N GLN D 32 32.80 7.56 29.96
CA GLN D 32 33.35 6.32 29.43
C GLN D 32 34.28 6.57 28.24
N ILE D 33 33.86 7.46 27.35
CA ILE D 33 34.69 7.67 26.18
C ILE D 33 36.03 8.25 26.58
N LEU D 34 36.08 9.08 27.63
CA LEU D 34 37.36 9.61 28.07
C LEU D 34 38.21 8.54 28.71
N LEU D 35 37.63 7.78 29.64
CA LEU D 35 38.35 6.66 30.26
C LEU D 35 38.99 5.76 29.23
N LEU D 36 38.18 5.21 28.32
CA LEU D 36 38.65 4.28 27.32
C LEU D 36 39.66 4.89 26.36
N ALA D 37 39.65 6.20 26.19
CA ALA D 37 40.66 6.85 25.36
C ALA D 37 41.97 7.01 26.12
N ALA D 38 41.88 7.07 27.44
CA ALA D 38 43.09 7.13 28.24
C ALA D 38 43.81 5.79 28.27
N GLU D 39 43.07 4.69 28.40
CA GLU D 39 43.71 3.39 28.47
C GLU D 39 44.51 3.11 27.20
N ASP D 40 43.91 3.38 26.06
CA ASP D 40 44.49 3.08 24.76
C ASP D 40 43.85 4.03 23.77
N ALA D 41 44.64 4.84 23.08
CA ALA D 41 44.08 5.84 22.18
C ALA D 41 44.13 5.48 20.71
N SER D 42 44.44 4.24 20.36
CA SER D 42 44.45 3.76 18.99
C SER D 42 43.52 2.58 18.74
N LYS D 43 42.94 2.02 19.80
CA LYS D 43 41.97 0.94 19.74
C LYS D 43 40.58 1.55 19.62
N ASP D 44 39.71 0.96 18.79
CA ASP D 44 38.38 1.56 18.62
C ASP D 44 37.50 1.45 19.88
N ILE D 45 36.48 2.32 19.92
CA ILE D 45 35.37 2.23 20.85
C ILE D 45 34.13 1.90 20.03
N SER D 46 33.36 0.91 20.47
CA SER D 46 32.10 0.55 19.85
C SER D 46 30.96 1.06 20.73
N LEU D 47 30.05 1.82 20.16
CA LEU D 47 28.91 2.41 20.84
C LEU D 47 27.64 1.83 20.23
N TYR D 48 26.97 0.93 20.96
CA TYR D 48 25.72 0.28 20.56
C TYR D 48 24.60 1.24 20.95
N ILE D 49 23.65 1.40 20.03
CA ILE D 49 22.60 2.40 20.16
C ILE D 49 21.29 1.69 20.03
N ASN D 50 20.43 1.81 21.08
CA ASN D 50 19.03 1.41 21.02
C ASN D 50 18.28 2.46 21.80
N SER D 51 18.05 3.59 21.16
CA SER D 51 17.53 4.78 21.84
C SER D 51 16.38 5.45 21.15
N PRO D 52 15.42 6.01 21.89
CA PRO D 52 14.31 6.74 21.25
C PRO D 52 14.61 8.17 20.84
N GLY D 53 15.72 8.76 21.32
CA GLY D 53 16.03 10.17 21.19
C GLY D 53 16.18 10.84 22.55
N GLY D 54 16.14 12.17 22.60
CA GLY D 54 16.35 12.84 23.86
C GLY D 54 16.89 14.25 23.63
N SER D 55 17.48 14.80 24.66
CA SER D 55 17.81 16.22 24.63
C SER D 55 18.87 16.50 23.59
N ILE D 56 18.70 17.59 22.86
CA ILE D 56 19.74 17.96 21.92
C ILE D 56 21.03 18.34 22.66
N SER D 57 20.91 19.06 23.80
CA SER D 57 22.13 19.45 24.51
C SER D 57 22.89 18.23 25.02
N ALA D 58 22.20 17.27 25.58
CA ALA D 58 22.91 16.07 25.98
C ALA D 58 23.52 15.32 24.80
N GLY D 59 22.83 15.27 23.67
CA GLY D 59 23.37 14.49 22.59
C GLY D 59 24.62 15.13 22.04
N MET D 60 24.63 16.48 22.02
CA MET D 60 25.74 17.28 21.51
C MET D 60 26.90 17.21 22.45
N ALA D 61 26.64 16.82 23.70
CA ALA D 61 27.71 16.42 24.60
C ALA D 61 28.31 15.11 24.16
N ILE D 62 27.47 14.12 23.90
CA ILE D 62 28.04 12.89 23.41
C ILE D 62 28.77 13.14 22.09
N TYR D 63 28.16 13.91 21.19
CA TYR D 63 28.72 14.01 19.84
C TYR D 63 30.11 14.67 19.82
N ASP D 64 30.26 15.81 20.45
CA ASP D 64 31.55 16.47 20.50
C ASP D 64 32.61 15.59 21.15
N THR D 65 32.21 14.77 22.12
CA THR D 65 33.19 13.91 22.74
C THR D 65 33.62 12.77 21.83
N MET D 66 32.71 12.25 21.00
CA MET D 66 33.06 11.20 20.06
C MET D 66 34.11 11.72 19.09
N VAL D 67 33.83 12.92 18.58
CA VAL D 67 34.60 13.52 17.51
C VAL D 67 36.00 13.85 17.96
N LEU D 68 36.16 14.45 19.14
CA LEU D 68 37.48 14.84 19.63
C LEU D 68 38.29 13.68 20.12
N ALA D 69 37.68 12.55 20.34
CA ALA D 69 38.44 11.43 20.80
C ALA D 69 39.49 11.04 19.77
N PRO D 70 40.69 10.65 20.22
CA PRO D 70 41.76 10.24 19.29
C PRO D 70 41.41 8.99 18.49
N CYS D 71 40.77 8.04 19.13
CA CYS D 71 40.37 6.78 18.53
C CYS D 71 39.11 6.97 17.71
N ASP D 72 38.81 5.96 16.89
CA ASP D 72 37.57 5.94 16.13
C ASP D 72 36.45 5.53 17.09
N ILE D 73 35.25 5.95 16.74
CA ILE D 73 34.05 5.52 17.42
C ILE D 73 33.18 4.82 16.39
N ALA D 74 33.08 3.49 16.49
CA ALA D 74 32.18 2.69 15.67
C ALA D 74 30.76 2.69 16.23
N THR D 75 29.78 2.87 15.39
CA THR D 75 28.43 2.98 15.89
C THR D 75 27.59 1.87 15.31
N TYR D 76 26.81 1.22 16.18
CA TYR D 76 25.96 0.12 15.75
C TYR D 76 24.54 0.43 16.19
N ALA D 77 23.63 0.35 15.25
CA ALA D 77 22.23 0.46 15.57
C ALA D 77 21.66 -0.91 15.91
N MET D 78 21.28 -1.09 17.18
CA MET D 78 20.41 -2.21 17.54
C MET D 78 18.94 -1.81 17.63
N GLY D 79 18.08 -2.74 17.27
CA GLY D 79 16.67 -2.44 17.28
C GLY D 79 16.24 -1.09 16.74
N MET D 80 16.51 0.01 17.43
CA MET D 80 16.01 1.30 16.97
C MET D 80 16.98 2.39 17.33
N ALA D 81 17.28 3.28 16.37
CA ALA D 81 18.12 4.45 16.60
C ALA D 81 17.29 5.56 15.99
N ALA D 82 16.70 6.40 16.83
CA ALA D 82 15.71 7.35 16.38
C ALA D 82 16.13 8.74 16.81
N SER D 83 15.86 9.73 15.97
CA SER D 83 16.05 11.11 16.37
C SER D 83 17.49 11.33 16.84
N MET D 84 17.68 11.66 18.09
CA MET D 84 19.07 11.78 18.51
C MET D 84 19.85 10.48 18.44
N GLY D 85 19.20 9.34 18.47
CA GLY D 85 19.97 8.12 18.30
C GLY D 85 20.52 8.06 16.91
N GLU D 86 19.70 8.45 15.93
CA GLU D 86 20.18 8.44 14.55
C GLU D 86 21.37 9.37 14.36
N PHE D 87 21.29 10.57 14.93
CA PHE D 87 22.34 11.56 14.82
C PHE D 87 23.63 11.01 15.40
N LEU D 88 23.52 10.32 16.55
CA LEU D 88 24.73 9.77 17.14
C LEU D 88 25.18 8.53 16.37
N LEU D 89 24.25 7.79 15.76
CA LEU D 89 24.69 6.65 14.96
C LEU D 89 25.43 7.15 13.74
N ALA D 90 24.80 8.03 12.97
CA ALA D 90 25.39 8.58 11.75
C ALA D 90 26.61 9.43 12.03
N ALA D 91 26.79 9.82 13.28
CA ALA D 91 27.97 10.57 13.65
C ALA D 91 29.15 9.67 13.95
N GLY D 92 29.00 8.35 13.89
CA GLY D 92 30.17 7.54 14.05
C GLY D 92 31.24 7.92 13.03
N THR D 93 32.46 7.50 13.33
CA THR D 93 33.53 7.54 12.36
C THR D 93 33.11 6.86 11.05
N LYS D 94 33.35 7.56 9.94
CA LYS D 94 32.96 7.05 8.63
C LYS D 94 33.67 5.73 8.32
N GLY D 95 32.88 4.77 7.88
CA GLY D 95 33.38 3.44 7.73
C GLY D 95 33.11 2.54 8.91
N LYS D 96 32.77 3.13 10.05
CA LYS D 96 32.49 2.38 11.26
C LYS D 96 31.10 2.67 11.78
N ARG D 97 30.15 2.89 10.87
CA ARG D 97 28.73 3.03 11.16
C ARG D 97 28.03 1.79 10.63
N TYR D 98 27.45 0.98 11.55
CA TYR D 98 26.84 -0.33 11.25
C TYR D 98 25.37 -0.34 11.68
N ALA D 99 24.57 -1.11 11.01
CA ALA D 99 23.18 -1.29 11.40
C ALA D 99 22.98 -2.80 11.47
N LEU D 100 22.37 -3.32 12.53
CA LEU D 100 21.96 -4.73 12.50
C LEU D 100 20.80 -4.87 11.51
N PRO D 101 20.55 -6.07 11.02
CA PRO D 101 19.69 -6.19 9.82
C PRO D 101 18.23 -5.74 10.00
N HIS D 102 17.62 -5.94 11.16
CA HIS D 102 16.23 -5.55 11.34
C HIS D 102 16.05 -4.33 12.25
N ALA D 103 17.12 -3.59 12.49
CA ALA D 103 17.07 -2.33 13.20
C ALA D 103 16.39 -1.27 12.36
N ARG D 104 15.88 -0.25 13.02
CA ARG D 104 15.18 0.81 12.31
C ARG D 104 15.75 2.17 12.73
N ILE D 105 15.74 3.11 11.79
CA ILE D 105 16.21 4.49 12.00
C ILE D 105 15.04 5.45 11.78
N LEU D 106 14.90 6.47 12.65
CA LEU D 106 13.95 7.57 12.48
C LEU D 106 14.67 8.91 12.44
N MET D 107 14.28 9.79 11.55
CA MET D 107 14.83 11.12 11.60
C MET D 107 13.62 11.99 11.42
N HIS D 108 13.51 13.01 12.27
CA HIS D 108 12.54 14.08 12.15
C HIS D 108 13.13 15.34 12.79
N GLN D 109 12.32 16.41 12.82
CA GLN D 109 12.77 17.72 13.27
C GLN D 109 12.58 17.89 14.77
N PRO D 110 13.26 18.88 15.36
CA PRO D 110 13.21 19.03 16.81
C PRO D 110 11.83 19.40 17.28
N LEU D 111 11.58 19.03 18.52
CA LEU D 111 10.37 19.37 19.23
C LEU D 111 10.80 20.15 20.44
N GLY D 112 9.88 20.94 20.94
CA GLY D 112 10.18 21.70 22.13
C GLY D 112 8.97 22.40 22.68
N GLY D 113 9.20 23.48 23.42
CA GLY D 113 8.12 24.24 24.00
C GLY D 113 8.49 25.70 24.03
N VAL D 114 7.46 26.55 24.04
CA VAL D 114 7.56 27.98 24.26
C VAL D 114 6.79 28.31 25.51
N THR D 115 7.25 29.34 26.20
CA THR D 115 6.65 29.72 27.46
C THR D 115 7.16 31.09 27.78
N GLY D 116 6.39 31.82 28.58
CA GLY D 116 6.84 33.09 29.08
C GLY D 116 6.18 34.26 28.39
N SER D 117 6.85 35.42 28.46
CA SER D 117 6.38 36.64 27.86
C SER D 117 6.67 36.66 26.37
N ALA D 118 6.01 37.61 25.72
CA ALA D 118 6.06 37.66 24.27
C ALA D 118 7.44 37.93 23.79
N ALA D 119 8.24 38.60 24.64
CA ALA D 119 9.64 38.88 24.42
C ALA D 119 10.53 37.67 24.64
N ASP D 120 10.20 36.87 25.65
CA ASP D 120 10.91 35.62 25.88
C ASP D 120 10.65 34.60 24.80
N ILE D 121 9.44 34.58 24.27
CA ILE D 121 9.10 33.58 23.28
C ILE D 121 9.79 33.91 21.99
N ALA D 122 9.96 35.21 21.76
CA ALA D 122 10.69 35.67 20.58
C ALA D 122 12.10 35.12 20.59
N ILE D 123 12.75 35.14 21.76
CA ILE D 123 14.12 34.64 21.89
C ILE D 123 14.16 33.13 21.75
N GLN D 124 13.21 32.43 22.36
CA GLN D 124 13.15 30.98 22.22
C GLN D 124 13.09 30.55 20.76
N ALA D 125 12.22 31.17 19.99
CA ALA D 125 12.04 30.75 18.62
C ALA D 125 13.25 31.12 17.77
N GLU D 126 13.94 32.21 18.08
CA GLU D 126 15.16 32.50 17.34
C GLU D 126 16.06 31.28 17.36
N GLN D 127 16.16 30.65 18.55
CA GLN D 127 16.96 29.45 18.85
C GLN D 127 16.41 28.17 18.26
N PHE D 128 15.09 28.02 18.19
CA PHE D 128 14.51 26.95 17.40
C PHE D 128 15.07 26.95 15.96
N ALA D 129 15.10 28.15 15.30
CA ALA D 129 15.54 28.30 13.91
C ALA D 129 17.04 28.03 13.76
N VAL D 130 17.82 28.57 14.68
CA VAL D 130 19.25 28.28 14.66
C VAL D 130 19.49 26.78 14.80
N ILE D 131 18.90 26.20 15.86
CA ILE D 131 19.22 24.82 16.17
C ILE D 131 18.82 23.93 15.03
N LYS D 132 17.66 24.19 14.44
CA LYS D 132 17.14 23.42 13.31
C LYS D 132 18.04 23.54 12.09
N LYS D 133 18.62 24.71 11.86
CA LYS D 133 19.53 24.84 10.71
C LYS D 133 20.80 24.05 10.97
N GLU D 134 21.35 24.16 12.19
CA GLU D 134 22.57 23.43 12.53
C GLU D 134 22.32 21.93 12.68
N MET D 135 21.11 21.53 13.02
CA MET D 135 20.85 20.10 13.21
C MET D 135 20.86 19.41 11.85
N PHE D 136 20.35 20.10 10.87
CA PHE D 136 20.26 19.66 9.48
C PHE D 136 21.56 19.77 8.71
N ARG D 137 22.31 20.86 8.90
CA ARG D 137 23.63 20.93 8.30
C ARG D 137 24.51 19.77 8.75
N LEU D 138 24.37 19.33 9.99
CA LEU D 138 25.17 18.18 10.38
C LEU D 138 24.61 16.87 9.85
N ASN D 139 23.27 16.66 9.92
CA ASN D 139 22.73 15.44 9.33
C ASN D 139 23.15 15.28 7.89
N ALA D 140 23.18 16.41 7.19
CA ALA D 140 23.47 16.43 5.77
C ALA D 140 24.90 16.00 5.49
N GLU D 141 25.84 16.42 6.32
CA GLU D 141 27.23 16.03 6.22
C GLU D 141 27.44 14.54 6.58
N PHE D 142 26.74 14.04 7.59
CA PHE D 142 26.92 12.63 7.92
C PHE D 142 26.51 11.76 6.74
N THR D 143 25.39 12.08 6.11
CA THR D 143 24.73 11.19 5.13
C THR D 143 25.10 11.46 3.69
N GLY D 144 25.52 12.66 3.41
CA GLY D 144 25.81 13.09 2.08
C GLY D 144 24.63 13.65 1.31
N GLN D 145 23.47 13.76 1.93
CA GLN D 145 22.33 14.29 1.21
C GLN D 145 22.42 15.82 1.13
N PRO D 146 21.72 16.46 0.21
CA PRO D 146 21.65 17.92 0.26
C PRO D 146 20.81 18.34 1.46
N ILE D 147 21.12 19.50 2.05
CA ILE D 147 20.30 19.99 3.17
C ILE D 147 18.83 20.06 2.78
N GLU D 148 18.50 20.30 1.50
CA GLU D 148 17.09 20.42 1.15
C GLU D 148 16.35 19.11 1.28
N ARG D 149 16.98 17.95 1.00
CA ARG D 149 16.31 16.67 1.18
C ARG D 149 16.21 16.39 2.69
N ILE D 150 17.22 16.78 3.47
CA ILE D 150 17.20 16.62 4.92
C ILE D 150 16.05 17.41 5.56
N GLU D 151 15.96 18.70 5.23
CA GLU D 151 14.88 19.53 5.78
C GLU D 151 13.52 19.06 5.31
N ALA D 152 13.43 18.61 4.06
CA ALA D 152 12.16 18.14 3.55
C ALA D 152 11.76 16.81 4.16
N ASP D 153 12.69 15.83 4.24
CA ASP D 153 12.35 14.49 4.75
C ASP D 153 12.01 14.53 6.23
N SER D 154 12.63 15.45 6.94
CA SER D 154 12.44 15.50 8.39
C SER D 154 11.24 16.31 8.84
N ASP D 155 10.54 16.98 7.94
CA ASP D 155 9.39 17.75 8.36
C ASP D 155 8.48 16.91 9.25
N ARG D 156 8.20 15.64 8.89
CA ARG D 156 7.50 14.70 9.75
C ARG D 156 8.27 13.40 9.76
N ASP D 157 7.97 12.57 10.74
CA ASP D 157 8.83 11.42 10.95
C ASP D 157 9.01 10.70 9.64
N ARG D 158 10.27 10.45 9.30
CA ARG D 158 10.60 9.57 8.19
C ARG D 158 11.31 8.32 8.73
N TRP D 159 10.69 7.13 8.58
CA TRP D 159 11.30 5.88 9.08
C TRP D 159 12.11 5.19 7.96
N PHE D 160 13.26 4.60 8.32
CA PHE D 160 14.14 3.88 7.38
C PHE D 160 14.41 2.49 7.94
N THR D 161 14.42 1.46 7.09
CA THR D 161 14.94 0.16 7.50
C THR D 161 16.47 0.14 7.37
N ALA D 162 17.09 -0.86 7.99
CA ALA D 162 18.55 -0.88 7.94
C ALA D 162 19.00 -0.71 6.50
N ALA D 163 18.32 -1.37 5.57
CA ALA D 163 18.71 -1.23 4.19
C ALA D 163 18.43 0.17 3.61
N GLU D 164 17.22 0.70 3.82
CA GLU D 164 16.95 2.06 3.33
C GLU D 164 17.94 3.05 3.94
N ALA D 165 18.45 2.75 5.18
CA ALA D 165 19.38 3.63 5.90
C ALA D 165 20.78 3.68 5.30
N LEU D 166 21.24 2.57 4.74
CA LEU D 166 22.54 2.52 4.12
C LEU D 166 22.52 3.29 2.81
N GLU D 167 21.40 3.15 2.06
CA GLU D 167 21.13 3.90 0.83
C GLU D 167 21.09 5.41 1.07
N TYR D 168 20.56 5.84 2.23
CA TYR D 168 20.39 7.27 2.52
C TYR D 168 21.69 7.91 2.97
N GLY D 169 22.53 7.15 3.67
CA GLY D 169 23.84 7.59 4.14
C GLY D 169 24.04 7.57 5.66
N PHE D 170 23.05 7.12 6.43
CA PHE D 170 23.17 7.12 7.89
C PHE D 170 24.22 6.16 8.37
N VAL D 171 24.33 5.03 7.69
CA VAL D 171 25.33 4.01 7.99
C VAL D 171 26.11 3.66 6.74
N ASP D 172 27.19 2.93 6.97
CA ASP D 172 28.09 2.40 5.96
C ASP D 172 28.01 0.91 5.75
N HIS D 173 27.46 0.17 6.68
CA HIS D 173 27.46 -1.28 6.61
C HIS D 173 26.26 -1.86 7.31
N ILE D 174 25.86 -3.05 6.88
CA ILE D 174 24.85 -3.84 7.56
C ILE D 174 25.52 -5.15 7.95
N ILE D 175 25.47 -5.48 9.26
CA ILE D 175 26.07 -6.71 9.76
C ILE D 175 25.22 -7.90 9.43
N THR D 176 25.92 -9.01 9.12
CA THR D 176 25.30 -10.31 8.85
C THR D 176 26.03 -11.50 9.50
N ARG D 177 27.36 -11.36 9.74
CA ARG D 177 28.27 -12.15 10.66
C ARG D 177 28.22 -13.70 10.61
N ILE E 2 -23.30 -9.22 -38.30
CA ILE E 2 -23.70 -10.26 -37.31
C ILE E 2 -24.76 -9.68 -36.30
N LEU E 3 -25.35 -8.45 -36.67
CA LEU E 3 -26.16 -7.58 -35.79
C LEU E 3 -27.47 -7.01 -36.33
N PRO E 4 -28.61 -7.52 -35.87
CA PRO E 4 -29.87 -7.18 -36.54
C PRO E 4 -30.11 -5.69 -36.46
N SER E 5 -30.97 -5.20 -37.35
CA SER E 5 -31.68 -3.96 -37.15
C SER E 5 -33.16 -4.30 -36.96
N PHE E 6 -33.88 -3.41 -36.25
CA PHE E 6 -35.30 -3.54 -35.89
C PHE E 6 -36.02 -2.22 -36.22
N ILE E 7 -37.35 -2.22 -36.09
CA ILE E 7 -38.22 -1.17 -36.60
C ILE E 7 -39.23 -0.86 -35.50
N GLU E 8 -39.34 0.42 -35.10
CA GLU E 8 -40.30 0.91 -34.12
C GLU E 8 -41.32 1.82 -34.79
N HIS E 9 -42.48 1.97 -34.15
CA HIS E 9 -43.58 2.65 -34.80
C HIS E 9 -44.32 3.49 -33.78
N SER E 10 -44.79 4.65 -34.22
CA SER E 10 -45.72 5.47 -33.44
C SER E 10 -46.66 6.16 -34.43
N SER E 11 -47.67 6.88 -33.90
CA SER E 11 -48.57 7.72 -34.67
C SER E 11 -47.87 8.74 -35.58
N PHE E 12 -46.59 8.93 -35.34
CA PHE E 12 -45.78 9.91 -36.04
C PHE E 12 -44.99 9.34 -37.22
N GLY E 13 -44.53 8.10 -37.15
CA GLY E 13 -43.71 7.56 -38.23
C GLY E 13 -43.10 6.23 -37.82
N VAL E 14 -42.57 5.55 -38.83
CA VAL E 14 -41.93 4.25 -38.67
C VAL E 14 -40.45 4.48 -38.71
N LYS E 15 -39.75 4.03 -37.68
CA LYS E 15 -38.33 4.28 -37.49
C LYS E 15 -37.51 3.01 -37.50
N GLU E 16 -36.53 2.96 -38.40
CA GLU E 16 -35.58 1.87 -38.43
C GLU E 16 -34.29 2.29 -37.72
N SER E 17 -33.90 1.49 -36.72
CA SER E 17 -32.68 1.71 -35.98
C SER E 17 -32.13 0.34 -35.58
N ASN E 18 -30.94 0.35 -35.02
CA ASN E 18 -30.28 -0.92 -34.72
C ASN E 18 -30.00 -0.86 -33.23
N PRO E 19 -29.46 -1.89 -32.60
CA PRO E 19 -29.43 -1.92 -31.11
C PRO E 19 -28.56 -0.87 -30.43
N TYR E 20 -27.48 -0.42 -31.05
CA TYR E 20 -26.70 0.58 -30.35
C TYR E 20 -27.27 1.95 -30.55
N ASN E 21 -27.93 2.18 -31.68
CA ASN E 21 -28.58 3.48 -31.92
C ASN E 21 -29.67 3.67 -30.91
N LYS E 22 -30.46 2.61 -30.68
CA LYS E 22 -31.54 2.64 -29.71
C LYS E 22 -30.99 2.95 -28.36
N LEU E 23 -29.88 2.30 -28.02
CA LEU E 23 -29.23 2.57 -26.76
C LEU E 23 -28.75 4.01 -26.67
N PHE E 24 -28.22 4.54 -27.77
CA PHE E 24 -27.85 5.94 -27.75
C PHE E 24 -29.09 6.80 -27.53
N GLU E 25 -30.23 6.41 -28.12
CA GLU E 25 -31.49 7.14 -27.99
C GLU E 25 -31.88 7.30 -26.53
N GLU E 26 -31.55 6.30 -25.71
CA GLU E 26 -31.84 6.36 -24.28
C GLU E 26 -30.61 6.84 -23.49
N ARG E 27 -29.67 7.54 -24.13
CA ARG E 27 -28.59 8.17 -23.42
C ARG E 27 -27.64 7.17 -22.79
N ILE E 28 -27.48 6.03 -23.42
CA ILE E 28 -26.52 5.03 -22.99
C ILE E 28 -25.35 5.02 -23.98
N ILE E 29 -24.15 5.28 -23.49
CA ILE E 29 -22.94 5.06 -24.26
C ILE E 29 -22.25 3.76 -23.92
N PHE E 30 -21.78 3.04 -24.94
CA PHE E 30 -21.17 1.73 -24.76
C PHE E 30 -19.66 1.83 -24.99
N LEU E 31 -18.89 1.43 -24.00
CA LEU E 31 -17.42 1.46 -24.08
C LEU E 31 -16.88 0.07 -23.92
N GLY E 32 -16.82 -0.66 -25.03
CA GLY E 32 -16.63 -2.09 -25.01
C GLY E 32 -15.54 -2.62 -25.91
N VAL E 33 -14.66 -1.75 -26.35
CA VAL E 33 -13.59 -2.14 -27.24
C VAL E 33 -12.42 -1.74 -26.37
N GLN E 34 -11.19 -1.78 -26.92
CA GLN E 34 -10.02 -1.20 -26.26
C GLN E 34 -10.05 0.32 -26.47
N VAL E 35 -9.77 1.04 -25.40
CA VAL E 35 -9.70 2.50 -25.42
C VAL E 35 -8.43 2.82 -26.20
N ASP E 36 -8.57 3.08 -27.47
CA ASP E 36 -7.47 3.65 -28.22
C ASP E 36 -7.88 5.10 -28.53
N ASP E 37 -7.12 5.74 -29.40
CA ASP E 37 -7.37 7.14 -29.68
C ASP E 37 -8.67 7.32 -30.46
N ALA E 38 -8.92 6.46 -31.43
CA ALA E 38 -10.21 6.50 -32.11
C ALA E 38 -11.33 6.34 -31.11
N SER E 39 -11.33 5.23 -30.41
CA SER E 39 -12.35 4.99 -29.46
C SER E 39 -12.62 6.24 -28.62
N ALA E 40 -11.55 6.94 -28.26
CA ALA E 40 -11.67 8.00 -27.26
C ALA E 40 -12.40 9.18 -27.84
N ASN E 41 -12.00 9.60 -29.03
CA ASN E 41 -12.74 10.65 -29.70
C ASN E 41 -14.20 10.24 -29.84
N ASP E 42 -14.46 8.99 -30.30
CA ASP E 42 -15.84 8.52 -30.47
C ASP E 42 -16.65 8.66 -29.19
N ILE E 43 -16.00 8.48 -28.05
CA ILE E 43 -16.75 8.60 -26.83
C ILE E 43 -16.89 10.04 -26.36
N MET E 44 -15.91 10.92 -26.56
CA MET E 44 -16.17 12.34 -26.24
C MET E 44 -17.24 12.90 -27.14
N ALA E 45 -17.06 12.71 -28.44
CA ALA E 45 -18.12 13.11 -29.32
C ALA E 45 -19.47 12.67 -28.78
N GLN E 46 -19.57 11.42 -28.33
CA GLN E 46 -20.87 10.94 -27.83
C GLN E 46 -21.28 11.67 -26.55
N LEU E 47 -20.35 11.84 -25.62
CA LEU E 47 -20.68 12.51 -24.37
C LEU E 47 -21.20 13.92 -24.62
N LEU E 48 -20.50 14.68 -25.48
CA LEU E 48 -20.85 16.08 -25.78
C LEU E 48 -22.20 16.21 -26.47
N VAL E 49 -22.49 15.33 -27.43
CA VAL E 49 -23.78 15.38 -28.12
C VAL E 49 -24.91 15.11 -27.14
N LEU E 50 -24.76 14.07 -26.30
CA LEU E 50 -25.79 13.79 -25.31
C LEU E 50 -25.89 14.90 -24.31
N GLU E 51 -24.83 15.60 -24.07
CA GLU E 51 -24.91 16.79 -23.23
C GLU E 51 -25.61 17.94 -23.95
N SER E 52 -25.41 18.01 -25.23
CA SER E 52 -26.09 19.04 -26.00
C SER E 52 -27.59 18.78 -26.11
N LEU E 53 -27.96 17.54 -26.38
CA LEU E 53 -29.37 17.26 -26.65
C LEU E 53 -30.20 17.56 -25.41
N ASP E 54 -29.64 17.25 -24.21
CA ASP E 54 -30.31 17.46 -22.92
C ASP E 54 -29.35 17.38 -21.75
N PRO E 55 -28.94 18.53 -21.20
CA PRO E 55 -27.97 18.51 -20.10
C PRO E 55 -28.57 18.18 -18.75
N ASP E 56 -29.89 18.02 -18.62
CA ASP E 56 -30.47 17.79 -17.30
C ASP E 56 -30.91 16.33 -17.10
N ARG E 57 -30.72 15.51 -18.13
CA ARG E 57 -31.07 14.11 -18.22
C ARG E 57 -29.68 13.42 -18.18
N ASP E 58 -29.64 12.18 -17.61
CA ASP E 58 -28.39 11.51 -17.18
C ASP E 58 -27.67 10.90 -18.39
N ILE E 59 -26.34 10.67 -18.26
CA ILE E 59 -25.66 9.84 -19.26
C ILE E 59 -25.15 8.55 -18.63
N THR E 60 -25.44 7.42 -19.28
CA THR E 60 -25.00 6.11 -18.78
C THR E 60 -23.94 5.55 -19.69
N MET E 61 -22.84 5.06 -19.12
CA MET E 61 -21.72 4.43 -19.83
C MET E 61 -21.58 2.99 -19.38
N TYR E 62 -21.94 2.02 -20.25
CA TYR E 62 -21.72 0.58 -20.05
C TYR E 62 -20.28 0.31 -20.30
N ILE E 63 -19.66 -0.50 -19.47
CA ILE E 63 -18.21 -0.69 -19.54
C ILE E 63 -17.94 -2.18 -19.44
N ASN E 64 -17.39 -2.75 -20.48
CA ASN E 64 -16.89 -4.12 -20.62
C ASN E 64 -15.62 -3.85 -21.40
N SER E 65 -14.57 -3.42 -20.71
CA SER E 65 -13.33 -3.01 -21.40
C SER E 65 -12.00 -3.35 -20.74
N PRO E 66 -11.00 -3.70 -21.56
CA PRO E 66 -9.70 -4.10 -21.02
C PRO E 66 -8.83 -2.91 -20.73
N GLY E 67 -9.33 -1.69 -20.89
CA GLY E 67 -8.54 -0.51 -20.65
C GLY E 67 -8.09 0.19 -21.93
N GLY E 68 -6.99 0.93 -21.90
CA GLY E 68 -6.49 1.49 -23.13
C GLY E 68 -5.45 2.55 -22.82
N GLY E 69 -5.07 3.29 -23.83
CA GLY E 69 -4.03 4.27 -23.61
C GLY E 69 -4.38 5.27 -22.51
N PHE E 70 -3.34 6.00 -22.10
CA PHE E 70 -3.46 6.94 -21.00
C PHE E 70 -3.88 8.34 -21.43
N THR E 71 -3.24 8.97 -22.42
CA THR E 71 -3.79 10.29 -22.74
C THR E 71 -5.26 10.13 -23.19
N SER E 72 -5.61 8.95 -23.74
CA SER E 72 -7.00 8.65 -24.07
C SER E 72 -7.86 8.46 -22.84
N LEU E 73 -7.27 7.94 -21.78
CA LEU E 73 -8.03 7.86 -20.54
C LEU E 73 -8.38 9.22 -20.02
N MET E 74 -7.41 10.11 -19.95
CA MET E 74 -7.70 11.33 -19.23
C MET E 74 -8.68 12.19 -20.04
N ALA E 75 -8.57 12.15 -21.38
CA ALA E 75 -9.56 12.85 -22.20
C ALA E 75 -10.97 12.45 -21.79
N ILE E 76 -11.25 11.15 -21.83
CA ILE E 76 -12.63 10.73 -21.54
C ILE E 76 -13.01 11.16 -20.14
N TYR E 77 -12.07 11.03 -19.22
CA TYR E 77 -12.28 11.42 -17.83
C TYR E 77 -12.58 12.91 -17.72
N ASP E 78 -11.77 13.76 -18.34
CA ASP E 78 -12.06 15.19 -18.20
C ASP E 78 -13.44 15.50 -18.77
N THR E 79 -13.81 14.86 -19.89
CA THR E 79 -15.15 15.09 -20.43
C THR E 79 -16.23 14.61 -19.46
N MET E 80 -16.06 13.40 -18.92
CA MET E 80 -17.04 12.94 -17.94
C MET E 80 -17.29 13.96 -16.84
N GLN E 81 -16.21 14.55 -16.35
CA GLN E 81 -16.34 15.47 -15.25
C GLN E 81 -16.78 16.85 -15.71
N TYR E 82 -16.49 17.27 -16.94
CA TYR E 82 -16.90 18.59 -17.40
C TYR E 82 -18.37 18.64 -17.78
N VAL E 83 -18.86 17.67 -18.51
CA VAL E 83 -20.26 17.71 -18.87
C VAL E 83 -21.17 18.01 -17.67
N ARG E 84 -22.26 18.80 -17.92
CA ARG E 84 -23.24 19.18 -16.87
C ARG E 84 -24.12 17.98 -16.50
N ALA E 85 -24.48 17.15 -17.44
CA ALA E 85 -25.26 15.99 -17.07
C ALA E 85 -24.48 15.08 -16.12
N ASP E 86 -25.20 14.44 -15.20
CA ASP E 86 -24.58 13.44 -14.33
C ASP E 86 -24.25 12.17 -15.10
N ILE E 87 -23.27 11.41 -14.63
CA ILE E 87 -22.94 10.18 -15.35
C ILE E 87 -23.00 8.96 -14.47
N GLN E 88 -23.89 8.03 -14.82
CA GLN E 88 -24.03 6.71 -14.22
C GLN E 88 -23.17 5.73 -15.00
N THR E 89 -22.23 5.06 -14.32
CA THR E 89 -21.34 4.05 -14.92
C THR E 89 -21.76 2.67 -14.47
N VAL E 90 -21.70 1.70 -15.40
CA VAL E 90 -22.06 0.31 -15.19
C VAL E 90 -20.98 -0.63 -15.75
N CYS E 91 -20.50 -1.54 -14.92
CA CYS E 91 -19.50 -2.49 -15.34
C CYS E 91 -20.17 -3.79 -15.53
N LEU E 92 -20.26 -4.20 -16.80
CA LEU E 92 -20.76 -5.49 -17.24
C LEU E 92 -19.56 -6.37 -17.48
N GLY E 93 -19.57 -7.55 -16.95
CA GLY E 93 -18.36 -8.30 -17.22
C GLY E 93 -16.99 -7.75 -16.80
N GLN E 94 -16.36 -6.76 -17.45
CA GLN E 94 -15.06 -6.30 -16.92
C GLN E 94 -14.77 -4.81 -17.17
N ALA E 95 -14.02 -4.22 -16.21
CA ALA E 95 -13.50 -2.86 -16.27
C ALA E 95 -12.10 -2.92 -15.71
N ALA E 96 -11.06 -2.85 -16.56
CA ALA E 96 -9.67 -2.99 -16.13
C ALA E 96 -8.83 -1.80 -16.57
N SER E 97 -7.75 -1.55 -15.85
CA SER E 97 -6.82 -0.46 -16.16
C SER E 97 -7.52 0.91 -16.26
N ALA E 98 -7.31 1.57 -17.39
CA ALA E 98 -7.92 2.88 -17.52
C ALA E 98 -9.40 2.79 -17.31
N ALA E 99 -10.02 1.67 -17.73
CA ALA E 99 -11.48 1.57 -17.65
C ALA E 99 -11.92 1.43 -16.22
N ALA E 100 -11.09 0.86 -15.39
CA ALA E 100 -11.49 0.86 -14.00
C ALA E 100 -11.45 2.26 -13.37
N VAL E 101 -10.62 3.15 -13.84
CA VAL E 101 -10.71 4.49 -13.29
C VAL E 101 -11.96 5.18 -13.80
N LEU E 102 -12.32 4.88 -15.03
CA LEU E 102 -13.49 5.51 -15.60
C LEU E 102 -14.77 5.11 -14.85
N LEU E 103 -14.85 3.83 -14.43
CA LEU E 103 -15.97 3.33 -13.63
C LEU E 103 -16.12 4.13 -12.34
N ALA E 104 -15.01 4.39 -11.69
CA ALA E 104 -14.99 5.08 -10.42
C ALA E 104 -15.28 6.57 -10.56
N ALA E 105 -15.01 7.14 -11.74
CA ALA E 105 -15.18 8.57 -11.85
C ALA E 105 -16.62 8.94 -12.12
N GLY E 106 -17.52 7.93 -12.23
CA GLY E 106 -18.95 8.13 -12.36
C GLY E 106 -19.53 9.04 -11.28
N THR E 107 -20.64 9.72 -11.57
CA THR E 107 -21.06 10.68 -10.58
C THR E 107 -21.56 9.90 -9.37
N PRO E 108 -21.26 10.34 -8.15
CA PRO E 108 -21.43 9.47 -6.97
C PRO E 108 -22.84 8.96 -6.70
N GLY E 109 -22.90 7.67 -6.35
CA GLY E 109 -24.16 6.96 -6.17
C GLY E 109 -24.62 6.19 -7.39
N LYS E 110 -24.01 6.45 -8.55
CA LYS E 110 -24.41 5.98 -9.84
C LYS E 110 -23.30 5.14 -10.46
N ARG E 111 -22.50 4.49 -9.62
CA ARG E 111 -21.55 3.49 -10.09
C ARG E 111 -21.97 2.10 -9.67
N MET E 112 -22.14 1.21 -10.64
CA MET E 112 -22.63 -0.12 -10.36
C MET E 112 -21.84 -1.09 -11.18
N ALA E 113 -22.11 -2.38 -10.93
CA ALA E 113 -21.46 -3.45 -11.65
C ALA E 113 -22.43 -4.64 -11.55
N LEU E 114 -22.53 -5.42 -12.65
CA LEU E 114 -23.24 -6.68 -12.59
C LEU E 114 -22.49 -7.65 -11.68
N PRO E 115 -23.20 -8.66 -11.17
CA PRO E 115 -22.66 -9.44 -10.04
C PRO E 115 -21.36 -10.19 -10.27
N ASN E 116 -21.24 -10.80 -11.44
CA ASN E 116 -20.05 -11.46 -11.90
C ASN E 116 -19.16 -10.50 -12.74
N ALA E 117 -19.30 -9.18 -12.56
CA ALA E 117 -18.27 -8.29 -13.13
C ALA E 117 -17.01 -8.37 -12.28
N ARG E 118 -15.86 -8.15 -12.90
CA ARG E 118 -14.55 -8.12 -12.24
C ARG E 118 -13.97 -6.76 -12.65
N VAL E 119 -13.22 -6.15 -11.74
CA VAL E 119 -12.55 -4.87 -11.89
C VAL E 119 -11.09 -5.04 -11.56
N LEU E 120 -10.23 -4.67 -12.47
CA LEU E 120 -8.80 -4.87 -12.30
C LEU E 120 -8.11 -3.54 -12.20
N ILE E 121 -7.20 -3.39 -11.29
CA ILE E 121 -6.51 -2.13 -11.31
C ILE E 121 -5.03 -2.40 -11.28
N HIS E 122 -4.32 -1.84 -12.24
CA HIS E 122 -2.89 -1.85 -12.10
C HIS E 122 -2.34 -0.54 -12.67
N GLN E 123 -1.05 -0.28 -12.37
CA GLN E 123 -0.28 0.92 -12.71
C GLN E 123 0.12 0.93 -14.17
N PRO E 124 0.27 2.08 -14.77
CA PRO E 124 0.57 2.11 -16.22
C PRO E 124 1.78 1.26 -16.55
N SER E 125 1.66 0.44 -17.60
CA SER E 125 2.72 -0.37 -18.15
C SER E 125 2.95 0.08 -19.57
N LEU E 126 4.09 -0.31 -20.13
CA LEU E 126 4.44 -0.02 -21.53
C LEU E 126 4.82 -1.34 -22.19
N SER E 127 3.94 -1.83 -23.06
CA SER E 127 4.22 -3.14 -23.64
C SER E 127 5.25 -3.08 -24.76
N GLY E 128 5.37 -1.98 -25.50
CA GLY E 128 6.45 -1.85 -26.46
C GLY E 128 7.82 -1.62 -25.78
N VAL E 129 8.79 -1.19 -26.60
CA VAL E 129 10.03 -0.56 -26.10
C VAL E 129 10.17 0.81 -26.75
N ILE E 130 10.56 1.82 -25.99
CA ILE E 130 10.88 3.11 -26.60
C ILE E 130 12.34 3.41 -26.35
N GLN E 131 13.06 3.90 -27.41
CA GLN E 131 14.51 3.96 -27.53
C GLN E 131 15.04 5.37 -27.78
N GLY E 132 16.25 5.62 -27.28
CA GLY E 132 16.86 6.90 -27.50
C GLY E 132 18.08 7.08 -26.62
N GLN E 133 18.57 8.32 -26.70
CA GLN E 133 19.55 8.82 -25.76
C GLN E 133 18.96 8.83 -24.36
N PHE E 134 19.84 8.68 -23.38
CA PHE E 134 19.41 8.66 -21.99
C PHE E 134 18.70 9.94 -21.65
N SER E 135 19.14 11.06 -22.20
CA SER E 135 18.46 12.32 -21.97
C SER E 135 17.01 12.28 -22.41
N ASP E 136 16.73 11.58 -23.49
CA ASP E 136 15.35 11.41 -23.93
C ASP E 136 14.56 10.44 -23.04
N LEU E 137 15.17 9.30 -22.70
CA LEU E 137 14.49 8.31 -21.88
C LEU E 137 14.35 8.84 -20.48
N GLU E 138 15.28 9.68 -20.06
CA GLU E 138 15.13 10.28 -18.74
C GLU E 138 13.87 11.10 -18.68
N ILE E 139 13.57 11.80 -19.77
CA ILE E 139 12.35 12.59 -19.84
C ILE E 139 11.11 11.69 -19.87
N GLN E 140 11.08 10.63 -20.70
CA GLN E 140 9.87 9.79 -20.75
C GLN E 140 9.55 9.16 -19.39
N ALA E 141 10.58 8.67 -18.72
CA ALA E 141 10.46 8.06 -17.40
C ALA E 141 9.90 9.05 -16.39
N ALA E 142 10.19 10.34 -16.56
CA ALA E 142 9.58 11.30 -15.65
C ALA E 142 8.08 11.42 -15.89
N GLU E 143 7.67 11.47 -17.15
CA GLU E 143 6.27 11.55 -17.49
C GLU E 143 5.56 10.24 -17.19
N ILE E 144 6.24 9.11 -17.41
CA ILE E 144 5.60 7.86 -17.01
C ILE E 144 5.36 7.79 -15.51
N GLU E 145 6.25 8.35 -14.70
CA GLU E 145 5.95 8.39 -13.28
C GLU E 145 4.82 9.39 -12.93
N ARG E 146 4.84 10.61 -13.51
CA ARG E 146 3.72 11.54 -13.34
C ARG E 146 2.41 10.86 -13.73
N MET E 147 2.42 10.02 -14.81
CA MET E 147 1.21 9.31 -15.22
C MET E 147 0.72 8.37 -14.13
N ARG E 148 1.62 7.63 -13.52
CA ARG E 148 1.21 6.75 -12.43
C ARG E 148 0.61 7.52 -11.26
N THR E 149 1.26 8.61 -10.79
CA THR E 149 0.73 9.29 -9.62
C THR E 149 -0.59 9.99 -9.95
N LEU E 150 -0.81 10.34 -11.22
CA LEU E 150 -2.09 10.93 -11.56
C LEU E 150 -3.20 9.90 -11.57
N MET E 151 -2.91 8.70 -12.09
CA MET E 151 -3.91 7.67 -12.01
C MET E 151 -4.21 7.39 -10.55
N GLU E 152 -3.20 7.47 -9.68
CA GLU E 152 -3.42 7.16 -8.27
C GLU E 152 -4.11 8.25 -7.48
N THR E 153 -3.90 9.52 -7.80
CA THR E 153 -4.63 10.54 -7.05
C THR E 153 -6.05 10.70 -7.58
N THR E 154 -6.31 10.47 -8.89
CA THR E 154 -7.71 10.58 -9.27
C THR E 154 -8.47 9.36 -8.78
N LEU E 155 -7.80 8.19 -8.71
CA LEU E 155 -8.44 7.00 -8.10
C LEU E 155 -8.72 7.24 -6.65
N ALA E 156 -7.75 7.84 -5.96
CA ALA E 156 -7.94 8.20 -4.57
C ALA E 156 -9.10 9.20 -4.44
N ARG E 157 -9.25 10.12 -5.39
CA ARG E 157 -10.29 11.15 -5.28
C ARG E 157 -11.70 10.52 -5.34
N HIS E 158 -11.87 9.41 -6.03
CA HIS E 158 -13.22 8.91 -6.24
C HIS E 158 -13.57 7.72 -5.39
N THR E 159 -12.55 7.04 -4.86
CA THR E 159 -12.69 5.84 -4.04
C THR E 159 -12.63 6.15 -2.57
N GLY E 160 -12.01 7.28 -2.22
CA GLY E 160 -11.82 7.79 -0.87
C GLY E 160 -10.63 7.25 -0.14
N LYS E 161 -9.86 6.38 -0.80
CA LYS E 161 -8.70 5.76 -0.21
C LYS E 161 -7.66 6.84 -0.17
N ASP E 162 -6.66 6.65 0.65
CA ASP E 162 -5.55 7.57 0.57
C ASP E 162 -4.76 7.12 -0.62
N ALA E 163 -4.18 8.07 -1.34
CA ALA E 163 -3.47 7.71 -2.56
C ALA E 163 -2.28 6.81 -2.30
N GLY E 164 -1.68 6.91 -1.12
CA GLY E 164 -0.57 6.04 -0.77
C GLY E 164 -0.97 4.57 -0.64
N VAL E 165 -2.24 4.30 -0.33
CA VAL E 165 -2.76 2.92 -0.35
C VAL E 165 -2.95 2.46 -1.79
N ILE E 166 -3.60 3.27 -2.61
CA ILE E 166 -3.72 2.92 -4.02
C ILE E 166 -2.35 2.54 -4.59
N ARG E 167 -1.34 3.35 -4.33
CA ARG E 167 -0.07 3.08 -4.98
C ARG E 167 0.46 1.73 -4.55
N LYS E 168 0.20 1.30 -3.30
CA LYS E 168 0.70 0.00 -2.87
C LYS E 168 -0.12 -1.11 -3.51
N ASP E 169 -1.43 -0.91 -3.68
CA ASP E 169 -2.31 -1.91 -4.26
C ASP E 169 -2.13 -2.07 -5.75
N THR E 170 -1.74 -1.00 -6.43
CA THR E 170 -1.58 -1.05 -7.87
C THR E 170 -0.16 -1.42 -8.26
N ASP E 171 0.73 -1.63 -7.27
CA ASP E 171 2.08 -2.09 -7.56
C ASP E 171 2.06 -3.35 -8.40
N ARG E 172 1.31 -4.35 -7.94
CA ARG E 172 0.95 -5.52 -8.72
C ARG E 172 -0.56 -5.50 -8.97
N ASP E 173 -0.95 -6.21 -10.03
CA ASP E 173 -2.35 -6.27 -10.41
C ASP E 173 -3.19 -6.67 -9.21
N LYS E 174 -4.43 -6.12 -9.16
CA LYS E 174 -5.43 -6.34 -8.13
C LYS E 174 -6.77 -6.59 -8.79
N ILE E 175 -7.25 -7.81 -8.71
CA ILE E 175 -8.57 -8.17 -9.23
C ILE E 175 -9.64 -8.05 -8.15
N LEU E 176 -10.76 -7.47 -8.49
CA LEU E 176 -11.76 -7.31 -7.48
C LEU E 176 -13.10 -7.82 -7.99
N THR E 177 -13.83 -8.59 -7.16
CA THR E 177 -15.15 -8.94 -7.63
C THR E 177 -16.09 -7.76 -7.45
N ALA E 178 -17.29 -7.86 -8.01
CA ALA E 178 -18.13 -6.68 -8.03
C ALA E 178 -18.22 -6.05 -6.64
N GLU E 179 -18.48 -6.91 -5.63
CA GLU E 179 -18.60 -6.53 -4.22
C GLU E 179 -17.28 -5.96 -3.66
N GLU E 180 -16.16 -6.61 -3.98
CA GLU E 180 -14.87 -6.10 -3.53
C GLU E 180 -14.64 -4.71 -4.04
N ALA E 181 -15.21 -4.40 -5.19
CA ALA E 181 -15.06 -3.08 -5.76
C ALA E 181 -15.91 -2.07 -5.02
N LYS E 182 -17.05 -2.50 -4.49
CA LYS E 182 -17.88 -1.61 -3.68
C LYS E 182 -17.18 -1.27 -2.37
N ASP E 183 -16.61 -2.26 -1.74
CA ASP E 183 -15.87 -1.98 -0.53
C ASP E 183 -14.65 -1.13 -0.86
N TYR E 184 -13.95 -1.47 -1.92
CA TYR E 184 -12.82 -0.61 -2.23
C TYR E 184 -13.26 0.83 -2.51
N GLY E 185 -14.45 1.06 -3.02
CA GLY E 185 -14.84 2.41 -3.32
C GLY E 185 -14.89 2.76 -4.79
N ILE E 186 -14.83 1.75 -5.67
CA ILE E 186 -14.86 1.90 -7.13
C ILE E 186 -16.28 1.97 -7.65
N ILE E 187 -17.21 1.29 -7.01
CA ILE E 187 -18.61 1.39 -7.34
C ILE E 187 -19.39 1.56 -6.05
N ASP E 188 -20.65 1.88 -6.22
CA ASP E 188 -21.55 2.10 -5.13
C ASP E 188 -22.54 0.97 -4.91
N THR E 189 -23.00 0.30 -5.97
CA THR E 189 -24.04 -0.71 -5.85
C THR E 189 -23.73 -1.86 -6.79
N VAL E 190 -24.14 -3.07 -6.40
CA VAL E 190 -24.08 -4.28 -7.21
C VAL E 190 -25.53 -4.63 -7.59
N LEU E 191 -25.79 -4.69 -8.86
CA LEU E 191 -27.14 -4.83 -9.35
C LEU E 191 -27.68 -6.15 -8.86
N GLU E 192 -28.90 -6.15 -8.34
CA GLU E 192 -29.55 -7.41 -8.06
C GLU E 192 -30.13 -7.85 -9.40
N TYR E 193 -30.09 -9.12 -9.68
CA TYR E 193 -30.92 -9.59 -10.76
C TYR E 193 -32.39 -9.21 -10.51
N ARG E 194 -33.01 -8.48 -11.47
CA ARG E 194 -34.43 -8.14 -11.37
C ARG E 194 -35.34 -9.19 -12.01
N LYS E 195 -34.89 -10.44 -12.14
CA LYS E 195 -35.71 -11.46 -12.82
C LYS E 195 -36.69 -12.19 -11.91
N LEU E 196 -37.97 -12.25 -12.33
CA LEU E 196 -38.99 -12.99 -11.57
C LEU E 196 -38.72 -14.49 -11.50
N SER E 197 -38.05 -15.07 -12.52
CA SER E 197 -37.74 -16.52 -12.61
C SER E 197 -36.40 -16.87 -11.93
N ILE F 2 -34.06 16.41 51.71
CA ILE F 2 -34.94 15.32 52.23
C ILE F 2 -35.95 15.88 53.28
N LEU F 3 -36.38 17.13 53.05
CA LEU F 3 -37.17 17.95 54.01
C LEU F 3 -38.49 18.58 53.60
N PRO F 4 -39.60 18.16 54.15
CA PRO F 4 -40.88 18.61 53.60
C PRO F 4 -41.14 20.09 53.86
N SER F 5 -42.08 20.62 53.05
CA SER F 5 -42.79 21.87 53.28
C SER F 5 -44.25 21.56 53.62
N PHE F 6 -44.92 22.48 54.32
CA PHE F 6 -46.32 22.26 54.68
C PHE F 6 -47.11 23.51 54.37
N ILE F 7 -48.43 23.42 54.51
CA ILE F 7 -49.34 24.49 54.13
C ILE F 7 -50.27 24.78 55.30
N GLU F 8 -50.36 26.06 55.67
CA GLU F 8 -51.35 26.56 56.63
C GLU F 8 -52.39 27.43 55.91
N HIS F 9 -53.59 27.56 56.47
CA HIS F 9 -54.67 28.24 55.77
C HIS F 9 -55.42 29.08 56.80
N SER F 10 -55.85 30.24 56.36
CA SER F 10 -56.73 31.10 57.15
C SER F 10 -57.66 31.83 56.20
N SER F 11 -58.62 32.55 56.77
CA SER F 11 -59.53 33.39 55.99
C SER F 11 -58.82 34.41 55.10
N PHE F 12 -57.51 34.60 55.25
CA PHE F 12 -56.75 35.61 54.50
C PHE F 12 -56.07 35.08 53.23
N GLY F 13 -55.56 33.84 53.26
CA GLY F 13 -54.77 33.28 52.19
C GLY F 13 -54.13 31.99 52.63
N VAL F 14 -53.58 31.28 51.66
CA VAL F 14 -52.90 30.00 51.89
C VAL F 14 -51.39 30.23 51.84
N LYS F 15 -50.70 29.76 52.89
CA LYS F 15 -49.28 29.99 53.11
C LYS F 15 -48.49 28.69 53.02
N GLU F 16 -47.50 28.68 52.13
CA GLU F 16 -46.57 27.56 52.00
C GLU F 16 -45.31 27.94 52.76
N SER F 17 -44.91 27.08 53.69
CA SER F 17 -43.69 27.27 54.44
C SER F 17 -43.13 25.88 54.72
N ASN F 18 -41.93 25.84 55.31
CA ASN F 18 -41.23 24.61 55.66
C ASN F 18 -41.01 24.71 57.17
N PRO F 19 -40.47 23.69 57.81
CA PRO F 19 -40.42 23.67 59.27
C PRO F 19 -39.55 24.76 59.90
N TYR F 20 -38.52 25.20 59.23
CA TYR F 20 -37.73 26.22 59.90
C TYR F 20 -38.32 27.61 59.74
N ASN F 21 -39.04 27.88 58.63
CA ASN F 21 -39.71 29.18 58.47
C ASN F 21 -40.81 29.33 59.50
N LYS F 22 -41.57 28.24 59.74
CA LYS F 22 -42.60 28.25 60.78
C LYS F 22 -41.95 28.44 62.14
N LEU F 23 -40.85 27.74 62.40
CA LEU F 23 -40.19 27.99 63.68
C LEU F 23 -39.69 29.42 63.80
N PHE F 24 -39.12 30.01 62.73
CA PHE F 24 -38.72 31.43 62.78
C PHE F 24 -39.95 32.32 63.02
N GLU F 25 -41.07 32.00 62.35
CA GLU F 25 -42.33 32.68 62.58
C GLU F 25 -42.65 32.74 64.06
N GLU F 26 -42.24 31.74 64.82
CA GLU F 26 -42.50 31.79 66.24
C GLU F 26 -41.28 32.27 67.05
N ARG F 27 -40.36 33.02 66.44
CA ARG F 27 -39.26 33.65 67.20
C ARG F 27 -38.31 32.62 67.78
N ILE F 28 -38.09 31.54 67.03
CA ILE F 28 -37.15 30.47 67.37
C ILE F 28 -36.03 30.48 66.31
N ILE F 29 -34.84 30.71 66.73
CA ILE F 29 -33.71 30.59 65.83
C ILE F 29 -32.98 29.28 66.09
N PHE F 30 -32.56 28.60 65.02
CA PHE F 30 -31.87 27.32 65.18
C PHE F 30 -30.37 27.45 64.99
N LEU F 31 -29.63 26.97 65.98
CA LEU F 31 -28.18 26.88 65.96
C LEU F 31 -27.73 25.42 66.07
N GLY F 32 -27.68 24.69 64.96
CA GLY F 32 -27.47 23.24 65.01
C GLY F 32 -26.37 22.73 64.10
N VAL F 33 -25.49 23.63 63.74
CA VAL F 33 -24.43 23.35 62.81
C VAL F 33 -23.21 23.74 63.58
N GLN F 34 -22.06 23.80 62.92
CA GLN F 34 -20.87 24.34 63.57
C GLN F 34 -20.90 25.86 63.49
N VAL F 35 -20.58 26.52 64.61
CA VAL F 35 -20.45 27.98 64.63
C VAL F 35 -19.21 28.27 63.79
N ASP F 36 -19.38 28.48 62.49
CA ASP F 36 -18.31 29.06 61.73
C ASP F 36 -18.78 30.48 61.35
N ASP F 37 -18.01 31.14 60.51
CA ASP F 37 -18.25 32.54 60.22
C ASP F 37 -19.56 32.76 59.46
N ALA F 38 -19.81 31.92 58.47
CA ALA F 38 -21.12 31.92 57.82
C ALA F 38 -22.23 31.76 58.85
N SER F 39 -22.22 30.65 59.62
CA SER F 39 -23.25 30.41 60.62
C SER F 39 -23.48 31.64 61.47
N ALA F 40 -22.40 32.34 61.83
CA ALA F 40 -22.51 33.47 62.75
C ALA F 40 -23.22 34.63 62.10
N ASN F 41 -22.85 34.97 60.88
CA ASN F 41 -23.57 36.04 60.22
C ASN F 41 -25.05 35.66 60.14
N ASP F 42 -25.36 34.44 59.69
CA ASP F 42 -26.76 33.99 59.58
C ASP F 42 -27.49 34.16 60.90
N ILE F 43 -26.79 33.93 62.00
CA ILE F 43 -27.49 34.00 63.26
C ILE F 43 -27.59 35.42 63.70
N MET F 44 -26.58 36.25 63.41
CA MET F 44 -26.72 37.65 63.78
C MET F 44 -27.84 38.29 62.99
N ALA F 45 -27.94 37.98 61.69
CA ALA F 45 -29.07 38.44 60.90
C ALA F 45 -30.40 37.99 61.48
N GLN F 46 -30.51 36.72 61.84
CA GLN F 46 -31.78 36.30 62.42
C GLN F 46 -32.08 37.08 63.71
N LEU F 47 -31.10 37.20 64.61
CA LEU F 47 -31.36 37.86 65.88
C LEU F 47 -31.84 39.30 65.71
N LEU F 48 -31.19 40.05 64.82
CA LEU F 48 -31.55 41.44 64.57
C LEU F 48 -32.91 41.60 63.89
N VAL F 49 -33.21 40.74 62.91
CA VAL F 49 -34.51 40.87 62.26
C VAL F 49 -35.64 40.65 63.26
N LEU F 50 -35.53 39.63 64.14
CA LEU F 50 -36.58 39.36 65.12
C LEU F 50 -36.71 40.51 66.13
N GLU F 51 -35.63 41.20 66.41
CA GLU F 51 -35.66 42.39 67.26
C GLU F 51 -36.31 43.56 66.53
N SER F 52 -36.18 43.59 65.22
CA SER F 52 -36.88 44.59 64.43
C SER F 52 -38.40 44.36 64.40
N LEU F 53 -38.84 43.11 64.27
CA LEU F 53 -40.26 42.83 64.09
C LEU F 53 -41.11 43.10 65.36
N ASP F 54 -40.54 42.88 66.53
CA ASP F 54 -41.25 43.09 67.79
C ASP F 54 -40.18 43.09 68.88
N PRO F 55 -39.71 44.24 69.35
CA PRO F 55 -38.65 44.27 70.38
C PRO F 55 -39.13 43.89 71.79
N ASP F 56 -40.42 43.64 71.94
CA ASP F 56 -41.06 43.40 73.23
C ASP F 56 -41.43 41.95 73.45
N ARG F 57 -41.16 41.07 72.47
CA ARG F 57 -41.48 39.66 72.50
C ARG F 57 -40.13 38.92 72.50
N ASP F 58 -40.09 37.73 73.10
CA ASP F 58 -38.82 37.00 73.32
C ASP F 58 -38.30 36.34 72.07
N ILE F 59 -37.00 36.06 72.10
CA ILE F 59 -36.38 35.22 71.10
C ILE F 59 -35.94 33.91 71.74
N THR F 60 -36.16 32.80 71.04
CA THR F 60 -35.77 31.49 71.53
C THR F 60 -34.66 30.90 70.66
N MET F 61 -33.58 30.42 71.28
CA MET F 61 -32.48 29.77 70.57
C MET F 61 -32.36 28.30 70.95
N TYR F 62 -32.75 27.39 70.06
CA TYR F 62 -32.46 25.98 70.27
C TYR F 62 -31.01 25.72 69.90
N ILE F 63 -30.33 24.92 70.70
CA ILE F 63 -28.92 24.67 70.54
C ILE F 63 -28.69 23.19 70.57
N ASN F 64 -28.11 22.65 69.48
CA ASN F 64 -27.63 21.29 69.35
C ASN F 64 -26.36 21.50 68.57
N SER F 65 -25.31 21.95 69.26
CA SER F 65 -24.07 22.33 68.54
C SER F 65 -22.72 21.98 69.12
N PRO F 66 -21.74 21.63 68.26
CA PRO F 66 -20.44 21.26 68.76
C PRO F 66 -19.51 22.42 69.05
N GLY F 67 -19.94 23.67 68.89
CA GLY F 67 -19.10 24.84 69.10
C GLY F 67 -18.61 25.47 67.80
N GLY F 68 -17.51 26.18 67.89
CA GLY F 68 -16.95 26.77 66.70
C GLY F 68 -15.98 27.88 67.04
N GLY F 69 -15.64 28.65 66.02
CA GLY F 69 -14.59 29.65 66.14
C GLY F 69 -14.84 30.63 67.29
N PHE F 70 -13.78 31.36 67.59
CA PHE F 70 -13.96 32.20 68.77
C PHE F 70 -14.60 33.55 68.47
N THR F 71 -14.08 34.29 67.48
CA THR F 71 -14.69 35.59 67.19
C THR F 71 -16.14 35.39 66.73
N SER F 72 -16.43 34.24 66.14
CA SER F 72 -17.81 33.92 65.84
C SER F 72 -18.61 33.73 67.11
N LEU F 73 -18.02 33.10 68.12
CA LEU F 73 -18.67 33.06 69.42
C LEU F 73 -18.99 34.45 69.96
N MET F 74 -18.02 35.34 69.92
CA MET F 74 -18.22 36.61 70.58
C MET F 74 -19.14 37.52 69.78
N ALA F 75 -19.15 37.44 68.42
CA ALA F 75 -20.17 38.18 67.65
C ALA F 75 -21.54 37.80 68.16
N ILE F 76 -21.85 36.50 68.16
CA ILE F 76 -23.18 36.06 68.60
C ILE F 76 -23.45 36.51 70.03
N TYR F 77 -22.46 36.35 70.90
CA TYR F 77 -22.66 36.73 72.29
C TYR F 77 -23.01 38.22 72.38
N ASP F 78 -22.22 39.11 71.75
CA ASP F 78 -22.52 40.53 71.90
C ASP F 78 -23.91 40.83 71.35
N THR F 79 -24.28 40.17 70.25
CA THR F 79 -25.61 40.37 69.71
C THR F 79 -26.66 39.95 70.72
N MET F 80 -26.49 38.78 71.29
CA MET F 80 -27.47 38.30 72.27
C MET F 80 -27.67 39.30 73.39
N GLN F 81 -26.59 39.86 73.91
CA GLN F 81 -26.75 40.81 74.99
C GLN F 81 -27.20 42.17 74.47
N TYR F 82 -26.88 42.54 73.24
CA TYR F 82 -27.26 43.89 72.81
C TYR F 82 -28.76 44.02 72.53
N VAL F 83 -29.34 43.08 71.83
CA VAL F 83 -30.74 43.21 71.49
C VAL F 83 -31.54 43.51 72.72
N ARG F 84 -32.60 44.31 72.54
CA ARG F 84 -33.54 44.66 73.61
C ARG F 84 -34.42 43.46 74.01
N ALA F 85 -34.88 42.67 73.05
CA ALA F 85 -35.68 41.51 73.41
C ALA F 85 -34.86 40.54 74.28
N ASP F 86 -35.53 39.90 75.23
CA ASP F 86 -34.90 38.85 76.02
C ASP F 86 -34.70 37.58 75.20
N ILE F 87 -33.70 36.78 75.60
CA ILE F 87 -33.34 35.57 74.87
C ILE F 87 -33.46 34.37 75.79
N GLN F 88 -34.32 33.45 75.40
CA GLN F 88 -34.44 32.14 75.99
C GLN F 88 -33.59 31.13 75.23
N THR F 89 -32.60 30.51 75.88
CA THR F 89 -31.77 29.50 75.23
C THR F 89 -32.20 28.11 75.67
N VAL F 90 -32.22 27.16 74.73
CA VAL F 90 -32.67 25.81 74.98
C VAL F 90 -31.64 24.85 74.39
N CYS F 91 -31.15 23.93 75.19
CA CYS F 91 -30.17 22.96 74.74
C CYS F 91 -30.89 21.62 74.52
N LEU F 92 -30.94 21.20 73.27
CA LEU F 92 -31.43 19.89 72.87
C LEU F 92 -30.19 19.06 72.65
N GLY F 93 -30.18 17.85 73.13
CA GLY F 93 -28.96 17.12 72.86
C GLY F 93 -27.60 17.67 73.28
N GLN F 94 -27.01 18.68 72.63
CA GLN F 94 -25.69 19.04 73.12
C GLN F 94 -25.37 20.52 72.91
N ALA F 95 -24.53 21.07 73.79
CA ALA F 95 -23.99 22.43 73.63
C ALA F 95 -22.54 22.43 74.08
N ALA F 96 -21.62 22.56 73.16
CA ALA F 96 -20.22 22.37 73.51
C ALA F 96 -19.34 23.57 73.21
N SER F 97 -18.29 23.70 74.03
CA SER F 97 -17.18 24.64 73.80
C SER F 97 -17.84 26.01 73.66
N ALA F 98 -17.75 26.65 72.47
CA ALA F 98 -18.39 27.97 72.25
C ALA F 98 -19.89 27.94 72.51
N ALA F 99 -20.53 26.81 72.21
CA ALA F 99 -21.97 26.80 72.35
C ALA F 99 -22.37 26.77 73.79
N ALA F 100 -21.55 26.18 74.65
CA ALA F 100 -21.90 26.14 76.04
C ALA F 100 -21.95 27.53 76.62
N VAL F 101 -21.14 28.43 76.09
CA VAL F 101 -21.17 29.82 76.54
C VAL F 101 -22.44 30.52 76.08
N LEU F 102 -22.90 30.24 74.84
CA LEU F 102 -24.12 30.84 74.33
C LEU F 102 -25.36 30.39 75.11
N LEU F 103 -25.38 29.13 75.52
CA LEU F 103 -26.45 28.62 76.37
C LEU F 103 -26.54 29.43 77.65
N ALA F 104 -25.38 29.65 78.27
CA ALA F 104 -25.29 30.32 79.54
C ALA F 104 -25.58 31.81 79.43
N ALA F 105 -25.38 32.41 78.28
CA ALA F 105 -25.55 33.84 78.14
C ALA F 105 -27.00 34.24 77.91
N GLY F 106 -27.92 33.25 77.82
CA GLY F 106 -29.34 33.54 77.71
C GLY F 106 -29.83 34.44 78.84
N THR F 107 -31.01 35.08 78.74
CA THR F 107 -31.40 36.01 79.81
C THR F 107 -31.74 35.20 81.05
N PRO F 108 -31.35 35.66 82.23
CA PRO F 108 -31.49 34.80 83.43
C PRO F 108 -32.92 34.32 83.66
N GLY F 109 -33.06 33.03 83.99
CA GLY F 109 -34.35 32.40 84.13
C GLY F 109 -34.88 31.75 82.87
N LYS F 110 -34.29 32.03 81.71
CA LYS F 110 -34.79 31.53 80.44
C LYS F 110 -33.76 30.63 79.80
N ARG F 111 -32.89 30.05 80.62
CA ARG F 111 -31.95 29.05 80.16
C ARG F 111 -32.36 27.66 80.65
N MET F 112 -32.56 26.72 79.72
CA MET F 112 -33.09 25.40 80.04
C MET F 112 -32.42 24.37 79.17
N ALA F 113 -32.69 23.09 79.44
CA ALA F 113 -32.12 22.00 78.67
C ALA F 113 -33.04 20.80 78.80
N LEU F 114 -33.13 20.02 77.71
CA LEU F 114 -33.87 18.77 77.75
C LEU F 114 -33.08 17.78 78.60
N PRO F 115 -33.76 16.75 79.11
CA PRO F 115 -33.18 15.99 80.25
C PRO F 115 -31.92 15.21 79.90
N ASN F 116 -31.85 14.55 78.73
CA ASN F 116 -30.64 13.81 78.37
C ASN F 116 -29.65 14.63 77.54
N ALA F 117 -29.84 15.94 77.48
CA ALA F 117 -28.82 16.79 76.89
C ALA F 117 -27.58 16.88 77.79
N ARG F 118 -26.42 17.06 77.13
CA ARG F 118 -25.10 17.19 77.78
C ARG F 118 -24.50 18.53 77.33
N VAL F 119 -23.70 19.11 78.23
CA VAL F 119 -23.08 20.42 78.12
C VAL F 119 -21.61 20.23 78.37
N LEU F 120 -20.78 20.68 77.46
CA LEU F 120 -19.35 20.44 77.60
C LEU F 120 -18.73 21.82 77.71
N ILE F 121 -17.73 21.98 78.57
CA ILE F 121 -16.98 23.23 78.56
C ILE F 121 -15.49 22.90 78.53
N HIS F 122 -14.77 23.45 77.53
CA HIS F 122 -13.32 23.41 77.58
C HIS F 122 -12.76 24.74 77.07
N GLN F 123 -11.43 24.94 77.29
CA GLN F 123 -10.69 26.15 76.92
C GLN F 123 -10.35 26.11 75.45
N PRO F 124 -10.21 27.27 74.81
CA PRO F 124 -9.92 27.30 73.37
C PRO F 124 -8.80 26.35 73.08
N SER F 125 -8.94 25.60 72.00
CA SER F 125 -7.93 24.69 71.47
C SER F 125 -7.57 25.24 70.09
N LEU F 126 -6.45 24.80 69.55
CA LEU F 126 -6.05 25.15 68.20
C LEU F 126 -5.75 23.80 67.53
N SER F 127 -6.63 23.38 66.61
CA SER F 127 -6.39 22.12 65.91
C SER F 127 -5.34 22.28 64.80
N GLY F 128 -5.30 23.44 64.17
CA GLY F 128 -4.27 23.70 63.17
C GLY F 128 -2.92 23.87 63.84
N VAL F 129 -1.95 24.24 63.02
CA VAL F 129 -0.66 24.73 63.50
C VAL F 129 -0.40 26.08 62.85
N ILE F 130 -0.03 27.09 63.65
CA ILE F 130 0.27 28.41 63.07
C ILE F 130 1.76 28.71 63.24
N GLN F 131 2.38 29.21 62.16
CA GLN F 131 3.83 29.18 62.05
C GLN F 131 4.30 30.61 61.87
N GLY F 132 5.51 30.88 62.35
CA GLY F 132 6.10 32.19 62.19
C GLY F 132 7.36 32.33 63.01
N GLN F 133 7.92 33.53 62.90
CA GLN F 133 9.03 33.91 63.74
C GLN F 133 8.57 33.96 65.18
N PHE F 134 9.52 33.77 66.09
CA PHE F 134 9.14 33.75 67.49
C PHE F 134 8.38 35.00 67.86
N SER F 135 8.72 36.12 67.23
CA SER F 135 8.06 37.39 67.48
C SER F 135 6.59 37.35 67.08
N ASP F 136 6.28 36.73 65.98
CA ASP F 136 4.89 36.68 65.59
C ASP F 136 4.08 35.76 66.51
N LEU F 137 4.67 34.61 66.88
CA LEU F 137 3.99 33.61 67.69
C LEU F 137 3.86 34.10 69.10
N GLU F 138 4.84 34.86 69.54
CA GLU F 138 4.72 35.42 70.87
C GLU F 138 3.50 36.33 70.96
N ILE F 139 3.13 37.03 69.88
CA ILE F 139 1.89 37.81 69.90
C ILE F 139 0.65 36.93 69.84
N GLN F 140 0.64 35.97 68.90
CA GLN F 140 -0.55 35.15 68.81
C GLN F 140 -0.80 34.47 70.15
N ALA F 141 0.27 34.02 70.79
CA ALA F 141 0.19 33.35 72.08
C ALA F 141 -0.43 34.27 73.11
N ALA F 142 -0.20 35.55 72.96
CA ALA F 142 -0.80 36.50 73.86
C ALA F 142 -2.30 36.61 73.65
N GLU F 143 -2.77 36.63 72.41
CA GLU F 143 -4.21 36.67 72.17
C GLU F 143 -4.88 35.36 72.57
N ILE F 144 -4.24 34.23 72.35
CA ILE F 144 -4.87 32.99 72.76
C ILE F 144 -5.12 33.05 74.27
N GLU F 145 -4.21 33.67 75.00
CA GLU F 145 -4.42 33.74 76.43
C GLU F 145 -5.52 34.75 76.79
N ARG F 146 -5.57 35.90 76.12
CA ARG F 146 -6.71 36.80 76.34
C ARG F 146 -8.00 36.09 76.02
N MET F 147 -8.04 35.34 74.90
CA MET F 147 -9.27 34.62 74.57
C MET F 147 -9.61 33.64 75.66
N ARG F 148 -8.62 32.90 76.16
CA ARG F 148 -8.94 31.96 77.23
C ARG F 148 -9.55 32.73 78.39
N THR F 149 -8.91 33.85 78.76
CA THR F 149 -9.40 34.59 79.92
C THR F 149 -10.69 35.30 79.61
N LEU F 150 -10.96 35.61 78.36
CA LEU F 150 -12.28 36.16 78.12
C LEU F 150 -13.35 35.08 78.18
N MET F 151 -13.08 33.90 77.65
CA MET F 151 -14.10 32.87 77.82
C MET F 151 -14.36 32.67 79.31
N GLU F 152 -13.31 32.74 80.13
CA GLU F 152 -13.48 32.41 81.55
C GLU F 152 -14.19 33.48 82.34
N THR F 153 -14.05 34.73 81.95
CA THR F 153 -14.76 35.75 82.67
C THR F 153 -16.21 35.88 82.21
N THR F 154 -16.52 35.69 80.92
CA THR F 154 -17.94 35.72 80.59
C THR F 154 -18.62 34.46 81.09
N LEU F 155 -17.97 33.28 81.09
CA LEU F 155 -18.59 32.11 81.70
C LEU F 155 -18.83 32.36 83.17
N ALA F 156 -17.85 32.97 83.84
CA ALA F 156 -17.96 33.31 85.24
C ALA F 156 -19.04 34.36 85.48
N ARG F 157 -19.23 35.27 84.52
CA ARG F 157 -20.20 36.35 84.69
C ARG F 157 -21.63 35.78 84.69
N HIS F 158 -21.93 34.78 83.85
CA HIS F 158 -23.30 34.32 83.70
C HIS F 158 -23.65 33.11 84.55
N THR F 159 -22.64 32.39 85.03
CA THR F 159 -22.84 31.21 85.86
C THR F 159 -22.84 31.53 87.36
N GLY F 160 -22.26 32.68 87.74
CA GLY F 160 -22.10 32.99 89.15
C GLY F 160 -20.88 32.38 89.83
N LYS F 161 -20.06 31.58 89.12
CA LYS F 161 -18.86 31.02 89.73
C LYS F 161 -17.77 32.08 89.79
N ASP F 162 -16.77 31.83 90.61
CA ASP F 162 -15.57 32.64 90.54
C ASP F 162 -14.82 32.16 89.32
N ALA F 163 -14.22 33.09 88.55
CA ALA F 163 -13.57 32.68 87.30
C ALA F 163 -12.41 31.71 87.53
N GLY F 164 -11.79 31.79 88.70
CA GLY F 164 -10.72 30.88 89.05
C GLY F 164 -11.21 29.44 89.15
N VAL F 165 -12.49 29.26 89.45
CA VAL F 165 -13.06 27.93 89.42
C VAL F 165 -13.22 27.48 87.97
N ILE F 166 -13.78 28.35 87.13
CA ILE F 166 -13.90 28.12 85.69
C ILE F 166 -12.57 27.69 85.07
N ARG F 167 -11.53 28.49 85.29
CA ARG F 167 -10.22 28.18 84.70
C ARG F 167 -9.67 26.83 85.20
N LYS F 168 -9.96 26.42 86.45
CA LYS F 168 -9.55 25.08 86.89
C LYS F 168 -10.48 24.00 86.30
N ASP F 169 -11.77 24.29 86.15
CA ASP F 169 -12.70 23.29 85.65
C ASP F 169 -12.49 23.08 84.16
N THR F 170 -12.09 24.15 83.46
CA THR F 170 -11.89 24.03 82.03
C THR F 170 -10.46 23.67 81.68
N ASP F 171 -9.54 23.49 82.63
CA ASP F 171 -8.22 23.04 82.22
C ASP F 171 -8.35 21.78 81.36
N ARG F 172 -9.11 20.82 81.84
CA ARG F 172 -9.52 19.67 81.05
C ARG F 172 -11.04 19.67 80.86
N ASP F 173 -11.45 19.07 79.75
CA ASP F 173 -12.85 19.09 79.38
C ASP F 173 -13.73 18.68 80.54
N LYS F 174 -14.91 19.29 80.60
CA LYS F 174 -15.88 18.98 81.64
C LYS F 174 -17.28 18.78 81.06
N ILE F 175 -17.72 17.54 81.06
CA ILE F 175 -19.04 17.19 80.55
C ILE F 175 -20.03 17.15 81.70
N LEU F 176 -21.20 17.76 81.46
CA LEU F 176 -22.22 17.92 82.49
C LEU F 176 -23.57 17.48 81.97
N THR F 177 -24.33 16.72 82.77
CA THR F 177 -25.68 16.40 82.36
C THR F 177 -26.57 17.60 82.63
N ALA F 178 -27.78 17.55 82.08
CA ALA F 178 -28.67 18.70 82.19
C ALA F 178 -28.79 19.19 83.62
N GLU F 179 -28.93 18.28 84.57
CA GLU F 179 -29.01 18.70 85.96
C GLU F 179 -27.72 19.36 86.46
N GLU F 180 -26.58 18.75 86.14
CA GLU F 180 -25.27 19.26 86.55
C GLU F 180 -24.99 20.63 85.93
N ALA F 181 -25.52 20.88 84.73
CA ALA F 181 -25.42 22.21 84.15
C ALA F 181 -26.32 23.19 84.90
N LYS F 182 -27.44 22.73 85.47
CA LYS F 182 -28.28 23.61 86.29
C LYS F 182 -27.60 23.97 87.61
N ASP F 183 -27.05 22.98 88.29
CA ASP F 183 -26.36 23.27 89.54
C ASP F 183 -25.09 24.12 89.31
N TYR F 184 -24.33 23.81 88.23
CA TYR F 184 -23.12 24.57 87.88
C TYR F 184 -23.47 26.01 87.57
N GLY F 185 -24.68 26.25 87.10
CA GLY F 185 -25.14 27.59 86.84
C GLY F 185 -25.25 27.99 85.39
N ILE F 186 -25.12 27.02 84.49
CA ILE F 186 -25.15 27.27 83.05
C ILE F 186 -26.57 27.36 82.53
N ILE F 187 -27.50 26.57 83.06
CA ILE F 187 -28.88 26.67 82.66
C ILE F 187 -29.65 26.91 83.94
N ASP F 188 -30.94 27.22 83.79
CA ASP F 188 -31.85 27.50 84.90
C ASP F 188 -32.82 26.39 85.21
N THR F 189 -33.29 25.66 84.21
CA THR F 189 -34.29 24.64 84.42
C THR F 189 -33.99 23.47 83.48
N VAL F 190 -34.37 22.27 83.94
CA VAL F 190 -34.39 21.07 83.11
C VAL F 190 -35.85 20.84 82.74
N LEU F 191 -36.15 20.80 81.45
CA LEU F 191 -37.52 20.64 80.97
C LEU F 191 -38.06 19.29 81.41
N GLU F 192 -39.23 19.28 82.03
CA GLU F 192 -39.86 18.02 82.36
C GLU F 192 -40.57 17.61 81.07
N TYR F 193 -40.51 16.33 80.74
CA TYR F 193 -41.32 15.81 79.64
C TYR F 193 -42.81 16.06 79.89
N ARG F 194 -43.46 16.82 78.97
CA ARG F 194 -44.88 17.17 79.11
C ARG F 194 -45.83 16.15 78.45
N LYS F 195 -45.42 14.91 78.25
CA LYS F 195 -46.25 13.94 77.53
C LYS F 195 -47.23 13.23 78.44
N LEU F 196 -48.55 13.28 78.08
CA LEU F 196 -49.59 12.62 78.87
C LEU F 196 -49.42 11.09 78.94
N SER F 197 -48.94 10.45 77.87
CA SER F 197 -48.64 9.01 77.86
C SER F 197 -47.37 8.68 78.65
N THR G 2 41.99 -15.94 -43.12
CA THR G 2 41.51 -14.73 -42.37
C THR G 2 41.61 -14.78 -40.81
N ASP G 3 41.15 -15.84 -40.20
CA ASP G 3 41.52 -15.89 -38.80
C ASP G 3 42.94 -16.39 -38.64
N SER G 4 43.57 -16.81 -39.75
CA SER G 4 44.97 -17.23 -39.72
C SER G 4 45.88 -16.03 -39.56
N VAL G 5 45.44 -14.86 -40.00
CA VAL G 5 46.20 -13.63 -39.78
C VAL G 5 46.03 -13.17 -38.35
N TYR G 6 44.80 -13.24 -37.80
CA TYR G 6 44.63 -12.71 -36.44
C TYR G 6 45.41 -13.55 -35.42
N GLU G 7 45.64 -14.84 -35.70
CA GLU G 7 46.48 -15.71 -34.85
C GLU G 7 47.96 -15.42 -35.06
N ARG G 8 48.40 -15.25 -36.32
CA ARG G 8 49.78 -14.84 -36.54
C ARG G 8 50.07 -13.51 -35.88
N LEU G 9 49.11 -12.61 -35.86
CA LEU G 9 49.34 -11.35 -35.16
C LEU G 9 49.21 -11.46 -33.66
N LEU G 10 48.39 -12.38 -33.17
CA LEU G 10 48.28 -12.53 -31.74
C LEU G 10 49.60 -12.96 -31.14
N SER G 11 50.42 -13.73 -31.88
CA SER G 11 51.76 -14.09 -31.40
C SER G 11 52.68 -12.85 -31.29
N GLU G 12 52.42 -11.82 -32.06
CA GLU G 12 53.22 -10.60 -31.99
C GLU G 12 52.61 -9.58 -31.01
N ARG G 13 51.60 -10.00 -30.23
CA ARG G 13 50.98 -9.16 -29.17
C ARG G 13 50.15 -8.00 -29.71
N ILE G 14 49.43 -8.30 -30.79
CA ILE G 14 48.49 -7.42 -31.46
C ILE G 14 47.10 -8.05 -31.45
N ILE G 15 46.11 -7.28 -31.01
CA ILE G 15 44.74 -7.74 -31.06
C ILE G 15 43.86 -6.61 -31.60
N PHE G 16 42.73 -7.00 -32.12
CA PHE G 16 41.80 -6.09 -32.78
C PHE G 16 40.46 -6.03 -32.06
N LEU G 17 39.91 -4.84 -32.00
CA LEU G 17 38.51 -4.67 -31.66
C LEU G 17 37.94 -4.14 -32.97
N GLY G 18 37.64 -5.05 -33.90
CA GLY G 18 37.35 -4.57 -35.24
C GLY G 18 35.88 -4.44 -35.58
N SER G 19 35.00 -4.75 -34.66
CA SER G 19 33.58 -4.67 -34.94
C SER G 19 32.89 -3.98 -33.77
N GLU G 20 31.57 -4.10 -33.77
CA GLU G 20 30.68 -3.71 -32.69
C GLU G 20 31.00 -4.53 -31.45
N VAL G 21 30.86 -3.87 -30.29
CA VAL G 21 31.23 -4.41 -28.99
C VAL G 21 30.05 -5.11 -28.37
N ASN G 22 30.09 -6.44 -28.36
CA ASN G 22 29.05 -7.27 -27.77
C ASN G 22 29.71 -8.23 -26.81
N ASP G 23 28.90 -9.05 -26.15
CA ASP G 23 29.49 -9.94 -25.15
C ASP G 23 30.50 -10.83 -25.81
N GLU G 24 30.24 -11.21 -27.07
CA GLU G 24 31.05 -12.21 -27.76
C GLU G 24 32.42 -11.66 -28.14
N ILE G 25 32.45 -10.48 -28.74
CA ILE G 25 33.73 -9.91 -29.09
C ILE G 25 34.49 -9.51 -27.86
N ALA G 26 33.76 -9.04 -26.82
CA ALA G 26 34.40 -8.68 -25.56
C ALA G 26 34.98 -9.88 -24.88
N ASN G 27 34.27 -10.99 -24.85
CA ASN G 27 34.83 -12.16 -24.19
C ASN G 27 36.03 -12.74 -24.96
N ARG G 28 35.97 -12.91 -26.29
CA ARG G 28 37.16 -13.42 -27.01
C ARG G 28 38.34 -12.47 -26.75
N LEU G 29 38.04 -11.20 -26.48
CA LEU G 29 39.07 -10.18 -26.27
C LEU G 29 39.66 -10.21 -24.86
N CYS G 30 38.81 -10.30 -23.84
CA CYS G 30 39.35 -10.45 -22.49
C CYS G 30 40.16 -11.74 -22.37
N ALA G 31 39.68 -12.84 -22.95
CA ALA G 31 40.48 -14.07 -22.98
C ALA G 31 41.80 -13.87 -23.68
N GLN G 32 41.80 -13.16 -24.81
CA GLN G 32 43.08 -12.91 -25.48
C GLN G 32 44.03 -12.10 -24.56
N ILE G 33 43.52 -11.10 -23.80
CA ILE G 33 44.44 -10.36 -22.90
C ILE G 33 44.89 -11.23 -21.71
N LEU G 34 44.01 -12.11 -21.17
CA LEU G 34 44.45 -13.01 -20.10
C LEU G 34 45.60 -13.92 -20.58
N LEU G 35 45.41 -14.59 -21.70
CA LEU G 35 46.50 -15.38 -22.25
C LEU G 35 47.74 -14.51 -22.44
N LEU G 36 47.61 -13.35 -23.09
CA LEU G 36 48.84 -12.64 -23.47
C LEU G 36 49.62 -12.12 -22.26
N ALA G 37 48.95 -11.80 -21.13
CA ALA G 37 49.64 -11.43 -19.89
C ALA G 37 50.22 -12.67 -19.20
N ALA G 38 49.65 -13.86 -19.40
CA ALA G 38 50.28 -15.08 -18.87
C ALA G 38 51.56 -15.42 -19.66
N GLU G 39 51.54 -15.33 -20.99
CA GLU G 39 52.77 -15.63 -21.72
C GLU G 39 53.88 -14.65 -21.29
N ASP G 40 53.58 -13.33 -21.19
CA ASP G 40 54.58 -12.30 -20.83
C ASP G 40 53.90 -11.08 -20.21
N ALA G 41 54.28 -10.73 -18.97
CA ALA G 41 53.61 -9.65 -18.24
C ALA G 41 54.40 -8.35 -18.20
N SER G 42 55.47 -8.22 -18.98
CA SER G 42 56.14 -6.93 -19.10
C SER G 42 56.09 -6.34 -20.51
N LYS G 43 55.92 -7.15 -21.58
CA LYS G 43 55.76 -6.59 -22.93
C LYS G 43 54.33 -6.07 -23.08
N ASP G 44 54.22 -4.96 -23.80
CA ASP G 44 52.95 -4.32 -23.98
C ASP G 44 52.13 -5.22 -24.88
N ILE G 45 50.83 -4.91 -24.85
CA ILE G 45 49.80 -5.37 -25.74
C ILE G 45 49.33 -4.20 -26.60
N SER G 46 49.25 -4.45 -27.88
CA SER G 46 48.68 -3.49 -28.80
C SER G 46 47.25 -3.93 -29.15
N LEU G 47 46.29 -3.03 -28.93
CA LEU G 47 44.89 -3.21 -29.27
C LEU G 47 44.52 -2.18 -30.33
N TYR G 48 44.39 -2.66 -31.57
CA TYR G 48 43.99 -1.76 -32.64
C TYR G 48 42.45 -1.71 -32.66
N ILE G 49 41.87 -0.52 -32.84
CA ILE G 49 40.43 -0.32 -32.66
C ILE G 49 39.85 0.25 -33.91
N ASN G 50 38.86 -0.47 -34.54
CA ASN G 50 38.07 0.06 -35.67
C ASN G 50 36.64 -0.27 -35.34
N SER G 51 36.03 0.48 -34.42
CA SER G 51 34.73 0.11 -33.85
C SER G 51 33.68 1.20 -33.74
N PRO G 52 32.44 0.91 -34.05
CA PRO G 52 31.37 1.89 -33.94
C PRO G 52 30.72 2.00 -32.58
N GLY G 53 31.02 1.11 -31.63
CA GLY G 53 30.39 1.14 -30.32
C GLY G 53 29.83 -0.21 -30.01
N GLY G 54 28.95 -0.28 -29.01
CA GLY G 54 28.38 -1.54 -28.60
C GLY G 54 28.00 -1.44 -27.14
N SER G 55 27.80 -2.57 -26.51
CA SER G 55 27.28 -2.64 -25.16
C SER G 55 28.24 -2.04 -24.16
N ILE G 56 27.70 -1.25 -23.24
CA ILE G 56 28.53 -0.72 -22.18
C ILE G 56 28.95 -1.88 -21.27
N SER G 57 28.07 -2.87 -21.03
CA SER G 57 28.44 -3.95 -20.12
C SER G 57 29.61 -4.77 -20.69
N ALA G 58 29.54 -5.15 -21.98
CA ALA G 58 30.68 -5.80 -22.65
C ALA G 58 31.96 -4.95 -22.55
N GLY G 59 31.84 -3.63 -22.71
CA GLY G 59 33.01 -2.76 -22.65
C GLY G 59 33.65 -2.62 -21.29
N MET G 60 32.90 -2.83 -20.22
CA MET G 60 33.48 -2.81 -18.90
C MET G 60 34.20 -4.12 -18.62
N ALA G 61 33.79 -5.19 -19.23
CA ALA G 61 34.64 -6.36 -19.10
C ALA G 61 35.98 -6.08 -19.75
N ILE G 62 35.95 -5.61 -20.99
CA ILE G 62 37.20 -5.30 -21.68
C ILE G 62 37.95 -4.23 -20.94
N TYR G 63 37.25 -3.21 -20.42
CA TYR G 63 37.94 -2.06 -19.79
C TYR G 63 38.64 -2.44 -18.48
N ASP G 64 37.93 -3.16 -17.60
CA ASP G 64 38.50 -3.71 -16.36
C ASP G 64 39.64 -4.68 -16.65
N THR G 65 39.52 -5.48 -17.70
CA THR G 65 40.57 -6.44 -17.99
C THR G 65 41.84 -5.74 -18.47
N MET G 66 41.71 -4.62 -19.16
CA MET G 66 42.88 -3.91 -19.65
C MET G 66 43.68 -3.42 -18.47
N VAL G 67 42.98 -2.84 -17.49
CA VAL G 67 43.57 -2.11 -16.39
C VAL G 67 44.28 -3.03 -15.40
N LEU G 68 43.69 -4.19 -15.09
CA LEU G 68 44.30 -5.12 -14.15
C LEU G 68 45.47 -5.82 -14.79
N ALA G 69 45.65 -5.68 -16.10
CA ALA G 69 46.75 -6.40 -16.73
C ALA G 69 48.07 -5.92 -16.12
N PRO G 70 49.03 -6.81 -15.89
CA PRO G 70 50.33 -6.36 -15.37
C PRO G 70 51.03 -5.42 -16.35
N CYS G 71 51.03 -5.79 -17.62
CA CYS G 71 51.65 -5.10 -18.74
C CYS G 71 50.80 -3.94 -19.21
N ASP G 72 51.41 -3.10 -20.04
CA ASP G 72 50.76 -1.93 -20.64
C ASP G 72 49.89 -2.32 -21.83
N ILE G 73 48.88 -1.49 -22.13
CA ILE G 73 48.02 -1.67 -23.28
C ILE G 73 48.15 -0.44 -24.14
N ALA G 74 48.73 -0.60 -25.31
CA ALA G 74 48.71 0.42 -26.31
C ALA G 74 47.40 0.31 -27.05
N THR G 75 46.77 1.46 -27.32
CA THR G 75 45.56 1.52 -28.13
C THR G 75 45.84 2.36 -29.35
N TYR G 76 45.36 1.89 -30.51
CA TYR G 76 45.56 2.55 -31.81
C TYR G 76 44.21 2.75 -32.49
N ALA G 77 43.92 4.00 -32.93
CA ALA G 77 42.64 4.31 -33.58
C ALA G 77 42.85 4.22 -35.08
N MET G 78 42.33 3.15 -35.68
CA MET G 78 42.44 2.85 -37.10
C MET G 78 41.12 3.13 -37.83
N GLY G 79 41.11 4.21 -38.59
CA GLY G 79 39.85 4.44 -39.22
C GLY G 79 38.83 5.08 -38.31
N MET G 80 38.22 4.36 -37.39
CA MET G 80 37.22 5.02 -36.59
C MET G 80 37.12 4.28 -35.26
N ALA G 81 37.02 5.00 -34.16
CA ALA G 81 36.79 4.37 -32.84
C ALA G 81 35.67 5.21 -32.25
N ALA G 82 34.44 4.72 -32.18
CA ALA G 82 33.33 5.59 -31.83
C ALA G 82 32.64 5.13 -30.57
N SER G 83 32.23 6.06 -29.73
CA SER G 83 31.43 5.75 -28.55
C SER G 83 32.23 4.79 -27.65
N MET G 84 31.69 3.60 -27.40
CA MET G 84 32.47 2.69 -26.55
C MET G 84 33.84 2.38 -27.10
N GLY G 85 34.03 2.50 -28.41
CA GLY G 85 35.36 2.41 -28.98
C GLY G 85 36.23 3.58 -28.59
N GLU G 86 35.68 4.79 -28.62
CA GLU G 86 36.42 5.92 -28.08
C GLU G 86 36.74 5.71 -26.59
N PHE G 87 35.84 5.13 -25.84
CA PHE G 87 36.15 4.87 -24.44
C PHE G 87 37.38 3.94 -24.32
N LEU G 88 37.41 2.86 -25.08
CA LEU G 88 38.51 1.92 -24.92
C LEU G 88 39.78 2.45 -25.53
N LEU G 89 39.70 3.28 -26.55
CA LEU G 89 40.94 3.90 -26.99
C LEU G 89 41.49 4.77 -25.90
N ALA G 90 40.65 5.64 -25.36
CA ALA G 90 41.09 6.56 -24.32
C ALA G 90 41.44 5.86 -23.00
N ALA G 91 41.01 4.64 -22.80
CA ALA G 91 41.43 3.94 -21.59
C ALA G 91 42.82 3.31 -21.74
N GLY G 92 43.38 3.33 -22.93
CA GLY G 92 44.70 2.75 -23.08
C GLY G 92 45.69 3.44 -22.18
N THR G 93 46.80 2.75 -21.90
CA THR G 93 47.80 3.27 -20.95
C THR G 93 48.25 4.67 -21.35
N LYS G 94 48.37 5.55 -20.37
CA LYS G 94 48.77 6.92 -20.65
C LYS G 94 50.13 6.95 -21.31
N GLY G 95 50.19 7.70 -22.40
CA GLY G 95 51.33 7.81 -23.25
C GLY G 95 51.32 6.87 -24.42
N LYS G 96 50.53 5.81 -24.36
CA LYS G 96 50.54 4.79 -25.38
C LYS G 96 49.16 4.69 -26.04
N ARG G 97 48.46 5.81 -26.18
CA ARG G 97 47.23 5.88 -26.97
C ARG G 97 47.59 6.60 -28.27
N TYR G 98 47.42 5.91 -29.41
CA TYR G 98 47.71 6.46 -30.73
C TYR G 98 46.45 6.57 -31.59
N ALA G 99 46.50 7.53 -32.50
CA ALA G 99 45.47 7.79 -33.50
C ALA G 99 46.18 7.76 -34.86
N LEU G 100 45.70 6.97 -35.79
CA LEU G 100 46.22 7.13 -37.13
C LEU G 100 45.76 8.47 -37.72
N PRO G 101 46.41 8.95 -38.78
CA PRO G 101 46.24 10.35 -39.16
C PRO G 101 44.83 10.68 -39.64
N HIS G 102 44.19 9.75 -40.33
CA HIS G 102 42.85 10.01 -40.84
C HIS G 102 41.76 9.24 -40.10
N ALA G 103 42.03 8.73 -38.88
CA ALA G 103 41.03 8.13 -38.01
C ALA G 103 40.09 9.21 -37.55
N ARG G 104 38.92 8.80 -37.04
CA ARG G 104 37.89 9.68 -36.51
C ARG G 104 37.46 9.11 -35.16
N ILE G 105 37.25 9.98 -34.20
CA ILE G 105 36.79 9.63 -32.85
C ILE G 105 35.45 10.31 -32.67
N LEU G 106 34.48 9.57 -32.14
CA LEU G 106 33.16 10.07 -31.78
C LEU G 106 32.88 9.88 -30.29
N MET G 107 32.34 10.90 -29.68
CA MET G 107 31.93 10.77 -28.31
C MET G 107 30.44 11.12 -28.23
N HIS G 108 29.63 10.28 -27.54
CA HIS G 108 28.28 10.70 -27.22
C HIS G 108 27.75 9.99 -25.97
N GLN G 109 26.58 10.38 -25.54
CA GLN G 109 26.03 9.76 -24.36
C GLN G 109 25.38 8.42 -24.67
N PRO G 110 25.17 7.60 -23.63
CA PRO G 110 24.55 6.29 -23.81
C PRO G 110 23.16 6.40 -24.40
N LEU G 111 22.75 5.30 -25.07
CA LEU G 111 21.43 5.06 -25.60
C LEU G 111 20.84 3.77 -25.04
N GLY G 112 19.51 3.68 -25.07
CA GLY G 112 18.88 2.45 -24.63
C GLY G 112 17.40 2.40 -24.85
N GLY G 113 16.69 1.63 -24.01
CA GLY G 113 15.25 1.57 -24.09
C GLY G 113 14.65 1.43 -22.71
N VAL G 114 13.37 1.75 -22.61
CA VAL G 114 12.58 1.45 -21.43
C VAL G 114 11.38 0.65 -21.89
N THR G 115 10.89 -0.22 -21.02
CA THR G 115 9.77 -1.11 -21.24
C THR G 115 9.35 -1.60 -19.87
N GLY G 116 8.07 -1.91 -19.76
CA GLY G 116 7.54 -2.51 -18.57
C GLY G 116 6.66 -1.58 -17.77
N SER G 117 6.47 -1.95 -16.53
CA SER G 117 5.56 -1.16 -15.75
C SER G 117 6.23 0.11 -15.29
N ALA G 118 5.41 1.02 -14.84
CA ALA G 118 5.93 2.31 -14.49
C ALA G 118 6.88 2.21 -13.32
N ALA G 119 6.78 1.12 -12.54
CA ALA G 119 7.74 0.89 -11.47
C ALA G 119 9.04 0.27 -12.00
N ASP G 120 8.95 -0.60 -12.97
CA ASP G 120 10.16 -1.13 -13.60
C ASP G 120 10.94 -0.07 -14.39
N ILE G 121 10.24 0.91 -14.98
CA ILE G 121 10.85 1.95 -15.81
C ILE G 121 11.59 2.94 -14.96
N ALA G 122 11.04 3.23 -13.78
CA ALA G 122 11.73 4.09 -12.84
C ALA G 122 13.06 3.47 -12.43
N ILE G 123 13.09 2.15 -12.23
CA ILE G 123 14.36 1.52 -11.88
C ILE G 123 15.31 1.63 -13.03
N GLN G 124 14.80 1.38 -14.22
CA GLN G 124 15.60 1.51 -15.42
C GLN G 124 16.22 2.87 -15.52
N ALA G 125 15.44 3.91 -15.22
CA ALA G 125 15.93 5.26 -15.32
C ALA G 125 16.95 5.55 -14.23
N GLU G 126 16.73 5.04 -13.02
CA GLU G 126 17.73 5.21 -11.96
C GLU G 126 19.09 4.74 -12.44
N GLN G 127 19.16 3.59 -13.13
CA GLN G 127 20.46 3.14 -13.63
C GLN G 127 20.96 3.96 -14.80
N PHE G 128 20.05 4.45 -15.63
CA PHE G 128 20.46 5.36 -16.69
C PHE G 128 21.34 6.48 -16.14
N ALA G 129 20.90 7.11 -15.05
CA ALA G 129 21.66 8.21 -14.45
C ALA G 129 22.97 7.76 -13.84
N VAL G 130 22.96 6.67 -13.08
CA VAL G 130 24.21 6.19 -12.50
C VAL G 130 25.20 5.93 -13.62
N ILE G 131 24.75 5.18 -14.63
CA ILE G 131 25.65 4.78 -15.71
C ILE G 131 26.17 6.00 -16.43
N LYS G 132 25.30 6.98 -16.70
CA LYS G 132 25.70 8.20 -17.40
C LYS G 132 26.77 8.99 -16.65
N LYS G 133 26.62 9.10 -15.30
CA LYS G 133 27.57 9.89 -14.47
C LYS G 133 28.93 9.23 -14.40
N GLU G 134 28.95 7.89 -14.27
CA GLU G 134 30.18 7.10 -14.20
C GLU G 134 30.91 7.08 -15.55
N MET G 135 30.20 7.00 -16.67
CA MET G 135 30.95 6.99 -17.91
C MET G 135 31.50 8.37 -18.21
N PHE G 136 30.82 9.45 -17.81
CA PHE G 136 31.43 10.76 -18.06
C PHE G 136 32.64 10.95 -17.15
N ARG G 137 32.54 10.55 -15.86
CA ARG G 137 33.68 10.61 -14.95
C ARG G 137 34.88 9.89 -15.50
N LEU G 138 34.66 8.71 -16.04
CA LEU G 138 35.79 8.00 -16.59
C LEU G 138 36.31 8.68 -17.84
N ASN G 139 35.43 9.16 -18.74
CA ASN G 139 35.98 9.96 -19.83
C ASN G 139 36.70 11.19 -19.33
N ALA G 140 36.21 11.74 -18.24
CA ALA G 140 36.86 12.90 -17.71
C ALA G 140 38.26 12.57 -17.21
N GLU G 141 38.44 11.41 -16.59
CA GLU G 141 39.77 11.12 -16.07
C GLU G 141 40.75 10.94 -17.22
N PHE G 142 40.31 10.22 -18.27
CA PHE G 142 41.14 9.78 -19.40
C PHE G 142 41.63 10.96 -20.25
N THR G 143 40.79 11.96 -20.45
CA THR G 143 41.04 13.07 -21.37
C THR G 143 41.56 14.33 -20.68
N GLY G 144 41.46 14.39 -19.38
CA GLY G 144 41.95 15.58 -18.74
C GLY G 144 41.00 16.75 -18.76
N GLN G 145 39.83 16.59 -19.40
CA GLN G 145 38.81 17.61 -19.47
C GLN G 145 38.01 17.65 -18.19
N PRO G 146 37.35 18.77 -17.95
CA PRO G 146 36.42 18.83 -16.82
C PRO G 146 35.16 18.02 -17.08
N ILE G 147 34.62 17.40 -16.01
CA ILE G 147 33.39 16.64 -16.20
C ILE G 147 32.34 17.49 -16.88
N GLU G 148 32.33 18.80 -16.61
CA GLU G 148 31.25 19.61 -17.17
C GLU G 148 31.31 19.66 -18.67
N ARG G 149 32.50 19.65 -19.24
CA ARG G 149 32.57 19.73 -20.69
C ARG G 149 32.26 18.41 -21.32
N ILE G 150 32.61 17.30 -20.67
CA ILE G 150 32.25 15.98 -21.18
C ILE G 150 30.74 15.84 -21.30
N GLU G 151 30.01 16.10 -20.21
CA GLU G 151 28.56 15.97 -20.26
C GLU G 151 28.02 16.88 -21.34
N ALA G 152 28.65 18.01 -21.51
CA ALA G 152 28.15 18.97 -22.46
C ALA G 152 28.43 18.58 -23.89
N ASP G 153 29.66 18.15 -24.17
CA ASP G 153 30.00 17.79 -25.54
C ASP G 153 29.28 16.53 -25.94
N SER G 154 29.05 15.66 -24.98
CA SER G 154 28.48 14.37 -25.26
C SER G 154 26.96 14.38 -25.40
N ASP G 155 26.28 15.50 -25.17
CA ASP G 155 24.83 15.54 -25.33
C ASP G 155 24.41 14.96 -26.67
N ARG G 156 25.06 15.38 -27.74
CA ARG G 156 24.83 14.74 -29.03
C ARG G 156 26.16 14.40 -29.70
N ASP G 157 26.15 13.54 -30.71
CA ASP G 157 27.41 13.10 -31.30
C ASP G 157 28.37 14.28 -31.56
N ARG G 158 29.60 14.13 -31.12
CA ARG G 158 30.69 15.07 -31.33
C ARG G 158 31.85 14.38 -32.00
N TRP G 159 32.16 14.79 -33.21
CA TRP G 159 33.19 14.15 -34.01
C TRP G 159 34.51 14.88 -33.81
N PHE G 160 35.62 14.09 -33.79
CA PHE G 160 36.97 14.60 -33.73
C PHE G 160 37.80 13.93 -34.81
N THR G 161 38.60 14.71 -35.47
CA THR G 161 39.64 14.14 -36.30
C THR G 161 40.82 13.76 -35.44
N ALA G 162 41.73 12.99 -36.00
CA ALA G 162 42.89 12.61 -35.21
C ALA G 162 43.53 13.83 -34.55
N ALA G 163 43.64 14.94 -35.28
CA ALA G 163 44.27 16.13 -34.71
C ALA G 163 43.52 16.70 -33.51
N GLU G 164 42.20 16.91 -33.62
CA GLU G 164 41.40 17.41 -32.51
C GLU G 164 41.32 16.40 -31.39
N ALA G 165 41.42 15.12 -31.70
CA ALA G 165 41.40 14.15 -30.63
C ALA G 165 42.63 14.27 -29.74
N LEU G 166 43.74 14.72 -30.29
CA LEU G 166 44.93 14.85 -29.47
C LEU G 166 44.79 16.03 -28.51
N GLU G 167 44.25 17.14 -29.01
CA GLU G 167 44.00 18.33 -28.18
C GLU G 167 43.07 18.03 -27.02
N TYR G 168 42.08 17.21 -27.26
CA TYR G 168 41.05 16.95 -26.26
C TYR G 168 41.52 16.01 -25.18
N GLY G 169 42.43 15.10 -25.52
CA GLY G 169 42.99 14.21 -24.53
C GLY G 169 42.74 12.75 -24.76
N PHE G 170 42.05 12.39 -25.88
CA PHE G 170 41.70 11.00 -26.19
C PHE G 170 42.96 10.20 -26.49
N VAL G 171 43.88 10.79 -27.19
CA VAL G 171 45.13 10.13 -27.48
C VAL G 171 46.27 10.99 -27.03
N ASP G 172 47.43 10.35 -27.05
CA ASP G 172 48.70 10.97 -26.74
C ASP G 172 49.60 11.24 -27.94
N HIS G 173 49.39 10.56 -29.07
CA HIS G 173 50.27 10.73 -30.23
C HIS G 173 49.45 10.47 -31.48
N ILE G 174 49.96 10.96 -32.60
CA ILE G 174 49.47 10.61 -33.92
C ILE G 174 50.62 9.89 -34.62
N ILE G 175 50.41 8.63 -35.00
CA ILE G 175 51.45 7.93 -35.70
C ILE G 175 51.69 8.51 -37.09
N THR G 176 52.97 8.51 -37.50
CA THR G 176 53.45 8.89 -38.87
C THR G 176 54.42 7.82 -39.50
N THR H 2 30.69 9.29 45.43
CA THR H 2 30.32 10.50 46.25
C THR H 2 30.37 10.51 47.82
N ASP H 3 29.97 9.41 48.44
CA ASP H 3 30.27 9.25 49.87
C ASP H 3 31.70 8.77 50.09
N SER H 4 32.39 8.40 48.99
CA SER H 4 33.80 8.04 48.99
C SER H 4 34.71 9.24 49.09
N VAL H 5 34.28 10.41 48.59
CA VAL H 5 35.08 11.62 48.82
C VAL H 5 34.94 12.04 50.28
N TYR H 6 33.73 11.93 50.85
CA TYR H 6 33.55 12.29 52.24
C TYR H 6 34.38 11.35 53.12
N GLU H 7 34.60 10.09 52.69
CA GLU H 7 35.41 9.19 53.52
C GLU H 7 36.88 9.50 53.38
N ARG H 8 37.34 9.81 52.17
CA ARG H 8 38.73 10.23 51.96
C ARG H 8 39.03 11.59 52.62
N LEU H 9 38.05 12.49 52.67
CA LEU H 9 38.25 13.77 53.33
C LEU H 9 38.15 13.69 54.83
N LEU H 10 37.48 12.64 55.33
CA LEU H 10 37.38 12.41 56.76
C LEU H 10 38.73 11.99 57.32
N SER H 11 39.52 11.25 56.54
CA SER H 11 40.90 10.91 56.95
C SER H 11 41.87 12.12 56.93
N GLU H 12 41.48 13.25 56.32
CA GLU H 12 42.23 14.49 56.37
C GLU H 12 41.66 15.45 57.44
N ARG H 13 40.68 14.98 58.21
CA ARG H 13 40.12 15.73 59.32
C ARG H 13 39.32 16.94 58.86
N ILE H 14 38.57 16.73 57.80
CA ILE H 14 37.61 17.65 57.26
C ILE H 14 36.24 17.01 57.36
N ILE H 15 35.23 17.79 57.72
CA ILE H 15 33.86 17.30 57.66
C ILE H 15 32.94 18.39 57.12
N PHE H 16 31.82 17.98 56.52
CA PHE H 16 30.91 18.95 55.93
C PHE H 16 29.58 19.00 56.65
N LEU H 17 29.04 20.21 56.78
CA LEU H 17 27.63 20.47 57.07
C LEU H 17 27.07 21.10 55.79
N GLY H 18 26.73 20.28 54.81
CA GLY H 18 26.40 20.94 53.55
C GLY H 18 24.93 21.09 53.33
N SER H 19 24.15 20.68 54.31
CA SER H 19 22.72 20.72 54.09
C SER H 19 21.99 21.41 55.25
N GLU H 20 20.65 21.40 55.20
CA GLU H 20 19.77 21.80 56.30
C GLU H 20 20.10 20.91 57.48
N VAL H 21 19.88 21.48 58.64
CA VAL H 21 20.32 20.87 59.87
C VAL H 21 19.15 20.16 60.55
N ASN H 22 19.15 18.83 60.50
CA ASN H 22 18.17 18.03 61.22
C ASN H 22 18.85 17.00 62.14
N ASP H 23 18.03 16.24 62.87
CA ASP H 23 18.65 15.32 63.81
C ASP H 23 19.59 14.36 63.07
N GLU H 24 19.29 14.04 61.82
CA GLU H 24 20.05 12.99 61.18
C GLU H 24 21.45 13.44 60.86
N ILE H 25 21.57 14.64 60.32
CA ILE H 25 22.88 15.17 59.99
C ILE H 25 23.66 15.51 61.23
N ALA H 26 22.99 15.96 62.28
CA ALA H 26 23.72 16.27 63.50
C ALA H 26 24.30 15.01 64.09
N ASN H 27 23.54 13.93 64.07
CA ASN H 27 24.07 12.71 64.62
C ASN H 27 25.25 12.21 63.82
N ARG H 28 25.14 12.24 62.47
CA ARG H 28 26.25 11.83 61.61
C ARG H 28 27.46 12.70 61.89
N LEU H 29 27.22 13.98 62.11
CA LEU H 29 28.30 14.93 62.26
C LEU H 29 28.94 14.89 63.66
N CYS H 30 28.14 14.76 64.73
CA CYS H 30 28.69 14.53 66.07
C CYS H 30 29.44 13.21 66.15
N ALA H 31 28.89 12.13 65.60
CA ALA H 31 29.69 10.92 65.52
C ALA H 31 31.01 11.20 64.83
N GLN H 32 30.98 11.99 63.75
CA GLN H 32 32.26 12.18 63.09
C GLN H 32 33.25 12.91 64.03
N ILE H 33 32.77 13.88 64.81
CA ILE H 33 33.74 14.62 65.66
C ILE H 33 34.25 13.72 66.77
N LEU H 34 33.39 12.87 67.33
CA LEU H 34 33.82 11.97 68.39
C LEU H 34 34.94 11.08 67.88
N LEU H 35 34.68 10.35 66.77
CA LEU H 35 35.74 9.54 66.18
C LEU H 35 37.00 10.36 65.98
N LEU H 36 36.88 11.50 65.30
CA LEU H 36 38.08 12.23 64.92
C LEU H 36 38.86 12.80 66.11
N ALA H 37 38.21 13.04 67.25
CA ALA H 37 38.97 13.44 68.43
C ALA H 37 39.60 12.24 69.14
N ALA H 38 39.04 11.05 69.03
CA ALA H 38 39.76 9.93 69.65
C ALA H 38 41.02 9.57 68.88
N GLU H 39 40.96 9.60 67.55
CA GLU H 39 42.09 9.19 66.71
C GLU H 39 43.28 10.08 67.03
N ASP H 40 43.06 11.41 67.08
CA ASP H 40 44.08 12.41 67.43
C ASP H 40 43.44 13.65 68.03
N ALA H 41 43.73 13.99 69.28
CA ALA H 41 43.00 15.08 69.94
C ALA H 41 43.77 16.41 70.01
N SER H 42 44.85 16.53 69.25
CA SER H 42 45.64 17.74 69.23
C SER H 42 45.63 18.40 67.88
N LYS H 43 45.27 17.66 66.82
CA LYS H 43 45.16 18.16 65.46
C LYS H 43 43.76 18.69 65.20
N ASP H 44 43.69 19.76 64.43
CA ASP H 44 42.39 20.41 64.28
C ASP H 44 41.40 19.54 63.48
N ILE H 45 40.12 19.91 63.63
CA ILE H 45 39.03 19.47 62.77
C ILE H 45 38.50 20.67 62.00
N SER H 46 38.39 20.55 60.67
CA SER H 46 37.82 21.58 59.79
C SER H 46 36.41 21.20 59.37
N LEU H 47 35.46 22.11 59.62
CA LEU H 47 34.03 21.93 59.37
C LEU H 47 33.65 22.94 58.29
N TYR H 48 33.46 22.48 57.06
CA TYR H 48 33.05 23.39 56.00
C TYR H 48 31.54 23.47 56.09
N ILE H 49 30.99 24.67 55.94
CA ILE H 49 29.57 24.86 56.14
C ILE H 49 29.02 25.53 54.90
N ASN H 50 28.04 24.85 54.21
CA ASN H 50 27.21 25.42 53.13
C ASN H 50 25.83 24.92 53.52
N SER H 51 25.20 25.59 54.48
CA SER H 51 23.98 25.13 55.11
C SER H 51 22.92 26.23 55.10
N PRO H 52 21.64 25.87 54.95
CA PRO H 52 20.58 26.88 55.03
C PRO H 52 20.04 27.09 56.43
N GLY H 53 20.39 26.22 57.37
CA GLY H 53 19.78 26.36 58.68
C GLY H 53 19.10 25.07 59.12
N GLY H 54 18.23 25.09 60.13
CA GLY H 54 17.71 23.83 60.60
C GLY H 54 17.30 23.89 62.04
N SER H 55 17.19 22.69 62.61
CA SER H 55 16.66 22.48 63.92
C SER H 55 17.59 23.05 64.95
N ILE H 56 17.04 23.71 65.96
CA ILE H 56 17.91 24.16 67.03
C ILE H 56 18.34 22.97 67.86
N SER H 57 17.43 22.03 68.12
CA SER H 57 17.83 20.94 68.99
C SER H 57 19.02 20.23 68.38
N ALA H 58 18.92 19.95 67.08
CA ALA H 58 19.99 19.32 66.31
C ALA H 58 21.27 20.14 66.29
N GLY H 59 21.16 21.47 66.24
CA GLY H 59 22.35 22.28 66.19
C GLY H 59 23.11 22.33 67.51
N MET H 60 22.40 22.24 68.64
CA MET H 60 23.03 22.24 69.98
C MET H 60 23.63 20.88 70.30
N ALA H 61 23.19 19.86 69.58
CA ALA H 61 23.91 18.59 69.59
C ALA H 61 25.27 18.83 69.00
N ILE H 62 25.28 19.45 67.83
CA ILE H 62 26.54 19.77 67.18
C ILE H 62 27.32 20.78 68.01
N TYR H 63 26.65 21.83 68.51
CA TYR H 63 27.41 22.91 69.17
C TYR H 63 28.12 22.40 70.43
N ASP H 64 27.46 21.58 71.26
CA ASP H 64 28.13 21.04 72.45
C ASP H 64 29.33 20.15 72.07
N THR H 65 29.16 19.31 71.06
CA THR H 65 30.24 18.42 70.66
C THR H 65 31.45 19.15 70.06
N MET H 66 31.24 20.33 69.47
CA MET H 66 32.38 21.15 69.02
C MET H 66 33.14 21.67 70.21
N VAL H 67 32.41 22.13 71.21
CA VAL H 67 33.03 22.83 72.30
C VAL H 67 33.78 21.87 73.22
N LEU H 68 33.22 20.72 73.52
CA LEU H 68 33.89 19.77 74.40
C LEU H 68 35.05 19.02 73.75
N ALA H 69 35.15 19.07 72.44
CA ALA H 69 36.18 18.31 71.76
C ALA H 69 37.57 18.72 72.25
N PRO H 70 38.47 17.75 72.42
CA PRO H 70 39.81 18.10 72.89
C PRO H 70 40.53 18.97 71.88
N CYS H 71 40.44 18.64 70.59
CA CYS H 71 41.07 19.37 69.50
C CYS H 71 40.23 20.55 69.07
N ASP H 72 40.84 21.41 68.24
CA ASP H 72 40.22 22.63 67.73
C ASP H 72 39.25 22.33 66.57
N ILE H 73 38.24 23.21 66.43
CA ILE H 73 37.28 23.13 65.34
C ILE H 73 37.41 24.40 64.51
N ALA H 74 38.06 24.29 63.36
CA ALA H 74 38.05 25.37 62.38
C ALA H 74 36.75 25.27 61.57
N THR H 75 36.08 26.41 61.44
CA THR H 75 34.81 26.54 60.76
C THR H 75 35.11 27.43 59.57
N TYR H 76 34.55 27.02 58.43
CA TYR H 76 34.67 27.73 57.15
C TYR H 76 33.28 27.98 56.58
N ALA H 77 33.02 29.21 56.16
CA ALA H 77 31.75 29.55 55.54
C ALA H 77 31.98 29.38 54.05
N MET H 78 31.49 28.29 53.48
CA MET H 78 31.68 27.97 52.09
C MET H 78 30.38 28.28 51.31
N GLY H 79 30.40 29.33 50.49
CA GLY H 79 29.18 29.62 49.76
C GLY H 79 28.04 30.24 50.56
N MET H 80 27.44 29.51 51.52
CA MET H 80 26.39 30.11 52.34
C MET H 80 26.29 29.51 53.74
N ALA H 81 26.18 30.33 54.77
CA ALA H 81 25.97 29.81 56.13
C ALA H 81 24.89 30.62 56.80
N ALA H 82 23.69 30.05 57.00
CA ALA H 82 22.56 30.86 57.43
C ALA H 82 21.99 30.39 58.75
N SER H 83 21.64 31.34 59.61
CA SER H 83 20.89 31.02 60.81
C SER H 83 21.61 29.99 61.67
N MET H 84 21.07 28.78 61.75
CA MET H 84 21.79 27.81 62.54
C MET H 84 23.13 27.52 61.95
N GLY H 85 23.24 27.67 60.62
CA GLY H 85 24.53 27.49 60.00
C GLY H 85 25.51 28.57 60.41
N GLU H 86 25.07 29.83 60.44
CA GLU H 86 25.86 30.94 61.01
C GLU H 86 26.19 30.75 62.49
N PHE H 87 25.23 30.29 63.25
CA PHE H 87 25.50 30.05 64.63
C PHE H 87 26.65 29.05 64.81
N LEU H 88 26.68 27.97 64.01
CA LEU H 88 27.77 27.01 64.18
C LEU H 88 29.06 27.54 63.57
N LEU H 89 28.99 28.39 62.56
CA LEU H 89 30.23 28.90 62.03
C LEU H 89 30.89 29.75 63.09
N ALA H 90 30.11 30.67 63.68
CA ALA H 90 30.59 31.60 64.69
C ALA H 90 30.95 30.89 65.97
N ALA H 91 30.41 29.72 66.18
CA ALA H 91 30.86 28.94 67.31
C ALA H 91 32.17 28.24 67.02
N GLY H 92 32.68 28.35 65.78
CA GLY H 92 33.98 27.77 65.52
C GLY H 92 35.01 28.32 66.50
N THR H 93 36.14 27.65 66.60
CA THR H 93 37.19 28.13 67.49
C THR H 93 37.64 29.59 67.24
N LYS H 94 37.67 30.37 68.30
CA LYS H 94 38.11 31.73 68.09
C LYS H 94 39.47 31.75 67.45
N GLY H 95 39.56 32.49 66.35
CA GLY H 95 40.77 32.59 65.61
C GLY H 95 40.87 31.67 64.42
N LYS H 96 40.01 30.66 64.39
CA LYS H 96 39.93 29.63 63.35
C LYS H 96 38.53 29.59 62.75
N ARG H 97 37.92 30.76 62.65
CA ARG H 97 36.67 30.93 61.95
C ARG H 97 36.93 31.70 60.67
N TYR H 98 36.64 31.06 59.54
CA TYR H 98 36.92 31.61 58.22
C TYR H 98 35.66 31.78 57.37
N ALA H 99 35.73 32.68 56.39
CA ALA H 99 34.72 32.85 55.36
C ALA H 99 35.44 32.87 54.03
N LEU H 100 34.95 32.12 53.05
CA LEU H 100 35.48 32.25 51.71
C LEU H 100 35.02 33.59 51.18
N PRO H 101 35.69 34.11 50.15
CA PRO H 101 35.49 35.52 49.82
C PRO H 101 34.05 35.83 49.41
N HIS H 102 33.35 34.90 48.76
CA HIS H 102 32.01 35.24 48.31
C HIS H 102 30.94 34.49 49.07
N ALA H 103 31.28 33.98 50.25
CA ALA H 103 30.33 33.35 51.14
C ALA H 103 29.42 34.42 51.71
N ARG H 104 28.29 33.97 52.20
CA ARG H 104 27.27 34.86 52.72
C ARG H 104 26.80 34.25 54.01
N ILE H 105 26.49 35.12 54.96
CA ILE H 105 26.01 34.80 56.29
C ILE H 105 24.64 35.44 56.47
N LEU H 106 23.73 34.70 57.08
CA LEU H 106 22.43 35.22 57.46
C LEU H 106 22.18 35.08 58.95
N MET H 107 21.67 36.12 59.55
CA MET H 107 21.23 36.05 60.93
C MET H 107 19.78 36.46 61.00
N HIS H 108 18.97 35.65 61.67
CA HIS H 108 17.60 36.07 61.94
C HIS H 108 17.18 35.34 63.21
N GLN H 109 15.93 35.57 63.68
CA GLN H 109 15.45 34.95 64.93
C GLN H 109 14.78 33.61 64.66
N PRO H 110 14.51 32.84 65.73
CA PRO H 110 13.91 31.52 65.55
C PRO H 110 12.52 31.66 64.97
N LEU H 111 12.14 30.59 64.24
CA LEU H 111 10.84 30.34 63.65
C LEU H 111 10.32 29.07 64.30
N GLY H 112 9.00 28.98 64.37
CA GLY H 112 8.43 27.77 64.91
C GLY H 112 6.96 27.70 64.67
N GLY H 113 6.25 26.96 65.52
CA GLY H 113 4.81 26.85 65.43
C GLY H 113 4.19 26.76 66.80
N VAL H 114 2.91 27.08 66.83
CA VAL H 114 2.15 26.77 68.02
C VAL H 114 0.94 26.01 67.53
N THR H 115 0.46 25.15 68.41
CA THR H 115 -0.66 24.28 68.23
C THR H 115 -1.10 23.81 69.61
N GLY H 116 -2.37 23.44 69.68
CA GLY H 116 -2.92 22.81 70.83
C GLY H 116 -3.85 23.72 71.61
N SER H 117 -4.05 23.33 72.86
CA SER H 117 -4.92 24.04 73.75
C SER H 117 -4.24 25.29 74.22
N ALA H 118 -5.03 26.20 74.76
CA ALA H 118 -4.46 27.47 75.15
C ALA H 118 -3.40 27.30 76.23
N ALA H 119 -3.45 26.21 77.03
CA ALA H 119 -2.43 25.95 78.06
C ALA H 119 -1.15 25.33 77.50
N ASP H 120 -1.29 24.42 76.55
CA ASP H 120 -0.12 23.87 75.89
C ASP H 120 0.65 24.97 75.13
N ILE H 121 -0.07 26.00 74.63
CA ILE H 121 0.54 27.10 73.89
C ILE H 121 1.23 28.08 74.80
N ALA H 122 0.62 28.32 75.96
CA ALA H 122 1.26 29.14 76.96
C ALA H 122 2.61 28.53 77.33
N ILE H 123 2.67 27.21 77.42
CA ILE H 123 3.93 26.55 77.71
C ILE H 123 4.93 26.69 76.56
N GLN H 124 4.43 26.52 75.33
CA GLN H 124 5.28 26.66 74.15
C GLN H 124 5.89 28.06 74.06
N ALA H 125 5.08 29.09 74.25
CA ALA H 125 5.61 30.44 74.15
C ALA H 125 6.57 30.78 75.30
N GLU H 126 6.36 30.24 76.48
CA GLU H 126 7.39 30.40 77.52
C GLU H 126 8.77 29.94 77.01
N GLN H 127 8.82 28.82 76.25
CA GLN H 127 10.11 28.34 75.75
C GLN H 127 10.62 29.20 74.62
N PHE H 128 9.71 29.75 73.85
CA PHE H 128 10.12 30.68 72.83
C PHE H 128 11.01 31.77 73.44
N ALA H 129 10.54 32.42 74.52
CA ALA H 129 11.26 33.54 75.15
C ALA H 129 12.55 33.06 75.74
N VAL H 130 12.48 31.90 76.40
CA VAL H 130 13.68 31.26 76.92
C VAL H 130 14.66 31.01 75.80
N ILE H 131 14.22 30.27 74.75
CA ILE H 131 15.14 29.86 73.70
C ILE H 131 15.71 31.05 72.96
N LYS H 132 14.87 32.04 72.64
CA LYS H 132 15.30 33.24 71.92
C LYS H 132 16.37 34.03 72.67
N LYS H 133 16.26 34.13 73.98
CA LYS H 133 17.28 34.85 74.74
C LYS H 133 18.61 34.10 74.74
N GLU H 134 18.55 32.78 74.88
CA GLU H 134 19.76 31.99 74.92
C GLU H 134 20.49 32.01 73.59
N MET H 135 19.78 32.05 72.46
CA MET H 135 20.48 32.04 71.17
C MET H 135 21.09 33.42 70.88
N PHE H 136 20.42 34.51 71.30
CA PHE H 136 21.03 35.82 71.12
C PHE H 136 22.26 35.99 72.03
N ARG H 137 22.21 35.57 73.31
CA ARG H 137 23.40 35.59 74.17
C ARG H 137 24.58 34.83 73.57
N LEU H 138 24.35 33.63 73.08
CA LEU H 138 25.47 32.93 72.49
C LEU H 138 25.90 33.61 71.19
N ASN H 139 24.96 34.05 70.35
CA ASN H 139 25.43 34.84 69.20
C ASN H 139 26.19 36.07 69.65
N ALA H 140 25.76 36.64 70.75
CA ALA H 140 26.42 37.80 71.27
C ALA H 140 27.80 37.43 71.79
N GLU H 141 27.93 36.29 72.44
CA GLU H 141 29.24 35.97 72.96
C GLU H 141 30.21 35.71 71.82
N PHE H 142 29.74 35.04 70.76
CA PHE H 142 30.62 34.62 69.65
C PHE H 142 31.17 35.80 68.89
N THR H 143 30.32 36.80 68.62
CA THR H 143 30.64 37.93 67.76
C THR H 143 31.15 39.14 68.52
N GLY H 144 30.85 39.25 69.82
CA GLY H 144 31.20 40.41 70.64
C GLY H 144 30.25 41.58 70.53
N GLN H 145 29.18 41.49 69.74
CA GLN H 145 28.28 42.61 69.63
C GLN H 145 27.47 42.67 70.92
N PRO H 146 26.90 43.81 71.24
CA PRO H 146 26.01 43.85 72.41
C PRO H 146 24.73 43.08 72.14
N ILE H 147 24.21 42.45 73.21
CA ILE H 147 22.97 41.71 73.05
C ILE H 147 21.90 42.59 72.46
N GLU H 148 21.96 43.91 72.72
CA GLU H 148 20.92 44.78 72.19
C GLU H 148 20.95 44.89 70.70
N ARG H 149 22.13 44.80 70.09
CA ARG H 149 22.25 44.86 68.64
C ARG H 149 21.92 43.51 68.01
N ILE H 150 22.26 42.40 68.67
CA ILE H 150 21.83 41.10 68.12
C ILE H 150 20.32 41.05 68.08
N GLU H 151 19.66 41.35 69.19
CA GLU H 151 18.22 41.24 69.21
C GLU H 151 17.63 42.13 68.16
N ALA H 152 18.23 43.28 67.99
CA ALA H 152 17.70 44.25 67.06
C ALA H 152 17.98 43.85 65.65
N ASP H 153 19.20 43.47 65.37
CA ASP H 153 19.49 43.07 64.01
C ASP H 153 18.76 41.80 63.64
N SER H 154 18.46 40.96 64.61
CA SER H 154 17.91 39.65 64.33
C SER H 154 16.40 39.64 64.16
N ASP H 155 15.69 40.75 64.37
CA ASP H 155 14.23 40.71 64.26
C ASP H 155 13.79 40.05 62.95
N ARG H 156 14.39 40.48 61.83
CA ARG H 156 14.18 39.95 60.49
C ARG H 156 15.53 39.70 59.81
N ASP H 157 15.50 38.85 58.80
CA ASP H 157 16.75 38.41 58.19
C ASP H 157 17.66 39.62 57.94
N ARG H 158 18.92 39.48 58.37
CA ARG H 158 19.99 40.45 58.16
C ARG H 158 21.12 39.74 57.43
N TRP H 159 21.36 40.12 56.18
CA TRP H 159 22.37 39.43 55.36
C TRP H 159 23.72 40.16 55.44
N PHE H 160 24.79 39.38 55.43
CA PHE H 160 26.16 39.88 55.54
C PHE H 160 26.92 39.28 54.41
N THR H 161 27.71 40.08 53.71
CA THR H 161 28.69 39.49 52.83
C THR H 161 29.88 39.02 53.65
N ALA H 162 30.77 38.23 53.04
CA ALA H 162 31.96 37.80 53.80
C ALA H 162 32.64 38.99 54.48
N ALA H 163 32.73 40.13 53.81
CA ALA H 163 33.44 41.28 54.37
C ALA H 163 32.74 41.88 55.58
N GLU H 164 31.42 42.09 55.51
CA GLU H 164 30.64 42.63 56.63
C GLU H 164 30.59 41.65 57.79
N ALA H 165 30.60 40.36 57.48
CA ALA H 165 30.52 39.30 58.49
C ALA H 165 31.75 39.30 59.36
N LEU H 166 32.85 39.82 58.80
CA LEU H 166 34.08 39.96 59.54
C LEU H 166 33.98 41.13 60.49
N GLU H 167 33.46 42.25 60.00
CA GLU H 167 33.39 43.40 60.88
C GLU H 167 32.56 43.04 62.10
N TYR H 168 31.55 42.17 61.92
CA TYR H 168 30.57 41.92 62.96
C TYR H 168 31.06 40.94 63.99
N GLY H 169 31.89 39.98 63.62
CA GLY H 169 32.41 39.08 64.61
C GLY H 169 32.09 37.63 64.37
N PHE H 170 31.43 37.29 63.27
CA PHE H 170 31.12 35.90 62.99
C PHE H 170 32.37 35.11 62.68
N VAL H 171 33.29 35.70 61.93
CA VAL H 171 34.53 35.07 61.51
C VAL H 171 35.71 35.94 61.95
N ASP H 172 36.89 35.36 61.83
CA ASP H 172 38.13 36.04 62.13
C ASP H 172 38.99 36.38 60.91
N HIS H 173 38.80 35.69 59.79
CA HIS H 173 39.65 35.79 58.59
C HIS H 173 38.79 35.55 57.37
N ILE H 174 39.27 36.07 56.24
CA ILE H 174 38.75 35.74 54.93
C ILE H 174 39.84 34.99 54.16
N ILE H 175 39.56 33.75 53.77
CA ILE H 175 40.62 32.99 53.09
C ILE H 175 40.85 33.59 51.70
N THR H 176 42.07 33.49 51.21
CA THR H 176 42.44 34.02 49.91
C THR H 176 43.37 33.00 49.20
N ILE I 2 -17.49 1.03 -32.83
CA ILE I 2 -18.85 1.25 -33.45
C ILE I 2 -19.30 2.64 -33.03
N LEU I 3 -20.21 3.38 -34.06
CA LEU I 3 -20.60 4.69 -33.80
C LEU I 3 -22.06 5.03 -34.14
N PRO I 4 -22.88 5.22 -33.11
CA PRO I 4 -24.33 5.29 -33.32
C PRO I 4 -24.74 6.51 -34.09
N SER I 5 -25.91 6.41 -34.66
CA SER I 5 -26.63 7.53 -35.19
C SER I 5 -27.78 7.82 -34.24
N PHE I 6 -28.18 9.08 -34.23
CA PHE I 6 -29.32 9.60 -33.49
C PHE I 6 -30.17 10.40 -34.48
N ILE I 7 -31.35 10.79 -34.01
CA ILE I 7 -32.39 11.37 -34.85
C ILE I 7 -32.96 12.59 -34.08
N GLU I 8 -32.95 13.76 -34.72
CA GLU I 8 -33.49 14.98 -34.14
C GLU I 8 -34.75 15.45 -34.84
N HIS I 9 -35.56 16.25 -34.16
CA HIS I 9 -36.79 16.65 -34.78
C HIS I 9 -37.24 18.06 -34.44
N SER I 10 -37.82 18.69 -35.45
CA SER I 10 -38.49 19.98 -35.40
C SER I 10 -39.67 19.86 -36.35
N SER I 11 -40.53 20.87 -36.34
CA SER I 11 -41.75 20.86 -37.16
C SER I 11 -41.47 20.78 -38.65
N PHE I 12 -40.22 20.96 -39.04
CA PHE I 12 -39.88 20.99 -40.45
C PHE I 12 -39.62 19.61 -40.98
N GLY I 13 -39.08 18.74 -40.13
CA GLY I 13 -38.69 17.42 -40.55
C GLY I 13 -37.77 16.74 -39.55
N VAL I 14 -37.58 15.46 -39.82
CA VAL I 14 -36.79 14.56 -39.00
C VAL I 14 -35.41 14.47 -39.64
N LYS I 15 -34.37 14.56 -38.82
CA LYS I 15 -33.00 14.50 -39.32
C LYS I 15 -32.24 13.37 -38.66
N GLU I 16 -31.67 12.47 -39.47
CA GLU I 16 -30.75 11.48 -38.92
C GLU I 16 -29.32 11.98 -39.12
N SER I 17 -28.57 12.10 -38.01
CA SER I 17 -27.17 12.49 -38.11
C SER I 17 -26.47 11.72 -37.01
N ASN I 18 -25.15 11.84 -36.97
CA ASN I 18 -24.29 11.07 -36.06
C ASN I 18 -23.39 12.03 -35.28
N PRO I 19 -22.58 11.58 -34.33
CA PRO I 19 -21.91 12.55 -33.44
C PRO I 19 -20.95 13.51 -34.10
N TYR I 20 -20.33 13.14 -35.23
CA TYR I 20 -19.38 14.09 -35.81
C TYR I 20 -20.03 15.11 -36.71
N ASN I 21 -21.12 14.74 -37.40
CA ASN I 21 -21.85 15.75 -38.17
C ASN I 21 -22.47 16.77 -37.24
N LYS I 22 -23.07 16.29 -36.15
CA LYS I 22 -23.65 17.20 -35.18
C LYS I 22 -22.61 18.17 -34.64
N LEU I 23 -21.42 17.70 -34.32
CA LEU I 23 -20.42 18.66 -33.92
C LEU I 23 -20.14 19.68 -35.01
N PHE I 24 -19.99 19.22 -36.24
CA PHE I 24 -19.74 20.14 -37.35
C PHE I 24 -20.88 21.15 -37.54
N GLU I 25 -22.13 20.70 -37.36
CA GLU I 25 -23.29 21.60 -37.43
C GLU I 25 -23.14 22.74 -36.45
N GLU I 26 -22.42 22.55 -35.34
CA GLU I 26 -22.07 23.66 -34.47
C GLU I 26 -20.67 24.20 -34.72
N ARG I 27 -20.16 24.06 -35.96
CA ARG I 27 -18.91 24.70 -36.42
C ARG I 27 -17.72 24.18 -35.64
N ILE I 28 -17.76 22.89 -35.25
CA ILE I 28 -16.70 22.18 -34.52
C ILE I 28 -16.08 21.11 -35.39
N ILE I 29 -14.78 21.23 -35.62
CA ILE I 29 -13.93 20.30 -36.34
C ILE I 29 -13.12 19.48 -35.34
N PHE I 30 -12.95 18.19 -35.61
CA PHE I 30 -12.21 17.32 -34.70
C PHE I 30 -10.89 17.00 -35.36
N LEU I 31 -9.81 17.26 -34.65
CA LEU I 31 -8.48 16.88 -35.12
C LEU I 31 -7.93 15.80 -34.19
N GLY I 32 -8.22 14.55 -34.54
CA GLY I 32 -7.87 13.55 -33.57
C GLY I 32 -7.08 12.35 -34.03
N VAL I 33 -6.46 12.44 -35.19
CA VAL I 33 -5.70 11.35 -35.78
C VAL I 33 -4.34 12.02 -35.87
N GLN I 34 -3.42 11.39 -36.56
CA GLN I 34 -2.16 12.02 -36.87
C GLN I 34 -2.39 12.92 -38.09
N VAL I 35 -1.86 14.15 -38.01
CA VAL I 35 -1.78 15.10 -39.11
C VAL I 35 -0.91 14.47 -40.20
N ASP I 36 -1.53 13.74 -41.11
CA ASP I 36 -0.84 13.31 -42.30
C ASP I 36 -1.49 14.07 -43.45
N ASP I 37 -1.14 13.69 -44.69
CA ASP I 37 -1.54 14.47 -45.85
C ASP I 37 -3.04 14.39 -46.07
N ALA I 38 -3.61 13.20 -45.93
CA ALA I 38 -5.05 13.08 -45.91
C ALA I 38 -5.64 13.98 -44.82
N SER I 39 -5.27 13.69 -43.60
CA SER I 39 -5.79 14.46 -42.49
C SER I 39 -5.78 15.95 -42.78
N ALA I 40 -4.74 16.45 -43.43
CA ALA I 40 -4.61 17.89 -43.64
C ALA I 40 -5.60 18.38 -44.66
N ASN I 41 -5.72 17.66 -45.76
CA ASN I 41 -6.68 18.10 -46.74
C ASN I 41 -8.10 18.07 -46.15
N ASP I 42 -8.47 16.99 -45.47
CA ASP I 42 -9.83 16.96 -44.94
C ASP I 42 -10.10 18.17 -44.04
N ILE I 43 -9.11 18.61 -43.24
CA ILE I 43 -9.30 19.71 -42.26
C ILE I 43 -9.31 21.09 -42.91
N MET I 44 -8.55 21.31 -43.95
CA MET I 44 -8.70 22.56 -44.67
C MET I 44 -10.08 22.65 -45.30
N ALA I 45 -10.50 21.58 -45.96
CA ALA I 45 -11.82 21.56 -46.55
C ALA I 45 -12.90 21.82 -45.51
N GLN I 46 -12.80 21.21 -44.34
CA GLN I 46 -13.78 21.60 -43.33
C GLN I 46 -13.65 23.08 -42.95
N LEU I 47 -12.43 23.57 -42.75
CA LEU I 47 -12.33 24.95 -42.32
C LEU I 47 -12.97 25.86 -43.35
N LEU I 48 -12.59 25.66 -44.62
CA LEU I 48 -13.04 26.51 -45.70
C LEU I 48 -14.56 26.42 -45.85
N VAL I 49 -15.14 25.24 -45.67
CA VAL I 49 -16.58 25.13 -45.75
C VAL I 49 -17.25 25.94 -44.63
N LEU I 50 -16.76 25.86 -43.39
CA LEU I 50 -17.43 26.60 -42.31
C LEU I 50 -17.28 28.10 -42.50
N GLU I 51 -16.21 28.52 -43.16
CA GLU I 51 -16.00 29.92 -43.56
C GLU I 51 -17.03 30.36 -44.58
N SER I 52 -17.38 29.46 -45.51
CA SER I 52 -18.36 29.81 -46.54
C SER I 52 -19.77 29.82 -46.00
N LEU I 53 -20.12 28.81 -45.17
CA LEU I 53 -21.48 28.69 -44.65
C LEU I 53 -21.82 29.93 -43.82
N ASP I 54 -20.81 30.45 -43.07
CA ASP I 54 -20.97 31.65 -42.24
C ASP I 54 -19.61 32.18 -41.76
N PRO I 55 -19.08 33.26 -42.34
CA PRO I 55 -17.76 33.75 -41.89
C PRO I 55 -17.71 34.57 -40.60
N ASP I 56 -18.84 34.87 -39.97
CA ASP I 56 -18.82 35.77 -38.82
C ASP I 56 -18.98 35.03 -37.51
N ARG I 57 -19.19 33.71 -37.57
CA ARG I 57 -19.30 32.88 -36.38
C ARG I 57 -18.01 32.09 -36.26
N ASP I 58 -17.70 31.75 -35.02
CA ASP I 58 -16.42 31.16 -34.72
C ASP I 58 -16.36 29.72 -35.21
N ILE I 59 -15.16 29.26 -35.48
CA ILE I 59 -14.89 27.85 -35.72
C ILE I 59 -14.13 27.33 -34.51
N THR I 60 -14.41 26.11 -34.11
CA THR I 60 -13.73 25.53 -32.98
C THR I 60 -13.05 24.24 -33.40
N MET I 61 -11.81 24.08 -33.03
CA MET I 61 -11.05 22.87 -33.25
C MET I 61 -10.64 22.18 -31.96
N TYR I 62 -11.22 20.98 -31.75
CA TYR I 62 -10.82 20.02 -30.72
C TYR I 62 -9.60 19.25 -31.17
N ILE I 63 -8.69 19.01 -30.25
CA ILE I 63 -7.41 18.43 -30.56
C ILE I 63 -7.11 17.34 -29.57
N ASN I 64 -6.92 16.08 -30.07
CA ASN I 64 -6.45 14.94 -29.29
C ASN I 64 -5.50 14.26 -30.29
N SER I 65 -4.29 14.78 -30.42
CA SER I 65 -3.47 14.37 -31.54
C SER I 65 -1.99 14.30 -31.22
N PRO I 66 -1.29 13.27 -31.74
CA PRO I 66 0.09 13.09 -31.37
C PRO I 66 0.98 13.93 -32.27
N GLY I 67 0.37 14.71 -33.16
CA GLY I 67 1.14 15.54 -34.07
C GLY I 67 1.02 15.14 -35.52
N GLY I 68 2.01 15.40 -36.38
CA GLY I 68 1.94 14.97 -37.76
C GLY I 68 3.00 15.64 -38.62
N GLY I 69 2.85 15.45 -39.93
CA GLY I 69 3.87 15.94 -40.85
C GLY I 69 4.06 17.46 -40.82
N PHE I 70 5.15 17.88 -41.44
CA PHE I 70 5.44 19.29 -41.38
C PHE I 70 4.78 20.14 -42.47
N THR I 71 4.83 19.74 -43.74
CA THR I 71 4.09 20.54 -44.72
C THR I 71 2.61 20.48 -44.42
N SER I 72 2.19 19.39 -43.79
CA SER I 72 0.79 19.27 -43.44
C SER I 72 0.42 20.27 -42.37
N LEU I 73 1.33 20.48 -41.42
CA LEU I 73 1.07 21.49 -40.41
C LEU I 73 0.87 22.87 -41.00
N MET I 74 1.77 23.31 -41.84
CA MET I 74 1.71 24.70 -42.22
C MET I 74 0.52 25.00 -43.11
N ALA I 75 0.03 23.98 -43.86
CA ALA I 75 -1.22 24.14 -44.59
C ALA I 75 -2.34 24.46 -43.63
N ILE I 76 -2.52 23.61 -42.63
CA ILE I 76 -3.60 23.81 -41.65
C ILE I 76 -3.40 25.14 -40.97
N TYR I 77 -2.17 25.42 -40.58
CA TYR I 77 -1.87 26.67 -39.91
C TYR I 77 -2.30 27.83 -40.81
N ASP I 78 -1.84 27.83 -42.07
CA ASP I 78 -2.16 28.99 -42.93
C ASP I 78 -3.63 29.12 -43.19
N THR I 79 -4.33 28.01 -43.33
CA THR I 79 -5.76 28.12 -43.53
C THR I 79 -6.39 28.75 -42.30
N MET I 80 -6.03 28.29 -41.10
CA MET I 80 -6.53 28.90 -39.87
C MET I 80 -6.36 30.41 -39.78
N GLN I 81 -5.22 30.93 -40.18
CA GLN I 81 -5.05 32.36 -40.06
C GLN I 81 -5.78 33.10 -41.19
N TYR I 82 -5.89 32.50 -42.38
CA TYR I 82 -6.41 33.18 -43.59
C TYR I 82 -7.91 33.39 -43.54
N VAL I 83 -8.62 32.37 -43.10
CA VAL I 83 -10.05 32.40 -42.85
C VAL I 83 -10.46 33.63 -42.06
N ARG I 84 -11.60 34.24 -42.41
CA ARG I 84 -12.04 35.45 -41.67
C ARG I 84 -12.50 35.11 -40.26
N ALA I 85 -13.12 33.97 -40.07
CA ALA I 85 -13.69 33.66 -38.78
C ALA I 85 -12.63 33.41 -37.69
N ASP I 86 -13.02 33.74 -36.45
CA ASP I 86 -12.21 33.38 -35.28
C ASP I 86 -12.16 31.88 -35.12
N ILE I 87 -11.09 31.38 -34.51
CA ILE I 87 -10.91 29.95 -34.29
C ILE I 87 -10.67 29.73 -32.80
N GLN I 88 -11.56 28.99 -32.16
CA GLN I 88 -11.37 28.52 -30.80
C GLN I 88 -10.64 27.19 -30.93
N THR I 89 -9.49 27.02 -30.27
CA THR I 89 -8.82 25.74 -30.20
C THR I 89 -8.95 25.21 -28.80
N VAL I 90 -9.21 23.92 -28.64
CA VAL I 90 -9.42 23.27 -27.36
C VAL I 90 -8.61 21.98 -27.35
N CYS I 91 -7.78 21.75 -26.36
CA CYS I 91 -7.04 20.50 -26.31
C CYS I 91 -7.61 19.60 -25.22
N LEU I 92 -8.15 18.43 -25.61
CA LEU I 92 -8.62 17.42 -24.66
C LEU I 92 -7.53 16.38 -24.57
N GLY I 93 -7.14 15.95 -23.39
CA GLY I 93 -6.11 14.92 -23.43
C GLY I 93 -4.73 15.25 -24.01
N GLN I 94 -4.50 15.34 -25.31
CA GLN I 94 -3.12 15.69 -25.65
C GLN I 94 -3.06 16.44 -26.96
N ALA I 95 -2.08 17.36 -27.09
CA ALA I 95 -1.73 18.08 -28.32
C ALA I 95 -0.21 18.10 -28.41
N ALA I 96 0.37 17.27 -29.27
CA ALA I 96 1.83 17.15 -29.30
C ALA I 96 2.41 17.54 -30.64
N SER I 97 3.69 17.95 -30.61
CA SER I 97 4.50 18.19 -31.82
C SER I 97 3.77 19.29 -32.67
N ALA I 98 3.38 18.93 -33.91
CA ALA I 98 2.69 19.88 -34.77
C ALA I 98 1.41 20.33 -34.12
N ALA I 99 0.76 19.39 -33.45
CA ALA I 99 -0.54 19.66 -32.92
C ALA I 99 -0.40 20.67 -31.85
N ALA I 100 0.76 20.70 -31.21
CA ALA I 100 0.92 21.70 -30.19
C ALA I 100 0.95 23.09 -30.78
N VAL I 101 1.50 23.23 -31.98
CA VAL I 101 1.62 24.53 -32.60
C VAL I 101 0.26 25.02 -33.00
N LEU I 102 -0.60 24.09 -33.44
CA LEU I 102 -1.98 24.40 -33.84
C LEU I 102 -2.84 24.83 -32.66
N LEU I 103 -2.62 24.27 -31.47
CA LEU I 103 -3.34 24.76 -30.30
C LEU I 103 -2.98 26.21 -30.02
N ALA I 104 -1.69 26.54 -30.08
CA ALA I 104 -1.27 27.91 -29.82
C ALA I 104 -1.70 28.86 -30.94
N ALA I 105 -1.92 28.35 -32.15
CA ALA I 105 -2.27 29.16 -33.29
C ALA I 105 -3.75 29.53 -33.30
N GLY I 106 -4.48 29.13 -32.25
CA GLY I 106 -5.85 29.61 -32.06
C GLY I 106 -5.91 31.11 -31.84
N THR I 107 -7.22 31.79 -32.10
CA THR I 107 -7.19 33.26 -32.04
C THR I 107 -7.14 33.66 -30.57
N PRO I 108 -6.37 34.68 -30.20
CA PRO I 108 -6.12 34.91 -28.77
C PRO I 108 -7.36 35.05 -27.89
N GLY I 109 -7.27 34.46 -26.73
CA GLY I 109 -8.36 34.43 -25.81
C GLY I 109 -9.24 33.22 -25.96
N LYS I 110 -9.15 32.52 -27.07
CA LYS I 110 -10.04 31.40 -27.34
C LYS I 110 -9.23 30.11 -27.48
N ARG I 111 -8.07 30.01 -26.82
CA ARG I 111 -7.28 28.78 -26.77
C ARG I 111 -7.37 28.20 -25.36
N MET I 112 -7.88 26.98 -25.23
CA MET I 112 -8.10 26.42 -23.90
C MET I 112 -7.77 24.94 -23.92
N ALA I 113 -7.68 24.35 -22.74
CA ALA I 113 -7.43 22.91 -22.67
C ALA I 113 -8.11 22.47 -21.42
N LEU I 114 -8.62 21.22 -21.44
CA LEU I 114 -9.15 20.55 -20.28
C LEU I 114 -8.00 20.31 -19.33
N PRO I 115 -8.32 20.13 -18.03
CA PRO I 115 -7.31 20.29 -16.96
C PRO I 115 -6.25 19.22 -16.95
N ASN I 116 -6.60 18.01 -17.29
CA ASN I 116 -5.66 16.92 -17.34
C ASN I 116 -5.07 16.76 -18.74
N ALA I 117 -5.20 17.76 -19.60
CA ALA I 117 -4.48 17.63 -20.87
C ALA I 117 -2.99 17.82 -20.64
N ARG I 118 -2.21 17.19 -21.52
CA ARG I 118 -0.76 17.32 -21.53
C ARG I 118 -0.47 17.94 -22.92
N VAL I 119 0.60 18.74 -23.01
CA VAL I 119 1.06 19.40 -24.23
C VAL I 119 2.53 19.12 -24.38
N LEU I 120 2.94 18.62 -25.50
CA LEU I 120 4.31 18.27 -25.70
C LEU I 120 4.83 19.04 -26.86
N ILE I 121 6.04 19.53 -26.73
CA ILE I 121 6.71 20.27 -27.78
C ILE I 121 8.14 19.78 -28.00
N HIS I 122 8.48 19.46 -29.25
CA HIS I 122 9.84 19.06 -29.61
C HIS I 122 10.03 19.53 -31.05
N GLN I 123 11.28 19.59 -31.49
CA GLN I 123 11.71 20.07 -32.80
C GLN I 123 11.56 18.96 -33.82
N PRO I 124 11.32 19.30 -35.08
CA PRO I 124 11.08 18.26 -36.09
C PRO I 124 12.10 17.15 -36.01
N SER I 125 11.61 15.90 -36.08
CA SER I 125 12.48 14.73 -36.17
C SER I 125 12.22 14.00 -37.48
N LEU I 126 13.06 13.05 -37.82
CA LEU I 126 12.83 12.30 -39.03
C LEU I 126 12.94 10.85 -38.61
N SER I 127 11.80 10.13 -38.62
CA SER I 127 11.82 8.75 -38.14
C SER I 127 12.54 7.86 -39.14
N GLY I 128 12.34 8.14 -40.44
CA GLY I 128 12.95 7.39 -41.52
C GLY I 128 14.44 7.64 -41.63
N VAL I 129 15.00 7.17 -42.73
CA VAL I 129 16.32 7.56 -43.20
C VAL I 129 16.09 8.15 -44.57
N ILE I 130 16.70 9.27 -44.88
CA ILE I 130 16.64 9.67 -46.27
C ILE I 130 18.06 9.70 -46.77
N GLN I 131 18.26 9.07 -47.95
CA GLN I 131 19.50 8.58 -48.50
C GLN I 131 19.79 9.42 -49.73
N GLY I 132 21.08 9.60 -50.03
CA GLY I 132 21.45 10.31 -51.24
C GLY I 132 22.92 10.62 -51.32
N GLN I 133 23.27 11.23 -52.46
CA GLN I 133 24.60 11.78 -52.62
C GLN I 133 24.67 12.87 -51.59
N PHE I 134 25.89 13.25 -51.13
CA PHE I 134 25.97 14.28 -50.08
C PHE I 134 25.38 15.59 -50.61
N SER I 135 25.54 15.85 -51.91
CA SER I 135 24.95 17.07 -52.44
C SER I 135 23.47 17.20 -52.14
N ASP I 136 22.76 16.10 -52.26
CA ASP I 136 21.34 16.06 -52.03
C ASP I 136 20.98 16.10 -50.56
N LEU I 137 21.74 15.40 -49.73
CA LEU I 137 21.44 15.42 -48.32
C LEU I 137 21.82 16.77 -47.74
N GLU I 138 22.82 17.42 -48.30
CA GLU I 138 23.08 18.77 -47.83
C GLU I 138 21.87 19.66 -48.04
N ILE I 139 21.11 19.44 -49.13
CA ILE I 139 19.95 20.29 -49.44
C ILE I 139 18.77 20.03 -48.52
N GLN I 140 18.43 18.75 -48.34
CA GLN I 140 17.38 18.37 -47.41
C GLN I 140 17.78 18.81 -46.00
N ALA I 141 19.06 18.62 -45.65
CA ALA I 141 19.52 18.99 -44.32
C ALA I 141 19.35 20.46 -44.10
N ALA I 142 19.44 21.25 -45.17
CA ALA I 142 19.25 22.68 -45.05
C ALA I 142 17.81 23.03 -44.86
N GLU I 143 16.93 22.35 -45.58
CA GLU I 143 15.51 22.57 -45.44
C GLU I 143 15.00 22.08 -44.08
N ILE I 144 15.49 20.93 -43.61
CA ILE I 144 15.06 20.47 -42.28
C ILE I 144 15.34 21.54 -41.23
N GLU I 145 16.44 22.27 -41.36
CA GLU I 145 16.78 23.35 -40.43
C GLU I 145 15.91 24.57 -40.62
N ARG I 146 15.58 24.91 -41.86
CA ARG I 146 14.64 26.01 -42.06
C ARG I 146 13.26 25.68 -41.47
N MET I 147 12.80 24.42 -41.65
CA MET I 147 11.54 23.94 -41.05
C MET I 147 11.63 24.05 -39.53
N ARG I 148 12.75 23.66 -38.93
CA ARG I 148 12.86 23.81 -37.49
C ARG I 148 12.72 25.26 -37.07
N THR I 149 13.48 26.16 -37.67
CA THR I 149 13.33 27.52 -37.19
C THR I 149 11.95 28.09 -37.50
N LEU I 150 11.27 27.59 -38.54
CA LEU I 150 9.93 28.09 -38.78
C LEU I 150 8.95 27.61 -37.72
N MET I 151 9.13 26.39 -37.23
CA MET I 151 8.33 26.00 -36.09
C MET I 151 8.67 26.91 -34.89
N GLU I 152 9.93 27.29 -34.73
CA GLU I 152 10.26 28.03 -33.51
C GLU I 152 9.84 29.49 -33.58
N THR I 153 9.87 30.12 -34.74
CA THR I 153 9.45 31.52 -34.76
C THR I 153 7.93 31.60 -34.75
N THR I 154 7.24 30.65 -35.36
CA THR I 154 5.80 30.82 -35.28
C THR I 154 5.30 30.51 -33.88
N LEU I 155 5.95 29.60 -33.15
CA LEU I 155 5.56 29.41 -31.76
C LEU I 155 5.82 30.68 -30.96
N ALA I 156 6.94 31.34 -31.21
CA ALA I 156 7.26 32.57 -30.51
C ALA I 156 6.19 33.62 -30.77
N ARG I 157 5.60 33.62 -31.95
CA ARG I 157 4.58 34.63 -32.26
C ARG I 157 3.31 34.45 -31.45
N HIS I 158 2.94 33.21 -31.17
CA HIS I 158 1.65 32.94 -30.54
C HIS I 158 1.72 32.70 -29.07
N THR I 159 2.89 32.40 -28.52
CA THR I 159 3.09 32.18 -27.09
C THR I 159 3.67 33.37 -26.34
N GLY I 160 4.33 34.28 -27.02
CA GLY I 160 4.99 35.38 -26.33
C GLY I 160 6.38 35.06 -25.84
N LYS I 161 6.83 33.82 -25.95
CA LYS I 161 8.22 33.55 -25.62
C LYS I 161 9.04 33.98 -26.82
N ASP I 162 10.28 34.37 -26.59
CA ASP I 162 11.00 34.74 -27.79
C ASP I 162 11.54 33.46 -28.40
N ALA I 163 11.97 33.53 -29.65
CA ALA I 163 12.34 32.31 -30.35
C ALA I 163 13.48 31.57 -29.67
N GLY I 164 14.39 32.31 -29.07
CA GLY I 164 15.56 31.69 -28.51
C GLY I 164 15.26 30.74 -27.39
N VAL I 165 14.19 31.00 -26.64
CA VAL I 165 13.82 30.06 -25.59
C VAL I 165 13.18 28.81 -26.18
N ILE I 166 12.21 28.96 -27.10
CA ILE I 166 11.60 27.84 -27.82
C ILE I 166 12.67 26.85 -28.25
N ARG I 167 13.77 27.34 -28.84
CA ARG I 167 14.80 26.42 -29.29
C ARG I 167 15.47 25.73 -28.10
N LYS I 168 15.62 26.41 -26.95
CA LYS I 168 16.22 25.76 -25.78
C LYS I 168 15.22 24.75 -25.22
N ASP I 169 13.94 25.11 -25.33
CA ASP I 169 12.87 24.30 -24.77
C ASP I 169 12.54 23.11 -25.62
N THR I 170 12.66 23.21 -26.94
CA THR I 170 12.35 22.06 -27.80
C THR I 170 13.56 21.23 -28.18
N ASP I 171 14.77 21.60 -27.72
CA ASP I 171 15.95 20.76 -27.95
C ASP I 171 15.70 19.32 -27.53
N ARG I 172 15.21 19.11 -26.30
CA ARG I 172 14.61 17.86 -25.88
C ARG I 172 13.13 18.09 -25.62
N ASP I 173 12.30 17.04 -25.81
CA ASP I 173 10.86 17.15 -25.65
C ASP I 173 10.48 17.80 -24.33
N LYS I 174 9.40 18.56 -24.37
CA LYS I 174 8.94 19.30 -23.22
C LYS I 174 7.45 19.16 -23.01
N ILE I 175 7.13 18.35 -22.03
CA ILE I 175 5.76 18.10 -21.65
C ILE I 175 5.33 19.18 -20.65
N LEU I 176 4.15 19.72 -20.91
CA LEU I 176 3.52 20.72 -20.08
C LEU I 176 2.10 20.31 -19.73
N THR I 177 1.70 20.44 -18.46
CA THR I 177 0.32 20.18 -18.06
C THR I 177 -0.57 21.35 -18.45
N ALA I 178 -1.87 21.12 -18.45
CA ALA I 178 -2.71 22.21 -18.93
C ALA I 178 -2.31 23.51 -18.26
N GLU I 179 -2.05 23.47 -16.93
CA GLU I 179 -1.66 24.70 -16.23
C GLU I 179 -0.29 25.19 -16.71
N GLU I 180 0.68 24.27 -16.84
CA GLU I 180 1.97 24.76 -17.29
C GLU I 180 1.83 25.39 -18.67
N ALA I 181 0.84 24.90 -19.44
CA ALA I 181 0.64 25.32 -20.82
C ALA I 181 0.04 26.71 -20.91
N LYS I 182 -0.73 27.11 -19.91
CA LYS I 182 -1.20 28.49 -19.84
C LYS I 182 -0.05 29.47 -19.48
N ASP I 183 0.80 29.13 -18.52
CA ASP I 183 1.90 30.04 -18.15
C ASP I 183 2.88 30.20 -19.30
N TYR I 184 3.06 29.12 -20.04
CA TYR I 184 3.96 29.20 -21.16
C TYR I 184 3.35 30.08 -22.23
N GLY I 185 2.04 30.07 -22.35
CA GLY I 185 1.49 30.88 -23.38
C GLY I 185 0.93 30.15 -24.57
N ILE I 186 0.74 28.84 -24.46
CA ILE I 186 0.15 28.05 -25.53
C ILE I 186 -1.36 28.17 -25.52
N ILE I 187 -1.96 28.25 -24.34
CA ILE I 187 -3.38 28.45 -24.17
C ILE I 187 -3.57 29.65 -23.27
N ASP I 188 -4.81 30.09 -23.24
CA ASP I 188 -5.26 31.24 -22.47
C ASP I 188 -6.09 30.88 -21.26
N THR I 189 -6.82 29.76 -21.27
CA THR I 189 -7.62 29.39 -20.11
C THR I 189 -7.56 27.86 -19.95
N VAL I 190 -7.74 27.39 -18.70
CA VAL I 190 -7.97 25.98 -18.36
C VAL I 190 -9.47 25.82 -18.02
N LEU I 191 -10.15 24.92 -18.74
CA LEU I 191 -11.59 24.72 -18.55
C LEU I 191 -11.84 24.16 -17.16
N GLU I 192 -12.77 24.76 -16.41
CA GLU I 192 -13.13 24.20 -15.11
C GLU I 192 -14.21 23.15 -15.38
N TYR I 193 -14.16 22.07 -14.63
CA TYR I 193 -15.26 21.12 -14.69
C TYR I 193 -16.59 21.84 -14.37
N ARG I 194 -17.49 21.87 -15.35
CA ARG I 194 -18.72 22.61 -15.14
C ARG I 194 -19.79 21.74 -14.48
N LYS I 195 -19.39 20.62 -13.88
CA LYS I 195 -20.36 19.63 -13.36
C LYS I 195 -20.72 19.92 -11.92
N LEU I 196 -22.02 19.79 -11.61
CA LEU I 196 -22.58 20.10 -10.28
C LEU I 196 -21.85 19.37 -9.12
N SER I 197 -21.45 18.11 -9.32
CA SER I 197 -20.74 17.26 -8.35
C SER I 197 -19.23 17.64 -8.29
N ILE J 2 -28.55 26.19 56.73
CA ILE J 2 -30.00 26.41 56.47
C ILE J 2 -30.57 27.72 57.13
N LEU J 3 -31.17 28.55 56.28
CA LEU J 3 -31.59 29.93 56.60
C LEU J 3 -33.04 30.29 56.28
N PRO J 4 -33.88 30.55 57.28
CA PRO J 4 -35.32 30.67 57.03
C PRO J 4 -35.64 31.94 56.24
N SER J 5 -36.84 31.89 55.61
CA SER J 5 -37.53 33.06 55.09
C SER J 5 -38.72 33.41 55.98
N PHE J 6 -39.04 34.71 56.04
CA PHE J 6 -40.11 35.19 56.90
C PHE J 6 -41.01 36.05 56.00
N ILE J 7 -42.16 36.46 56.55
CA ILE J 7 -43.22 37.05 55.75
C ILE J 7 -43.78 38.26 56.52
N GLU J 8 -43.82 39.40 55.84
CA GLU J 8 -44.38 40.64 56.34
C GLU J 8 -45.64 41.05 55.57
N HIS J 9 -46.49 41.85 56.21
CA HIS J 9 -47.76 42.20 55.63
C HIS J 9 -48.19 43.63 55.95
N SER J 10 -48.82 44.26 54.97
CA SER J 10 -49.43 45.56 55.14
C SER J 10 -50.69 45.58 54.29
N SER J 11 -51.47 46.65 54.43
CA SER J 11 -52.66 46.84 53.61
C SER J 11 -52.37 46.82 52.11
N PHE J 12 -51.11 46.88 51.71
CA PHE J 12 -50.81 46.92 50.29
C PHE J 12 -50.57 45.55 49.69
N GLY J 13 -49.99 44.63 50.45
CA GLY J 13 -49.59 43.33 49.94
C GLY J 13 -48.75 42.60 50.96
N VAL J 14 -48.50 41.33 50.65
CA VAL J 14 -47.70 40.46 51.49
C VAL J 14 -46.38 40.20 50.83
N LYS J 15 -45.32 40.36 51.60
CA LYS J 15 -43.95 40.26 51.12
C LYS J 15 -43.19 39.18 51.84
N GLU J 16 -42.60 38.26 51.07
CA GLU J 16 -41.69 37.24 51.58
C GLU J 16 -40.26 37.65 51.27
N SER J 17 -39.43 37.71 52.30
CA SER J 17 -38.02 38.04 52.15
C SER J 17 -37.28 37.29 53.25
N ASN J 18 -35.96 37.42 53.26
CA ASN J 18 -35.09 36.68 54.15
C ASN J 18 -34.29 37.70 54.95
N PRO J 19 -33.44 37.26 55.86
CA PRO J 19 -32.82 38.23 56.76
C PRO J 19 -31.90 39.19 56.09
N TYR J 20 -31.26 38.80 55.00
CA TYR J 20 -30.36 39.75 54.39
C TYR J 20 -31.11 40.74 53.51
N ASN J 21 -32.22 40.33 52.88
CA ASN J 21 -33.00 41.31 52.12
C ASN J 21 -33.58 42.37 53.04
N LYS J 22 -34.14 41.93 54.18
CA LYS J 22 -34.68 42.87 55.18
C LYS J 22 -33.54 43.76 55.69
N LEU J 23 -32.38 43.21 55.92
CA LEU J 23 -31.27 44.09 56.30
C LEU J 23 -30.97 45.12 55.21
N PHE J 24 -31.04 44.71 53.93
CA PHE J 24 -30.82 45.64 52.84
C PHE J 24 -31.91 46.71 52.83
N GLU J 25 -33.13 46.33 53.18
CA GLU J 25 -34.23 47.29 53.22
C GLU J 25 -33.93 48.47 54.16
N GLU J 26 -33.24 48.25 55.26
CA GLU J 26 -32.89 49.41 56.07
C GLU J 26 -31.48 49.92 55.81
N ARG J 27 -30.94 49.62 54.65
CA ARG J 27 -29.73 50.24 54.17
C ARG J 27 -28.52 49.75 54.95
N ILE J 28 -28.60 48.48 55.32
CA ILE J 28 -27.54 47.75 56.00
C ILE J 28 -26.94 46.73 55.03
N ILE J 29 -25.69 46.91 54.69
CA ILE J 29 -24.92 45.94 53.91
C ILE J 29 -24.11 45.09 54.86
N PHE J 30 -24.02 43.80 54.57
CA PHE J 30 -23.29 42.90 55.45
C PHE J 30 -22.00 42.51 54.75
N LEU J 31 -20.90 42.67 55.47
CA LEU J 31 -19.56 42.31 55.01
C LEU J 31 -18.99 41.28 55.95
N GLY J 32 -19.27 40.01 55.69
CA GLY J 32 -18.97 38.93 56.61
C GLY J 32 -18.22 37.75 56.06
N VAL J 33 -17.54 37.93 54.95
CA VAL J 33 -16.77 36.86 54.34
C VAL J 33 -15.39 37.46 54.18
N GLN J 34 -14.49 36.77 53.48
CA GLN J 34 -13.22 37.34 53.05
C GLN J 34 -13.42 38.21 51.80
N VAL J 35 -12.83 39.42 51.85
CA VAL J 35 -12.80 40.39 50.78
C VAL J 35 -11.97 39.82 49.65
N ASP J 36 -12.60 39.14 48.70
CA ASP J 36 -11.95 38.73 47.48
C ASP J 36 -12.53 39.50 46.31
N ASP J 37 -12.16 39.13 45.09
CA ASP J 37 -12.63 39.94 43.98
C ASP J 37 -14.14 39.91 43.89
N ALA J 38 -14.74 38.76 44.10
CA ALA J 38 -16.19 38.63 44.09
C ALA J 38 -16.83 39.52 45.14
N SER J 39 -16.48 39.27 46.39
CA SER J 39 -17.06 40.01 47.47
C SER J 39 -17.05 41.50 47.20
N ALA J 40 -15.96 41.99 46.62
CA ALA J 40 -15.82 43.42 46.45
C ALA J 40 -16.87 43.95 45.50
N ASN J 41 -17.03 43.24 44.40
CA ASN J 41 -17.96 43.67 43.38
C ASN J 41 -19.39 43.61 43.92
N ASP J 42 -19.74 42.52 44.62
CA ASP J 42 -21.06 42.42 45.24
C ASP J 42 -21.26 43.57 46.24
N ILE J 43 -20.19 43.99 46.93
CA ILE J 43 -20.39 45.06 47.89
C ILE J 43 -20.49 46.42 47.20
N MET J 44 -19.69 46.65 46.15
CA MET J 44 -19.78 47.92 45.42
C MET J 44 -21.13 48.05 44.76
N ALA J 45 -21.62 46.96 44.20
CA ALA J 45 -22.95 47.00 43.63
C ALA J 45 -23.96 47.42 44.67
N GLN J 46 -23.91 46.81 45.86
CA GLN J 46 -24.89 47.21 46.87
C GLN J 46 -24.74 48.68 47.25
N LEU J 47 -23.51 49.13 47.48
CA LEU J 47 -23.32 50.50 47.91
C LEU J 47 -23.86 51.46 46.88
N LEU J 48 -23.60 51.17 45.60
CA LEU J 48 -24.04 52.07 44.57
C LEU J 48 -25.56 52.10 44.50
N VAL J 49 -26.17 50.93 44.64
CA VAL J 49 -27.63 50.81 44.57
C VAL J 49 -28.26 51.56 45.73
N LEU J 50 -27.75 51.35 46.95
CA LEU J 50 -28.37 52.05 48.06
C LEU J 50 -28.21 53.56 47.90
N GLU J 51 -27.14 54.00 47.24
CA GLU J 51 -26.90 55.41 46.94
C GLU J 51 -27.91 55.96 45.94
N SER J 52 -28.28 55.14 44.95
CA SER J 52 -29.23 55.64 43.98
C SER J 52 -30.63 55.73 44.55
N LEU J 53 -31.05 54.71 45.33
CA LEU J 53 -32.42 54.66 45.85
C LEU J 53 -32.70 55.86 46.75
N ASP J 54 -31.67 56.32 47.50
CA ASP J 54 -31.78 57.46 48.42
C ASP J 54 -30.43 57.94 48.93
N PRO J 55 -29.85 58.99 48.35
CA PRO J 55 -28.54 59.48 48.80
C PRO J 55 -28.54 60.32 50.09
N ASP J 56 -29.69 60.55 50.69
CA ASP J 56 -29.78 61.43 51.84
C ASP J 56 -29.87 60.67 53.16
N ARG J 57 -29.93 59.33 53.13
CA ARG J 57 -30.03 58.50 54.32
C ARG J 57 -28.71 57.79 54.51
N ASP J 58 -28.49 57.30 55.74
CA ASP J 58 -27.22 56.65 56.05
C ASP J 58 -27.24 55.26 55.44
N ILE J 59 -26.04 54.74 55.11
CA ILE J 59 -25.81 53.34 54.78
C ILE J 59 -24.97 52.72 55.90
N THR J 60 -25.35 51.53 56.31
CA THR J 60 -24.62 50.85 57.36
C THR J 60 -24.02 49.56 56.87
N MET J 61 -22.74 49.36 57.19
CA MET J 61 -22.01 48.15 56.85
C MET J 61 -21.61 47.49 58.13
N TYR J 62 -22.18 46.30 58.39
CA TYR J 62 -21.76 45.41 59.47
C TYR J 62 -20.51 44.67 58.99
N ILE J 63 -19.57 44.50 59.90
CA ILE J 63 -18.28 43.91 59.57
C ILE J 63 -17.93 42.84 60.60
N ASN J 64 -17.82 41.56 60.12
CA ASN J 64 -17.23 40.41 60.85
C ASN J 64 -16.42 39.72 59.72
N SER J 65 -15.22 40.22 59.46
CA SER J 65 -14.45 39.79 58.30
C SER J 65 -12.93 39.73 58.55
N PRO J 66 -12.28 38.73 58.11
CA PRO J 66 -10.84 38.53 58.42
C PRO J 66 -9.90 39.31 57.54
N GLY J 67 -10.39 40.22 56.70
CA GLY J 67 -9.59 41.00 55.77
C GLY J 67 -9.79 40.57 54.32
N GLY J 68 -8.78 40.83 53.51
CA GLY J 68 -8.88 40.38 52.14
C GLY J 68 -7.88 41.10 51.26
N GLY J 69 -8.06 40.94 49.96
CA GLY J 69 -7.09 41.47 49.02
C GLY J 69 -6.92 42.98 49.11
N PHE J 70 -5.85 43.44 48.45
CA PHE J 70 -5.52 44.85 48.56
C PHE J 70 -6.30 45.70 47.54
N THR J 71 -6.29 45.30 46.26
CA THR J 71 -7.03 46.06 45.25
C THR J 71 -8.53 45.95 45.47
N SER J 72 -8.97 44.88 46.12
CA SER J 72 -10.36 44.73 46.53
C SER J 72 -10.70 45.70 47.65
N LEU J 73 -9.77 45.93 48.57
CA LEU J 73 -9.99 46.89 49.64
C LEU J 73 -10.16 48.32 49.13
N MET J 74 -9.24 48.79 48.32
CA MET J 74 -9.31 50.20 47.93
C MET J 74 -10.47 50.49 47.01
N ALA J 75 -11.02 49.47 46.31
CA ALA J 75 -12.27 49.62 45.57
C ALA J 75 -13.41 49.95 46.53
N ILE J 76 -13.60 49.09 47.52
CA ILE J 76 -14.66 49.32 48.50
C ILE J 76 -14.45 50.65 49.20
N TYR J 77 -13.21 50.94 49.58
CA TYR J 77 -12.95 52.21 50.26
C TYR J 77 -13.33 53.38 49.35
N ASP J 78 -12.87 53.35 48.11
CA ASP J 78 -13.19 54.47 47.23
C ASP J 78 -14.70 54.60 47.06
N THR J 79 -15.40 53.49 46.93
CA THR J 79 -16.85 53.54 46.81
C THR J 79 -17.49 54.09 48.07
N MET J 80 -17.05 53.62 49.23
CA MET J 80 -17.57 54.18 50.47
C MET J 80 -17.46 55.68 50.51
N GLN J 81 -16.28 56.21 50.17
CA GLN J 81 -16.04 57.66 50.30
C GLN J 81 -16.65 58.45 49.14
N TYR J 82 -16.73 57.83 47.96
CA TYR J 82 -17.28 58.50 46.80
C TYR J 82 -18.79 58.61 46.87
N VAL J 83 -19.49 57.58 47.33
CA VAL J 83 -20.93 57.69 47.56
C VAL J 83 -21.28 58.91 48.41
N ARG J 84 -22.43 59.54 48.09
CA ARG J 84 -22.88 60.75 48.79
C ARG J 84 -23.38 60.45 50.19
N ALA J 85 -24.06 59.34 50.38
CA ALA J 85 -24.61 59.04 51.68
C ALA J 85 -23.50 58.86 52.70
N ASP J 86 -23.82 59.21 53.94
CA ASP J 86 -22.95 58.87 55.07
C ASP J 86 -22.92 57.35 55.23
N ILE J 87 -21.83 56.87 55.81
CA ILE J 87 -21.66 55.44 55.97
C ILE J 87 -21.34 55.18 57.43
N GLN J 88 -22.18 54.34 58.07
CA GLN J 88 -21.96 53.80 59.42
C GLN J 88 -21.25 52.44 59.30
N THR J 89 -20.08 52.32 59.90
CA THR J 89 -19.36 51.05 59.96
C THR J 89 -19.52 50.55 61.38
N VAL J 90 -19.80 49.25 61.51
CA VAL J 90 -20.04 48.61 62.81
C VAL J 90 -19.31 47.28 62.82
N CYS J 91 -18.49 47.04 63.84
CA CYS J 91 -17.71 45.81 63.93
C CYS J 91 -18.35 44.85 64.91
N LEU J 92 -18.77 43.69 64.42
CA LEU J 92 -19.20 42.61 65.28
C LEU J 92 -18.09 41.57 65.31
N GLY J 93 -17.77 41.07 66.47
CA GLY J 93 -16.72 40.07 66.48
C GLY J 93 -15.34 40.46 65.98
N GLN J 94 -15.13 40.64 64.68
CA GLN J 94 -13.76 40.98 64.25
C GLN J 94 -13.74 41.73 62.94
N ALA J 95 -12.74 42.62 62.79
CA ALA J 95 -12.40 43.31 61.53
C ALA J 95 -10.88 43.33 61.40
N ALA J 96 -10.32 42.52 60.52
CA ALA J 96 -8.86 42.40 60.52
C ALA J 96 -8.26 42.80 59.19
N SER J 97 -7.05 43.34 59.22
CA SER J 97 -6.27 43.63 58.01
C SER J 97 -7.07 44.54 57.11
N ALA J 98 -7.44 44.14 55.90
CA ALA J 98 -8.21 45.03 55.05
C ALA J 98 -9.48 45.48 55.76
N ALA J 99 -10.12 44.55 56.48
CA ALA J 99 -11.41 44.82 57.07
C ALA J 99 -11.26 45.81 58.19
N ALA J 100 -10.08 45.85 58.79
CA ALA J 100 -9.92 46.82 59.85
C ALA J 100 -9.92 48.24 59.35
N VAL J 101 -9.42 48.47 58.14
CA VAL J 101 -9.39 49.81 57.55
C VAL J 101 -10.77 50.28 57.14
N LEU J 102 -11.58 49.36 56.65
CA LEU J 102 -12.91 49.75 56.24
C LEU J 102 -13.70 50.24 57.45
N LEU J 103 -13.47 49.65 58.60
CA LEU J 103 -14.18 50.14 59.78
C LEU J 103 -13.80 51.58 60.08
N ALA J 104 -12.52 51.89 60.02
CA ALA J 104 -12.11 53.23 60.38
C ALA J 104 -12.53 54.28 59.33
N ALA J 105 -12.70 53.86 58.06
CA ALA J 105 -13.01 54.72 56.94
C ALA J 105 -14.51 55.02 56.89
N GLY J 106 -15.29 54.49 57.83
CA GLY J 106 -16.65 54.97 58.00
C GLY J 106 -16.69 56.45 58.35
N THR J 107 -17.87 57.13 58.15
CA THR J 107 -17.82 58.60 58.32
C THR J 107 -17.70 59.00 59.78
N PRO J 108 -16.88 60.01 60.08
CA PRO J 108 -16.61 60.31 61.48
C PRO J 108 -17.87 60.48 62.26
N GLY J 109 -17.86 59.89 63.45
CA GLY J 109 -18.96 59.92 64.40
C GLY J 109 -19.88 58.73 64.30
N LYS J 110 -19.75 57.95 63.26
CA LYS J 110 -20.64 56.83 63.02
C LYS J 110 -19.83 55.54 62.86
N ARG J 111 -18.65 55.48 63.46
CA ARG J 111 -17.87 54.26 63.47
C ARG J 111 -17.98 53.64 64.87
N MET J 112 -18.43 52.39 64.94
CA MET J 112 -18.66 51.76 66.23
C MET J 112 -18.30 50.29 66.26
N ALA J 113 -18.34 49.69 67.44
CA ALA J 113 -17.91 48.31 67.61
C ALA J 113 -18.68 47.77 68.78
N LEU J 114 -19.01 46.52 68.73
CA LEU J 114 -19.50 45.85 69.92
C LEU J 114 -18.32 45.51 70.84
N PRO J 115 -18.59 45.34 72.15
CA PRO J 115 -17.51 45.39 73.17
C PRO J 115 -16.53 44.22 73.21
N ASN J 116 -16.95 42.99 72.95
CA ASN J 116 -16.00 41.90 72.97
C ASN J 116 -15.42 41.66 71.59
N ALA J 117 -15.70 42.59 70.65
CA ALA J 117 -15.11 42.59 69.32
C ALA J 117 -13.65 42.96 69.45
N ARG J 118 -12.85 42.41 68.52
CA ARG J 118 -11.41 42.55 68.45
C ARG J 118 -11.15 43.17 67.07
N VAL J 119 -10.09 43.95 66.96
CA VAL J 119 -9.61 44.58 65.73
C VAL J 119 -8.14 44.29 65.53
N LEU J 120 -7.76 43.85 64.36
CA LEU J 120 -6.38 43.49 64.11
C LEU J 120 -5.82 44.37 63.01
N ILE J 121 -4.57 44.80 63.19
CA ILE J 121 -3.85 45.59 62.18
C ILE J 121 -2.47 45.02 61.89
N HIS J 122 -2.19 44.70 60.62
CA HIS J 122 -0.88 44.19 60.25
C HIS J 122 -0.68 44.75 58.85
N GLN J 123 0.48 44.68 58.37
CA GLN J 123 0.92 45.18 57.08
C GLN J 123 0.70 44.10 56.03
N PRO J 124 0.47 44.48 54.77
CA PRO J 124 0.21 43.48 53.73
C PRO J 124 1.19 42.33 53.77
N SER J 125 0.68 41.11 53.73
CA SER J 125 1.52 39.91 53.64
C SER J 125 1.18 39.20 52.35
N LEU J 126 2.02 38.27 51.96
CA LEU J 126 1.78 37.48 50.77
C LEU J 126 1.90 36.03 51.13
N SER J 127 0.78 35.30 51.12
CA SER J 127 0.87 33.92 51.55
C SER J 127 1.57 33.08 50.49
N GLY J 128 1.38 33.43 49.22
CA GLY J 128 1.97 32.76 48.09
C GLY J 128 3.45 33.07 47.90
N VAL J 129 3.93 32.62 46.77
CA VAL J 129 5.23 33.02 46.25
C VAL J 129 5.02 33.48 44.84
N ILE J 130 5.57 34.62 44.49
CA ILE J 130 5.53 35.05 43.10
C ILE J 130 6.96 35.03 42.58
N GLN J 131 7.11 34.49 41.37
CA GLN J 131 8.38 34.03 40.85
C GLN J 131 8.65 34.83 39.60
N GLY J 132 9.93 35.04 39.32
CA GLY J 132 10.30 35.69 38.08
C GLY J 132 11.75 36.12 38.09
N GLN J 133 12.11 36.77 36.99
CA GLN J 133 13.39 37.41 36.91
C GLN J 133 13.48 38.53 37.94
N PHE J 134 14.73 38.83 38.36
CA PHE J 134 14.91 39.81 39.42
C PHE J 134 14.33 41.13 38.99
N SER J 135 14.44 41.46 37.70
CA SER J 135 13.87 42.72 37.26
C SER J 135 12.38 42.80 37.54
N ASP J 136 11.67 41.69 37.40
CA ASP J 136 10.24 41.72 37.65
C ASP J 136 9.92 41.71 39.14
N LEU J 137 10.68 40.98 39.94
CA LEU J 137 10.39 41.03 41.35
C LEU J 137 10.76 42.39 41.91
N GLU J 138 11.81 43.04 41.36
CA GLU J 138 12.13 44.42 41.76
C GLU J 138 10.90 45.31 41.57
N ILE J 139 10.11 45.04 40.53
CA ILE J 139 8.91 45.86 40.30
C ILE J 139 7.77 45.52 41.26
N GLN J 140 7.47 44.22 41.41
CA GLN J 140 6.41 43.78 42.33
C GLN J 140 6.77 44.16 43.75
N ALA J 141 8.04 44.00 44.12
CA ALA J 141 8.46 44.35 45.48
C ALA J 141 8.27 45.83 45.75
N ALA J 142 8.50 46.64 44.74
CA ALA J 142 8.30 48.07 44.83
C ALA J 142 6.84 48.42 44.93
N GLU J 143 5.99 47.73 44.17
CA GLU J 143 4.55 47.91 44.30
C GLU J 143 4.06 47.44 45.68
N ILE J 144 4.59 46.33 46.19
CA ILE J 144 4.13 45.87 47.50
C ILE J 144 4.42 46.95 48.55
N GLU J 145 5.54 47.64 48.41
CA GLU J 145 5.84 48.70 49.37
C GLU J 145 4.95 49.91 49.18
N ARG J 146 4.61 50.25 47.93
CA ARG J 146 3.64 51.32 47.75
C ARG J 146 2.33 50.92 48.39
N MET J 147 1.91 49.67 48.19
CA MET J 147 0.70 49.23 48.85
C MET J 147 0.86 49.36 50.36
N ARG J 148 2.04 48.99 50.90
CA ARG J 148 2.19 49.07 52.35
C ARG J 148 1.97 50.47 52.85
N THR J 149 2.66 51.47 52.26
CA THR J 149 2.56 52.86 52.69
C THR J 149 1.19 53.47 52.38
N LEU J 150 0.47 53.00 51.38
CA LEU J 150 -0.88 53.51 51.24
C LEU J 150 -1.80 53.01 52.36
N MET J 151 -1.65 51.78 52.83
CA MET J 151 -2.45 51.39 53.99
C MET J 151 -2.11 52.32 55.15
N GLU J 152 -0.84 52.68 55.26
CA GLU J 152 -0.45 53.45 56.42
C GLU J 152 -0.91 54.90 56.29
N THR J 153 -0.96 55.48 55.10
CA THR J 153 -1.45 56.86 55.09
C THR J 153 -2.98 56.92 55.17
N THR J 154 -3.69 55.97 54.55
CA THR J 154 -5.13 56.10 54.69
C THR J 154 -5.53 55.79 56.11
N LEU J 155 -4.75 54.98 56.82
CA LEU J 155 -5.07 54.75 58.23
C LEU J 155 -4.85 56.01 59.04
N ALA J 156 -3.71 56.65 58.82
CA ALA J 156 -3.37 57.84 59.58
C ALA J 156 -4.38 58.94 59.37
N ARG J 157 -5.02 58.97 58.19
CA ARG J 157 -5.99 60.02 57.86
C ARG J 157 -7.26 59.89 58.70
N HIS J 158 -7.67 58.65 59.03
CA HIS J 158 -8.95 58.43 59.67
C HIS J 158 -8.90 58.15 61.15
N THR J 159 -7.74 57.81 61.72
CA THR J 159 -7.59 57.58 63.15
C THR J 159 -7.00 58.78 63.90
N GLY J 160 -6.27 59.61 63.19
CA GLY J 160 -5.52 60.66 63.85
C GLY J 160 -4.12 60.27 64.28
N LYS J 161 -3.70 59.02 64.05
CA LYS J 161 -2.29 58.76 64.30
C LYS J 161 -1.54 59.30 63.09
N ASP J 162 -0.27 59.60 63.28
CA ASP J 162 0.51 59.91 62.11
C ASP J 162 0.98 58.59 61.52
N ALA J 163 1.20 58.57 60.20
CA ALA J 163 1.55 57.33 59.50
C ALA J 163 2.78 56.65 60.10
N GLY J 164 3.68 57.41 60.71
CA GLY J 164 4.86 56.80 61.28
C GLY J 164 4.59 55.89 62.46
N VAL J 165 3.55 56.17 63.25
CA VAL J 165 3.17 55.23 64.30
C VAL J 165 2.51 54.01 63.66
N ILE J 166 1.51 54.22 62.80
CA ILE J 166 0.92 53.13 62.04
C ILE J 166 2.01 52.20 61.53
N ARG J 167 3.04 52.79 60.90
CA ARG J 167 4.11 51.95 60.34
C ARG J 167 4.82 51.17 61.45
N LYS J 168 4.94 51.74 62.65
CA LYS J 168 5.55 50.98 63.73
C LYS J 168 4.59 49.92 64.29
N ASP J 169 3.31 50.26 64.44
CA ASP J 169 2.37 49.36 65.11
C ASP J 169 2.05 48.17 64.22
N THR J 170 2.18 48.35 62.91
CA THR J 170 1.85 47.26 62.00
C THR J 170 3.04 46.41 61.60
N ASP J 171 4.25 46.73 62.08
CA ASP J 171 5.38 45.86 61.80
C ASP J 171 5.07 44.45 62.27
N ARG J 172 4.64 44.30 63.53
CA ARG J 172 4.04 43.05 64.03
C ARG J 172 2.55 43.29 64.32
N ASP J 173 1.76 42.23 64.13
CA ASP J 173 0.31 42.36 64.25
C ASP J 173 -0.03 43.13 65.52
N LYS J 174 -1.13 43.86 65.47
CA LYS J 174 -1.56 44.62 66.62
C LYS J 174 -3.04 44.43 66.79
N ILE J 175 -3.37 43.59 67.74
CA ILE J 175 -4.74 43.28 68.09
C ILE J 175 -5.20 44.25 69.15
N LEU J 176 -6.38 44.81 68.97
CA LEU J 176 -6.95 45.80 69.87
C LEU J 176 -8.40 45.47 70.18
N THR J 177 -8.79 45.58 71.44
CA THR J 177 -10.17 45.38 71.83
C THR J 177 -11.03 46.58 71.49
N ALA J 178 -12.34 46.40 71.60
CA ALA J 178 -13.20 47.48 71.15
C ALA J 178 -12.82 48.77 71.82
N GLU J 179 -12.51 48.70 73.09
CA GLU J 179 -12.12 49.90 73.80
C GLU J 179 -10.79 50.45 73.30
N GLU J 180 -9.78 49.57 73.14
CA GLU J 180 -8.46 50.04 72.69
C GLU J 180 -8.54 50.66 71.31
N ALA J 181 -9.53 50.22 70.51
CA ALA J 181 -9.75 50.71 69.13
C ALA J 181 -10.34 52.11 69.08
N LYS J 182 -11.16 52.43 70.07
CA LYS J 182 -11.68 53.76 70.22
C LYS J 182 -10.60 54.76 70.54
N ASP J 183 -9.72 54.42 71.48
CA ASP J 183 -8.66 55.34 71.86
C ASP J 183 -7.65 55.52 70.72
N TYR J 184 -7.36 54.44 69.98
CA TYR J 184 -6.45 54.52 68.84
C TYR J 184 -7.04 55.44 67.78
N GLY J 185 -8.37 55.52 67.72
CA GLY J 185 -9.06 56.34 66.77
C GLY J 185 -9.75 55.60 65.63
N ILE J 186 -9.84 54.25 65.72
CA ILE J 186 -10.42 53.40 64.68
C ILE J 186 -11.94 53.45 64.73
N ILE J 187 -12.50 53.54 65.93
CA ILE J 187 -13.93 53.70 66.15
C ILE J 187 -14.18 54.89 67.06
N ASP J 188 -15.43 55.33 67.04
CA ASP J 188 -15.82 56.51 67.78
C ASP J 188 -16.60 56.19 69.04
N THR J 189 -17.38 55.11 69.04
CA THR J 189 -18.11 54.67 70.22
C THR J 189 -18.12 53.15 70.27
N VAL J 190 -18.14 52.62 71.48
CA VAL J 190 -18.38 51.19 71.72
C VAL J 190 -19.86 51.03 72.09
N LEU J 191 -20.62 50.25 71.32
CA LEU J 191 -22.05 50.15 71.60
C LEU J 191 -22.26 49.65 73.01
N GLU J 192 -23.22 50.25 73.73
CA GLU J 192 -23.61 49.73 75.05
C GLU J 192 -24.65 48.64 74.79
N TYR J 193 -24.58 47.56 75.56
CA TYR J 193 -25.65 46.58 75.48
C TYR J 193 -26.97 47.29 75.80
N ARG J 194 -27.90 47.26 74.85
CA ARG J 194 -29.16 47.96 75.04
C ARG J 194 -30.25 47.11 75.72
N LYS J 195 -29.88 45.97 76.32
CA LYS J 195 -30.82 45.05 76.92
C LYS J 195 -31.14 45.47 78.33
N LEU J 196 -32.31 45.05 78.81
CA LEU J 196 -32.79 45.43 80.13
C LEU J 196 -32.07 44.68 81.26
N SER J 197 -31.56 43.49 80.97
CA SER J 197 -30.76 42.69 81.92
C SER J 197 -29.26 43.07 81.94
N ILE K 2 -23.69 -14.37 -50.23
CA ILE K 2 -24.88 -13.51 -50.44
C ILE K 2 -26.20 -14.08 -49.77
N LEU K 3 -26.61 -13.40 -48.70
CA LEU K 3 -27.73 -13.81 -47.84
C LEU K 3 -29.02 -13.13 -48.33
N PRO K 4 -30.02 -13.85 -48.85
CA PRO K 4 -31.12 -13.17 -49.56
C PRO K 4 -31.75 -12.21 -48.56
N SER K 5 -32.43 -11.20 -49.10
CA SER K 5 -33.42 -10.42 -48.37
C SER K 5 -34.80 -10.70 -48.96
N PHE K 6 -35.80 -10.55 -48.14
CA PHE K 6 -37.16 -10.81 -48.55
C PHE K 6 -38.03 -9.66 -48.16
N ILE K 7 -39.29 -9.68 -48.58
CA ILE K 7 -40.21 -8.57 -48.39
C ILE K 7 -41.52 -9.08 -47.80
N GLU K 8 -41.97 -8.43 -46.73
CA GLU K 8 -43.31 -8.68 -46.21
C GLU K 8 -44.27 -7.53 -46.46
N HIS K 9 -45.57 -7.84 -46.46
CA HIS K 9 -46.56 -6.84 -46.85
C HIS K 9 -47.75 -6.91 -45.91
N SER K 10 -48.25 -5.73 -45.58
CA SER K 10 -49.49 -5.63 -44.83
C SER K 10 -50.18 -4.35 -45.32
N SER K 11 -51.46 -4.19 -44.94
CA SER K 11 -52.28 -3.02 -45.28
C SER K 11 -51.66 -1.70 -44.87
N PHE K 12 -50.60 -1.76 -44.10
CA PHE K 12 -49.91 -0.59 -43.60
C PHE K 12 -48.70 -0.17 -44.41
N GLY K 13 -47.97 -1.12 -44.98
CA GLY K 13 -46.77 -0.80 -45.73
C GLY K 13 -45.95 -2.02 -46.11
N VAL K 14 -45.03 -1.81 -47.03
CA VAL K 14 -44.18 -2.86 -47.54
C VAL K 14 -42.83 -2.70 -46.88
N LYS K 15 -42.37 -3.79 -46.25
CA LYS K 15 -41.20 -3.86 -45.40
C LYS K 15 -40.19 -4.84 -46.00
N GLU K 16 -38.96 -4.36 -46.22
CA GLU K 16 -37.88 -5.20 -46.68
C GLU K 16 -36.96 -5.48 -45.52
N SER K 17 -36.73 -6.75 -45.24
CA SER K 17 -35.82 -7.13 -44.17
C SER K 17 -35.14 -8.42 -44.57
N ASN K 18 -34.26 -8.93 -43.70
CA ASN K 18 -33.46 -10.12 -43.96
C ASN K 18 -33.66 -11.17 -42.88
N PRO K 19 -33.13 -12.37 -43.07
CA PRO K 19 -33.48 -13.43 -42.13
C PRO K 19 -33.19 -13.12 -40.69
N TYR K 20 -32.13 -12.33 -40.41
CA TYR K 20 -31.77 -12.09 -39.02
C TYR K 20 -32.59 -11.02 -38.37
N ASN K 21 -33.03 -10.05 -39.19
CA ASN K 21 -33.97 -9.03 -38.76
C ASN K 21 -35.31 -9.64 -38.43
N LYS K 22 -35.79 -10.56 -39.30
CA LYS K 22 -37.07 -11.20 -39.02
C LYS K 22 -36.96 -12.03 -37.76
N LEU K 23 -35.87 -12.79 -37.61
CA LEU K 23 -35.66 -13.50 -36.35
C LEU K 23 -35.65 -12.53 -35.16
N PHE K 24 -34.96 -11.40 -35.26
CA PHE K 24 -34.99 -10.44 -34.17
C PHE K 24 -36.38 -9.87 -33.90
N GLU K 25 -37.14 -9.63 -34.98
CA GLU K 25 -38.48 -9.10 -34.83
C GLU K 25 -39.36 -10.00 -33.99
N GLU K 26 -39.15 -11.31 -34.08
CA GLU K 26 -39.76 -12.30 -33.21
C GLU K 26 -38.87 -12.66 -32.03
N ARG K 27 -37.97 -11.76 -31.62
CA ARG K 27 -37.24 -11.78 -30.33
C ARG K 27 -36.27 -12.94 -30.18
N ILE K 28 -35.74 -13.42 -31.30
CA ILE K 28 -34.78 -14.52 -31.35
C ILE K 28 -33.42 -13.91 -31.62
N ILE K 29 -32.53 -14.08 -30.69
CA ILE K 29 -31.17 -13.64 -30.84
C ILE K 29 -30.33 -14.82 -31.27
N PHE K 30 -29.43 -14.63 -32.19
CA PHE K 30 -28.58 -15.71 -32.64
C PHE K 30 -27.19 -15.51 -32.06
N LEU K 31 -26.69 -16.52 -31.37
CA LEU K 31 -25.33 -16.53 -30.85
C LEU K 31 -24.64 -17.63 -31.57
N GLY K 32 -24.14 -17.37 -32.76
CA GLY K 32 -23.64 -18.49 -33.51
C GLY K 32 -22.22 -18.37 -33.97
N VAL K 33 -21.44 -17.48 -33.34
CA VAL K 33 -20.06 -17.22 -33.72
C VAL K 33 -19.31 -17.55 -32.46
N GLN K 34 -18.00 -17.26 -32.40
CA GLN K 34 -17.25 -17.38 -31.16
C GLN K 34 -17.46 -16.10 -30.36
N VAL K 35 -17.73 -16.29 -29.07
CA VAL K 35 -17.95 -15.23 -28.10
C VAL K 35 -16.67 -14.47 -27.83
N ASP K 36 -16.42 -13.40 -28.58
CA ASP K 36 -15.36 -12.50 -28.21
C ASP K 36 -16.00 -11.20 -27.72
N ASP K 37 -15.21 -10.20 -27.43
CA ASP K 37 -15.81 -9.00 -26.86
C ASP K 37 -16.73 -8.27 -27.83
N ALA K 38 -16.35 -8.20 -29.08
CA ALA K 38 -17.33 -7.73 -30.03
C ALA K 38 -18.65 -8.50 -29.87
N SER K 39 -18.60 -9.80 -30.07
CA SER K 39 -19.81 -10.58 -30.00
C SER K 39 -20.60 -10.31 -28.74
N ALA K 40 -19.90 -10.16 -27.62
CA ALA K 40 -20.61 -10.12 -26.35
C ALA K 40 -21.38 -8.84 -26.19
N ASN K 41 -20.78 -7.74 -26.59
CA ASN K 41 -21.45 -6.46 -26.55
C ASN K 41 -22.66 -6.51 -27.51
N ASP K 42 -22.46 -7.02 -28.72
CA ASP K 42 -23.58 -7.11 -29.66
C ASP K 42 -24.74 -7.93 -29.06
N ILE K 43 -24.44 -8.98 -28.31
CA ILE K 43 -25.52 -9.77 -27.73
C ILE K 43 -26.07 -9.09 -26.49
N MET K 44 -25.23 -8.46 -25.66
CA MET K 44 -25.77 -7.79 -24.49
C MET K 44 -26.67 -6.65 -24.90
N ALA K 45 -26.25 -5.89 -25.90
CA ALA K 45 -27.11 -4.86 -26.45
C ALA K 45 -28.45 -5.41 -26.95
N GLN K 46 -28.42 -6.51 -27.70
CA GLN K 46 -29.69 -7.04 -28.18
C GLN K 46 -30.55 -7.47 -27.00
N LEU K 47 -29.97 -8.12 -25.99
CA LEU K 47 -30.82 -8.51 -24.88
C LEU K 47 -31.47 -7.30 -24.25
N LEU K 48 -30.66 -6.26 -23.98
CA LEU K 48 -31.21 -5.09 -23.30
C LEU K 48 -32.26 -4.43 -24.18
N VAL K 49 -32.04 -4.42 -25.49
CA VAL K 49 -33.03 -3.83 -26.36
C VAL K 49 -34.31 -4.63 -26.35
N LEU K 50 -34.23 -5.96 -26.38
CA LEU K 50 -35.49 -6.72 -26.39
C LEU K 50 -36.26 -6.56 -25.09
N GLU K 51 -35.56 -6.26 -24.01
CA GLU K 51 -36.25 -6.02 -22.74
C GLU K 51 -36.96 -4.68 -22.73
N SER K 52 -36.43 -3.71 -23.44
CA SER K 52 -37.11 -2.41 -23.54
C SER K 52 -38.38 -2.44 -24.39
N LEU K 53 -38.36 -3.10 -25.55
CA LEU K 53 -39.57 -3.08 -26.37
C LEU K 53 -40.71 -3.75 -25.63
N ASP K 54 -40.39 -4.80 -24.83
CA ASP K 54 -41.40 -5.54 -24.09
C ASP K 54 -40.83 -6.54 -23.09
N PRO K 55 -40.87 -6.27 -21.80
CA PRO K 55 -40.27 -7.21 -20.85
C PRO K 55 -41.16 -8.39 -20.50
N ASP K 56 -42.41 -8.43 -20.96
CA ASP K 56 -43.33 -9.49 -20.59
C ASP K 56 -43.41 -10.55 -21.66
N ARG K 57 -42.54 -10.48 -22.66
CA ARG K 57 -42.39 -11.49 -23.68
C ARG K 57 -41.06 -12.21 -23.47
N ASP K 58 -40.99 -13.49 -23.92
CA ASP K 58 -39.79 -14.31 -23.74
C ASP K 58 -38.84 -13.90 -24.84
N ILE K 59 -37.53 -14.04 -24.59
CA ILE K 59 -36.46 -13.93 -25.60
C ILE K 59 -35.81 -15.29 -25.81
N THR K 60 -35.54 -15.64 -27.07
CA THR K 60 -34.90 -16.92 -27.42
C THR K 60 -33.48 -16.71 -27.95
N MET K 61 -32.52 -17.52 -27.50
CA MET K 61 -31.12 -17.44 -27.92
C MET K 61 -30.78 -18.75 -28.62
N TYR K 62 -30.71 -18.76 -29.95
CA TYR K 62 -30.22 -19.91 -30.68
C TYR K 62 -28.71 -19.95 -30.48
N ILE K 63 -28.15 -21.13 -30.24
CA ILE K 63 -26.75 -21.34 -29.90
C ILE K 63 -26.16 -22.40 -30.81
N ASN K 64 -25.20 -22.01 -31.63
CA ASN K 64 -24.40 -22.95 -32.37
C ASN K 64 -23.05 -22.28 -32.28
N SER K 65 -22.41 -22.40 -31.13
CA SER K 65 -21.19 -21.69 -30.87
C SER K 65 -20.13 -22.48 -30.15
N PRO K 66 -18.86 -22.32 -30.55
CA PRO K 66 -17.77 -23.04 -29.90
C PRO K 66 -17.39 -22.48 -28.56
N GLY K 67 -18.06 -21.43 -28.10
CA GLY K 67 -17.78 -20.84 -26.81
C GLY K 67 -16.94 -19.62 -26.99
N GLY K 68 -16.19 -19.27 -25.96
CA GLY K 68 -15.27 -18.16 -26.10
C GLY K 68 -14.74 -17.66 -24.78
N GLY K 69 -14.20 -16.46 -24.81
CA GLY K 69 -13.61 -15.92 -23.61
C GLY K 69 -14.54 -15.92 -22.42
N PHE K 70 -13.90 -15.69 -21.27
CA PHE K 70 -14.56 -15.82 -19.99
C PHE K 70 -15.27 -14.55 -19.58
N THR K 71 -14.58 -13.41 -19.60
CA THR K 71 -15.31 -12.25 -19.06
C THR K 71 -16.51 -11.97 -19.94
N SER K 72 -16.46 -12.38 -21.22
CA SER K 72 -17.60 -12.28 -22.14
C SER K 72 -18.70 -13.25 -21.80
N LEU K 73 -18.35 -14.41 -21.32
CA LEU K 73 -19.38 -15.30 -20.85
C LEU K 73 -20.16 -14.67 -19.71
N MET K 74 -19.45 -14.16 -18.70
CA MET K 74 -20.10 -13.69 -17.49
C MET K 74 -20.80 -12.34 -17.76
N ALA K 75 -20.29 -11.55 -18.70
CA ALA K 75 -21.10 -10.41 -19.11
C ALA K 75 -22.45 -10.89 -19.61
N ILE K 76 -22.43 -11.77 -20.61
CA ILE K 76 -23.68 -12.29 -21.16
C ILE K 76 -24.50 -12.98 -20.09
N TYR K 77 -23.84 -13.74 -19.23
CA TYR K 77 -24.57 -14.49 -18.23
C TYR K 77 -25.36 -13.51 -17.35
N ASP K 78 -24.68 -12.50 -16.79
CA ASP K 78 -25.35 -11.63 -15.81
C ASP K 78 -26.49 -10.87 -16.47
N THR K 79 -26.34 -10.50 -17.73
CA THR K 79 -27.45 -9.83 -18.38
C THR K 79 -28.67 -10.72 -18.50
N MET K 80 -28.46 -11.92 -19.01
CA MET K 80 -29.55 -12.87 -19.19
C MET K 80 -30.31 -13.05 -17.88
N GLN K 81 -29.59 -13.16 -16.77
CA GLN K 81 -30.30 -13.28 -15.52
C GLN K 81 -30.93 -11.99 -15.04
N TYR K 82 -30.33 -10.83 -15.30
CA TYR K 82 -30.89 -9.58 -14.80
C TYR K 82 -32.17 -9.18 -15.54
N VAL K 83 -32.18 -9.32 -16.84
CA VAL K 83 -33.34 -8.96 -17.64
C VAL K 83 -34.57 -9.56 -17.02
N ARG K 84 -35.71 -8.83 -17.08
CA ARG K 84 -36.97 -9.35 -16.55
C ARG K 84 -37.52 -10.46 -17.43
N ALA K 85 -37.40 -10.34 -18.75
CA ALA K 85 -37.96 -11.33 -19.66
C ALA K 85 -37.38 -12.71 -19.38
N ASP K 86 -38.19 -13.75 -19.56
CA ASP K 86 -37.66 -15.10 -19.52
C ASP K 86 -36.79 -15.31 -20.76
N ILE K 87 -35.92 -16.33 -20.71
CA ILE K 87 -35.08 -16.65 -21.86
C ILE K 87 -35.20 -18.11 -22.28
N GLN K 88 -35.59 -18.33 -23.55
CA GLN K 88 -35.46 -19.66 -24.15
C GLN K 88 -34.08 -19.86 -24.75
N THR K 89 -33.38 -20.90 -24.32
CA THR K 89 -32.13 -21.27 -24.98
C THR K 89 -32.39 -22.52 -25.80
N VAL K 90 -31.90 -22.52 -27.01
CA VAL K 90 -32.06 -23.61 -27.95
C VAL K 90 -30.72 -23.84 -28.59
N CYS K 91 -30.21 -25.05 -28.48
CA CYS K 91 -28.96 -25.46 -29.09
C CYS K 91 -29.21 -26.20 -30.40
N LEU K 92 -28.74 -25.60 -31.48
CA LEU K 92 -28.65 -26.23 -32.79
C LEU K 92 -27.21 -26.63 -32.92
N GLY K 93 -26.95 -27.86 -33.21
CA GLY K 93 -25.58 -28.14 -33.55
C GLY K 93 -24.63 -28.16 -32.40
N GLN K 94 -24.23 -27.03 -31.81
CA GLN K 94 -23.32 -27.22 -30.68
C GLN K 94 -23.30 -26.09 -29.66
N ALA K 95 -23.05 -26.47 -28.42
CA ALA K 95 -22.81 -25.49 -27.37
C ALA K 95 -21.61 -25.99 -26.56
N ALA K 96 -20.42 -25.40 -26.76
CA ALA K 96 -19.19 -25.88 -26.14
C ALA K 96 -18.57 -24.82 -25.25
N SER K 97 -17.84 -25.25 -24.21
CA SER K 97 -17.15 -24.37 -23.24
C SER K 97 -18.13 -23.36 -22.72
N ALA K 98 -17.80 -22.09 -22.94
CA ALA K 98 -18.60 -20.99 -22.46
C ALA K 98 -20.04 -21.08 -22.90
N ALA K 99 -20.27 -21.59 -24.13
CA ALA K 99 -21.56 -21.52 -24.79
C ALA K 99 -22.54 -22.39 -24.05
N ALA K 100 -22.02 -23.48 -23.48
CA ALA K 100 -22.85 -24.41 -22.72
C ALA K 100 -23.24 -23.90 -21.33
N VAL K 101 -22.47 -22.98 -20.74
CA VAL K 101 -22.96 -22.38 -19.51
C VAL K 101 -24.19 -21.57 -19.81
N LEU K 102 -24.17 -20.88 -20.95
CA LEU K 102 -25.31 -20.06 -21.34
C LEU K 102 -26.56 -20.91 -21.59
N LEU K 103 -26.41 -22.03 -22.28
CA LEU K 103 -27.52 -22.92 -22.55
C LEU K 103 -28.20 -23.35 -21.25
N ALA K 104 -27.39 -23.65 -20.26
CA ALA K 104 -27.92 -24.05 -18.99
C ALA K 104 -28.55 -22.90 -18.23
N ALA K 105 -28.08 -21.67 -18.45
CA ALA K 105 -28.54 -20.54 -17.68
C ALA K 105 -29.84 -19.95 -18.24
N GLY K 106 -30.35 -20.45 -19.35
CA GLY K 106 -31.68 -20.06 -19.77
C GLY K 106 -32.70 -20.31 -18.67
N THR K 107 -33.87 -19.62 -18.72
CA THR K 107 -34.76 -19.74 -17.56
C THR K 107 -35.35 -21.15 -17.57
N PRO K 108 -35.66 -21.69 -16.41
CA PRO K 108 -36.08 -23.09 -16.33
C PRO K 108 -37.35 -23.45 -17.12
N GLY K 109 -37.26 -24.60 -17.80
CA GLY K 109 -38.29 -25.11 -18.69
C GLY K 109 -38.14 -24.68 -20.14
N LYS K 110 -37.31 -23.68 -20.43
CA LYS K 110 -37.23 -23.17 -21.79
C LYS K 110 -35.81 -23.40 -22.32
N ARG K 111 -35.13 -24.40 -21.78
CA ARG K 111 -33.84 -24.84 -22.32
C ARG K 111 -34.06 -26.10 -23.14
N MET K 112 -33.67 -26.06 -24.40
CA MET K 112 -33.88 -27.18 -25.31
C MET K 112 -32.76 -27.29 -26.33
N ALA K 113 -32.75 -28.40 -27.05
CA ALA K 113 -31.71 -28.70 -28.03
C ALA K 113 -32.38 -29.57 -29.05
N LEU K 114 -31.93 -29.43 -30.31
CA LEU K 114 -32.30 -30.28 -31.42
C LEU K 114 -31.55 -31.61 -31.30
N PRO K 115 -32.06 -32.66 -31.95
CA PRO K 115 -31.67 -34.04 -31.56
C PRO K 115 -30.21 -34.41 -31.82
N ASN K 116 -29.63 -34.01 -32.95
CA ASN K 116 -28.23 -34.30 -33.23
C ASN K 116 -27.33 -33.18 -32.74
N ALA K 117 -27.83 -32.30 -31.89
CA ALA K 117 -26.99 -31.32 -31.23
C ALA K 117 -26.14 -32.00 -30.16
N ARG K 118 -24.92 -31.47 -29.95
CA ARG K 118 -23.94 -31.95 -28.99
C ARG K 118 -23.64 -30.75 -28.12
N VAL K 119 -23.32 -31.04 -26.85
CA VAL K 119 -22.95 -30.13 -25.78
C VAL K 119 -21.62 -30.56 -25.23
N LEU K 120 -20.65 -29.64 -25.21
CA LEU K 120 -19.30 -29.98 -24.77
C LEU K 120 -19.02 -29.14 -23.53
N ILE K 121 -18.37 -29.71 -22.53
CA ILE K 121 -18.10 -29.03 -21.28
C ILE K 121 -16.67 -29.18 -20.85
N HIS K 122 -15.97 -28.08 -20.66
CA HIS K 122 -14.62 -28.23 -20.14
C HIS K 122 -14.26 -27.03 -19.30
N GLN K 123 -13.21 -27.19 -18.54
CA GLN K 123 -12.75 -26.17 -17.64
C GLN K 123 -11.92 -25.13 -18.39
N PRO K 124 -11.86 -23.90 -17.93
CA PRO K 124 -11.22 -22.86 -18.72
C PRO K 124 -9.83 -23.25 -19.15
N SER K 125 -9.50 -23.04 -20.43
CA SER K 125 -8.15 -23.21 -20.94
C SER K 125 -7.58 -21.90 -21.44
N LEU K 126 -6.25 -21.84 -21.50
CA LEU K 126 -5.52 -20.66 -21.93
C LEU K 126 -4.62 -21.18 -23.00
N SER K 127 -4.93 -20.85 -24.26
CA SER K 127 -4.14 -21.33 -25.40
C SER K 127 -2.86 -20.51 -25.60
N GLY K 128 -2.90 -19.20 -25.31
CA GLY K 128 -1.69 -18.43 -25.43
C GLY K 128 -0.70 -18.91 -24.39
N VAL K 129 0.37 -18.14 -24.25
CA VAL K 129 1.29 -18.25 -23.14
C VAL K 129 1.30 -16.87 -22.50
N ILE K 130 1.17 -16.78 -21.20
CA ILE K 130 1.27 -15.44 -20.62
C ILE K 130 2.49 -15.37 -19.71
N GLN K 131 3.22 -14.24 -19.79
CA GLN K 131 4.59 -14.24 -19.30
C GLN K 131 4.85 -13.13 -18.30
N GLY K 132 5.80 -13.36 -17.43
CA GLY K 132 6.16 -12.32 -16.52
C GLY K 132 7.01 -12.88 -15.41
N GLN K 133 7.28 -12.00 -14.48
CA GLN K 133 7.84 -12.35 -13.22
C GLN K 133 6.84 -13.25 -12.52
N PHE K 134 7.38 -14.14 -11.72
CA PHE K 134 6.53 -15.08 -11.03
C PHE K 134 5.47 -14.39 -10.22
N SER K 135 5.85 -13.24 -9.64
CA SER K 135 4.94 -12.50 -8.79
C SER K 135 3.66 -12.18 -9.52
N ASP K 136 3.77 -11.85 -10.80
CA ASP K 136 2.63 -11.58 -11.65
C ASP K 136 1.91 -12.83 -12.07
N LEU K 137 2.64 -13.92 -12.35
CA LEU K 137 1.91 -15.09 -12.81
C LEU K 137 1.15 -15.69 -11.66
N GLU K 138 1.73 -15.65 -10.48
CA GLU K 138 1.02 -16.14 -9.31
C GLU K 138 -0.32 -15.42 -9.19
N ILE K 139 -0.34 -14.12 -9.50
CA ILE K 139 -1.60 -13.36 -9.47
C ILE K 139 -2.52 -13.84 -10.57
N GLN K 140 -1.98 -13.96 -11.79
CA GLN K 140 -2.79 -14.41 -12.90
C GLN K 140 -3.32 -15.78 -12.58
N ALA K 141 -2.45 -16.60 -12.00
CA ALA K 141 -2.84 -17.97 -11.76
C ALA K 141 -4.00 -18.07 -10.82
N ALA K 142 -4.03 -17.19 -9.81
CA ALA K 142 -5.04 -17.19 -8.75
C ALA K 142 -6.42 -16.86 -9.28
N GLU K 143 -6.49 -15.86 -10.18
CA GLU K 143 -7.72 -15.52 -10.85
C GLU K 143 -8.15 -16.66 -11.78
N ILE K 144 -7.22 -17.33 -12.49
CA ILE K 144 -7.64 -18.41 -13.39
C ILE K 144 -8.34 -19.51 -12.62
N GLU K 145 -7.91 -19.74 -11.39
CA GLU K 145 -8.59 -20.72 -10.59
C GLU K 145 -9.88 -20.16 -10.04
N ARG K 146 -9.94 -18.88 -9.69
CA ARG K 146 -11.23 -18.35 -9.25
C ARG K 146 -12.24 -18.53 -10.40
N MET K 147 -11.79 -18.24 -11.63
CA MET K 147 -12.64 -18.36 -12.82
C MET K 147 -13.04 -19.80 -12.99
N ARG K 148 -12.11 -20.68 -12.78
CA ARG K 148 -12.49 -22.06 -12.94
C ARG K 148 -13.63 -22.39 -12.00
N THR K 149 -13.51 -22.06 -10.71
CA THR K 149 -14.55 -22.41 -9.75
C THR K 149 -15.82 -21.55 -9.90
N LEU K 150 -15.77 -20.36 -10.49
CA LEU K 150 -17.02 -19.65 -10.81
C LEU K 150 -17.80 -20.39 -11.93
N MET K 151 -17.08 -21.00 -12.88
CA MET K 151 -17.78 -21.86 -13.83
C MET K 151 -18.37 -23.10 -13.13
N GLU K 152 -17.67 -23.68 -12.17
CA GLU K 152 -18.23 -24.87 -11.57
C GLU K 152 -19.41 -24.47 -10.76
N THR K 153 -19.38 -23.29 -10.17
CA THR K 153 -20.53 -23.01 -9.33
C THR K 153 -21.70 -22.52 -10.12
N THR K 154 -21.51 -21.80 -11.22
CA THR K 154 -22.77 -21.37 -11.81
C THR K 154 -23.33 -22.56 -12.57
N LEU K 155 -22.52 -23.42 -13.14
CA LEU K 155 -23.18 -24.53 -13.78
C LEU K 155 -24.01 -25.31 -12.75
N ALA K 156 -23.46 -25.50 -11.56
CA ALA K 156 -24.18 -26.31 -10.59
C ALA K 156 -25.51 -25.67 -10.23
N ARG K 157 -25.58 -24.35 -10.21
CA ARG K 157 -26.82 -23.70 -9.79
C ARG K 157 -27.94 -24.09 -10.75
N HIS K 158 -27.57 -24.25 -12.02
CA HIS K 158 -28.49 -24.41 -13.12
C HIS K 158 -28.69 -25.85 -13.56
N THR K 159 -27.83 -26.77 -13.18
CA THR K 159 -28.05 -28.20 -13.44
C THR K 159 -28.52 -28.94 -12.19
N GLY K 160 -28.37 -28.31 -11.03
CA GLY K 160 -28.74 -28.90 -9.76
C GLY K 160 -27.71 -29.79 -9.15
N LYS K 161 -26.59 -29.97 -9.82
CA LYS K 161 -25.47 -30.73 -9.33
C LYS K 161 -24.72 -29.91 -8.32
N ASP K 162 -23.89 -30.58 -7.52
CA ASP K 162 -22.98 -29.90 -6.61
C ASP K 162 -21.79 -29.47 -7.47
N ALA K 163 -21.13 -28.40 -7.05
CA ALA K 163 -20.03 -27.94 -7.86
C ALA K 163 -18.94 -28.98 -7.97
N GLY K 164 -18.73 -29.73 -6.89
CA GLY K 164 -17.69 -30.72 -6.80
C GLY K 164 -17.82 -31.84 -7.81
N VAL K 165 -19.04 -32.08 -8.29
CA VAL K 165 -19.20 -33.00 -9.41
C VAL K 165 -18.81 -32.33 -10.74
N ILE K 166 -19.34 -31.14 -11.01
CA ILE K 166 -18.91 -30.39 -12.20
C ILE K 166 -17.39 -30.40 -12.30
N ARG K 167 -16.70 -30.16 -11.19
CA ARG K 167 -15.27 -30.01 -11.24
C ARG K 167 -14.62 -31.29 -11.72
N LYS K 168 -15.23 -32.45 -11.44
CA LYS K 168 -14.69 -33.73 -11.87
C LYS K 168 -14.98 -33.99 -13.34
N ASP K 169 -16.18 -33.62 -13.75
CA ASP K 169 -16.62 -33.88 -15.11
C ASP K 169 -15.90 -32.99 -16.08
N THR K 170 -15.49 -31.84 -15.64
CA THR K 170 -14.77 -30.89 -16.46
C THR K 170 -13.24 -30.96 -16.36
N ASP K 171 -12.69 -31.86 -15.53
CA ASP K 171 -11.24 -32.07 -15.47
C ASP K 171 -10.69 -32.41 -16.83
N ARG K 172 -11.33 -33.39 -17.48
CA ARG K 172 -11.19 -33.66 -18.91
C ARG K 172 -12.51 -33.34 -19.59
N ASP K 173 -12.45 -32.98 -20.89
CA ASP K 173 -13.65 -32.59 -21.64
C ASP K 173 -14.74 -33.66 -21.57
N LYS K 174 -15.99 -33.23 -21.59
CA LYS K 174 -17.11 -34.14 -21.44
C LYS K 174 -18.15 -33.80 -22.47
N ILE K 175 -18.27 -34.64 -23.52
CA ILE K 175 -19.24 -34.41 -24.57
C ILE K 175 -20.56 -35.08 -24.25
N LEU K 176 -21.64 -34.34 -24.47
CA LEU K 176 -22.95 -34.86 -24.15
C LEU K 176 -23.89 -34.76 -25.33
N THR K 177 -24.64 -35.81 -25.60
CA THR K 177 -25.66 -35.67 -26.61
C THR K 177 -26.85 -34.96 -26.02
N ALA K 178 -27.73 -34.47 -26.89
CA ALA K 178 -28.84 -33.69 -26.40
C ALA K 178 -29.60 -34.42 -25.30
N GLU K 179 -29.90 -35.67 -25.50
CA GLU K 179 -30.53 -36.38 -24.40
C GLU K 179 -29.63 -36.45 -23.19
N GLU K 180 -28.34 -36.80 -23.36
CA GLU K 180 -27.47 -36.84 -22.20
C GLU K 180 -27.31 -35.46 -21.58
N ALA K 181 -27.47 -34.41 -22.39
CA ALA K 181 -27.45 -33.06 -21.84
C ALA K 181 -28.71 -32.76 -21.05
N LYS K 182 -29.80 -33.36 -21.46
CA LYS K 182 -30.99 -33.20 -20.66
C LYS K 182 -30.83 -33.88 -19.30
N ASP K 183 -30.25 -35.11 -19.31
CA ASP K 183 -30.11 -35.90 -18.11
C ASP K 183 -29.18 -35.19 -17.15
N TYR K 184 -28.17 -34.56 -17.72
CA TYR K 184 -27.22 -33.83 -16.90
C TYR K 184 -27.90 -32.65 -16.24
N GLY K 185 -28.93 -32.08 -16.86
CA GLY K 185 -29.55 -30.91 -16.30
C GLY K 185 -29.23 -29.62 -17.03
N ILE K 186 -28.60 -29.73 -18.20
CA ILE K 186 -28.21 -28.59 -19.01
C ILE K 186 -29.40 -28.06 -19.77
N ILE K 187 -30.30 -28.94 -20.21
CA ILE K 187 -31.51 -28.55 -20.91
C ILE K 187 -32.72 -29.20 -20.29
N ASP K 188 -33.87 -28.76 -20.75
CA ASP K 188 -35.13 -29.28 -20.29
C ASP K 188 -35.82 -30.18 -21.26
N THR K 189 -35.73 -29.91 -22.57
CA THR K 189 -36.34 -30.85 -23.50
C THR K 189 -35.49 -30.97 -24.75
N VAL K 190 -35.62 -32.12 -25.40
CA VAL K 190 -35.01 -32.37 -26.70
C VAL K 190 -36.11 -32.21 -27.73
N LEU K 191 -35.92 -31.32 -28.67
CA LEU K 191 -37.01 -31.03 -29.57
C LEU K 191 -37.31 -32.26 -30.42
N GLU K 192 -38.58 -32.58 -30.56
CA GLU K 192 -39.01 -33.58 -31.54
C GLU K 192 -39.29 -32.91 -32.89
N TYR K 193 -38.91 -33.60 -33.97
CA TYR K 193 -39.22 -33.13 -35.32
C TYR K 193 -40.72 -32.96 -35.54
N ARG K 194 -41.13 -31.77 -35.96
CA ARG K 194 -42.56 -31.50 -36.21
C ARG K 194 -43.00 -31.64 -37.69
N LYS K 195 -42.36 -32.50 -38.48
CA LYS K 195 -42.74 -32.62 -39.88
C LYS K 195 -43.98 -33.49 -40.08
N LEU K 196 -44.85 -33.10 -41.05
CA LEU K 196 -45.98 -33.95 -41.47
C LEU K 196 -45.54 -35.11 -42.36
N SER K 197 -44.31 -35.03 -42.90
CA SER K 197 -43.53 -36.18 -43.40
C SER K 197 -42.58 -36.82 -42.38
N ILE L 2 -34.72 11.55 39.97
CA ILE L 2 -35.92 12.37 40.05
C ILE L 2 -37.06 11.60 40.84
N LEU L 3 -37.91 12.41 41.47
CA LEU L 3 -38.98 11.94 42.37
C LEU L 3 -40.29 12.63 41.99
N PRO L 4 -41.26 11.93 41.47
CA PRO L 4 -42.36 12.62 40.81
C PRO L 4 -43.09 13.51 41.79
N SER L 5 -43.77 14.52 41.24
CA SER L 5 -44.80 15.29 41.91
C SER L 5 -46.14 14.97 41.25
N PHE L 6 -47.21 15.18 42.00
CA PHE L 6 -48.57 14.88 41.59
C PHE L 6 -49.41 16.10 41.93
N ILE L 7 -50.67 16.08 41.61
CA ILE L 7 -51.52 17.23 41.85
C ILE L 7 -52.79 16.72 42.51
N GLU L 8 -53.24 17.42 43.55
CA GLU L 8 -54.56 17.17 44.13
C GLU L 8 -55.54 18.31 43.86
N HIS L 9 -56.84 18.01 43.88
CA HIS L 9 -57.83 18.99 43.44
C HIS L 9 -59.07 18.89 44.32
N SER L 10 -59.56 20.07 44.70
CA SER L 10 -60.79 20.23 45.44
C SER L 10 -61.46 21.50 44.95
N SER L 11 -62.70 21.69 45.40
CA SER L 11 -63.43 22.89 45.07
C SER L 11 -62.72 24.14 45.55
N PHE L 12 -61.69 23.99 46.38
CA PHE L 12 -61.04 25.18 46.89
C PHE L 12 -59.87 25.65 46.00
N GLY L 13 -59.14 24.73 45.40
CA GLY L 13 -57.95 25.09 44.66
C GLY L 13 -57.16 23.85 44.34
N VAL L 14 -56.17 24.03 43.50
CA VAL L 14 -55.31 22.95 43.05
C VAL L 14 -54.00 22.98 43.80
N LYS L 15 -53.57 21.83 44.30
CA LYS L 15 -52.34 21.72 45.09
C LYS L 15 -51.33 20.81 44.40
N GLU L 16 -50.11 21.32 44.19
CA GLU L 16 -49.01 20.48 43.73
C GLU L 16 -48.08 20.13 44.88
N SER L 17 -47.86 18.85 45.10
CA SER L 17 -46.96 18.46 46.16
C SER L 17 -46.27 17.18 45.74
N ASN L 18 -45.40 16.70 46.58
CA ASN L 18 -44.63 15.49 46.25
C ASN L 18 -44.81 14.45 47.34
N PRO L 19 -44.30 13.22 47.19
CA PRO L 19 -44.63 12.14 48.16
C PRO L 19 -44.28 12.42 49.62
N TYR L 20 -43.24 13.18 49.89
CA TYR L 20 -42.95 13.48 51.29
C TYR L 20 -43.76 14.66 51.86
N ASN L 21 -44.15 15.69 51.07
CA ASN L 21 -45.03 16.74 51.62
C ASN L 21 -46.42 16.17 52.00
N LYS L 22 -46.99 15.29 51.13
CA LYS L 22 -48.25 14.61 51.44
C LYS L 22 -48.09 13.73 52.66
N LEU L 23 -47.02 12.96 52.71
CA LEU L 23 -46.83 12.23 53.94
C LEU L 23 -46.82 13.16 55.14
N PHE L 24 -46.07 14.27 55.07
CA PHE L 24 -46.03 15.21 56.20
C PHE L 24 -47.40 15.84 56.47
N GLU L 25 -48.22 16.07 55.41
CA GLU L 25 -49.58 16.58 55.60
C GLU L 25 -50.41 15.66 56.50
N GLU L 26 -50.14 14.36 56.44
CA GLU L 26 -50.80 13.35 57.26
C GLU L 26 -50.00 12.98 58.50
N ARG L 27 -49.10 13.86 58.92
CA ARG L 27 -48.35 13.79 60.18
C ARG L 27 -47.40 12.59 60.23
N ILE L 28 -46.88 12.22 59.07
CA ILE L 28 -45.94 11.14 58.95
C ILE L 28 -44.57 11.75 58.67
N ILE L 29 -43.63 11.54 59.58
CA ILE L 29 -42.24 11.95 59.45
C ILE L 29 -41.43 10.74 59.01
N PHE L 30 -40.48 10.95 58.09
CA PHE L 30 -39.66 9.87 57.53
C PHE L 30 -38.24 10.01 58.12
N LEU L 31 -37.70 8.96 58.73
CA LEU L 31 -36.31 8.90 59.21
C LEU L 31 -35.58 7.79 58.47
N GLY L 32 -35.07 8.09 57.28
CA GLY L 32 -34.56 6.99 56.47
C GLY L 32 -33.15 7.13 55.96
N VAL L 33 -32.38 8.02 56.56
CA VAL L 33 -31.00 8.30 56.19
C VAL L 33 -30.31 7.98 57.49
N GLN L 34 -29.01 8.29 57.59
CA GLN L 34 -28.28 8.19 58.86
C GLN L 34 -28.56 9.44 59.72
N VAL L 35 -28.76 9.19 61.02
CA VAL L 35 -28.95 10.22 62.03
C VAL L 35 -27.61 10.94 62.17
N ASP L 36 -27.39 12.00 61.37
CA ASP L 36 -26.36 12.95 61.79
C ASP L 36 -27.03 14.29 62.26
N ASP L 37 -26.19 15.29 62.54
CA ASP L 37 -26.68 16.53 63.14
C ASP L 37 -27.66 17.25 62.22
N ALA L 38 -27.33 17.34 60.94
CA ALA L 38 -28.31 17.85 59.99
C ALA L 38 -29.63 17.08 60.11
N SER L 39 -29.60 15.77 59.85
CA SER L 39 -30.82 14.97 59.95
C SER L 39 -31.52 15.20 61.27
N ALA L 40 -30.73 15.30 62.34
CA ALA L 40 -31.31 15.34 63.66
C ALA L 40 -32.08 16.61 63.86
N ASN L 41 -31.49 17.72 63.42
CA ASN L 41 -32.15 19.00 63.47
C ASN L 41 -33.37 19.01 62.54
N ASP L 42 -33.26 18.48 61.32
CA ASP L 42 -34.42 18.43 60.43
C ASP L 42 -35.57 17.64 61.07
N ILE L 43 -35.27 16.59 61.83
CA ILE L 43 -36.35 15.77 62.39
C ILE L 43 -36.98 16.46 63.58
N MET L 44 -36.15 17.11 64.38
CA MET L 44 -36.67 17.79 65.55
C MET L 44 -37.64 18.88 65.19
N ALA L 45 -37.32 19.65 64.14
CA ALA L 45 -38.21 20.68 63.64
C ALA L 45 -39.56 20.12 63.21
N GLN L 46 -39.52 19.02 62.46
CA GLN L 46 -40.77 18.42 62.03
C GLN L 46 -41.60 18.04 63.24
N LEU L 47 -41.01 17.39 64.27
CA LEU L 47 -41.78 17.04 65.46
C LEU L 47 -42.38 18.26 66.08
N LEU L 48 -41.52 19.26 66.34
CA LEU L 48 -41.97 20.49 66.99
C LEU L 48 -43.03 21.17 66.14
N VAL L 49 -42.87 21.17 64.82
CA VAL L 49 -43.91 21.76 63.96
C VAL L 49 -45.20 20.95 64.04
N LEU L 50 -45.12 19.61 63.95
CA LEU L 50 -46.36 18.84 63.94
C LEU L 50 -47.10 18.99 65.25
N GLU L 51 -46.38 19.22 66.36
CA GLU L 51 -47.02 19.38 67.65
C GLU L 51 -47.75 20.70 67.65
N SER L 52 -47.25 21.66 66.86
CA SER L 52 -47.87 22.98 66.80
C SER L 52 -49.18 23.01 66.02
N LEU L 53 -49.20 22.42 64.83
CA LEU L 53 -50.46 22.46 64.12
C LEU L 53 -51.55 21.82 64.97
N ASP L 54 -51.22 20.75 65.76
CA ASP L 54 -52.17 19.96 66.55
C ASP L 54 -51.53 19.02 67.56
N PRO L 55 -51.53 19.34 68.85
CA PRO L 55 -50.97 18.41 69.85
C PRO L 55 -51.81 17.21 70.22
N ASP L 56 -53.03 17.12 69.73
CA ASP L 56 -53.93 16.06 70.10
C ASP L 56 -54.07 15.00 69.04
N ARG L 57 -53.37 15.13 67.94
CA ARG L 57 -53.33 14.08 66.96
C ARG L 57 -51.96 13.43 67.06
N ASP L 58 -51.89 12.15 66.68
CA ASP L 58 -50.65 11.39 66.83
C ASP L 58 -49.70 11.81 65.72
N ILE L 59 -48.40 11.64 65.95
CA ILE L 59 -47.41 11.78 64.90
C ILE L 59 -46.81 10.42 64.58
N THR L 60 -46.60 10.10 63.29
CA THR L 60 -46.03 8.80 62.91
C THR L 60 -44.60 8.96 62.35
N MET L 61 -43.68 8.13 62.82
CA MET L 61 -42.29 8.16 62.37
C MET L 61 -41.98 6.85 61.68
N TYR L 62 -41.86 6.88 60.37
CA TYR L 62 -41.35 5.73 59.64
C TYR L 62 -39.84 5.68 59.83
N ILE L 63 -39.27 4.48 60.01
CA ILE L 63 -37.84 4.31 60.27
C ILE L 63 -37.27 3.21 59.38
N ASN L 64 -36.33 3.58 58.51
CA ASN L 64 -35.52 2.62 57.76
C ASN L 64 -34.13 3.22 57.86
N SER L 65 -33.49 3.04 59.01
CA SER L 65 -32.23 3.71 59.30
C SER L 65 -31.08 2.96 59.96
N PRO L 66 -29.86 3.10 59.43
CA PRO L 66 -28.74 2.36 59.97
C PRO L 66 -28.23 2.93 61.27
N GLY L 67 -28.94 3.89 61.83
CA GLY L 67 -28.57 4.47 63.10
C GLY L 67 -27.99 5.86 63.05
N GLY L 68 -27.14 6.25 63.99
CA GLY L 68 -26.50 7.55 63.85
C GLY L 68 -25.76 7.87 65.12
N GLY L 69 -25.27 9.09 65.18
CA GLY L 69 -24.51 9.50 66.35
C GLY L 69 -25.35 9.40 67.61
N PHE L 70 -24.67 9.62 68.73
CA PHE L 70 -25.37 9.48 69.99
C PHE L 70 -26.09 10.75 70.42
N THR L 71 -25.42 11.90 70.39
CA THR L 71 -26.14 13.07 70.87
C THR L 71 -27.31 13.44 69.99
N SER L 72 -27.25 13.13 68.68
CA SER L 72 -28.44 13.33 67.85
C SER L 72 -29.53 12.37 68.25
N LEU L 73 -29.19 11.17 68.66
CA LEU L 73 -30.20 10.27 69.18
C LEU L 73 -30.93 10.87 70.39
N MET L 74 -30.19 11.30 71.40
CA MET L 74 -30.81 11.79 72.63
C MET L 74 -31.51 13.12 72.41
N ALA L 75 -31.08 13.91 71.42
CA ALA L 75 -31.89 15.05 71.00
C ALA L 75 -33.20 14.55 70.45
N ILE L 76 -33.12 13.67 69.45
CA ILE L 76 -34.34 13.14 68.89
C ILE L 76 -35.15 12.48 69.98
N TYR L 77 -34.47 11.73 70.86
CA TYR L 77 -35.21 10.98 71.86
C TYR L 77 -35.97 11.90 72.82
N ASP L 78 -35.27 12.88 73.41
CA ASP L 78 -35.92 13.79 74.37
C ASP L 78 -37.07 14.58 73.76
N THR L 79 -36.98 14.95 72.50
CA THR L 79 -38.12 15.61 71.84
C THR L 79 -39.32 14.70 71.73
N MET L 80 -39.08 13.47 71.26
CA MET L 80 -40.18 12.55 71.10
C MET L 80 -40.98 12.45 72.39
N GLN L 81 -40.30 12.38 73.52
CA GLN L 81 -41.04 12.22 74.77
C GLN L 81 -41.64 13.52 75.28
N TYR L 82 -41.10 14.67 74.89
CA TYR L 82 -41.60 15.94 75.39
C TYR L 82 -42.88 16.41 74.71
N VAL L 83 -42.95 16.26 73.39
CA VAL L 83 -44.13 16.62 72.63
C VAL L 83 -45.35 15.96 73.22
N ARG L 84 -46.45 16.70 73.26
CA ARG L 84 -47.66 16.17 73.87
C ARG L 84 -48.27 15.06 73.04
N ALA L 85 -48.17 15.17 71.72
CA ALA L 85 -48.79 14.21 70.84
C ALA L 85 -48.15 12.86 70.97
N ASP L 86 -48.97 11.80 70.85
CA ASP L 86 -48.49 10.44 70.82
C ASP L 86 -47.67 10.23 69.56
N ILE L 87 -46.77 9.25 69.61
CA ILE L 87 -45.93 8.95 68.49
C ILE L 87 -45.96 7.48 68.13
N GLN L 88 -46.43 7.21 66.92
CA GLN L 88 -46.30 5.89 66.37
C GLN L 88 -44.97 5.78 65.67
N THR L 89 -44.24 4.75 66.01
CA THR L 89 -43.05 4.39 65.28
C THR L 89 -43.34 3.13 64.49
N VAL L 90 -42.86 3.08 63.24
CA VAL L 90 -43.02 1.97 62.31
C VAL L 90 -41.67 1.69 61.64
N CYS L 91 -41.21 0.46 61.74
CA CYS L 91 -39.98 0.01 61.09
C CYS L 91 -40.21 -0.67 59.74
N LEU L 92 -39.72 -0.05 58.70
CA LEU L 92 -39.68 -0.68 57.41
C LEU L 92 -38.25 -1.12 57.23
N GLY L 93 -38.04 -2.38 56.96
CA GLY L 93 -36.67 -2.78 56.74
C GLY L 93 -35.74 -2.86 57.93
N GLN L 94 -35.27 -1.75 58.47
CA GLN L 94 -34.33 -1.89 59.59
C GLN L 94 -34.25 -0.68 60.50
N ALA L 95 -33.97 -0.96 61.77
CA ALA L 95 -33.78 0.05 62.81
C ALA L 95 -32.58 -0.40 63.60
N ALA L 96 -31.44 0.17 63.32
CA ALA L 96 -30.19 -0.39 63.79
C ALA L 96 -29.57 0.62 64.74
N SER L 97 -28.79 0.11 65.70
CA SER L 97 -27.99 0.96 66.58
C SER L 97 -28.90 1.99 67.19
N ALA L 98 -28.61 3.27 66.93
CA ALA L 98 -29.40 4.37 67.50
C ALA L 98 -30.86 4.32 67.09
N ALA L 99 -31.13 3.80 65.90
CA ALA L 99 -32.46 3.93 65.32
C ALA L 99 -33.43 3.03 66.03
N ALA L 100 -32.93 1.92 66.57
CA ALA L 100 -33.75 0.96 67.28
C ALA L 100 -34.18 1.47 68.65
N VAL L 101 -33.43 2.37 69.26
CA VAL L 101 -33.89 2.99 70.50
C VAL L 101 -35.07 3.92 70.25
N LEU L 102 -35.03 4.65 69.15
CA LEU L 102 -36.14 5.53 68.83
C LEU L 102 -37.38 4.73 68.48
N LEU L 103 -37.21 3.59 67.81
CA LEU L 103 -38.36 2.72 67.53
C LEU L 103 -39.05 2.34 68.82
N ALA L 104 -38.24 2.03 69.83
CA ALA L 104 -38.74 1.62 71.12
C ALA L 104 -39.35 2.77 71.91
N ALA L 105 -38.94 4.00 71.61
CA ALA L 105 -39.37 5.17 72.35
C ALA L 105 -40.73 5.65 71.92
N GLY L 106 -41.34 5.01 70.95
CA GLY L 106 -42.68 5.41 70.60
C GLY L 106 -43.62 5.28 71.80
N THR L 107 -44.76 5.95 71.74
CA THR L 107 -45.62 5.82 72.91
C THR L 107 -46.19 4.39 72.94
N PRO L 108 -46.40 3.80 74.11
CA PRO L 108 -46.79 2.38 74.12
C PRO L 108 -48.12 2.02 73.43
N GLY L 109 -48.08 0.93 72.63
CA GLY L 109 -49.20 0.50 71.79
C GLY L 109 -49.12 1.00 70.36
N LYS L 110 -48.26 1.95 70.10
CA LYS L 110 -48.15 2.49 68.76
C LYS L 110 -46.76 2.24 68.18
N ARG L 111 -46.09 1.21 68.64
CA ARG L 111 -44.82 0.84 68.04
C ARG L 111 -45.04 -0.44 67.24
N MET L 112 -44.74 -0.39 65.94
CA MET L 112 -44.96 -1.49 65.02
C MET L 112 -43.85 -1.60 63.99
N ALA L 113 -43.82 -2.71 63.23
CA ALA L 113 -42.80 -3.04 62.24
C ALA L 113 -43.48 -3.91 61.18
N LEU L 114 -43.01 -3.79 59.93
CA LEU L 114 -43.43 -4.63 58.84
C LEU L 114 -42.70 -5.97 58.95
N PRO L 115 -43.24 -7.00 58.34
CA PRO L 115 -42.85 -8.35 58.73
C PRO L 115 -41.38 -8.68 58.51
N ASN L 116 -40.79 -8.27 57.42
CA ASN L 116 -39.39 -8.56 57.14
C ASN L 116 -38.47 -7.45 57.60
N ALA L 117 -38.92 -6.63 58.51
CA ALA L 117 -38.00 -5.72 59.16
C ALA L 117 -37.04 -6.50 60.04
N ARG L 118 -35.85 -5.93 60.24
CA ARG L 118 -34.82 -6.41 61.15
C ARG L 118 -34.58 -5.27 62.16
N VAL L 119 -34.24 -5.64 63.39
CA VAL L 119 -33.85 -4.68 64.41
C VAL L 119 -32.53 -5.13 64.98
N LEU L 120 -31.57 -4.23 64.97
CA LEU L 120 -30.22 -4.57 65.35
C LEU L 120 -29.92 -3.68 66.51
N ILE L 121 -29.31 -4.24 67.53
CA ILE L 121 -28.97 -3.51 68.74
C ILE L 121 -27.52 -3.78 69.09
N HIS L 122 -26.71 -2.72 69.16
CA HIS L 122 -25.32 -2.86 69.56
C HIS L 122 -24.94 -1.62 70.37
N GLN L 123 -23.92 -1.76 71.14
CA GLN L 123 -23.53 -0.71 72.05
C GLN L 123 -22.66 0.29 71.28
N PRO L 124 -22.64 1.53 71.70
CA PRO L 124 -21.92 2.55 70.97
C PRO L 124 -20.53 2.11 70.53
N SER L 125 -20.18 2.45 69.29
CA SER L 125 -18.89 2.17 68.71
C SER L 125 -18.24 3.50 68.44
N LEU L 126 -16.95 3.50 68.24
CA LEU L 126 -16.23 4.68 67.79
C LEU L 126 -15.41 4.27 66.59
N SER L 127 -15.82 4.66 65.38
CA SER L 127 -15.08 4.20 64.20
C SER L 127 -13.77 4.97 64.02
N GLY L 128 -13.76 6.25 64.38
CA GLY L 128 -12.56 7.02 64.22
C GLY L 128 -11.56 6.51 65.23
N VAL L 129 -10.43 7.21 65.30
CA VAL L 129 -9.49 7.06 66.38
C VAL L 129 -9.39 8.46 66.95
N ILE L 130 -9.60 8.60 68.25
CA ILE L 130 -9.48 9.89 68.89
C ILE L 130 -8.29 9.85 69.80
N GLN L 131 -7.51 10.93 69.78
CA GLN L 131 -6.14 10.93 70.21
C GLN L 131 -5.92 11.97 71.27
N GLY L 132 -4.93 11.79 72.12
CA GLY L 132 -4.64 12.85 73.06
C GLY L 132 -3.77 12.34 74.18
N GLN L 133 -3.60 13.23 75.15
CA GLN L 133 -2.97 12.83 76.37
C GLN L 133 -3.87 11.85 77.09
N PHE L 134 -3.25 10.96 77.86
CA PHE L 134 -4.04 9.97 78.58
C PHE L 134 -5.07 10.66 79.48
N SER L 135 -4.70 11.78 80.08
CA SER L 135 -5.63 12.52 80.92
C SER L 135 -6.89 12.90 80.13
N ASP L 136 -6.71 13.25 78.87
CA ASP L 136 -7.88 13.59 78.06
C ASP L 136 -8.65 12.34 77.60
N LEU L 137 -7.92 11.30 77.19
CA LEU L 137 -8.60 10.08 76.74
C LEU L 137 -9.33 9.39 77.89
N GLU L 138 -8.76 9.45 79.11
CA GLU L 138 -9.39 8.93 80.31
C GLU L 138 -10.71 9.65 80.51
N ILE L 139 -10.75 10.93 80.15
CA ILE L 139 -12.02 11.66 80.25
C ILE L 139 -12.99 11.20 79.16
N GLN L 140 -12.50 11.14 77.92
CA GLN L 140 -13.38 10.70 76.86
C GLN L 140 -13.95 9.33 77.20
N ALA L 141 -13.07 8.42 77.63
CA ALA L 141 -13.48 7.05 77.93
C ALA L 141 -14.58 7.02 78.97
N ALA L 142 -14.56 8.00 79.86
CA ALA L 142 -15.53 8.06 80.94
C ALA L 142 -16.90 8.40 80.42
N GLU L 143 -16.97 9.33 79.47
CA GLU L 143 -18.22 9.71 78.83
C GLU L 143 -18.75 8.56 77.96
N ILE L 144 -17.86 7.85 77.23
CA ILE L 144 -18.29 6.75 76.35
C ILE L 144 -18.96 5.73 77.22
N GLU L 145 -18.47 5.58 78.44
CA GLU L 145 -19.05 4.62 79.33
C GLU L 145 -20.38 5.12 79.91
N ARG L 146 -20.47 6.39 80.27
CA ARG L 146 -21.76 6.94 80.67
C ARG L 146 -22.78 6.88 79.51
N MET L 147 -22.35 7.21 78.25
CA MET L 147 -23.25 7.13 77.06
C MET L 147 -23.70 5.69 76.83
N ARG L 148 -22.79 4.74 76.96
CA ARG L 148 -23.19 3.37 76.86
C ARG L 148 -24.30 3.09 77.87
N THR L 149 -24.07 3.43 79.14
CA THR L 149 -25.04 3.06 80.17
C THR L 149 -26.32 3.88 80.11
N LEU L 150 -26.31 5.03 79.48
CA LEU L 150 -27.58 5.72 79.24
C LEU L 150 -28.38 5.04 78.14
N MET L 151 -27.68 4.45 77.15
CA MET L 151 -28.37 3.62 76.16
C MET L 151 -28.96 2.37 76.80
N GLU L 152 -28.26 1.75 77.73
CA GLU L 152 -28.81 0.56 78.34
C GLU L 152 -29.93 0.93 79.26
N THR L 153 -29.89 2.09 79.89
CA THR L 153 -31.00 2.31 80.79
C THR L 153 -32.22 2.89 80.09
N THR L 154 -32.06 3.67 79.03
CA THR L 154 -33.32 4.11 78.41
C THR L 154 -33.91 2.99 77.57
N LEU L 155 -33.10 2.15 76.95
CA LEU L 155 -33.73 1.03 76.28
C LEU L 155 -34.49 0.21 77.31
N ALA L 156 -33.93 0.12 78.51
CA ALA L 156 -34.60 -0.70 79.51
C ALA L 156 -35.97 -0.14 79.82
N ARG L 157 -36.07 1.18 79.85
CA ARG L 157 -37.28 1.83 80.36
C ARG L 157 -38.48 1.45 79.52
N HIS L 158 -38.28 1.37 78.22
CA HIS L 158 -39.36 1.23 77.27
C HIS L 158 -39.57 -0.21 76.88
N THR L 159 -38.58 -1.08 77.09
CA THR L 159 -38.83 -2.47 76.73
C THR L 159 -39.31 -3.25 77.93
N GLY L 160 -39.09 -2.72 79.11
CA GLY L 160 -39.45 -3.40 80.33
C GLY L 160 -38.40 -4.31 80.90
N LYS L 161 -37.26 -4.47 80.25
CA LYS L 161 -36.21 -5.30 80.80
C LYS L 161 -35.40 -4.51 81.84
N ASP L 162 -34.58 -5.20 82.64
CA ASP L 162 -33.62 -4.51 83.50
C ASP L 162 -32.39 -4.12 82.65
N ALA L 163 -31.76 -3.01 83.01
CA ALA L 163 -30.61 -2.52 82.23
C ALA L 163 -29.50 -3.55 82.17
N GLY L 164 -29.40 -4.44 83.17
CA GLY L 164 -28.36 -5.45 83.17
C GLY L 164 -28.48 -6.47 82.07
N VAL L 165 -29.72 -6.74 81.63
CA VAL L 165 -29.90 -7.61 80.48
C VAL L 165 -29.49 -6.88 79.22
N ILE L 166 -30.03 -5.68 79.02
CA ILE L 166 -29.63 -4.85 77.90
C ILE L 166 -28.12 -4.86 77.73
N ARG L 167 -27.39 -4.73 78.84
CA ARG L 167 -25.94 -4.62 78.77
C ARG L 167 -25.28 -5.91 78.24
N LYS L 168 -25.89 -7.10 78.47
CA LYS L 168 -25.33 -8.34 77.95
C LYS L 168 -25.74 -8.59 76.49
N ASP L 169 -26.97 -8.24 76.15
CA ASP L 169 -27.47 -8.53 74.81
C ASP L 169 -26.80 -7.62 73.82
N THR L 170 -26.37 -6.48 74.28
CA THR L 170 -25.59 -5.64 73.41
C THR L 170 -24.10 -5.79 73.60
N ASP L 171 -23.61 -6.68 74.48
CA ASP L 171 -22.18 -6.87 74.54
C ASP L 171 -21.63 -7.15 73.15
N ARG L 172 -22.28 -8.04 72.42
CA ARG L 172 -22.11 -8.19 70.98
C ARG L 172 -23.42 -7.84 70.27
N ASP L 173 -23.33 -7.50 69.00
CA ASP L 173 -24.56 -7.20 68.27
C ASP L 173 -25.62 -8.28 68.48
N LYS L 174 -26.89 -7.86 68.46
CA LYS L 174 -28.02 -8.77 68.61
C LYS L 174 -29.07 -8.39 67.59
N ILE L 175 -29.18 -9.14 66.58
CA ILE L 175 -30.15 -8.84 65.54
C ILE L 175 -31.45 -9.52 65.85
N LEU L 176 -32.57 -8.83 65.60
CA LEU L 176 -33.88 -9.40 65.88
C LEU L 176 -34.87 -9.33 64.74
N THR L 177 -35.60 -10.41 64.49
CA THR L 177 -36.65 -10.30 63.49
C THR L 177 -37.81 -9.49 64.03
N ALA L 178 -38.73 -9.09 63.16
CA ALA L 178 -39.89 -8.35 63.62
C ALA L 178 -40.68 -9.06 64.74
N GLU L 179 -40.90 -10.36 64.63
CA GLU L 179 -41.55 -11.01 65.76
C GLU L 179 -40.70 -10.99 67.01
N GLU L 180 -39.43 -11.37 66.86
CA GLU L 180 -38.61 -11.45 68.04
C GLU L 180 -38.52 -10.09 68.68
N ALA L 181 -38.67 -9.01 67.88
CA ALA L 181 -38.59 -7.68 68.47
C ALA L 181 -39.80 -7.36 69.35
N LYS L 182 -40.97 -7.92 69.05
CA LYS L 182 -42.15 -7.72 69.90
C LYS L 182 -41.95 -8.46 71.21
N ASP L 183 -41.37 -9.66 71.10
CA ASP L 183 -41.10 -10.42 72.30
C ASP L 183 -40.07 -9.71 73.16
N TYR L 184 -39.04 -9.09 72.53
CA TYR L 184 -38.02 -8.35 73.28
C TYR L 184 -38.64 -7.14 73.96
N GLY L 185 -39.68 -6.57 73.37
CA GLY L 185 -40.36 -5.44 73.99
C GLY L 185 -40.11 -4.09 73.35
N ILE L 186 -39.45 -4.09 72.19
CA ILE L 186 -39.15 -2.89 71.44
C ILE L 186 -40.35 -2.41 70.66
N ILE L 187 -41.12 -3.32 70.09
CA ILE L 187 -42.30 -2.89 69.36
C ILE L 187 -43.49 -3.60 69.95
N ASP L 188 -44.65 -3.15 69.57
CA ASP L 188 -45.88 -3.69 70.12
C ASP L 188 -46.66 -4.60 69.18
N THR L 189 -46.61 -4.36 67.88
CA THR L 189 -47.33 -5.22 66.94
C THR L 189 -46.49 -5.43 65.70
N VAL L 190 -46.74 -6.52 65.00
CA VAL L 190 -46.24 -6.72 63.65
C VAL L 190 -47.44 -6.52 62.73
N LEU L 191 -47.25 -5.70 61.71
CA LEU L 191 -48.27 -5.36 60.74
C LEU L 191 -48.53 -6.56 59.84
N GLU L 192 -49.81 -6.85 59.62
CA GLU L 192 -50.25 -7.88 58.72
C GLU L 192 -50.43 -7.20 57.38
N TYR L 193 -50.04 -7.89 56.34
CA TYR L 193 -50.37 -7.45 55.00
C TYR L 193 -51.86 -7.24 54.83
N ARG L 194 -52.26 -6.04 54.44
CA ARG L 194 -53.68 -5.77 54.25
C ARG L 194 -54.13 -5.92 52.79
N LYS L 195 -53.49 -6.78 52.00
CA LYS L 195 -53.86 -6.89 50.59
C LYS L 195 -55.13 -7.74 50.39
N LEU L 196 -55.99 -7.30 49.45
CA LEU L 196 -57.15 -8.09 49.00
C LEU L 196 -56.77 -9.24 48.07
N SER L 197 -55.54 -9.22 47.52
CA SER L 197 -54.96 -10.36 46.79
C SER L 197 -53.95 -11.23 47.57
N THR M 2 40.76 -17.73 -32.04
CA THR M 2 39.33 -18.01 -32.11
C THR M 2 38.62 -18.82 -30.95
N ASP M 3 38.40 -20.08 -31.28
CA ASP M 3 37.89 -21.05 -30.33
C ASP M 3 39.04 -21.56 -29.46
N SER M 4 40.21 -21.51 -30.07
CA SER M 4 41.47 -21.90 -29.46
C SER M 4 41.93 -20.94 -28.37
N VAL M 5 41.47 -19.70 -28.32
CA VAL M 5 41.85 -18.86 -27.18
C VAL M 5 41.20 -19.38 -25.91
N TYR M 6 39.97 -19.79 -26.01
CA TYR M 6 39.30 -20.33 -24.86
C TYR M 6 39.85 -21.67 -24.42
N GLU M 7 40.41 -22.44 -25.39
CA GLU M 7 40.98 -23.77 -25.11
C GLU M 7 42.35 -23.66 -24.48
N ARG M 8 43.16 -22.73 -24.95
CA ARG M 8 44.38 -22.44 -24.22
C ARG M 8 44.12 -22.03 -22.80
N LEU M 9 42.99 -21.36 -22.57
CA LEU M 9 42.65 -20.94 -21.22
C LEU M 9 42.16 -22.05 -20.34
N LEU M 10 41.54 -23.08 -20.92
CA LEU M 10 41.18 -24.26 -20.15
C LEU M 10 42.42 -24.98 -19.67
N SER M 11 43.49 -24.96 -20.47
CA SER M 11 44.72 -25.56 -19.99
C SER M 11 45.18 -24.92 -18.69
N GLU M 12 44.84 -23.65 -18.47
CA GLU M 12 45.24 -22.91 -17.29
C GLU M 12 44.16 -22.97 -16.23
N ARG M 13 43.14 -23.78 -16.44
CA ARG M 13 42.04 -23.99 -15.50
C ARG M 13 41.14 -22.76 -15.35
N ILE M 14 40.89 -22.06 -16.47
CA ILE M 14 40.00 -20.91 -16.55
C ILE M 14 38.84 -21.22 -17.51
N ILE M 15 37.63 -20.92 -17.10
CA ILE M 15 36.52 -21.16 -18.01
C ILE M 15 35.61 -19.94 -17.96
N PHE M 16 34.86 -19.72 -19.06
CA PHE M 16 33.99 -18.54 -19.26
C PHE M 16 32.52 -18.93 -19.28
N LEU M 17 31.67 -18.09 -18.72
CA LEU M 17 30.23 -18.18 -18.84
C LEU M 17 29.93 -16.87 -19.50
N GLY M 18 29.92 -16.82 -20.84
CA GLY M 18 29.83 -15.51 -21.46
C GLY M 18 28.51 -15.14 -22.10
N SER M 19 27.56 -16.06 -22.17
CA SER M 19 26.33 -15.89 -22.96
C SER M 19 25.26 -16.10 -21.95
N GLU M 20 23.99 -16.11 -22.40
CA GLU M 20 22.88 -16.58 -21.59
C GLU M 20 23.10 -18.04 -21.22
N VAL M 21 22.57 -18.40 -20.07
CA VAL M 21 22.78 -19.69 -19.46
C VAL M 21 21.69 -20.58 -20.04
N ASN M 22 22.07 -21.47 -20.95
CA ASN M 22 21.08 -22.38 -21.44
C ASN M 22 21.62 -23.79 -21.30
N ASP M 23 20.80 -24.76 -21.73
CA ASP M 23 21.21 -26.13 -21.55
C ASP M 23 22.52 -26.37 -22.28
N GLU M 24 22.75 -25.69 -23.41
CA GLU M 24 23.96 -25.90 -24.21
C GLU M 24 25.22 -25.34 -23.54
N ILE M 25 25.18 -24.11 -23.01
CA ILE M 25 26.38 -23.62 -22.32
C ILE M 25 26.55 -24.39 -21.03
N ALA M 26 25.42 -24.74 -20.41
CA ALA M 26 25.46 -25.35 -19.09
C ALA M 26 26.10 -26.70 -19.14
N ASN M 27 25.73 -27.48 -20.13
CA ASN M 27 26.25 -28.82 -20.28
C ASN M 27 27.72 -28.79 -20.62
N ARG M 28 28.13 -27.93 -21.56
CA ARG M 28 29.55 -27.88 -21.89
C ARG M 28 30.30 -27.46 -20.65
N LEU M 29 29.68 -26.65 -19.81
CA LEU M 29 30.39 -26.12 -18.66
C LEU M 29 30.52 -27.17 -17.58
N CYS M 30 29.47 -27.92 -17.32
CA CYS M 30 29.61 -29.03 -16.40
C CYS M 30 30.64 -30.05 -16.90
N ALA M 31 30.64 -30.39 -18.20
CA ALA M 31 31.68 -31.25 -18.72
C ALA M 31 33.05 -30.66 -18.44
N GLN M 32 33.21 -29.37 -18.72
CA GLN M 32 34.53 -28.79 -18.47
C GLN M 32 34.94 -28.90 -17.02
N ILE M 33 34.03 -28.65 -16.08
CA ILE M 33 34.41 -28.75 -14.67
C ILE M 33 34.72 -30.19 -14.33
N LEU M 34 34.02 -31.15 -14.95
CA LEU M 34 34.30 -32.55 -14.67
C LEU M 34 35.72 -32.93 -15.09
N LEU M 35 36.06 -32.65 -16.36
CA LEU M 35 37.41 -32.85 -16.83
C LEU M 35 38.44 -32.16 -15.91
N LEU M 36 38.23 -30.88 -15.58
CA LEU M 36 39.26 -30.19 -14.80
C LEU M 36 39.42 -30.78 -13.39
N ALA M 37 38.38 -31.38 -12.82
CA ALA M 37 38.53 -32.06 -11.53
C ALA M 37 39.23 -33.39 -11.70
N ALA M 38 39.07 -34.01 -12.86
CA ALA M 38 39.78 -35.26 -13.11
C ALA M 38 41.26 -35.00 -13.37
N GLU M 39 41.59 -33.97 -14.13
CA GLU M 39 43.00 -33.69 -14.41
C GLU M 39 43.76 -33.41 -13.12
N ASP M 40 43.15 -32.65 -12.23
CA ASP M 40 43.75 -32.26 -10.98
C ASP M 40 42.67 -31.90 -10.01
N ALA M 41 42.57 -32.65 -8.92
CA ALA M 41 41.43 -32.47 -8.02
C ALA M 41 41.76 -31.58 -6.85
N SER M 42 42.89 -30.88 -6.89
CA SER M 42 43.23 -29.94 -5.85
C SER M 42 43.44 -28.51 -6.32
N LYS M 43 43.69 -28.25 -7.61
CA LYS M 43 43.95 -26.90 -8.13
C LYS M 43 42.61 -26.20 -8.45
N ASP M 44 42.61 -24.89 -8.23
CA ASP M 44 41.35 -24.18 -8.43
C ASP M 44 40.90 -24.26 -9.88
N ILE M 45 39.60 -24.00 -10.05
CA ILE M 45 38.94 -23.67 -11.29
C ILE M 45 38.44 -22.22 -11.17
N SER M 46 38.87 -21.36 -12.11
CA SER M 46 38.48 -19.95 -12.13
C SER M 46 37.44 -19.87 -13.21
N LEU M 47 36.27 -19.40 -12.82
CA LEU M 47 35.05 -19.28 -13.62
C LEU M 47 34.75 -17.80 -13.76
N TYR M 48 35.01 -17.26 -14.95
CA TYR M 48 34.72 -15.87 -15.29
C TYR M 48 33.30 -15.73 -15.84
N ILE M 49 32.60 -14.72 -15.39
CA ILE M 49 31.18 -14.60 -15.65
C ILE M 49 30.98 -13.23 -16.24
N ASN M 50 30.37 -13.19 -17.45
CA ASN M 50 29.86 -11.96 -18.13
C ASN M 50 28.55 -12.42 -18.73
N SER M 51 27.52 -12.62 -17.94
CA SER M 51 26.34 -13.31 -18.42
C SER M 51 25.04 -12.64 -18.01
N PRO M 52 24.08 -12.48 -18.93
CA PRO M 52 22.84 -11.79 -18.58
C PRO M 52 21.89 -12.67 -17.84
N GLY M 53 22.16 -13.94 -17.72
CA GLY M 53 21.21 -14.75 -16.97
C GLY M 53 20.71 -15.90 -17.80
N GLY M 54 19.62 -16.59 -17.45
CA GLY M 54 19.23 -17.74 -18.25
C GLY M 54 18.40 -18.74 -17.45
N SER M 55 18.38 -19.97 -17.93
CA SER M 55 17.53 -21.01 -17.36
C SER M 55 18.01 -21.51 -16.00
N ILE M 56 17.07 -21.67 -15.05
CA ILE M 56 17.43 -22.14 -13.73
C ILE M 56 17.86 -23.60 -13.80
N SER M 57 17.11 -24.41 -14.56
CA SER M 57 17.42 -25.82 -14.56
C SER M 57 18.81 -26.02 -15.12
N ALA M 58 19.13 -25.32 -16.23
CA ALA M 58 20.49 -25.28 -16.78
C ALA M 58 21.44 -24.70 -15.76
N GLY M 59 20.98 -23.69 -15.04
CA GLY M 59 21.87 -23.06 -14.11
C GLY M 59 22.12 -23.91 -12.89
N MET M 60 21.15 -24.72 -12.49
CA MET M 60 21.31 -25.59 -11.32
C MET M 60 22.18 -26.82 -11.63
N ALA M 61 22.32 -27.19 -12.87
CA ALA M 61 23.33 -28.16 -13.23
C ALA M 61 24.74 -27.64 -12.94
N ILE M 62 25.01 -26.42 -13.39
CA ILE M 62 26.32 -25.86 -13.14
C ILE M 62 26.52 -25.69 -11.64
N TYR M 63 25.48 -25.25 -10.93
CA TYR M 63 25.66 -25.03 -9.50
C TYR M 63 25.97 -26.33 -8.78
N ASP M 64 25.19 -27.38 -9.07
CA ASP M 64 25.41 -28.69 -8.43
C ASP M 64 26.78 -29.25 -8.76
N THR M 65 27.21 -29.10 -10.02
CA THR M 65 28.52 -29.60 -10.37
C THR M 65 29.64 -28.81 -9.71
N MET M 66 29.49 -27.49 -9.51
CA MET M 66 30.51 -26.65 -8.84
C MET M 66 30.72 -27.08 -7.41
N VAL M 67 29.62 -27.32 -6.73
CA VAL M 67 29.65 -27.57 -5.30
C VAL M 67 30.28 -28.92 -5.01
N LEU M 68 29.94 -29.94 -5.82
CA LEU M 68 30.41 -31.31 -5.65
C LEU M 68 31.80 -31.51 -6.18
N ALA M 69 32.26 -30.65 -7.05
CA ALA M 69 33.60 -30.81 -7.58
C ALA M 69 34.62 -30.80 -6.44
N PRO M 70 35.70 -31.58 -6.57
CA PRO M 70 36.68 -31.68 -5.46
C PRO M 70 37.41 -30.37 -5.21
N CYS M 71 37.87 -29.73 -6.28
CA CYS M 71 38.62 -28.50 -6.18
C CYS M 71 37.66 -27.36 -5.92
N ASP M 72 38.22 -26.20 -5.55
CA ASP M 72 37.42 -25.00 -5.36
C ASP M 72 37.14 -24.33 -6.69
N ILE M 73 36.09 -23.55 -6.70
CA ILE M 73 35.73 -22.83 -7.88
C ILE M 73 35.79 -21.37 -7.56
N ALA M 74 36.78 -20.67 -8.13
CA ALA M 74 36.86 -19.22 -8.06
C ALA M 74 35.91 -18.60 -9.08
N THR M 75 35.20 -17.56 -8.68
CA THR M 75 34.27 -16.88 -9.57
C THR M 75 34.70 -15.44 -9.69
N TYR M 76 34.77 -14.96 -10.93
CA TYR M 76 35.11 -13.57 -11.21
C TYR M 76 34.01 -12.95 -12.06
N ALA M 77 33.49 -11.85 -11.57
CA ALA M 77 32.46 -11.14 -12.29
C ALA M 77 33.09 -10.05 -13.11
N MET M 78 33.09 -10.22 -14.41
CA MET M 78 33.61 -9.21 -15.31
C MET M 78 32.45 -8.45 -15.94
N GLY M 79 32.53 -7.14 -15.94
CA GLY M 79 31.41 -6.43 -16.54
C GLY M 79 29.98 -6.72 -16.04
N MET M 80 29.37 -7.86 -16.32
CA MET M 80 28.03 -8.05 -15.80
C MET M 80 27.72 -9.50 -15.47
N ALA M 81 27.16 -9.69 -14.26
CA ALA M 81 26.73 -11.01 -13.78
C ALA M 81 25.29 -10.87 -13.28
N ALA M 82 24.31 -11.31 -14.08
CA ALA M 82 22.89 -11.02 -13.80
C ALA M 82 22.06 -12.30 -13.66
N SER M 83 21.08 -12.29 -12.76
CA SER M 83 20.16 -13.41 -12.67
C SER M 83 20.98 -14.67 -12.36
N MET M 84 20.95 -15.71 -13.19
CA MET M 84 21.75 -16.88 -12.83
C MET M 84 23.22 -16.54 -12.82
N GLY M 85 23.60 -15.48 -13.52
CA GLY M 85 24.97 -15.04 -13.42
C GLY M 85 25.27 -14.59 -12.00
N GLU M 86 24.39 -13.79 -11.41
CA GLU M 86 24.61 -13.45 -10.00
C GLU M 86 24.61 -14.66 -9.08
N PHE M 87 23.69 -15.61 -9.29
CA PHE M 87 23.62 -16.81 -8.47
C PHE M 87 24.93 -17.63 -8.57
N LEU M 88 25.45 -17.87 -9.79
CA LEU M 88 26.65 -18.68 -9.99
C LEU M 88 27.88 -17.94 -9.52
N LEU M 89 27.87 -16.61 -9.57
CA LEU M 89 28.97 -15.86 -9.00
C LEU M 89 28.98 -15.98 -7.48
N ALA M 90 27.81 -15.73 -6.85
CA ALA M 90 27.70 -15.84 -5.40
C ALA M 90 27.91 -17.26 -4.95
N ALA M 91 27.72 -18.21 -5.83
CA ALA M 91 27.87 -19.57 -5.40
C ALA M 91 29.29 -20.04 -5.43
N GLY M 92 30.20 -19.24 -5.90
CA GLY M 92 31.57 -19.66 -5.87
C GLY M 92 32.06 -19.89 -4.45
N THR M 93 33.15 -20.65 -4.37
CA THR M 93 33.80 -20.91 -3.09
C THR M 93 34.06 -19.62 -2.34
N LYS M 94 33.61 -19.64 -1.09
CA LYS M 94 33.71 -18.52 -0.19
C LYS M 94 35.16 -18.14 0.05
N GLY M 95 35.39 -16.83 -0.04
CA GLY M 95 36.69 -16.28 0.04
C GLY M 95 37.32 -16.11 -1.30
N LYS M 96 36.80 -16.81 -2.31
CA LYS M 96 37.34 -16.79 -3.66
C LYS M 96 36.31 -16.34 -4.69
N ARG M 97 35.42 -15.43 -4.30
CA ARG M 97 34.45 -14.80 -5.18
C ARG M 97 34.88 -13.35 -5.41
N TYR M 98 35.19 -13.01 -6.66
CA TYR M 98 35.72 -11.70 -7.02
C TYR M 98 34.79 -10.97 -7.98
N ALA M 99 34.89 -9.64 -7.97
CA ALA M 99 34.24 -8.77 -8.95
C ALA M 99 35.25 -7.78 -9.54
N LEU M 100 35.31 -7.64 -10.86
CA LEU M 100 36.19 -6.59 -11.39
C LEU M 100 35.59 -5.23 -11.03
N PRO M 101 36.43 -4.14 -11.02
CA PRO M 101 35.99 -2.88 -10.40
C PRO M 101 34.69 -2.31 -10.95
N HIS M 102 34.43 -2.46 -12.23
CA HIS M 102 33.25 -1.83 -12.77
C HIS M 102 32.20 -2.78 -13.26
N ALA M 103 32.27 -4.04 -12.85
CA ALA M 103 31.24 -5.02 -13.12
C ALA M 103 29.99 -4.60 -12.38
N ARG M 104 28.86 -5.16 -12.76
CA ARG M 104 27.61 -4.90 -12.07
C ARG M 104 27.00 -6.28 -11.85
N ILE M 105 26.27 -6.37 -10.75
CA ILE M 105 25.53 -7.58 -10.42
C ILE M 105 24.05 -7.20 -10.37
N LEU M 106 23.22 -8.02 -11.03
CA LEU M 106 21.77 -7.89 -10.99
C LEU M 106 21.17 -9.10 -10.31
N MET M 107 20.33 -8.86 -9.34
CA MET M 107 19.56 -9.88 -8.65
C MET M 107 18.11 -9.49 -8.83
N HIS M 108 17.28 -10.46 -9.21
CA HIS M 108 15.83 -10.28 -9.23
C HIS M 108 15.20 -11.69 -9.18
N GLN M 109 13.83 -11.76 -9.20
CA GLN M 109 13.06 -13.01 -9.12
C GLN M 109 12.82 -13.67 -10.46
N PRO M 110 12.41 -14.92 -10.44
CA PRO M 110 12.30 -15.70 -11.67
C PRO M 110 11.18 -15.21 -12.59
N LEU M 111 11.36 -15.49 -13.89
CA LEU M 111 10.40 -15.23 -14.94
C LEU M 111 10.02 -16.51 -15.65
N GLY M 112 8.82 -16.50 -16.20
CA GLY M 112 8.31 -17.64 -16.92
C GLY M 112 7.02 -17.35 -17.61
N GLY M 113 6.24 -18.41 -17.85
CA GLY M 113 4.92 -18.28 -18.42
C GLY M 113 4.01 -19.31 -17.78
N VAL M 114 2.70 -19.05 -17.91
CA VAL M 114 1.69 -20.07 -17.64
C VAL M 114 0.94 -20.33 -18.93
N THR M 115 0.45 -21.57 -19.06
CA THR M 115 -0.25 -21.95 -20.29
C THR M 115 -0.99 -23.26 -20.06
N GLY M 116 -2.12 -23.43 -20.75
CA GLY M 116 -2.86 -24.67 -20.65
C GLY M 116 -4.12 -24.61 -19.81
N SER M 117 -4.51 -25.76 -19.30
CA SER M 117 -5.80 -25.82 -18.67
C SER M 117 -5.72 -25.19 -17.32
N ALA M 118 -6.87 -25.02 -16.71
CA ALA M 118 -6.85 -24.35 -15.42
C ALA M 118 -6.11 -25.14 -14.39
N ALA M 119 -6.16 -26.44 -14.58
CA ALA M 119 -5.58 -27.39 -13.68
C ALA M 119 -4.11 -27.60 -13.92
N ASP M 120 -3.69 -27.44 -15.17
CA ASP M 120 -2.26 -27.50 -15.47
C ASP M 120 -1.57 -26.26 -14.95
N ILE M 121 -2.24 -25.11 -15.00
CA ILE M 121 -1.60 -23.89 -14.55
C ILE M 121 -1.49 -23.90 -13.08
N ALA M 122 -2.47 -24.50 -12.44
CA ALA M 122 -2.37 -24.63 -11.01
C ALA M 122 -1.09 -25.37 -10.69
N ILE M 123 -0.76 -26.40 -11.49
CA ILE M 123 0.45 -27.14 -11.20
C ILE M 123 1.66 -26.29 -11.43
N GLN M 124 1.64 -25.53 -12.53
CA GLN M 124 2.70 -24.58 -12.87
C GLN M 124 2.94 -23.61 -11.76
N ALA M 125 1.88 -23.04 -11.21
CA ALA M 125 2.06 -22.07 -10.16
C ALA M 125 2.56 -22.70 -8.87
N GLU M 126 2.19 -23.96 -8.62
CA GLU M 126 2.81 -24.62 -7.47
C GLU M 126 4.33 -24.59 -7.56
N GLN M 127 4.91 -24.88 -8.75
CA GLN M 127 6.36 -24.89 -8.90
C GLN M 127 6.94 -23.50 -8.86
N PHE M 128 6.23 -22.52 -9.36
CA PHE M 128 6.72 -21.17 -9.20
C PHE M 128 7.03 -20.90 -7.73
N ALA M 129 6.12 -21.26 -6.81
CA ALA M 129 6.37 -20.87 -5.43
C ALA M 129 7.55 -21.63 -4.87
N VAL M 130 7.58 -22.92 -5.14
CA VAL M 130 8.65 -23.79 -4.69
C VAL M 130 9.98 -23.26 -5.18
N ILE M 131 10.07 -22.98 -6.47
CA ILE M 131 11.31 -22.55 -7.11
C ILE M 131 11.78 -21.26 -6.47
N LYS M 132 10.88 -20.30 -6.40
CA LYS M 132 11.24 -19.01 -5.85
C LYS M 132 11.71 -19.11 -4.40
N LYS M 133 11.03 -19.91 -3.55
CA LYS M 133 11.41 -19.98 -2.12
C LYS M 133 12.78 -20.64 -1.99
N GLU M 134 13.04 -21.64 -2.80
CA GLU M 134 14.33 -22.33 -2.86
C GLU M 134 15.48 -21.50 -3.43
N MET M 135 15.22 -20.64 -4.39
CA MET M 135 16.28 -19.83 -4.95
C MET M 135 16.62 -18.69 -4.02
N PHE M 136 15.61 -18.24 -3.27
CA PHE M 136 15.83 -17.21 -2.28
C PHE M 136 16.61 -17.75 -1.10
N ARG M 137 16.22 -18.91 -0.55
CA ARG M 137 17.00 -19.48 0.55
C ARG M 137 18.48 -19.58 0.17
N LEU M 138 18.75 -19.97 -1.09
CA LEU M 138 20.12 -20.17 -1.55
C LEU M 138 20.87 -18.87 -1.69
N ASN M 139 20.25 -17.84 -2.26
CA ASN M 139 20.95 -16.55 -2.29
C ASN M 139 21.23 -16.05 -0.89
N ALA M 140 20.33 -16.35 0.04
CA ALA M 140 20.56 -15.87 1.37
C ALA M 140 21.76 -16.56 1.99
N GLU M 141 22.01 -17.84 1.65
CA GLU M 141 23.19 -18.54 2.16
C GLU M 141 24.50 -17.96 1.59
N PHE M 142 24.49 -17.61 0.31
CA PHE M 142 25.67 -17.09 -0.36
C PHE M 142 26.00 -15.70 0.14
N THR M 143 24.98 -14.95 0.43
CA THR M 143 25.23 -13.58 0.78
C THR M 143 25.28 -13.41 2.26
N GLY M 144 24.68 -14.34 2.98
CA GLY M 144 24.50 -14.15 4.39
C GLY M 144 23.33 -13.25 4.74
N GLN M 145 22.64 -12.69 3.77
CA GLN M 145 21.55 -11.79 4.11
C GLN M 145 20.37 -12.58 4.59
N PRO M 146 19.39 -11.89 5.13
CA PRO M 146 18.16 -12.57 5.51
C PRO M 146 17.30 -12.97 4.33
N ILE M 147 16.57 -14.10 4.50
CA ILE M 147 15.57 -14.45 3.50
C ILE M 147 14.63 -13.28 3.35
N GLU M 148 14.43 -12.57 4.42
CA GLU M 148 13.52 -11.45 4.41
C GLU M 148 13.87 -10.47 3.31
N ARG M 149 15.18 -10.12 3.22
CA ARG M 149 15.76 -9.10 2.32
C ARG M 149 16.02 -9.64 0.91
N ILE M 150 16.34 -10.91 0.74
CA ILE M 150 16.48 -11.44 -0.62
C ILE M 150 15.15 -11.28 -1.37
N GLU M 151 14.08 -11.82 -0.78
CA GLU M 151 12.76 -11.75 -1.42
C GLU M 151 12.33 -10.32 -1.71
N ALA M 152 12.49 -9.42 -0.75
CA ALA M 152 12.01 -8.06 -0.97
C ALA M 152 12.87 -7.30 -1.99
N ASP M 153 14.20 -7.38 -1.89
CA ASP M 153 15.02 -6.68 -2.88
C ASP M 153 14.82 -7.26 -4.26
N SER M 154 14.57 -8.54 -4.33
CA SER M 154 14.50 -9.17 -5.62
C SER M 154 13.18 -8.99 -6.34
N ASP M 155 12.15 -8.45 -5.68
CA ASP M 155 10.82 -8.37 -6.31
C ASP M 155 10.89 -7.72 -7.70
N ARG M 156 11.67 -6.66 -7.82
CA ARG M 156 12.00 -6.05 -9.11
C ARG M 156 13.51 -5.83 -9.07
N ASP M 157 14.09 -5.62 -10.25
CA ASP M 157 15.54 -5.73 -10.41
C ASP M 157 16.31 -4.80 -9.46
N ARG M 158 17.30 -5.37 -8.75
CA ARG M 158 18.19 -4.63 -7.87
C ARG M 158 19.57 -4.72 -8.44
N TRP M 159 20.06 -3.60 -8.85
CA TRP M 159 21.39 -3.55 -9.38
C TRP M 159 22.36 -3.19 -8.29
N PHE M 160 23.53 -3.80 -8.38
CA PHE M 160 24.61 -3.51 -7.46
C PHE M 160 25.82 -3.19 -8.31
N THR M 161 26.55 -2.17 -7.92
CA THR M 161 27.87 -1.95 -8.47
C THR M 161 28.87 -2.87 -7.79
N ALA M 162 30.08 -3.00 -8.33
CA ALA M 162 31.02 -3.91 -7.66
C ALA M 162 31.09 -3.71 -6.13
N ALA M 163 31.22 -2.47 -5.65
CA ALA M 163 31.29 -2.29 -4.19
C ALA M 163 29.98 -2.66 -3.47
N GLU M 164 28.84 -2.22 -4.01
CA GLU M 164 27.59 -2.49 -3.33
C GLU M 164 27.42 -3.96 -3.14
N ALA M 165 27.93 -4.75 -4.11
CA ALA M 165 27.82 -6.20 -4.11
C ALA M 165 28.67 -6.85 -3.03
N LEU M 166 29.83 -6.23 -2.75
CA LEU M 166 30.80 -6.72 -1.78
C LEU M 166 30.22 -6.56 -0.39
N GLU M 167 29.59 -5.38 -0.10
CA GLU M 167 28.90 -5.20 1.19
C GLU M 167 27.74 -6.20 1.27
N TYR M 168 27.03 -6.46 0.17
CA TYR M 168 25.82 -7.28 0.25
C TYR M 168 26.16 -8.74 0.44
N GLY M 169 27.31 -9.20 -0.05
CA GLY M 169 27.73 -10.59 0.18
C GLY M 169 27.85 -11.44 -1.08
N PHE M 170 27.63 -10.87 -2.26
CA PHE M 170 27.77 -11.60 -3.52
C PHE M 170 29.20 -12.01 -3.80
N VAL M 171 30.15 -11.13 -3.49
CA VAL M 171 31.57 -11.39 -3.60
C VAL M 171 32.25 -11.16 -2.25
N ASP M 172 33.52 -11.57 -2.21
CA ASP M 172 34.43 -11.42 -1.07
C ASP M 172 35.54 -10.41 -1.30
N HIS M 173 35.76 -10.02 -2.55
CA HIS M 173 36.84 -9.14 -2.94
C HIS M 173 36.50 -8.37 -4.21
N ILE M 174 37.24 -7.28 -4.43
CA ILE M 174 37.27 -6.52 -5.67
C ILE M 174 38.71 -6.33 -6.09
N ILE M 175 39.03 -6.77 -7.32
CA ILE M 175 40.36 -6.80 -7.89
C ILE M 175 40.85 -5.43 -8.29
N THR M 176 42.19 -5.25 -8.21
CA THR M 176 42.86 -3.99 -8.63
C THR M 176 44.24 -4.24 -9.38
N THR N 2 29.45 7.30 56.60
CA THR N 2 28.03 7.03 56.39
C THR N 2 27.41 6.35 57.63
N ASP N 3 27.16 5.06 57.43
CA ASP N 3 26.82 4.10 58.47
C ASP N 3 28.05 3.51 59.10
N SER N 4 29.19 3.61 58.41
CA SER N 4 30.45 3.14 58.95
C SER N 4 30.94 4.02 60.09
N VAL N 5 30.47 5.27 60.14
CA VAL N 5 30.81 6.12 61.28
C VAL N 5 30.25 5.52 62.53
N TYR N 6 28.99 5.11 62.49
CA TYR N 6 28.39 4.52 63.66
C TYR N 6 29.06 3.20 64.08
N GLU N 7 29.59 2.45 63.12
CA GLU N 7 30.21 1.16 63.43
C GLU N 7 31.61 1.33 64.07
N ARG N 8 32.44 2.27 63.59
CA ARG N 8 33.69 2.56 64.30
C ARG N 8 33.39 2.95 65.71
N LEU N 9 32.28 3.65 65.91
CA LEU N 9 31.90 3.97 67.27
C LEU N 9 31.37 2.78 68.02
N LEU N 10 30.72 1.84 67.35
CA LEU N 10 30.30 0.68 68.09
C LEU N 10 31.51 -0.12 68.55
N SER N 11 32.62 -0.04 67.81
CA SER N 11 33.82 -0.72 68.27
C SER N 11 34.33 -0.16 69.59
N GLU N 12 33.99 1.10 69.91
CA GLU N 12 34.37 1.86 71.09
C GLU N 12 33.33 1.80 72.20
N ARG N 13 32.31 0.99 71.98
CA ARG N 13 31.25 0.76 72.95
C ARG N 13 30.37 2.00 73.11
N ILE N 14 30.16 2.72 72.00
CA ILE N 14 29.29 3.90 71.92
C ILE N 14 28.11 3.58 70.99
N ILE N 15 26.87 3.90 71.44
CA ILE N 15 25.69 3.75 70.59
C ILE N 15 24.85 5.02 70.67
N PHE N 16 24.08 5.30 69.60
CA PHE N 16 23.27 6.48 69.45
C PHE N 16 21.80 6.11 69.42
N LEU N 17 20.98 6.88 70.08
CA LEU N 17 19.54 6.81 69.97
C LEU N 17 19.20 8.14 69.36
N GLY N 18 19.32 8.28 68.05
CA GLY N 18 19.21 9.58 67.49
C GLY N 18 17.90 9.93 66.83
N SER N 19 16.92 9.04 66.89
CA SER N 19 15.71 9.20 66.12
C SER N 19 14.59 9.10 67.09
N GLU N 20 13.38 9.08 66.61
CA GLU N 20 12.29 8.65 67.44
C GLU N 20 12.47 7.19 67.85
N VAL N 21 11.89 6.82 68.99
CA VAL N 21 11.98 5.46 69.50
C VAL N 21 10.84 4.67 68.85
N ASN N 22 11.17 3.79 67.93
CA ASN N 22 10.18 2.90 67.34
C ASN N 22 10.68 1.50 67.56
N ASP N 23 9.86 0.53 67.18
CA ASP N 23 10.34 -0.80 67.41
C ASP N 23 11.65 -1.01 66.65
N GLU N 24 11.81 -0.36 65.49
CA GLU N 24 12.94 -0.59 64.57
C GLU N 24 14.26 -0.13 65.18
N ILE N 25 14.29 1.07 65.77
CA ILE N 25 15.53 1.51 66.42
C ILE N 25 15.74 0.68 67.66
N ALA N 26 14.64 0.36 68.34
CA ALA N 26 14.67 -0.28 69.63
C ALA N 26 15.23 -1.68 69.56
N ASN N 27 14.85 -2.41 68.53
CA ASN N 27 15.30 -3.78 68.29
C ASN N 27 16.77 -3.79 67.94
N ARG N 28 17.21 -2.92 67.02
CA ARG N 28 18.63 -2.81 66.68
C ARG N 28 19.42 -2.36 67.92
N LEU N 29 18.79 -1.54 68.77
CA LEU N 29 19.48 -1.00 69.92
C LEU N 29 19.58 -2.05 71.02
N CYS N 30 18.58 -2.87 71.16
CA CYS N 30 18.72 -4.04 72.01
C CYS N 30 19.79 -5.01 71.49
N ALA N 31 19.85 -5.26 70.17
CA ALA N 31 20.90 -6.13 69.62
C ALA N 31 22.29 -5.60 69.91
N GLN N 32 22.54 -4.32 69.69
CA GLN N 32 23.88 -3.81 69.96
C GLN N 32 24.27 -3.99 71.45
N ILE N 33 23.34 -3.77 72.40
CA ILE N 33 23.72 -3.92 73.81
C ILE N 33 24.01 -5.38 74.14
N LEU N 34 23.25 -6.31 73.55
CA LEU N 34 23.56 -7.72 73.72
C LEU N 34 24.96 -8.03 73.19
N LEU N 35 25.23 -7.67 71.93
CA LEU N 35 26.57 -7.83 71.38
C LEU N 35 27.64 -7.25 72.28
N LEU N 36 27.48 -5.99 72.67
CA LEU N 36 28.60 -5.34 73.34
C LEU N 36 28.91 -5.96 74.69
N ALA N 37 27.90 -6.51 75.38
CA ALA N 37 28.17 -7.16 76.65
C ALA N 37 28.73 -8.55 76.43
N ALA N 38 28.43 -9.13 75.27
CA ALA N 38 29.06 -10.41 74.93
C ALA N 38 30.56 -10.23 74.73
N GLU N 39 30.98 -9.20 73.97
CA GLU N 39 32.41 -8.92 73.71
C GLU N 39 33.15 -8.59 75.00
N ASP N 40 32.57 -7.78 75.87
CA ASP N 40 33.17 -7.51 77.17
C ASP N 40 32.09 -7.14 78.17
N ALA N 41 31.93 -7.92 79.26
CA ALA N 41 30.82 -7.73 80.18
C ALA N 41 31.16 -6.84 81.36
N SER N 42 32.31 -6.15 81.33
CA SER N 42 32.68 -5.26 82.40
C SER N 42 32.90 -3.82 81.99
N LYS N 43 33.21 -3.54 80.69
CA LYS N 43 33.52 -2.19 80.17
C LYS N 43 32.19 -1.53 79.85
N ASP N 44 32.10 -0.23 80.11
CA ASP N 44 30.80 0.42 80.00
C ASP N 44 30.38 0.50 78.55
N ILE N 45 29.09 0.73 78.37
CA ILE N 45 28.50 1.11 77.10
C ILE N 45 27.99 2.53 77.25
N SER N 46 28.28 3.36 76.27
CA SER N 46 27.77 4.71 76.20
C SER N 46 26.65 4.86 75.18
N LEU N 47 25.51 5.39 75.64
CA LEU N 47 24.29 5.64 74.89
C LEU N 47 24.12 7.15 74.77
N TYR N 48 24.38 7.68 73.57
CA TYR N 48 24.17 9.09 73.29
C TYR N 48 22.70 9.16 72.97
N ILE N 49 22.01 10.21 73.41
CA ILE N 49 20.57 10.34 73.23
C ILE N 49 20.25 11.71 72.68
N ASN N 50 19.65 11.76 71.50
CA ASN N 50 19.13 13.00 70.87
C ASN N 50 17.84 12.59 70.15
N SER N 51 16.79 12.36 70.94
CA SER N 51 15.57 11.73 70.52
C SER N 51 14.34 12.42 71.06
N PRO N 52 13.35 12.63 70.20
CA PRO N 52 12.12 13.33 70.62
C PRO N 52 11.14 12.43 71.31
N GLY N 53 11.39 11.13 71.40
CA GLY N 53 10.42 10.31 72.07
C GLY N 53 9.99 9.13 71.24
N GLY N 54 8.84 8.51 71.49
CA GLY N 54 8.52 7.33 70.70
C GLY N 54 7.59 6.43 71.47
N SER N 55 7.65 5.16 71.15
CA SER N 55 6.78 4.17 71.74
C SER N 55 7.27 3.70 73.12
N ILE N 56 6.31 3.51 74.02
CA ILE N 56 6.63 2.99 75.33
C ILE N 56 7.04 1.54 75.21
N SER N 57 6.34 0.76 74.37
CA SER N 57 6.68 -0.66 74.33
C SER N 57 8.05 -0.85 73.68
N ALA N 58 8.35 -0.08 72.63
CA ALA N 58 9.69 -0.05 72.05
C ALA N 58 10.71 0.39 73.05
N GLY N 59 10.33 1.34 73.88
CA GLY N 59 11.25 1.88 74.84
C GLY N 59 11.52 0.98 76.00
N MET N 60 10.54 0.15 76.39
CA MET N 60 10.72 -0.70 77.58
C MET N 60 11.60 -1.88 77.25
N ALA N 61 11.67 -2.18 75.96
CA ALA N 61 12.61 -3.17 75.46
C ALA N 61 14.04 -2.72 75.70
N ILE N 62 14.35 -1.48 75.33
CA ILE N 62 15.66 -0.91 75.59
C ILE N 62 15.93 -0.85 77.09
N TYR N 63 14.97 -0.33 77.88
CA TYR N 63 15.24 -0.15 79.31
C TYR N 63 15.55 -1.49 79.99
N ASP N 64 14.74 -2.54 79.72
CA ASP N 64 15.01 -3.86 80.31
C ASP N 64 16.41 -4.36 79.93
N THR N 65 16.82 -4.11 78.68
CA THR N 65 18.11 -4.59 78.20
C THR N 65 19.27 -3.80 78.84
N MET N 66 19.05 -2.51 79.14
CA MET N 66 20.01 -1.72 79.91
C MET N 66 20.18 -2.27 81.31
N VAL N 67 19.08 -2.54 82.00
CA VAL N 67 19.16 -2.87 83.42
C VAL N 67 19.70 -4.28 83.60
N LEU N 68 19.37 -5.16 82.70
CA LEU N 68 19.82 -6.53 82.79
C LEU N 68 21.22 -6.70 82.23
N ALA N 69 21.77 -5.72 81.51
CA ALA N 69 23.10 -5.94 80.97
C ALA N 69 24.13 -6.09 82.08
N PRO N 70 25.17 -6.90 81.89
CA PRO N 70 26.20 -6.97 82.94
C PRO N 70 26.91 -5.64 83.17
N CYS N 71 27.32 -4.99 82.10
CA CYS N 71 28.00 -3.71 82.20
C CYS N 71 27.02 -2.59 82.56
N ASP N 72 27.61 -1.45 82.95
CA ASP N 72 26.87 -0.24 83.21
C ASP N 72 26.57 0.49 81.89
N ILE N 73 25.51 1.26 81.90
CA ILE N 73 25.15 1.99 80.73
C ILE N 73 25.25 3.44 81.11
N ALA N 74 26.28 4.11 80.60
CA ALA N 74 26.32 5.57 80.71
C ALA N 74 25.38 6.18 79.67
N THR N 75 24.60 7.16 80.07
CA THR N 75 23.69 7.84 79.15
C THR N 75 24.11 9.30 79.12
N TYR N 76 24.16 9.88 77.91
CA TYR N 76 24.54 11.26 77.63
C TYR N 76 23.45 11.99 76.84
N ALA N 77 23.02 13.13 77.33
CA ALA N 77 21.94 13.86 76.66
C ALA N 77 22.48 14.96 75.76
N MET N 78 22.47 14.72 74.44
CA MET N 78 22.95 15.70 73.47
C MET N 78 21.76 16.46 72.91
N GLY N 79 21.93 17.75 72.70
CA GLY N 79 20.78 18.51 72.23
C GLY N 79 19.41 18.23 72.87
N MET N 80 18.70 17.15 72.52
CA MET N 80 17.37 16.94 73.09
C MET N 80 17.09 15.49 73.42
N ALA N 81 16.59 15.28 74.62
CA ALA N 81 16.22 13.97 75.13
C ALA N 81 14.84 14.14 75.75
N ALA N 82 13.79 13.66 75.08
CA ALA N 82 12.41 13.96 75.47
C ALA N 82 11.53 12.72 75.59
N SER N 83 10.55 12.77 76.50
CA SER N 83 9.59 11.69 76.51
C SER N 83 10.30 10.40 76.77
N MET N 84 10.26 9.48 75.83
CA MET N 84 11.03 8.29 76.09
C MET N 84 12.51 8.58 76.08
N GLY N 85 12.97 9.69 75.52
CA GLY N 85 14.38 10.04 75.67
C GLY N 85 14.71 10.49 77.09
N GLU N 86 13.85 11.32 77.68
CA GLU N 86 14.05 11.61 79.08
C GLU N 86 14.01 10.30 79.90
N PHE N 87 13.09 9.37 79.55
CA PHE N 87 12.94 8.13 80.30
C PHE N 87 14.21 7.29 80.19
N LEU N 88 14.71 7.12 79.00
CA LEU N 88 15.91 6.29 78.87
C LEU N 88 17.21 7.00 79.30
N LEU N 89 17.27 8.34 79.26
CA LEU N 89 18.47 9.01 79.80
C LEU N 89 18.53 8.78 81.29
N ALA N 90 17.43 9.01 81.99
CA ALA N 90 17.40 8.84 83.43
C ALA N 90 17.54 7.39 83.89
N ALA N 91 17.37 6.42 83.00
CA ALA N 91 17.50 5.00 83.33
C ALA N 91 18.95 4.58 83.33
N GLY N 92 19.83 5.49 82.90
CA GLY N 92 21.24 5.21 82.96
C GLY N 92 21.69 4.93 84.39
N THR N 93 22.83 4.25 84.43
CA THR N 93 23.52 3.91 85.66
C THR N 93 23.71 5.17 86.49
N LYS N 94 23.29 5.11 87.75
CA LYS N 94 23.47 6.26 88.62
C LYS N 94 24.93 6.59 88.73
N GLY N 95 25.22 7.87 88.58
CA GLY N 95 26.57 8.35 88.56
C GLY N 95 27.13 8.53 87.19
N LYS N 96 26.53 7.89 86.17
CA LYS N 96 26.99 7.94 84.78
C LYS N 96 25.88 8.43 83.84
N ARG N 97 25.04 9.38 84.29
CA ARG N 97 24.02 10.02 83.48
C ARG N 97 24.48 11.45 83.29
N TYR N 98 24.70 11.85 82.04
CA TYR N 98 25.24 13.15 81.67
C TYR N 98 24.20 13.90 80.81
N ALA N 99 24.33 15.22 80.84
CA ALA N 99 23.63 16.16 79.97
C ALA N 99 24.72 17.07 79.43
N LEU N 100 24.80 17.23 78.12
CA LEU N 100 25.73 18.22 77.59
C LEU N 100 25.14 19.60 77.90
N PRO N 101 25.98 20.65 77.90
CA PRO N 101 25.61 21.90 78.61
C PRO N 101 24.35 22.51 78.11
N HIS N 102 24.11 22.37 76.83
CA HIS N 102 22.96 22.97 76.24
C HIS N 102 21.94 21.96 75.77
N ALA N 103 21.98 20.74 76.33
CA ALA N 103 20.92 19.79 76.06
C ALA N 103 19.65 20.32 76.68
N ARG N 104 18.53 19.78 76.23
CA ARG N 104 17.29 20.04 76.93
C ARG N 104 16.58 18.73 77.16
N ILE N 105 15.91 18.61 78.31
CA ILE N 105 15.17 17.41 78.64
C ILE N 105 13.70 17.78 78.70
N LEU N 106 12.86 16.96 78.12
CA LEU N 106 11.43 17.17 78.20
C LEU N 106 10.79 16.02 78.94
N MET N 107 9.88 16.34 79.84
CA MET N 107 9.08 15.33 80.51
C MET N 107 7.64 15.69 80.28
N HIS N 108 6.82 14.68 79.94
CA HIS N 108 5.36 14.80 80.00
C HIS N 108 4.74 13.42 80.13
N GLN N 109 3.41 13.38 80.11
CA GLN N 109 2.65 12.14 80.22
C GLN N 109 2.43 11.47 78.88
N PRO N 110 2.01 10.21 78.88
CA PRO N 110 1.89 9.44 77.64
C PRO N 110 0.75 9.95 76.75
N LEU N 111 0.83 9.59 75.47
CA LEU N 111 -0.20 9.89 74.49
C LEU N 111 -0.68 8.62 73.83
N GLY N 112 -1.90 8.65 73.34
CA GLY N 112 -2.41 7.51 72.61
C GLY N 112 -3.73 7.88 71.98
N GLY N 113 -4.51 6.86 71.65
CA GLY N 113 -5.82 7.11 71.09
C GLY N 113 -6.74 6.02 71.59
N VAL N 114 -8.04 6.31 71.58
CA VAL N 114 -9.04 5.29 71.93
C VAL N 114 -9.90 5.04 70.71
N THR N 115 -10.43 3.83 70.58
CA THR N 115 -11.16 3.42 69.38
C THR N 115 -11.94 2.15 69.65
N GLY N 116 -12.98 1.91 68.88
CA GLY N 116 -13.63 0.63 69.02
C GLY N 116 -14.93 0.74 69.76
N SER N 117 -15.38 -0.40 70.29
CA SER N 117 -16.66 -0.38 70.97
C SER N 117 -16.51 0.18 72.38
N ALA N 118 -17.63 0.45 73.00
CA ALA N 118 -17.53 1.08 74.32
C ALA N 118 -16.89 0.14 75.33
N ALA N 119 -17.00 -1.14 75.12
CA ALA N 119 -16.32 -2.07 75.99
C ALA N 119 -14.84 -2.18 75.66
N ASP N 120 -14.46 -2.05 74.39
CA ASP N 120 -13.03 -2.06 74.11
C ASP N 120 -12.35 -0.84 74.73
N ILE N 121 -13.00 0.34 74.65
CA ILE N 121 -12.36 1.56 75.12
C ILE N 121 -12.20 1.51 76.59
N ALA N 122 -13.10 0.81 77.25
CA ALA N 122 -12.98 0.61 78.68
C ALA N 122 -11.71 -0.14 79.01
N ILE N 123 -11.41 -1.19 78.25
CA ILE N 123 -10.17 -1.93 78.46
C ILE N 123 -8.98 -1.06 78.10
N GLN N 124 -9.07 -0.36 76.99
CA GLN N 124 -7.95 0.49 76.60
C GLN N 124 -7.65 1.50 77.69
N ALA N 125 -8.72 2.10 78.26
CA ALA N 125 -8.58 3.11 79.28
C ALA N 125 -8.07 2.50 80.57
N GLU N 126 -8.43 1.23 80.84
CA GLU N 126 -7.82 0.53 81.97
C GLU N 126 -6.29 0.60 81.90
N GLN N 127 -5.73 0.32 80.74
CA GLN N 127 -4.29 0.28 80.58
C GLN N 127 -3.70 1.67 80.61
N PHE N 128 -4.41 2.68 80.13
CA PHE N 128 -3.85 4.01 80.23
C PHE N 128 -3.35 4.30 81.63
N ALA N 129 -4.19 3.99 82.62
CA ALA N 129 -3.90 4.25 84.02
C ALA N 129 -2.77 3.37 84.52
N VAL N 130 -2.84 2.07 84.22
CA VAL N 130 -1.79 1.16 84.65
C VAL N 130 -0.44 1.64 84.12
N ILE N 131 -0.43 2.00 82.83
CA ILE N 131 0.81 2.45 82.20
C ILE N 131 1.29 3.75 82.82
N LYS N 132 0.37 4.68 83.07
CA LYS N 132 0.79 5.96 83.62
C LYS N 132 1.39 5.80 85.00
N LYS N 133 0.76 5.01 85.86
CA LYS N 133 1.33 4.87 87.19
C LYS N 133 2.66 4.16 87.06
N GLU N 134 2.76 3.24 86.11
CA GLU N 134 4.00 2.52 86.01
C GLU N 134 5.15 3.38 85.45
N MET N 135 4.89 4.27 84.50
CA MET N 135 5.97 5.14 83.99
C MET N 135 6.33 6.25 84.99
N PHE N 136 5.34 6.69 85.72
CA PHE N 136 5.55 7.68 86.75
C PHE N 136 6.33 7.08 87.93
N ARG N 137 5.99 5.86 88.35
CA ARG N 137 6.78 5.16 89.35
C ARG N 137 8.24 5.04 88.92
N LEU N 138 8.46 4.68 87.66
CA LEU N 138 9.83 4.59 87.17
C LEU N 138 10.51 5.96 87.05
N ASN N 139 9.86 6.99 86.48
CA ASN N 139 10.55 8.28 86.52
C ASN N 139 10.88 8.75 87.94
N ALA N 140 10.03 8.43 88.92
CA ALA N 140 10.34 8.86 90.27
C ALA N 140 11.56 8.15 90.83
N GLU N 141 11.71 6.87 90.49
CA GLU N 141 12.89 6.15 90.95
C GLU N 141 14.16 6.67 90.28
N PHE N 142 14.10 7.02 88.98
CA PHE N 142 15.32 7.49 88.33
C PHE N 142 15.79 8.81 88.94
N THR N 143 14.83 9.71 89.28
CA THR N 143 15.11 11.10 89.65
C THR N 143 15.14 11.33 91.13
N GLY N 144 14.54 10.44 91.88
CA GLY N 144 14.45 10.63 93.28
C GLY N 144 13.26 11.42 93.72
N GLN N 145 12.48 11.91 92.79
CA GLN N 145 11.30 12.68 93.12
C GLN N 145 10.16 11.77 93.53
N PRO N 146 9.13 12.32 94.24
CA PRO N 146 7.91 11.56 94.54
C PRO N 146 7.05 11.34 93.30
N ILE N 147 6.31 10.23 93.32
CA ILE N 147 5.35 9.98 92.25
C ILE N 147 4.50 11.22 92.01
N GLU N 148 3.90 11.74 93.05
CA GLU N 148 2.98 12.82 92.88
C GLU N 148 3.62 14.00 92.15
N ARG N 149 4.93 14.25 92.38
CA ARG N 149 5.58 15.34 91.66
C ARG N 149 5.76 14.91 90.23
N ILE N 150 6.05 13.63 89.97
CA ILE N 150 6.16 13.24 88.58
C ILE N 150 4.85 13.49 87.85
N GLU N 151 3.74 13.00 88.39
CA GLU N 151 2.46 13.16 87.72
C GLU N 151 2.06 14.63 87.64
N ALA N 152 2.31 15.41 88.68
CA ALA N 152 1.88 16.79 88.57
C ALA N 152 2.67 17.49 87.49
N ASP N 153 3.99 17.38 87.57
CA ASP N 153 4.83 18.04 86.60
C ASP N 153 4.65 17.44 85.23
N SER N 154 4.35 16.17 85.15
CA SER N 154 4.22 15.60 83.82
C SER N 154 2.85 15.86 83.20
N ASP N 155 1.90 16.55 83.88
CA ASP N 155 0.55 16.65 83.32
C ASP N 155 0.57 17.28 81.92
N ARG N 156 1.33 18.36 81.77
CA ARG N 156 1.65 18.97 80.49
C ARG N 156 3.16 19.18 80.43
N ASP N 157 3.64 19.38 79.22
CA ASP N 157 5.08 19.35 79.01
C ASP N 157 5.79 20.30 79.95
N ARG N 158 6.79 19.74 80.64
CA ARG N 158 7.73 20.45 81.50
C ARG N 158 9.11 20.31 80.91
N TRP N 159 9.70 21.43 80.56
CA TRP N 159 11.02 21.48 79.96
C TRP N 159 12.09 21.77 81.00
N PHE N 160 13.27 21.22 80.75
CA PHE N 160 14.40 21.45 81.62
C PHE N 160 15.65 21.89 80.81
N THR N 161 16.40 22.85 81.33
CA THR N 161 17.74 23.03 80.81
C THR N 161 18.71 22.05 81.50
N ALA N 162 19.92 21.92 80.97
CA ALA N 162 20.86 20.95 81.54
C ALA N 162 20.97 21.11 83.06
N ALA N 163 21.00 22.37 83.54
CA ALA N 163 21.11 22.66 84.97
C ALA N 163 19.88 22.26 85.78
N GLU N 164 18.68 22.63 85.28
CA GLU N 164 17.44 22.30 85.98
C GLU N 164 17.28 20.80 86.17
N ALA N 165 17.75 20.04 85.13
CA ALA N 165 17.70 18.58 85.03
C ALA N 165 18.60 17.90 86.05
N LEU N 166 19.69 18.56 86.42
CA LEU N 166 20.57 18.08 87.45
C LEU N 166 19.92 18.31 88.82
N GLU N 167 19.33 19.51 89.03
CA GLU N 167 18.59 19.71 90.28
C GLU N 167 17.41 18.74 90.34
N TYR N 168 16.82 18.41 89.18
CA TYR N 168 15.61 17.61 89.22
C TYR N 168 15.87 16.14 89.41
N GLY N 169 16.99 15.63 88.92
CA GLY N 169 17.31 14.22 89.12
C GLY N 169 17.45 13.38 87.87
N PHE N 170 17.33 13.96 86.68
CA PHE N 170 17.50 13.19 85.45
C PHE N 170 18.94 12.76 85.26
N VAL N 171 19.89 13.66 85.56
CA VAL N 171 21.30 13.36 85.34
C VAL N 171 22.12 13.47 86.62
N ASP N 172 23.39 13.06 86.47
CA ASP N 172 24.32 13.15 87.58
C ASP N 172 25.43 14.16 87.41
N HIS N 173 25.71 14.58 86.19
CA HIS N 173 26.82 15.47 85.88
C HIS N 173 26.45 16.22 84.62
N ILE N 174 27.10 17.36 84.43
CA ILE N 174 27.01 18.14 83.20
C ILE N 174 28.43 18.29 82.67
N ILE N 175 28.65 17.93 81.43
CA ILE N 175 29.98 17.93 80.87
C ILE N 175 30.49 19.32 80.53
N THR N 176 31.83 19.48 80.61
CA THR N 176 32.53 20.69 80.14
C THR N 176 33.88 20.70 79.32
N TYR O 1 -14.15 11.16 -50.11
CA TYR O 1 -12.79 10.87 -50.56
C TYR O 1 -12.46 11.65 -51.84
N ILE O 2 -11.56 11.06 -52.65
CA ILE O 2 -10.86 11.79 -53.69
C ILE O 2 -11.80 12.31 -54.79
N LEU O 3 -13.03 11.81 -54.87
CA LEU O 3 -13.92 12.10 -56.00
C LEU O 3 -15.28 12.60 -55.59
N PRO O 4 -15.55 13.88 -55.72
CA PRO O 4 -16.81 14.43 -55.28
C PRO O 4 -17.95 14.03 -56.22
N SER O 5 -19.18 14.21 -55.73
CA SER O 5 -20.37 14.18 -56.56
C SER O 5 -20.92 15.59 -56.71
N PHE O 6 -21.66 15.82 -57.79
CA PHE O 6 -22.27 17.10 -58.07
C PHE O 6 -23.74 16.84 -58.37
N ILE O 7 -24.54 17.91 -58.50
CA ILE O 7 -25.99 17.83 -58.68
C ILE O 7 -26.37 18.69 -59.88
N GLU O 8 -27.17 18.13 -60.79
CA GLU O 8 -27.75 18.94 -61.86
C GLU O 8 -29.25 19.05 -61.61
N HIS O 9 -29.85 20.15 -62.08
CA HIS O 9 -31.24 20.41 -61.76
C HIS O 9 -31.93 20.92 -63.01
N SER O 10 -33.18 20.46 -63.21
CA SER O 10 -34.05 20.90 -64.29
C SER O 10 -35.50 20.98 -63.81
N SER O 11 -36.34 21.56 -64.67
CA SER O 11 -37.78 21.58 -64.47
C SER O 11 -38.38 20.19 -64.27
N PHE O 12 -37.63 19.14 -64.62
CA PHE O 12 -38.18 17.81 -64.41
C PHE O 12 -37.86 17.25 -63.03
N GLY O 13 -36.67 17.53 -62.51
CA GLY O 13 -36.20 16.88 -61.30
C GLY O 13 -34.73 17.18 -61.03
N VAL O 14 -34.27 16.70 -59.87
CA VAL O 14 -32.89 16.87 -59.40
C VAL O 14 -32.18 15.54 -59.57
N LYS O 15 -31.00 15.57 -60.18
CA LYS O 15 -30.20 14.39 -60.51
C LYS O 15 -28.85 14.50 -59.82
N GLU O 16 -28.49 13.50 -59.02
CA GLU O 16 -27.14 13.46 -58.45
C GLU O 16 -26.28 12.49 -59.25
N SER O 17 -25.16 12.98 -59.78
CA SER O 17 -24.25 12.11 -60.50
C SER O 17 -22.82 12.52 -60.17
N ASN O 18 -21.90 11.76 -60.69
CA ASN O 18 -20.47 11.96 -60.41
C ASN O 18 -19.74 12.04 -61.74
N PRO O 19 -18.46 12.41 -61.72
CA PRO O 19 -17.80 12.72 -63.00
C PRO O 19 -17.81 11.60 -64.02
N TYR O 20 -17.84 10.34 -63.65
CA TYR O 20 -17.88 9.32 -64.69
C TYR O 20 -19.31 9.03 -65.14
N ASN O 21 -20.30 9.20 -64.28
CA ASN O 21 -21.67 9.05 -64.79
C ASN O 21 -22.00 10.20 -65.76
N LYS O 22 -21.57 11.45 -65.46
CA LYS O 22 -21.82 12.55 -66.39
C LYS O 22 -21.15 12.25 -67.70
N LEU O 23 -19.92 11.77 -67.64
CA LEU O 23 -19.23 11.45 -68.87
C LEU O 23 -19.91 10.30 -69.61
N PHE O 24 -20.33 9.25 -68.91
CA PHE O 24 -21.05 8.16 -69.57
C PHE O 24 -22.35 8.69 -70.20
N GLU O 25 -22.98 9.65 -69.54
CA GLU O 25 -24.17 10.29 -70.08
C GLU O 25 -23.91 10.88 -71.47
N GLU O 26 -22.70 11.35 -71.72
CA GLU O 26 -22.37 11.97 -73.00
C GLU O 26 -21.71 11.00 -73.99
N ARG O 27 -21.86 9.70 -73.79
CA ARG O 27 -21.30 8.69 -74.67
C ARG O 27 -19.75 8.70 -74.65
N ILE O 28 -19.13 8.95 -73.50
CA ILE O 28 -17.67 8.94 -73.36
C ILE O 28 -17.30 7.75 -72.48
N ILE O 29 -16.51 6.83 -72.97
CA ILE O 29 -15.99 5.77 -72.13
C ILE O 29 -14.56 6.09 -71.74
N PHE O 30 -14.21 5.83 -70.51
CA PHE O 30 -12.85 6.04 -70.05
C PHE O 30 -12.14 4.71 -69.90
N LEU O 31 -11.04 4.57 -70.62
CA LEU O 31 -10.14 3.44 -70.59
C LEU O 31 -8.81 3.92 -70.02
N GLY O 32 -8.72 3.95 -68.70
CA GLY O 32 -7.58 4.56 -68.03
C GLY O 32 -6.88 3.69 -67.00
N VAL O 33 -7.06 2.39 -67.07
CA VAL O 33 -6.41 1.51 -66.10
C VAL O 33 -5.61 0.55 -66.96
N GLN O 34 -5.06 -0.52 -66.34
CA GLN O 34 -4.46 -1.66 -67.06
C GLN O 34 -5.61 -2.58 -67.57
N VAL O 35 -5.55 -3.01 -68.84
CA VAL O 35 -6.58 -3.86 -69.43
C VAL O 35 -6.39 -5.24 -68.83
N ASP O 36 -7.18 -5.59 -67.84
CA ASP O 36 -7.19 -7.00 -67.49
C ASP O 36 -8.57 -7.58 -67.86
N ASP O 37 -8.84 -8.79 -67.40
CA ASP O 37 -10.08 -9.47 -67.80
C ASP O 37 -11.28 -8.65 -67.34
N ALA O 38 -11.22 -8.17 -66.10
CA ALA O 38 -12.21 -7.25 -65.56
C ALA O 38 -12.37 -6.01 -66.44
N SER O 39 -11.31 -5.21 -66.58
CA SER O 39 -11.38 -3.96 -67.36
C SER O 39 -12.04 -4.19 -68.71
N ALA O 40 -11.71 -5.31 -69.33
CA ALA O 40 -12.16 -5.53 -70.68
C ALA O 40 -13.64 -5.77 -70.75
N ASN O 41 -14.16 -6.65 -69.90
CA ASN O 41 -15.59 -6.85 -69.87
C ASN O 41 -16.30 -5.54 -69.47
N ASP O 42 -15.81 -4.82 -68.46
CA ASP O 42 -16.43 -3.56 -68.07
C ASP O 42 -16.50 -2.66 -69.29
N ILE O 43 -15.48 -2.72 -70.13
CA ILE O 43 -15.50 -1.83 -71.28
C ILE O 43 -16.41 -2.36 -72.38
N MET O 44 -16.44 -3.66 -72.64
CA MET O 44 -17.40 -4.17 -73.64
C MET O 44 -18.84 -3.89 -73.24
N ALA O 45 -19.17 -4.15 -71.99
CA ALA O 45 -20.54 -3.85 -71.56
C ALA O 45 -20.89 -2.40 -71.83
N GLN O 46 -19.97 -1.47 -71.50
CA GLN O 46 -20.22 -0.04 -71.77
C GLN O 46 -20.35 0.23 -73.26
N LEU O 47 -19.50 -0.38 -74.07
CA LEU O 47 -19.67 -0.13 -75.48
C LEU O 47 -21.03 -0.60 -75.98
N LEU O 48 -21.48 -1.79 -75.55
CA LEU O 48 -22.76 -2.37 -76.05
C LEU O 48 -24.00 -1.64 -75.50
N VAL O 49 -23.97 -1.20 -74.25
CA VAL O 49 -25.09 -0.44 -73.79
C VAL O 49 -25.22 0.84 -74.63
N LEU O 50 -24.11 1.52 -74.90
CA LEU O 50 -24.21 2.78 -75.63
C LEU O 50 -24.70 2.57 -77.07
N GLU O 51 -24.42 1.43 -77.64
CA GLU O 51 -24.91 1.06 -78.94
C GLU O 51 -26.40 0.78 -78.90
N SER O 52 -26.89 0.27 -77.76
CA SER O 52 -28.33 0.06 -77.62
C SER O 52 -29.07 1.36 -77.39
N LEU O 53 -28.54 2.22 -76.53
CA LEU O 53 -29.24 3.45 -76.19
C LEU O 53 -29.46 4.29 -77.43
N ASP O 54 -28.46 4.34 -78.37
CA ASP O 54 -28.54 5.09 -79.63
C ASP O 54 -27.41 4.72 -80.58
N PRO O 55 -27.68 3.89 -81.60
CA PRO O 55 -26.64 3.43 -82.53
C PRO O 55 -26.24 4.44 -83.60
N ASP O 56 -26.86 5.61 -83.65
CA ASP O 56 -26.55 6.56 -84.69
C ASP O 56 -25.67 7.70 -84.21
N ARG O 57 -25.29 7.68 -82.94
CA ARG O 57 -24.45 8.72 -82.40
C ARG O 57 -23.11 8.14 -81.96
N ASP O 58 -22.11 9.04 -81.89
CA ASP O 58 -20.74 8.59 -81.71
C ASP O 58 -20.50 8.15 -80.28
N ILE O 59 -19.52 7.27 -80.11
CA ILE O 59 -19.00 6.98 -78.79
C ILE O 59 -17.57 7.51 -78.70
N THR O 60 -17.22 8.10 -77.56
CA THR O 60 -15.87 8.59 -77.35
C THR O 60 -15.21 7.64 -76.35
N MET O 61 -14.00 7.20 -76.64
CA MET O 61 -13.17 6.47 -75.68
C MET O 61 -11.96 7.34 -75.32
N TYR O 62 -11.91 7.84 -74.10
CA TYR O 62 -10.72 8.49 -73.57
C TYR O 62 -9.73 7.42 -73.15
N ILE O 63 -8.47 7.60 -73.50
CA ILE O 63 -7.46 6.58 -73.31
C ILE O 63 -6.26 7.20 -72.62
N ASN O 64 -5.88 6.65 -71.49
CA ASN O 64 -4.65 6.99 -70.79
C ASN O 64 -4.20 5.66 -70.19
N SER O 65 -3.62 4.80 -71.01
CA SER O 65 -3.34 3.48 -70.53
C SER O 65 -2.08 2.74 -70.89
N PRO O 66 -1.50 1.99 -69.92
CA PRO O 66 -0.24 1.30 -70.17
C PRO O 66 -0.44 -0.04 -70.86
N GLY O 67 -1.65 -0.39 -71.24
CA GLY O 67 -1.88 -1.63 -71.96
C GLY O 67 -2.52 -2.71 -71.11
N GLY O 68 -2.31 -3.94 -71.55
CA GLY O 68 -2.79 -5.11 -70.84
C GLY O 68 -2.75 -6.33 -71.73
N GLY O 69 -3.42 -7.39 -71.27
CA GLY O 69 -3.39 -8.67 -71.96
C GLY O 69 -3.88 -8.65 -73.41
N PHE O 70 -3.61 -9.78 -74.05
CA PHE O 70 -3.84 -9.84 -75.50
C PHE O 70 -5.29 -10.17 -75.82
N THR O 71 -5.84 -11.23 -75.22
CA THR O 71 -7.23 -11.59 -75.51
C THR O 71 -8.24 -10.53 -75.07
N SER O 72 -7.87 -9.72 -74.06
CA SER O 72 -8.63 -8.55 -73.65
C SER O 72 -8.53 -7.45 -74.68
N LEU O 73 -7.37 -7.32 -75.31
CA LEU O 73 -7.30 -6.40 -76.44
C LEU O 73 -8.25 -6.79 -77.55
N MET O 74 -8.19 -8.05 -77.96
CA MET O 74 -8.91 -8.51 -79.13
C MET O 74 -10.40 -8.59 -78.88
N ALA O 75 -10.81 -8.78 -77.63
CA ALA O 75 -12.23 -8.62 -77.31
C ALA O 75 -12.69 -7.18 -77.49
N ILE O 76 -12.00 -6.24 -76.80
CA ILE O 76 -12.38 -4.83 -76.89
C ILE O 76 -12.28 -4.36 -78.33
N TYR O 77 -11.23 -4.77 -79.00
CA TYR O 77 -11.09 -4.35 -80.38
C TYR O 77 -12.30 -4.77 -81.18
N ASP O 78 -12.68 -6.05 -81.05
CA ASP O 78 -13.74 -6.61 -81.91
C ASP O 78 -15.06 -5.93 -81.69
N THR O 79 -15.37 -5.59 -80.44
CA THR O 79 -16.58 -4.86 -80.11
C THR O 79 -16.58 -3.46 -80.72
N MET O 80 -15.47 -2.73 -80.62
CA MET O 80 -15.43 -1.40 -81.23
C MET O 80 -15.86 -1.41 -82.70
N GLN O 81 -15.37 -2.40 -83.45
CA GLN O 81 -15.66 -2.52 -84.86
C GLN O 81 -17.03 -3.16 -85.16
N TYR O 82 -17.55 -4.00 -84.25
CA TYR O 82 -18.87 -4.60 -84.48
C TYR O 82 -19.98 -3.58 -84.29
N VAL O 83 -19.90 -2.80 -83.22
CA VAL O 83 -20.93 -1.82 -82.95
C VAL O 83 -21.09 -0.92 -84.15
N ARG O 84 -22.35 -0.60 -84.45
CA ARG O 84 -22.68 0.24 -85.60
C ARG O 84 -22.27 1.68 -85.36
N ALA O 85 -22.33 2.13 -84.12
CA ALA O 85 -22.00 3.50 -83.81
C ALA O 85 -20.51 3.72 -84.07
N ASP O 86 -20.18 4.95 -84.53
CA ASP O 86 -18.80 5.40 -84.72
C ASP O 86 -18.13 5.59 -83.37
N ILE O 87 -16.82 5.36 -83.34
CA ILE O 87 -16.01 5.39 -82.14
C ILE O 87 -14.91 6.42 -82.31
N GLN O 88 -15.00 7.45 -81.52
CA GLN O 88 -14.01 8.47 -81.46
C GLN O 88 -13.01 8.19 -80.36
N THR O 89 -11.76 8.08 -80.70
CA THR O 89 -10.76 7.85 -79.67
C THR O 89 -9.91 9.08 -79.41
N VAL O 90 -9.62 9.30 -78.14
CA VAL O 90 -8.83 10.44 -77.67
C VAL O 90 -7.79 9.92 -76.69
N CYS O 91 -6.52 10.20 -76.96
CA CYS O 91 -5.42 9.83 -76.07
C CYS O 91 -4.97 11.04 -75.26
N LEU O 92 -5.12 10.97 -73.94
CA LEU O 92 -4.57 11.95 -73.02
C LEU O 92 -3.38 11.32 -72.33
N GLY O 93 -2.27 12.01 -72.25
CA GLY O 93 -1.16 11.37 -71.54
C GLY O 93 -0.51 10.16 -72.20
N GLN O 94 -1.16 8.97 -72.24
CA GLN O 94 -0.48 7.80 -72.83
C GLN O 94 -1.43 6.74 -73.39
N ALA O 95 -0.97 6.07 -74.44
CA ALA O 95 -1.64 4.90 -75.00
C ALA O 95 -0.54 3.95 -75.38
N ALA O 96 -0.29 2.93 -74.60
CA ALA O 96 0.88 2.09 -74.82
C ALA O 96 0.48 0.65 -75.03
N SER O 97 1.31 -0.05 -75.82
CA SER O 97 1.23 -1.51 -76.02
C SER O 97 -0.16 -1.80 -76.66
N ALA O 98 -0.97 -2.59 -75.94
CA ALA O 98 -2.33 -2.89 -76.35
C ALA O 98 -3.17 -1.63 -76.48
N ALA O 99 -2.88 -0.58 -75.66
CA ALA O 99 -3.76 0.58 -75.68
C ALA O 99 -3.55 1.37 -76.95
N ALA O 100 -2.33 1.28 -77.51
CA ALA O 100 -2.06 2.00 -78.74
C ALA O 100 -2.74 1.36 -79.92
N VAL O 101 -3.02 0.07 -79.84
CA VAL O 101 -3.75 -0.55 -80.93
C VAL O 101 -5.21 -0.07 -80.97
N LEU O 102 -5.85 0.02 -79.81
CA LEU O 102 -7.22 0.51 -79.72
C LEU O 102 -7.37 2.00 -80.05
N LEU O 103 -6.37 2.85 -79.72
CA LEU O 103 -6.38 4.24 -80.18
C LEU O 103 -6.46 4.29 -81.70
N ALA O 104 -5.70 3.43 -82.37
CA ALA O 104 -5.70 3.37 -83.81
C ALA O 104 -6.97 2.74 -84.37
N ALA O 105 -7.67 1.92 -83.59
CA ALA O 105 -8.85 1.27 -84.10
C ALA O 105 -10.09 2.17 -84.05
N GLY O 106 -10.02 3.37 -83.46
CA GLY O 106 -11.14 4.26 -83.63
C GLY O 106 -11.47 4.45 -85.11
N THR O 107 -12.66 4.99 -85.37
CA THR O 107 -13.14 5.10 -86.76
C THR O 107 -12.41 6.27 -87.45
N PRO O 108 -12.06 6.12 -88.70
CA PRO O 108 -11.12 7.07 -89.30
C PRO O 108 -11.58 8.52 -89.30
N GLY O 109 -10.63 9.43 -89.04
CA GLY O 109 -10.88 10.85 -88.90
C GLY O 109 -11.17 11.29 -87.48
N LYS O 110 -11.50 10.33 -86.63
CA LYS O 110 -11.95 10.55 -85.27
C LYS O 110 -11.02 9.91 -84.27
N ARG O 111 -9.80 9.67 -84.65
CA ARG O 111 -8.83 9.23 -83.68
C ARG O 111 -8.00 10.46 -83.41
N MET O 112 -7.88 10.86 -82.15
CA MET O 112 -7.12 12.05 -81.83
C MET O 112 -6.31 11.87 -80.55
N ALA O 113 -5.41 12.83 -80.26
CA ALA O 113 -4.54 12.82 -79.07
C ALA O 113 -4.25 14.28 -78.72
N LEU O 114 -4.13 14.53 -77.41
CA LEU O 114 -3.69 15.81 -76.90
C LEU O 114 -2.20 15.95 -77.22
N PRO O 115 -1.70 17.17 -77.29
CA PRO O 115 -0.39 17.40 -77.92
C PRO O 115 0.80 16.78 -77.17
N ASN O 116 0.80 16.76 -75.84
CA ASN O 116 1.89 16.18 -75.06
C ASN O 116 1.68 14.71 -74.71
N ALA O 117 0.73 14.03 -75.34
CA ALA O 117 0.63 12.59 -75.18
C ALA O 117 1.80 11.91 -75.90
N ARG O 118 2.15 10.71 -75.42
CA ARG O 118 3.20 9.86 -75.97
C ARG O 118 2.42 8.58 -76.27
N VAL O 119 2.77 7.89 -77.35
CA VAL O 119 2.19 6.63 -77.77
C VAL O 119 3.31 5.65 -77.89
N LEU O 120 3.13 4.46 -77.32
CA LEU O 120 4.14 3.40 -77.28
C LEU O 120 3.72 2.16 -78.05
N ILE O 121 4.64 1.60 -78.80
CA ILE O 121 4.34 0.40 -79.57
C ILE O 121 5.42 -0.62 -79.30
N HIS O 122 5.01 -1.81 -78.81
CA HIS O 122 5.95 -2.91 -78.73
C HIS O 122 5.14 -4.21 -78.93
N GLN O 123 5.88 -5.29 -79.14
CA GLN O 123 5.39 -6.60 -79.44
C GLN O 123 5.07 -7.23 -78.11
N PRO O 124 4.17 -8.17 -78.10
CA PRO O 124 3.79 -8.84 -76.86
C PRO O 124 5.02 -9.36 -76.13
N SER O 125 5.04 -9.18 -74.80
CA SER O 125 6.00 -9.68 -73.84
C SER O 125 5.24 -10.62 -72.92
N LEU O 126 5.94 -11.45 -72.18
CA LEU O 126 5.36 -12.32 -71.16
C LEU O 126 6.27 -12.13 -69.95
N SER O 127 5.82 -11.40 -68.93
CA SER O 127 6.70 -11.21 -67.77
C SER O 127 6.75 -12.46 -66.89
N GLY O 128 5.68 -13.26 -66.86
CA GLY O 128 5.78 -14.49 -66.11
C GLY O 128 6.78 -15.38 -66.81
N VAL O 129 6.85 -16.60 -66.31
CA VAL O 129 7.53 -17.69 -66.98
C VAL O 129 6.52 -18.82 -67.06
N ILE O 130 6.34 -19.42 -68.24
CA ILE O 130 5.45 -20.59 -68.35
C ILE O 130 6.28 -21.81 -68.64
N GLN O 131 5.96 -22.92 -67.98
CA GLN O 131 6.85 -24.07 -67.92
C GLN O 131 6.11 -25.29 -68.45
N GLY O 132 6.86 -26.26 -68.93
CA GLY O 132 6.24 -27.49 -69.32
C GLY O 132 7.20 -28.36 -70.10
N GLN O 133 6.64 -29.45 -70.58
CA GLN O 133 7.36 -30.23 -71.54
C GLN O 133 7.61 -29.45 -72.83
N PHE O 134 8.71 -29.82 -73.50
CA PHE O 134 9.09 -29.09 -74.71
C PHE O 134 7.96 -29.12 -75.70
N SER O 135 7.20 -30.21 -75.68
CA SER O 135 6.07 -30.31 -76.58
C SER O 135 5.01 -29.24 -76.28
N ASP O 136 4.74 -28.97 -75.01
CA ASP O 136 3.73 -27.94 -74.70
C ASP O 136 4.23 -26.54 -75.00
N LEU O 137 5.49 -26.24 -74.63
CA LEU O 137 6.05 -24.94 -74.92
C LEU O 137 6.16 -24.72 -76.41
N GLU O 138 6.39 -25.77 -77.18
CA GLU O 138 6.37 -25.58 -78.61
C GLU O 138 5.02 -25.05 -79.07
N ILE O 139 3.94 -25.48 -78.42
CA ILE O 139 2.60 -25.03 -78.81
C ILE O 139 2.33 -23.61 -78.38
N GLN O 140 2.65 -23.34 -77.12
CA GLN O 140 2.53 -22.01 -76.54
C GLN O 140 3.35 -21.02 -77.33
N ALA O 141 4.62 -21.38 -77.65
CA ALA O 141 5.50 -20.50 -78.41
C ALA O 141 4.87 -20.23 -79.75
N ALA O 142 4.11 -21.19 -80.23
CA ALA O 142 3.49 -21.01 -81.52
C ALA O 142 2.39 -20.00 -81.45
N GLU O 143 1.55 -20.10 -80.45
CA GLU O 143 0.46 -19.16 -80.33
C GLU O 143 0.99 -17.75 -80.03
N ILE O 144 2.10 -17.67 -79.27
CA ILE O 144 2.66 -16.37 -78.94
C ILE O 144 3.09 -15.64 -80.18
N GLU O 145 3.54 -16.36 -81.18
CA GLU O 145 3.86 -15.71 -82.44
C GLU O 145 2.61 -15.35 -83.23
N ARG O 146 1.59 -16.17 -83.14
CA ARG O 146 0.35 -15.79 -83.81
C ARG O 146 -0.12 -14.47 -83.26
N MET O 147 -0.03 -14.30 -81.93
CA MET O 147 -0.39 -13.06 -81.26
C MET O 147 0.45 -11.92 -81.81
N ARG O 148 1.76 -12.11 -81.88
CA ARG O 148 2.56 -11.03 -82.42
C ARG O 148 2.12 -10.70 -83.85
N THR O 149 1.99 -11.70 -84.74
CA THR O 149 1.70 -11.30 -86.13
C THR O 149 0.27 -10.77 -86.27
N LEU O 150 -0.65 -11.16 -85.39
CA LEU O 150 -1.99 -10.57 -85.38
C LEU O 150 -1.98 -9.15 -84.86
N MET O 151 -1.17 -8.88 -83.83
CA MET O 151 -1.03 -7.50 -83.42
C MET O 151 -0.46 -6.71 -84.59
N GLU O 152 0.43 -7.33 -85.40
CA GLU O 152 1.08 -6.58 -86.47
C GLU O 152 0.21 -6.35 -87.68
N THR O 153 -0.69 -7.27 -88.03
CA THR O 153 -1.48 -6.99 -89.21
C THR O 153 -2.65 -6.09 -88.88
N THR O 154 -3.22 -6.17 -87.68
CA THR O 154 -4.31 -5.25 -87.42
C THR O 154 -3.78 -3.84 -87.20
N LEU O 155 -2.55 -3.70 -86.67
CA LEU O 155 -1.96 -2.37 -86.61
C LEU O 155 -1.79 -1.83 -88.00
N ALA O 156 -1.39 -2.72 -88.93
CA ALA O 156 -1.19 -2.32 -90.31
C ALA O 156 -2.49 -1.82 -90.93
N ARG O 157 -3.60 -2.50 -90.65
CA ARG O 157 -4.88 -2.20 -91.29
C ARG O 157 -5.36 -0.77 -91.04
N HIS O 158 -5.11 -0.24 -89.86
CA HIS O 158 -5.68 1.03 -89.50
C HIS O 158 -4.74 2.19 -89.74
N THR O 159 -3.46 1.91 -89.88
CA THR O 159 -2.43 2.93 -90.09
C THR O 159 -2.12 3.16 -91.55
N GLY O 160 -2.37 2.15 -92.35
CA GLY O 160 -1.99 2.17 -93.73
C GLY O 160 -0.58 1.72 -94.00
N LYS O 161 0.22 1.42 -92.97
CA LYS O 161 1.55 0.87 -93.15
C LYS O 161 1.47 -0.62 -93.47
N ASP O 162 2.56 -1.18 -93.96
CA ASP O 162 2.61 -2.60 -94.20
C ASP O 162 3.10 -3.42 -93.00
N ALA O 163 2.62 -4.65 -92.91
CA ALA O 163 2.96 -5.42 -91.70
C ALA O 163 4.44 -5.68 -91.59
N GLY O 164 5.16 -5.76 -92.72
CA GLY O 164 6.59 -5.96 -92.65
C GLY O 164 7.27 -4.76 -92.04
N VAL O 165 6.66 -3.59 -92.18
CA VAL O 165 7.16 -2.43 -91.48
C VAL O 165 6.74 -2.47 -90.02
N ILE O 166 5.45 -2.66 -89.75
CA ILE O 166 5.01 -2.77 -88.36
C ILE O 166 5.94 -3.68 -87.59
N ARG O 167 6.30 -4.82 -88.19
CA ARG O 167 7.16 -5.79 -87.54
C ARG O 167 8.56 -5.22 -87.27
N LYS O 168 9.05 -4.30 -88.10
CA LYS O 168 10.35 -3.71 -87.76
C LYS O 168 10.29 -2.66 -86.66
N ASP O 169 9.23 -1.88 -86.60
CA ASP O 169 9.17 -0.79 -85.64
C ASP O 169 8.97 -1.36 -84.25
N THR O 170 8.38 -2.52 -84.18
CA THR O 170 8.09 -3.14 -82.90
C THR O 170 9.13 -4.14 -82.40
N ASP O 171 10.17 -4.45 -83.19
CA ASP O 171 11.22 -5.33 -82.70
C ASP O 171 11.76 -4.79 -81.40
N ARG O 172 12.05 -3.49 -81.37
CA ARG O 172 12.24 -2.77 -80.12
C ARG O 172 11.18 -1.69 -79.98
N ASP O 173 10.88 -1.35 -78.72
CA ASP O 173 9.83 -0.38 -78.39
C ASP O 173 9.98 0.88 -79.20
N LYS O 174 8.86 1.48 -79.56
CA LYS O 174 8.91 2.65 -80.41
C LYS O 174 8.00 3.69 -79.80
N ILE O 175 8.59 4.73 -79.18
CA ILE O 175 7.78 5.78 -78.59
C ILE O 175 7.55 6.89 -79.58
N LEU O 176 6.29 7.35 -79.65
CA LEU O 176 5.87 8.33 -80.64
C LEU O 176 5.19 9.50 -79.95
N THR O 177 5.60 10.72 -80.31
CA THR O 177 4.92 11.89 -79.74
C THR O 177 3.62 12.07 -80.50
N ALA O 178 2.76 12.93 -79.96
CA ALA O 178 1.44 13.07 -80.57
C ALA O 178 1.55 13.30 -82.06
N GLU O 179 2.51 14.15 -82.47
CA GLU O 179 2.71 14.44 -83.88
C GLU O 179 3.20 13.23 -84.66
N GLU O 180 4.19 12.55 -84.11
CA GLU O 180 4.73 11.33 -84.70
C GLU O 180 3.67 10.25 -84.82
N ALA O 181 2.70 10.22 -83.90
CA ALA O 181 1.62 9.25 -83.99
C ALA O 181 0.65 9.60 -85.11
N LYS O 182 0.49 10.88 -85.43
CA LYS O 182 -0.34 11.25 -86.57
C LYS O 182 0.32 10.83 -87.89
N ASP O 183 1.62 11.08 -88.02
CA ASP O 183 2.34 10.73 -89.24
C ASP O 183 2.37 9.21 -89.44
N TYR O 184 2.51 8.45 -88.33
CA TYR O 184 2.59 6.99 -88.38
C TYR O 184 1.25 6.41 -88.83
N GLY O 185 0.16 7.08 -88.59
CA GLY O 185 -1.12 6.55 -88.99
C GLY O 185 -1.97 6.06 -87.86
N ILE O 186 -1.58 6.33 -86.61
CA ILE O 186 -2.33 5.89 -85.42
C ILE O 186 -3.44 6.84 -85.01
N ILE O 187 -3.24 8.14 -85.11
CA ILE O 187 -4.32 9.06 -84.81
C ILE O 187 -4.45 9.91 -86.05
N ASP O 188 -5.50 10.71 -86.10
CA ASP O 188 -5.72 11.57 -87.25
C ASP O 188 -5.43 13.03 -86.97
N THR O 189 -5.71 13.54 -85.76
CA THR O 189 -5.54 14.95 -85.47
C THR O 189 -5.02 15.11 -84.04
N VAL O 190 -4.24 16.16 -83.83
CA VAL O 190 -3.73 16.53 -82.51
C VAL O 190 -4.49 17.77 -82.04
N LEU O 191 -5.22 17.65 -80.93
CA LEU O 191 -6.05 18.75 -80.47
C LEU O 191 -5.12 19.91 -80.15
N GLU O 192 -5.46 21.11 -80.62
CA GLU O 192 -4.77 22.35 -80.23
C GLU O 192 -5.51 22.87 -79.01
N TYR O 193 -4.76 23.39 -78.05
CA TYR O 193 -5.38 24.00 -76.86
C TYR O 193 -6.32 25.15 -77.24
N ARG O 194 -7.61 25.06 -76.90
CA ARG O 194 -8.59 26.13 -77.20
C ARG O 194 -8.83 27.15 -76.06
N LYS O 195 -7.77 27.60 -75.39
CA LYS O 195 -7.87 28.67 -74.39
C LYS O 195 -7.71 30.06 -75.07
N TYR P 1 -25.35 36.71 40.11
CA TYR P 1 -24.02 36.46 39.55
C TYR P 1 -23.89 37.19 38.19
N ILE P 2 -22.90 36.74 37.42
CA ILE P 2 -22.25 37.58 36.43
C ILE P 2 -23.12 37.99 35.25
N LEU P 3 -24.38 37.56 35.21
CA LEU P 3 -25.24 37.88 34.06
C LEU P 3 -26.62 38.39 34.44
N PRO P 4 -26.85 39.69 34.34
CA PRO P 4 -28.13 40.24 34.81
C PRO P 4 -29.25 39.78 33.88
N SER P 5 -30.49 39.89 34.39
CA SER P 5 -31.72 39.85 33.61
C SER P 5 -32.30 41.24 33.52
N PHE P 6 -33.05 41.51 32.45
CA PHE P 6 -33.64 42.83 32.22
C PHE P 6 -35.12 42.65 31.93
N ILE P 7 -35.84 43.76 31.82
CA ILE P 7 -37.29 43.71 31.68
C ILE P 7 -37.69 44.61 30.52
N GLU P 8 -38.43 44.06 29.57
CA GLU P 8 -39.02 44.85 28.51
C GLU P 8 -40.54 44.92 28.68
N HIS P 9 -41.13 45.98 28.12
CA HIS P 9 -42.52 46.27 28.40
C HIS P 9 -43.22 46.71 27.13
N SER P 10 -44.46 46.26 27.00
CA SER P 10 -45.34 46.73 25.94
C SER P 10 -46.78 46.82 26.47
N SER P 11 -47.62 47.48 25.69
CA SER P 11 -49.06 47.53 25.96
C SER P 11 -49.69 46.16 26.15
N PHE P 12 -48.97 45.08 25.87
CA PHE P 12 -49.51 43.73 26.02
C PHE P 12 -49.17 43.12 27.38
N GLY P 13 -47.96 43.40 27.87
CA GLY P 13 -47.41 42.75 29.04
C GLY P 13 -45.92 43.00 29.24
N VAL P 14 -45.49 42.64 30.43
CA VAL P 14 -44.11 42.81 30.86
C VAL P 14 -43.40 41.48 30.72
N LYS P 15 -42.22 41.50 30.10
CA LYS P 15 -41.44 40.31 29.82
C LYS P 15 -40.07 40.39 30.49
N GLU P 16 -39.75 39.39 31.32
CA GLU P 16 -38.43 39.27 31.92
C GLU P 16 -37.63 38.26 31.11
N SER P 17 -36.46 38.68 30.65
CA SER P 17 -35.62 37.79 29.89
C SER P 17 -34.19 38.15 30.24
N ASN P 18 -33.29 37.44 29.65
CA ASN P 18 -31.82 37.65 29.93
C ASN P 18 -31.19 37.84 28.53
N PRO P 19 -29.87 38.17 28.58
CA PRO P 19 -29.22 38.57 27.30
C PRO P 19 -29.21 37.53 26.20
N TYR P 20 -29.22 36.24 26.51
CA TYR P 20 -29.24 35.26 25.44
C TYR P 20 -30.65 34.96 24.94
N ASN P 21 -31.66 35.12 25.81
CA ASN P 21 -33.06 35.00 25.40
C ASN P 21 -33.46 36.14 24.47
N LYS P 22 -33.08 37.37 24.83
CA LYS P 22 -33.30 38.49 23.92
C LYS P 22 -32.50 38.26 22.65
N LEU P 23 -31.26 37.82 22.77
CA LEU P 23 -30.53 37.50 21.55
C LEU P 23 -31.19 36.38 20.75
N PHE P 24 -31.67 35.32 21.41
CA PHE P 24 -32.40 34.26 20.71
C PHE P 24 -33.73 34.77 20.15
N GLU P 25 -34.39 35.69 20.86
CA GLU P 25 -35.62 36.32 20.37
C GLU P 25 -35.41 36.91 18.98
N GLU P 26 -34.21 37.40 18.68
CA GLU P 26 -33.86 38.00 17.40
C GLU P 26 -33.19 37.05 16.45
N ARG P 27 -33.36 35.75 16.64
CA ARG P 27 -32.89 34.69 15.73
C ARG P 27 -31.36 34.63 15.66
N ILE P 28 -30.67 35.00 16.74
CA ILE P 28 -29.21 34.95 16.84
C ILE P 28 -28.84 33.79 17.73
N ILE P 29 -28.12 32.84 17.19
CA ILE P 29 -27.60 31.74 17.95
C ILE P 29 -26.17 32.04 18.26
N PHE P 30 -25.78 31.79 19.50
CA PHE P 30 -24.43 32.04 19.97
C PHE P 30 -23.74 30.70 20.04
N LEU P 31 -22.61 30.61 19.36
CA LEU P 31 -21.73 29.45 19.42
C LEU P 31 -20.41 29.92 20.01
N GLY P 32 -20.36 29.98 21.34
CA GLY P 32 -19.21 30.54 22.01
C GLY P 32 -18.50 29.63 22.98
N VAL P 33 -18.68 28.31 22.89
CA VAL P 33 -18.09 27.39 23.86
C VAL P 33 -17.29 26.44 23.00
N GLN P 34 -16.79 25.37 23.60
CA GLN P 34 -16.16 24.29 22.85
C GLN P 34 -17.26 23.39 22.31
N VAL P 35 -17.15 23.03 21.02
CA VAL P 35 -18.08 22.15 20.33
C VAL P 35 -17.83 20.78 20.92
N ASP P 36 -18.61 20.38 21.92
CA ASP P 36 -18.62 18.96 22.25
C ASP P 36 -20.01 18.46 21.80
N ASP P 37 -20.36 17.25 22.20
CA ASP P 37 -21.62 16.69 21.74
C ASP P 37 -22.80 17.50 22.25
N ALA P 38 -22.75 17.93 23.51
CA ALA P 38 -23.76 18.84 24.04
C ALA P 38 -23.93 20.11 23.21
N SER P 39 -22.86 20.89 23.11
CA SER P 39 -22.89 22.14 22.36
C SER P 39 -23.58 21.94 21.02
N ALA P 40 -23.27 20.82 20.33
CA ALA P 40 -23.78 20.62 18.97
C ALA P 40 -25.27 20.36 18.97
N ASN P 41 -25.72 19.46 19.82
CA ASN P 41 -27.14 19.19 19.96
C ASN P 41 -27.89 20.44 20.41
N ASP P 42 -27.37 21.16 21.39
CA ASP P 42 -27.99 22.41 21.82
C ASP P 42 -28.10 23.39 20.65
N ILE P 43 -27.14 23.35 19.73
CA ILE P 43 -27.21 24.26 18.59
C ILE P 43 -28.13 23.72 17.52
N MET P 44 -28.14 22.42 17.31
CA MET P 44 -29.05 21.93 16.30
C MET P 44 -30.47 22.17 16.73
N ALA P 45 -30.80 21.87 17.98
CA ALA P 45 -32.14 22.21 18.43
C ALA P 45 -32.42 23.69 18.20
N GLN P 46 -31.49 24.55 18.55
CA GLN P 46 -31.75 25.96 18.30
C GLN P 46 -31.97 26.23 16.84
N LEU P 47 -31.17 25.62 15.96
CA LEU P 47 -31.36 25.89 14.54
C LEU P 47 -32.73 25.45 14.07
N LEU P 48 -33.16 24.27 14.50
CA LEU P 48 -34.42 23.70 14.04
C LEU P 48 -35.62 24.49 14.55
N VAL P 49 -35.57 24.98 15.79
CA VAL P 49 -36.70 25.74 16.31
C VAL P 49 -36.87 27.04 15.55
N LEU P 50 -35.78 27.76 15.33
CA LEU P 50 -35.83 29.07 14.67
C LEU P 50 -36.36 28.93 13.26
N GLU P 51 -36.18 27.75 12.69
CA GLU P 51 -36.72 27.38 11.40
C GLU P 51 -38.23 27.09 11.47
N SER P 52 -38.70 26.51 12.58
CA SER P 52 -40.13 26.25 12.70
C SER P 52 -40.92 27.52 12.97
N LEU P 53 -40.37 28.38 13.80
CA LEU P 53 -41.07 29.60 14.18
C LEU P 53 -41.30 30.50 12.94
N ASP P 54 -40.31 30.54 12.00
CA ASP P 54 -40.37 31.38 10.81
C ASP P 54 -39.26 30.96 9.84
N PRO P 55 -39.57 30.17 8.81
CA PRO P 55 -38.55 29.74 7.87
C PRO P 55 -38.15 30.76 6.82
N ASP P 56 -38.77 31.94 6.79
CA ASP P 56 -38.47 32.88 5.73
C ASP P 56 -37.49 33.93 6.19
N ARG P 57 -37.08 33.90 7.45
CA ARG P 57 -36.16 34.88 7.98
C ARG P 57 -34.83 34.21 8.27
N ASP P 58 -33.78 35.06 8.29
CA ASP P 58 -32.39 34.65 8.33
C ASP P 58 -32.07 34.19 9.73
N ILE P 59 -31.07 33.35 9.85
CA ILE P 59 -30.52 33.00 11.14
C ILE P 59 -29.09 33.52 11.20
N THR P 60 -28.72 34.07 12.35
CA THR P 60 -27.38 34.59 12.58
C THR P 60 -26.66 33.73 13.63
N MET P 61 -25.44 33.31 13.32
CA MET P 61 -24.63 32.55 14.26
C MET P 61 -23.44 33.42 14.66
N TYR P 62 -23.46 33.94 15.88
CA TYR P 62 -22.26 34.54 16.45
C TYR P 62 -21.33 33.39 16.82
N ILE P 63 -20.06 33.53 16.46
CA ILE P 63 -19.02 32.52 16.59
C ILE P 63 -17.82 33.14 17.26
N ASN P 64 -17.46 32.64 18.48
CA ASN P 64 -16.22 32.95 19.17
C ASN P 64 -15.77 31.62 19.77
N SER P 65 -15.23 30.76 18.93
CA SER P 65 -15.10 29.37 19.33
C SER P 65 -13.83 28.69 18.87
N PRO P 66 -13.22 27.93 19.76
CA PRO P 66 -11.95 27.27 19.46
C PRO P 66 -12.17 25.99 18.70
N GLY P 67 -13.41 25.74 18.28
CA GLY P 67 -13.64 24.57 17.45
C GLY P 67 -14.25 23.45 18.23
N GLY P 68 -14.01 22.19 17.84
CA GLY P 68 -14.51 21.05 18.57
C GLY P 68 -14.32 19.78 17.76
N GLY P 69 -14.94 18.72 18.23
CA GLY P 69 -14.84 17.44 17.56
C GLY P 69 -15.33 17.50 16.14
N PHE P 70 -15.12 16.38 15.47
CA PHE P 70 -15.45 16.34 14.05
C PHE P 70 -16.89 15.99 13.74
N THR P 71 -17.41 14.90 14.32
CA THR P 71 -18.79 14.55 14.01
C THR P 71 -19.75 15.60 14.53
N SER P 72 -19.39 16.30 15.60
CA SER P 72 -20.24 17.40 16.04
C SER P 72 -20.16 18.56 15.10
N LEU P 73 -19.01 18.71 14.45
CA LEU P 73 -18.93 19.71 13.40
C LEU P 73 -19.94 19.43 12.34
N MET P 74 -20.01 18.18 11.89
CA MET P 74 -20.81 17.85 10.71
C MET P 74 -22.30 17.81 10.97
N ALA P 75 -22.74 17.44 12.18
CA ALA P 75 -24.16 17.62 12.48
C ALA P 75 -24.54 19.08 12.40
N ILE P 76 -23.80 19.97 13.08
CA ILE P 76 -24.12 21.41 13.03
C ILE P 76 -24.09 21.89 11.61
N TYR P 77 -23.08 21.46 10.86
CA TYR P 77 -22.92 21.91 9.50
C TYR P 77 -24.08 21.51 8.60
N ASP P 78 -24.48 20.23 8.65
CA ASP P 78 -25.57 19.77 7.80
C ASP P 78 -26.87 20.47 8.18
N THR P 79 -27.11 20.63 9.49
CA THR P 79 -28.35 21.28 9.92
C THR P 79 -28.42 22.71 9.37
N MET P 80 -27.32 23.45 9.45
CA MET P 80 -27.26 24.80 8.86
C MET P 80 -27.63 24.80 7.38
N GLN P 81 -27.17 23.79 6.65
CA GLN P 81 -27.46 23.69 5.22
C GLN P 81 -28.84 23.07 4.94
N TYR P 82 -29.33 22.17 5.80
CA TYR P 82 -30.65 21.59 5.55
C TYR P 82 -31.76 22.58 5.84
N VAL P 83 -31.65 23.34 6.91
CA VAL P 83 -32.63 24.38 7.17
C VAL P 83 -32.85 25.26 5.94
N ARG P 84 -34.12 25.62 5.69
CA ARG P 84 -34.48 26.48 4.56
C ARG P 84 -33.98 27.91 4.78
N ALA P 85 -34.04 28.38 6.01
CA ALA P 85 -33.59 29.71 6.32
C ALA P 85 -32.11 29.84 5.98
N ASP P 86 -31.73 31.05 5.56
CA ASP P 86 -30.35 31.48 5.36
C ASP P 86 -29.68 31.60 6.73
N ILE P 87 -28.36 31.38 6.77
CA ILE P 87 -27.62 31.50 8.01
C ILE P 87 -26.52 32.54 7.84
N GLN P 88 -26.63 33.59 8.64
CA GLN P 88 -25.64 34.64 8.76
C GLN P 88 -24.67 34.21 9.86
N THR P 89 -23.40 34.13 9.47
CA THR P 89 -22.29 33.84 10.37
C THR P 89 -21.51 35.14 10.59
N VAL P 90 -21.17 35.37 11.85
CA VAL P 90 -20.46 36.55 12.34
C VAL P 90 -19.36 36.02 13.25
N CYS P 91 -18.13 36.35 12.96
CA CYS P 91 -17.03 35.97 13.81
C CYS P 91 -16.60 37.16 14.67
N LEU P 92 -16.79 37.08 15.98
CA LEU P 92 -16.15 38.02 16.88
C LEU P 92 -14.88 37.34 17.35
N GLY P 93 -13.88 38.10 17.71
CA GLY P 93 -12.72 37.42 18.23
C GLY P 93 -12.15 36.22 17.47
N GLN P 94 -12.80 35.06 17.49
CA GLN P 94 -12.15 33.96 16.78
C GLN P 94 -13.09 32.87 16.30
N ALA P 95 -12.68 32.26 15.20
CA ALA P 95 -13.29 31.01 14.75
C ALA P 95 -12.16 30.10 14.30
N ALA P 96 -11.86 29.08 15.09
CA ALA P 96 -10.75 28.20 14.80
C ALA P 96 -11.21 26.76 14.56
N SER P 97 -10.48 26.04 13.70
CA SER P 97 -10.60 24.59 13.47
C SER P 97 -12.03 24.29 12.98
N ALA P 98 -12.78 23.49 13.74
CA ALA P 98 -14.11 23.21 13.27
C ALA P 98 -14.85 24.48 13.06
N ALA P 99 -14.56 25.48 13.88
CA ALA P 99 -15.43 26.63 13.88
C ALA P 99 -15.20 27.48 12.68
N ALA P 100 -13.98 27.49 12.16
CA ALA P 100 -13.74 28.31 10.99
C ALA P 100 -14.54 27.80 9.80
N VAL P 101 -14.78 26.47 9.74
CA VAL P 101 -15.59 25.80 8.71
C VAL P 101 -17.05 26.17 8.80
N LEU P 102 -17.60 26.23 10.00
CA LEU P 102 -18.96 26.69 10.19
C LEU P 102 -19.06 28.16 9.81
N LEU P 103 -17.98 28.92 10.05
CA LEU P 103 -17.98 30.32 9.67
C LEU P 103 -18.16 30.46 8.19
N ALA P 104 -17.42 29.65 7.44
CA ALA P 104 -17.41 29.63 5.98
C ALA P 104 -18.68 29.02 5.43
N ALA P 105 -19.37 28.18 6.17
CA ALA P 105 -20.52 27.55 5.54
C ALA P 105 -21.76 28.43 5.58
N GLY P 106 -21.66 29.63 6.15
CA GLY P 106 -22.78 30.54 6.20
C GLY P 106 -23.33 30.77 4.80
N THR P 107 -24.52 31.29 4.68
CA THR P 107 -24.96 31.42 3.29
C THR P 107 -24.21 32.57 2.61
N PRO P 108 -23.80 32.39 1.34
CA PRO P 108 -22.92 33.36 0.68
C PRO P 108 -23.44 34.79 0.72
N GLY P 109 -22.53 35.74 0.94
CA GLY P 109 -22.93 37.12 1.09
C GLY P 109 -23.19 37.57 2.53
N LYS P 110 -23.36 36.64 3.48
CA LYS P 110 -23.76 36.96 4.85
C LYS P 110 -22.76 36.39 5.85
N ARG P 111 -21.52 36.18 5.43
CA ARG P 111 -20.49 35.72 6.34
C ARG P 111 -19.55 36.89 6.63
N MET P 112 -19.40 37.24 7.91
CA MET P 112 -18.61 38.40 8.26
C MET P 112 -17.82 38.16 9.55
N ALA P 113 -16.96 39.14 9.87
CA ALA P 113 -16.07 39.12 11.03
C ALA P 113 -15.81 40.58 11.38
N LEU P 114 -15.63 40.83 12.68
CA LEU P 114 -15.18 42.13 13.20
C LEU P 114 -13.69 42.30 12.87
N PRO P 115 -13.19 43.53 12.81
CA PRO P 115 -11.88 43.70 12.17
C PRO P 115 -10.73 43.04 12.92
N ASN P 116 -10.77 42.93 14.24
CA ASN P 116 -9.61 42.35 14.92
C ASN P 116 -9.73 40.88 15.24
N ALA P 117 -10.74 40.20 14.71
CA ALA P 117 -10.86 38.77 14.92
C ALA P 117 -9.85 38.00 14.10
N ARG P 118 -9.53 36.81 14.58
CA ARG P 118 -8.57 35.92 13.92
C ARG P 118 -9.31 34.63 13.55
N VAL P 119 -8.91 34.01 12.44
CA VAL P 119 -9.43 32.75 11.94
C VAL P 119 -8.27 31.78 11.81
N LEU P 120 -8.45 30.59 12.39
CA LEU P 120 -7.42 29.59 12.42
C LEU P 120 -7.93 28.40 11.63
N ILE P 121 -7.09 27.82 10.80
CA ILE P 121 -7.51 26.70 9.96
C ILE P 121 -6.54 25.58 10.19
N HIS P 122 -7.01 24.40 10.60
CA HIS P 122 -6.03 23.31 10.60
C HIS P 122 -6.68 21.94 10.42
N GLN P 123 -5.84 20.98 10.16
CA GLN P 123 -6.35 19.65 9.85
C GLN P 123 -6.60 18.91 11.15
N PRO P 124 -7.58 18.02 11.18
CA PRO P 124 -7.95 17.34 12.42
C PRO P 124 -6.76 16.72 13.11
N SER P 125 -6.69 16.90 14.43
CA SER P 125 -5.70 16.24 15.30
C SER P 125 -6.42 15.38 16.31
N LEU P 126 -5.71 14.49 16.95
CA LEU P 126 -6.30 13.64 17.97
C LEU P 126 -5.38 13.82 19.16
N SER P 127 -5.86 14.53 20.17
CA SER P 127 -4.97 14.80 21.29
C SER P 127 -4.82 13.55 22.14
N GLY P 128 -5.83 12.69 22.12
CA GLY P 128 -5.72 11.48 22.87
C GLY P 128 -4.71 10.53 22.26
N VAL P 129 -4.69 9.33 22.81
CA VAL P 129 -4.05 8.19 22.16
C VAL P 129 -5.14 7.13 22.12
N ILE P 130 -5.30 6.47 21.01
CA ILE P 130 -6.24 5.38 20.91
C ILE P 130 -5.46 4.13 20.57
N GLN P 131 -5.81 3.05 21.25
CA GLN P 131 -4.99 1.87 21.30
C GLN P 131 -5.74 0.69 20.76
N GLY P 132 -5.02 -0.22 20.16
CA GLY P 132 -5.68 -1.46 19.79
C GLY P 132 -4.72 -2.28 18.98
N GLN P 133 -5.24 -3.41 18.51
CA GLN P 133 -4.48 -4.17 17.55
C GLN P 133 -4.25 -3.31 16.32
N PHE P 134 -3.17 -3.63 15.59
CA PHE P 134 -2.91 -2.86 14.39
C PHE P 134 -4.13 -2.88 13.46
N SER P 135 -4.84 -4.02 13.41
CA SER P 135 -6.05 -4.17 12.58
C SER P 135 -7.11 -3.13 12.91
N ASP P 136 -7.27 -2.81 14.18
CA ASP P 136 -8.21 -1.78 14.58
C ASP P 136 -7.69 -0.39 14.27
N LEU P 137 -6.40 -0.13 14.51
CA LEU P 137 -5.90 1.22 14.24
C LEU P 137 -5.85 1.51 12.74
N GLU P 138 -5.62 0.49 11.94
CA GLU P 138 -5.68 0.66 10.50
C GLU P 138 -7.07 1.13 10.07
N ILE P 139 -8.11 0.63 10.74
CA ILE P 139 -9.47 1.08 10.42
C ILE P 139 -9.67 2.51 10.89
N GLN P 140 -9.26 2.82 12.13
CA GLN P 140 -9.40 4.16 12.69
C GLN P 140 -8.64 5.16 11.84
N ALA P 141 -7.40 4.82 11.51
CA ALA P 141 -6.59 5.73 10.68
C ALA P 141 -7.23 5.97 9.32
N ALA P 142 -7.93 5.00 8.77
CA ALA P 142 -8.50 5.30 7.47
C ALA P 142 -9.59 6.36 7.57
N GLU P 143 -10.48 6.22 8.55
CA GLU P 143 -11.57 7.16 8.78
C GLU P 143 -11.02 8.51 9.21
N ILE P 144 -9.92 8.53 9.97
CA ILE P 144 -9.29 9.81 10.28
C ILE P 144 -8.86 10.46 9.00
N GLU P 145 -8.48 9.67 8.01
CA GLU P 145 -8.08 10.25 6.75
C GLU P 145 -9.28 10.73 5.93
N ARG P 146 -10.37 9.96 5.93
CA ARG P 146 -11.60 10.41 5.25
C ARG P 146 -12.06 11.73 5.87
N MET P 147 -12.00 11.84 7.21
CA MET P 147 -12.36 13.07 7.88
C MET P 147 -11.49 14.22 7.42
N ARG P 148 -10.20 14.01 7.29
CA ARG P 148 -9.37 15.12 6.81
C ARG P 148 -9.81 15.61 5.44
N THR P 149 -9.98 14.68 4.48
CA THR P 149 -10.33 15.06 3.10
C THR P 149 -11.75 15.61 2.98
N LEU P 150 -12.65 15.23 3.89
CA LEU P 150 -13.98 15.81 3.91
C LEU P 150 -13.93 17.23 4.45
N MET P 151 -13.09 17.46 5.48
CA MET P 151 -12.87 18.83 5.94
C MET P 151 -12.27 19.66 4.83
N GLU P 152 -11.39 19.08 4.04
CA GLU P 152 -10.79 19.86 2.98
C GLU P 152 -11.74 20.07 1.80
N THR P 153 -12.61 19.12 1.45
CA THR P 153 -13.44 19.43 0.29
C THR P 153 -14.64 20.31 0.66
N THR P 154 -15.21 20.27 1.87
CA THR P 154 -16.31 21.21 2.11
C THR P 154 -15.76 22.64 2.26
N LEU P 155 -14.54 22.78 2.77
CA LEU P 155 -13.97 24.12 2.80
C LEU P 155 -13.75 24.61 1.39
N ALA P 156 -13.24 23.72 0.52
CA ALA P 156 -13.01 24.09 -0.87
C ALA P 156 -14.31 24.51 -1.54
N ARG P 157 -15.42 23.85 -1.17
CA ARG P 157 -16.72 24.11 -1.76
C ARG P 157 -17.20 25.53 -1.45
N HIS P 158 -16.87 26.05 -0.28
CA HIS P 158 -17.42 27.32 0.14
C HIS P 158 -16.48 28.49 -0.05
N THR P 159 -15.18 28.26 -0.10
CA THR P 159 -14.20 29.33 -0.31
C THR P 159 -13.84 29.51 -1.78
N GLY P 160 -14.12 28.50 -2.58
CA GLY P 160 -13.74 28.50 -3.97
C GLY P 160 -12.32 28.04 -4.26
N LYS P 161 -11.53 27.73 -3.25
CA LYS P 161 -10.20 27.21 -3.49
C LYS P 161 -10.32 25.73 -3.86
N ASP P 162 -9.28 25.17 -4.44
CA ASP P 162 -9.33 23.73 -4.69
C ASP P 162 -8.94 22.99 -3.41
N ALA P 163 -9.46 21.78 -3.28
CA ALA P 163 -9.15 21.00 -2.09
C ALA P 163 -7.66 20.71 -1.97
N GLY P 164 -6.96 20.58 -3.11
CA GLY P 164 -5.51 20.35 -3.08
C GLY P 164 -4.72 21.51 -2.50
N VAL P 165 -5.28 22.71 -2.60
CA VAL P 165 -4.78 23.87 -1.85
C VAL P 165 -5.14 23.78 -0.35
N ILE P 166 -6.43 23.69 -0.03
CA ILE P 166 -6.83 23.50 1.36
C ILE P 166 -5.95 22.46 2.01
N ARG P 167 -5.63 21.38 1.29
CA ARG P 167 -4.86 20.34 1.96
C ARG P 167 -3.50 20.87 2.40
N LYS P 168 -2.88 21.76 1.60
CA LYS P 168 -1.56 22.34 1.92
C LYS P 168 -1.64 23.44 2.96
N ASP P 169 -2.61 24.32 2.89
CA ASP P 169 -2.62 25.36 3.89
C ASP P 169 -2.91 24.81 5.28
N THR P 170 -3.57 23.66 5.39
CA THR P 170 -3.89 22.99 6.65
C THR P 170 -2.86 21.96 7.10
N ASP P 171 -1.84 21.66 6.29
CA ASP P 171 -0.80 20.75 6.78
C ASP P 171 -0.25 21.22 8.10
N ARG P 172 0.06 22.51 8.15
CA ARG P 172 0.32 23.27 9.37
C ARG P 172 -0.74 24.35 9.54
N ASP P 173 -1.03 24.64 10.81
CA ASP P 173 -2.03 25.64 11.16
C ASP P 173 -1.77 26.91 10.37
N LYS P 174 -2.83 27.61 10.04
CA LYS P 174 -2.73 28.84 9.27
C LYS P 174 -3.64 29.86 9.89
N ILE P 175 -3.06 30.83 10.54
CA ILE P 175 -3.84 31.87 11.17
C ILE P 175 -4.12 32.94 10.13
N LEU P 176 -5.37 33.42 10.06
CA LEU P 176 -5.75 34.46 9.10
C LEU P 176 -6.39 35.65 9.80
N THR P 177 -6.07 36.86 9.39
CA THR P 177 -6.77 38.00 9.97
C THR P 177 -8.16 38.15 9.36
N ALA P 178 -8.96 39.05 9.93
CA ALA P 178 -10.27 39.27 9.35
C ALA P 178 -10.18 39.53 7.86
N GLU P 179 -9.25 40.42 7.45
CA GLU P 179 -9.04 40.73 6.02
C GLU P 179 -8.47 39.52 5.26
N GLU P 180 -7.43 38.88 5.79
CA GLU P 180 -6.89 37.74 5.06
C GLU P 180 -7.94 36.67 4.88
N ALA P 181 -8.86 36.60 5.82
CA ALA P 181 -9.89 35.58 5.79
C ALA P 181 -10.90 35.85 4.70
N LYS P 182 -11.16 37.12 4.43
CA LYS P 182 -12.05 37.46 3.35
C LYS P 182 -11.41 37.10 2.00
N ASP P 183 -10.13 37.43 1.79
CA ASP P 183 -9.46 37.07 0.55
C ASP P 183 -9.44 35.56 0.36
N TYR P 184 -9.24 34.85 1.47
CA TYR P 184 -9.19 33.41 1.41
C TYR P 184 -10.55 32.92 0.99
N GLY P 185 -11.59 33.68 1.26
CA GLY P 185 -12.90 33.23 0.89
C GLY P 185 -13.73 32.68 2.03
N ILE P 186 -13.25 32.83 3.25
CA ILE P 186 -13.92 32.31 4.43
C ILE P 186 -15.04 33.24 4.86
N ILE P 187 -14.89 34.54 4.68
CA ILE P 187 -15.99 35.47 4.96
C ILE P 187 -16.18 36.34 3.74
N ASP P 188 -17.27 37.10 3.74
CA ASP P 188 -17.59 37.97 2.63
C ASP P 188 -17.35 39.44 2.90
N THR P 189 -17.49 39.88 4.14
CA THR P 189 -17.26 41.28 4.53
C THR P 189 -16.65 41.40 5.93
N VAL P 190 -15.93 42.49 6.15
CA VAL P 190 -15.41 42.86 7.46
C VAL P 190 -16.24 44.00 8.00
N LEU P 191 -16.86 43.84 9.17
CA LEU P 191 -17.71 44.90 9.71
C LEU P 191 -16.87 46.12 10.05
N GLU P 192 -17.26 47.28 9.53
CA GLU P 192 -16.60 48.53 9.88
C GLU P 192 -17.24 49.06 11.16
N TYR P 193 -16.42 49.53 12.11
CA TYR P 193 -16.96 50.17 13.30
C TYR P 193 -17.92 51.30 12.91
N ARG P 194 -19.18 51.17 13.28
CA ARG P 194 -20.19 52.21 12.98
C ARG P 194 -20.42 53.15 14.18
N LYS P 195 -19.32 53.61 14.77
CA LYS P 195 -19.41 54.57 15.87
C LYS P 195 -19.32 56.01 15.40
N THR Q 2 34.36 -35.71 -42.25
CA THR Q 2 32.90 -35.96 -42.22
C THR Q 2 32.36 -37.22 -43.03
N ASP Q 3 32.52 -37.07 -44.41
CA ASP Q 3 32.37 -38.19 -45.42
C ASP Q 3 33.63 -38.40 -46.26
N SER Q 4 34.63 -38.99 -45.61
CA SER Q 4 35.72 -39.69 -46.26
C SER Q 4 35.22 -40.98 -46.86
N VAL Q 5 33.91 -41.25 -46.81
CA VAL Q 5 33.36 -42.47 -47.43
C VAL Q 5 33.43 -42.37 -48.95
N TYR Q 6 33.06 -41.22 -49.50
CA TYR Q 6 33.21 -41.00 -50.92
C TYR Q 6 34.66 -40.99 -51.30
N GLU Q 7 35.55 -40.53 -50.39
CA GLU Q 7 36.99 -40.47 -50.67
C GLU Q 7 37.66 -41.82 -50.65
N ARG Q 8 37.35 -42.65 -49.65
CA ARG Q 8 37.87 -44.01 -49.65
C ARG Q 8 37.39 -44.76 -50.89
N LEU Q 9 36.20 -44.44 -51.42
CA LEU Q 9 35.74 -45.06 -52.65
C LEU Q 9 36.32 -44.42 -53.88
N LEU Q 10 36.75 -43.17 -53.76
CA LEU Q 10 37.42 -42.59 -54.90
C LEU Q 10 38.70 -43.34 -55.16
N SER Q 11 39.35 -43.85 -54.11
CA SER Q 11 40.62 -44.57 -54.30
C SER Q 11 40.42 -45.89 -55.04
N GLU Q 12 39.25 -46.47 -54.90
CA GLU Q 12 38.87 -47.72 -55.55
C GLU Q 12 38.14 -47.48 -56.87
N ARG Q 13 38.12 -46.24 -57.35
CA ARG Q 13 37.68 -45.88 -58.69
C ARG Q 13 36.17 -45.99 -58.85
N ILE Q 14 35.47 -45.49 -57.84
CA ILE Q 14 34.02 -45.42 -57.82
C ILE Q 14 33.58 -43.99 -57.56
N ILE Q 15 32.62 -43.51 -58.33
CA ILE Q 15 32.03 -42.21 -58.08
C ILE Q 15 30.53 -42.38 -58.14
N PHE Q 16 29.82 -41.45 -57.51
CA PHE Q 16 28.37 -41.46 -57.40
C PHE Q 16 27.75 -40.29 -58.14
N LEU Q 17 26.60 -40.51 -58.74
CA LEU Q 17 25.75 -39.42 -59.18
C LEU Q 17 24.52 -39.59 -58.34
N GLY Q 18 24.54 -39.12 -57.09
CA GLY Q 18 23.50 -39.50 -56.14
C GLY Q 18 22.36 -38.53 -55.95
N SER Q 19 22.39 -37.39 -56.63
CA SER Q 19 21.40 -36.33 -56.52
C SER Q 19 20.96 -35.93 -57.92
N GLU Q 20 20.18 -34.86 -57.99
CA GLU Q 20 19.88 -34.29 -59.30
C GLU Q 20 21.11 -33.64 -59.91
N VAL Q 21 21.15 -33.61 -61.24
CA VAL Q 21 22.31 -33.17 -62.03
C VAL Q 21 22.22 -31.67 -62.29
N ASN Q 22 23.03 -30.89 -61.60
CA ASN Q 22 23.14 -29.45 -61.80
C ASN Q 22 24.58 -29.09 -62.04
N ASP Q 23 24.82 -27.80 -62.27
CA ASP Q 23 26.17 -27.47 -62.71
C ASP Q 23 27.17 -27.83 -61.62
N GLU Q 24 26.75 -27.86 -60.37
CA GLU Q 24 27.68 -28.05 -59.25
C GLU Q 24 28.20 -29.49 -59.18
N ILE Q 25 27.29 -30.46 -59.24
CA ILE Q 25 27.71 -31.86 -59.21
C ILE Q 25 28.40 -32.24 -60.50
N ALA Q 26 28.08 -31.57 -61.61
CA ALA Q 26 28.83 -31.88 -62.83
C ALA Q 26 30.29 -31.50 -62.68
N ASN Q 27 30.53 -30.34 -62.12
CA ASN Q 27 31.91 -29.95 -62.05
C ASN Q 27 32.69 -30.93 -61.18
N ARG Q 28 32.15 -31.31 -60.02
CA ARG Q 28 32.86 -32.25 -59.17
C ARG Q 28 33.08 -33.56 -59.90
N LEU Q 29 32.10 -34.00 -60.68
CA LEU Q 29 32.23 -35.32 -61.26
C LEU Q 29 33.19 -35.27 -62.44
N CYS Q 30 33.12 -34.22 -63.25
CA CYS Q 30 34.10 -34.05 -64.31
C CYS Q 30 35.50 -33.92 -63.73
N ALA Q 31 35.66 -33.20 -62.64
CA ALA Q 31 36.97 -33.19 -62.01
C ALA Q 31 37.40 -34.60 -61.62
N GLN Q 32 36.52 -35.35 -60.98
CA GLN Q 32 36.89 -36.70 -60.54
C GLN Q 32 37.24 -37.59 -61.70
N ILE Q 33 36.49 -37.52 -62.80
CA ILE Q 33 36.87 -38.40 -63.90
C ILE Q 33 38.18 -37.99 -64.52
N LEU Q 34 38.44 -36.68 -64.63
CA LEU Q 34 39.74 -36.24 -65.13
C LEU Q 34 40.86 -36.75 -64.21
N LEU Q 35 40.76 -36.45 -62.91
CA LEU Q 35 41.74 -36.98 -61.96
C LEU Q 35 41.93 -38.49 -62.08
N LEU Q 36 40.86 -39.27 -62.00
CA LEU Q 36 41.05 -40.72 -62.02
C LEU Q 36 41.59 -41.21 -63.37
N ALA Q 37 41.38 -40.43 -64.43
CA ALA Q 37 42.01 -40.80 -65.69
C ALA Q 37 43.49 -40.45 -65.67
N ALA Q 38 43.85 -39.41 -64.95
CA ALA Q 38 45.26 -39.09 -64.80
C ALA Q 38 46.01 -40.13 -63.98
N GLU Q 39 45.41 -40.62 -62.89
CA GLU Q 39 46.06 -41.64 -62.05
C GLU Q 39 46.33 -42.91 -62.86
N ASP Q 40 45.36 -43.35 -63.64
CA ASP Q 40 45.44 -44.59 -64.39
C ASP Q 40 44.49 -44.50 -65.55
N ALA Q 41 45.00 -44.53 -66.75
CA ALA Q 41 44.14 -44.39 -67.91
C ALA Q 41 43.76 -45.72 -68.49
N SER Q 42 43.99 -46.82 -67.73
CA SER Q 42 43.64 -48.16 -68.20
C SER Q 42 42.64 -48.90 -67.33
N LYS Q 43 42.52 -48.58 -66.05
CA LYS Q 43 41.60 -49.27 -65.14
C LYS Q 43 40.26 -48.55 -65.17
N ASP Q 44 39.19 -49.31 -64.98
CA ASP Q 44 37.86 -48.74 -65.11
C ASP Q 44 37.57 -47.69 -64.04
N ILE Q 45 36.58 -46.85 -64.36
CA ILE Q 45 35.89 -45.97 -63.42
C ILE Q 45 34.44 -46.40 -63.31
N SER Q 46 33.98 -46.55 -62.07
CA SER Q 46 32.61 -46.98 -61.85
C SER Q 46 31.75 -45.77 -61.46
N LEU Q 47 30.63 -45.61 -62.17
CA LEU Q 47 29.67 -44.54 -61.92
C LEU Q 47 28.33 -45.10 -61.51
N TYR Q 48 28.04 -44.97 -60.23
CA TYR Q 48 26.77 -45.38 -59.73
C TYR Q 48 25.75 -44.25 -59.88
N ILE Q 49 24.52 -44.59 -60.24
CA ILE Q 49 23.53 -43.56 -60.53
C ILE Q 49 22.25 -43.86 -59.74
N ASN Q 50 21.86 -42.93 -58.90
CA ASN Q 50 20.62 -42.95 -58.14
C ASN Q 50 20.17 -41.52 -58.24
N SER Q 51 19.70 -41.12 -59.42
CA SER Q 51 19.52 -39.69 -59.77
C SER Q 51 18.19 -39.48 -60.45
N PRO Q 52 17.48 -38.37 -60.17
CA PRO Q 52 16.22 -38.09 -60.87
C PRO Q 52 16.36 -37.28 -62.15
N GLY Q 53 17.54 -36.70 -62.45
CA GLY Q 53 17.71 -35.92 -63.67
C GLY Q 53 18.16 -34.53 -63.32
N GLY Q 54 18.07 -33.56 -64.21
CA GLY Q 54 18.62 -32.27 -63.90
C GLY Q 54 18.90 -31.55 -65.20
N SER Q 55 19.76 -30.56 -65.15
CA SER Q 55 19.84 -29.66 -66.29
C SER Q 55 20.54 -30.41 -67.43
N ILE Q 56 20.09 -30.20 -68.66
CA ILE Q 56 20.74 -30.93 -69.74
C ILE Q 56 22.18 -30.49 -69.91
N SER Q 57 22.45 -29.20 -69.77
CA SER Q 57 23.79 -28.73 -70.08
C SER Q 57 24.79 -29.37 -69.13
N ALA Q 58 24.48 -29.40 -67.83
CA ALA Q 58 25.39 -30.02 -66.87
C ALA Q 58 25.61 -31.47 -67.21
N GLY Q 59 24.56 -32.06 -67.77
CA GLY Q 59 24.58 -33.46 -68.07
C GLY Q 59 25.44 -33.76 -69.27
N MET Q 60 25.53 -32.82 -70.22
CA MET Q 60 26.41 -33.00 -71.39
C MET Q 60 27.86 -32.71 -71.00
N ALA Q 61 28.09 -31.99 -69.92
CA ALA Q 61 29.45 -31.90 -69.42
C ALA Q 61 29.93 -33.25 -68.95
N ILE Q 62 29.12 -33.89 -68.12
CA ILE Q 62 29.44 -35.23 -67.64
C ILE Q 62 29.55 -36.18 -68.82
N TYR Q 63 28.58 -36.13 -69.75
CA TYR Q 63 28.52 -37.13 -70.81
C TYR Q 63 29.77 -37.01 -71.69
N ASP Q 64 30.15 -35.80 -72.11
CA ASP Q 64 31.37 -35.66 -72.92
C ASP Q 64 32.64 -36.16 -72.20
N THR Q 65 32.74 -35.86 -70.91
CA THR Q 65 33.92 -36.22 -70.13
C THR Q 65 34.04 -37.73 -69.96
N MET Q 66 32.89 -38.41 -69.85
CA MET Q 66 32.84 -39.86 -69.85
C MET Q 66 33.38 -40.38 -71.16
N VAL Q 67 32.93 -39.80 -72.28
CA VAL Q 67 33.26 -40.29 -73.62
C VAL Q 67 34.73 -40.02 -73.95
N LEU Q 68 35.25 -38.84 -73.61
CA LEU Q 68 36.63 -38.54 -73.98
C LEU Q 68 37.65 -39.18 -73.06
N ALA Q 69 37.20 -39.64 -71.90
CA ALA Q 69 38.10 -40.22 -70.93
C ALA Q 69 38.79 -41.44 -71.51
N PRO Q 70 40.07 -41.66 -71.17
CA PRO Q 70 40.81 -42.80 -71.72
C PRO Q 70 40.29 -44.18 -71.28
N CYS Q 71 39.99 -44.27 -69.99
CA CYS Q 71 39.50 -45.50 -69.42
C CYS Q 71 38.04 -45.66 -69.80
N ASP Q 72 37.50 -46.82 -69.48
CA ASP Q 72 36.06 -47.07 -69.62
C ASP Q 72 35.25 -46.55 -68.43
N ILE Q 73 33.97 -46.31 -68.69
CA ILE Q 73 33.06 -45.91 -67.66
C ILE Q 73 31.98 -46.99 -67.55
N ALA Q 74 32.05 -47.77 -66.48
CA ALA Q 74 30.97 -48.65 -66.10
C ALA Q 74 29.94 -47.85 -65.32
N THR Q 75 28.66 -48.01 -65.68
CA THR Q 75 27.54 -47.32 -65.05
C THR Q 75 26.59 -48.36 -64.48
N TYR Q 76 26.10 -48.07 -63.26
CA TYR Q 76 25.22 -48.90 -62.45
C TYR Q 76 23.96 -48.11 -62.08
N ALA Q 77 22.80 -48.66 -62.35
CA ALA Q 77 21.54 -48.02 -61.99
C ALA Q 77 21.17 -48.58 -60.64
N MET Q 78 21.22 -47.76 -59.61
CA MET Q 78 21.09 -48.26 -58.25
C MET Q 78 19.67 -48.19 -57.73
N GLY Q 79 19.21 -46.98 -57.51
CA GLY Q 79 17.86 -46.86 -57.06
C GLY Q 79 16.89 -46.58 -58.19
N MET Q 80 17.07 -45.40 -58.76
CA MET Q 80 16.27 -44.90 -59.85
C MET Q 80 17.22 -44.05 -60.65
N ALA Q 81 17.20 -44.22 -61.98
CA ALA Q 81 18.00 -43.44 -62.92
C ALA Q 81 17.06 -42.87 -63.97
N ALA Q 82 16.75 -41.60 -63.84
CA ALA Q 82 15.67 -40.96 -64.56
C ALA Q 82 16.23 -39.81 -65.38
N SER Q 83 15.66 -39.57 -66.57
CA SER Q 83 15.91 -38.35 -67.35
C SER Q 83 17.42 -38.28 -67.64
N MET Q 84 18.12 -37.25 -67.14
CA MET Q 84 19.56 -37.19 -67.40
C MET Q 84 20.29 -38.36 -66.76
N GLY Q 85 19.70 -38.98 -65.74
CA GLY Q 85 20.31 -40.17 -65.17
C GLY Q 85 20.16 -41.37 -66.08
N GLU Q 86 18.98 -41.54 -66.66
CA GLU Q 86 18.81 -42.53 -67.72
C GLU Q 86 19.72 -42.22 -68.91
N PHE Q 87 19.91 -40.97 -69.25
CA PHE Q 87 20.79 -40.68 -70.37
C PHE Q 87 22.21 -41.10 -70.03
N LEU Q 88 22.70 -40.71 -68.85
CA LEU Q 88 24.08 -41.00 -68.46
C LEU Q 88 24.29 -42.47 -68.12
N LEU Q 89 23.25 -43.17 -67.72
CA LEU Q 89 23.39 -44.61 -67.55
C LEU Q 89 23.62 -45.27 -68.89
N ALA Q 90 22.78 -44.94 -69.87
CA ALA Q 90 22.96 -45.50 -71.19
C ALA Q 90 24.24 -45.02 -71.87
N ALA Q 91 24.81 -43.86 -71.46
CA ALA Q 91 26.06 -43.39 -72.07
C ALA Q 91 27.24 -44.19 -71.55
N GLY Q 92 26.98 -45.08 -70.62
CA GLY Q 92 28.03 -45.94 -70.15
C GLY Q 92 28.62 -46.74 -71.28
N THR Q 93 29.85 -47.18 -71.06
CA THR Q 93 30.57 -48.04 -72.00
C THR Q 93 29.79 -49.32 -72.30
N LYS Q 94 29.61 -49.60 -73.63
CA LYS Q 94 28.81 -50.73 -74.10
C LYS Q 94 29.39 -52.03 -73.61
N GLY Q 95 28.54 -52.81 -72.97
CA GLY Q 95 28.95 -54.00 -72.28
C GLY Q 95 29.19 -53.79 -70.79
N LYS Q 96 29.34 -52.55 -70.35
CA LYS Q 96 29.56 -52.34 -68.93
C LYS Q 96 28.53 -51.38 -68.35
N ARG Q 97 27.24 -51.43 -68.84
CA ARG Q 97 26.07 -50.66 -68.34
C ARG Q 97 25.21 -51.65 -67.59
N TYR Q 98 25.08 -51.46 -66.29
CA TYR Q 98 24.42 -52.43 -65.43
C TYR Q 98 23.22 -51.77 -64.76
N ALA Q 99 22.22 -52.55 -64.37
CA ALA Q 99 21.09 -52.10 -63.56
C ALA Q 99 20.96 -53.06 -62.38
N LEU Q 100 20.80 -52.53 -61.16
CA LEU Q 100 20.51 -53.40 -60.02
C LEU Q 100 19.10 -53.98 -60.20
N PRO Q 101 18.78 -55.08 -59.51
CA PRO Q 101 17.54 -55.83 -59.86
C PRO Q 101 16.26 -55.02 -59.66
N HIS Q 102 16.24 -54.16 -58.67
CA HIS Q 102 15.01 -53.42 -58.47
C HIS Q 102 15.16 -51.96 -58.83
N ALA Q 103 16.15 -51.60 -59.63
CA ALA Q 103 16.28 -50.23 -60.12
C ALA Q 103 15.15 -49.91 -61.10
N ARG Q 104 14.91 -48.61 -61.33
CA ARG Q 104 13.91 -48.16 -62.29
C ARG Q 104 14.55 -47.12 -63.20
N ILE Q 105 14.21 -47.16 -64.48
CA ILE Q 105 14.68 -46.17 -65.46
C ILE Q 105 13.45 -45.45 -65.94
N LEU Q 106 13.51 -44.13 -65.99
CA LEU Q 106 12.47 -43.30 -66.58
C LEU Q 106 13.05 -42.60 -67.78
N MET Q 107 12.34 -42.63 -68.88
CA MET Q 107 12.72 -41.90 -70.06
C MET Q 107 11.58 -40.98 -70.37
N HIS Q 108 11.88 -39.71 -70.64
CA HIS Q 108 10.86 -38.81 -71.17
C HIS Q 108 11.59 -37.70 -71.91
N GLN Q 109 10.82 -36.75 -72.42
CA GLN Q 109 11.36 -35.61 -73.15
C GLN Q 109 11.75 -34.46 -72.21
N PRO Q 110 12.45 -33.44 -72.72
CA PRO Q 110 12.88 -32.31 -71.88
C PRO Q 110 11.71 -31.46 -71.35
N LEU Q 111 11.99 -30.69 -70.27
CA LEU Q 111 11.13 -29.65 -69.70
C LEU Q 111 11.89 -28.34 -69.73
N GLY Q 112 11.12 -27.29 -69.80
CA GLY Q 112 11.75 -26.02 -69.68
C GLY Q 112 10.78 -24.93 -69.36
N GLY Q 113 11.22 -23.73 -69.68
CA GLY Q 113 10.40 -22.56 -69.54
C GLY Q 113 10.69 -21.61 -70.67
N VAL Q 114 9.69 -20.78 -71.00
CA VAL Q 114 9.81 -19.67 -71.94
C VAL Q 114 9.45 -18.40 -71.19
N THR Q 115 10.04 -17.31 -71.63
CA THR Q 115 9.83 -16.05 -70.95
C THR Q 115 10.30 -15.01 -71.91
N GLY Q 116 9.73 -13.82 -71.78
CA GLY Q 116 10.30 -12.69 -72.47
C GLY Q 116 9.47 -12.20 -73.59
N SER Q 117 10.04 -11.48 -74.56
CA SER Q 117 9.30 -11.05 -75.73
C SER Q 117 9.08 -12.19 -76.72
N ALA Q 118 8.13 -11.98 -77.60
CA ALA Q 118 7.81 -13.03 -78.54
C ALA Q 118 8.97 -13.32 -79.49
N ALA Q 119 9.93 -12.39 -79.63
CA ALA Q 119 11.16 -12.63 -80.39
C ALA Q 119 12.16 -13.44 -79.57
N ASP Q 120 12.24 -13.16 -78.29
CA ASP Q 120 13.10 -13.98 -77.45
C ASP Q 120 12.53 -15.39 -77.32
N ILE Q 121 11.19 -15.53 -77.32
CA ILE Q 121 10.53 -16.84 -77.14
C ILE Q 121 10.60 -17.64 -78.41
N ALA Q 122 10.55 -16.94 -79.53
CA ALA Q 122 10.78 -17.58 -80.80
C ALA Q 122 12.14 -18.27 -80.79
N ILE Q 123 13.17 -17.55 -80.28
CA ILE Q 123 14.55 -18.05 -80.19
C ILE Q 123 14.65 -19.21 -79.23
N GLN Q 124 14.00 -19.08 -78.08
CA GLN Q 124 14.00 -20.15 -77.09
C GLN Q 124 13.46 -21.44 -77.69
N ALA Q 125 12.36 -21.32 -78.42
CA ALA Q 125 11.69 -22.48 -78.95
C ALA Q 125 12.49 -23.16 -80.05
N GLU Q 126 13.20 -22.40 -80.90
CA GLU Q 126 14.08 -23.04 -81.89
C GLU Q 126 15.02 -24.05 -81.28
N GLN Q 127 15.61 -23.71 -80.12
CA GLN Q 127 16.55 -24.58 -79.42
C GLN Q 127 15.84 -25.76 -78.82
N PHE Q 128 14.60 -25.58 -78.34
CA PHE Q 128 13.85 -26.74 -77.88
C PHE Q 128 13.87 -27.79 -78.97
N ALA Q 129 13.55 -27.36 -80.18
CA ALA Q 129 13.54 -28.32 -81.25
C ALA Q 129 14.92 -28.97 -81.38
N VAL Q 130 15.96 -28.13 -81.43
CA VAL Q 130 17.31 -28.62 -81.60
C VAL Q 130 17.64 -29.59 -80.48
N ILE Q 131 17.39 -29.16 -79.24
CA ILE Q 131 17.87 -29.91 -78.10
C ILE Q 131 17.16 -31.24 -78.00
N LYS Q 132 15.86 -31.25 -78.22
CA LYS Q 132 15.08 -32.48 -78.14
C LYS Q 132 15.53 -33.47 -79.25
N LYS Q 133 15.88 -32.96 -80.45
CA LYS Q 133 16.33 -33.88 -81.49
C LYS Q 133 17.67 -34.47 -81.09
N GLU Q 134 18.53 -33.62 -80.53
CA GLU Q 134 19.88 -34.12 -80.29
C GLU Q 134 19.87 -35.14 -79.19
N MET Q 135 18.95 -34.99 -78.23
CA MET Q 135 18.83 -35.90 -77.10
C MET Q 135 18.14 -37.19 -77.46
N PHE Q 136 17.19 -37.15 -78.41
CA PHE Q 136 16.61 -38.39 -78.90
C PHE Q 136 17.61 -39.15 -79.76
N ARG Q 137 18.34 -38.45 -80.63
CA ARG Q 137 19.37 -39.12 -81.42
C ARG Q 137 20.36 -39.85 -80.53
N LEU Q 138 20.84 -39.20 -79.47
CA LEU Q 138 21.80 -39.88 -78.60
C LEU Q 138 21.14 -41.04 -77.85
N ASN Q 139 19.90 -40.89 -77.35
CA ASN Q 139 19.16 -42.03 -76.78
C ASN Q 139 18.91 -43.14 -77.79
N ALA Q 140 18.78 -42.78 -79.04
CA ALA Q 140 18.64 -43.80 -80.05
C ALA Q 140 19.94 -44.58 -80.23
N GLU Q 141 21.10 -43.91 -80.13
CA GLU Q 141 22.37 -44.60 -80.29
C GLU Q 141 22.65 -45.50 -79.08
N PHE Q 142 22.32 -45.02 -77.86
CA PHE Q 142 22.64 -45.75 -76.62
C PHE Q 142 21.88 -47.05 -76.53
N THR Q 143 20.60 -47.01 -76.88
CA THR Q 143 19.69 -48.12 -76.70
C THR Q 143 19.49 -48.96 -77.94
N GLY Q 144 19.85 -48.45 -79.13
CA GLY Q 144 19.64 -49.16 -80.39
C GLY Q 144 18.27 -49.03 -81.00
N GLN Q 145 17.38 -48.32 -80.39
CA GLN Q 145 16.04 -48.20 -80.93
C GLN Q 145 16.06 -47.22 -82.09
N PRO Q 146 15.00 -47.22 -82.90
CA PRO Q 146 14.80 -46.16 -83.91
C PRO Q 146 14.52 -44.80 -83.28
N ILE Q 147 15.01 -43.73 -83.91
CA ILE Q 147 14.76 -42.41 -83.35
C ILE Q 147 13.25 -42.23 -83.22
N GLU Q 148 12.50 -42.90 -84.09
CA GLU Q 148 11.06 -42.70 -84.14
C GLU Q 148 10.38 -43.33 -82.94
N ARG Q 149 10.91 -44.43 -82.41
CA ARG Q 149 10.32 -45.01 -81.19
C ARG Q 149 10.77 -44.23 -79.95
N ILE Q 150 12.02 -43.78 -79.91
CA ILE Q 150 12.49 -42.94 -78.79
C ILE Q 150 11.60 -41.74 -78.65
N GLU Q 151 11.31 -41.08 -79.75
CA GLU Q 151 10.48 -39.90 -79.62
C GLU Q 151 9.07 -40.23 -79.13
N ALA Q 152 8.49 -41.32 -79.62
CA ALA Q 152 7.12 -41.63 -79.22
C ALA Q 152 7.06 -42.11 -77.78
N ASP Q 153 7.97 -42.98 -77.40
CA ASP Q 153 7.97 -43.45 -76.01
C ASP Q 153 8.26 -42.30 -75.03
N SER Q 154 9.08 -41.34 -75.44
CA SER Q 154 9.47 -40.28 -74.52
C SER Q 154 8.43 -39.16 -74.39
N ASP Q 155 7.37 -39.12 -75.21
CA ASP Q 155 6.43 -37.99 -75.18
C ASP Q 155 5.89 -37.74 -73.75
N ARG Q 156 5.52 -38.80 -73.07
CA ARG Q 156 5.18 -38.70 -71.67
C ARG Q 156 5.96 -39.78 -70.96
N ASP Q 157 6.02 -39.62 -69.65
CA ASP Q 157 6.89 -40.45 -68.85
C ASP Q 157 6.65 -41.95 -69.10
N ARG Q 158 7.73 -42.64 -69.44
CA ARG Q 158 7.67 -44.09 -69.57
C ARG Q 158 8.61 -44.75 -68.58
N TRP Q 159 8.05 -45.53 -67.69
CA TRP Q 159 8.81 -46.27 -66.70
C TRP Q 159 9.21 -47.68 -67.14
N PHE Q 160 10.37 -48.08 -66.69
CA PHE Q 160 10.87 -49.41 -66.97
C PHE Q 160 11.32 -50.01 -65.67
N THR Q 161 11.07 -51.30 -65.50
CA THR Q 161 11.82 -52.09 -64.54
C THR Q 161 13.19 -52.48 -65.09
N ALA Q 162 14.09 -52.88 -64.18
CA ALA Q 162 15.44 -53.26 -64.62
C ALA Q 162 15.33 -54.16 -65.84
N ALA Q 163 14.36 -55.06 -65.81
CA ALA Q 163 14.23 -56.04 -66.88
C ALA Q 163 13.80 -55.41 -68.21
N GLU Q 164 12.80 -54.54 -68.18
CA GLU Q 164 12.34 -53.91 -69.41
C GLU Q 164 13.43 -53.05 -69.97
N ALA Q 165 14.21 -52.46 -69.06
CA ALA Q 165 15.26 -51.57 -69.46
C ALA Q 165 16.25 -52.29 -70.30
N LEU Q 166 16.47 -53.60 -70.00
CA LEU Q 166 17.44 -54.46 -70.69
C LEU Q 166 16.89 -54.93 -72.03
N GLU Q 167 15.61 -55.30 -72.11
CA GLU Q 167 15.07 -55.55 -73.45
C GLU Q 167 15.08 -54.27 -74.26
N TYR Q 168 14.92 -53.10 -73.62
CA TYR Q 168 14.83 -51.88 -74.40
C TYR Q 168 16.18 -51.39 -74.89
N GLY Q 169 17.25 -51.62 -74.15
CA GLY Q 169 18.59 -51.19 -74.53
C GLY Q 169 19.28 -50.26 -73.56
N PHE Q 170 18.67 -49.88 -72.43
CA PHE Q 170 19.36 -48.98 -71.51
C PHE Q 170 20.59 -49.65 -70.89
N VAL Q 171 20.51 -50.95 -70.53
CA VAL Q 171 21.67 -51.62 -69.95
C VAL Q 171 22.02 -52.94 -70.67
N ASP Q 172 23.19 -53.48 -70.31
CA ASP Q 172 23.65 -54.70 -70.93
C ASP Q 172 23.55 -55.93 -70.04
N HIS Q 173 23.38 -55.74 -68.74
CA HIS Q 173 23.35 -56.83 -67.77
C HIS Q 173 22.48 -56.42 -66.60
N ILE Q 174 22.03 -57.39 -65.82
CA ILE Q 174 21.46 -57.09 -64.52
C ILE Q 174 22.23 -57.80 -63.42
N ILE Q 175 22.76 -57.03 -62.47
CA ILE Q 175 23.67 -57.58 -61.47
C ILE Q 175 22.94 -58.46 -60.46
N THR Q 176 23.63 -59.51 -59.99
CA THR Q 176 23.11 -60.52 -59.06
C THR Q 176 24.29 -60.81 -58.07
N THR R 2 23.01 -10.22 45.08
CA THR R 2 21.64 -10.47 45.56
C THR R 2 21.00 -11.70 44.83
N ASP R 3 21.05 -11.67 43.49
CA ASP R 3 20.74 -12.86 42.67
C ASP R 3 21.97 -13.27 41.90
N SER R 4 22.94 -13.75 42.68
CA SER R 4 24.09 -14.48 42.19
C SER R 4 23.61 -15.80 41.60
N VAL R 5 22.30 -16.10 41.77
CA VAL R 5 21.70 -17.27 41.13
C VAL R 5 21.73 -17.06 39.62
N TYR R 6 21.44 -15.84 39.18
CA TYR R 6 21.61 -15.58 37.76
C TYR R 6 23.08 -15.50 37.34
N GLU R 7 23.98 -15.04 38.23
CA GLU R 7 25.38 -14.97 37.80
C GLU R 7 26.01 -16.36 37.77
N ARG R 8 25.66 -17.18 38.79
CA ARG R 8 26.15 -18.56 38.84
C ARG R 8 25.74 -19.30 37.57
N LEU R 9 24.57 -18.95 36.99
CA LEU R 9 24.14 -19.61 35.74
C LEU R 9 24.81 -19.05 34.48
N LEU R 10 25.19 -17.77 34.46
CA LEU R 10 25.92 -17.20 33.31
C LEU R 10 27.23 -17.92 33.07
N SER R 11 27.87 -18.39 34.14
CA SER R 11 29.09 -19.15 33.98
C SER R 11 28.83 -20.42 33.19
N GLU R 12 27.61 -20.94 33.30
CA GLU R 12 27.19 -22.17 32.64
C GLU R 12 26.47 -21.90 31.33
N ARG R 13 26.42 -20.63 30.89
CA ARG R 13 25.91 -20.23 29.56
C ARG R 13 24.40 -20.35 29.42
N ILE R 14 23.71 -19.97 30.48
CA ILE R 14 22.26 -19.86 30.54
C ILE R 14 21.87 -18.42 30.84
N ILE R 15 20.93 -17.90 30.07
CA ILE R 15 20.35 -16.62 30.37
C ILE R 15 18.81 -16.70 30.35
N PHE R 16 18.16 -15.77 31.06
CA PHE R 16 16.71 -15.77 31.21
C PHE R 16 16.06 -14.57 30.53
N LEU R 17 14.89 -14.79 29.97
CA LEU R 17 14.01 -13.69 29.60
C LEU R 17 12.79 -13.93 30.46
N GLY R 18 12.79 -13.39 31.68
CA GLY R 18 11.74 -13.70 32.61
C GLY R 18 10.64 -12.67 32.79
N SER R 19 10.73 -11.53 32.17
CA SER R 19 9.72 -10.51 32.37
C SER R 19 9.30 -10.05 31.00
N GLU R 20 8.50 -9.01 30.92
CA GLU R 20 8.15 -8.41 29.65
C GLU R 20 9.38 -7.82 29.00
N VAL R 21 9.34 -7.79 27.68
CA VAL R 21 10.46 -7.35 26.86
C VAL R 21 10.40 -5.84 26.71
N ASN R 22 11.28 -5.13 27.40
CA ASN R 22 11.42 -3.70 27.21
C ASN R 22 12.88 -3.40 26.95
N ASP R 23 13.18 -2.13 26.67
CA ASP R 23 14.55 -1.84 26.29
C ASP R 23 15.53 -2.20 27.39
N GLU R 24 15.11 -2.15 28.65
CA GLU R 24 16.08 -2.42 29.71
C GLU R 24 16.55 -3.88 29.67
N ILE R 25 15.61 -4.82 29.59
CA ILE R 25 15.98 -6.23 29.57
C ILE R 25 16.59 -6.60 28.24
N ALA R 26 16.19 -5.92 27.16
CA ALA R 26 16.78 -6.23 25.88
C ALA R 26 18.26 -5.90 25.88
N ASN R 27 18.64 -4.79 26.51
CA ASN R 27 20.04 -4.40 26.50
C ASN R 27 20.88 -5.36 27.35
N ARG R 28 20.38 -5.76 28.53
CA ARG R 28 21.07 -6.78 29.33
C ARG R 28 21.18 -8.10 28.58
N LEU R 29 20.18 -8.44 27.78
CA LEU R 29 20.22 -9.71 27.12
C LEU R 29 21.20 -9.70 25.97
N CYS R 30 21.21 -8.63 25.21
CA CYS R 30 22.21 -8.52 24.18
C CYS R 30 23.61 -8.53 24.76
N ALA R 31 23.84 -7.73 25.79
CA ALA R 31 25.17 -7.65 26.39
C ALA R 31 25.66 -9.00 26.93
N GLN R 32 24.78 -9.76 27.58
CA GLN R 32 25.16 -11.09 28.06
C GLN R 32 25.51 -12.01 26.89
N ILE R 33 24.76 -11.91 25.78
CA ILE R 33 25.10 -12.73 24.62
C ILE R 33 26.41 -12.31 23.99
N LEU R 34 26.68 -10.98 23.95
CA LEU R 34 27.97 -10.51 23.44
C LEU R 34 29.09 -11.00 24.33
N LEU R 35 28.97 -10.75 25.65
CA LEU R 35 29.90 -11.30 26.62
C LEU R 35 30.13 -12.78 26.40
N LEU R 36 29.04 -13.53 26.27
CA LEU R 36 29.15 -14.97 26.16
C LEU R 36 29.73 -15.41 24.83
N ALA R 37 29.60 -14.60 23.77
CA ALA R 37 30.23 -15.00 22.50
C ALA R 37 31.71 -14.64 22.49
N ALA R 38 32.09 -13.62 23.22
CA ALA R 38 33.49 -13.32 23.38
C ALA R 38 34.17 -14.38 24.24
N GLU R 39 33.45 -14.91 25.23
CA GLU R 39 34.02 -15.89 26.14
C GLU R 39 34.40 -17.16 25.40
N ASP R 40 33.47 -17.66 24.61
CA ASP R 40 33.64 -18.88 23.84
C ASP R 40 32.69 -18.85 22.67
N ALA R 41 33.24 -18.83 21.46
CA ALA R 41 32.43 -18.69 20.27
C ALA R 41 32.04 -20.03 19.67
N SER R 42 32.24 -21.13 20.39
CA SER R 42 31.88 -22.46 19.94
C SER R 42 30.87 -23.17 20.85
N LYS R 43 30.71 -22.76 22.10
CA LYS R 43 29.80 -23.39 23.04
C LYS R 43 28.44 -22.72 22.92
N ASP R 44 27.39 -23.49 23.17
CA ASP R 44 26.05 -22.96 23.03
C ASP R 44 25.70 -21.99 24.16
N ILE R 45 24.67 -21.16 23.86
CA ILE R 45 23.95 -20.34 24.82
C ILE R 45 22.50 -20.80 24.90
N SER R 46 22.03 -21.01 26.12
CA SER R 46 20.65 -21.41 26.36
C SER R 46 19.88 -20.19 26.85
N LEU R 47 18.71 -19.93 26.23
CA LEU R 47 17.83 -18.80 26.54
C LEU R 47 16.48 -19.34 27.02
N TYR R 48 16.23 -19.26 28.34
CA TYR R 48 14.99 -19.70 28.97
C TYR R 48 14.04 -18.52 28.88
N ILE R 49 12.81 -18.81 28.49
CA ILE R 49 11.86 -17.75 28.21
C ILE R 49 10.61 -17.95 28.99
N ASN R 50 10.26 -17.01 29.83
CA ASN R 50 8.98 -17.06 30.52
C ASN R 50 8.48 -15.66 30.43
N SER R 51 7.91 -15.32 29.28
CA SER R 51 7.59 -13.98 28.95
C SER R 51 6.23 -13.66 28.34
N PRO R 52 5.62 -12.56 28.76
CA PRO R 52 4.32 -12.20 28.20
C PRO R 52 4.39 -11.40 26.92
N GLY R 53 5.59 -10.98 26.49
CA GLY R 53 5.72 -10.15 25.30
C GLY R 53 6.31 -8.78 25.55
N GLY R 54 6.18 -7.82 24.64
CA GLY R 54 6.78 -6.53 24.90
C GLY R 54 7.05 -5.80 23.60
N SER R 55 7.96 -4.84 23.64
CA SER R 55 8.07 -4.05 22.42
C SER R 55 8.75 -4.84 21.30
N ILE R 56 8.31 -4.57 20.07
CA ILE R 56 8.97 -5.16 18.89
C ILE R 56 10.42 -4.70 18.79
N SER R 57 10.70 -3.40 18.99
CA SER R 57 12.04 -2.88 18.69
C SER R 57 13.06 -3.50 19.63
N ALA R 58 12.74 -3.53 20.92
CA ALA R 58 13.60 -4.23 21.89
C ALA R 58 13.68 -5.70 21.56
N GLY R 59 12.62 -6.30 21.04
CA GLY R 59 12.75 -7.68 20.64
C GLY R 59 13.57 -7.87 19.38
N MET R 60 13.58 -6.88 18.47
CA MET R 60 14.40 -7.01 17.26
C MET R 60 15.87 -6.75 17.53
N ALA R 61 16.19 -6.08 18.62
CA ALA R 61 17.58 -6.05 19.06
C ALA R 61 18.03 -7.41 19.54
N ILE R 62 17.21 -8.01 20.41
CA ILE R 62 17.55 -9.34 20.91
C ILE R 62 17.73 -10.31 19.74
N TYR R 63 16.75 -10.37 18.81
CA TYR R 63 16.74 -11.39 17.76
C TYR R 63 17.96 -11.26 16.84
N ASP R 64 18.27 -10.03 16.44
CA ASP R 64 19.45 -9.80 15.60
C ASP R 64 20.71 -10.27 16.30
N THR R 65 20.80 -10.02 17.59
CA THR R 65 21.98 -10.44 18.33
C THR R 65 22.10 -11.99 18.41
N MET R 66 20.95 -12.69 18.51
CA MET R 66 20.88 -14.14 18.49
C MET R 66 21.39 -14.69 17.19
N VAL R 67 21.01 -14.03 16.11
CA VAL R 67 21.31 -14.48 14.76
C VAL R 67 22.78 -14.23 14.44
N LEU R 68 23.28 -13.06 14.82
CA LEU R 68 24.65 -12.72 14.49
C LEU R 68 25.66 -13.33 15.44
N ALA R 69 25.24 -13.85 16.57
CA ALA R 69 26.23 -14.42 17.47
C ALA R 69 26.92 -15.59 16.78
N PRO R 70 28.22 -15.79 17.00
CA PRO R 70 28.88 -16.95 16.37
C PRO R 70 28.32 -18.28 16.83
N CYS R 71 28.07 -18.46 18.11
CA CYS R 71 27.50 -19.70 18.60
C CYS R 71 25.99 -19.73 18.36
N ASP R 72 25.41 -20.90 18.61
CA ASP R 72 23.96 -21.07 18.48
C ASP R 72 23.23 -20.61 19.74
N ILE R 73 21.94 -20.35 19.57
CA ILE R 73 21.08 -20.03 20.70
C ILE R 73 19.97 -21.07 20.80
N ALA R 74 20.04 -21.87 21.84
CA ALA R 74 18.95 -22.75 22.20
C ALA R 74 17.90 -21.96 22.99
N THR R 75 16.64 -22.20 22.68
CA THR R 75 15.54 -21.52 23.35
C THR R 75 14.65 -22.56 24.04
N TYR R 76 14.22 -22.22 25.25
CA TYR R 76 13.36 -23.05 26.09
C TYR R 76 12.12 -22.26 26.46
N ALA R 77 10.95 -22.86 26.25
CA ALA R 77 9.70 -22.24 26.64
C ALA R 77 9.37 -22.84 27.98
N MET R 78 9.37 -22.00 29.01
CA MET R 78 9.20 -22.50 30.37
C MET R 78 7.80 -22.35 30.93
N GLY R 79 7.41 -21.11 31.11
CA GLY R 79 6.11 -20.86 31.67
C GLY R 79 5.07 -20.66 30.59
N MET R 80 5.23 -19.51 29.94
CA MET R 80 4.46 -18.93 28.86
C MET R 80 5.45 -18.12 28.01
N ALA R 81 5.45 -18.34 26.68
CA ALA R 81 6.33 -17.62 25.73
C ALA R 81 5.27 -17.05 24.79
N ALA R 82 4.94 -15.78 25.00
CA ALA R 82 3.78 -15.15 24.36
C ALA R 82 4.24 -13.92 23.61
N SER R 83 3.63 -13.64 22.46
CA SER R 83 3.88 -12.39 21.74
C SER R 83 5.38 -12.36 21.34
N MET R 84 6.13 -11.34 21.71
CA MET R 84 7.56 -11.35 21.35
C MET R 84 8.30 -12.50 22.01
N GLY R 85 7.78 -13.04 23.09
CA GLY R 85 8.42 -14.20 23.64
C GLY R 85 8.31 -15.38 22.69
N GLU R 86 7.11 -15.60 22.13
CA GLU R 86 6.97 -16.66 21.13
C GLU R 86 7.86 -16.40 19.93
N PHE R 87 7.95 -15.13 19.51
CA PHE R 87 8.80 -14.77 18.37
C PHE R 87 10.27 -15.17 18.63
N LEU R 88 10.82 -14.86 19.83
CA LEU R 88 12.22 -15.16 20.19
C LEU R 88 12.40 -16.62 20.54
N LEU R 89 11.34 -17.27 20.99
CA LEU R 89 11.43 -18.71 21.16
C LEU R 89 11.59 -19.35 19.81
N ALA R 90 10.74 -18.95 18.86
CA ALA R 90 10.75 -19.59 17.56
C ALA R 90 11.98 -19.26 16.74
N ALA R 91 12.62 -18.13 17.04
CA ALA R 91 13.79 -17.67 16.32
C ALA R 91 15.08 -18.26 16.82
N GLY R 92 15.05 -19.12 17.85
CA GLY R 92 16.23 -19.87 18.22
C GLY R 92 16.75 -20.75 17.08
N THR R 93 18.01 -21.16 17.21
CA THR R 93 18.64 -22.03 16.23
C THR R 93 17.79 -23.26 16.02
N LYS R 94 17.54 -23.59 14.75
CA LYS R 94 16.68 -24.72 14.45
C LYS R 94 17.24 -26.04 14.97
N GLY R 95 16.36 -26.79 15.62
CA GLY R 95 16.71 -28.04 16.23
C GLY R 95 16.96 -27.91 17.70
N LYS R 96 17.15 -26.68 18.12
CA LYS R 96 17.42 -26.31 19.47
C LYS R 96 16.37 -25.33 20.01
N ARG R 97 15.10 -25.49 19.59
CA ARG R 97 13.96 -24.78 20.17
C ARG R 97 13.10 -25.80 20.93
N TYR R 98 13.05 -25.66 22.24
CA TYR R 98 12.40 -26.66 23.07
C TYR R 98 11.30 -25.99 23.88
N ALA R 99 10.27 -26.74 24.24
CA ALA R 99 9.21 -26.26 25.12
C ALA R 99 9.08 -27.28 26.23
N LEU R 100 9.03 -26.82 27.48
CA LEU R 100 8.75 -27.73 28.58
C LEU R 100 7.36 -28.31 28.40
N PRO R 101 7.06 -29.45 29.00
CA PRO R 101 5.79 -30.11 28.66
C PRO R 101 4.53 -29.26 28.91
N HIS R 102 4.47 -28.40 29.93
CA HIS R 102 3.23 -27.68 30.22
C HIS R 102 3.34 -26.19 29.92
N ALA R 103 4.29 -25.83 29.08
CA ALA R 103 4.43 -24.47 28.62
C ALA R 103 3.25 -24.14 27.73
N ARG R 104 3.01 -22.87 27.57
CA ARG R 104 2.01 -22.41 26.64
C ARG R 104 2.67 -21.35 25.79
N ILE R 105 2.31 -21.32 24.51
CA ILE R 105 2.81 -20.36 23.56
C ILE R 105 1.59 -19.55 23.10
N LEU R 106 1.72 -18.23 23.02
CA LEU R 106 0.66 -17.39 22.49
C LEU R 106 1.13 -16.63 21.26
N MET R 107 0.30 -16.59 20.22
CA MET R 107 0.61 -15.82 19.03
C MET R 107 -0.54 -14.88 18.70
N HIS R 108 -0.21 -13.60 18.48
CA HIS R 108 -1.22 -12.70 17.96
C HIS R 108 -0.54 -11.54 17.22
N GLN R 109 -1.35 -10.58 16.67
CA GLN R 109 -0.79 -9.49 15.87
C GLN R 109 -0.35 -8.29 16.71
N PRO R 110 0.47 -7.38 16.14
CA PRO R 110 1.05 -6.29 16.95
C PRO R 110 -0.06 -5.39 17.48
N LEU R 111 0.22 -4.73 18.64
CA LEU R 111 -0.62 -3.74 19.29
C LEU R 111 0.11 -2.40 19.32
N GLY R 112 -0.63 -1.29 19.29
CA GLY R 112 0.05 -0.02 19.34
C GLY R 112 -0.96 1.06 19.57
N GLY R 113 -0.59 2.26 19.15
CA GLY R 113 -1.47 3.41 19.23
C GLY R 113 -1.27 4.37 18.08
N VAL R 114 -2.29 5.20 17.84
CA VAL R 114 -2.06 6.40 17.04
C VAL R 114 -2.29 7.66 17.86
N THR R 115 -1.65 8.77 17.45
CA THR R 115 -1.80 10.07 18.12
C THR R 115 -1.34 11.22 17.21
N GLY R 116 -1.91 12.39 17.42
CA GLY R 116 -1.38 13.53 16.73
C GLY R 116 -2.25 13.97 15.59
N SER R 117 -1.63 14.70 14.67
CA SER R 117 -2.34 15.29 13.57
C SER R 117 -2.63 14.31 12.47
N ALA R 118 -3.59 14.71 11.62
CA ALA R 118 -4.13 13.76 10.68
C ALA R 118 -3.03 13.32 9.77
N ALA R 119 -2.03 14.16 9.61
CA ALA R 119 -0.91 13.76 8.79
C ALA R 119 0.04 12.88 9.56
N ASP R 120 0.29 13.23 10.80
CA ASP R 120 1.19 12.43 11.60
C ASP R 120 0.66 11.03 11.74
N ILE R 121 -0.68 10.87 11.69
CA ILE R 121 -1.35 9.61 11.93
C ILE R 121 -1.25 8.74 10.73
N ALA R 122 -1.33 9.34 9.56
CA ALA R 122 -1.17 8.51 8.38
C ALA R 122 0.22 7.87 8.41
N ILE R 123 1.23 8.60 8.86
CA ILE R 123 2.59 8.03 8.81
C ILE R 123 2.74 6.86 9.77
N GLN R 124 2.20 7.02 10.98
CA GLN R 124 2.13 5.95 11.97
C GLN R 124 1.49 4.74 11.35
N ALA R 125 0.44 4.96 10.57
CA ALA R 125 -0.27 3.84 9.99
C ALA R 125 0.58 3.17 8.93
N GLU R 126 1.40 3.93 8.19
CA GLU R 126 2.27 3.28 7.21
C GLU R 126 3.17 2.26 7.86
N GLN R 127 3.77 2.60 9.01
CA GLN R 127 4.70 1.70 9.65
C GLN R 127 3.99 0.54 10.30
N PHE R 128 2.79 0.77 10.84
CA PHE R 128 2.03 -0.37 11.32
C PHE R 128 2.00 -1.45 10.24
N ALA R 129 1.68 -1.08 9.01
CA ALA R 129 1.51 -2.07 7.95
C ALA R 129 2.83 -2.74 7.60
N VAL R 130 3.88 -1.96 7.46
CA VAL R 130 5.19 -2.54 7.25
C VAL R 130 5.50 -3.49 8.39
N ILE R 131 5.35 -2.99 9.62
CA ILE R 131 5.76 -3.81 10.75
C ILE R 131 4.97 -5.09 10.75
N LYS R 132 3.68 -5.01 10.47
CA LYS R 132 2.89 -6.21 10.64
C LYS R 132 3.30 -7.29 9.63
N LYS R 133 3.58 -6.89 8.39
CA LYS R 133 3.89 -7.84 7.33
C LYS R 133 5.22 -8.49 7.59
N GLU R 134 6.19 -7.72 8.09
CA GLU R 134 7.51 -8.29 8.36
C GLU R 134 7.49 -9.27 9.54
N MET R 135 6.64 -9.02 10.55
CA MET R 135 6.54 -9.94 11.67
C MET R 135 5.80 -11.20 11.24
N PHE R 136 4.82 -11.09 10.34
CA PHE R 136 4.17 -12.33 9.90
C PHE R 136 5.11 -13.10 8.99
N ARG R 137 5.82 -12.40 8.12
CA ARG R 137 6.76 -13.08 7.25
C ARG R 137 7.83 -13.77 8.07
N LEU R 138 8.26 -13.14 9.18
CA LEU R 138 9.26 -13.77 10.05
C LEU R 138 8.68 -14.96 10.82
N ASN R 139 7.46 -14.84 11.36
CA ASN R 139 6.90 -16.02 11.99
C ASN R 139 6.79 -17.17 11.04
N ALA R 140 6.61 -16.83 9.76
CA ALA R 140 6.44 -17.82 8.71
C ALA R 140 7.72 -18.59 8.42
N GLU R 141 8.89 -17.94 8.45
CA GLU R 141 10.11 -18.71 8.29
C GLU R 141 10.34 -19.59 9.51
N PHE R 142 10.08 -19.03 10.71
CA PHE R 142 10.40 -19.74 11.95
C PHE R 142 9.59 -21.01 12.06
N THR R 143 8.34 -20.96 11.63
CA THR R 143 7.40 -22.07 11.80
C THR R 143 7.27 -22.96 10.57
N GLY R 144 7.66 -22.43 9.40
CA GLY R 144 7.51 -23.07 8.11
C GLY R 144 6.14 -22.93 7.51
N GLN R 145 5.25 -22.28 8.21
CA GLN R 145 3.88 -22.12 7.77
C GLN R 145 3.78 -21.07 6.68
N PRO R 146 2.69 -21.11 5.93
CA PRO R 146 2.43 -20.09 4.92
C PRO R 146 2.14 -18.72 5.54
N ILE R 147 2.63 -17.67 4.86
CA ILE R 147 2.41 -16.31 5.34
C ILE R 147 0.93 -16.09 5.55
N GLU R 148 0.11 -16.80 4.75
CA GLU R 148 -1.34 -16.66 4.72
C GLU R 148 -1.98 -17.23 5.98
N ARG R 149 -1.41 -18.32 6.55
CA ARG R 149 -1.92 -18.91 7.79
C ARG R 149 -1.47 -18.12 9.04
N ILE R 150 -0.22 -17.60 9.09
CA ILE R 150 0.24 -16.79 10.24
C ILE R 150 -0.68 -15.60 10.47
N GLU R 151 -0.99 -14.90 9.37
CA GLU R 151 -1.84 -13.71 9.39
C GLU R 151 -3.25 -14.00 9.86
N ALA R 152 -3.86 -15.12 9.44
CA ALA R 152 -5.22 -15.47 9.85
C ALA R 152 -5.27 -16.01 11.29
N ASP R 153 -4.32 -16.87 11.69
CA ASP R 153 -4.29 -17.37 13.06
C ASP R 153 -4.02 -16.24 14.05
N SER R 154 -3.19 -15.31 13.64
CA SER R 154 -2.77 -14.22 14.49
C SER R 154 -3.78 -13.09 14.61
N ASP R 155 -4.91 -13.13 13.89
CA ASP R 155 -5.83 -12.01 13.92
C ASP R 155 -6.22 -11.73 15.36
N ARG R 156 -6.54 -12.79 16.10
CA ARG R 156 -6.79 -12.67 17.52
C ARG R 156 -5.97 -13.76 18.20
N ASP R 157 -5.82 -13.61 19.51
CA ASP R 157 -4.98 -14.53 20.28
C ASP R 157 -5.24 -16.01 19.96
N ARG R 158 -4.15 -16.68 19.62
CA ARG R 158 -4.16 -18.11 19.34
C ARG R 158 -3.21 -18.75 20.34
N TRP R 159 -3.76 -19.59 21.16
CA TRP R 159 -2.97 -20.24 22.16
C TRP R 159 -2.52 -21.60 21.67
N PHE R 160 -1.32 -21.99 22.05
CA PHE R 160 -0.86 -23.35 21.78
C PHE R 160 -0.41 -24.01 23.07
N THR R 161 -0.75 -25.29 23.25
CA THR R 161 0.02 -26.07 24.22
C THR R 161 1.36 -26.53 23.62
N ALA R 162 2.28 -27.07 24.44
CA ALA R 162 3.58 -27.53 23.91
C ALA R 162 3.44 -28.48 22.71
N ALA R 163 2.56 -29.46 22.84
CA ALA R 163 2.43 -30.35 21.71
C ALA R 163 1.87 -29.65 20.48
N GLU R 164 0.86 -28.76 20.64
CA GLU R 164 0.28 -28.04 19.49
C GLU R 164 1.32 -27.18 18.81
N ALA R 165 2.18 -26.58 19.62
CA ALA R 165 3.27 -25.77 19.13
C ALA R 165 4.32 -26.57 18.36
N LEU R 166 4.55 -27.82 18.73
CA LEU R 166 5.50 -28.64 17.99
C LEU R 166 4.92 -28.92 16.62
N GLU R 167 3.62 -29.22 16.58
CA GLU R 167 2.99 -29.48 15.31
C GLU R 167 3.04 -28.21 14.48
N TYR R 168 2.97 -27.07 15.12
CA TYR R 168 2.82 -25.85 14.34
C TYR R 168 4.13 -25.31 13.82
N GLY R 169 5.21 -25.54 14.54
CA GLY R 169 6.50 -25.11 14.05
C GLY R 169 7.27 -24.16 14.92
N PHE R 170 6.73 -23.75 16.10
CA PHE R 170 7.40 -22.85 17.04
C PHE R 170 8.60 -23.54 17.67
N VAL R 171 8.44 -24.81 17.99
CA VAL R 171 9.52 -25.56 18.59
C VAL R 171 9.80 -26.76 17.74
N ASP R 172 10.92 -27.41 18.10
CA ASP R 172 11.43 -28.63 17.54
C ASP R 172 11.33 -29.82 18.47
N HIS R 173 11.26 -29.60 19.78
CA HIS R 173 11.33 -30.72 20.69
C HIS R 173 10.52 -30.34 21.92
N ILE R 174 10.05 -31.36 22.65
CA ILE R 174 9.47 -31.23 23.99
C ILE R 174 10.32 -32.00 25.00
N ILE R 175 10.82 -31.29 26.02
CA ILE R 175 11.72 -31.90 26.98
C ILE R 175 10.97 -32.88 27.87
N THR R 176 11.73 -33.87 28.41
CA THR R 176 11.24 -34.90 29.33
C THR R 176 12.46 -35.12 30.31
N ILE S 2 -13.84 2.00 -61.61
CA ILE S 2 -15.13 2.71 -61.41
C ILE S 2 -15.99 2.66 -62.73
N LEU S 3 -17.21 2.10 -62.58
CA LEU S 3 -18.10 1.66 -63.65
C LEU S 3 -19.39 2.44 -63.59
N PRO S 4 -19.61 3.35 -64.54
CA PRO S 4 -20.66 4.34 -64.37
C PRO S 4 -22.02 3.66 -64.37
N SER S 5 -23.01 4.36 -63.78
CA SER S 5 -24.44 4.07 -63.90
C SER S 5 -25.04 5.12 -64.84
N PHE S 6 -26.15 4.77 -65.45
CA PHE S 6 -26.83 5.62 -66.41
C PHE S 6 -28.29 5.65 -65.98
N ILE S 7 -29.08 6.47 -66.68
CA ILE S 7 -30.49 6.69 -66.37
C ILE S 7 -31.25 6.61 -67.69
N GLU S 8 -32.28 5.78 -67.70
CA GLU S 8 -33.23 5.69 -68.79
C GLU S 8 -34.53 6.28 -68.26
N HIS S 9 -35.39 6.83 -69.13
CA HIS S 9 -36.55 7.56 -68.62
C HIS S 9 -37.78 7.28 -69.47
N SER S 10 -38.92 7.19 -68.81
CA SER S 10 -40.16 7.01 -69.53
C SER S 10 -41.30 7.73 -68.81
N SER S 11 -42.48 7.76 -69.46
CA SER S 11 -43.67 8.28 -68.80
C SER S 11 -44.05 7.52 -67.53
N PHE S 12 -43.49 6.36 -67.30
CA PHE S 12 -43.89 5.63 -66.12
C PHE S 12 -43.02 6.02 -64.93
N GLY S 13 -41.74 6.32 -65.16
CA GLY S 13 -40.78 6.57 -64.08
C GLY S 13 -39.36 6.65 -64.62
N VAL S 14 -38.46 7.04 -63.72
CA VAL S 14 -37.04 7.13 -64.03
C VAL S 14 -36.32 5.96 -63.38
N LYS S 15 -35.49 5.27 -64.16
CA LYS S 15 -34.79 4.07 -63.73
C LYS S 15 -33.29 4.36 -63.80
N GLU S 16 -32.58 4.16 -62.70
CA GLU S 16 -31.12 4.24 -62.70
C GLU S 16 -30.59 2.82 -62.69
N SER S 17 -29.75 2.48 -63.65
CA SER S 17 -29.18 1.15 -63.70
C SER S 17 -27.75 1.30 -64.20
N ASN S 18 -27.04 0.17 -64.31
CA ASN S 18 -25.65 0.21 -64.73
C ASN S 18 -25.49 -0.73 -65.93
N PRO S 19 -24.33 -0.82 -66.52
CA PRO S 19 -24.24 -1.62 -67.74
C PRO S 19 -24.57 -3.09 -67.56
N TYR S 20 -24.39 -3.70 -66.39
CA TYR S 20 -24.68 -5.14 -66.38
C TYR S 20 -26.14 -5.43 -66.14
N ASN S 21 -26.82 -4.50 -65.46
CA ASN S 21 -28.25 -4.64 -65.26
C ASN S 21 -29.02 -4.46 -66.54
N LYS S 22 -28.63 -3.48 -67.37
CA LYS S 22 -29.28 -3.32 -68.66
C LYS S 22 -29.05 -4.56 -69.48
N LEU S 23 -27.86 -5.11 -69.45
CA LEU S 23 -27.67 -6.35 -70.19
C LEU S 23 -28.59 -7.44 -69.65
N PHE S 24 -28.71 -7.54 -68.33
CA PHE S 24 -29.57 -8.57 -67.79
C PHE S 24 -31.01 -8.35 -68.22
N GLU S 25 -31.43 -7.08 -68.32
CA GLU S 25 -32.75 -6.70 -68.84
C GLU S 25 -32.95 -7.17 -70.29
N GLU S 26 -31.90 -7.19 -71.11
CA GLU S 26 -32.01 -7.73 -72.45
C GLU S 26 -31.61 -9.19 -72.54
N ARG S 27 -31.66 -9.90 -71.41
CA ARG S 27 -31.47 -11.35 -71.35
C ARG S 27 -30.05 -11.77 -71.67
N ILE S 28 -29.06 -10.93 -71.34
CA ILE S 28 -27.65 -11.22 -71.61
C ILE S 28 -26.92 -11.44 -70.28
N ILE S 29 -26.39 -12.63 -70.11
CA ILE S 29 -25.57 -13.01 -68.98
C ILE S 29 -24.11 -12.86 -69.38
N PHE S 30 -23.31 -12.31 -68.49
CA PHE S 30 -21.91 -12.14 -68.76
C PHE S 30 -21.15 -13.21 -67.95
N LEU S 31 -20.37 -14.04 -68.63
CA LEU S 31 -19.43 -14.96 -68.00
C LEU S 31 -18.02 -14.54 -68.40
N GLY S 32 -17.42 -13.61 -67.65
CA GLY S 32 -16.14 -13.03 -68.05
C GLY S 32 -15.04 -13.14 -67.00
N VAL S 33 -15.21 -14.06 -66.07
CA VAL S 33 -14.26 -14.22 -64.99
C VAL S 33 -13.83 -15.66 -65.12
N GLN S 34 -13.12 -16.21 -64.13
CA GLN S 34 -12.88 -17.65 -64.03
C GLN S 34 -14.13 -18.35 -63.51
N VAL S 35 -14.46 -19.47 -64.14
CA VAL S 35 -15.59 -20.32 -63.73
C VAL S 35 -15.20 -21.07 -62.46
N ASP S 36 -15.49 -20.49 -61.29
CA ASP S 36 -15.38 -21.28 -60.07
C ASP S 36 -16.75 -21.42 -59.41
N ASP S 37 -16.74 -21.84 -58.16
CA ASP S 37 -17.99 -22.11 -57.43
C ASP S 37 -18.79 -20.82 -57.21
N ALA S 38 -18.08 -19.74 -56.83
CA ALA S 38 -18.73 -18.45 -56.73
C ALA S 38 -19.43 -18.10 -58.03
N SER S 39 -18.65 -17.98 -59.10
CA SER S 39 -19.18 -17.60 -60.40
C SER S 39 -20.29 -18.53 -60.87
N ALA S 40 -20.13 -19.83 -60.60
CA ALA S 40 -21.01 -20.86 -61.17
C ALA S 40 -22.39 -20.81 -60.57
N ASN S 41 -22.46 -20.61 -59.26
CA ASN S 41 -23.75 -20.43 -58.64
C ASN S 41 -24.36 -19.10 -59.12
N ASP S 42 -23.53 -18.04 -59.25
CA ASP S 42 -24.04 -16.76 -59.77
C ASP S 42 -24.60 -16.95 -61.18
N ILE S 43 -23.98 -17.80 -61.97
CA ILE S 43 -24.47 -17.92 -63.33
C ILE S 43 -25.71 -18.80 -63.39
N MET S 44 -25.82 -19.83 -62.56
CA MET S 44 -27.04 -20.62 -62.55
C MET S 44 -28.26 -19.82 -62.13
N ALA S 45 -28.10 -19.01 -61.07
CA ALA S 45 -29.17 -18.11 -60.68
C ALA S 45 -29.56 -17.17 -61.81
N GLN S 46 -28.59 -16.61 -62.53
CA GLN S 46 -29.00 -15.76 -63.64
C GLN S 46 -29.80 -16.56 -64.65
N LEU S 47 -29.34 -17.76 -65.00
CA LEU S 47 -30.10 -18.56 -65.95
C LEU S 47 -31.46 -18.95 -65.41
N LEU S 48 -31.54 -19.43 -64.17
CA LEU S 48 -32.82 -19.90 -63.67
C LEU S 48 -33.84 -18.78 -63.53
N VAL S 49 -33.41 -17.59 -63.11
CA VAL S 49 -34.34 -16.47 -63.07
C VAL S 49 -34.83 -16.10 -64.47
N LEU S 50 -33.93 -16.03 -65.45
CA LEU S 50 -34.38 -15.63 -66.79
C LEU S 50 -35.37 -16.63 -67.37
N GLU S 51 -35.24 -17.91 -67.03
CA GLU S 51 -36.23 -18.93 -67.41
C GLU S 51 -37.55 -18.76 -66.67
N SER S 52 -37.49 -18.27 -65.45
CA SER S 52 -38.74 -17.98 -64.78
C SER S 52 -39.46 -16.78 -65.40
N LEU S 53 -38.69 -15.72 -65.75
CA LEU S 53 -39.28 -14.47 -66.23
C LEU S 53 -39.98 -14.65 -67.59
N ASP S 54 -39.45 -15.55 -68.46
CA ASP S 54 -40.08 -15.85 -69.74
C ASP S 54 -39.42 -17.06 -70.39
N PRO S 55 -40.00 -18.26 -70.32
CA PRO S 55 -39.31 -19.45 -70.91
C PRO S 55 -39.33 -19.50 -72.46
N ASP S 56 -39.94 -18.54 -73.13
CA ASP S 56 -40.11 -18.53 -74.59
C ASP S 56 -39.11 -17.67 -75.34
N ARG S 57 -38.18 -17.01 -74.64
CA ARG S 57 -37.19 -16.16 -75.28
C ARG S 57 -35.77 -16.71 -75.13
N ASP S 58 -34.89 -16.31 -76.05
CA ASP S 58 -33.52 -16.80 -76.02
C ASP S 58 -32.75 -16.13 -74.87
N ILE S 59 -31.74 -16.82 -74.38
CA ILE S 59 -30.74 -16.24 -73.48
C ILE S 59 -29.38 -16.20 -74.17
N THR S 60 -28.71 -15.07 -74.04
CA THR S 60 -27.39 -14.92 -74.65
C THR S 60 -26.38 -14.80 -73.54
N MET S 61 -25.36 -15.64 -73.62
CA MET S 61 -24.29 -15.72 -72.66
C MET S 61 -23.03 -15.26 -73.37
N TYR S 62 -22.52 -14.06 -73.03
CA TYR S 62 -21.23 -13.59 -73.52
C TYR S 62 -20.18 -14.34 -72.74
N ILE S 63 -19.15 -14.81 -73.42
CA ILE S 63 -18.15 -15.67 -72.82
C ILE S 63 -16.80 -15.08 -73.17
N ASN S 64 -16.04 -14.67 -72.17
CA ASN S 64 -14.65 -14.22 -72.30
C ASN S 64 -14.00 -14.78 -71.05
N SER S 65 -13.67 -16.06 -71.07
CA SER S 65 -13.23 -16.78 -69.87
C SER S 65 -12.07 -17.72 -70.02
N PRO S 66 -11.11 -17.70 -69.07
CA PRO S 66 -9.98 -18.60 -69.15
C PRO S 66 -10.32 -20.00 -68.70
N GLY S 67 -11.59 -20.26 -68.43
CA GLY S 67 -12.03 -21.59 -68.00
C GLY S 67 -12.35 -21.78 -66.52
N GLY S 68 -12.21 -22.98 -65.98
CA GLY S 68 -12.43 -23.09 -64.55
C GLY S 68 -12.56 -24.53 -64.13
N GLY S 69 -12.97 -24.71 -62.90
CA GLY S 69 -13.07 -26.06 -62.37
C GLY S 69 -14.05 -26.91 -63.16
N PHE S 70 -14.03 -28.20 -62.83
CA PHE S 70 -14.85 -29.13 -63.59
C PHE S 70 -16.28 -29.26 -63.07
N THR S 71 -16.48 -29.50 -61.77
CA THR S 71 -17.87 -29.63 -61.31
C THR S 71 -18.62 -28.30 -61.42
N SER S 72 -17.85 -27.20 -61.49
CA SER S 72 -18.42 -25.90 -61.80
C SER S 72 -18.83 -25.81 -63.27
N LEU S 73 -18.02 -26.36 -64.15
CA LEU S 73 -18.48 -26.47 -65.53
C LEU S 73 -19.78 -27.26 -65.65
N MET S 74 -19.81 -28.47 -65.08
CA MET S 74 -20.93 -29.36 -65.35
C MET S 74 -22.22 -28.90 -64.65
N ALA S 75 -22.11 -28.16 -63.55
CA ALA S 75 -23.27 -27.44 -63.04
C ALA S 75 -23.82 -26.50 -64.10
N ILE S 76 -22.97 -25.58 -64.58
CA ILE S 76 -23.46 -24.57 -65.53
C ILE S 76 -24.04 -25.22 -66.77
N TYR S 77 -23.35 -26.26 -67.28
CA TYR S 77 -23.78 -26.94 -68.48
C TYR S 77 -25.15 -27.55 -68.31
N ASP S 78 -25.36 -28.33 -67.24
CA ASP S 78 -26.64 -28.99 -67.05
C ASP S 78 -27.77 -27.98 -66.94
N THR S 79 -27.53 -26.83 -66.31
CA THR S 79 -28.55 -25.80 -66.29
C THR S 79 -28.91 -25.32 -67.69
N MET S 80 -27.92 -25.02 -68.51
CA MET S 80 -28.15 -24.57 -69.88
C MET S 80 -29.07 -25.54 -70.67
N GLN S 81 -28.78 -26.83 -70.54
CA GLN S 81 -29.55 -27.83 -71.28
C GLN S 81 -30.93 -28.06 -70.64
N TYR S 82 -31.05 -27.89 -69.33
CA TYR S 82 -32.31 -28.12 -68.63
C TYR S 82 -33.27 -26.96 -68.83
N VAL S 83 -32.76 -25.73 -68.84
CA VAL S 83 -33.62 -24.59 -69.08
C VAL S 83 -34.37 -24.78 -70.37
N ARG S 84 -35.65 -24.40 -70.35
CA ARG S 84 -36.50 -24.55 -71.52
C ARG S 84 -36.12 -23.58 -72.62
N ALA S 85 -35.70 -22.40 -72.25
CA ALA S 85 -35.30 -21.41 -73.22
C ALA S 85 -34.05 -21.83 -74.00
N ASP S 86 -33.97 -21.39 -75.25
CA ASP S 86 -32.73 -21.56 -76.01
C ASP S 86 -31.65 -20.71 -75.35
N ILE S 87 -30.40 -21.16 -75.47
CA ILE S 87 -29.27 -20.41 -74.96
C ILE S 87 -28.39 -20.15 -76.15
N GLN S 88 -28.19 -18.88 -76.43
CA GLN S 88 -27.27 -18.36 -77.41
C GLN S 88 -25.93 -18.07 -76.77
N THR S 89 -24.87 -18.67 -77.29
CA THR S 89 -23.54 -18.42 -76.75
C THR S 89 -22.72 -17.59 -77.73
N VAL S 90 -21.97 -16.63 -77.18
CA VAL S 90 -21.15 -15.70 -77.94
C VAL S 90 -19.77 -15.64 -77.35
N CYS S 91 -18.76 -15.85 -78.15
CA CYS S 91 -17.42 -15.81 -77.61
C CYS S 91 -16.79 -14.50 -78.05
N LEU S 92 -16.43 -13.62 -77.10
CA LEU S 92 -15.57 -12.47 -77.39
C LEU S 92 -14.16 -12.78 -76.89
N GLY S 93 -13.14 -12.44 -77.64
CA GLY S 93 -11.86 -12.68 -77.00
C GLY S 93 -11.35 -14.10 -76.73
N GLN S 94 -11.93 -14.82 -75.77
CA GLN S 94 -11.42 -16.17 -75.54
C GLN S 94 -12.45 -17.04 -74.79
N ALA S 95 -12.42 -18.33 -75.05
CA ALA S 95 -13.19 -19.31 -74.29
C ALA S 95 -12.28 -20.52 -74.13
N ALA S 96 -11.72 -20.77 -72.94
CA ALA S 96 -10.70 -21.80 -72.76
C ALA S 96 -11.19 -22.87 -71.82
N SER S 97 -10.74 -24.10 -72.04
CA SER S 97 -10.98 -25.21 -71.10
C SER S 97 -12.48 -25.39 -70.87
N ALA S 98 -12.93 -25.24 -69.63
CA ALA S 98 -14.37 -25.39 -69.39
C ALA S 98 -15.17 -24.44 -70.27
N ALA S 99 -14.61 -23.24 -70.49
CA ALA S 99 -15.37 -22.17 -71.12
C ALA S 99 -15.65 -22.55 -72.54
N ALA S 100 -14.76 -23.34 -73.12
CA ALA S 100 -14.91 -23.76 -74.51
C ALA S 100 -15.98 -24.81 -74.69
N VAL S 101 -16.18 -25.62 -73.68
CA VAL S 101 -17.29 -26.55 -73.71
C VAL S 101 -18.62 -25.82 -73.60
N LEU S 102 -18.69 -24.74 -72.79
CA LEU S 102 -19.94 -24.00 -72.66
C LEU S 102 -20.31 -23.25 -73.96
N LEU S 103 -19.33 -22.70 -74.65
CA LEU S 103 -19.62 -22.08 -75.93
C LEU S 103 -20.30 -23.07 -76.86
N ALA S 104 -19.75 -24.29 -76.92
CA ALA S 104 -20.26 -25.32 -77.80
C ALA S 104 -21.60 -25.92 -77.34
N ALA S 105 -21.96 -25.73 -76.08
CA ALA S 105 -23.19 -26.31 -75.57
C ALA S 105 -24.39 -25.39 -75.82
N GLY S 106 -24.17 -24.20 -76.40
CA GLY S 106 -25.30 -23.37 -76.79
C GLY S 106 -26.29 -24.09 -77.70
N THR S 107 -27.52 -23.59 -77.80
CA THR S 107 -28.50 -24.30 -78.59
C THR S 107 -28.08 -24.24 -80.05
N PRO S 108 -28.20 -25.33 -80.80
CA PRO S 108 -27.57 -25.36 -82.12
C PRO S 108 -28.09 -24.28 -83.07
N GLY S 109 -27.14 -23.64 -83.75
CA GLY S 109 -27.43 -22.54 -84.66
C GLY S 109 -27.26 -21.16 -84.05
N LYS S 110 -27.10 -21.08 -82.74
CA LYS S 110 -27.01 -19.86 -81.98
C LYS S 110 -25.71 -19.82 -81.20
N ARG S 111 -24.70 -20.52 -81.68
CA ARG S 111 -23.39 -20.45 -81.07
C ARG S 111 -22.52 -19.61 -82.00
N MET S 112 -21.95 -18.52 -81.50
CA MET S 112 -21.19 -17.63 -82.38
C MET S 112 -19.97 -17.02 -81.71
N ALA S 113 -19.14 -16.30 -82.47
CA ALA S 113 -17.89 -15.76 -81.96
C ALA S 113 -17.51 -14.53 -82.77
N LEU S 114 -16.84 -13.60 -82.14
CA LEU S 114 -16.26 -12.49 -82.87
C LEU S 114 -14.98 -12.96 -83.51
N PRO S 115 -14.51 -12.25 -84.54
CA PRO S 115 -13.46 -12.84 -85.42
C PRO S 115 -12.10 -13.12 -84.77
N ASN S 116 -11.60 -12.24 -83.91
CA ASN S 116 -10.32 -12.40 -83.23
C ASN S 116 -10.44 -13.11 -81.88
N ALA S 117 -11.56 -13.77 -81.67
CA ALA S 117 -11.66 -14.68 -80.55
C ALA S 117 -10.85 -15.94 -80.85
N ARG S 118 -10.35 -16.54 -79.79
CA ARG S 118 -9.60 -17.77 -79.82
C ARG S 118 -10.37 -18.74 -78.93
N VAL S 119 -10.29 -20.02 -79.27
CA VAL S 119 -10.89 -21.11 -78.51
C VAL S 119 -9.80 -22.10 -78.15
N LEU S 120 -9.68 -22.41 -76.89
CA LEU S 120 -8.63 -23.33 -76.49
C LEU S 120 -9.30 -24.54 -75.89
N ILE S 121 -8.83 -25.72 -76.29
CA ILE S 121 -9.32 -26.99 -75.78
C ILE S 121 -8.16 -27.79 -75.22
N HIS S 122 -8.26 -28.23 -73.98
CA HIS S 122 -7.26 -29.14 -73.45
C HIS S 122 -7.98 -30.04 -72.46
N GLN S 123 -7.34 -31.11 -72.11
CA GLN S 123 -7.86 -32.11 -71.21
C GLN S 123 -7.72 -31.59 -69.78
N PRO S 124 -8.57 -32.03 -68.87
CA PRO S 124 -8.44 -31.59 -67.48
C PRO S 124 -7.02 -31.70 -66.98
N SER S 125 -6.55 -30.66 -66.30
CA SER S 125 -5.26 -30.70 -65.63
C SER S 125 -5.43 -30.50 -64.14
N LEU S 126 -4.41 -30.85 -63.38
CA LEU S 126 -4.34 -30.58 -61.95
C LEU S 126 -3.02 -29.83 -61.70
N SER S 127 -3.11 -28.50 -61.44
CA SER S 127 -1.92 -27.69 -61.17
C SER S 127 -1.43 -27.87 -59.72
N GLY S 128 -2.33 -28.12 -58.76
CA GLY S 128 -1.92 -28.49 -57.43
C GLY S 128 -1.30 -29.88 -57.39
N VAL S 129 -1.03 -30.33 -56.18
CA VAL S 129 -0.65 -31.71 -55.93
C VAL S 129 -1.59 -32.23 -54.89
N ILE S 130 -2.20 -33.36 -55.14
CA ILE S 130 -3.03 -33.97 -54.12
C ILE S 130 -2.37 -35.28 -53.70
N GLN S 131 -2.38 -35.55 -52.36
CA GLN S 131 -1.52 -36.54 -51.76
C GLN S 131 -2.35 -37.54 -50.96
N GLY S 132 -1.83 -38.77 -50.82
CA GLY S 132 -2.54 -39.76 -50.04
C GLY S 132 -1.95 -41.13 -50.23
N GLN S 133 -2.59 -42.07 -49.57
CA GLN S 133 -2.17 -43.42 -49.78
C GLN S 133 -2.50 -43.81 -51.20
N PHE S 134 -1.78 -44.82 -51.67
CA PHE S 134 -2.01 -45.22 -53.05
C PHE S 134 -3.45 -45.63 -53.26
N SER S 135 -4.11 -46.27 -52.28
CA SER S 135 -5.51 -46.69 -52.45
C SER S 135 -6.44 -45.52 -52.71
N ASP S 136 -6.16 -44.41 -52.03
CA ASP S 136 -6.92 -43.17 -52.17
C ASP S 136 -6.57 -42.43 -53.46
N LEU S 137 -5.27 -42.45 -53.83
CA LEU S 137 -4.91 -41.84 -55.10
C LEU S 137 -5.50 -42.66 -56.24
N GLU S 138 -5.60 -43.97 -56.05
CA GLU S 138 -6.14 -44.79 -57.12
C GLU S 138 -7.57 -44.44 -57.40
N ILE S 139 -8.26 -43.94 -56.40
CA ILE S 139 -9.64 -43.56 -56.61
C ILE S 139 -9.74 -42.23 -57.33
N GLN S 140 -8.93 -41.26 -56.85
CA GLN S 140 -8.87 -39.92 -57.45
C GLN S 140 -8.38 -39.95 -58.88
N ALA S 141 -7.33 -40.72 -59.17
CA ALA S 141 -6.82 -40.87 -60.53
C ALA S 141 -7.90 -41.45 -61.42
N ALA S 142 -8.74 -42.26 -60.86
CA ALA S 142 -9.77 -42.84 -61.68
C ALA S 142 -10.85 -41.84 -62.02
N GLU S 143 -11.25 -41.02 -61.05
CA GLU S 143 -12.30 -40.03 -61.28
C GLU S 143 -11.82 -38.94 -62.25
N ILE S 144 -10.53 -38.53 -62.17
CA ILE S 144 -9.96 -37.56 -63.11
C ILE S 144 -10.04 -38.11 -64.52
N GLU S 145 -9.91 -39.43 -64.67
CA GLU S 145 -10.07 -40.08 -65.98
C GLU S 145 -11.54 -40.12 -66.48
N ARG S 146 -12.51 -40.38 -65.59
CA ARG S 146 -13.92 -40.27 -65.96
C ARG S 146 -14.24 -38.83 -66.40
N MET S 147 -13.72 -37.83 -65.66
CA MET S 147 -13.91 -36.43 -66.03
C MET S 147 -13.24 -36.19 -67.37
N ARG S 148 -12.07 -36.75 -67.58
CA ARG S 148 -11.52 -36.50 -68.89
C ARG S 148 -12.48 -36.90 -69.97
N THR S 149 -13.01 -38.13 -69.90
CA THR S 149 -13.82 -38.65 -70.99
C THR S 149 -15.19 -38.02 -70.97
N LEU S 150 -15.63 -37.51 -69.84
CA LEU S 150 -16.92 -36.84 -69.89
C LEU S 150 -16.83 -35.55 -70.68
N MET S 151 -15.73 -34.81 -70.55
CA MET S 151 -15.52 -33.68 -71.45
C MET S 151 -15.46 -34.11 -72.92
N GLU S 152 -14.86 -35.26 -73.22
CA GLU S 152 -14.70 -35.68 -74.61
C GLU S 152 -16.00 -36.25 -75.17
N THR S 153 -16.87 -36.85 -74.37
CA THR S 153 -18.13 -37.31 -74.97
C THR S 153 -19.16 -36.18 -75.03
N THR S 154 -19.09 -35.22 -74.11
CA THR S 154 -19.99 -34.07 -74.22
C THR S 154 -19.47 -33.08 -75.28
N LEU S 155 -18.16 -32.91 -75.42
CA LEU S 155 -17.68 -32.16 -76.57
C LEU S 155 -18.08 -32.83 -77.89
N ALA S 156 -17.95 -34.15 -77.96
CA ALA S 156 -18.34 -34.83 -79.18
C ALA S 156 -19.81 -34.61 -79.51
N ARG S 157 -20.65 -34.52 -78.47
CA ARG S 157 -22.08 -34.50 -78.69
C ARG S 157 -22.51 -33.24 -79.41
N HIS S 158 -21.85 -32.11 -79.16
CA HIS S 158 -22.30 -30.84 -79.70
C HIS S 158 -21.61 -30.41 -80.98
N THR S 159 -20.43 -30.97 -81.23
CA THR S 159 -19.59 -30.65 -82.39
C THR S 159 -19.74 -31.63 -83.55
N GLY S 160 -20.19 -32.85 -83.25
CA GLY S 160 -20.25 -33.95 -84.18
C GLY S 160 -19.01 -34.83 -84.27
N LYS S 161 -17.96 -34.51 -83.55
CA LYS S 161 -16.82 -35.39 -83.67
C LYS S 161 -17.02 -36.65 -82.83
N ASP S 162 -16.24 -37.67 -83.16
CA ASP S 162 -16.21 -38.86 -82.33
C ASP S 162 -15.37 -38.51 -81.13
N ALA S 163 -15.72 -39.11 -79.97
CA ALA S 163 -14.98 -38.84 -78.75
C ALA S 163 -13.51 -39.22 -78.96
N GLY S 164 -13.26 -40.23 -79.79
CA GLY S 164 -11.89 -40.61 -80.04
C GLY S 164 -11.12 -39.52 -80.74
N VAL S 165 -11.82 -38.67 -81.52
CA VAL S 165 -11.16 -37.52 -82.17
C VAL S 165 -10.97 -36.38 -81.18
N ILE S 166 -12.01 -36.05 -80.41
CA ILE S 166 -11.79 -35.13 -79.31
C ILE S 166 -10.57 -35.55 -78.49
N ARG S 167 -10.48 -36.84 -78.12
CA ARG S 167 -9.41 -37.27 -77.20
C ARG S 167 -8.02 -37.12 -77.80
N LYS S 168 -7.87 -37.37 -79.11
CA LYS S 168 -6.54 -37.22 -79.72
C LYS S 168 -6.19 -35.74 -79.82
N ASP S 169 -7.20 -34.88 -80.05
CA ASP S 169 -7.01 -33.44 -80.22
C ASP S 169 -6.75 -32.72 -78.92
N THR S 170 -7.31 -33.22 -77.83
CA THR S 170 -7.13 -32.61 -76.51
C THR S 170 -5.95 -33.16 -75.70
N ASP S 171 -5.17 -34.14 -76.23
CA ASP S 171 -4.01 -34.68 -75.51
C ASP S 171 -3.06 -33.54 -75.13
N ARG S 172 -2.69 -32.74 -76.14
CA ARG S 172 -2.07 -31.44 -75.96
C ARG S 172 -3.03 -30.32 -76.41
N ASP S 173 -2.82 -29.13 -75.83
CA ASP S 173 -3.67 -27.99 -76.18
C ASP S 173 -3.74 -27.77 -77.68
N LYS S 174 -4.92 -27.32 -78.10
CA LYS S 174 -5.25 -26.98 -79.49
C LYS S 174 -5.93 -25.62 -79.48
N ILE S 175 -5.27 -24.62 -80.01
CA ILE S 175 -5.86 -23.31 -80.13
C ILE S 175 -6.51 -23.19 -81.50
N LEU S 176 -7.69 -22.55 -81.53
CA LEU S 176 -8.50 -22.43 -82.73
C LEU S 176 -8.91 -20.99 -82.94
N THR S 177 -8.82 -20.50 -84.15
CA THR S 177 -9.37 -19.17 -84.37
C THR S 177 -10.88 -19.28 -84.41
N ALA S 178 -11.55 -18.13 -84.48
CA ALA S 178 -12.99 -18.16 -84.68
C ALA S 178 -13.36 -18.98 -85.91
N GLU S 179 -12.63 -18.80 -87.01
CA GLU S 179 -12.92 -19.55 -88.23
C GLU S 179 -12.60 -21.05 -88.07
N GLU S 180 -11.43 -21.38 -87.49
CA GLU S 180 -11.12 -22.80 -87.28
C GLU S 180 -12.13 -23.44 -86.31
N ALA S 181 -12.75 -22.61 -85.44
CA ALA S 181 -13.70 -23.16 -84.48
C ALA S 181 -15.03 -23.48 -85.13
N LYS S 182 -15.45 -22.66 -86.09
CA LYS S 182 -16.70 -22.95 -86.77
C LYS S 182 -16.58 -24.24 -87.55
N ASP S 183 -15.41 -24.46 -88.16
CA ASP S 183 -15.14 -25.72 -88.84
C ASP S 183 -15.06 -26.90 -87.86
N TYR S 184 -14.46 -26.70 -86.66
CA TYR S 184 -14.38 -27.81 -85.71
C TYR S 184 -15.76 -28.20 -85.25
N GLY S 185 -16.68 -27.25 -85.22
CA GLY S 185 -18.01 -27.55 -84.79
C GLY S 185 -18.36 -27.00 -83.44
N ILE S 186 -17.48 -26.17 -82.87
CA ILE S 186 -17.73 -25.56 -81.57
C ILE S 186 -18.65 -24.34 -81.66
N ILE S 187 -18.57 -23.57 -82.74
CA ILE S 187 -19.52 -22.49 -82.95
C ILE S 187 -20.13 -22.76 -84.30
N ASP S 188 -21.18 -21.99 -84.62
CA ASP S 188 -21.90 -22.11 -85.89
C ASP S 188 -21.61 -20.99 -86.88
N THR S 189 -21.40 -19.75 -86.39
CA THR S 189 -21.15 -18.60 -87.25
C THR S 189 -20.17 -17.65 -86.57
N VAL S 190 -19.39 -16.92 -87.40
CA VAL S 190 -18.49 -15.86 -86.96
C VAL S 190 -19.12 -14.54 -87.35
N LEU S 191 -19.33 -13.68 -86.39
CA LEU S 191 -20.00 -12.43 -86.70
C LEU S 191 -19.18 -11.58 -87.66
N GLU S 192 -19.86 -11.02 -88.65
CA GLU S 192 -19.23 -9.99 -89.46
C GLU S 192 -19.51 -8.61 -88.81
N TYR S 193 -18.49 -7.75 -88.83
CA TYR S 193 -18.58 -6.38 -88.34
C TYR S 193 -19.71 -5.58 -89.00
N ARG S 194 -20.59 -5.00 -88.18
CA ARG S 194 -21.64 -4.17 -88.74
C ARG S 194 -21.01 -2.77 -89.08
N ILE T 2 -25.09 27.37 28.39
CA ILE T 2 -26.34 28.16 28.40
C ILE T 2 -27.23 28.01 27.10
N LEU T 3 -28.53 27.78 27.35
CA LEU T 3 -29.52 27.46 26.31
C LEU T 3 -30.79 28.28 26.40
N PRO T 4 -30.97 29.27 25.53
CA PRO T 4 -32.00 30.27 25.80
C PRO T 4 -33.37 29.60 25.77
N SER T 5 -34.33 30.28 26.38
CA SER T 5 -35.74 30.00 26.21
C SER T 5 -36.39 31.05 25.31
N PHE T 6 -37.52 30.69 24.71
CA PHE T 6 -38.28 31.62 23.90
C PHE T 6 -39.76 31.60 24.29
N ILE T 7 -40.54 32.51 23.70
CA ILE T 7 -41.93 32.69 24.07
C ILE T 7 -42.74 32.64 22.78
N GLU T 8 -43.73 31.75 22.72
CA GLU T 8 -44.67 31.69 21.61
C GLU T 8 -46.04 32.11 22.13
N HIS T 9 -46.87 32.62 21.22
CA HIS T 9 -48.09 33.27 21.62
C HIS T 9 -49.23 32.98 20.66
N SER T 10 -50.41 32.84 21.21
CA SER T 10 -51.62 32.67 20.44
C SER T 10 -52.70 33.41 21.18
N SER T 11 -53.87 33.49 20.56
CA SER T 11 -55.05 34.12 21.13
C SER T 11 -55.43 33.53 22.49
N PHE T 12 -54.80 32.41 22.82
CA PHE T 12 -55.16 31.72 24.05
C PHE T 12 -54.32 32.14 25.23
N GLY T 13 -53.03 32.38 25.03
CA GLY T 13 -52.09 32.63 26.12
C GLY T 13 -50.65 32.68 25.65
N VAL T 14 -49.77 33.08 26.57
CA VAL T 14 -48.34 33.21 26.31
C VAL T 14 -47.61 32.02 26.93
N LYS T 15 -46.85 31.33 26.11
CA LYS T 15 -46.14 30.12 26.55
C LYS T 15 -44.65 30.33 26.43
N GLU T 16 -43.95 30.20 27.55
CA GLU T 16 -42.51 30.26 27.57
C GLU T 16 -42.03 28.80 27.60
N SER T 17 -41.20 28.42 26.62
CA SER T 17 -40.65 27.07 26.52
C SER T 17 -39.26 27.17 25.91
N ASN T 18 -38.53 26.04 25.92
CA ASN T 18 -37.13 26.10 25.52
C ASN T 18 -36.94 25.09 24.41
N PRO T 19 -35.77 25.03 23.75
CA PRO T 19 -35.67 24.21 22.51
C PRO T 19 -35.96 22.72 22.69
N TYR T 20 -35.80 22.16 23.89
CA TYR T 20 -36.15 20.73 24.00
C TYR T 20 -37.63 20.49 24.26
N ASN T 21 -38.28 21.39 24.99
CA ASN T 21 -39.73 21.28 25.19
C ASN T 21 -40.49 21.45 23.88
N LYS T 22 -40.10 22.44 23.04
CA LYS T 22 -40.73 22.66 21.74
C LYS T 22 -40.47 21.48 20.82
N LEU T 23 -39.26 20.94 20.84
CA LEU T 23 -39.07 19.73 20.05
C LEU T 23 -40.01 18.62 20.53
N PHE T 24 -40.23 18.53 21.84
CA PHE T 24 -41.13 17.51 22.36
C PHE T 24 -42.57 17.76 21.92
N GLU T 25 -43.02 19.02 22.03
CA GLU T 25 -44.38 19.35 21.60
C GLU T 25 -44.64 18.87 20.18
N GLU T 26 -43.62 18.87 19.32
CA GLU T 26 -43.71 18.32 17.98
C GLU T 26 -43.28 16.86 17.90
N ARG T 27 -43.37 16.13 19.00
CA ARG T 27 -43.23 14.68 19.04
C ARG T 27 -41.83 14.23 18.67
N ILE T 28 -40.82 15.05 18.95
CA ILE T 28 -39.43 14.74 18.64
C ILE T 28 -38.69 14.51 19.94
N ILE T 29 -38.12 13.31 20.09
CA ILE T 29 -37.26 12.92 21.19
C ILE T 29 -35.83 12.97 20.73
N PHE T 30 -34.94 13.54 21.56
CA PHE T 30 -33.52 13.68 21.22
C PHE T 30 -32.76 12.67 22.05
N LEU T 31 -31.97 11.84 21.39
CA LEU T 31 -31.09 10.87 22.02
C LEU T 31 -29.67 11.27 21.59
N GLY T 32 -29.07 12.18 22.35
CA GLY T 32 -27.82 12.79 21.94
C GLY T 32 -26.73 12.73 22.97
N VAL T 33 -26.85 11.82 23.91
CA VAL T 33 -25.87 11.67 24.97
C VAL T 33 -25.46 10.25 24.75
N GLN T 34 -24.68 9.70 25.68
CA GLN T 34 -24.43 8.27 25.80
C GLN T 34 -25.65 7.57 26.39
N VAL T 35 -26.01 6.46 25.76
CA VAL T 35 -27.12 5.63 26.23
C VAL T 35 -26.65 4.95 27.50
N ASP T 36 -27.01 5.51 28.66
CA ASP T 36 -26.82 4.77 29.91
C ASP T 36 -28.20 4.41 30.50
N ASP T 37 -28.17 3.98 31.76
CA ASP T 37 -29.40 3.63 32.45
C ASP T 37 -30.28 4.85 32.71
N ALA T 38 -29.70 5.96 33.15
CA ALA T 38 -30.48 7.17 33.20
C ALA T 38 -31.05 7.49 31.82
N SER T 39 -30.19 7.73 30.84
CA SER T 39 -30.68 8.10 29.52
C SER T 39 -31.71 7.09 29.00
N ALA T 40 -31.52 5.81 29.28
CA ALA T 40 -32.43 4.82 28.75
C ALA T 40 -33.79 4.96 29.40
N ASN T 41 -33.85 5.15 30.70
CA ASN T 41 -35.14 5.32 31.34
C ASN T 41 -35.80 6.62 30.90
N ASP T 42 -35.01 7.68 30.75
CA ASP T 42 -35.51 8.97 30.28
C ASP T 42 -36.16 8.86 28.89
N ILE T 43 -35.61 8.00 28.03
CA ILE T 43 -36.16 7.86 26.68
C ILE T 43 -37.39 6.98 26.68
N MET T 44 -37.43 5.96 27.53
CA MET T 44 -38.62 5.14 27.61
C MET T 44 -39.79 5.92 28.16
N ALA T 45 -39.57 6.74 29.17
CA ALA T 45 -40.61 7.64 29.61
C ALA T 45 -41.01 8.61 28.51
N GLN T 46 -40.04 9.12 27.78
CA GLN T 46 -40.44 10.01 26.70
C GLN T 46 -41.27 9.28 25.66
N LEU T 47 -40.90 8.05 25.28
CA LEU T 47 -41.68 7.32 24.28
C LEU T 47 -43.09 6.98 24.76
N LEU T 48 -43.19 6.47 25.99
CA LEU T 48 -44.48 6.04 26.52
C LEU T 48 -45.44 7.23 26.70
N VAL T 49 -44.94 8.35 27.15
CA VAL T 49 -45.80 9.51 27.20
C VAL T 49 -46.30 9.85 25.81
N LEU T 50 -45.38 9.87 24.83
CA LEU T 50 -45.76 10.29 23.49
C LEU T 50 -46.72 9.30 22.87
N GLU T 51 -46.67 8.06 23.32
CA GLU T 51 -47.68 7.08 22.97
C GLU T 51 -49.00 7.38 23.68
N SER T 52 -48.95 7.95 24.89
CA SER T 52 -50.24 8.25 25.53
C SER T 52 -50.98 9.40 24.88
N LEU T 53 -50.31 10.51 24.66
CA LEU T 53 -51.00 11.73 24.27
C LEU T 53 -51.76 11.57 22.95
N ASP T 54 -51.23 10.72 22.02
CA ASP T 54 -51.85 10.50 20.72
C ASP T 54 -51.21 9.27 20.05
N PRO T 55 -51.85 8.09 20.03
CA PRO T 55 -51.15 6.91 19.50
C PRO T 55 -51.06 6.82 17.98
N ASP T 56 -51.66 7.74 17.24
CA ASP T 56 -51.73 7.60 15.79
C ASP T 56 -50.75 8.47 15.04
N ARG T 57 -49.98 9.33 15.72
CA ARG T 57 -49.05 10.20 15.03
C ARG T 57 -47.65 9.67 15.26
N ASP T 58 -46.76 10.05 14.34
CA ASP T 58 -45.40 9.52 14.33
C ASP T 58 -44.65 10.13 15.49
N ILE T 59 -43.67 9.40 15.99
CA ILE T 59 -42.70 9.93 16.92
C ILE T 59 -41.36 9.99 16.21
N THR T 60 -40.62 11.07 16.44
CA THR T 60 -39.33 11.23 15.79
C THR T 60 -38.22 11.15 16.83
N MET T 61 -37.23 10.32 16.59
CA MET T 61 -36.07 10.18 17.47
C MET T 61 -34.88 10.75 16.74
N TYR T 62 -34.36 11.92 17.14
CA TYR T 62 -33.11 12.41 16.58
C TYR T 62 -31.95 11.66 17.24
N ILE T 63 -31.01 11.16 16.45
CA ILE T 63 -29.96 10.31 17.01
C ILE T 63 -28.59 10.84 16.64
N ASN T 64 -27.81 11.25 17.66
CA ASN T 64 -26.42 11.65 17.55
C ASN T 64 -25.69 11.10 18.76
N SER T 65 -25.41 9.81 18.73
CA SER T 65 -25.06 9.10 19.94
C SER T 65 -23.90 8.16 19.72
N PRO T 66 -22.96 8.08 20.67
CA PRO T 66 -21.85 7.17 20.51
C PRO T 66 -22.21 5.75 20.88
N GLY T 67 -23.47 5.49 21.16
CA GLY T 67 -23.92 4.19 21.59
C GLY T 67 -24.13 4.19 23.08
N GLY T 68 -24.05 2.99 23.65
CA GLY T 68 -24.16 2.84 25.09
C GLY T 68 -24.37 1.39 25.50
N GLY T 69 -24.67 1.21 26.77
CA GLY T 69 -24.76 -0.14 27.28
C GLY T 69 -25.75 -0.97 26.48
N PHE T 70 -25.76 -2.27 26.77
CA PHE T 70 -26.59 -3.19 25.98
C PHE T 70 -28.00 -3.40 26.55
N THR T 71 -28.15 -3.71 27.83
CA THR T 71 -29.54 -3.86 28.27
C THR T 71 -30.26 -2.52 28.14
N SER T 72 -29.51 -1.42 28.21
CA SER T 72 -30.11 -0.10 28.02
C SER T 72 -30.55 0.08 26.57
N LEU T 73 -29.74 -0.44 25.67
CA LEU T 73 -30.17 -0.53 24.28
C LEU T 73 -31.47 -1.29 24.17
N MET T 74 -31.54 -2.50 24.70
CA MET T 74 -32.69 -3.33 24.38
C MET T 74 -33.97 -2.84 25.07
N ALA T 75 -33.85 -2.18 26.21
CA ALA T 75 -35.04 -1.56 26.77
C ALA T 75 -35.64 -0.55 25.81
N ILE T 76 -34.79 0.35 25.26
CA ILE T 76 -35.24 1.39 24.32
C ILE T 76 -35.84 0.77 23.07
N TYR T 77 -35.14 -0.22 22.52
CA TYR T 77 -35.60 -0.91 21.33
C TYR T 77 -36.94 -1.56 21.56
N ASP T 78 -37.08 -2.33 22.64
CA ASP T 78 -38.35 -3.04 22.82
C ASP T 78 -39.51 -2.08 22.96
N THR T 79 -39.30 -0.95 23.63
CA THR T 79 -40.34 0.06 23.73
C THR T 79 -40.74 0.58 22.36
N MET T 80 -39.73 0.89 21.54
CA MET T 80 -39.94 1.40 20.18
C MET T 80 -40.82 0.47 19.37
N GLN T 81 -40.56 -0.83 19.47
CA GLN T 81 -41.38 -1.78 18.73
C GLN T 81 -42.72 -2.06 19.42
N TYR T 82 -42.82 -1.94 20.75
CA TYR T 82 -44.08 -2.21 21.41
C TYR T 82 -45.08 -1.08 21.19
N VAL T 83 -44.64 0.15 21.26
CA VAL T 83 -45.52 1.26 21.00
C VAL T 83 -46.21 1.12 19.64
N ARG T 84 -47.49 1.47 19.60
CA ARG T 84 -48.29 1.39 18.39
C ARG T 84 -47.84 2.43 17.38
N ALA T 85 -47.50 3.63 17.83
CA ALA T 85 -47.13 4.71 16.92
C ALA T 85 -45.86 4.37 16.15
N ASP T 86 -45.84 4.85 14.88
CA ASP T 86 -44.71 4.72 14.00
C ASP T 86 -43.58 5.56 14.58
N ILE T 87 -42.35 5.12 14.31
CA ILE T 87 -41.18 5.81 14.81
C ILE T 87 -40.30 6.15 13.65
N GLN T 88 -40.12 7.43 13.46
CA GLN T 88 -39.21 7.99 12.52
C GLN T 88 -37.88 8.23 13.21
N THR T 89 -36.81 7.59 12.70
CA THR T 89 -35.45 7.77 13.20
C THR T 89 -34.61 8.57 12.22
N VAL T 90 -33.85 9.53 12.74
CA VAL T 90 -33.05 10.43 11.93
C VAL T 90 -31.66 10.54 12.52
N CYS T 91 -30.65 10.29 11.70
CA CYS T 91 -29.28 10.32 12.17
C CYS T 91 -28.61 11.61 11.71
N LEU T 92 -28.31 12.49 12.67
CA LEU T 92 -27.42 13.64 12.48
C LEU T 92 -26.04 13.24 12.99
N GLY T 93 -24.99 13.67 12.31
CA GLY T 93 -23.66 13.37 12.82
C GLY T 93 -23.28 11.90 12.97
N GLN T 94 -23.79 11.20 13.98
CA GLN T 94 -23.32 9.82 14.10
C GLN T 94 -24.32 8.94 14.85
N ALA T 95 -24.33 7.66 14.50
CA ALA T 95 -25.11 6.64 15.20
C ALA T 95 -24.22 5.43 15.36
N ALA T 96 -23.73 5.17 16.56
CA ALA T 96 -22.69 4.16 16.73
C ALA T 96 -23.07 3.06 17.68
N SER T 97 -22.61 1.84 17.39
CA SER T 97 -22.77 0.67 18.26
C SER T 97 -24.27 0.45 18.56
N ALA T 98 -24.64 0.48 19.82
CA ALA T 98 -26.04 0.34 20.16
C ALA T 98 -26.87 1.35 19.40
N ALA T 99 -26.27 2.53 19.12
CA ALA T 99 -27.04 3.64 18.57
C ALA T 99 -27.47 3.36 17.17
N ALA T 100 -26.64 2.62 16.44
CA ALA T 100 -26.95 2.22 15.08
C ALA T 100 -28.05 1.17 15.01
N VAL T 101 -28.15 0.32 16.03
CA VAL T 101 -29.25 -0.61 16.06
C VAL T 101 -30.55 0.11 16.24
N LEU T 102 -30.57 1.12 17.08
CA LEU T 102 -31.82 1.84 17.22
C LEU T 102 -32.18 2.60 15.94
N LEU T 103 -31.16 3.17 15.24
CA LEU T 103 -31.38 3.89 13.98
C LEU T 103 -32.02 2.95 12.98
N ALA T 104 -31.54 1.73 12.98
CA ALA T 104 -32.07 0.74 12.09
C ALA T 104 -33.47 0.27 12.52
N ALA T 105 -33.77 0.38 13.80
CA ALA T 105 -35.00 -0.19 14.31
C ALA T 105 -36.19 0.72 14.12
N GLY T 106 -36.01 1.90 13.55
CA GLY T 106 -37.17 2.73 13.25
C GLY T 106 -38.15 2.02 12.33
N THR T 107 -39.38 2.54 12.27
CA THR T 107 -40.43 1.86 11.52
C THR T 107 -40.13 1.95 10.02
N PRO T 108 -40.32 0.89 9.26
CA PRO T 108 -39.76 0.86 7.89
C PRO T 108 -40.29 1.99 7.02
N GLY T 109 -39.37 2.62 6.26
CA GLY T 109 -39.66 3.78 5.44
C GLY T 109 -39.40 5.14 6.07
N LYS T 110 -39.18 5.22 7.37
CA LYS T 110 -39.01 6.51 8.06
C LYS T 110 -37.67 6.56 8.77
N ARG T 111 -36.68 5.86 8.24
CA ARG T 111 -35.32 5.88 8.76
C ARG T 111 -34.43 6.67 7.82
N MET T 112 -33.83 7.74 8.30
CA MET T 112 -33.13 8.60 7.37
C MET T 112 -31.91 9.14 8.06
N ALA T 113 -31.02 9.80 7.31
CA ALA T 113 -29.80 10.40 7.85
C ALA T 113 -29.45 11.66 7.07
N LEU T 114 -28.85 12.66 7.74
CA LEU T 114 -28.26 13.78 6.99
C LEU T 114 -26.98 13.27 6.30
N PRO T 115 -26.55 13.92 5.22
CA PRO T 115 -25.62 13.28 4.27
C PRO T 115 -24.23 13.03 4.86
N ASN T 116 -23.80 13.90 5.74
CA ASN T 116 -22.49 13.75 6.32
C ASN T 116 -22.49 12.94 7.60
N ALA T 117 -23.60 12.26 7.93
CA ALA T 117 -23.60 11.38 9.08
C ALA T 117 -22.81 10.13 8.76
N ARG T 118 -22.21 9.54 9.80
CA ARG T 118 -21.48 8.29 9.69
C ARG T 118 -22.21 7.33 10.62
N VAL T 119 -22.19 6.04 10.28
CA VAL T 119 -22.75 4.96 11.09
C VAL T 119 -21.68 3.91 11.41
N LEU T 120 -21.57 3.57 12.70
CA LEU T 120 -20.58 2.60 13.18
C LEU T 120 -21.31 1.40 13.76
N ILE T 121 -20.87 0.21 13.35
CA ILE T 121 -21.43 -1.07 13.78
C ILE T 121 -20.31 -1.96 14.26
N HIS T 122 -20.37 -2.37 15.51
CA HIS T 122 -19.35 -3.31 15.95
C HIS T 122 -19.98 -4.13 17.05
N GLN T 123 -19.37 -5.28 17.34
CA GLN T 123 -19.89 -6.25 18.28
C GLN T 123 -19.64 -5.72 19.69
N PRO T 124 -20.48 -6.06 20.64
CA PRO T 124 -20.28 -5.59 22.01
C PRO T 124 -18.88 -5.82 22.48
N SER T 125 -18.31 -4.80 23.12
CA SER T 125 -17.01 -4.83 23.73
C SER T 125 -17.17 -4.58 25.21
N LEU T 126 -16.14 -4.90 25.98
CA LEU T 126 -16.12 -4.60 27.41
C LEU T 126 -14.83 -3.88 27.77
N SER T 127 -14.94 -2.60 28.05
CA SER T 127 -13.70 -1.88 28.28
C SER T 127 -13.11 -2.12 29.67
N GLY T 128 -14.00 -2.25 30.68
CA GLY T 128 -13.53 -2.58 32.01
C GLY T 128 -13.06 -3.99 31.99
N VAL T 129 -12.63 -4.47 33.13
CA VAL T 129 -12.26 -5.86 33.29
C VAL T 129 -13.12 -6.44 34.37
N ILE T 130 -13.71 -7.57 34.13
CA ILE T 130 -14.43 -8.20 35.22
C ILE T 130 -13.83 -9.53 35.59
N GLN T 131 -13.67 -9.76 36.88
CA GLN T 131 -12.92 -10.90 37.35
C GLN T 131 -13.77 -11.76 38.28
N GLY T 132 -13.43 -13.03 38.36
CA GLY T 132 -14.11 -13.95 39.26
C GLY T 132 -13.56 -15.33 39.01
N GLN T 133 -14.13 -16.30 39.72
CA GLN T 133 -13.81 -17.68 39.48
C GLN T 133 -14.14 -18.04 38.04
N PHE T 134 -13.45 -19.04 37.52
CA PHE T 134 -13.69 -19.42 36.13
C PHE T 134 -15.15 -19.81 35.93
N SER T 135 -15.75 -20.43 36.95
CA SER T 135 -17.16 -20.77 36.89
C SER T 135 -18.04 -19.56 36.61
N ASP T 136 -17.73 -18.44 37.24
CA ASP T 136 -18.53 -17.24 37.01
C ASP T 136 -18.18 -16.62 35.66
N LEU T 137 -16.88 -16.61 35.32
CA LEU T 137 -16.50 -15.99 34.06
C LEU T 137 -17.06 -16.81 32.91
N GLU T 138 -17.22 -18.10 33.10
CA GLU T 138 -17.81 -18.94 32.08
C GLU T 138 -19.25 -18.55 31.81
N ILE T 139 -20.00 -18.19 32.86
CA ILE T 139 -21.39 -17.76 32.72
C ILE T 139 -21.50 -16.40 32.05
N GLN T 140 -20.69 -15.40 32.45
CA GLN T 140 -20.70 -14.08 31.79
C GLN T 140 -20.26 -14.18 30.33
N ALA T 141 -19.18 -14.91 30.10
CA ALA T 141 -18.73 -15.11 28.73
C ALA T 141 -19.84 -15.73 27.91
N ALA T 142 -20.67 -16.59 28.53
CA ALA T 142 -21.81 -17.19 27.83
C ALA T 142 -22.92 -16.17 27.58
N GLU T 143 -23.23 -15.34 28.56
CA GLU T 143 -24.19 -14.26 28.33
C GLU T 143 -23.61 -13.19 27.38
N ILE T 144 -22.31 -12.88 27.43
CA ILE T 144 -21.79 -11.92 26.45
C ILE T 144 -21.96 -12.43 25.02
N GLU T 145 -21.82 -13.74 24.83
CA GLU T 145 -21.97 -14.28 23.50
C GLU T 145 -23.43 -14.28 23.07
N ARG T 146 -24.37 -14.57 23.96
CA ARG T 146 -25.79 -14.36 23.65
C ARG T 146 -26.14 -12.90 23.31
N MET T 147 -25.61 -11.89 24.04
CA MET T 147 -25.91 -10.51 23.68
C MET T 147 -25.38 -10.22 22.26
N ARG T 148 -24.20 -10.74 21.91
CA ARG T 148 -23.67 -10.54 20.56
C ARG T 148 -24.60 -11.14 19.50
N THR T 149 -25.04 -12.38 19.68
CA THR T 149 -25.88 -12.94 18.63
C THR T 149 -27.24 -12.26 18.59
N LEU T 150 -27.70 -11.66 19.70
CA LEU T 150 -28.96 -10.93 19.67
C LEU T 150 -28.81 -9.60 18.95
N MET T 151 -27.64 -8.96 19.12
CA MET T 151 -27.35 -7.77 18.34
C MET T 151 -27.32 -8.12 16.87
N GLU T 152 -26.82 -9.28 16.51
CA GLU T 152 -26.72 -9.64 15.09
C GLU T 152 -28.05 -10.07 14.51
N THR T 153 -28.87 -10.80 15.25
CA THR T 153 -30.12 -11.19 14.61
C THR T 153 -31.08 -10.01 14.58
N THR T 154 -31.00 -9.11 15.56
CA THR T 154 -31.96 -8.01 15.47
C THR T 154 -31.56 -7.05 14.38
N LEU T 155 -30.26 -6.90 14.10
CA LEU T 155 -29.88 -6.07 12.96
C LEU T 155 -30.39 -6.71 11.66
N ALA T 156 -30.20 -8.00 11.54
CA ALA T 156 -30.58 -8.66 10.30
C ALA T 156 -32.07 -8.51 10.05
N ARG T 157 -32.87 -8.52 11.11
CA ARG T 157 -34.32 -8.42 10.96
C ARG T 157 -34.69 -7.12 10.28
N HIS T 158 -33.98 -6.03 10.58
CA HIS T 158 -34.38 -4.71 10.09
C HIS T 158 -33.63 -4.25 8.84
N THR T 159 -32.49 -4.87 8.49
CA THR T 159 -31.76 -4.54 7.25
C THR T 159 -32.09 -5.42 6.08
N GLY T 160 -32.61 -6.62 6.35
CA GLY T 160 -32.77 -7.68 5.37
C GLY T 160 -31.52 -8.52 5.15
N LYS T 161 -30.42 -8.21 5.82
CA LYS T 161 -29.24 -9.02 5.69
C LYS T 161 -29.44 -10.24 6.55
N ASP T 162 -28.62 -11.27 6.33
CA ASP T 162 -28.59 -12.42 7.22
C ASP T 162 -27.65 -12.21 8.39
N ALA T 163 -27.99 -12.82 9.52
CA ALA T 163 -27.17 -12.61 10.69
C ALA T 163 -25.74 -13.02 10.40
N GLY T 164 -25.55 -14.03 9.57
CA GLY T 164 -24.21 -14.47 9.29
C GLY T 164 -23.40 -13.41 8.58
N VAL T 165 -24.05 -12.54 7.84
CA VAL T 165 -23.33 -11.44 7.22
C VAL T 165 -22.97 -10.38 8.24
N ILE T 166 -23.94 -9.92 9.00
CA ILE T 166 -23.65 -9.00 10.09
C ILE T 166 -22.46 -9.50 10.93
N ARG T 167 -22.47 -10.78 11.30
CA ARG T 167 -21.43 -11.25 12.21
C ARG T 167 -20.03 -11.01 11.61
N LYS T 168 -19.89 -11.09 10.28
CA LYS T 168 -18.58 -10.86 9.67
C LYS T 168 -18.25 -9.38 9.62
N ASP T 169 -19.25 -8.58 9.35
CA ASP T 169 -19.02 -7.17 9.16
C ASP T 169 -18.77 -6.50 10.49
N THR T 170 -19.25 -7.05 11.57
CA THR T 170 -19.03 -6.47 12.89
C THR T 170 -17.82 -7.03 13.63
N ASP T 171 -17.10 -7.99 13.03
CA ASP T 171 -15.92 -8.55 13.69
C ASP T 171 -14.96 -7.46 14.03
N ARG T 172 -14.67 -6.64 13.05
CA ARG T 172 -14.00 -5.38 13.24
C ARG T 172 -14.98 -4.26 12.89
N ASP T 173 -14.77 -3.11 13.48
CA ASP T 173 -15.65 -1.98 13.24
C ASP T 173 -15.89 -1.74 11.76
N LYS T 174 -17.09 -1.26 11.49
CA LYS T 174 -17.48 -0.94 10.14
C LYS T 174 -18.06 0.47 10.12
N ILE T 175 -17.33 1.40 9.56
CA ILE T 175 -17.85 2.75 9.44
C ILE T 175 -18.62 2.88 8.12
N LEU T 176 -19.80 3.52 8.15
CA LEU T 176 -20.65 3.67 6.97
C LEU T 176 -20.99 5.13 6.68
N THR T 177 -20.82 5.58 5.45
CA THR T 177 -21.36 6.92 5.30
C THR T 177 -22.87 6.83 5.21
N ALA T 178 -23.55 7.97 5.30
CA ALA T 178 -25.00 7.95 5.20
C ALA T 178 -25.45 7.13 3.99
N GLU T 179 -24.79 7.34 2.84
CA GLU T 179 -25.16 6.62 1.65
C GLU T 179 -24.80 5.13 1.79
N GLU T 180 -23.58 4.82 2.20
CA GLU T 180 -23.27 3.41 2.28
C GLU T 180 -24.19 2.71 3.26
N ALA T 181 -24.76 3.49 4.22
CA ALA T 181 -25.70 2.99 5.24
C ALA T 181 -27.04 2.65 4.64
N LYS T 182 -27.42 3.38 3.58
CA LYS T 182 -28.66 3.06 2.87
C LYS T 182 -28.48 1.77 2.08
N ASP T 183 -27.35 1.58 1.37
CA ASP T 183 -27.17 0.26 0.76
C ASP T 183 -27.20 -0.85 1.81
N TYR T 184 -26.62 -0.59 2.97
CA TYR T 184 -26.59 -1.64 3.98
C TYR T 184 -28.01 -1.98 4.44
N GLY T 185 -28.93 -1.02 4.38
CA GLY T 185 -30.29 -1.24 4.85
C GLY T 185 -30.60 -0.68 6.22
N ILE T 186 -29.67 0.08 6.80
CA ILE T 186 -29.83 0.65 8.11
C ILE T 186 -30.80 1.81 8.10
N ILE T 187 -30.77 2.62 7.02
CA ILE T 187 -31.72 3.71 6.80
C ILE T 187 -32.30 3.56 5.41
N ASP T 188 -33.31 4.37 5.12
CA ASP T 188 -33.98 4.29 3.83
C ASP T 188 -33.68 5.43 2.89
N THR T 189 -33.46 6.64 3.40
CA THR T 189 -33.23 7.79 2.55
C THR T 189 -32.23 8.71 3.22
N VAL T 190 -31.47 9.43 2.40
CA VAL T 190 -30.56 10.48 2.86
C VAL T 190 -31.20 11.81 2.49
N LEU T 191 -31.43 12.67 3.49
CA LEU T 191 -32.14 13.91 3.23
C LEU T 191 -31.33 14.83 2.31
N GLU T 192 -31.98 15.34 1.27
CA GLU T 192 -31.35 16.32 0.39
C GLU T 192 -31.59 17.67 1.05
N TYR T 193 -30.57 18.53 1.06
CA TYR T 193 -30.71 19.87 1.64
C TYR T 193 -31.80 20.74 0.95
N ARG T 194 -32.63 21.38 1.77
CA ARG T 194 -33.68 22.30 1.30
C ARG T 194 -33.09 23.75 1.08
N LEU U 1 40.81 -25.04 -51.62
CA LEU U 1 40.01 -24.13 -50.81
C LEU U 1 40.41 -22.76 -51.31
N THR U 2 39.44 -21.88 -51.61
CA THR U 2 39.75 -20.51 -52.00
C THR U 2 40.68 -19.80 -51.02
N ASP U 3 40.48 -19.98 -49.71
CA ASP U 3 41.48 -19.35 -48.85
C ASP U 3 42.82 -20.07 -48.84
N SER U 4 42.92 -21.23 -49.53
CA SER U 4 44.24 -21.86 -49.61
C SER U 4 45.12 -21.15 -50.63
N VAL U 5 44.52 -20.64 -51.71
CA VAL U 5 45.30 -19.86 -52.67
C VAL U 5 45.65 -18.48 -52.13
N TYR U 6 44.72 -17.87 -51.38
CA TYR U 6 45.00 -16.56 -50.84
C TYR U 6 46.12 -16.63 -49.81
N GLU U 7 46.25 -17.74 -49.05
CA GLU U 7 47.34 -17.77 -48.06
C GLU U 7 48.71 -18.07 -48.70
N ARG U 8 48.79 -19.01 -49.65
CA ARG U 8 49.99 -19.24 -50.44
C ARG U 8 50.40 -17.94 -51.16
N LEU U 9 49.42 -17.14 -51.62
CA LEU U 9 49.75 -15.84 -52.24
C LEU U 9 50.21 -14.84 -51.20
N LEU U 10 49.77 -15.03 -49.98
CA LEU U 10 50.26 -14.17 -48.94
C LEU U 10 51.77 -14.34 -48.78
N SER U 11 52.28 -15.58 -48.96
CA SER U 11 53.71 -15.84 -48.91
C SER U 11 54.43 -15.18 -50.06
N GLU U 12 53.72 -14.89 -51.13
CA GLU U 12 54.28 -14.15 -52.24
C GLU U 12 54.01 -12.67 -52.10
N ARG U 13 53.42 -12.21 -50.99
CA ARG U 13 53.24 -10.77 -50.73
C ARG U 13 52.24 -10.16 -51.72
N ILE U 14 51.23 -10.95 -52.04
CA ILE U 14 50.12 -10.51 -52.88
C ILE U 14 48.89 -10.49 -52.00
N ILE U 15 48.17 -9.36 -51.97
CA ILE U 15 46.92 -9.35 -51.21
C ILE U 15 45.81 -8.72 -52.05
N PHE U 16 44.56 -9.12 -51.78
CA PHE U 16 43.41 -8.78 -52.63
C PHE U 16 42.45 -7.89 -51.87
N LEU U 17 41.85 -6.91 -52.55
CA LEU U 17 40.67 -6.17 -52.09
C LEU U 17 39.59 -6.46 -53.09
N GLY U 18 38.94 -7.60 -52.93
CA GLY U 18 38.06 -8.04 -53.99
C GLY U 18 36.60 -7.87 -53.78
N SER U 19 36.19 -7.28 -52.67
CA SER U 19 34.78 -7.18 -52.33
C SER U 19 34.53 -5.73 -52.04
N GLU U 20 33.30 -5.43 -51.61
CA GLU U 20 32.94 -4.14 -51.05
C GLU U 20 33.66 -3.91 -49.75
N VAL U 21 34.01 -2.66 -49.53
CA VAL U 21 34.98 -2.29 -48.49
C VAL U 21 34.20 -2.09 -47.21
N ASN U 22 34.30 -3.05 -46.30
CA ASN U 22 33.59 -2.92 -45.05
C ASN U 22 34.58 -3.14 -43.95
N ASP U 23 34.12 -3.02 -42.70
CA ASP U 23 35.05 -3.15 -41.58
C ASP U 23 35.70 -4.52 -41.60
N GLU U 24 34.96 -5.53 -42.02
CA GLU U 24 35.49 -6.87 -41.95
C GLU U 24 36.65 -7.07 -42.94
N ILE U 25 36.46 -6.66 -44.19
CA ILE U 25 37.57 -6.79 -45.12
C ILE U 25 38.69 -5.84 -44.75
N ALA U 26 38.35 -4.63 -44.29
CA ALA U 26 39.40 -3.69 -43.92
C ALA U 26 40.21 -4.22 -42.75
N ASN U 27 39.56 -4.82 -41.77
CA ASN U 27 40.30 -5.33 -40.63
C ASN U 27 41.23 -6.47 -41.03
N ARG U 28 40.77 -7.40 -41.91
CA ARG U 28 41.69 -8.45 -42.38
C ARG U 28 42.84 -7.84 -43.18
N LEU U 29 42.59 -6.79 -43.93
CA LEU U 29 43.63 -6.28 -44.79
C LEU U 29 44.66 -5.45 -44.04
N CYS U 30 44.20 -4.65 -43.08
CA CYS U 30 45.13 -3.98 -42.17
C CYS U 30 45.94 -4.99 -41.39
N ALA U 31 45.31 -6.07 -40.97
CA ALA U 31 46.09 -7.13 -40.33
C ALA U 31 47.20 -7.63 -41.26
N GLN U 32 46.83 -8.02 -42.49
CA GLN U 32 47.81 -8.56 -43.42
C GLN U 32 48.93 -7.55 -43.69
N ILE U 33 48.61 -6.26 -43.80
CA ILE U 33 49.74 -5.41 -44.14
C ILE U 33 50.71 -5.34 -42.99
N LEU U 34 50.19 -5.37 -41.76
CA LEU U 34 51.06 -5.40 -40.58
C LEU U 34 51.96 -6.65 -40.62
N LEU U 35 51.35 -7.83 -40.76
CA LEU U 35 52.15 -9.05 -40.89
C LEU U 35 53.20 -8.90 -41.99
N LEU U 36 52.80 -8.55 -43.20
CA LEU U 36 53.80 -8.54 -44.27
C LEU U 36 54.91 -7.54 -44.00
N ALA U 37 54.62 -6.49 -43.21
CA ALA U 37 55.69 -5.56 -42.84
C ALA U 37 56.54 -6.15 -41.74
N ALA U 38 55.98 -7.02 -40.94
CA ALA U 38 56.75 -7.67 -39.90
C ALA U 38 57.71 -8.71 -40.47
N GLU U 39 57.25 -9.47 -41.47
CA GLU U 39 58.07 -10.48 -42.11
C GLU U 39 59.24 -9.83 -42.79
N ASP U 40 58.96 -8.79 -43.57
CA ASP U 40 59.95 -8.08 -44.37
C ASP U 40 59.48 -6.66 -44.59
N ALA U 41 60.27 -5.68 -44.16
CA ALA U 41 59.93 -4.27 -44.29
C ALA U 41 60.65 -3.60 -45.47
N SER U 42 61.24 -4.38 -46.37
CA SER U 42 61.92 -3.83 -47.52
C SER U 42 61.44 -4.34 -48.86
N LYS U 43 60.68 -5.44 -48.90
CA LYS U 43 60.08 -5.97 -50.13
C LYS U 43 58.67 -5.37 -50.29
N ASP U 44 58.27 -5.14 -51.52
CA ASP U 44 56.97 -4.49 -51.74
C ASP U 44 55.82 -5.43 -51.38
N ILE U 45 54.66 -4.84 -51.18
CA ILE U 45 53.42 -5.58 -51.08
C ILE U 45 52.54 -5.18 -52.24
N SER U 46 51.98 -6.15 -52.92
CA SER U 46 51.15 -5.87 -54.06
C SER U 46 49.68 -6.10 -53.66
N LEU U 47 48.86 -5.08 -53.91
CA LEU U 47 47.44 -4.98 -53.58
C LEU U 47 46.63 -4.94 -54.90
N TYR U 48 46.00 -6.06 -55.24
CA TYR U 48 45.09 -6.15 -56.37
C TYR U 48 43.70 -5.69 -55.90
N ILE U 49 43.02 -4.83 -56.70
CA ILE U 49 41.73 -4.22 -56.32
C ILE U 49 40.68 -4.46 -57.40
N ASN U 50 39.56 -5.10 -57.03
CA ASN U 50 38.38 -5.33 -57.87
C ASN U 50 37.17 -5.15 -56.94
N SER U 51 36.80 -3.90 -56.72
CA SER U 51 35.93 -3.43 -55.67
C SER U 51 34.96 -2.38 -56.20
N PRO U 52 33.72 -2.44 -55.72
CA PRO U 52 32.76 -1.40 -56.09
C PRO U 52 32.81 -0.26 -55.11
N GLY U 53 33.51 -0.35 -53.99
CA GLY U 53 33.44 0.76 -53.07
C GLY U 53 33.09 0.33 -51.67
N GLY U 54 32.66 1.25 -50.81
CA GLY U 54 32.41 0.84 -49.44
C GLY U 54 32.56 2.02 -48.49
N SER U 55 32.70 1.68 -47.20
CA SER U 55 32.70 2.66 -46.12
C SER U 55 33.98 3.47 -46.15
N ILE U 56 33.83 4.80 -46.07
CA ILE U 56 35.01 5.62 -45.93
C ILE U 56 35.73 5.29 -44.63
N SER U 57 34.99 5.07 -43.54
CA SER U 57 35.76 4.87 -42.32
C SER U 57 36.66 3.66 -42.47
N ALA U 58 36.11 2.56 -42.99
CA ALA U 58 36.90 1.36 -43.26
C ALA U 58 37.95 1.60 -44.32
N GLY U 59 37.68 2.48 -45.27
CA GLY U 59 38.73 2.75 -46.23
C GLY U 59 39.90 3.50 -45.64
N MET U 60 39.66 4.34 -44.61
CA MET U 60 40.76 5.11 -44.03
C MET U 60 41.59 4.29 -43.05
N ALA U 61 41.03 3.22 -42.49
CA ALA U 61 41.89 2.27 -41.79
C ALA U 61 42.90 1.71 -42.76
N ILE U 62 42.40 1.30 -43.92
CA ILE U 62 43.28 0.72 -44.92
C ILE U 62 44.30 1.73 -45.38
N TYR U 63 43.84 2.97 -45.73
CA TYR U 63 44.70 3.95 -46.39
C TYR U 63 45.85 4.34 -45.48
N ASP U 64 45.55 4.71 -44.23
CA ASP U 64 46.62 5.00 -43.27
C ASP U 64 47.56 3.82 -43.03
N THR U 65 47.03 2.60 -42.99
CA THR U 65 47.88 1.43 -42.80
C THR U 65 48.81 1.22 -44.01
N MET U 66 48.33 1.58 -45.21
CA MET U 66 49.20 1.60 -46.39
C MET U 66 50.28 2.62 -46.21
N VAL U 67 49.89 3.84 -45.87
CA VAL U 67 50.85 4.93 -45.89
C VAL U 67 51.94 4.71 -44.86
N LEU U 68 51.56 4.26 -43.66
CA LEU U 68 52.55 4.15 -42.58
C LEU U 68 53.42 2.93 -42.69
N ALA U 69 53.08 2.00 -43.59
CA ALA U 69 53.87 0.80 -43.68
C ALA U 69 55.30 1.11 -44.11
N PRO U 70 56.27 0.33 -43.65
CA PRO U 70 57.66 0.60 -44.06
C PRO U 70 57.93 0.31 -45.53
N CYS U 71 57.38 -0.75 -46.05
CA CYS U 71 57.57 -1.12 -47.43
C CYS U 71 56.62 -0.34 -48.32
N ASP U 72 56.86 -0.40 -49.63
CA ASP U 72 55.93 0.17 -50.60
C ASP U 72 54.68 -0.70 -50.78
N ILE U 73 53.59 -0.07 -51.25
CA ILE U 73 52.37 -0.78 -51.59
C ILE U 73 52.10 -0.54 -53.06
N ALA U 74 52.28 -1.56 -53.89
CA ALA U 74 51.87 -1.48 -55.28
C ALA U 74 50.38 -1.77 -55.36
N THR U 75 49.65 -1.02 -56.17
CA THR U 75 48.22 -1.28 -56.35
C THR U 75 47.90 -1.53 -57.81
N TYR U 76 47.05 -2.53 -58.05
CA TYR U 76 46.66 -2.92 -59.39
C TYR U 76 45.14 -2.93 -59.49
N ALA U 77 44.60 -2.25 -60.47
CA ALA U 77 43.17 -2.23 -60.73
C ALA U 77 42.88 -3.30 -61.78
N MET U 78 42.28 -4.41 -61.35
CA MET U 78 41.82 -5.41 -62.28
C MET U 78 40.30 -5.32 -62.30
N GLY U 79 39.74 -5.48 -63.48
CA GLY U 79 38.31 -5.37 -63.59
C GLY U 79 37.76 -3.99 -63.25
N MET U 80 37.61 -3.68 -61.99
CA MET U 80 36.97 -2.43 -61.63
C MET U 80 37.45 -2.01 -60.27
N ALA U 81 37.83 -0.73 -60.16
CA ALA U 81 38.19 -0.11 -58.89
C ALA U 81 37.43 1.22 -58.83
N ALA U 82 36.37 1.26 -58.02
CA ALA U 82 35.39 2.34 -57.99
C ALA U 82 35.26 2.98 -56.62
N SER U 83 35.08 4.29 -56.57
CA SER U 83 34.81 4.96 -55.31
C SER U 83 35.98 4.74 -54.33
N MET U 84 35.70 4.10 -53.23
CA MET U 84 36.79 3.89 -52.32
C MET U 84 37.85 3.00 -52.86
N GLY U 85 37.50 2.13 -53.80
CA GLY U 85 38.50 1.36 -54.49
C GLY U 85 39.33 2.28 -55.35
N GLU U 86 38.68 3.26 -55.99
CA GLU U 86 39.45 4.20 -56.81
C GLU U 86 40.45 4.97 -55.94
N PHE U 87 40.04 5.40 -54.76
CA PHE U 87 40.90 6.13 -53.84
C PHE U 87 42.09 5.29 -53.41
N LEU U 88 41.81 4.04 -53.05
CA LEU U 88 42.89 3.20 -52.58
C LEU U 88 43.84 2.84 -53.70
N LEU U 89 43.38 2.77 -54.95
CA LEU U 89 44.32 2.54 -56.03
C LEU U 89 45.23 3.72 -56.15
N ALA U 90 44.64 4.90 -56.25
CA ALA U 90 45.44 6.08 -56.44
C ALA U 90 46.33 6.35 -55.25
N ALA U 91 46.00 5.81 -54.09
CA ALA U 91 46.83 6.02 -52.89
C ALA U 91 48.04 5.11 -52.85
N GLY U 92 48.19 4.21 -53.79
CA GLY U 92 49.40 3.41 -53.83
C GLY U 92 50.65 4.26 -53.84
N THR U 93 51.76 3.57 -53.63
CA THR U 93 53.07 4.22 -53.73
C THR U 93 53.27 4.79 -55.12
N LYS U 94 53.76 6.04 -55.21
CA LYS U 94 53.94 6.70 -56.50
C LYS U 94 54.95 5.94 -57.38
N GLY U 95 54.56 5.70 -58.64
CA GLY U 95 55.34 4.85 -59.52
C GLY U 95 54.89 3.40 -59.53
N LYS U 96 54.19 2.99 -58.47
CA LYS U 96 53.79 1.61 -58.24
C LYS U 96 52.27 1.46 -58.20
N ARG U 97 51.59 2.25 -59.05
CA ARG U 97 50.15 2.17 -59.27
C ARG U 97 49.84 1.67 -60.69
N TYR U 98 49.21 0.51 -60.78
CA TYR U 98 48.96 -0.09 -62.07
C TYR U 98 47.48 -0.29 -62.31
N ALA U 99 47.10 -0.21 -63.57
CA ALA U 99 45.77 -0.52 -64.02
C ALA U 99 45.97 -1.66 -64.99
N LEU U 100 45.22 -2.77 -64.89
CA LEU U 100 45.24 -3.74 -66.00
C LEU U 100 44.41 -3.17 -67.18
N PRO U 101 44.71 -3.60 -68.41
CA PRO U 101 44.34 -2.79 -69.59
C PRO U 101 42.86 -2.56 -69.76
N HIS U 102 42.04 -3.51 -69.35
CA HIS U 102 40.62 -3.34 -69.50
C HIS U 102 39.91 -3.12 -68.19
N ALA U 103 40.66 -2.77 -67.16
CA ALA U 103 40.08 -2.34 -65.91
C ALA U 103 39.39 -1.01 -66.13
N ARG U 104 38.46 -0.69 -65.23
CA ARG U 104 37.80 0.60 -65.20
C ARG U 104 37.87 1.30 -63.84
N ILE U 105 37.95 2.61 -63.88
CA ILE U 105 37.97 3.42 -62.67
C ILE U 105 36.68 4.24 -62.64
N LEU U 106 36.03 4.30 -61.49
CA LEU U 106 34.86 5.14 -61.30
C LEU U 106 35.19 6.13 -60.19
N MET U 107 34.95 7.42 -60.39
CA MET U 107 35.15 8.35 -59.30
C MET U 107 33.85 9.12 -59.18
N HIS U 108 33.37 9.26 -57.94
CA HIS U 108 32.20 10.04 -57.61
C HIS U 108 32.32 10.48 -56.15
N GLN U 109 31.40 11.35 -55.72
CA GLN U 109 31.39 11.87 -54.36
C GLN U 109 30.67 10.96 -53.40
N PRO U 110 30.84 11.21 -52.10
CA PRO U 110 30.28 10.34 -51.05
C PRO U 110 28.74 10.30 -51.07
N LEU U 111 28.20 9.16 -50.56
CA LEU U 111 26.79 8.90 -50.29
C LEU U 111 26.62 8.55 -48.84
N GLY U 112 25.43 8.79 -48.31
CA GLY U 112 25.16 8.44 -46.93
C GLY U 112 23.70 8.64 -46.72
N GLY U 113 23.34 8.83 -45.44
CA GLY U 113 21.95 9.05 -45.10
C GLY U 113 21.81 10.06 -43.98
N VAL U 114 20.62 10.64 -43.87
CA VAL U 114 20.30 11.45 -42.70
C VAL U 114 19.10 10.85 -41.98
N THR U 115 19.11 10.95 -40.67
CA THR U 115 18.10 10.40 -39.79
C THR U 115 18.25 11.09 -38.45
N GLY U 116 17.16 11.20 -37.71
CA GLY U 116 17.21 11.77 -36.40
C GLY U 116 16.52 13.11 -36.34
N SER U 117 16.82 13.82 -35.28
CA SER U 117 16.12 15.05 -35.11
C SER U 117 16.71 16.15 -35.95
N ALA U 118 16.10 17.31 -35.81
CA ALA U 118 16.56 18.42 -36.59
C ALA U 118 17.91 18.85 -36.15
N ALA U 119 18.18 18.68 -34.85
CA ALA U 119 19.50 19.03 -34.34
C ALA U 119 20.50 17.93 -34.63
N ASP U 120 20.06 16.69 -34.59
CA ASP U 120 20.96 15.58 -34.91
C ASP U 120 21.41 15.55 -36.36
N ILE U 121 20.52 16.01 -37.26
CA ILE U 121 20.74 16.03 -38.68
C ILE U 121 21.65 17.15 -39.05
N ALA U 122 21.58 18.23 -38.30
CA ALA U 122 22.50 19.31 -38.54
C ALA U 122 23.93 18.85 -38.33
N ILE U 123 24.17 18.01 -37.33
CA ILE U 123 25.52 17.54 -37.09
C ILE U 123 25.99 16.62 -38.21
N GLN U 124 25.12 15.70 -38.60
CA GLN U 124 25.43 14.76 -39.67
C GLN U 124 25.83 15.55 -40.88
N ALA U 125 25.14 16.65 -41.13
CA ALA U 125 25.40 17.43 -42.31
C ALA U 125 26.75 18.14 -42.25
N GLU U 126 27.15 18.63 -41.05
CA GLU U 126 28.48 19.24 -40.86
C GLU U 126 29.62 18.36 -41.36
N GLN U 127 29.53 17.05 -41.05
CA GLN U 127 30.48 15.99 -41.39
C GLN U 127 30.38 15.64 -42.86
N PHE U 128 29.20 15.73 -43.44
CA PHE U 128 29.14 15.59 -44.88
C PHE U 128 30.13 16.59 -45.50
N ALA U 129 30.03 17.85 -45.06
CA ALA U 129 30.79 18.89 -45.73
C ALA U 129 32.28 18.72 -45.54
N VAL U 130 32.71 18.41 -44.30
CA VAL U 130 34.11 18.15 -43.99
C VAL U 130 34.59 16.97 -44.81
N ILE U 131 33.89 15.85 -44.69
CA ILE U 131 34.34 14.61 -45.30
C ILE U 131 34.49 14.81 -46.78
N LYS U 132 33.52 15.44 -47.39
CA LYS U 132 33.65 15.64 -48.82
C LYS U 132 34.86 16.56 -49.14
N LYS U 133 35.11 17.59 -48.31
CA LYS U 133 36.25 18.48 -48.60
C LYS U 133 37.54 17.68 -48.44
N GLU U 134 37.58 16.85 -47.39
CA GLU U 134 38.79 16.10 -47.02
C GLU U 134 39.02 14.97 -48.01
N MET U 135 37.97 14.38 -48.56
CA MET U 135 38.17 13.36 -49.58
C MET U 135 38.56 13.96 -50.93
N PHE U 136 38.04 15.12 -51.28
CA PHE U 136 38.45 15.66 -52.57
C PHE U 136 39.90 16.08 -52.52
N ARG U 137 40.32 16.67 -51.40
CA ARG U 137 41.73 17.04 -51.23
C ARG U 137 42.69 15.87 -51.42
N LEU U 138 42.39 14.74 -50.81
CA LEU U 138 43.21 13.54 -50.99
C LEU U 138 43.11 12.99 -52.41
N ASN U 139 41.92 12.94 -53.02
CA ASN U 139 41.99 12.54 -54.44
C ASN U 139 42.77 13.54 -55.28
N ALA U 140 42.71 14.81 -54.94
CA ALA U 140 43.43 15.76 -55.72
C ALA U 140 44.92 15.58 -55.54
N GLU U 141 45.34 15.12 -54.37
CA GLU U 141 46.77 14.91 -54.20
C GLU U 141 47.24 13.72 -55.04
N PHE U 142 46.47 12.64 -55.04
CA PHE U 142 46.90 11.40 -55.68
C PHE U 142 47.07 11.56 -57.16
N THR U 143 46.16 12.28 -57.74
CA THR U 143 46.06 12.36 -59.16
C THR U 143 46.77 13.57 -59.69
N GLY U 144 46.98 14.56 -58.85
CA GLY U 144 47.59 15.79 -59.30
C GLY U 144 46.64 16.79 -59.90
N GLN U 145 45.36 16.45 -59.99
CA GLN U 145 44.41 17.34 -60.60
C GLN U 145 44.06 18.42 -59.60
N PRO U 146 43.51 19.52 -60.06
CA PRO U 146 43.02 20.54 -59.13
C PRO U 146 41.78 20.16 -58.32
N ILE U 147 41.71 20.68 -57.08
CA ILE U 147 40.54 20.34 -56.29
C ILE U 147 39.34 20.74 -57.09
N GLU U 148 39.49 21.81 -57.83
CA GLU U 148 38.33 22.35 -58.52
C GLU U 148 37.79 21.40 -59.58
N ARG U 149 38.66 20.59 -60.21
CA ARG U 149 38.22 19.59 -61.19
C ARG U 149 37.76 18.29 -60.54
N ILE U 150 38.47 17.83 -59.52
CA ILE U 150 37.98 16.69 -58.77
C ILE U 150 36.55 16.92 -58.34
N GLU U 151 36.25 18.08 -57.75
CA GLU U 151 34.89 18.30 -57.25
C GLU U 151 33.89 18.28 -58.38
N ALA U 152 34.25 18.90 -59.49
CA ALA U 152 33.31 19.04 -60.58
C ALA U 152 33.04 17.71 -61.27
N ASP U 153 34.08 16.92 -61.53
CA ASP U 153 33.92 15.59 -62.12
C ASP U 153 33.20 14.61 -61.18
N SER U 154 33.43 14.74 -59.87
CA SER U 154 32.90 13.79 -58.90
C SER U 154 31.43 14.00 -58.58
N ASP U 155 30.81 15.10 -59.04
CA ASP U 155 29.41 15.36 -58.74
C ASP U 155 28.49 14.22 -59.11
N ARG U 156 28.68 13.69 -60.33
CA ARG U 156 28.00 12.52 -60.82
C ARG U 156 29.05 11.61 -61.47
N ASP U 157 28.75 10.33 -61.43
CA ASP U 157 29.74 9.29 -61.64
C ASP U 157 30.49 9.58 -62.93
N ARG U 158 31.82 9.57 -62.86
CA ARG U 158 32.70 9.72 -64.01
C ARG U 158 33.55 8.47 -64.18
N TRP U 159 33.39 7.82 -65.33
CA TRP U 159 34.04 6.56 -65.62
C TRP U 159 35.32 6.79 -66.42
N PHE U 160 36.29 5.95 -66.13
CA PHE U 160 37.57 6.01 -66.80
C PHE U 160 37.91 4.64 -67.34
N THR U 161 38.38 4.61 -68.56
CA THR U 161 39.05 3.46 -69.12
C THR U 161 40.49 3.49 -68.63
N ALA U 162 41.13 2.29 -68.66
CA ALA U 162 42.49 2.18 -68.13
C ALA U 162 43.35 3.32 -68.63
N ALA U 163 43.21 3.65 -69.91
CA ALA U 163 43.94 4.76 -70.49
C ALA U 163 43.53 6.12 -69.91
N GLU U 164 42.23 6.41 -69.85
CA GLU U 164 41.84 7.72 -69.35
C GLU U 164 42.29 7.91 -67.92
N ALA U 165 42.32 6.81 -67.16
CA ALA U 165 42.75 6.84 -65.77
C ALA U 165 44.23 7.17 -65.68
N LEU U 166 44.98 6.83 -66.69
CA LEU U 166 46.40 7.18 -66.61
C LEU U 166 46.63 8.66 -66.91
N GLU U 167 45.93 9.27 -67.90
CA GLU U 167 46.09 10.70 -68.20
C GLU U 167 45.63 11.52 -67.01
N TYR U 168 44.67 10.99 -66.25
CA TYR U 168 44.08 11.74 -65.16
C TYR U 168 44.96 11.72 -63.92
N GLY U 169 45.69 10.64 -63.70
CA GLY U 169 46.63 10.53 -62.59
C GLY U 169 46.27 9.46 -61.59
N PHE U 170 45.19 8.70 -61.78
CA PHE U 170 44.83 7.68 -60.79
C PHE U 170 45.91 6.64 -60.65
N VAL U 171 46.53 6.25 -61.79
CA VAL U 171 47.56 5.24 -61.91
C VAL U 171 48.75 5.87 -62.56
N ASP U 172 49.88 5.15 -62.50
CA ASP U 172 51.14 5.56 -63.11
C ASP U 172 51.53 4.76 -64.34
N HIS U 173 50.99 3.56 -64.51
CA HIS U 173 51.36 2.67 -65.60
C HIS U 173 50.18 1.82 -66.04
N ILE U 174 50.20 1.37 -67.29
CA ILE U 174 49.28 0.31 -67.71
C ILE U 174 50.08 -0.94 -68.05
N ILE U 175 49.75 -2.05 -67.37
CA ILE U 175 50.44 -3.32 -67.57
C ILE U 175 50.06 -3.99 -68.91
N THR U 176 51.05 -4.66 -69.54
CA THR U 176 50.95 -5.39 -70.83
C THR U 176 51.72 -6.73 -70.64
N LEU V 1 28.68 0.28 36.85
CA LEU V 1 28.25 1.37 37.74
C LEU V 1 28.85 2.68 37.15
N THR V 2 27.93 3.61 36.84
CA THR V 2 28.27 4.99 36.51
C THR V 2 29.28 5.62 37.47
N ASP V 3 29.01 5.55 38.76
CA ASP V 3 29.99 6.05 39.73
C ASP V 3 31.30 5.29 39.67
N SER V 4 31.30 4.11 39.06
CA SER V 4 32.56 3.40 39.00
C SER V 4 33.46 4.10 38.03
N VAL V 5 32.91 4.62 36.93
CA VAL V 5 33.80 5.32 36.01
C VAL V 5 34.16 6.67 36.56
N TYR V 6 33.23 7.33 37.26
CA TYR V 6 33.55 8.68 37.73
C TYR V 6 34.76 8.63 38.66
N GLU V 7 34.99 7.50 39.36
CA GLU V 7 36.13 7.34 40.25
C GLU V 7 37.41 7.03 39.45
N ARG V 8 37.31 6.19 38.41
CA ARG V 8 38.45 5.95 37.53
C ARG V 8 38.92 7.27 36.87
N LEU V 9 37.99 8.19 36.62
CA LEU V 9 38.37 9.50 36.11
C LEU V 9 38.89 10.44 37.16
N LEU V 10 38.47 10.27 38.42
CA LEU V 10 39.00 11.10 39.49
C LEU V 10 40.49 10.89 39.65
N SER V 11 40.94 9.67 39.39
CA SER V 11 42.34 9.32 39.38
C SER V 11 43.12 10.04 38.27
N GLU V 12 42.41 10.55 37.26
CA GLU V 12 42.95 11.32 36.16
C GLU V 12 42.74 12.83 36.35
N ARG V 13 42.20 13.24 37.49
CA ARG V 13 42.00 14.65 37.81
C ARG V 13 40.95 15.30 36.93
N ILE V 14 39.85 14.59 36.67
CA ILE V 14 38.71 15.08 35.91
C ILE V 14 37.46 15.03 36.79
N ILE V 15 36.68 16.11 36.78
CA ILE V 15 35.43 16.09 37.52
C ILE V 15 34.31 16.75 36.71
N PHE V 16 33.07 16.39 37.02
CA PHE V 16 31.93 16.79 36.20
C PHE V 16 30.92 17.65 36.90
N LEU V 17 30.43 18.67 36.20
CA LEU V 17 29.24 19.39 36.62
C LEU V 17 28.17 19.10 35.56
N GLY V 18 27.55 17.94 35.69
CA GLY V 18 26.66 17.43 34.68
C GLY V 18 25.23 17.62 35.05
N SER V 19 24.96 18.28 36.15
CA SER V 19 23.60 18.32 36.67
C SER V 19 23.17 19.77 36.80
N GLU V 20 21.97 20.00 37.32
CA GLU V 20 21.67 21.32 37.87
C GLU V 20 22.51 21.60 39.12
N VAL V 21 22.77 22.89 39.39
CA VAL V 21 23.68 23.32 40.45
C VAL V 21 22.84 23.53 41.71
N ASN V 22 22.92 22.58 42.65
CA ASN V 22 22.20 22.61 43.91
C ASN V 22 23.23 22.32 44.97
N ASP V 23 22.83 22.38 46.26
CA ASP V 23 23.85 22.23 47.30
C ASP V 23 24.55 20.90 47.24
N GLU V 24 23.83 19.86 46.82
CA GLU V 24 24.34 18.51 46.97
C GLU V 24 25.49 18.25 46.02
N ILE V 25 25.32 18.67 44.77
CA ILE V 25 26.39 18.57 43.76
C ILE V 25 27.54 19.52 44.10
N ALA V 26 27.23 20.69 44.68
CA ALA V 26 28.27 21.64 45.08
C ALA V 26 29.12 21.12 46.21
N ASN V 27 28.52 20.44 47.17
CA ASN V 27 29.32 19.91 48.25
C ASN V 27 30.24 18.80 47.74
N ARG V 28 29.72 17.85 46.96
CA ARG V 28 30.60 16.79 46.42
C ARG V 28 31.68 17.39 45.51
N LEU V 29 31.37 18.47 44.80
CA LEU V 29 32.31 19.02 43.84
C LEU V 29 33.39 19.84 44.51
N CYS V 30 33.05 20.60 45.56
CA CYS V 30 34.07 21.24 46.38
C CYS V 30 34.94 20.21 47.08
N ALA V 31 34.32 19.14 47.56
CA ALA V 31 35.08 18.06 48.16
C ALA V 31 36.11 17.47 47.20
N GLN V 32 35.69 17.15 45.97
CA GLN V 32 36.63 16.55 45.02
C GLN V 32 37.83 17.49 44.76
N ILE V 33 37.58 18.81 44.68
CA ILE V 33 38.65 19.79 44.43
C ILE V 33 39.60 19.86 45.61
N LEU V 34 39.07 19.73 46.83
CA LEU V 34 39.93 19.67 48.01
C LEU V 34 40.82 18.45 47.93
N LEU V 35 40.20 17.28 47.72
CA LEU V 35 40.99 16.06 47.56
C LEU V 35 42.05 16.22 46.48
N LEU V 36 41.67 16.65 45.29
CA LEU V 36 42.61 16.70 44.19
C LEU V 36 43.70 17.73 44.42
N ALA V 37 43.44 18.74 45.24
CA ALA V 37 44.49 19.68 45.63
C ALA V 37 45.33 19.15 46.79
N ALA V 38 44.76 18.35 47.66
CA ALA V 38 45.56 17.70 48.69
C ALA V 38 46.46 16.65 48.06
N GLU V 39 45.94 15.92 47.08
CA GLU V 39 46.75 14.89 46.47
C GLU V 39 47.98 15.48 45.80
N ASP V 40 47.80 16.52 45.01
CA ASP V 40 48.88 17.11 44.23
C ASP V 40 48.51 18.55 43.93
N ALA V 41 49.31 19.48 44.41
CA ALA V 41 48.98 20.89 44.35
C ALA V 41 49.62 21.57 43.14
N SER V 42 50.12 20.80 42.17
CA SER V 42 50.72 21.36 40.98
C SER V 42 50.07 20.90 39.69
N LYS V 43 49.35 19.77 39.68
CA LYS V 43 48.73 19.25 38.46
C LYS V 43 47.33 19.83 38.33
N ASP V 44 46.95 20.15 37.09
CA ASP V 44 45.68 20.85 36.86
C ASP V 44 44.49 19.96 37.19
N ILE V 45 43.35 20.61 37.40
CA ILE V 45 42.06 19.93 37.51
C ILE V 45 41.17 20.35 36.35
N SER V 46 40.60 19.36 35.66
CA SER V 46 39.71 19.60 34.53
C SER V 46 38.27 19.38 34.96
N LEU V 47 37.46 20.40 34.74
CA LEU V 47 36.08 20.45 35.16
C LEU V 47 35.23 20.50 33.90
N TYR V 48 34.63 19.39 33.58
CA TYR V 48 33.71 19.36 32.47
C TYR V 48 32.34 19.79 32.97
N ILE V 49 31.66 20.63 32.18
CA ILE V 49 30.38 21.21 32.53
C ILE V 49 29.34 20.96 31.45
N ASN V 50 28.22 20.33 31.83
CA ASN V 50 27.02 20.27 30.97
C ASN V 50 25.85 20.49 31.96
N SER V 51 25.57 21.74 32.28
CA SER V 51 24.68 22.10 33.37
C SER V 51 23.78 23.22 32.94
N PRO V 52 22.50 23.19 33.33
CA PRO V 52 21.57 24.25 32.96
C PRO V 52 21.60 25.43 33.91
N GLY V 53 22.32 25.36 35.04
CA GLY V 53 22.28 26.45 36.01
C GLY V 53 21.84 25.95 37.37
N GLY V 54 21.43 26.82 38.29
CA GLY V 54 21.09 26.32 39.62
C GLY V 54 21.27 27.44 40.64
N SER V 55 21.41 27.03 41.90
CA SER V 55 21.41 28.02 42.98
C SER V 55 22.67 28.86 42.97
N ILE V 56 22.54 30.15 43.26
CA ILE V 56 23.74 30.99 43.27
C ILE V 56 24.64 30.67 44.46
N SER V 57 24.08 30.42 45.63
CA SER V 57 24.94 30.17 46.77
C SER V 57 25.81 28.95 46.54
N ALA V 58 25.20 27.90 45.98
CA ALA V 58 25.91 26.67 45.62
C ALA V 58 27.02 26.97 44.63
N GLY V 59 26.74 27.87 43.70
CA GLY V 59 27.74 28.16 42.70
C GLY V 59 28.95 28.88 43.25
N MET V 60 28.77 29.66 44.33
CA MET V 60 29.85 30.42 44.96
C MET V 60 30.70 29.55 45.88
N ALA V 61 30.15 28.48 46.40
CA ALA V 61 30.99 27.48 47.05
C ALA V 61 31.94 26.86 46.03
N ILE V 62 31.38 26.50 44.88
CA ILE V 62 32.18 26.01 43.77
C ILE V 62 33.12 27.08 43.29
N TYR V 63 32.63 28.30 43.09
CA TYR V 63 33.48 29.33 42.52
C TYR V 63 34.64 29.68 43.47
N ASP V 64 34.36 29.98 44.74
CA ASP V 64 35.43 30.25 45.71
C ASP V 64 36.40 29.08 45.85
N THR V 65 35.87 27.87 45.86
CA THR V 65 36.77 26.75 46.06
C THR V 65 37.70 26.62 44.88
N MET V 66 37.23 26.97 43.67
CA MET V 66 38.04 26.97 42.44
C MET V 66 39.17 27.96 42.57
N VAL V 67 38.83 29.16 43.01
CA VAL V 67 39.74 30.27 43.03
C VAL V 67 40.81 30.07 44.07
N LEU V 68 40.44 29.49 45.22
CA LEU V 68 41.42 29.26 46.28
C LEU V 68 42.27 28.00 46.10
N ALA V 69 41.87 27.07 45.24
CA ALA V 69 42.65 25.86 45.14
C ALA V 69 44.07 26.16 44.69
N PRO V 70 45.06 25.39 45.13
CA PRO V 70 46.44 25.63 44.66
C PRO V 70 46.63 25.43 43.14
N CYS V 71 46.03 24.40 42.56
CA CYS V 71 46.24 24.11 41.15
C CYS V 71 45.34 24.99 40.28
N ASP V 72 45.58 24.94 38.97
CA ASP V 72 44.72 25.59 38.01
C ASP V 72 43.45 24.76 37.75
N ILE V 73 42.39 25.42 37.33
CA ILE V 73 41.15 24.73 36.98
C ILE V 73 40.85 24.94 35.50
N ALA V 74 41.01 23.90 34.70
CA ALA V 74 40.61 23.96 33.31
C ALA V 74 39.11 23.70 33.25
N THR V 75 38.37 24.53 32.52
CA THR V 75 36.94 24.32 32.37
C THR V 75 36.56 24.09 30.92
N TYR V 76 35.73 23.09 30.73
CA TYR V 76 35.30 22.66 29.42
C TYR V 76 33.77 22.72 29.40
N ALA V 77 33.25 23.41 28.41
CA ALA V 77 31.83 23.53 28.21
C ALA V 77 31.41 22.47 27.22
N MET V 78 30.73 21.43 27.68
CA MET V 78 30.29 20.39 26.75
C MET V 78 28.77 20.34 26.55
N GLY V 79 28.34 20.52 25.32
CA GLY V 79 26.90 20.46 25.17
C GLY V 79 26.24 21.74 25.65
N MET V 80 26.10 21.97 26.95
CA MET V 80 25.50 23.23 27.35
C MET V 80 26.01 23.68 28.68
N ALA V 81 26.39 24.95 28.78
CA ALA V 81 26.82 25.57 30.03
C ALA V 81 26.03 26.87 30.15
N ALA V 82 25.03 26.89 31.02
CA ALA V 82 24.10 27.99 31.04
C ALA V 82 24.04 28.62 32.41
N SER V 83 23.87 29.92 32.48
CA SER V 83 23.62 30.48 33.78
C SER V 83 24.74 30.17 34.75
N MET V 84 24.44 29.46 35.82
CA MET V 84 25.52 29.19 36.75
C MET V 84 26.60 28.31 36.13
N GLY V 85 26.24 27.44 35.19
CA GLY V 85 27.28 26.71 34.50
C GLY V 85 28.11 27.68 33.67
N GLU V 86 27.46 28.67 33.06
CA GLU V 86 28.22 29.65 32.30
C GLU V 86 29.19 30.44 33.18
N PHE V 87 28.73 30.79 34.37
CA PHE V 87 29.51 31.55 35.33
C PHE V 87 30.76 30.77 35.73
N LEU V 88 30.57 29.48 36.02
CA LEU V 88 31.65 28.65 36.47
C LEU V 88 32.57 28.27 35.32
N LEU V 89 32.03 28.20 34.11
CA LEU V 89 32.92 28.03 32.97
C LEU V 89 33.84 29.23 32.84
N ALA V 90 33.27 30.42 32.78
CA ALA V 90 34.07 31.61 32.60
C ALA V 90 34.98 31.89 33.79
N ALA V 91 34.69 31.29 34.94
CA ALA V 91 35.54 31.51 36.09
C ALA V 91 36.71 30.57 36.16
N GLY V 92 36.85 29.66 35.21
CA GLY V 92 38.03 28.82 35.18
C GLY V 92 39.27 29.66 34.95
N THR V 93 40.41 29.03 35.24
CA THR V 93 41.73 29.64 35.07
C THR V 93 41.92 30.23 33.69
N LYS V 94 42.31 31.50 33.64
CA LYS V 94 42.44 32.13 32.35
C LYS V 94 43.46 31.44 31.47
N GLY V 95 43.07 31.21 30.24
CA GLY V 95 43.83 30.44 29.31
C GLY V 95 43.43 28.98 29.28
N LYS V 96 42.73 28.51 30.30
CA LYS V 96 42.37 27.11 30.38
C LYS V 96 40.85 26.93 30.39
N ARG V 97 40.16 27.86 29.74
CA ARG V 97 38.71 27.82 29.60
C ARG V 97 38.39 27.46 28.16
N TYR V 98 37.78 26.29 27.97
CA TYR V 98 37.51 25.71 26.67
C TYR V 98 36.01 25.46 26.45
N ALA V 99 35.63 25.44 25.19
CA ALA V 99 34.30 25.02 24.80
C ALA V 99 34.45 23.96 23.73
N LEU V 100 33.76 22.83 23.87
CA LEU V 100 33.76 21.92 22.75
C LEU V 100 32.98 22.58 21.61
N PRO V 101 33.21 22.14 20.38
CA PRO V 101 32.79 23.00 19.25
C PRO V 101 31.29 23.28 19.20
N HIS V 102 30.45 22.33 19.57
CA HIS V 102 29.01 22.51 19.45
C HIS V 102 28.32 22.70 20.77
N ALA V 103 29.08 23.03 21.78
CA ALA V 103 28.50 23.44 23.04
C ALA V 103 27.77 24.77 22.85
N ARG V 104 26.92 25.09 23.82
CA ARG V 104 26.27 26.38 23.82
C ARG V 104 26.39 26.97 25.21
N ILE V 105 26.58 28.29 25.27
CA ILE V 105 26.63 29.07 26.51
C ILE V 105 25.40 29.98 26.57
N LEU V 106 24.75 30.02 27.73
CA LEU V 106 23.63 30.93 27.99
C LEU V 106 23.95 31.87 29.14
N MET V 107 23.67 33.15 28.98
CA MET V 107 23.88 34.06 30.08
C MET V 107 22.59 34.83 30.22
N HIS V 108 22.06 34.88 31.45
CA HIS V 108 20.89 35.70 31.78
C HIS V 108 20.98 36.12 33.23
N GLN V 109 20.02 36.94 33.66
CA GLN V 109 20.01 37.46 35.03
C GLN V 109 19.34 36.49 35.99
N PRO V 110 19.51 36.75 37.31
CA PRO V 110 18.97 35.86 38.34
C PRO V 110 17.46 35.86 38.29
N LEU V 111 16.89 34.72 38.70
CA LEU V 111 15.48 34.49 38.93
C LEU V 111 15.39 34.09 40.39
N GLY V 112 14.26 34.38 41.00
CA GLY V 112 14.13 34.02 42.39
C GLY V 112 12.72 34.28 42.75
N GLY V 113 12.43 34.41 44.04
CA GLY V 113 11.06 34.59 44.42
C GLY V 113 10.93 35.50 45.60
N VAL V 114 9.76 36.09 45.72
CA VAL V 114 9.49 36.87 46.92
C VAL V 114 8.25 36.30 47.61
N THR V 115 8.23 36.43 48.93
CA THR V 115 7.15 35.93 49.77
C THR V 115 7.25 36.55 51.14
N GLY V 116 6.13 36.60 51.83
CA GLY V 116 6.12 37.05 53.20
C GLY V 116 5.52 38.43 53.35
N SER V 117 5.77 39.03 54.51
CA SER V 117 5.14 40.31 54.77
C SER V 117 5.82 41.40 53.96
N ALA V 118 5.19 42.57 53.91
CA ALA V 118 5.71 43.63 53.05
C ALA V 118 7.10 44.09 53.46
N ALA V 119 7.44 43.92 54.72
CA ALA V 119 8.78 44.23 55.16
C ALA V 119 9.79 43.11 54.90
N ASP V 120 9.38 41.87 55.03
CA ASP V 120 10.35 40.85 54.65
C ASP V 120 10.66 40.93 53.16
N ILE V 121 9.70 41.38 52.31
CA ILE V 121 9.86 41.45 50.85
C ILE V 121 10.80 42.55 50.49
N ALA V 122 10.78 43.61 51.30
CA ALA V 122 11.73 44.69 51.14
C ALA V 122 13.16 44.20 51.30
N ILE V 123 13.43 43.38 52.33
CA ILE V 123 14.77 42.82 52.53
C ILE V 123 15.13 41.86 51.41
N GLN V 124 14.18 41.00 51.03
CA GLN V 124 14.40 40.13 49.90
C GLN V 124 14.79 40.94 48.68
N ALA V 125 14.16 42.09 48.51
CA ALA V 125 14.41 42.85 47.33
C ALA V 125 15.73 43.62 47.38
N GLU V 126 16.18 44.06 48.56
CA GLU V 126 17.51 44.65 48.66
C GLU V 126 18.61 43.72 48.16
N GLN V 127 18.53 42.43 48.53
CA GLN V 127 19.54 41.46 48.13
C GLN V 127 19.46 41.14 46.66
N PHE V 128 18.26 41.15 46.08
CA PHE V 128 18.15 41.00 44.63
C PHE V 128 19.10 41.99 43.94
N ALA V 129 19.03 43.25 44.35
CA ALA V 129 19.82 44.28 43.67
C ALA V 129 21.32 44.10 43.91
N VAL V 130 21.70 43.82 45.15
CA VAL V 130 23.10 43.55 45.45
C VAL V 130 23.58 42.34 44.68
N ILE V 131 22.84 41.21 44.81
CA ILE V 131 23.27 39.96 44.19
C ILE V 131 23.41 40.16 42.72
N LYS V 132 22.45 40.88 42.13
CA LYS V 132 22.42 41.13 40.69
C LYS V 132 23.63 41.97 40.31
N LYS V 133 23.99 42.95 41.15
CA LYS V 133 25.15 43.82 40.92
C LYS V 133 26.43 43.02 41.00
N GLU V 134 26.50 42.11 41.95
CA GLU V 134 27.69 41.32 42.13
C GLU V 134 27.87 40.28 41.03
N MET V 135 26.76 39.73 40.55
CA MET V 135 26.88 38.69 39.55
C MET V 135 27.36 39.26 38.24
N PHE V 136 26.99 40.51 37.97
CA PHE V 136 27.35 41.19 36.74
C PHE V 136 28.78 41.63 36.73
N ARG V 137 29.24 42.17 37.83
CA ARG V 137 30.64 42.44 37.95
C ARG V 137 31.45 41.16 37.74
N LEU V 138 31.06 40.09 38.35
CA LEU V 138 31.91 38.93 38.13
C LEU V 138 31.82 38.46 36.68
N ASN V 139 30.62 38.35 36.10
CA ASN V 139 30.66 38.01 34.69
C ASN V 139 31.53 38.98 33.92
N ALA V 140 31.58 40.24 34.35
CA ALA V 140 32.35 41.22 33.59
C ALA V 140 33.84 40.97 33.74
N GLU V 141 34.29 40.51 34.90
CA GLU V 141 35.72 40.28 35.00
C GLU V 141 36.16 39.11 34.13
N PHE V 142 35.36 38.06 34.09
CA PHE V 142 35.75 36.86 33.39
C PHE V 142 35.91 37.11 31.92
N THR V 143 35.00 37.94 31.35
CA THR V 143 34.88 38.16 29.91
C THR V 143 35.63 39.40 29.42
N GLY V 144 35.81 40.39 30.27
CA GLY V 144 36.42 41.62 29.84
C GLY V 144 35.44 42.64 29.30
N GLN V 145 34.14 42.31 29.29
CA GLN V 145 33.11 43.17 28.76
C GLN V 145 32.81 44.25 29.79
N PRO V 146 32.23 45.34 29.37
CA PRO V 146 31.86 46.38 30.32
C PRO V 146 30.69 45.94 31.18
N ILE V 147 30.61 46.46 32.40
CA ILE V 147 29.45 46.11 33.20
C ILE V 147 28.16 46.44 32.49
N GLU V 148 28.14 47.50 31.68
CA GLU V 148 26.96 47.95 30.96
C GLU V 148 26.54 46.94 29.89
N ARG V 149 27.46 46.21 29.25
CA ARG V 149 27.08 45.20 28.26
C ARG V 149 26.58 43.90 28.93
N ILE V 150 27.24 43.48 30.02
CA ILE V 150 26.79 42.31 30.76
C ILE V 150 25.37 42.51 31.23
N GLU V 151 25.08 43.65 31.85
CA GLU V 151 23.71 43.84 32.34
C GLU V 151 22.68 43.90 31.21
N ALA V 152 23.01 44.52 30.08
CA ALA V 152 22.06 44.58 28.99
C ALA V 152 21.86 43.20 28.37
N ASP V 153 22.97 42.53 28.05
CA ASP V 153 22.78 41.25 27.41
C ASP V 153 22.03 40.34 28.35
N SER V 154 22.29 40.48 29.64
CA SER V 154 21.69 39.56 30.58
C SER V 154 20.21 39.85 30.90
N ASP V 155 19.61 40.95 30.45
CA ASP V 155 18.22 41.18 30.83
C ASP V 155 17.34 39.98 30.47
N ARG V 156 17.50 39.47 29.26
CA ARG V 156 16.80 38.29 28.84
C ARG V 156 17.84 37.36 28.22
N ASP V 157 17.50 36.07 28.18
CA ASP V 157 18.43 35.03 27.79
C ASP V 157 19.06 35.41 26.46
N ARG V 158 20.38 35.35 26.45
CA ARG V 158 21.21 35.56 25.29
C ARG V 158 22.08 34.33 25.10
N TRP V 159 21.88 33.60 23.99
CA TRP V 159 22.59 32.35 23.71
C TRP V 159 23.84 32.60 22.87
N PHE V 160 24.86 31.73 23.06
CA PHE V 160 26.12 31.77 22.32
C PHE V 160 26.46 30.40 21.78
N THR V 161 26.85 30.34 20.51
CA THR V 161 27.47 29.15 19.96
C THR V 161 28.90 29.11 20.45
N ALA V 162 29.60 27.98 20.25
CA ALA V 162 30.97 27.93 20.78
C ALA V 162 31.80 29.13 20.37
N ALA V 163 31.76 29.47 19.09
CA ALA V 163 32.55 30.60 18.59
C ALA V 163 32.08 31.96 19.13
N GLU V 164 30.79 32.18 19.25
CA GLU V 164 30.34 33.46 19.80
C GLU V 164 30.83 33.61 21.22
N ALA V 165 30.90 32.49 21.96
CA ALA V 165 31.30 32.51 23.34
C ALA V 165 32.73 32.96 23.45
N LEU V 166 33.54 32.66 22.40
CA LEU V 166 34.96 33.00 22.42
C LEU V 166 35.15 34.48 22.17
N GLU V 167 34.45 35.04 21.14
CA GLU V 167 34.70 36.46 20.83
C GLU V 167 34.37 37.30 22.03
N TYR V 168 33.34 36.86 22.82
CA TYR V 168 32.74 37.57 23.95
C TYR V 168 33.52 37.49 25.24
N GLY V 169 34.20 36.37 25.48
CA GLY V 169 35.14 36.30 26.56
C GLY V 169 34.93 35.19 27.53
N PHE V 170 33.96 34.32 27.33
CA PHE V 170 33.72 33.27 28.30
C PHE V 170 34.80 32.20 28.32
N VAL V 171 35.28 31.81 27.16
CA VAL V 171 36.27 30.78 26.97
C VAL V 171 37.47 31.40 26.33
N ASP V 172 38.58 30.65 26.34
CA ASP V 172 39.81 31.09 25.69
C ASP V 172 40.14 30.34 24.42
N HIS V 173 39.50 29.20 24.21
CA HIS V 173 39.79 28.31 23.12
C HIS V 173 38.55 27.50 22.77
N ILE V 174 38.56 26.98 21.55
CA ILE V 174 37.63 25.98 21.05
C ILE V 174 38.46 24.75 20.69
N ILE V 175 38.08 23.59 21.22
CA ILE V 175 38.84 22.37 21.02
C ILE V 175 38.60 21.74 19.66
N THR V 176 39.65 21.12 19.11
CA THR V 176 39.58 20.36 17.86
C THR V 176 40.45 19.05 17.95
N LEU W 1 31.29 -32.74 -35.41
CA LEU W 1 31.94 -33.99 -35.75
C LEU W 1 32.13 -34.81 -34.49
N THR W 2 31.37 -34.51 -33.43
CA THR W 2 31.38 -35.48 -32.33
C THR W 2 30.95 -36.84 -32.85
N ASP W 3 30.26 -36.88 -34.01
CA ASP W 3 29.84 -38.08 -34.76
C ASP W 3 30.92 -38.57 -35.77
N SER W 4 32.15 -38.38 -35.28
CA SER W 4 33.25 -39.29 -35.53
C SER W 4 33.03 -40.60 -34.80
N VAL W 5 32.01 -40.66 -33.93
CA VAL W 5 31.64 -41.93 -33.29
C VAL W 5 31.21 -42.95 -34.33
N TYR W 6 30.49 -42.49 -35.35
CA TYR W 6 30.08 -43.38 -36.42
C TYR W 6 31.29 -43.99 -37.16
N GLU W 7 32.42 -43.27 -37.22
CA GLU W 7 33.60 -43.82 -37.90
C GLU W 7 34.31 -44.88 -37.03
N ARG W 8 34.44 -44.61 -35.73
CA ARG W 8 35.01 -45.58 -34.80
C ARG W 8 34.22 -46.90 -34.85
N LEU W 9 32.89 -46.81 -35.03
CA LEU W 9 31.98 -47.94 -35.17
C LEU W 9 31.94 -48.54 -36.56
N LEU W 10 32.39 -47.81 -37.59
CA LEU W 10 32.47 -48.44 -38.90
C LEU W 10 33.57 -49.50 -38.95
N SER W 11 34.69 -49.29 -38.24
CA SER W 11 35.78 -50.28 -38.20
C SER W 11 35.31 -51.58 -37.59
N GLU W 12 34.26 -51.52 -36.80
CA GLU W 12 33.60 -52.68 -36.25
C GLU W 12 32.44 -53.17 -37.13
N ARG W 13 32.27 -52.62 -38.31
CA ARG W 13 31.30 -53.16 -39.28
C ARG W 13 29.85 -53.01 -38.81
N ILE W 14 29.59 -51.86 -38.21
CA ILE W 14 28.27 -51.39 -37.78
C ILE W 14 27.93 -50.13 -38.56
N ILE W 15 26.71 -50.06 -39.09
CA ILE W 15 26.25 -48.85 -39.73
C ILE W 15 24.81 -48.60 -39.31
N PHE W 16 24.43 -47.33 -39.27
CA PHE W 16 23.10 -46.93 -38.82
C PHE W 16 22.28 -46.33 -39.95
N LEU W 17 20.98 -46.68 -39.95
CA LEU W 17 19.91 -46.04 -40.73
C LEU W 17 19.03 -45.38 -39.68
N GLY W 18 19.41 -44.19 -39.29
CA GLY W 18 18.84 -43.67 -38.06
C GLY W 18 17.87 -42.58 -38.24
N SER W 19 17.64 -42.19 -39.49
CA SER W 19 16.77 -41.09 -39.88
C SER W 19 15.80 -41.54 -40.96
N GLU W 20 15.10 -40.62 -41.58
CA GLU W 20 14.35 -40.90 -42.80
C GLU W 20 15.28 -41.39 -43.92
N VAL W 21 14.70 -42.16 -44.84
CA VAL W 21 15.38 -42.74 -45.99
C VAL W 21 15.20 -41.81 -47.18
N ASN W 22 16.26 -41.12 -47.57
CA ASN W 22 16.31 -40.26 -48.75
C ASN W 22 17.54 -40.61 -49.57
N ASP W 23 17.72 -39.90 -50.68
CA ASP W 23 18.80 -40.33 -51.56
C ASP W 23 20.13 -40.21 -50.85
N GLU W 24 20.28 -39.20 -50.00
CA GLU W 24 21.58 -38.88 -49.42
C GLU W 24 21.97 -39.95 -48.40
N ILE W 25 21.02 -40.31 -47.53
CA ILE W 25 21.27 -41.37 -46.56
C ILE W 25 21.43 -42.71 -47.24
N ALA W 26 20.74 -42.92 -48.38
CA ALA W 26 20.92 -44.11 -49.21
C ALA W 26 22.29 -44.10 -49.89
N ASN W 27 22.71 -42.99 -50.43
CA ASN W 27 24.03 -43.03 -51.02
C ASN W 27 25.09 -43.17 -49.92
N ARG W 28 24.96 -42.39 -48.83
CA ARG W 28 25.96 -42.45 -47.75
C ARG W 28 25.99 -43.86 -47.22
N LEU W 29 24.86 -44.56 -47.33
CA LEU W 29 24.78 -45.93 -46.83
C LEU W 29 25.22 -47.04 -47.77
N CYS W 30 24.81 -47.00 -49.04
CA CYS W 30 25.29 -47.92 -50.05
C CYS W 30 26.81 -47.78 -50.21
N ALA W 31 27.32 -46.55 -50.26
CA ALA W 31 28.76 -46.41 -50.30
C ALA W 31 29.37 -47.21 -49.17
N GLN W 32 28.84 -47.07 -47.95
CA GLN W 32 29.50 -47.72 -46.80
C GLN W 32 29.53 -49.22 -46.96
N ILE W 33 28.46 -49.80 -47.50
CA ILE W 33 28.41 -51.24 -47.69
C ILE W 33 29.37 -51.69 -48.79
N LEU W 34 29.50 -50.91 -49.88
CA LEU W 34 30.50 -51.24 -50.90
C LEU W 34 31.90 -51.27 -50.28
N LEU W 35 32.29 -50.18 -49.61
CA LEU W 35 33.55 -50.17 -48.89
C LEU W 35 33.67 -51.41 -48.02
N LEU W 36 32.68 -51.66 -47.13
CA LEU W 36 32.92 -52.72 -46.14
C LEU W 36 33.00 -54.13 -46.74
N ALA W 37 32.41 -54.36 -47.92
CA ALA W 37 32.55 -55.62 -48.62
C ALA W 37 33.91 -55.70 -49.26
N ALA W 38 34.43 -54.55 -49.68
CA ALA W 38 35.77 -54.51 -50.26
C ALA W 38 36.83 -54.83 -49.23
N GLU W 39 36.70 -54.35 -47.99
CA GLU W 39 37.71 -54.63 -46.97
C GLU W 39 37.80 -56.11 -46.62
N ASP W 40 36.65 -56.73 -46.37
CA ASP W 40 36.49 -58.11 -45.97
C ASP W 40 35.19 -58.61 -46.54
N ALA W 41 35.22 -59.59 -47.44
CA ALA W 41 33.99 -60.00 -48.10
C ALA W 41 33.36 -61.23 -47.45
N SER W 42 33.77 -61.55 -46.23
CA SER W 42 33.18 -62.67 -45.49
C SER W 42 32.61 -62.30 -44.13
N LYS W 43 33.00 -61.17 -43.54
CA LYS W 43 32.52 -60.79 -42.21
C LYS W 43 31.22 -60.03 -42.39
N ASP W 44 30.32 -60.20 -41.45
CA ASP W 44 29.02 -59.60 -41.55
C ASP W 44 29.08 -58.07 -41.40
N ILE W 45 27.98 -57.46 -41.81
CA ILE W 45 27.66 -56.07 -41.54
C ILE W 45 26.44 -56.01 -40.62
N SER W 46 26.54 -55.20 -39.57
CA SER W 46 25.46 -54.98 -38.61
C SER W 46 24.81 -53.64 -38.96
N LEU W 47 23.51 -53.65 -39.25
CA LEU W 47 22.75 -52.49 -39.68
C LEU W 47 21.63 -52.18 -38.72
N TYR W 48 21.82 -51.18 -37.88
CA TYR W 48 20.82 -50.81 -36.91
C TYR W 48 19.87 -49.82 -37.55
N ILE W 49 18.60 -49.89 -37.14
CA ILE W 49 17.51 -49.12 -37.73
C ILE W 49 16.71 -48.46 -36.62
N ASN W 50 16.58 -47.14 -36.68
CA ASN W 50 15.60 -46.33 -35.89
C ASN W 50 15.18 -45.29 -36.93
N SER W 51 14.30 -45.67 -37.84
CA SER W 51 13.99 -44.89 -39.02
C SER W 51 12.48 -44.82 -39.19
N PRO W 52 11.90 -43.68 -39.55
CA PRO W 52 10.45 -43.59 -39.75
C PRO W 52 10.04 -43.97 -41.17
N GLY W 53 10.95 -44.11 -42.13
CA GLY W 53 10.51 -44.37 -43.51
C GLY W 53 11.11 -43.40 -44.53
N GLY W 54 10.61 -43.28 -45.77
CA GLY W 54 11.30 -42.46 -46.78
C GLY W 54 11.04 -42.98 -48.18
N SER W 55 11.86 -42.56 -49.16
CA SER W 55 11.44 -42.81 -50.54
C SER W 55 11.77 -44.26 -50.87
N ILE W 56 10.92 -44.89 -51.68
CA ILE W 56 11.15 -46.26 -52.13
C ILE W 56 12.37 -46.32 -53.05
N SER W 57 12.58 -45.31 -53.91
CA SER W 57 13.72 -45.39 -54.82
C SER W 57 15.04 -45.41 -54.03
N ALA W 58 15.26 -44.42 -53.18
CA ALA W 58 16.44 -44.50 -52.30
C ALA W 58 16.43 -45.73 -51.41
N GLY W 59 15.27 -46.14 -50.90
CA GLY W 59 15.29 -47.39 -50.16
C GLY W 59 15.58 -48.64 -51.01
N MET W 60 15.26 -48.63 -52.31
CA MET W 60 15.60 -49.80 -53.15
C MET W 60 17.06 -49.83 -53.56
N ALA W 61 17.70 -48.67 -53.57
CA ALA W 61 19.15 -48.67 -53.70
C ALA W 61 19.76 -49.43 -52.55
N ILE W 62 19.36 -49.12 -51.32
CA ILE W 62 19.94 -49.81 -50.17
C ILE W 62 19.66 -51.31 -50.27
N TYR W 63 18.42 -51.67 -50.59
CA TYR W 63 18.03 -53.07 -50.54
C TYR W 63 18.86 -53.91 -51.51
N ASP W 64 19.02 -53.47 -52.76
CA ASP W 64 19.87 -54.17 -53.72
C ASP W 64 21.31 -54.28 -53.19
N THR W 65 21.80 -53.20 -52.61
CA THR W 65 23.17 -53.22 -52.14
C THR W 65 23.32 -54.15 -50.94
N MET W 66 22.31 -54.23 -50.06
CA MET W 66 22.37 -55.26 -49.00
C MET W 66 22.43 -56.63 -49.62
N VAL W 67 21.55 -56.87 -50.59
CA VAL W 67 21.38 -58.20 -51.16
C VAL W 67 22.59 -58.61 -52.00
N LEU W 68 23.16 -57.70 -52.76
CA LEU W 68 24.28 -58.08 -53.60
C LEU W 68 25.56 -58.24 -52.80
N ALA W 69 25.59 -57.76 -51.57
CA ALA W 69 26.81 -57.82 -50.78
C ALA W 69 27.32 -59.26 -50.68
N PRO W 70 28.63 -59.42 -50.65
CA PRO W 70 29.18 -60.78 -50.50
C PRO W 70 28.83 -61.34 -49.13
N CYS W 71 28.96 -60.47 -48.12
CA CYS W 71 28.78 -60.77 -46.71
C CYS W 71 27.32 -60.69 -46.36
N ASP W 72 26.98 -61.16 -45.15
CA ASP W 72 25.62 -60.99 -44.65
C ASP W 72 25.42 -59.63 -43.99
N ILE W 73 24.14 -59.23 -43.96
CA ILE W 73 23.71 -58.04 -43.28
C ILE W 73 22.85 -58.51 -42.13
N ALA W 74 23.35 -58.31 -40.92
CA ALA W 74 22.53 -58.40 -39.72
C ALA W 74 21.76 -57.08 -39.58
N THR W 75 20.46 -57.14 -39.36
CA THR W 75 19.65 -55.92 -39.26
C THR W 75 19.04 -55.84 -37.88
N TYR W 76 19.11 -54.69 -37.24
CA TYR W 76 18.60 -54.55 -35.87
C TYR W 76 17.56 -53.42 -35.76
N ALA W 77 16.41 -53.70 -35.15
CA ALA W 77 15.37 -52.69 -35.00
C ALA W 77 15.53 -52.07 -33.63
N MET W 78 15.98 -50.82 -33.62
CA MET W 78 16.39 -50.13 -32.42
C MET W 78 15.36 -49.07 -32.17
N GLY W 79 14.48 -49.34 -31.26
CA GLY W 79 13.51 -48.31 -31.04
C GLY W 79 12.37 -48.28 -32.03
N MET W 80 12.53 -47.78 -33.24
CA MET W 80 11.40 -47.86 -34.16
C MET W 80 11.81 -48.07 -35.60
N ALA W 81 11.15 -49.02 -36.27
CA ALA W 81 11.51 -49.36 -37.65
C ALA W 81 10.27 -49.48 -38.51
N ALA W 82 10.00 -48.43 -39.29
CA ALA W 82 8.72 -48.19 -39.95
C ALA W 82 8.87 -48.00 -41.46
N SER W 83 7.83 -48.40 -42.21
CA SER W 83 7.70 -48.13 -43.64
C SER W 83 8.88 -48.74 -44.34
N MET W 84 9.72 -47.99 -45.05
CA MET W 84 10.88 -48.61 -45.63
C MET W 84 11.78 -49.17 -44.55
N GLY W 85 11.66 -48.66 -43.33
CA GLY W 85 12.52 -49.11 -42.25
C GLY W 85 12.26 -50.56 -41.91
N GLU W 86 10.97 -50.92 -41.84
CA GLU W 86 10.56 -52.32 -41.69
C GLU W 86 10.95 -53.18 -42.90
N PHE W 87 10.76 -52.68 -44.11
CA PHE W 87 11.13 -53.41 -45.31
C PHE W 87 12.64 -53.73 -45.31
N LEU W 88 13.49 -52.75 -44.97
CA LEU W 88 14.95 -53.01 -44.93
C LEU W 88 15.28 -53.89 -43.74
N LEU W 89 14.48 -53.80 -42.67
CA LEU W 89 14.73 -54.63 -41.50
C LEU W 89 14.45 -56.07 -41.83
N ALA W 90 13.29 -56.32 -42.40
CA ALA W 90 12.89 -57.65 -42.80
C ALA W 90 13.71 -58.20 -43.96
N ALA W 91 14.38 -57.33 -44.75
CA ALA W 91 15.21 -57.73 -45.89
C ALA W 91 16.58 -58.16 -45.45
N GLY W 92 16.90 -58.00 -44.20
CA GLY W 92 18.18 -58.49 -43.76
C GLY W 92 18.36 -59.98 -44.00
N THR W 93 19.63 -60.36 -43.93
CA THR W 93 19.99 -61.77 -44.07
C THR W 93 19.14 -62.64 -43.14
N LYS W 94 18.51 -63.66 -43.73
CA LYS W 94 17.61 -64.49 -42.97
C LYS W 94 18.39 -65.14 -41.85
N GLY W 95 17.85 -65.07 -40.63
CA GLY W 95 18.51 -65.56 -39.43
C GLY W 95 19.22 -64.53 -38.58
N LYS W 96 19.53 -63.37 -39.15
CA LYS W 96 20.26 -62.32 -38.47
C LYS W 96 19.45 -61.04 -38.49
N ARG W 97 18.12 -61.17 -38.41
CA ARG W 97 17.19 -60.05 -38.30
C ARG W 97 16.70 -59.99 -36.86
N TYR W 98 17.07 -58.92 -36.16
CA TYR W 98 16.78 -58.84 -34.74
C TYR W 98 15.88 -57.63 -34.41
N ALA W 99 15.22 -57.74 -33.29
CA ALA W 99 14.45 -56.66 -32.73
C ALA W 99 14.89 -56.52 -31.28
N LEU W 100 15.24 -55.30 -30.84
CA LEU W 100 15.43 -55.02 -29.42
C LEU W 100 14.05 -55.12 -28.78
N PRO W 101 13.98 -55.29 -27.47
CA PRO W 101 12.71 -55.78 -26.89
C PRO W 101 11.55 -54.78 -26.93
N HIS W 102 11.86 -53.51 -26.78
CA HIS W 102 10.83 -52.50 -26.78
C HIS W 102 10.83 -51.73 -28.08
N ALA W 103 11.40 -52.33 -29.13
CA ALA W 103 11.32 -51.79 -30.49
C ALA W 103 9.92 -51.95 -31.02
N ARG W 104 9.60 -51.26 -32.11
CA ARG W 104 8.26 -51.35 -32.62
C ARG W 104 8.40 -51.22 -34.13
N ILE W 105 7.60 -51.95 -34.88
CA ILE W 105 7.65 -51.96 -36.35
C ILE W 105 6.30 -51.56 -36.91
N LEU W 106 6.31 -50.74 -37.94
CA LEU W 106 5.12 -50.37 -38.68
C LEU W 106 5.13 -50.81 -40.15
N MET W 107 4.04 -51.40 -40.62
CA MET W 107 3.98 -51.63 -42.04
C MET W 107 2.67 -51.00 -42.53
N HIS W 108 2.72 -50.37 -43.72
CA HIS W 108 1.57 -49.83 -44.47
C HIS W 108 1.82 -49.82 -45.95
N GLN W 109 0.84 -49.41 -46.70
CA GLN W 109 1.02 -49.20 -48.12
C GLN W 109 1.72 -47.89 -48.44
N PRO W 110 2.19 -47.73 -49.66
CA PRO W 110 2.85 -46.48 -50.06
C PRO W 110 1.84 -45.33 -50.07
N LEU W 111 2.42 -44.10 -49.93
CA LEU W 111 1.79 -42.78 -50.07
C LEU W 111 2.49 -42.02 -51.17
N GLY W 112 1.76 -41.11 -51.76
CA GLY W 112 2.40 -40.35 -52.80
C GLY W 112 1.57 -39.19 -53.21
N GLY W 113 1.77 -38.70 -54.43
CA GLY W 113 0.99 -37.58 -54.91
C GLY W 113 0.72 -37.72 -56.39
N VAL W 114 -0.37 -37.09 -56.85
CA VAL W 114 -0.61 -37.00 -58.28
C VAL W 114 -0.76 -35.54 -58.65
N THR W 115 -0.38 -35.21 -59.88
CA THR W 115 -0.39 -33.84 -60.38
C THR W 115 -0.28 -33.92 -61.89
N GLY W 116 -0.77 -32.88 -62.56
CA GLY W 116 -0.58 -32.75 -63.99
C GLY W 116 -1.86 -32.99 -64.76
N SER W 117 -1.69 -33.22 -66.05
CA SER W 117 -2.82 -33.41 -66.92
C SER W 117 -3.38 -34.77 -66.63
N ALA W 118 -4.60 -35.02 -67.08
CA ALA W 118 -5.19 -36.33 -66.77
C ALA W 118 -4.46 -37.48 -67.42
N ALA W 119 -3.81 -37.22 -68.56
CA ALA W 119 -3.05 -38.26 -69.23
C ALA W 119 -1.72 -38.55 -68.54
N ASP W 120 -1.10 -37.51 -67.95
CA ASP W 120 0.10 -37.67 -67.13
C ASP W 120 -0.21 -38.43 -65.83
N ILE W 121 -1.44 -38.23 -65.32
CA ILE W 121 -1.94 -38.79 -64.07
C ILE W 121 -2.21 -40.26 -64.20
N ALA W 122 -2.66 -40.65 -65.36
CA ALA W 122 -2.82 -42.06 -65.61
C ALA W 122 -1.52 -42.80 -65.44
N ILE W 123 -0.40 -42.22 -65.93
CA ILE W 123 0.85 -42.95 -65.86
C ILE W 123 1.29 -43.08 -64.41
N GLN W 124 1.13 -42.01 -63.66
CA GLN W 124 1.50 -42.08 -62.25
C GLN W 124 0.74 -43.18 -61.55
N ALA W 125 -0.55 -43.27 -61.82
CA ALA W 125 -1.36 -44.31 -61.20
C ALA W 125 -1.02 -45.69 -61.72
N GLU W 126 -0.56 -45.80 -62.97
CA GLU W 126 -0.03 -47.07 -63.46
C GLU W 126 1.05 -47.58 -62.51
N GLN W 127 2.00 -46.69 -62.16
CA GLN W 127 3.13 -47.07 -61.31
C GLN W 127 2.69 -47.30 -59.89
N PHE W 128 1.70 -46.53 -59.40
CA PHE W 128 1.21 -46.82 -58.05
C PHE W 128 0.80 -48.27 -57.94
N ALA W 129 0.07 -48.77 -58.91
CA ALA W 129 -0.32 -50.17 -58.79
C ALA W 129 0.91 -51.06 -58.86
N VAL W 130 1.78 -50.80 -59.81
CA VAL W 130 2.95 -51.64 -59.91
C VAL W 130 3.69 -51.63 -58.58
N ILE W 131 4.03 -50.44 -58.09
CA ILE W 131 4.92 -50.35 -56.95
C ILE W 131 4.30 -51.05 -55.75
N LYS W 132 3.01 -50.85 -55.52
CA LYS W 132 2.30 -51.46 -54.40
C LYS W 132 2.30 -52.99 -54.47
N LYS W 133 2.16 -53.55 -55.69
CA LYS W 133 2.19 -55.01 -55.86
C LYS W 133 3.59 -55.55 -55.61
N GLU W 134 4.61 -54.84 -56.08
CA GLU W 134 5.99 -55.27 -55.93
C GLU W 134 6.41 -55.18 -54.48
N MET W 135 5.91 -54.18 -53.75
CA MET W 135 6.33 -54.06 -52.35
C MET W 135 5.68 -55.13 -51.47
N PHE W 136 4.46 -55.54 -51.77
CA PHE W 136 3.85 -56.61 -50.98
C PHE W 136 4.47 -57.98 -51.33
N ARG W 137 4.71 -58.26 -52.60
CA ARG W 137 5.36 -59.51 -52.95
C ARG W 137 6.62 -59.67 -52.14
N LEU W 138 7.36 -58.58 -52.01
CA LEU W 138 8.61 -58.63 -51.28
C LEU W 138 8.37 -58.68 -49.77
N ASN W 139 7.44 -57.88 -49.23
CA ASN W 139 7.13 -58.05 -47.81
C ASN W 139 6.66 -59.46 -47.50
N ALA W 140 5.91 -60.05 -48.41
CA ALA W 140 5.44 -61.38 -48.19
C ALA W 140 6.58 -62.35 -48.27
N GLU W 141 7.54 -62.09 -49.13
CA GLU W 141 8.70 -62.95 -49.21
C GLU W 141 9.54 -62.86 -47.95
N PHE W 142 9.75 -61.65 -47.43
CA PHE W 142 10.58 -61.47 -46.22
C PHE W 142 9.93 -62.11 -44.98
N THR W 143 8.59 -62.00 -44.85
CA THR W 143 7.92 -62.41 -43.62
C THR W 143 7.37 -63.82 -43.67
N GLY W 144 7.09 -64.29 -44.86
CA GLY W 144 6.49 -65.59 -45.00
C GLY W 144 4.99 -65.62 -44.99
N GLN W 145 4.33 -64.50 -44.85
CA GLN W 145 2.90 -64.47 -44.94
C GLN W 145 2.39 -64.50 -46.37
N PRO W 146 1.12 -64.81 -46.56
CA PRO W 146 0.60 -64.84 -47.92
C PRO W 146 0.43 -63.42 -48.45
N ILE W 147 0.63 -63.26 -49.77
CA ILE W 147 0.57 -61.91 -50.32
C ILE W 147 -0.76 -61.30 -49.89
N GLU W 148 -1.79 -62.14 -49.74
CA GLU W 148 -3.11 -61.59 -49.43
C GLU W 148 -3.22 -60.93 -48.08
N ARG W 149 -2.53 -61.43 -47.06
CA ARG W 149 -2.60 -60.82 -45.75
C ARG W 149 -1.70 -59.58 -45.71
N ILE W 150 -0.60 -59.60 -46.45
CA ILE W 150 0.20 -58.38 -46.53
C ILE W 150 -0.67 -57.24 -47.06
N GLU W 151 -1.40 -57.48 -48.15
CA GLU W 151 -2.15 -56.35 -48.68
C GLU W 151 -3.17 -55.88 -47.67
N ALA W 152 -3.79 -56.82 -46.99
CA ALA W 152 -4.88 -56.51 -46.07
C ALA W 152 -4.39 -55.80 -44.82
N ASP W 153 -3.28 -56.25 -44.24
CA ASP W 153 -2.83 -55.53 -43.07
C ASP W 153 -2.31 -54.15 -43.50
N SER W 154 -1.77 -54.04 -44.73
CA SER W 154 -1.12 -52.80 -45.18
C SER W 154 -2.12 -51.72 -45.62
N ASP W 155 -3.42 -52.01 -45.63
CA ASP W 155 -4.34 -51.00 -46.06
C ASP W 155 -4.14 -49.70 -45.27
N ARG W 156 -4.02 -49.81 -43.93
CA ARG W 156 -3.80 -48.68 -43.03
C ARG W 156 -2.69 -49.04 -42.06
N ASP W 157 -2.09 -48.03 -41.43
CA ASP W 157 -0.88 -48.26 -40.63
C ASP W 157 -1.14 -49.42 -39.67
N ARG W 158 -0.30 -50.45 -39.70
CA ARG W 158 -0.41 -51.54 -38.75
C ARG W 158 0.83 -51.62 -37.86
N TRP W 159 0.61 -51.49 -36.55
CA TRP W 159 1.72 -51.51 -35.61
C TRP W 159 1.96 -52.89 -34.99
N PHE W 160 3.24 -53.25 -34.81
CA PHE W 160 3.66 -54.52 -34.23
C PHE W 160 4.58 -54.22 -33.09
N THR W 161 4.41 -54.93 -31.98
CA THR W 161 5.42 -54.96 -30.94
C THR W 161 6.54 -55.90 -31.36
N ALA W 162 7.73 -55.71 -30.75
CA ALA W 162 8.87 -56.59 -31.04
C ALA W 162 8.45 -58.06 -31.03
N ALA W 163 7.61 -58.40 -30.08
CA ALA W 163 7.12 -59.74 -29.96
C ALA W 163 6.18 -60.11 -31.11
N GLU W 164 5.27 -59.21 -31.48
CA GLU W 164 4.35 -59.53 -32.57
C GLU W 164 5.11 -59.57 -33.89
N ALA W 165 6.19 -58.73 -33.99
CA ALA W 165 7.01 -58.66 -35.20
C ALA W 165 7.74 -59.95 -35.40
N LEU W 166 8.07 -60.63 -34.30
CA LEU W 166 8.69 -61.94 -34.43
C LEU W 166 7.68 -62.95 -34.92
N GLU W 167 6.44 -62.94 -34.35
CA GLU W 167 5.42 -63.96 -34.68
C GLU W 167 5.01 -63.82 -36.11
N TYR W 168 5.12 -62.58 -36.65
CA TYR W 168 4.69 -62.28 -38.00
C TYR W 168 5.74 -62.62 -39.00
N GLY W 169 7.00 -62.48 -38.61
CA GLY W 169 8.10 -62.81 -39.48
C GLY W 169 9.00 -61.66 -39.82
N PHE W 170 8.78 -60.46 -39.34
CA PHE W 170 9.73 -59.44 -39.76
C PHE W 170 11.13 -59.78 -39.28
N VAL W 171 11.24 -60.27 -38.04
CA VAL W 171 12.53 -60.60 -37.43
C VAL W 171 12.57 -62.08 -37.07
N ASP W 172 13.79 -62.50 -36.76
CA ASP W 172 14.02 -63.87 -36.41
C ASP W 172 14.33 -64.05 -34.93
N HIS W 173 14.71 -62.99 -34.23
CA HIS W 173 15.13 -63.11 -32.83
C HIS W 173 14.82 -61.82 -32.10
N ILE W 174 14.70 -61.87 -30.79
CA ILE W 174 14.62 -60.66 -29.96
C ILE W 174 15.83 -60.60 -29.06
N ILE W 175 16.64 -59.55 -29.19
CA ILE W 175 17.83 -59.56 -28.36
C ILE W 175 17.42 -59.35 -26.91
N THR W 176 18.21 -59.94 -26.00
CA THR W 176 17.89 -59.90 -24.57
C THR W 176 19.12 -59.66 -23.69
N LEU X 1 19.91 -7.66 53.00
CA LEU X 1 20.72 -8.85 52.76
C LEU X 1 20.91 -9.66 54.07
N THR X 2 20.14 -9.35 55.12
CA THR X 2 20.14 -10.28 56.23
C THR X 2 19.61 -11.62 55.74
N ASP X 3 18.95 -11.63 54.56
CA ASP X 3 18.49 -12.82 53.84
C ASP X 3 19.52 -13.29 52.76
N SER X 4 20.81 -13.10 53.10
CA SER X 4 21.95 -14.00 52.94
C SER X 4 21.74 -15.26 53.74
N VAL X 5 20.65 -15.34 54.50
CA VAL X 5 20.27 -16.60 55.15
C VAL X 5 19.84 -17.61 54.12
N TYR X 6 19.08 -17.15 53.12
CA TYR X 6 18.63 -18.02 52.05
C TYR X 6 19.80 -18.63 51.30
N GLU X 7 20.95 -17.95 51.27
CA GLU X 7 22.14 -18.52 50.62
C GLU X 7 22.85 -19.59 51.46
N ARG X 8 23.01 -19.40 52.79
CA ARG X 8 23.58 -20.44 53.66
C ARG X 8 22.73 -21.74 53.60
N LEU X 9 21.43 -21.60 53.42
CA LEU X 9 20.53 -22.73 53.24
C LEU X 9 20.53 -23.30 51.85
N LEU X 10 20.85 -22.50 50.84
CA LEU X 10 20.99 -23.09 49.50
C LEU X 10 22.06 -24.15 49.50
N SER X 11 23.11 -23.94 50.31
CA SER X 11 24.20 -24.91 50.42
C SER X 11 23.75 -26.26 50.97
N GLU X 12 22.68 -26.26 51.76
CA GLU X 12 22.14 -27.45 52.36
C GLU X 12 21.03 -28.04 51.47
N ARG X 13 20.81 -27.47 50.27
CA ARG X 13 19.87 -27.97 49.28
C ARG X 13 18.40 -27.81 49.70
N ILE X 14 18.13 -26.63 50.25
CA ILE X 14 16.83 -26.13 50.70
C ILE X 14 16.55 -24.86 49.90
N ILE X 15 15.34 -24.74 49.33
CA ILE X 15 14.89 -23.50 48.70
C ILE X 15 13.48 -23.28 49.22
N PHE X 16 13.05 -22.02 49.31
CA PHE X 16 11.75 -21.63 49.85
C PHE X 16 10.86 -21.02 48.78
N LEU X 17 9.57 -21.31 48.83
CA LEU X 17 8.54 -20.59 48.08
C LEU X 17 7.65 -19.94 49.12
N GLY X 18 8.05 -18.79 49.62
CA GLY X 18 7.32 -18.23 50.73
C GLY X 18 6.39 -17.12 50.37
N SER X 19 6.24 -16.79 49.10
CA SER X 19 5.41 -15.64 48.78
C SER X 19 4.40 -15.96 47.69
N GLU X 20 3.72 -14.95 47.15
CA GLU X 20 2.87 -15.21 46.00
C GLU X 20 3.72 -15.71 44.83
N VAL X 21 3.12 -16.51 43.98
CA VAL X 21 3.82 -17.12 42.86
C VAL X 21 3.71 -16.15 41.69
N ASN X 22 4.76 -15.39 41.42
CA ASN X 22 4.74 -14.52 40.25
C ASN X 22 5.88 -14.93 39.36
N ASP X 23 6.01 -14.24 38.22
CA ASP X 23 7.03 -14.67 37.29
C ASP X 23 8.38 -14.56 37.94
N GLU X 24 8.55 -13.57 38.83
CA GLU X 24 9.85 -13.29 39.41
C GLU X 24 10.26 -14.37 40.39
N ILE X 25 9.35 -14.73 41.30
CA ILE X 25 9.70 -15.82 42.17
C ILE X 25 9.82 -17.11 41.38
N ALA X 26 9.02 -17.27 40.33
CA ALA X 26 9.15 -18.49 39.55
C ALA X 26 10.50 -18.56 38.86
N ASN X 27 10.94 -17.46 38.31
CA ASN X 27 12.21 -17.49 37.62
C ASN X 27 13.37 -17.65 38.61
N ARG X 28 13.32 -16.97 39.77
CA ARG X 28 14.37 -17.20 40.77
C ARG X 28 14.36 -18.66 41.19
N LEU X 29 13.16 -19.27 41.24
CA LEU X 29 13.03 -20.63 41.77
C LEU X 29 13.44 -21.71 40.77
N CYS X 30 13.06 -21.51 39.52
CA CYS X 30 13.51 -22.36 38.42
C CYS X 30 15.01 -22.28 38.27
N ALA X 31 15.55 -21.07 38.34
CA ALA X 31 17.00 -20.91 38.35
C ALA X 31 17.64 -21.72 39.47
N GLN X 32 17.10 -21.62 40.66
CA GLN X 32 17.69 -22.37 41.75
C GLN X 32 17.65 -23.88 41.48
N ILE X 33 16.52 -24.40 41.00
CA ILE X 33 16.52 -25.85 40.84
C ILE X 33 17.47 -26.32 39.75
N LEU X 34 17.70 -25.49 38.71
CA LEU X 34 18.70 -25.77 37.66
C LEU X 34 20.11 -25.82 38.24
N LEU X 35 20.48 -24.76 38.97
CA LEU X 35 21.78 -24.72 39.63
C LEU X 35 22.00 -25.95 40.50
N LEU X 36 21.05 -26.25 41.39
CA LEU X 36 21.23 -27.38 42.32
C LEU X 36 21.22 -28.76 41.65
N ALA X 37 20.64 -28.87 40.44
CA ALA X 37 20.73 -30.10 39.66
C ALA X 37 22.10 -30.25 38.98
N ALA X 38 22.76 -29.15 38.64
CA ALA X 38 24.12 -29.27 38.11
C ALA X 38 25.18 -29.57 39.18
N GLU X 39 25.14 -28.94 40.35
CA GLU X 39 26.20 -29.23 41.31
C GLU X 39 26.21 -30.71 41.66
N ASP X 40 25.05 -31.24 41.98
CA ASP X 40 24.86 -32.63 42.37
C ASP X 40 23.49 -33.04 41.84
N ALA X 41 23.46 -33.99 40.91
CA ALA X 41 22.22 -34.44 40.27
C ALA X 41 21.66 -35.70 40.93
N SER X 42 22.13 -36.05 42.11
CA SER X 42 21.59 -37.18 42.84
C SER X 42 21.07 -36.81 44.21
N LYS X 43 21.52 -35.70 44.80
CA LYS X 43 21.08 -35.35 46.14
C LYS X 43 19.76 -34.61 46.05
N ASP X 44 18.88 -34.84 47.01
CA ASP X 44 17.54 -34.27 46.91
C ASP X 44 17.61 -32.76 46.94
N ILE X 45 16.51 -32.12 46.54
CA ILE X 45 16.26 -30.70 46.80
C ILE X 45 15.04 -30.57 47.69
N SER X 46 15.14 -29.79 48.76
CA SER X 46 14.00 -29.58 49.64
C SER X 46 13.46 -28.15 49.44
N LEU X 47 12.15 -28.08 49.15
CA LEU X 47 11.38 -26.88 48.82
C LEU X 47 10.29 -26.66 49.86
N TYR X 48 10.46 -25.67 50.72
CA TYR X 48 9.43 -25.36 51.69
C TYR X 48 8.44 -24.36 51.12
N ILE X 49 7.15 -24.53 51.45
CA ILE X 49 6.07 -23.72 50.91
C ILE X 49 5.20 -23.14 52.01
N ASN X 50 5.09 -21.81 52.03
CA ASN X 50 4.17 -21.02 52.88
C ASN X 50 3.65 -19.93 51.94
N SER X 51 2.74 -20.29 51.03
CA SER X 51 2.40 -19.40 49.95
C SER X 51 0.90 -19.34 49.70
N PRO X 52 0.43 -18.14 49.41
CA PRO X 52 -0.98 -17.96 49.09
C PRO X 52 -1.42 -18.25 47.68
N GLY X 53 -0.52 -18.46 46.75
CA GLY X 53 -1.03 -18.78 45.41
C GLY X 53 -0.43 -17.88 44.36
N GLY X 54 -0.92 -17.85 43.12
CA GLY X 54 -0.23 -17.01 42.13
C GLY X 54 -0.58 -17.44 40.71
N SER X 55 0.22 -17.01 39.74
CA SER X 55 -0.19 -17.23 38.36
C SER X 55 0.06 -18.68 37.94
N ILE X 56 -0.78 -19.22 37.07
CA ILE X 56 -0.58 -20.59 36.58
C ILE X 56 0.69 -20.68 35.75
N SER X 57 0.96 -19.68 34.94
CA SER X 57 2.16 -19.77 34.12
C SER X 57 3.41 -19.79 34.98
N ALA X 58 3.52 -18.90 35.96
CA ALA X 58 4.67 -18.95 36.86
C ALA X 58 4.69 -20.25 37.65
N GLY X 59 3.52 -20.75 38.03
CA GLY X 59 3.48 -22.00 38.73
C GLY X 59 3.85 -23.19 37.86
N MET X 60 3.58 -23.13 36.56
CA MET X 60 3.94 -24.23 35.65
C MET X 60 5.40 -24.17 35.20
N ALA X 61 6.04 -23.00 35.25
CA ALA X 61 7.48 -22.90 35.07
C ALA X 61 8.17 -23.67 36.18
N ILE X 62 7.80 -23.39 37.42
CA ILE X 62 8.35 -24.17 38.52
C ILE X 62 7.98 -25.65 38.41
N TYR X 63 6.72 -25.98 38.09
CA TYR X 63 6.28 -27.37 38.10
C TYR X 63 7.03 -28.23 37.07
N ASP X 64 7.14 -27.75 35.84
CA ASP X 64 7.96 -28.47 34.89
C ASP X 64 9.40 -28.58 35.38
N THR X 65 9.93 -27.51 35.98
CA THR X 65 11.32 -27.55 36.42
C THR X 65 11.55 -28.56 37.54
N MET X 66 10.61 -28.67 38.49
CA MET X 66 10.70 -29.71 39.50
C MET X 66 10.74 -31.08 38.86
N VAL X 67 9.85 -31.31 37.90
CA VAL X 67 9.63 -32.64 37.37
C VAL X 67 10.78 -33.11 36.47
N LEU X 68 11.36 -32.21 35.70
CA LEU X 68 12.49 -32.54 34.84
C LEU X 68 13.79 -32.64 35.62
N ALA X 69 13.81 -32.22 36.90
CA ALA X 69 15.06 -32.30 37.65
C ALA X 69 15.53 -33.74 37.73
N PRO X 70 16.84 -33.99 37.61
CA PRO X 70 17.37 -35.35 37.80
C PRO X 70 17.20 -35.86 39.22
N CYS X 71 17.42 -34.98 40.21
CA CYS X 71 17.25 -35.30 41.62
C CYS X 71 15.77 -35.20 41.97
N ASP X 72 15.41 -35.68 43.16
CA ASP X 72 14.05 -35.57 43.65
C ASP X 72 13.78 -34.17 44.26
N ILE X 73 12.52 -33.79 44.33
CA ILE X 73 12.15 -32.56 44.99
C ILE X 73 11.25 -32.95 46.15
N ALA X 74 11.75 -32.83 47.37
CA ALA X 74 10.95 -33.02 48.56
C ALA X 74 10.24 -31.70 48.81
N THR X 75 8.95 -31.76 49.15
CA THR X 75 8.14 -30.57 49.39
C THR X 75 7.63 -30.53 50.83
N TYR X 76 7.66 -29.35 51.46
CA TYR X 76 7.25 -29.21 52.86
C TYR X 76 6.18 -28.14 52.92
N ALA X 77 5.04 -28.43 53.51
CA ALA X 77 4.01 -27.40 53.68
C ALA X 77 4.24 -26.74 55.04
N MET X 78 4.77 -25.53 55.03
CA MET X 78 5.10 -24.82 56.25
C MET X 78 4.04 -23.73 56.46
N GLY X 79 3.23 -23.88 57.50
CA GLY X 79 2.25 -22.84 57.73
C GLY X 79 1.08 -22.83 56.76
N MET X 80 1.23 -22.36 55.54
CA MET X 80 0.10 -22.46 54.62
C MET X 80 0.58 -22.60 53.19
N ALA X 81 0.00 -23.55 52.47
CA ALA X 81 0.28 -23.82 51.05
C ALA X 81 -1.05 -23.87 50.39
N ALA X 82 -1.36 -22.84 49.61
CA ALA X 82 -2.64 -22.61 49.00
C ALA X 82 -2.52 -22.52 47.49
N SER X 83 -3.58 -22.89 46.76
CA SER X 83 -3.71 -22.63 45.31
C SER X 83 -2.53 -23.23 44.54
N MET X 84 -1.76 -22.44 43.80
CA MET X 84 -0.61 -23.05 43.19
C MET X 84 0.37 -23.55 44.22
N GLY X 85 0.35 -22.95 45.41
CA GLY X 85 1.15 -23.47 46.49
C GLY X 85 0.71 -24.89 46.83
N GLU X 86 -0.60 -25.14 46.87
CA GLU X 86 -1.03 -26.52 47.04
C GLU X 86 -0.61 -27.40 45.88
N PHE X 87 -0.80 -26.88 44.68
CA PHE X 87 -0.55 -27.67 43.50
C PHE X 87 0.91 -28.11 43.48
N LEU X 88 1.82 -27.20 43.85
CA LEU X 88 3.25 -27.48 43.84
C LEU X 88 3.70 -28.33 45.02
N LEU X 89 3.02 -28.24 46.16
CA LEU X 89 3.37 -29.14 47.25
C LEU X 89 3.08 -30.55 46.77
N ALA X 90 1.91 -30.72 46.19
CA ALA X 90 1.52 -32.04 45.72
C ALA X 90 2.30 -32.53 44.50
N ALA X 91 2.97 -31.64 43.77
CA ALA X 91 3.71 -32.13 42.61
C ALA X 91 5.06 -32.62 43.01
N GLY X 92 5.41 -32.43 44.27
CA GLY X 92 6.68 -32.95 44.71
C GLY X 92 6.80 -34.45 44.48
N THR X 93 8.03 -34.91 44.58
CA THR X 93 8.30 -36.34 44.45
C THR X 93 7.49 -37.18 45.43
N LYS X 94 6.89 -38.26 44.93
CA LYS X 94 6.08 -39.13 45.76
C LYS X 94 6.94 -39.80 46.84
N GLY X 95 6.43 -39.75 48.07
CA GLY X 95 7.17 -40.18 49.23
C GLY X 95 7.87 -39.05 49.95
N LYS X 96 8.06 -37.93 49.25
CA LYS X 96 8.79 -36.82 49.82
C LYS X 96 7.98 -35.53 49.88
N ARG X 97 6.67 -35.64 50.08
CA ARG X 97 5.76 -34.52 50.28
C ARG X 97 5.25 -34.51 51.73
N TYR X 98 5.58 -33.44 52.45
CA TYR X 98 5.39 -33.35 53.88
C TYR X 98 4.45 -32.19 54.23
N ALA X 99 3.83 -32.32 55.39
CA ALA X 99 3.02 -31.26 55.96
C ALA X 99 3.53 -31.10 57.37
N LEU X 100 3.91 -29.88 57.75
CA LEU X 100 4.18 -29.65 59.16
C LEU X 100 2.85 -29.77 59.87
N PRO X 101 2.87 -30.00 61.16
CA PRO X 101 1.66 -30.49 61.84
C PRO X 101 0.45 -29.54 61.79
N HIS X 102 0.68 -28.24 61.93
CA HIS X 102 -0.39 -27.26 61.91
C HIS X 102 -0.49 -26.49 60.61
N ALA X 103 0.15 -26.95 59.57
CA ALA X 103 -0.02 -26.34 58.27
C ALA X 103 -1.46 -26.50 57.87
N ARG X 104 -1.86 -25.72 56.89
CA ARG X 104 -3.19 -25.84 56.36
C ARG X 104 -3.06 -25.73 54.86
N ILE X 105 -3.83 -26.54 54.16
CA ILE X 105 -3.76 -26.56 52.72
C ILE X 105 -5.12 -26.18 52.16
N LEU X 106 -5.15 -25.34 51.13
CA LEU X 106 -6.39 -24.94 50.47
C LEU X 106 -6.48 -25.33 49.00
N MET X 107 -7.63 -25.84 48.58
CA MET X 107 -7.78 -26.02 47.14
C MET X 107 -9.05 -25.36 46.59
N HIS X 108 -8.90 -24.63 45.49
CA HIS X 108 -10.02 -24.09 44.70
C HIS X 108 -9.66 -24.05 43.21
N GLN X 109 -10.61 -23.59 42.42
CA GLN X 109 -10.46 -23.48 40.97
C GLN X 109 -9.80 -22.16 40.61
N PRO X 110 -9.35 -22.02 39.33
CA PRO X 110 -8.72 -20.77 38.88
C PRO X 110 -9.69 -19.58 38.91
N LEU X 111 -9.10 -18.37 39.12
CA LEU X 111 -9.77 -17.08 39.02
C LEU X 111 -9.12 -16.28 37.90
N GLY X 112 -9.89 -15.35 37.35
CA GLY X 112 -9.30 -14.60 36.28
C GLY X 112 -10.06 -13.36 35.93
N GLY X 113 -9.89 -12.90 34.71
CA GLY X 113 -10.65 -11.75 34.24
C GLY X 113 -10.96 -11.93 32.79
N VAL X 114 -12.04 -11.29 32.34
CA VAL X 114 -12.35 -11.21 30.92
C VAL X 114 -12.52 -9.75 30.57
N THR X 115 -12.11 -9.40 29.35
CA THR X 115 -12.19 -8.04 28.83
C THR X 115 -12.00 -8.06 27.33
N GLY X 116 -12.56 -7.04 26.67
CA GLY X 116 -12.41 -6.84 25.23
C GLY X 116 -13.67 -7.12 24.43
N SER X 117 -13.47 -7.33 23.13
CA SER X 117 -14.59 -7.57 22.24
C SER X 117 -15.14 -8.95 22.53
N ALA X 118 -16.37 -9.13 22.08
CA ALA X 118 -17.02 -10.38 22.38
C ALA X 118 -16.33 -11.52 21.66
N ALA X 119 -15.67 -11.22 20.53
CA ALA X 119 -14.87 -12.25 19.90
C ALA X 119 -13.59 -12.55 20.70
N ASP X 120 -12.94 -11.52 21.27
CA ASP X 120 -11.78 -11.69 22.15
C ASP X 120 -12.18 -12.41 23.45
N ILE X 121 -13.42 -12.16 23.91
CA ILE X 121 -13.88 -12.73 25.18
C ILE X 121 -14.14 -14.18 24.94
N ALA X 122 -14.59 -14.52 23.74
CA ALA X 122 -14.87 -15.90 23.40
C ALA X 122 -13.65 -16.79 23.52
N ILE X 123 -12.49 -16.29 23.06
CA ILE X 123 -11.24 -17.01 23.12
C ILE X 123 -10.75 -17.16 24.55
N GLN X 124 -10.85 -16.08 25.31
CA GLN X 124 -10.35 -16.18 26.67
C GLN X 124 -11.08 -17.31 27.37
N ALA X 125 -12.39 -17.39 27.14
CA ALA X 125 -13.25 -18.34 27.85
C ALA X 125 -12.94 -19.77 27.44
N GLU X 126 -12.64 -19.98 26.15
CA GLU X 126 -12.13 -21.27 25.69
C GLU X 126 -10.95 -21.75 26.51
N GLN X 127 -10.00 -20.84 26.80
CA GLN X 127 -8.83 -21.20 27.60
C GLN X 127 -9.21 -21.39 29.05
N PHE X 128 -10.21 -20.67 29.57
CA PHE X 128 -10.66 -20.97 30.93
C PHE X 128 -11.01 -22.46 31.09
N ALA X 129 -11.76 -23.02 30.12
CA ALA X 129 -12.14 -24.44 30.20
C ALA X 129 -10.93 -25.34 30.11
N VAL X 130 -10.01 -25.05 29.17
CA VAL X 130 -8.79 -25.87 29.00
C VAL X 130 -8.00 -25.88 30.28
N ILE X 131 -7.69 -24.69 30.77
CA ILE X 131 -6.84 -24.59 31.93
C ILE X 131 -7.48 -25.27 33.10
N LYS X 132 -8.79 -25.07 33.25
CA LYS X 132 -9.50 -25.64 34.39
C LYS X 132 -9.45 -27.17 34.34
N LYS X 133 -9.58 -27.77 33.14
CA LYS X 133 -9.56 -29.23 33.00
C LYS X 133 -8.17 -29.79 33.28
N GLU X 134 -7.15 -29.07 32.83
CA GLU X 134 -5.76 -29.47 33.00
C GLU X 134 -5.31 -29.34 34.45
N MET X 135 -5.73 -28.29 35.14
CA MET X 135 -5.28 -28.17 36.53
C MET X 135 -5.99 -29.19 37.39
N PHE X 136 -7.22 -29.54 37.02
CA PHE X 136 -7.93 -30.62 37.69
C PHE X 136 -7.35 -31.98 37.33
N ARG X 137 -7.02 -32.21 36.05
CA ARG X 137 -6.42 -33.49 35.71
C ARG X 137 -5.18 -33.75 36.56
N LEU X 138 -4.33 -32.75 36.69
CA LEU X 138 -3.10 -32.96 37.43
C LEU X 138 -3.36 -33.07 38.92
N ASN X 139 -4.22 -32.23 39.49
CA ASN X 139 -4.52 -32.45 40.90
C ASN X 139 -5.07 -33.84 41.11
N ALA X 140 -5.78 -34.36 40.13
CA ALA X 140 -6.28 -35.70 40.30
C ALA X 140 -5.12 -36.69 40.29
N GLU X 141 -4.13 -36.47 39.45
CA GLU X 141 -3.00 -37.40 39.44
C GLU X 141 -2.15 -37.29 40.70
N PHE X 142 -1.89 -36.07 41.17
CA PHE X 142 -1.01 -35.89 42.31
C PHE X 142 -1.60 -36.54 43.55
N THR X 143 -2.88 -36.36 43.79
CA THR X 143 -3.48 -36.77 45.05
C THR X 143 -4.09 -38.13 45.01
N GLY X 144 -4.40 -38.59 43.79
CA GLY X 144 -5.06 -39.84 43.49
C GLY X 144 -6.56 -39.84 43.47
N GLN X 145 -7.20 -38.73 43.76
CA GLN X 145 -8.66 -38.75 43.74
C GLN X 145 -9.24 -38.70 42.33
N PRO X 146 -10.50 -39.04 42.19
CA PRO X 146 -11.13 -38.91 40.87
C PRO X 146 -11.33 -37.47 40.43
N ILE X 147 -11.17 -37.26 39.12
CA ILE X 147 -11.27 -35.90 38.58
C ILE X 147 -12.59 -35.26 38.97
N GLU X 148 -13.63 -36.07 39.17
CA GLU X 148 -14.95 -35.56 39.54
C GLU X 148 -15.00 -35.03 40.98
N ARG X 149 -14.22 -35.58 41.91
CA ARG X 149 -14.20 -35.05 43.27
C ARG X 149 -13.32 -33.81 43.33
N ILE X 150 -12.23 -33.80 42.55
CA ILE X 150 -11.37 -32.62 42.43
C ILE X 150 -12.18 -31.45 41.92
N GLU X 151 -12.90 -31.64 40.83
CA GLU X 151 -13.72 -30.55 40.32
C GLU X 151 -14.79 -30.11 41.31
N ALA X 152 -15.40 -31.03 42.01
CA ALA X 152 -16.45 -30.61 42.91
C ALA X 152 -15.87 -29.89 44.10
N ASP X 153 -14.81 -30.47 44.67
CA ASP X 153 -14.23 -29.82 45.84
C ASP X 153 -13.64 -28.46 45.46
N SER X 154 -13.16 -28.31 44.23
CA SER X 154 -12.54 -27.03 43.84
C SER X 154 -13.54 -25.93 43.44
N ASP X 155 -14.84 -26.23 43.38
CA ASP X 155 -15.84 -25.22 43.06
C ASP X 155 -15.74 -23.99 43.92
N ARG X 156 -15.60 -24.19 45.24
CA ARG X 156 -15.34 -23.09 46.17
C ARG X 156 -14.24 -23.51 47.13
N ASP X 157 -13.65 -22.54 47.83
CA ASP X 157 -12.49 -22.84 48.67
C ASP X 157 -12.76 -24.03 49.60
N ARG X 158 -11.80 -24.98 49.62
CA ARG X 158 -11.83 -26.14 50.51
C ARG X 158 -10.54 -26.24 51.32
N TRP X 159 -10.67 -26.04 52.63
CA TRP X 159 -9.55 -26.02 53.55
C TRP X 159 -9.39 -27.36 54.27
N PHE X 160 -8.13 -27.77 54.45
CA PHE X 160 -7.70 -29.01 55.06
C PHE X 160 -6.72 -28.73 56.18
N THR X 161 -6.86 -29.39 57.29
CA THR X 161 -5.75 -29.32 58.21
C THR X 161 -4.65 -30.23 57.67
N ALA X 162 -3.44 -30.15 58.25
CA ALA X 162 -2.39 -31.12 57.92
C ALA X 162 -2.94 -32.57 57.91
N ALA X 163 -3.72 -32.94 58.92
CA ALA X 163 -4.26 -34.30 58.97
C ALA X 163 -5.10 -34.61 57.74
N GLU X 164 -6.07 -33.75 57.43
CA GLU X 164 -7.00 -34.03 56.35
C GLU X 164 -6.30 -34.09 55.02
N ALA X 165 -5.21 -33.32 54.85
CA ALA X 165 -4.43 -33.29 53.61
C ALA X 165 -3.71 -34.60 53.36
N LEU X 166 -3.31 -35.29 54.42
CA LEU X 166 -2.71 -36.60 54.25
C LEU X 166 -3.80 -37.60 53.85
N GLU X 167 -4.98 -37.58 54.53
CA GLU X 167 -6.07 -38.54 54.21
C GLU X 167 -6.53 -38.32 52.79
N TYR X 168 -6.40 -37.11 52.30
CA TYR X 168 -6.86 -36.78 50.94
C TYR X 168 -5.89 -37.10 49.81
N GLY X 169 -4.57 -37.01 50.04
CA GLY X 169 -3.54 -37.36 49.07
C GLY X 169 -2.57 -36.25 48.69
N PHE X 170 -2.67 -35.04 49.28
CA PHE X 170 -1.76 -33.94 48.92
C PHE X 170 -0.36 -34.24 49.40
N VAL X 171 -0.23 -34.77 50.62
CA VAL X 171 1.07 -35.02 51.23
C VAL X 171 1.12 -36.50 51.53
N ASP X 172 2.34 -36.97 51.83
CA ASP X 172 2.66 -38.35 52.14
C ASP X 172 3.06 -38.56 53.60
N HIS X 173 3.40 -37.49 54.30
CA HIS X 173 3.86 -37.61 55.68
C HIS X 173 3.50 -36.36 56.48
N ILE X 174 3.46 -36.52 57.79
CA ILE X 174 3.44 -35.37 58.66
C ILE X 174 4.65 -35.48 59.54
N ILE X 175 5.52 -34.46 59.49
CA ILE X 175 6.74 -34.45 60.29
C ILE X 175 6.35 -34.21 61.74
N THR X 176 7.08 -34.82 62.69
CA THR X 176 6.81 -34.64 64.12
C THR X 176 8.06 -34.43 64.99
N ILE Y 2 -19.18 -9.75 -60.63
CA ILE Y 2 -20.42 -8.93 -60.81
C ILE Y 2 -21.76 -9.74 -61.16
N LEU Y 3 -22.78 -9.45 -60.34
CA LEU Y 3 -24.07 -10.16 -60.29
C LEU Y 3 -25.19 -9.16 -60.47
N PRO Y 4 -25.87 -9.16 -61.61
CA PRO Y 4 -26.82 -8.08 -61.89
C PRO Y 4 -28.00 -8.08 -60.93
N SER Y 5 -28.65 -6.94 -60.83
CA SER Y 5 -29.99 -6.83 -60.25
C SER Y 5 -30.99 -6.46 -61.35
N PHE Y 6 -32.26 -6.81 -61.13
CA PHE Y 6 -33.32 -6.62 -62.10
C PHE Y 6 -34.51 -5.95 -61.41
N ILE Y 7 -35.52 -5.62 -62.22
CA ILE Y 7 -36.71 -4.86 -61.83
C ILE Y 7 -37.92 -5.63 -62.32
N GLU Y 8 -38.83 -5.98 -61.42
CA GLU Y 8 -40.07 -6.66 -61.77
C GLU Y 8 -41.19 -5.69 -61.42
N HIS Y 9 -42.33 -5.81 -62.09
CA HIS Y 9 -43.35 -4.77 -61.95
C HIS Y 9 -44.77 -5.31 -61.86
N SER Y 10 -45.56 -4.68 -61.00
CA SER Y 10 -46.98 -4.98 -60.97
C SER Y 10 -47.79 -3.69 -60.72
N SER Y 11 -49.12 -3.81 -60.82
CA SER Y 11 -50.09 -2.76 -60.47
C SER Y 11 -49.94 -2.22 -59.04
N PHE Y 12 -49.15 -2.88 -58.20
CA PHE Y 12 -49.00 -2.39 -56.84
C PHE Y 12 -47.80 -1.47 -56.66
N GLY Y 13 -46.72 -1.73 -57.38
CA GLY Y 13 -45.45 -1.05 -57.12
C GLY Y 13 -44.35 -1.73 -57.90
N VAL Y 14 -43.19 -1.11 -57.89
CA VAL Y 14 -42.01 -1.64 -58.57
C VAL Y 14 -41.02 -2.17 -57.56
N LYS Y 15 -40.54 -3.39 -57.78
CA LYS Y 15 -39.62 -4.08 -56.87
C LYS Y 15 -38.25 -4.32 -57.54
N GLU Y 16 -37.17 -3.88 -56.87
CA GLU Y 16 -35.82 -4.19 -57.30
C GLU Y 16 -35.26 -5.28 -56.40
N SER Y 17 -34.75 -6.34 -57.01
CA SER Y 17 -34.17 -7.41 -56.24
C SER Y 17 -33.07 -8.02 -57.09
N ASN Y 18 -32.37 -9.00 -56.54
CA ASN Y 18 -31.26 -9.59 -57.27
C ASN Y 18 -31.55 -11.08 -57.38
N PRO Y 19 -30.81 -11.83 -58.19
CA PRO Y 19 -31.20 -13.23 -58.48
C PRO Y 19 -31.34 -14.15 -57.27
N TYR Y 20 -30.65 -13.88 -56.15
CA TYR Y 20 -30.81 -14.79 -55.02
C TYR Y 20 -32.06 -14.44 -54.21
N ASN Y 21 -32.47 -13.15 -54.21
CA ASN Y 21 -33.70 -12.73 -53.52
C ASN Y 21 -34.92 -13.31 -54.22
N LYS Y 22 -34.92 -13.27 -55.55
CA LYS Y 22 -36.01 -13.88 -56.30
C LYS Y 22 -36.07 -15.38 -56.03
N LEU Y 23 -34.92 -16.05 -56.02
CA LEU Y 23 -34.91 -17.47 -55.68
C LEU Y 23 -35.43 -17.68 -54.26
N PHE Y 24 -35.06 -16.79 -53.33
CA PHE Y 24 -35.61 -16.92 -51.99
C PHE Y 24 -37.12 -16.66 -52.00
N GLU Y 25 -37.55 -15.71 -52.82
CA GLU Y 25 -38.96 -15.39 -52.98
C GLU Y 25 -39.77 -16.58 -53.46
N GLU Y 26 -39.16 -17.51 -54.21
CA GLU Y 26 -39.85 -18.75 -54.57
C GLU Y 26 -39.48 -19.93 -53.71
N ARG Y 27 -38.99 -19.66 -52.49
CA ARG Y 27 -38.71 -20.65 -51.46
C ARG Y 27 -37.51 -21.51 -51.80
N ILE Y 28 -36.54 -20.96 -52.53
CA ILE Y 28 -35.32 -21.64 -52.90
C ILE Y 28 -34.13 -21.08 -52.10
N ILE Y 29 -33.55 -21.95 -51.33
CA ILE Y 29 -32.38 -21.66 -50.55
C ILE Y 29 -31.22 -22.18 -51.34
N PHE Y 30 -30.13 -21.40 -51.39
CA PHE Y 30 -28.93 -21.81 -52.12
C PHE Y 30 -27.85 -22.21 -51.13
N LEU Y 31 -27.36 -23.42 -51.25
CA LEU Y 31 -26.22 -23.94 -50.48
C LEU Y 31 -25.03 -24.26 -51.38
N GLY Y 32 -24.29 -23.23 -51.71
CA GLY Y 32 -23.34 -23.36 -52.78
C GLY Y 32 -21.95 -22.98 -52.38
N VAL Y 33 -21.63 -23.03 -51.10
CA VAL Y 33 -20.33 -22.61 -50.60
C VAL Y 33 -19.81 -23.79 -49.81
N GLN Y 34 -18.78 -23.59 -49.01
CA GLN Y 34 -18.47 -24.54 -47.94
C GLN Y 34 -19.36 -24.36 -46.71
N VAL Y 35 -19.85 -25.47 -46.18
CA VAL Y 35 -20.54 -25.49 -44.90
C VAL Y 35 -19.57 -25.22 -43.76
N ASP Y 36 -19.39 -23.95 -43.39
CA ASP Y 36 -18.77 -23.68 -42.11
C ASP Y 36 -19.86 -23.12 -41.21
N ASP Y 37 -19.46 -22.68 -40.00
CA ASP Y 37 -20.43 -22.29 -38.97
C ASP Y 37 -21.23 -21.08 -39.41
N ALA Y 38 -20.59 -20.13 -40.05
CA ALA Y 38 -21.35 -19.05 -40.65
C ALA Y 38 -22.39 -19.59 -41.63
N SER Y 39 -21.93 -20.28 -42.67
CA SER Y 39 -22.81 -20.83 -43.70
C SER Y 39 -24.01 -21.57 -43.10
N ALA Y 40 -23.77 -22.30 -42.00
CA ALA Y 40 -24.84 -23.10 -41.40
C ALA Y 40 -25.86 -22.19 -40.78
N ASN Y 41 -25.40 -21.18 -40.07
CA ASN Y 41 -26.31 -20.25 -39.43
C ASN Y 41 -27.15 -19.52 -40.48
N ASP Y 42 -26.55 -19.10 -41.61
CA ASP Y 42 -27.34 -18.45 -42.68
C ASP Y 42 -28.48 -19.34 -43.18
N ILE Y 43 -28.21 -20.63 -43.32
CA ILE Y 43 -29.20 -21.52 -43.87
C ILE Y 43 -30.26 -21.87 -42.84
N MET Y 44 -29.88 -21.99 -41.57
CA MET Y 44 -30.91 -22.21 -40.58
C MET Y 44 -31.87 -21.04 -40.50
N ALA Y 45 -31.35 -19.81 -40.54
CA ALA Y 45 -32.26 -18.67 -40.57
C ALA Y 45 -33.09 -18.68 -41.85
N GLN Y 46 -32.46 -18.95 -42.98
CA GLN Y 46 -33.26 -18.97 -44.18
C GLN Y 46 -34.38 -20.03 -44.07
N LEU Y 47 -34.03 -21.25 -43.61
CA LEU Y 47 -35.01 -22.32 -43.49
C LEU Y 47 -36.12 -21.96 -42.53
N LEU Y 48 -35.76 -21.49 -41.32
CA LEU Y 48 -36.74 -21.12 -40.29
C LEU Y 48 -37.62 -19.96 -40.72
N VAL Y 49 -37.06 -18.96 -41.38
CA VAL Y 49 -37.88 -17.86 -41.87
C VAL Y 49 -38.88 -18.36 -42.89
N LEU Y 50 -38.42 -19.19 -43.82
CA LEU Y 50 -39.33 -19.61 -44.85
C LEU Y 50 -40.42 -20.48 -44.28
N GLU Y 51 -40.11 -21.17 -43.19
CA GLU Y 51 -41.17 -21.92 -42.59
C GLU Y 51 -42.17 -20.97 -41.96
N SER Y 52 -41.70 -19.81 -41.45
CA SER Y 52 -42.60 -18.85 -40.82
C SER Y 52 -43.48 -18.15 -41.85
N LEU Y 53 -42.95 -17.83 -43.02
CA LEU Y 53 -43.80 -17.16 -44.00
C LEU Y 53 -44.96 -18.07 -44.45
N ASP Y 54 -44.74 -19.42 -44.55
CA ASP Y 54 -45.76 -20.37 -44.96
C ASP Y 54 -45.37 -21.83 -44.76
N PRO Y 55 -45.82 -22.45 -43.69
CA PRO Y 55 -45.40 -23.83 -43.45
C PRO Y 55 -45.98 -24.90 -44.38
N ASP Y 56 -46.91 -24.60 -45.26
CA ASP Y 56 -47.56 -25.64 -46.03
C ASP Y 56 -47.00 -25.71 -47.45
N ARG Y 57 -45.96 -24.93 -47.73
CA ARG Y 57 -45.34 -24.90 -49.04
C ARG Y 57 -43.94 -25.50 -48.99
N ASP Y 58 -43.48 -25.97 -50.17
CA ASP Y 58 -42.22 -26.71 -50.23
C ASP Y 58 -41.11 -25.67 -50.11
N ILE Y 59 -39.98 -26.11 -49.56
CA ILE Y 59 -38.69 -25.44 -49.62
C ILE Y 59 -37.75 -26.29 -50.49
N THR Y 60 -36.99 -25.64 -51.37
CA THR Y 60 -36.01 -26.31 -52.21
C THR Y 60 -34.65 -25.84 -51.79
N MET Y 61 -33.71 -26.79 -51.66
CA MET Y 61 -32.31 -26.51 -51.34
C MET Y 61 -31.51 -26.86 -52.60
N TYR Y 62 -31.00 -25.87 -53.30
CA TYR Y 62 -30.03 -26.14 -54.37
C TYR Y 62 -28.67 -26.44 -53.74
N ILE Y 63 -27.98 -27.45 -54.23
CA ILE Y 63 -26.75 -27.87 -53.58
C ILE Y 63 -25.64 -28.03 -54.60
N ASN Y 64 -24.63 -27.20 -54.54
CA ASN Y 64 -23.40 -27.39 -55.32
C ASN Y 64 -22.34 -26.98 -54.34
N SER Y 65 -21.99 -27.89 -53.44
CA SER Y 65 -21.21 -27.57 -52.23
C SER Y 65 -20.26 -28.68 -51.99
N PRO Y 66 -18.94 -28.32 -51.60
CA PRO Y 66 -18.00 -29.36 -51.36
C PRO Y 66 -18.06 -29.99 -49.96
N GLY Y 67 -19.07 -29.66 -49.17
CA GLY Y 67 -19.21 -30.18 -47.82
C GLY Y 67 -18.90 -29.19 -46.73
N GLY Y 68 -18.54 -29.68 -45.57
CA GLY Y 68 -18.16 -28.78 -44.52
C GLY Y 68 -18.13 -29.46 -43.17
N GLY Y 69 -18.06 -28.63 -42.16
CA GLY Y 69 -17.85 -29.11 -40.82
C GLY Y 69 -18.91 -30.10 -40.41
N PHE Y 70 -18.68 -30.75 -39.28
CA PHE Y 70 -19.62 -31.76 -38.83
C PHE Y 70 -20.76 -31.16 -37.99
N THR Y 71 -20.45 -30.37 -36.97
CA THR Y 71 -21.59 -29.83 -36.23
C THR Y 71 -22.45 -28.87 -37.07
N SER Y 72 -21.90 -28.30 -38.13
CA SER Y 72 -22.67 -27.48 -39.05
C SER Y 72 -23.55 -28.32 -40.00
N LEU Y 73 -23.11 -29.50 -40.38
CA LEU Y 73 -24.03 -30.44 -41.02
C LEU Y 73 -25.27 -30.72 -40.17
N MET Y 74 -25.07 -31.14 -38.93
CA MET Y 74 -26.15 -31.65 -38.10
C MET Y 74 -27.10 -30.56 -37.61
N ALA Y 75 -26.62 -29.33 -37.40
CA ALA Y 75 -27.58 -28.25 -37.22
C ALA Y 75 -28.46 -28.13 -38.46
N ILE Y 76 -27.85 -28.03 -39.64
CA ILE Y 76 -28.66 -27.87 -40.84
C ILE Y 76 -29.63 -29.02 -40.96
N TYR Y 77 -29.14 -30.27 -40.72
CA TYR Y 77 -29.95 -31.47 -40.93
C TYR Y 77 -31.13 -31.46 -40.00
N ASP Y 78 -30.89 -31.28 -38.70
CA ASP Y 78 -31.98 -31.27 -37.73
C ASP Y 78 -32.98 -30.14 -38.01
N THR Y 79 -32.52 -28.98 -38.47
CA THR Y 79 -33.48 -27.95 -38.87
C THR Y 79 -34.30 -28.45 -40.05
N MET Y 80 -33.64 -28.98 -41.08
CA MET Y 80 -34.39 -29.44 -42.25
C MET Y 80 -35.51 -30.41 -41.83
N GLN Y 81 -35.20 -31.34 -40.92
CA GLN Y 81 -36.15 -32.36 -40.49
C GLN Y 81 -37.21 -31.81 -39.56
N TYR Y 82 -36.89 -30.76 -38.80
CA TYR Y 82 -37.83 -30.17 -37.85
C TYR Y 82 -38.90 -29.30 -38.50
N VAL Y 83 -38.53 -28.52 -39.47
CA VAL Y 83 -39.47 -27.70 -40.20
C VAL Y 83 -40.65 -28.50 -40.72
N ARG Y 84 -41.83 -27.88 -40.67
CA ARG Y 84 -43.04 -28.55 -41.10
C ARG Y 84 -43.08 -28.70 -42.61
N ALA Y 85 -42.56 -27.73 -43.35
CA ALA Y 85 -42.58 -27.81 -44.81
C ALA Y 85 -41.68 -28.93 -45.33
N ASP Y 86 -42.09 -29.54 -46.44
CA ASP Y 86 -41.23 -30.52 -47.10
C ASP Y 86 -40.05 -29.77 -47.66
N ILE Y 87 -38.92 -30.46 -47.78
CA ILE Y 87 -37.74 -29.85 -48.37
C ILE Y 87 -37.34 -30.68 -49.59
N GLN Y 88 -37.33 -30.03 -50.75
CA GLN Y 88 -36.83 -30.60 -51.99
C GLN Y 88 -35.36 -30.29 -52.14
N THR Y 89 -34.56 -31.33 -52.35
CA THR Y 89 -33.15 -31.12 -52.58
C THR Y 89 -32.82 -31.43 -54.02
N VAL Y 90 -31.97 -30.58 -54.61
CA VAL Y 90 -31.50 -30.77 -55.96
C VAL Y 90 -29.97 -30.58 -55.97
N CYS Y 91 -29.27 -31.57 -56.50
CA CYS Y 91 -27.83 -31.51 -56.64
C CYS Y 91 -27.56 -30.98 -58.04
N LEU Y 92 -26.88 -29.84 -58.10
CA LEU Y 92 -26.62 -29.17 -59.36
C LEU Y 92 -25.29 -29.56 -59.93
N GLY Y 93 -24.29 -29.57 -59.09
CA GLY Y 93 -22.97 -29.83 -59.60
C GLY Y 93 -22.39 -30.96 -58.83
N GLN Y 94 -22.18 -30.73 -57.55
CA GLN Y 94 -21.57 -31.73 -56.70
C GLN Y 94 -22.18 -31.62 -55.32
N ALA Y 95 -22.27 -32.74 -54.61
CA ALA Y 95 -22.63 -32.74 -53.19
C ALA Y 95 -21.71 -33.76 -52.52
N ALA Y 96 -20.67 -33.32 -51.82
CA ALA Y 96 -19.67 -34.21 -51.30
C ALA Y 96 -19.62 -34.16 -49.79
N SER Y 97 -19.31 -35.28 -49.19
CA SER Y 97 -19.12 -35.29 -47.75
C SER Y 97 -20.41 -34.76 -47.11
N ALA Y 98 -20.27 -33.80 -46.20
CA ALA Y 98 -21.47 -33.47 -45.45
C ALA Y 98 -22.62 -33.15 -46.38
N ALA Y 99 -22.32 -32.63 -47.58
CA ALA Y 99 -23.36 -32.13 -48.47
C ALA Y 99 -24.17 -33.26 -49.08
N ALA Y 100 -23.57 -34.42 -49.31
CA ALA Y 100 -24.37 -35.53 -49.83
C ALA Y 100 -25.38 -36.03 -48.81
N VAL Y 101 -25.07 -35.88 -47.54
CA VAL Y 101 -25.99 -36.22 -46.45
C VAL Y 101 -27.20 -35.33 -46.49
N LEU Y 102 -26.99 -34.06 -46.82
CA LEU Y 102 -28.13 -33.16 -47.00
C LEU Y 102 -28.92 -33.47 -48.26
N LEU Y 103 -28.26 -33.83 -49.35
CA LEU Y 103 -29.03 -34.22 -50.52
C LEU Y 103 -29.97 -35.37 -50.19
N ALA Y 104 -29.43 -36.37 -49.51
CA ALA Y 104 -30.21 -37.54 -49.19
C ALA Y 104 -31.27 -37.27 -48.13
N ALA Y 105 -31.13 -36.23 -47.36
CA ALA Y 105 -32.05 -36.03 -46.25
C ALA Y 105 -33.26 -35.24 -46.66
N GLY Y 106 -33.35 -34.79 -47.89
CA GLY Y 106 -34.58 -34.19 -48.33
C GLY Y 106 -35.82 -35.07 -48.12
N THR Y 107 -37.00 -34.52 -48.27
CA THR Y 107 -38.15 -35.36 -47.99
C THR Y 107 -38.28 -36.44 -49.07
N PRO Y 108 -38.65 -37.65 -48.72
CA PRO Y 108 -38.69 -38.72 -49.72
C PRO Y 108 -39.52 -38.35 -50.94
N GLY Y 109 -38.95 -38.66 -52.10
CA GLY Y 109 -39.57 -38.35 -53.37
C GLY Y 109 -39.16 -37.05 -53.99
N LYS Y 110 -38.53 -36.18 -53.23
CA LYS Y 110 -38.20 -34.87 -53.73
C LYS Y 110 -36.69 -34.64 -53.68
N ARG Y 111 -35.95 -35.71 -53.83
CA ARG Y 111 -34.50 -35.62 -53.90
C ARG Y 111 -34.18 -35.84 -55.37
N MET Y 112 -33.46 -34.90 -55.96
CA MET Y 112 -33.03 -35.05 -57.34
C MET Y 112 -31.62 -34.52 -57.56
N ALA Y 113 -31.11 -34.73 -58.78
CA ALA Y 113 -29.78 -34.35 -59.19
C ALA Y 113 -29.92 -34.10 -60.69
N LEU Y 114 -29.16 -33.14 -61.22
CA LEU Y 114 -29.00 -33.02 -62.67
C LEU Y 114 -28.06 -34.13 -63.16
N PRO Y 115 -28.12 -34.46 -64.44
CA PRO Y 115 -27.53 -35.74 -64.90
C PRO Y 115 -26.02 -35.79 -64.71
N ASN Y 116 -25.33 -34.68 -64.92
CA ASN Y 116 -23.87 -34.62 -64.77
C ASN Y 116 -23.43 -34.21 -63.37
N ALA Y 117 -24.33 -34.16 -62.40
CA ALA Y 117 -23.91 -33.93 -61.01
C ALA Y 117 -23.22 -35.15 -60.47
N ARG Y 118 -22.29 -34.93 -59.54
CA ARG Y 118 -21.53 -35.98 -58.88
C ARG Y 118 -21.84 -35.90 -57.38
N VAL Y 119 -21.81 -37.05 -56.73
CA VAL Y 119 -22.03 -37.20 -55.30
C VAL Y 119 -20.83 -37.91 -54.73
N LEU Y 120 -20.23 -37.34 -53.71
CA LEU Y 120 -19.05 -37.91 -53.09
C LEU Y 120 -19.42 -38.25 -51.68
N ILE Y 121 -19.01 -39.44 -51.24
CA ILE Y 121 -19.26 -39.92 -49.89
C ILE Y 121 -17.99 -40.43 -49.26
N HIS Y 122 -17.57 -39.82 -48.16
CA HIS Y 122 -16.43 -40.34 -47.42
C HIS Y 122 -16.62 -40.07 -45.93
N GLN Y 123 -15.87 -40.75 -45.16
CA GLN Y 123 -16.01 -40.74 -43.72
C GLN Y 123 -15.29 -39.50 -43.25
N PRO Y 124 -15.69 -38.94 -42.13
CA PRO Y 124 -15.02 -37.75 -41.63
C PRO Y 124 -13.50 -37.89 -41.67
N SER Y 125 -12.86 -36.82 -42.12
CA SER Y 125 -11.43 -36.57 -42.14
C SER Y 125 -11.20 -35.40 -41.22
N LEU Y 126 -9.94 -35.19 -40.85
CA LEU Y 126 -9.48 -34.08 -40.06
C LEU Y 126 -8.22 -33.68 -40.82
N SER Y 127 -8.29 -32.51 -41.46
CA SER Y 127 -7.15 -31.96 -42.20
C SER Y 127 -6.14 -31.36 -41.25
N GLY Y 128 -6.58 -30.78 -40.13
CA GLY Y 128 -5.65 -30.31 -39.11
C GLY Y 128 -4.93 -31.44 -38.37
N VAL Y 129 -4.24 -31.02 -37.31
CA VAL Y 129 -3.71 -31.93 -36.31
C VAL Y 129 -4.20 -31.40 -34.99
N ILE Y 130 -4.57 -32.28 -34.05
CA ILE Y 130 -4.88 -31.81 -32.71
C ILE Y 130 -3.95 -32.53 -31.73
N GLN Y 131 -3.42 -31.80 -30.75
CA GLN Y 131 -2.27 -32.20 -29.98
C GLN Y 131 -2.79 -32.23 -28.56
N GLY Y 132 -2.19 -33.06 -27.70
CA GLY Y 132 -2.56 -33.05 -26.31
C GLY Y 132 -2.09 -34.28 -25.55
N GLN Y 133 -2.43 -34.26 -24.27
CA GLN Y 133 -2.21 -35.46 -23.53
C GLN Y 133 -2.99 -36.60 -24.14
N PHE Y 134 -2.51 -37.81 -23.90
CA PHE Y 134 -3.22 -38.96 -24.43
C PHE Y 134 -4.62 -39.03 -23.85
N SER Y 135 -4.78 -38.63 -22.60
CA SER Y 135 -6.10 -38.67 -22.00
C SER Y 135 -7.08 -37.78 -22.75
N ASP Y 136 -6.60 -36.62 -23.21
CA ASP Y 136 -7.41 -35.71 -24.02
C ASP Y 136 -7.58 -36.20 -25.44
N LEU Y 137 -6.54 -36.78 -26.03
CA LEU Y 137 -6.69 -37.34 -27.37
C LEU Y 137 -7.56 -38.58 -27.39
N GLU Y 138 -7.56 -39.37 -26.31
CA GLU Y 138 -8.46 -40.52 -26.20
C GLU Y 138 -9.93 -40.07 -26.22
N ILE Y 139 -10.24 -38.92 -25.63
CA ILE Y 139 -11.63 -38.43 -25.65
C ILE Y 139 -12.05 -37.94 -27.03
N GLN Y 140 -11.19 -37.12 -27.66
CA GLN Y 140 -11.50 -36.61 -28.99
C GLN Y 140 -11.63 -37.77 -29.96
N ALA Y 141 -10.70 -38.68 -29.89
CA ALA Y 141 -10.72 -39.83 -30.77
C ALA Y 141 -12.03 -40.61 -30.62
N ALA Y 142 -12.59 -40.68 -29.43
CA ALA Y 142 -13.88 -41.37 -29.24
C ALA Y 142 -15.06 -40.58 -29.82
N GLU Y 143 -15.05 -39.26 -29.63
CA GLU Y 143 -16.08 -38.40 -30.21
C GLU Y 143 -16.02 -38.46 -31.75
N ILE Y 144 -14.81 -38.53 -32.31
CA ILE Y 144 -14.60 -38.63 -33.76
C ILE Y 144 -15.16 -39.93 -34.29
N GLU Y 145 -15.03 -41.00 -33.53
CA GLU Y 145 -15.61 -42.28 -33.95
C GLU Y 145 -17.11 -42.27 -33.84
N ARG Y 146 -17.67 -41.70 -32.77
CA ARG Y 146 -19.12 -41.53 -32.70
C ARG Y 146 -19.60 -40.71 -33.91
N MET Y 147 -18.86 -39.65 -34.28
CA MET Y 147 -19.25 -38.85 -35.44
C MET Y 147 -19.23 -39.71 -36.71
N ARG Y 148 -18.17 -40.48 -36.92
CA ARG Y 148 -18.17 -41.31 -38.11
C ARG Y 148 -19.43 -42.15 -38.16
N THR Y 149 -19.77 -42.85 -37.05
CA THR Y 149 -20.92 -43.77 -37.06
C THR Y 149 -22.26 -43.02 -37.10
N LEU Y 150 -22.28 -41.79 -36.66
CA LEU Y 150 -23.54 -41.09 -36.81
C LEU Y 150 -23.77 -40.73 -38.28
N MET Y 151 -22.71 -40.33 -39.00
CA MET Y 151 -22.83 -40.18 -40.44
C MET Y 151 -23.25 -41.49 -41.10
N GLU Y 152 -22.73 -42.60 -40.62
CA GLU Y 152 -23.05 -43.85 -41.29
C GLU Y 152 -24.47 -44.28 -40.98
N THR Y 153 -25.01 -43.93 -39.81
CA THR Y 153 -26.37 -44.42 -39.55
C THR Y 153 -27.44 -43.49 -40.07
N THR Y 154 -27.21 -42.17 -40.06
CA THR Y 154 -28.25 -41.28 -40.61
C THR Y 154 -28.25 -41.35 -42.13
N LEU Y 155 -27.10 -41.58 -42.77
CA LEU Y 155 -27.14 -41.88 -44.21
C LEU Y 155 -27.94 -43.16 -44.45
N ALA Y 156 -27.74 -44.18 -43.59
CA ALA Y 156 -28.44 -45.48 -43.67
C ALA Y 156 -29.94 -45.28 -43.53
N ARG Y 157 -30.36 -44.26 -42.79
CA ARG Y 157 -31.78 -43.97 -42.57
C ARG Y 157 -32.48 -43.46 -43.83
N HIS Y 158 -31.77 -42.70 -44.69
CA HIS Y 158 -32.40 -42.09 -45.85
C HIS Y 158 -32.14 -42.82 -47.16
N THR Y 159 -31.11 -43.67 -47.25
CA THR Y 159 -30.78 -44.35 -48.49
C THR Y 159 -31.39 -45.75 -48.57
N GLY Y 160 -31.72 -46.32 -47.44
CA GLY Y 160 -32.17 -47.69 -47.45
C GLY Y 160 -31.03 -48.68 -47.47
N LYS Y 161 -29.79 -48.24 -47.52
CA LYS Y 161 -28.73 -49.23 -47.35
C LYS Y 161 -28.57 -49.53 -45.86
N ASP Y 162 -27.97 -50.67 -45.55
CA ASP Y 162 -27.73 -50.95 -44.15
C ASP Y 162 -26.56 -50.10 -43.69
N ALA Y 163 -26.54 -49.76 -42.40
CA ALA Y 163 -25.44 -48.92 -41.93
C ALA Y 163 -24.08 -49.59 -42.14
N GLY Y 164 -24.07 -50.92 -42.13
CA GLY Y 164 -22.82 -51.63 -42.30
C GLY Y 164 -22.22 -51.47 -43.67
N VAL Y 165 -23.04 -51.28 -44.71
CA VAL Y 165 -22.53 -51.07 -46.05
C VAL Y 165 -21.99 -49.64 -46.19
N ILE Y 166 -22.77 -48.65 -45.76
CA ILE Y 166 -22.24 -47.31 -45.76
C ILE Y 166 -20.80 -47.36 -45.25
N ARG Y 167 -20.61 -48.06 -44.13
CA ARG Y 167 -19.30 -48.08 -43.50
C ARG Y 167 -18.28 -48.77 -44.40
N LYS Y 168 -18.70 -49.79 -45.19
CA LYS Y 168 -17.77 -50.40 -46.11
C LYS Y 168 -17.48 -49.45 -47.26
N ASP Y 169 -18.50 -48.68 -47.64
CA ASP Y 169 -18.40 -47.84 -48.82
C ASP Y 169 -17.72 -46.53 -48.56
N THR Y 170 -17.81 -46.00 -47.36
CA THR Y 170 -17.17 -44.74 -47.01
C THR Y 170 -15.74 -44.90 -46.45
N ASP Y 171 -15.25 -46.16 -46.28
CA ASP Y 171 -13.90 -46.38 -45.80
C ASP Y 171 -12.93 -45.60 -46.68
N ARG Y 172 -13.08 -45.73 -48.00
CA ARG Y 172 -12.46 -44.86 -49.00
C ARG Y 172 -13.50 -44.09 -49.81
N ASP Y 173 -13.10 -42.90 -50.28
CA ASP Y 173 -14.06 -42.04 -50.95
C ASP Y 173 -14.83 -42.88 -51.96
N LYS Y 174 -16.08 -42.53 -52.16
CA LYS Y 174 -16.89 -43.18 -53.18
C LYS Y 174 -17.64 -42.19 -54.03
N ILE Y 175 -17.16 -41.96 -55.22
CA ILE Y 175 -17.76 -40.98 -56.11
C ILE Y 175 -18.86 -41.66 -56.93
N LEU Y 176 -20.00 -40.95 -57.08
CA LEU Y 176 -21.18 -41.46 -57.75
C LEU Y 176 -21.64 -40.48 -58.83
N THR Y 177 -22.10 -41.00 -59.96
CA THR Y 177 -22.80 -40.16 -60.93
C THR Y 177 -24.28 -39.99 -60.53
N ALA Y 178 -24.95 -39.04 -61.18
CA ALA Y 178 -26.36 -38.76 -60.83
C ALA Y 178 -27.19 -40.02 -60.87
N GLU Y 179 -27.02 -40.84 -61.91
CA GLU Y 179 -27.74 -42.10 -62.00
C GLU Y 179 -27.37 -43.07 -60.90
N GLU Y 180 -26.05 -43.26 -60.67
CA GLU Y 180 -25.59 -44.16 -59.63
C GLU Y 180 -26.08 -43.71 -58.24
N ALA Y 181 -26.30 -42.39 -58.04
CA ALA Y 181 -26.78 -41.83 -56.77
C ALA Y 181 -28.21 -42.23 -56.50
N LYS Y 182 -28.98 -42.40 -57.55
CA LYS Y 182 -30.35 -42.88 -57.44
C LYS Y 182 -30.39 -44.35 -57.04
N ASP Y 183 -29.56 -45.20 -57.67
CA ASP Y 183 -29.57 -46.60 -57.25
C ASP Y 183 -29.12 -46.74 -55.79
N TYR Y 184 -28.09 -45.98 -55.38
CA TYR Y 184 -27.64 -46.01 -53.99
C TYR Y 184 -28.71 -45.54 -53.04
N GLY Y 185 -29.61 -44.69 -53.51
CA GLY Y 185 -30.71 -44.24 -52.70
C GLY Y 185 -30.60 -42.83 -52.17
N ILE Y 186 -29.63 -42.05 -52.70
CA ILE Y 186 -29.39 -40.68 -52.26
C ILE Y 186 -30.34 -39.69 -52.91
N ILE Y 187 -30.70 -39.93 -54.16
CA ILE Y 187 -31.62 -39.10 -54.90
C ILE Y 187 -32.68 -40.02 -55.37
N ASP Y 188 -33.83 -39.44 -55.67
CA ASP Y 188 -35.00 -40.17 -56.13
C ASP Y 188 -35.21 -40.10 -57.62
N THR Y 189 -34.84 -38.99 -58.26
CA THR Y 189 -34.92 -38.89 -59.72
C THR Y 189 -33.74 -38.06 -60.23
N VAL Y 190 -33.32 -38.38 -61.47
CA VAL Y 190 -32.34 -37.61 -62.24
C VAL Y 190 -33.12 -36.76 -63.22
N LEU Y 191 -32.96 -35.43 -63.13
CA LEU Y 191 -33.80 -34.52 -63.89
C LEU Y 191 -33.55 -34.74 -65.37
N GLU Y 192 -34.64 -34.82 -66.13
CA GLU Y 192 -34.54 -34.86 -67.56
C GLU Y 192 -34.51 -33.41 -68.06
N TYR Y 193 -33.58 -33.16 -68.96
CA TYR Y 193 -33.50 -31.88 -69.64
C TYR Y 193 -34.87 -31.54 -70.25
N ARG Y 194 -35.36 -30.31 -70.01
CA ARG Y 194 -36.65 -29.89 -70.58
C ARG Y 194 -36.43 -29.58 -72.09
N ILE Z 2 -30.71 15.93 29.56
CA ILE Z 2 -31.89 16.83 29.47
C ILE Z 2 -33.25 16.02 29.20
N LEU Z 3 -34.32 16.42 29.90
CA LEU Z 3 -35.65 15.75 29.93
C LEU Z 3 -36.83 16.73 29.72
N PRO Z 4 -37.50 16.71 28.56
CA PRO Z 4 -38.45 17.78 28.28
C PRO Z 4 -39.56 17.76 29.30
N SER Z 5 -40.21 18.91 29.43
CA SER Z 5 -41.51 18.99 30.04
C SER Z 5 -42.48 19.25 28.91
N PHE Z 6 -43.75 18.90 29.13
CA PHE Z 6 -44.82 19.17 28.18
C PHE Z 6 -45.99 19.83 28.90
N ILE Z 7 -46.97 20.25 28.12
CA ILE Z 7 -48.10 21.03 28.61
C ILE Z 7 -49.35 20.34 28.05
N GLU Z 8 -50.28 19.99 28.92
CA GLU Z 8 -51.53 19.37 28.52
C GLU Z 8 -52.65 20.34 28.90
N HIS Z 9 -53.82 20.19 28.28
CA HIS Z 9 -54.86 21.19 28.48
C HIS Z 9 -56.25 20.57 28.51
N SER Z 10 -57.10 21.17 29.34
CA SER Z 10 -58.51 20.85 29.37
C SER Z 10 -59.24 22.13 29.71
N SER Z 11 -60.58 22.05 29.69
CA SER Z 11 -61.45 23.15 30.05
C SER Z 11 -61.21 23.76 31.42
N PHE Z 12 -60.40 23.08 32.21
CA PHE Z 12 -60.16 23.46 33.59
C PHE Z 12 -58.97 24.38 33.73
N GLY Z 13 -57.94 24.19 32.91
CA GLY Z 13 -56.69 24.89 33.14
C GLY Z 13 -55.61 24.29 32.29
N VAL Z 14 -54.45 24.94 32.33
CA VAL Z 14 -53.25 24.45 31.64
C VAL Z 14 -52.30 23.84 32.66
N LYS Z 15 -51.84 22.62 32.39
CA LYS Z 15 -50.94 21.89 33.29
C LYS Z 15 -49.59 21.60 32.68
N GLU Z 16 -48.52 22.01 33.39
CA GLU Z 16 -47.15 21.74 33.00
C GLU Z 16 -46.64 20.56 33.85
N SER Z 17 -46.12 19.55 33.18
CA SER Z 17 -45.59 18.40 33.90
C SER Z 17 -44.49 17.84 33.02
N ASN Z 18 -43.76 16.87 33.58
CA ASN Z 18 -42.62 16.27 32.89
C ASN Z 18 -42.91 14.78 32.88
N PRO Z 19 -42.13 13.97 32.19
CA PRO Z 19 -42.53 12.57 31.94
C PRO Z 19 -42.69 11.71 33.19
N TYR Z 20 -41.99 12.00 34.29
CA TYR Z 20 -42.17 11.12 35.44
C TYR Z 20 -43.38 11.49 36.26
N ASN Z 21 -43.78 12.77 36.23
CA ASN Z 21 -45.04 13.16 36.86
C ASN Z 21 -46.23 12.53 36.12
N LYS Z 22 -46.19 12.55 34.77
CA LYS Z 22 -47.25 11.93 33.95
C LYS Z 22 -47.31 10.43 34.22
N LEU Z 23 -46.15 9.78 34.28
CA LEU Z 23 -46.12 8.34 34.61
C LEU Z 23 -46.73 8.07 35.98
N PHE Z 24 -46.40 8.91 36.98
CA PHE Z 24 -46.96 8.79 38.33
C PHE Z 24 -48.48 9.11 38.36
N GLU Z 25 -48.93 10.08 37.58
CA GLU Z 25 -50.36 10.38 37.46
C GLU Z 25 -51.19 9.16 37.04
N GLU Z 26 -50.60 8.24 36.28
CA GLU Z 26 -51.18 6.96 35.86
C GLU Z 26 -50.71 5.76 36.67
N ARG Z 27 -50.30 6.00 37.91
CA ARG Z 27 -50.09 4.97 38.89
C ARG Z 27 -48.94 4.08 38.47
N ILE Z 28 -47.96 4.67 37.80
CA ILE Z 28 -46.75 3.97 37.39
C ILE Z 28 -45.61 4.51 38.23
N ILE Z 29 -44.96 3.65 38.96
CA ILE Z 29 -43.75 4.03 39.69
C ILE Z 29 -42.58 3.52 38.88
N PHE Z 30 -41.52 4.30 38.74
CA PHE Z 30 -40.33 3.87 38.02
C PHE Z 30 -39.23 3.58 39.01
N LEU Z 31 -38.71 2.35 38.94
CA LEU Z 31 -37.56 1.81 39.64
C LEU Z 31 -36.44 1.47 38.65
N GLY Z 32 -35.64 2.48 38.33
CA GLY Z 32 -34.70 2.27 37.25
C GLY Z 32 -33.29 2.58 37.66
N VAL Z 33 -33.04 2.54 38.94
CA VAL Z 33 -31.73 2.92 39.46
C VAL Z 33 -31.29 1.71 40.26
N GLN Z 34 -30.20 1.87 41.00
CA GLN Z 34 -29.79 0.92 42.04
C GLN Z 34 -30.59 1.14 43.32
N VAL Z 35 -31.16 0.06 43.84
CA VAL Z 35 -31.85 0.13 45.11
C VAL Z 35 -30.84 0.34 46.23
N ASP Z 36 -30.65 1.60 46.61
CA ASP Z 36 -30.04 1.88 47.90
C ASP Z 36 -31.12 2.46 48.84
N ASP Z 37 -30.68 3.01 49.99
CA ASP Z 37 -31.62 3.42 51.03
C ASP Z 37 -32.51 4.57 50.56
N ALA Z 38 -31.94 5.59 49.93
CA ALA Z 38 -32.76 6.62 49.30
C ALA Z 38 -33.74 6.01 48.32
N SER Z 39 -33.23 5.33 47.31
CA SER Z 39 -34.12 4.71 46.34
C SER Z 39 -35.23 3.92 47.02
N ALA Z 40 -34.92 3.24 48.12
CA ALA Z 40 -35.94 2.43 48.78
C ALA Z 40 -36.99 3.30 49.43
N ASN Z 41 -36.54 4.32 50.15
CA ASN Z 41 -37.47 5.24 50.77
C ASN Z 41 -38.27 6.02 49.72
N ASP Z 42 -37.64 6.53 48.68
CA ASP Z 42 -38.42 7.24 47.64
C ASP Z 42 -39.51 6.34 47.05
N ILE Z 43 -39.24 5.03 46.93
CA ILE Z 43 -40.22 4.15 46.33
C ILE Z 43 -41.32 3.77 47.29
N MET Z 44 -41.02 3.62 48.57
CA MET Z 44 -42.09 3.36 49.51
C MET Z 44 -43.02 4.55 49.65
N ALA Z 45 -42.46 5.76 49.76
CA ALA Z 45 -43.31 6.93 49.79
C ALA Z 45 -44.19 6.97 48.55
N GLN Z 46 -43.63 6.65 47.37
CA GLN Z 46 -44.47 6.63 46.18
C GLN Z 46 -45.58 5.58 46.31
N LEU Z 47 -45.26 4.35 46.77
CA LEU Z 47 -46.30 3.31 46.90
C LEU Z 47 -47.37 3.71 47.88
N LEU Z 48 -46.96 4.21 49.06
CA LEU Z 48 -47.93 4.59 50.09
C LEU Z 48 -48.81 5.75 49.63
N VAL Z 49 -48.23 6.72 48.92
CA VAL Z 49 -49.05 7.80 48.40
C VAL Z 49 -50.03 7.27 47.35
N LEU Z 50 -49.59 6.41 46.44
CA LEU Z 50 -50.50 5.94 45.42
C LEU Z 50 -51.60 5.06 45.99
N GLU Z 51 -51.34 4.40 47.12
CA GLU Z 51 -52.40 3.69 47.80
C GLU Z 51 -53.32 4.69 48.50
N SER Z 52 -52.77 5.82 48.91
CA SER Z 52 -53.59 6.85 49.58
C SER Z 52 -54.55 7.52 48.61
N LEU Z 53 -54.08 7.89 47.44
CA LEU Z 53 -54.94 8.58 46.49
C LEU Z 53 -56.08 7.66 46.03
N ASP Z 54 -55.87 6.34 46.00
CA ASP Z 54 -56.86 5.34 45.60
C ASP Z 54 -56.50 3.89 45.88
N PRO Z 55 -57.00 3.29 46.93
CA PRO Z 55 -56.58 1.92 47.23
C PRO Z 55 -57.21 0.86 46.34
N ASP Z 56 -58.12 1.21 45.46
CA ASP Z 56 -58.80 0.22 44.66
C ASP Z 56 -58.29 0.13 43.24
N ARG Z 57 -57.32 0.95 42.90
CA ARG Z 57 -56.76 0.92 41.57
C ARG Z 57 -55.36 0.36 41.61
N ASP Z 58 -54.93 -0.21 40.50
CA ASP Z 58 -53.65 -0.89 40.46
C ASP Z 58 -52.52 0.13 40.48
N ILE Z 59 -51.35 -0.29 40.99
CA ILE Z 59 -50.10 0.44 40.86
C ILE Z 59 -49.19 -0.34 39.92
N THR Z 60 -48.54 0.36 39.01
CA THR Z 60 -47.67 -0.29 38.06
C THR Z 60 -46.24 0.10 38.40
N MET Z 61 -45.33 -0.90 38.43
CA MET Z 61 -43.90 -0.72 38.67
C MET Z 61 -43.09 -1.09 37.44
N TYR Z 62 -42.56 -0.08 36.74
CA TYR Z 62 -41.57 -0.33 35.71
C TYR Z 62 -40.22 -0.62 36.38
N ILE Z 63 -39.49 -1.58 35.84
CA ILE Z 63 -38.27 -2.04 36.49
C ILE Z 63 -37.16 -2.25 35.46
N ASN Z 64 -36.11 -1.48 35.54
CA ASN Z 64 -34.91 -1.66 34.74
C ASN Z 64 -33.80 -1.33 35.68
N SER Z 65 -33.43 -2.23 36.56
CA SER Z 65 -32.59 -1.84 37.67
C SER Z 65 -31.64 -3.01 37.95
N PRO Z 66 -30.41 -2.79 38.26
CA PRO Z 66 -29.46 -3.88 38.42
C PRO Z 66 -29.51 -4.58 39.76
N GLY Z 67 -30.47 -4.19 40.59
CA GLY Z 67 -30.68 -4.69 41.92
C GLY Z 67 -30.40 -3.67 42.98
N GLY Z 68 -30.08 -4.12 44.17
CA GLY Z 68 -29.69 -3.21 45.23
C GLY Z 68 -29.59 -3.92 46.56
N GLY Z 69 -29.47 -3.10 47.60
CA GLY Z 69 -29.22 -3.60 48.95
C GLY Z 69 -30.30 -4.57 49.46
N PHE Z 70 -30.02 -5.22 50.59
CA PHE Z 70 -30.97 -6.24 51.04
C PHE Z 70 -32.07 -5.72 51.98
N THR Z 71 -31.71 -4.99 53.03
CA THR Z 71 -32.80 -4.47 53.84
C THR Z 71 -33.63 -3.48 53.05
N SER Z 72 -33.04 -2.86 52.02
CA SER Z 72 -33.74 -1.93 51.13
C SER Z 72 -34.73 -2.65 50.20
N LEU Z 73 -34.36 -3.82 49.71
CA LEU Z 73 -35.32 -4.71 49.06
C LEU Z 73 -36.47 -5.08 49.97
N MET Z 74 -36.17 -5.52 51.17
CA MET Z 74 -37.24 -6.07 51.96
C MET Z 74 -38.22 -4.99 52.40
N ALA Z 75 -37.74 -3.76 52.57
CA ALA Z 75 -38.70 -2.68 52.83
C ALA Z 75 -39.65 -2.52 51.66
N ILE Z 76 -39.08 -2.38 50.45
CA ILE Z 76 -39.91 -2.19 49.27
C ILE Z 76 -40.87 -3.32 49.10
N TYR Z 77 -40.39 -4.55 49.30
CA TYR Z 77 -41.24 -5.73 49.18
C TYR Z 77 -42.36 -5.69 50.19
N ASP Z 78 -42.03 -5.49 51.49
CA ASP Z 78 -43.04 -5.50 52.55
C ASP Z 78 -44.10 -4.42 52.36
N THR Z 79 -43.71 -3.25 51.89
CA THR Z 79 -44.70 -2.26 51.50
C THR Z 79 -45.56 -2.77 50.32
N MET Z 80 -44.94 -3.25 49.24
CA MET Z 80 -45.70 -3.76 48.08
C MET Z 80 -46.74 -4.79 48.49
N GLN Z 81 -46.39 -5.67 49.43
CA GLN Z 81 -47.35 -6.68 49.82
C GLN Z 81 -48.44 -6.10 50.70
N TYR Z 82 -48.13 -5.04 51.43
CA TYR Z 82 -49.06 -4.43 52.39
C TYR Z 82 -50.13 -3.55 51.78
N VAL Z 83 -49.76 -2.78 50.77
CA VAL Z 83 -50.69 -1.94 50.06
C VAL Z 83 -51.92 -2.70 49.60
N ARG Z 84 -53.08 -2.04 49.70
CA ARG Z 84 -54.32 -2.68 49.28
C ARG Z 84 -54.34 -2.84 47.78
N ALA Z 85 -53.84 -1.86 47.05
CA ALA Z 85 -53.90 -1.90 45.62
C ALA Z 85 -53.05 -3.05 45.08
N ASP Z 86 -53.47 -3.64 43.96
CA ASP Z 86 -52.60 -4.59 43.28
C ASP Z 86 -51.36 -3.91 42.74
N ILE Z 87 -50.29 -4.68 42.57
CA ILE Z 87 -49.09 -4.13 41.94
C ILE Z 87 -48.74 -4.96 40.72
N GLN Z 88 -48.83 -4.28 39.57
CA GLN Z 88 -48.45 -4.77 38.26
C GLN Z 88 -46.98 -4.42 38.07
N THR Z 89 -46.14 -5.44 37.84
CA THR Z 89 -44.72 -5.22 37.62
C THR Z 89 -44.33 -5.52 36.18
N VAL Z 90 -43.40 -4.71 35.64
CA VAL Z 90 -42.88 -4.85 34.29
C VAL Z 90 -41.35 -4.69 34.24
N CYS Z 91 -40.71 -5.68 33.65
CA CYS Z 91 -39.28 -5.67 33.43
C CYS Z 91 -39.10 -5.06 32.04
N LEU Z 92 -38.46 -3.90 31.98
CA LEU Z 92 -38.31 -3.23 30.70
C LEU Z 92 -36.99 -3.65 30.09
N GLY Z 93 -35.97 -3.69 30.91
CA GLY Z 93 -34.74 -4.14 30.34
C GLY Z 93 -34.18 -5.27 31.16
N GLN Z 94 -33.64 -4.93 32.32
CA GLN Z 94 -33.09 -5.95 33.19
C GLN Z 94 -33.78 -5.78 34.53
N ALA Z 95 -33.93 -6.89 35.24
CA ALA Z 95 -34.40 -6.95 36.63
C ALA Z 95 -33.49 -8.00 37.21
N ALA Z 96 -32.47 -7.56 37.94
CA ALA Z 96 -31.44 -8.46 38.40
C ALA Z 96 -31.41 -8.51 39.91
N SER Z 97 -31.06 -9.68 40.44
CA SER Z 97 -30.83 -9.79 41.87
C SER Z 97 -32.06 -9.34 42.66
N ALA Z 98 -31.84 -8.34 43.55
CA ALA Z 98 -32.92 -7.82 44.40
C ALA Z 98 -34.08 -7.40 43.54
N ALA Z 99 -33.75 -6.89 42.36
CA ALA Z 99 -34.76 -6.36 41.48
C ALA Z 99 -35.54 -7.49 40.87
N ALA Z 100 -34.91 -8.64 40.66
CA ALA Z 100 -35.61 -9.79 40.12
C ALA Z 100 -36.62 -10.34 41.10
N VAL Z 101 -36.34 -10.16 42.37
CA VAL Z 101 -37.32 -10.58 43.36
C VAL Z 101 -38.53 -9.68 43.36
N LEU Z 102 -38.33 -8.36 43.25
CA LEU Z 102 -39.45 -7.44 43.20
C LEU Z 102 -40.28 -7.64 41.94
N LEU Z 103 -39.63 -7.98 40.81
CA LEU Z 103 -40.43 -8.34 39.64
C LEU Z 103 -41.35 -9.47 40.01
N ALA Z 104 -40.80 -10.48 40.67
CA ALA Z 104 -41.61 -11.67 40.88
C ALA Z 104 -42.74 -11.43 41.86
N ALA Z 105 -42.59 -10.45 42.73
CA ALA Z 105 -43.45 -10.25 43.86
C ALA Z 105 -44.70 -9.47 43.53
N GLY Z 106 -44.84 -9.02 42.29
CA GLY Z 106 -46.10 -8.41 41.87
C GLY Z 106 -47.28 -9.36 42.04
N THR Z 107 -48.48 -8.79 41.98
CA THR Z 107 -49.63 -9.63 42.29
C THR Z 107 -49.79 -10.64 41.17
N PRO Z 108 -50.17 -11.86 41.48
CA PRO Z 108 -50.23 -12.89 40.42
C PRO Z 108 -51.13 -12.51 39.25
N GLY Z 109 -50.62 -12.75 38.04
CA GLY Z 109 -51.26 -12.37 36.78
C GLY Z 109 -50.78 -11.06 36.18
N LYS Z 110 -50.13 -10.21 36.95
CA LYS Z 110 -49.78 -8.86 36.54
C LYS Z 110 -48.27 -8.63 36.54
N ARG Z 111 -47.51 -9.70 36.29
CA ARG Z 111 -46.07 -9.65 36.17
C ARG Z 111 -45.73 -9.93 34.71
N MET Z 112 -45.02 -9.01 34.06
CA MET Z 112 -44.69 -9.18 32.65
C MET Z 112 -43.33 -8.58 32.36
N ALA Z 113 -42.84 -8.86 31.15
CA ALA Z 113 -41.55 -8.37 30.68
C ALA Z 113 -41.65 -8.21 29.17
N LEU Z 114 -40.94 -7.21 28.65
CA LEU Z 114 -40.78 -7.05 27.24
C LEU Z 114 -39.90 -8.21 26.80
N PRO Z 115 -39.98 -8.58 25.54
CA PRO Z 115 -39.45 -9.89 25.09
C PRO Z 115 -37.94 -10.05 25.23
N ASN Z 116 -37.20 -8.98 25.01
CA ASN Z 116 -35.76 -9.00 25.18
C ASN Z 116 -35.26 -8.54 26.56
N ALA Z 117 -36.14 -8.40 27.56
CA ALA Z 117 -35.67 -8.17 28.92
C ALA Z 117 -34.97 -9.44 29.39
N ARG Z 118 -34.00 -9.27 30.28
CA ARG Z 118 -33.20 -10.36 30.85
C ARG Z 118 -33.48 -10.28 32.36
N VAL Z 119 -33.45 -11.42 33.01
CA VAL Z 119 -33.59 -11.53 34.46
C VAL Z 119 -32.44 -12.34 35.05
N LEU Z 120 -31.80 -11.78 36.07
CA LEU Z 120 -30.64 -12.39 36.70
C LEU Z 120 -30.99 -12.67 38.15
N ILE Z 121 -30.61 -13.86 38.61
CA ILE Z 121 -30.81 -14.37 39.96
C ILE Z 121 -29.49 -14.83 40.53
N HIS Z 122 -29.04 -14.22 41.63
CA HIS Z 122 -27.81 -14.69 42.24
C HIS Z 122 -27.98 -14.40 43.73
N GLN Z 123 -27.27 -15.11 44.53
CA GLN Z 123 -27.39 -15.07 45.95
C GLN Z 123 -26.64 -13.86 46.51
N PRO Z 124 -27.09 -13.34 47.63
CA PRO Z 124 -26.52 -12.10 48.14
C PRO Z 124 -25.00 -12.15 48.18
N SER Z 125 -24.38 -11.07 47.75
CA SER Z 125 -22.92 -10.95 47.76
C SER Z 125 -22.54 -9.84 48.70
N LEU Z 126 -21.26 -9.75 49.03
CA LEU Z 126 -20.74 -8.60 49.78
C LEU Z 126 -19.50 -8.11 49.03
N SER Z 127 -19.60 -6.94 48.39
CA SER Z 127 -18.49 -6.48 47.57
C SER Z 127 -17.40 -5.88 48.45
N GLY Z 128 -17.81 -5.24 49.53
CA GLY Z 128 -16.85 -4.75 50.48
C GLY Z 128 -16.15 -5.85 51.26
N VAL Z 129 -15.41 -5.41 52.25
CA VAL Z 129 -14.86 -6.34 53.22
C VAL Z 129 -15.27 -5.81 54.56
N ILE Z 130 -15.82 -6.66 55.42
CA ILE Z 130 -16.15 -6.29 56.78
C ILE Z 130 -15.29 -7.09 57.73
N GLN Z 131 -14.75 -6.38 58.74
CA GLN Z 131 -13.59 -6.77 59.52
C GLN Z 131 -14.07 -6.88 60.97
N GLY Z 132 -13.36 -7.64 61.78
CA GLY Z 132 -13.72 -7.64 63.17
C GLY Z 132 -13.16 -8.85 63.86
N GLN Z 133 -13.49 -8.95 65.13
CA GLN Z 133 -13.19 -10.15 65.88
C GLN Z 133 -14.01 -11.32 65.36
N PHE Z 134 -13.52 -12.53 65.59
CA PHE Z 134 -14.24 -13.70 65.10
C PHE Z 134 -15.62 -13.79 65.76
N SER Z 135 -15.76 -13.32 66.99
CA SER Z 135 -17.08 -13.29 67.61
C SER Z 135 -18.05 -12.38 66.89
N ASP Z 136 -17.56 -11.24 66.39
CA ASP Z 136 -18.42 -10.36 65.58
C ASP Z 136 -18.58 -10.90 64.17
N LEU Z 137 -17.52 -11.46 63.58
CA LEU Z 137 -17.72 -11.99 62.25
C LEU Z 137 -18.61 -13.21 62.29
N GLU Z 138 -18.61 -13.92 63.40
CA GLU Z 138 -19.48 -15.09 63.54
C GLU Z 138 -20.95 -14.65 63.43
N ILE Z 139 -21.30 -13.48 63.99
CA ILE Z 139 -22.68 -12.98 63.98
C ILE Z 139 -23.11 -12.47 62.61
N GLN Z 140 -22.27 -11.64 61.96
CA GLN Z 140 -22.59 -11.14 60.61
C GLN Z 140 -22.77 -12.29 59.63
N ALA Z 141 -21.84 -13.23 59.65
CA ALA Z 141 -21.93 -14.36 58.76
C ALA Z 141 -23.21 -15.14 59.01
N ALA Z 142 -23.65 -15.20 60.25
CA ALA Z 142 -24.88 -15.91 60.53
C ALA Z 142 -26.09 -15.16 59.97
N GLU Z 143 -26.12 -13.83 60.11
CA GLU Z 143 -27.21 -13.03 59.53
C GLU Z 143 -27.16 -13.06 58.00
N ILE Z 144 -25.95 -13.03 57.42
CA ILE Z 144 -25.83 -13.08 55.97
C ILE Z 144 -26.45 -14.37 55.50
N GLU Z 145 -26.38 -15.42 56.32
CA GLU Z 145 -26.99 -16.66 55.86
C GLU Z 145 -28.50 -16.63 56.01
N ARG Z 146 -28.98 -16.01 57.09
CA ARG Z 146 -30.43 -15.86 57.23
C ARG Z 146 -31.01 -15.04 56.07
N MET Z 147 -30.31 -13.97 55.66
CA MET Z 147 -30.71 -13.17 54.49
C MET Z 147 -30.65 -14.02 53.21
N ARG Z 148 -29.60 -14.83 53.01
CA ARG Z 148 -29.57 -15.68 51.82
C ARG Z 148 -30.81 -16.57 51.76
N THR Z 149 -31.11 -17.28 52.84
CA THR Z 149 -32.25 -18.20 52.78
C THR Z 149 -33.57 -17.46 52.76
N LEU Z 150 -33.59 -16.23 53.23
CA LEU Z 150 -34.85 -15.52 53.09
C LEU Z 150 -35.09 -15.09 51.67
N MET Z 151 -34.04 -14.68 50.95
CA MET Z 151 -34.20 -14.52 49.52
C MET Z 151 -34.71 -15.83 48.92
N GLU Z 152 -34.22 -16.97 49.42
CA GLU Z 152 -34.56 -18.22 48.75
C GLU Z 152 -35.99 -18.64 49.00
N THR Z 153 -36.54 -18.38 50.17
CA THR Z 153 -37.92 -18.83 50.38
C THR Z 153 -38.98 -17.87 49.84
N THR Z 154 -38.74 -16.57 49.85
CA THR Z 154 -39.76 -15.72 49.23
C THR Z 154 -39.74 -15.84 47.70
N LEU Z 155 -38.59 -16.09 47.08
CA LEU Z 155 -38.61 -16.38 45.66
C LEU Z 155 -39.49 -17.59 45.42
N ALA Z 156 -39.39 -18.58 46.33
CA ALA Z 156 -40.21 -19.80 46.23
C ALA Z 156 -41.70 -19.52 46.41
N ARG Z 157 -42.04 -18.56 47.27
CA ARG Z 157 -43.45 -18.30 47.52
C ARG Z 157 -44.15 -17.82 46.28
N HIS Z 158 -43.44 -17.00 45.45
CA HIS Z 158 -44.02 -16.27 44.30
C HIS Z 158 -43.78 -16.92 42.95
N THR Z 159 -42.76 -17.76 42.80
CA THR Z 159 -42.49 -18.50 41.56
C THR Z 159 -43.03 -19.91 41.55
N GLY Z 160 -43.30 -20.51 42.70
CA GLY Z 160 -43.77 -21.88 42.64
C GLY Z 160 -42.70 -22.93 42.58
N LYS Z 161 -41.42 -22.55 42.52
CA LYS Z 161 -40.31 -23.47 42.61
C LYS Z 161 -40.12 -23.78 44.08
N ASP Z 162 -39.54 -24.95 44.37
CA ASP Z 162 -39.27 -25.32 45.74
C ASP Z 162 -38.01 -24.59 46.19
N ALA Z 163 -37.96 -24.25 47.46
CA ALA Z 163 -36.82 -23.44 47.87
C ALA Z 163 -35.50 -24.12 47.58
N GLY Z 164 -35.48 -25.46 47.58
CA GLY Z 164 -34.23 -26.15 47.33
C GLY Z 164 -33.68 -25.93 45.94
N VAL Z 165 -34.57 -25.67 44.97
CA VAL Z 165 -34.09 -25.38 43.62
C VAL Z 165 -33.49 -23.99 43.55
N ILE Z 166 -34.20 -22.99 44.07
CA ILE Z 166 -33.69 -21.62 44.16
C ILE Z 166 -32.25 -21.67 44.68
N ARG Z 167 -32.04 -22.42 45.76
CA ARG Z 167 -30.70 -22.44 46.32
C ARG Z 167 -29.70 -23.05 45.34
N LYS Z 168 -30.08 -24.04 44.50
CA LYS Z 168 -29.12 -24.59 43.54
C LYS Z 168 -28.90 -23.62 42.38
N ASP Z 169 -29.96 -22.99 41.93
CA ASP Z 169 -29.86 -22.11 40.79
C ASP Z 169 -29.21 -20.78 41.11
N THR Z 170 -29.33 -20.30 42.33
CA THR Z 170 -28.72 -19.05 42.74
C THR Z 170 -27.33 -19.26 43.30
N ASP Z 171 -26.84 -20.51 43.28
CA ASP Z 171 -25.45 -20.73 43.64
C ASP Z 171 -24.53 -19.91 42.76
N ARG Z 172 -24.70 -20.01 41.43
CA ARG Z 172 -24.06 -19.14 40.44
C ARG Z 172 -25.10 -18.28 39.74
N ASP Z 173 -24.66 -17.10 39.27
CA ASP Z 173 -25.60 -16.19 38.63
C ASP Z 173 -26.47 -17.02 37.69
N LYS Z 174 -27.72 -16.63 37.53
CA LYS Z 174 -28.58 -17.28 36.55
C LYS Z 174 -29.35 -16.24 35.74
N ILE Z 175 -28.92 -16.06 34.51
CA ILE Z 175 -29.53 -15.09 33.59
C ILE Z 175 -30.67 -15.78 32.84
N LEU Z 176 -31.83 -15.10 32.76
CA LEU Z 176 -33.04 -15.67 32.15
C LEU Z 176 -33.62 -14.67 31.16
N THR Z 177 -33.90 -15.14 29.96
CA THR Z 177 -34.52 -14.24 29.02
C THR Z 177 -35.99 -14.11 29.37
N ALA Z 178 -36.62 -13.06 28.84
CA ALA Z 178 -38.00 -12.77 29.20
C ALA Z 178 -38.88 -14.00 29.11
N GLU Z 179 -38.72 -14.77 28.03
CA GLU Z 179 -39.49 -16.00 27.82
C GLU Z 179 -39.14 -17.07 28.86
N GLU Z 180 -37.86 -17.22 29.15
CA GLU Z 180 -37.46 -18.21 30.12
C GLU Z 180 -37.95 -17.86 31.52
N ALA Z 181 -38.09 -16.55 31.81
CA ALA Z 181 -38.54 -16.08 33.13
C ALA Z 181 -40.01 -16.36 33.39
N LYS Z 182 -40.80 -16.49 32.34
CA LYS Z 182 -42.19 -16.89 32.55
C LYS Z 182 -42.27 -18.34 33.02
N ASP Z 183 -41.49 -19.26 32.42
CA ASP Z 183 -41.56 -20.68 32.80
C ASP Z 183 -41.06 -20.89 34.21
N TYR Z 184 -39.98 -20.18 34.56
CA TYR Z 184 -39.48 -20.27 35.91
C TYR Z 184 -40.60 -19.89 36.85
N GLY Z 185 -41.45 -18.98 36.43
CA GLY Z 185 -42.53 -18.53 37.26
C GLY Z 185 -42.33 -17.16 37.82
N ILE Z 186 -41.35 -16.39 37.30
CA ILE Z 186 -41.10 -15.06 37.84
C ILE Z 186 -42.08 -14.07 37.25
N ILE Z 187 -42.44 -14.25 35.98
CA ILE Z 187 -43.46 -13.44 35.35
C ILE Z 187 -44.53 -14.40 34.85
N ASP Z 188 -45.62 -13.81 34.44
CA ASP Z 188 -46.76 -14.52 33.88
C ASP Z 188 -46.93 -14.32 32.37
N THR Z 189 -46.56 -13.16 31.83
CA THR Z 189 -46.74 -12.91 30.41
C THR Z 189 -45.54 -12.14 29.90
N VAL Z 190 -45.23 -12.38 28.61
CA VAL Z 190 -44.27 -11.63 27.81
C VAL Z 190 -45.05 -10.78 26.82
N LEU Z 191 -44.84 -9.48 26.83
CA LEU Z 191 -45.67 -8.57 26.05
C LEU Z 191 -45.45 -8.75 24.55
N GLU Z 192 -46.53 -8.86 23.79
CA GLU Z 192 -46.40 -8.90 22.34
C GLU Z 192 -46.34 -7.46 21.87
N TYR Z 193 -45.47 -7.18 20.93
CA TYR Z 193 -45.42 -5.83 20.38
C TYR Z 193 -46.79 -5.37 19.79
N ARG Z 194 -47.37 -4.30 20.33
CA ARG Z 194 -48.59 -3.73 19.71
C ARG Z 194 -48.36 -3.56 18.16
N LEU AA 1 36.54 -26.06 -29.23
CA LEU AA 1 35.28 -26.65 -29.66
C LEU AA 1 34.70 -27.44 -28.43
N THR AA 2 33.40 -27.21 -28.22
CA THR AA 2 32.56 -28.00 -27.31
C THR AA 2 32.73 -29.50 -27.55
N ASP AA 3 32.70 -29.94 -28.81
CA ASP AA 3 32.90 -31.36 -29.10
C ASP AA 3 34.25 -31.87 -28.64
N SER AA 4 35.26 -31.03 -28.53
CA SER AA 4 36.51 -31.54 -28.01
C SER AA 4 36.43 -31.93 -26.54
N VAL AA 5 35.57 -31.25 -25.76
CA VAL AA 5 35.37 -31.62 -24.36
C VAL AA 5 34.54 -32.89 -24.26
N TYR AA 6 33.50 -33.01 -25.10
CA TYR AA 6 32.68 -34.22 -25.00
C TYR AA 6 33.49 -35.46 -25.35
N GLU AA 7 34.53 -35.38 -26.22
CA GLU AA 7 35.38 -36.55 -26.51
C GLU AA 7 36.38 -36.86 -25.40
N ARG AA 8 37.02 -35.82 -24.84
CA ARG AA 8 37.87 -36.02 -23.68
C ARG AA 8 37.09 -36.74 -22.59
N LEU AA 9 35.78 -36.47 -22.45
CA LEU AA 9 34.98 -37.22 -21.47
C LEU AA 9 34.56 -38.61 -21.91
N LEU AA 10 34.45 -38.86 -23.21
CA LEU AA 10 34.12 -40.20 -23.68
C LEU AA 10 35.21 -41.20 -23.31
N SER AA 11 36.47 -40.77 -23.36
CA SER AA 11 37.59 -41.61 -22.95
C SER AA 11 37.54 -42.00 -21.49
N GLU AA 12 36.82 -41.23 -20.69
CA GLU AA 12 36.59 -41.48 -19.29
C GLU AA 12 35.26 -42.21 -19.06
N ARG AA 13 34.54 -42.56 -20.14
CA ARG AA 13 33.27 -43.32 -20.08
C ARG AA 13 32.10 -42.51 -19.53
N ILE AA 14 32.03 -41.25 -19.93
CA ILE AA 14 30.98 -40.31 -19.55
C ILE AA 14 30.27 -39.91 -20.84
N ILE AA 15 28.96 -39.98 -20.85
CA ILE AA 15 28.23 -39.45 -21.98
C ILE AA 15 27.08 -38.61 -21.45
N PHE AA 16 26.67 -37.65 -22.24
CA PHE AA 16 25.65 -36.71 -21.83
C PHE AA 16 24.37 -36.80 -22.64
N LEU AA 17 23.27 -36.66 -21.96
CA LEU AA 17 22.01 -36.41 -22.63
C LEU AA 17 21.61 -35.01 -22.26
N GLY AA 18 22.18 -34.04 -23.00
CA GLY AA 18 22.06 -32.66 -22.58
C GLY AA 18 20.96 -31.88 -23.24
N SER AA 19 20.21 -32.52 -24.11
CA SER AA 19 19.20 -31.81 -24.87
C SER AA 19 17.91 -32.60 -24.86
N GLU AA 20 16.93 -32.15 -25.66
CA GLU AA 20 15.74 -32.92 -25.95
C GLU AA 20 16.16 -34.21 -26.62
N VAL AA 21 15.41 -35.26 -26.34
CA VAL AA 21 15.70 -36.60 -26.85
C VAL AA 21 14.88 -36.72 -28.14
N ASN AA 22 15.59 -36.62 -29.24
CA ASN AA 22 15.03 -36.80 -30.54
C ASN AA 22 15.85 -37.94 -31.11
N ASP AA 23 15.59 -38.27 -32.37
CA ASP AA 23 16.27 -39.39 -33.01
C ASP AA 23 17.77 -39.14 -33.13
N GLU AA 24 18.16 -37.91 -33.41
CA GLU AA 24 19.59 -37.71 -33.64
C GLU AA 24 20.40 -37.92 -32.36
N ILE AA 25 19.99 -37.29 -31.25
CA ILE AA 25 20.76 -37.48 -30.04
C ILE AA 25 20.63 -38.90 -29.61
N ALA AA 26 19.49 -39.53 -29.89
CA ALA AA 26 19.34 -40.94 -29.54
C ALA AA 26 20.28 -41.83 -30.35
N ASN AA 27 20.46 -41.57 -31.64
CA ASN AA 27 21.42 -42.38 -32.40
C ASN AA 27 22.86 -42.11 -32.02
N ARG AA 28 23.25 -40.85 -31.89
CA ARG AA 28 24.61 -40.62 -31.43
C ARG AA 28 24.81 -41.34 -30.11
N LEU AA 29 23.75 -41.43 -29.29
CA LEU AA 29 23.89 -41.91 -27.93
C LEU AA 29 23.96 -43.42 -27.85
N CYS AA 30 23.18 -44.11 -28.65
CA CYS AA 30 23.29 -45.56 -28.71
C CYS AA 30 24.65 -45.95 -29.26
N ALA AA 31 25.11 -45.23 -30.31
CA ALA AA 31 26.43 -45.48 -30.85
C ALA AA 31 27.52 -45.32 -29.77
N GLN AA 32 27.45 -44.24 -28.95
CA GLN AA 32 28.45 -44.05 -27.88
C GLN AA 32 28.45 -45.25 -26.93
N ILE AA 33 27.27 -45.79 -26.62
CA ILE AA 33 27.19 -46.99 -25.77
C ILE AA 33 27.73 -48.24 -26.47
N LEU AA 34 27.50 -48.42 -27.76
CA LEU AA 34 28.11 -49.56 -28.43
C LEU AA 34 29.65 -49.43 -28.45
N LEU AA 35 30.17 -48.27 -28.83
CA LEU AA 35 31.61 -48.09 -28.72
C LEU AA 35 32.10 -48.40 -27.31
N LEU AA 36 31.50 -47.81 -26.30
CA LEU AA 36 32.10 -47.95 -24.99
C LEU AA 36 32.08 -49.36 -24.44
N ALA AA 37 31.11 -50.20 -24.89
CA ALA AA 37 31.06 -51.62 -24.54
C ALA AA 37 32.00 -52.47 -25.38
N ALA AA 38 32.28 -52.07 -26.64
CA ALA AA 38 33.29 -52.75 -27.44
C ALA AA 38 34.72 -52.52 -26.89
N GLU AA 39 35.01 -51.31 -26.42
CA GLU AA 39 36.34 -51.04 -25.89
C GLU AA 39 36.62 -51.91 -24.66
N ASP AA 40 35.66 -51.95 -23.73
CA ASP AA 40 35.79 -52.65 -22.44
C ASP AA 40 34.38 -52.95 -21.96
N ALA AA 41 34.07 -54.23 -21.75
CA ALA AA 41 32.71 -54.65 -21.43
C ALA AA 41 32.51 -54.94 -19.93
N SER AA 42 33.42 -54.49 -19.08
CA SER AA 42 33.30 -54.71 -17.66
C SER AA 42 33.25 -53.42 -16.85
N LYS AA 43 33.64 -52.28 -17.44
CA LYS AA 43 33.66 -50.96 -16.83
C LYS AA 43 32.33 -50.25 -17.06
N ASP AA 44 31.93 -49.43 -16.07
CA ASP AA 44 30.66 -48.74 -16.10
C ASP AA 44 30.60 -47.65 -17.18
N ILE AA 45 29.36 -47.30 -17.55
CA ILE AA 45 29.07 -46.11 -18.35
C ILE AA 45 28.19 -45.18 -17.52
N SER AA 46 28.59 -43.92 -17.42
CA SER AA 46 27.91 -42.91 -16.64
C SER AA 46 27.18 -42.05 -17.64
N LEU AA 47 25.89 -41.88 -17.41
CA LEU AA 47 25.01 -41.14 -18.29
C LEU AA 47 24.48 -39.99 -17.47
N TYR AA 48 24.99 -38.81 -17.77
CA TYR AA 48 24.46 -37.60 -17.16
C TYR AA 48 23.25 -37.16 -17.99
N ILE AA 49 22.19 -36.76 -17.31
CA ILE AA 49 20.94 -36.40 -17.96
C ILE AA 49 20.60 -35.00 -17.48
N ASN AA 50 20.44 -34.08 -18.39
CA ASN AA 50 19.86 -32.75 -18.10
C ASN AA 50 18.89 -32.55 -19.27
N SER AA 51 17.78 -33.27 -19.24
CA SER AA 51 16.93 -33.32 -20.42
C SER AA 51 15.44 -33.10 -20.22
N PRO AA 52 14.78 -32.39 -21.15
CA PRO AA 52 13.35 -32.12 -20.97
C PRO AA 52 12.35 -33.20 -21.43
N GLY AA 53 12.80 -34.23 -22.16
CA GLY AA 53 11.95 -35.27 -22.74
C GLY AA 53 12.13 -35.34 -24.22
N GLY AA 54 11.22 -35.99 -24.91
CA GLY AA 54 11.33 -36.11 -26.33
C GLY AA 54 10.62 -37.37 -26.80
N SER AA 55 11.01 -37.83 -27.98
CA SER AA 55 10.31 -38.93 -28.67
C SER AA 55 10.44 -40.25 -27.95
N ILE AA 56 9.32 -40.95 -27.82
CA ILE AA 56 9.42 -42.27 -27.21
C ILE AA 56 10.17 -43.24 -28.13
N SER AA 57 9.95 -43.18 -29.44
CA SER AA 57 10.66 -44.12 -30.31
C SER AA 57 12.17 -43.96 -30.18
N ALA AA 58 12.67 -42.74 -30.32
CA ALA AA 58 14.08 -42.43 -30.06
C ALA AA 58 14.48 -42.80 -28.63
N GLY AA 59 13.62 -42.55 -27.65
CA GLY AA 59 13.95 -42.92 -26.27
C GLY AA 59 13.97 -44.42 -25.94
N MET AA 60 13.17 -45.25 -26.62
CA MET AA 60 13.25 -46.71 -26.38
C MET AA 60 14.46 -47.30 -27.06
N ALA AA 61 14.97 -46.59 -28.06
CA ALA AA 61 16.25 -46.96 -28.63
C ALA AA 61 17.34 -46.84 -27.58
N ILE AA 62 17.37 -45.71 -26.87
CA ILE AA 62 18.35 -45.51 -25.81
C ILE AA 62 18.12 -46.54 -24.70
N TYR AA 63 16.86 -46.76 -24.27
CA TYR AA 63 16.61 -47.64 -23.13
C TYR AA 63 17.10 -49.08 -23.41
N ASP AA 64 16.63 -49.66 -24.50
CA ASP AA 64 17.09 -51.02 -24.81
C ASP AA 64 18.61 -51.10 -24.87
N THR AA 65 19.26 -50.10 -25.46
CA THR AA 65 20.71 -50.18 -25.62
C THR AA 65 21.41 -50.09 -24.27
N MET AA 66 20.86 -49.36 -23.30
CA MET AA 66 21.35 -49.37 -21.92
C MET AA 66 21.22 -50.75 -21.31
N VAL AA 67 20.03 -51.33 -21.40
CA VAL AA 67 19.81 -52.59 -20.71
C VAL AA 67 20.56 -53.72 -21.38
N LEU AA 68 20.69 -53.71 -22.72
CA LEU AA 68 21.40 -54.81 -23.40
C LEU AA 68 22.93 -54.69 -23.36
N ALA AA 69 23.47 -53.53 -23.00
CA ALA AA 69 24.90 -53.39 -22.91
C ALA AA 69 25.44 -54.39 -21.89
N PRO AA 70 26.64 -54.89 -22.08
CA PRO AA 70 27.24 -55.78 -21.07
C PRO AA 70 27.51 -55.08 -19.74
N CYS AA 71 28.05 -53.86 -19.76
CA CYS AA 71 28.44 -53.07 -18.60
C CYS AA 71 27.23 -52.42 -17.97
N ASP AA 72 27.40 -51.92 -16.76
CA ASP AA 72 26.31 -51.22 -16.09
C ASP AA 72 26.22 -49.79 -16.59
N ILE AA 73 25.05 -49.18 -16.43
CA ILE AA 73 24.87 -47.79 -16.76
C ILE AA 73 24.49 -47.03 -15.50
N ALA AA 74 25.40 -46.23 -14.97
CA ALA AA 74 25.06 -45.29 -13.90
C ALA AA 74 24.42 -44.03 -14.51
N THR AA 75 23.35 -43.54 -13.90
CA THR AA 75 22.66 -42.35 -14.39
C THR AA 75 22.70 -41.24 -13.36
N TYR AA 76 22.93 -40.04 -13.86
CA TYR AA 76 23.03 -38.84 -13.07
C TYR AA 76 21.98 -37.87 -13.57
N ALA AA 77 21.16 -37.39 -12.65
CA ALA AA 77 20.17 -36.36 -12.90
C ALA AA 77 20.78 -35.01 -12.52
N MET AA 78 21.19 -34.26 -13.54
CA MET AA 78 21.81 -32.96 -13.36
C MET AA 78 20.82 -31.84 -13.61
N GLY AA 79 20.46 -31.10 -12.57
CA GLY AA 79 19.60 -29.99 -12.93
C GLY AA 79 18.22 -30.46 -13.36
N MET AA 80 18.06 -31.11 -14.48
CA MET AA 80 16.71 -31.59 -14.75
C MET AA 80 16.62 -32.87 -15.57
N ALA AA 81 15.81 -33.82 -15.09
CA ALA AA 81 15.47 -35.03 -15.84
C ALA AA 81 13.95 -35.19 -15.84
N ALA AA 82 13.30 -34.85 -16.95
CA ALA AA 82 11.84 -34.79 -17.10
C ALA AA 82 11.40 -35.70 -18.24
N SER AA 83 10.27 -36.38 -18.04
CA SER AA 83 9.59 -37.16 -19.09
C SER AA 83 10.51 -38.26 -19.60
N MET AA 84 10.92 -38.30 -20.86
CA MET AA 84 11.85 -39.38 -21.16
C MET AA 84 13.19 -39.24 -20.43
N GLY AA 85 13.53 -38.06 -19.96
CA GLY AA 85 14.71 -37.97 -19.13
C GLY AA 85 14.48 -38.72 -17.85
N GLU AA 86 13.29 -38.56 -17.27
CA GLU AA 86 12.93 -39.25 -16.05
C GLU AA 86 12.94 -40.75 -16.23
N PHE AA 87 12.46 -41.22 -17.36
CA PHE AA 87 12.41 -42.65 -17.64
C PHE AA 87 13.84 -43.20 -17.79
N LEU AA 88 14.68 -42.49 -18.52
CA LEU AA 88 16.02 -43.00 -18.72
C LEU AA 88 16.87 -42.88 -17.46
N LEU AA 89 16.63 -41.87 -16.63
CA LEU AA 89 17.40 -41.85 -15.40
C LEU AA 89 16.96 -43.00 -14.53
N ALA AA 90 15.68 -43.16 -14.37
CA ALA AA 90 15.19 -44.22 -13.54
C ALA AA 90 15.43 -45.61 -14.11
N ALA AA 91 15.67 -45.73 -15.41
CA ALA AA 91 15.98 -47.03 -15.98
C ALA AA 91 17.46 -47.38 -15.82
N GLY AA 92 18.26 -46.53 -15.21
CA GLY AA 92 19.65 -46.87 -14.94
C GLY AA 92 19.80 -48.14 -14.10
N THR AA 93 21.01 -48.70 -14.13
CA THR AA 93 21.29 -49.91 -13.38
C THR AA 93 20.97 -49.78 -11.89
N LYS AA 94 20.16 -50.71 -11.39
CA LYS AA 94 19.67 -50.55 -10.01
C LYS AA 94 20.85 -50.37 -9.09
N GLY AA 95 20.76 -49.34 -8.26
CA GLY AA 95 21.82 -48.99 -7.34
C GLY AA 95 22.76 -47.90 -7.86
N LYS AA 96 22.83 -47.72 -9.18
CA LYS AA 96 23.67 -46.71 -9.80
C LYS AA 96 22.82 -45.63 -10.48
N ARG AA 97 21.64 -45.30 -9.91
CA ARG AA 97 20.79 -44.19 -10.35
C ARG AA 97 20.96 -43.07 -9.32
N TYR AA 98 21.54 -41.97 -9.76
CA TYR AA 98 21.93 -40.88 -8.89
C TYR AA 98 21.19 -39.60 -9.20
N ALA AA 99 21.08 -38.75 -8.22
CA ALA AA 99 20.48 -37.45 -8.44
C ALA AA 99 21.50 -36.48 -7.92
N LEU AA 100 21.81 -35.42 -8.67
CA LEU AA 100 22.53 -34.33 -8.02
C LEU AA 100 21.58 -33.55 -7.08
N PRO AA 101 22.09 -32.90 -6.05
CA PRO AA 101 21.19 -32.47 -4.97
C PRO AA 101 20.10 -31.50 -5.38
N HIS AA 102 20.34 -30.64 -6.36
CA HIS AA 102 19.34 -29.65 -6.74
C HIS AA 102 18.75 -29.90 -8.10
N ALA AA 103 18.89 -31.11 -8.61
CA ALA AA 103 18.18 -31.53 -9.80
C ALA AA 103 16.72 -31.64 -9.47
N ARG AA 104 15.87 -31.68 -10.52
CA ARG AA 104 14.43 -31.93 -10.44
C ARG AA 104 14.08 -33.03 -11.44
N ILE AA 105 13.13 -33.86 -11.06
CA ILE AA 105 12.59 -34.91 -11.90
C ILE AA 105 11.12 -34.57 -12.19
N LEU AA 106 10.74 -34.67 -13.45
CA LEU AA 106 9.36 -34.47 -13.85
C LEU AA 106 8.78 -35.78 -14.38
N MET AA 107 7.60 -36.12 -13.92
CA MET AA 107 6.93 -37.26 -14.48
C MET AA 107 5.58 -36.82 -15.01
N HIS AA 108 5.25 -37.20 -16.27
CA HIS AA 108 3.87 -37.14 -16.81
C HIS AA 108 3.65 -38.15 -17.94
N GLN AA 109 2.39 -38.20 -18.43
CA GLN AA 109 1.96 -39.18 -19.43
C GLN AA 109 2.21 -38.70 -20.84
N PRO AA 110 2.07 -39.60 -21.82
CA PRO AA 110 2.48 -39.26 -23.19
C PRO AA 110 1.66 -38.09 -23.69
N LEU AA 111 2.25 -37.35 -24.65
CA LEU AA 111 1.65 -36.22 -25.34
C LEU AA 111 1.70 -36.59 -26.80
N GLY AA 112 0.82 -36.10 -27.64
CA GLY AA 112 0.97 -36.49 -29.02
C GLY AA 112 -0.14 -35.90 -29.83
N GLY AA 113 -0.35 -36.44 -31.03
CA GLY AA 113 -1.38 -35.85 -31.85
C GLY AA 113 -2.08 -36.88 -32.70
N VAL AA 114 -3.28 -36.50 -33.13
CA VAL AA 114 -4.08 -37.26 -34.06
C VAL AA 114 -4.46 -36.43 -35.27
N THR AA 115 -4.53 -37.09 -36.42
CA THR AA 115 -4.85 -36.45 -37.70
C THR AA 115 -5.30 -37.49 -38.70
N GLY AA 116 -6.13 -37.03 -39.64
CA GLY AA 116 -6.58 -37.83 -40.75
C GLY AA 116 -8.00 -38.33 -40.62
N SER AA 117 -8.26 -39.42 -41.35
CA SER AA 117 -9.63 -39.91 -41.43
C SER AA 117 -10.07 -40.58 -40.14
N ALA AA 118 -11.38 -40.81 -40.05
CA ALA AA 118 -11.95 -41.34 -38.83
C ALA AA 118 -11.41 -42.72 -38.50
N ALA AA 119 -11.02 -43.47 -39.52
CA ALA AA 119 -10.46 -44.80 -39.33
C ALA AA 119 -9.01 -44.73 -38.91
N ASP AA 120 -8.29 -43.79 -39.50
CA ASP AA 120 -6.88 -43.65 -39.19
C ASP AA 120 -6.72 -43.28 -37.75
N ILE AA 121 -7.64 -42.46 -37.26
CA ILE AA 121 -7.52 -41.88 -35.96
C ILE AA 121 -7.82 -42.93 -34.94
N ALA AA 122 -8.70 -43.85 -35.28
CA ALA AA 122 -8.99 -44.98 -34.41
C ALA AA 122 -7.73 -45.78 -34.15
N ILE AA 123 -6.93 -45.99 -35.20
CA ILE AA 123 -5.65 -46.71 -35.13
C ILE AA 123 -4.63 -45.98 -34.28
N GLN AA 124 -4.52 -44.63 -34.48
CA GLN AA 124 -3.66 -43.77 -33.68
C GLN AA 124 -4.01 -43.94 -32.24
N ALA AA 125 -5.32 -43.98 -31.95
CA ALA AA 125 -5.81 -44.04 -30.58
C ALA AA 125 -5.60 -45.40 -29.90
N GLU AA 126 -5.64 -46.52 -30.62
CA GLU AA 126 -5.24 -47.80 -30.01
C GLU AA 126 -3.80 -47.77 -29.55
N GLN AA 127 -2.91 -47.21 -30.36
CA GLN AA 127 -1.51 -47.23 -29.98
C GLN AA 127 -1.28 -46.36 -28.77
N PHE AA 128 -2.03 -45.26 -28.65
CA PHE AA 128 -1.99 -44.42 -27.45
C PHE AA 128 -2.23 -45.25 -26.20
N ALA AA 129 -3.29 -46.07 -26.19
CA ALA AA 129 -3.67 -46.82 -24.99
C ALA AA 129 -2.62 -47.84 -24.65
N VAL AA 130 -2.11 -48.55 -25.66
CA VAL AA 130 -0.95 -49.44 -25.48
C VAL AA 130 0.25 -48.66 -24.95
N ILE AA 131 0.66 -47.61 -25.67
CA ILE AA 131 1.87 -46.92 -25.27
C ILE AA 131 1.70 -46.38 -23.86
N LYS AA 132 0.53 -45.92 -23.52
CA LYS AA 132 0.36 -45.38 -22.17
C LYS AA 132 0.58 -46.47 -21.11
N LYS AA 133 0.09 -47.70 -21.37
CA LYS AA 133 0.17 -48.84 -20.44
C LYS AA 133 1.60 -49.37 -20.35
N GLU AA 134 2.29 -49.39 -21.47
CA GLU AA 134 3.64 -49.88 -21.42
C GLU AA 134 4.54 -48.95 -20.65
N MET AA 135 4.33 -47.63 -20.74
CA MET AA 135 5.24 -46.73 -20.02
C MET AA 135 4.96 -46.79 -18.54
N PHE AA 136 3.69 -46.87 -18.17
CA PHE AA 136 3.45 -46.91 -16.74
C PHE AA 136 3.99 -48.21 -16.16
N ARG AA 137 3.78 -49.32 -16.83
CA ARG AA 137 4.38 -50.54 -16.35
C ARG AA 137 5.90 -50.39 -16.17
N LEU AA 138 6.57 -49.79 -17.13
CA LEU AA 138 8.01 -49.71 -16.97
C LEU AA 138 8.36 -48.79 -15.81
N ASN AA 139 7.74 -47.61 -15.75
CA ASN AA 139 8.04 -46.73 -14.63
C ASN AA 139 7.67 -47.37 -13.31
N ALA AA 140 6.63 -48.23 -13.26
CA ALA AA 140 6.28 -48.97 -12.03
C ALA AA 140 7.32 -50.04 -11.70
N GLU AA 141 8.00 -50.59 -12.70
CA GLU AA 141 9.07 -51.51 -12.40
C GLU AA 141 10.27 -50.76 -11.85
N PHE AA 142 10.59 -49.63 -12.46
CA PHE AA 142 11.76 -48.86 -12.08
C PHE AA 142 11.67 -48.32 -10.67
N THR AA 143 10.50 -47.84 -10.31
CA THR AA 143 10.30 -47.06 -9.10
C THR AA 143 9.79 -47.89 -7.95
N GLY AA 144 9.31 -49.07 -8.24
CA GLY AA 144 8.71 -49.87 -7.22
C GLY AA 144 7.28 -49.51 -6.92
N GLN AA 145 6.73 -48.45 -7.52
CA GLN AA 145 5.37 -48.09 -7.17
C GLN AA 145 4.35 -48.99 -7.85
N PRO AA 146 3.16 -49.05 -7.28
CA PRO AA 146 2.08 -49.77 -7.94
C PRO AA 146 1.74 -49.08 -9.25
N ILE AA 147 1.28 -49.86 -10.22
CA ILE AA 147 0.85 -49.15 -11.42
C ILE AA 147 -0.17 -48.09 -11.10
N GLU AA 148 -0.99 -48.32 -10.08
CA GLU AA 148 -2.11 -47.43 -9.79
C GLU AA 148 -1.62 -46.05 -9.38
N ARG AA 149 -0.47 -45.96 -8.73
CA ARG AA 149 -0.01 -44.64 -8.37
C ARG AA 149 0.70 -43.95 -9.53
N ILE AA 150 1.45 -44.69 -10.35
CA ILE AA 150 2.09 -44.09 -11.53
C ILE AA 150 1.06 -43.42 -12.40
N GLU AA 151 -0.05 -44.13 -12.66
CA GLU AA 151 -1.11 -43.60 -13.50
C GLU AA 151 -1.78 -42.38 -12.87
N ALA AA 152 -1.99 -42.41 -11.56
CA ALA AA 152 -2.64 -41.29 -10.90
C ALA AA 152 -1.73 -40.06 -10.85
N ASP AA 153 -0.46 -40.23 -10.45
CA ASP AA 153 0.47 -39.10 -10.41
C ASP AA 153 0.79 -38.55 -11.80
N SER AA 154 0.81 -39.41 -12.82
CA SER AA 154 1.20 -38.96 -14.16
C SER AA 154 0.11 -38.32 -15.00
N ASP AA 155 -1.15 -38.36 -14.57
CA ASP AA 155 -2.24 -37.73 -15.32
C ASP AA 155 -1.84 -36.29 -15.67
N ARG AA 156 -1.30 -35.57 -14.69
CA ARG AA 156 -0.78 -34.24 -14.90
C ARG AA 156 0.61 -34.19 -14.30
N ASP AA 157 1.38 -33.23 -14.76
CA ASP AA 157 2.79 -33.22 -14.46
C ASP AA 157 2.96 -33.29 -12.95
N ARG AA 158 3.76 -34.24 -12.50
CA ARG AA 158 4.19 -34.34 -11.12
C ARG AA 158 5.70 -34.14 -11.02
N TRP AA 159 6.06 -33.08 -10.31
CA TRP AA 159 7.43 -32.67 -10.06
C TRP AA 159 7.96 -33.30 -8.77
N PHE AA 160 9.27 -33.67 -8.78
CA PHE AA 160 9.96 -34.18 -7.59
C PHE AA 160 11.29 -33.44 -7.34
N THR AA 161 11.61 -33.16 -6.07
CA THR AA 161 12.98 -32.74 -5.83
C THR AA 161 13.88 -33.96 -5.71
N ALA AA 162 15.19 -33.73 -5.79
CA ALA AA 162 16.07 -34.89 -5.67
C ALA AA 162 15.69 -35.76 -4.46
N ALA AA 163 15.41 -35.13 -3.32
CA ALA AA 163 15.10 -35.91 -2.13
C ALA AA 163 13.80 -36.69 -2.28
N GLU AA 164 12.75 -36.03 -2.81
CA GLU AA 164 11.46 -36.68 -3.03
C GLU AA 164 11.55 -37.82 -4.01
N ALA AA 165 12.44 -37.67 -5.03
CA ALA AA 165 12.67 -38.67 -6.06
C ALA AA 165 13.25 -39.95 -5.50
N LEU AA 166 14.07 -39.83 -4.43
CA LEU AA 166 14.70 -40.99 -3.80
C LEU AA 166 13.69 -41.78 -3.02
N GLU AA 167 12.77 -41.06 -2.32
CA GLU AA 167 11.67 -41.72 -1.59
C GLU AA 167 10.76 -42.40 -2.59
N TYR AA 168 10.60 -41.84 -3.79
CA TYR AA 168 9.65 -42.39 -4.76
C TYR AA 168 10.27 -43.52 -5.53
N GLY AA 169 11.56 -43.48 -5.76
CA GLY AA 169 12.15 -44.63 -6.40
C GLY AA 169 12.76 -44.39 -7.74
N PHE AA 170 12.82 -43.14 -8.17
CA PHE AA 170 13.42 -42.81 -9.42
C PHE AA 170 14.91 -42.96 -9.36
N VAL AA 171 15.53 -42.59 -8.25
CA VAL AA 171 16.97 -42.76 -8.04
C VAL AA 171 17.21 -43.57 -6.79
N ASP AA 172 18.49 -43.93 -6.61
CA ASP AA 172 18.97 -44.68 -5.46
C ASP AA 172 19.84 -43.87 -4.47
N HIS AA 173 20.49 -42.77 -4.90
CA HIS AA 173 21.38 -42.00 -4.04
C HIS AA 173 21.41 -40.54 -4.45
N ILE AA 174 21.71 -39.68 -3.47
CA ILE AA 174 21.94 -38.27 -3.69
C ILE AA 174 23.40 -38.03 -3.40
N ILE AA 175 24.09 -37.46 -4.40
CA ILE AA 175 25.51 -37.14 -4.31
C ILE AA 175 25.74 -35.93 -3.43
N THR AA 176 26.90 -35.91 -2.73
CA THR AA 176 27.22 -34.77 -1.86
C THR AA 176 28.68 -34.29 -1.76
N LEU BA 1 25.43 -0.70 59.50
CA LEU BA 1 24.29 -1.45 59.00
C LEU BA 1 23.71 -2.15 60.28
N THR BA 2 22.38 -2.23 60.32
CA THR BA 2 21.63 -2.97 61.32
C THR BA 2 21.71 -4.48 61.13
N ASP BA 3 21.84 -4.92 59.88
CA ASP BA 3 21.89 -6.34 59.58
C ASP BA 3 23.23 -6.96 59.82
N SER BA 4 24.30 -6.15 59.89
CA SER BA 4 25.55 -6.74 60.32
C SER BA 4 25.48 -6.99 61.84
N VAL BA 5 24.63 -6.26 62.57
CA VAL BA 5 24.38 -6.58 63.98
C VAL BA 5 23.52 -7.82 64.16
N TYR BA 6 22.47 -7.98 63.35
CA TYR BA 6 21.62 -9.16 63.47
C TYR BA 6 22.41 -10.43 63.16
N GLU BA 7 23.43 -10.32 62.28
CA GLU BA 7 24.27 -11.44 61.85
C GLU BA 7 25.37 -11.78 62.86
N ARG BA 8 25.95 -10.75 63.49
CA ARG BA 8 26.90 -11.05 64.56
C ARG BA 8 26.17 -11.82 65.64
N LEU BA 9 24.90 -11.48 65.92
CA LEU BA 9 24.13 -12.23 66.91
C LEU BA 9 23.68 -13.60 66.43
N LEU BA 10 23.50 -13.79 65.12
CA LEU BA 10 23.08 -15.10 64.66
C LEU BA 10 24.11 -16.13 65.03
N SER BA 11 25.37 -15.74 65.00
CA SER BA 11 26.45 -16.63 65.36
C SER BA 11 26.36 -17.03 66.82
N GLU BA 12 25.76 -16.18 67.65
CA GLU BA 12 25.54 -16.51 69.04
C GLU BA 12 24.20 -17.12 69.28
N ARG BA 13 23.46 -17.45 68.24
CA ARG BA 13 22.24 -18.25 68.39
C ARG BA 13 21.07 -17.51 69.04
N ILE BA 14 21.00 -16.23 68.73
CA ILE BA 14 19.94 -15.31 69.13
C ILE BA 14 19.23 -14.92 67.83
N ILE BA 15 17.92 -14.96 67.82
CA ILE BA 15 17.25 -14.43 66.65
C ILE BA 15 16.09 -13.59 67.11
N PHE BA 16 15.74 -12.57 66.33
CA PHE BA 16 14.74 -11.60 66.74
C PHE BA 16 13.48 -11.64 65.88
N LEU BA 17 12.37 -11.55 66.57
CA LEU BA 17 11.06 -11.31 66.02
C LEU BA 17 10.69 -9.89 66.43
N GLY BA 18 11.18 -8.91 65.68
CA GLY BA 18 11.01 -7.57 66.21
C GLY BA 18 9.89 -6.74 65.63
N SER BA 19 9.15 -7.29 64.68
CA SER BA 19 8.12 -6.52 64.01
C SER BA 19 6.86 -7.36 64.05
N GLU BA 20 5.84 -6.92 63.34
CA GLU BA 20 4.69 -7.77 63.11
C GLU BA 20 5.14 -9.05 62.44
N VAL BA 21 4.40 -10.10 62.72
CA VAL BA 21 4.71 -11.41 62.20
C VAL BA 21 3.88 -11.58 60.94
N ASN BA 22 4.52 -11.48 59.80
CA ASN BA 22 3.93 -11.70 58.51
C ASN BA 22 4.76 -12.80 57.84
N ASP BA 23 4.43 -13.05 56.58
CA ASP BA 23 5.08 -14.12 55.83
C ASP BA 23 6.58 -13.88 55.70
N GLU BA 24 7.02 -12.64 55.53
CA GLU BA 24 8.46 -12.46 55.28
C GLU BA 24 9.25 -12.67 56.57
N ILE BA 25 8.80 -12.04 57.66
CA ILE BA 25 9.51 -12.25 58.92
C ILE BA 25 9.40 -13.70 59.32
N ALA BA 26 8.28 -14.35 58.99
CA ALA BA 26 8.13 -15.77 59.31
C ALA BA 26 9.09 -16.64 58.52
N ASN BA 27 9.25 -16.36 57.25
CA ASN BA 27 10.15 -17.17 56.44
C ASN BA 27 11.63 -16.90 56.76
N ARG BA 28 12.04 -15.65 56.97
CA ARG BA 28 13.41 -15.41 57.42
C ARG BA 28 13.62 -16.11 58.77
N LEU BA 29 12.61 -16.11 59.61
CA LEU BA 29 12.79 -16.63 60.95
C LEU BA 29 12.83 -18.14 60.94
N CYS BA 30 12.00 -18.76 60.11
CA CYS BA 30 12.11 -20.21 59.93
C CYS BA 30 13.47 -20.60 59.33
N ALA BA 31 13.89 -19.90 58.27
CA ALA BA 31 15.22 -20.15 57.71
C ALA BA 31 16.29 -19.98 58.77
N GLN BA 32 16.21 -18.90 59.58
CA GLN BA 32 17.22 -18.77 60.62
C GLN BA 32 17.19 -20.01 61.52
N ILE BA 33 16.00 -20.56 61.78
CA ILE BA 33 15.98 -21.71 62.68
C ILE BA 33 16.56 -22.98 62.04
N LEU BA 34 16.37 -23.19 60.72
CA LEU BA 34 16.95 -24.32 59.99
C LEU BA 34 18.47 -24.23 59.92
N LEU BA 35 19.02 -23.08 59.51
CA LEU BA 35 20.47 -22.89 59.57
C LEU BA 35 21.02 -23.19 60.96
N LEU BA 36 20.45 -22.58 61.99
CA LEU BA 36 21.04 -22.72 63.32
C LEU BA 36 20.95 -24.16 63.83
N ALA BA 37 19.96 -24.93 63.37
CA ALA BA 37 19.92 -26.33 63.79
C ALA BA 37 20.82 -27.18 62.93
N ALA BA 38 21.05 -26.79 61.69
CA ALA BA 38 21.99 -27.53 60.87
C ALA BA 38 23.43 -27.40 61.36
N GLU BA 39 23.83 -26.20 61.81
CA GLU BA 39 25.19 -25.94 62.32
C GLU BA 39 25.47 -26.72 63.61
N ASP BA 40 24.54 -26.75 64.54
CA ASP BA 40 24.70 -27.54 65.77
C ASP BA 40 23.32 -27.85 66.31
N ALA BA 41 22.96 -29.13 66.43
CA ALA BA 41 21.60 -29.43 66.86
C ALA BA 41 21.41 -29.74 68.37
N SER BA 42 22.38 -29.43 69.22
CA SER BA 42 22.23 -29.68 70.64
C SER BA 42 22.27 -28.40 71.43
N LYS BA 43 22.75 -27.29 70.84
CA LYS BA 43 22.77 -25.99 71.49
C LYS BA 43 21.46 -25.22 71.30
N ASP BA 44 21.05 -24.55 72.37
CA ASP BA 44 19.77 -23.90 72.32
C ASP BA 44 19.76 -22.77 71.31
N ILE BA 45 18.54 -22.35 70.98
CA ILE BA 45 18.26 -21.11 70.27
C ILE BA 45 17.47 -20.16 71.17
N SER BA 46 17.88 -18.89 71.14
CA SER BA 46 17.20 -17.84 71.86
C SER BA 46 16.45 -16.95 70.86
N LEU BA 47 15.16 -16.77 71.11
CA LEU BA 47 14.27 -16.01 70.24
C LEU BA 47 13.70 -14.80 70.97
N TYR BA 48 14.16 -13.59 70.65
CA TYR BA 48 13.61 -12.38 71.26
C TYR BA 48 12.34 -11.95 70.56
N ILE BA 49 11.32 -11.59 71.34
CA ILE BA 49 10.03 -11.19 70.79
C ILE BA 49 9.68 -9.84 71.37
N ASN BA 50 9.51 -8.83 70.47
CA ASN BA 50 9.01 -7.49 70.71
C ASN BA 50 8.11 -7.27 69.51
N SER BA 51 6.99 -7.96 69.52
CA SER BA 51 6.11 -8.10 68.40
C SER BA 51 4.67 -7.82 68.73
N PRO BA 52 3.95 -7.15 67.84
CA PRO BA 52 2.53 -6.92 68.11
C PRO BA 52 1.56 -8.00 67.65
N GLY BA 53 1.99 -9.05 66.95
CA GLY BA 53 1.07 -10.03 66.40
C GLY BA 53 1.15 -10.09 64.90
N GLY BA 54 0.18 -10.71 64.24
CA GLY BA 54 0.31 -10.81 62.81
C GLY BA 54 -0.44 -12.02 62.27
N SER BA 55 0.00 -12.49 61.11
CA SER BA 55 -0.74 -13.55 60.44
C SER BA 55 -0.61 -14.85 61.22
N ILE BA 56 -1.72 -15.55 61.31
CA ILE BA 56 -1.66 -16.86 61.93
C ILE BA 56 -0.93 -17.84 61.03
N SER BA 57 -1.16 -17.79 59.71
CA SER BA 57 -0.51 -18.79 58.85
C SER BA 57 0.99 -18.65 58.97
N ALA BA 58 1.47 -17.42 58.86
CA ALA BA 58 2.89 -17.13 59.05
C ALA BA 58 3.36 -17.58 60.42
N GLY BA 59 2.52 -17.38 61.43
CA GLY BA 59 2.91 -17.80 62.78
C GLY BA 59 2.91 -19.30 63.01
N MET BA 60 2.03 -20.04 62.34
CA MET BA 60 2.07 -21.47 62.50
C MET BA 60 3.27 -22.06 61.75
N ALA BA 61 3.76 -21.33 60.78
CA ALA BA 61 5.04 -21.67 60.18
C ALA BA 61 6.17 -21.60 61.19
N ILE BA 62 6.26 -20.45 61.87
CA ILE BA 62 7.29 -20.28 62.89
C ILE BA 62 7.10 -21.29 63.99
N TYR BA 63 5.84 -21.48 64.42
CA TYR BA 63 5.57 -22.33 65.58
C TYR BA 63 6.00 -23.76 65.33
N ASP BA 64 5.52 -24.34 64.22
CA ASP BA 64 5.94 -25.69 63.82
C ASP BA 64 7.43 -25.81 63.60
N THR BA 65 8.04 -24.79 63.00
CA THR BA 65 9.47 -24.87 62.79
C THR BA 65 10.20 -24.88 64.13
N MET BA 66 9.67 -24.17 65.16
CA MET BA 66 10.26 -24.20 66.53
C MET BA 66 10.20 -25.57 67.17
N VAL BA 67 9.01 -26.16 67.19
CA VAL BA 67 8.80 -27.36 67.97
C VAL BA 67 9.56 -28.52 67.39
N LEU BA 68 9.67 -28.56 66.05
CA LEU BA 68 10.35 -29.63 65.31
C LEU BA 68 11.87 -29.56 65.40
N ALA BA 69 12.39 -28.45 65.82
CA ALA BA 69 13.82 -28.31 65.92
C ALA BA 69 14.43 -29.30 66.90
N PRO BA 70 15.61 -29.80 66.62
CA PRO BA 70 16.27 -30.65 67.61
C PRO BA 70 16.65 -29.86 68.85
N CYS BA 71 17.21 -28.68 68.65
CA CYS BA 71 17.65 -27.85 69.76
C CYS BA 71 16.45 -27.18 70.36
N ASP BA 72 16.64 -26.67 71.58
CA ASP BA 72 15.57 -26.02 72.30
C ASP BA 72 15.44 -24.56 71.83
N ILE BA 73 14.26 -24.01 72.09
CA ILE BA 73 13.99 -22.63 71.76
C ILE BA 73 13.67 -21.92 73.06
N ALA BA 74 14.60 -21.10 73.51
CA ALA BA 74 14.31 -20.17 74.58
C ALA BA 74 13.61 -18.96 74.00
N THR BA 75 12.53 -18.52 74.61
CA THR BA 75 11.88 -17.31 74.13
C THR BA 75 11.92 -16.23 75.21
N TYR BA 76 12.20 -15.00 74.80
CA TYR BA 76 12.23 -13.87 75.72
C TYR BA 76 11.24 -12.79 75.30
N ALA BA 77 10.45 -12.34 76.24
CA ALA BA 77 9.48 -11.32 75.92
C ALA BA 77 10.11 -9.97 76.19
N MET BA 78 10.45 -9.21 75.14
CA MET BA 78 11.00 -7.86 75.27
C MET BA 78 9.93 -6.78 75.08
N GLY BA 79 10.02 -5.69 75.83
CA GLY BA 79 8.92 -4.76 75.63
C GLY BA 79 7.51 -5.33 75.49
N MET BA 80 7.20 -5.94 74.36
CA MET BA 80 5.87 -6.49 74.17
C MET BA 80 5.87 -7.73 73.31
N ALA BA 81 5.10 -8.73 73.72
CA ALA BA 81 4.82 -9.90 72.90
C ALA BA 81 3.29 -10.08 72.93
N ALA BA 82 2.58 -9.67 71.87
CA ALA BA 82 1.11 -9.64 71.85
C ALA BA 82 0.55 -10.51 70.72
N SER BA 83 -0.60 -11.15 70.97
CA SER BA 83 -1.34 -11.93 69.96
C SER BA 83 -0.46 -13.11 69.51
N MET BA 84 -0.10 -13.21 68.23
CA MET BA 84 0.84 -14.27 67.86
C MET BA 84 2.16 -14.12 68.58
N GLY BA 85 2.51 -12.91 69.04
CA GLY BA 85 3.68 -12.76 69.87
C GLY BA 85 3.48 -13.46 71.20
N GLU BA 86 2.28 -13.36 71.77
CA GLU BA 86 2.07 -14.12 72.99
C GLU BA 86 2.13 -15.63 72.72
N PHE BA 87 1.54 -16.08 71.62
CA PHE BA 87 1.52 -17.51 71.28
C PHE BA 87 2.92 -18.07 71.04
N LEU BA 88 3.76 -17.33 70.32
CA LEU BA 88 5.11 -17.83 70.08
C LEU BA 88 6.00 -17.76 71.32
N LEU BA 89 5.74 -16.84 72.25
CA LEU BA 89 6.48 -16.84 73.50
C LEU BA 89 6.09 -18.07 74.31
N ALA BA 90 4.80 -18.27 74.46
CA ALA BA 90 4.36 -19.37 75.30
C ALA BA 90 4.64 -20.73 74.69
N ALA BA 91 4.84 -20.78 73.37
CA ALA BA 91 5.13 -22.03 72.68
C ALA BA 91 6.60 -22.39 72.73
N GLY BA 92 7.45 -21.53 73.26
CA GLY BA 92 8.81 -21.93 73.46
C GLY BA 92 8.95 -23.17 74.35
N THR BA 93 10.16 -23.71 74.34
CA THR BA 93 10.46 -24.86 75.17
C THR BA 93 10.10 -24.59 76.62
N LYS BA 94 9.31 -25.47 77.22
CA LYS BA 94 8.91 -25.28 78.62
C LYS BA 94 10.14 -25.20 79.51
N GLY BA 95 10.16 -24.23 80.39
CA GLY BA 95 11.34 -23.99 81.18
C GLY BA 95 12.24 -22.91 80.64
N LYS BA 96 12.18 -22.64 79.32
CA LYS BA 96 13.03 -21.64 78.68
C LYS BA 96 12.22 -20.51 78.05
N ARG BA 97 11.10 -20.19 78.69
CA ARG BA 97 10.22 -19.11 78.30
C ARG BA 97 10.38 -17.97 79.31
N TYR BA 98 10.89 -16.84 78.86
CA TYR BA 98 11.21 -15.74 79.76
C TYR BA 98 10.42 -14.50 79.41
N ALA BA 99 10.15 -13.68 80.42
CA ALA BA 99 9.60 -12.36 80.19
C ALA BA 99 10.56 -11.40 80.84
N LEU BA 100 10.98 -10.34 80.14
CA LEU BA 100 11.79 -9.33 80.84
C LEU BA 100 10.86 -8.56 81.78
N PRO BA 101 11.43 -7.95 82.82
CA PRO BA 101 10.59 -7.51 83.95
C PRO BA 101 9.49 -6.54 83.58
N HIS BA 102 9.76 -5.66 82.65
CA HIS BA 102 8.77 -4.69 82.27
C HIS BA 102 8.21 -4.92 80.88
N ALA BA 103 8.32 -6.13 80.33
CA ALA BA 103 7.61 -6.49 79.10
C ALA BA 103 6.13 -6.66 79.40
N ARG BA 104 5.29 -6.69 78.36
CA ARG BA 104 3.86 -6.95 78.55
C ARG BA 104 3.34 -7.97 77.57
N ILE BA 105 2.42 -8.80 78.01
CA ILE BA 105 1.85 -9.81 77.15
C ILE BA 105 0.37 -9.51 76.96
N LEU BA 106 -0.08 -9.58 75.71
CA LEU BA 106 -1.49 -9.41 75.35
C LEU BA 106 -2.06 -10.66 74.71
N MET BA 107 -3.26 -11.05 75.15
CA MET BA 107 -3.99 -12.15 74.58
C MET BA 107 -5.40 -11.73 74.23
N HIS BA 108 -5.79 -12.04 73.00
CA HIS BA 108 -7.16 -11.85 72.53
C HIS BA 108 -7.44 -12.88 71.43
N GLN BA 109 -8.69 -12.84 70.94
CA GLN BA 109 -9.18 -13.81 69.97
C GLN BA 109 -8.89 -13.34 68.56
N PRO BA 110 -9.02 -14.22 67.57
CA PRO BA 110 -8.56 -13.86 66.23
C PRO BA 110 -9.39 -12.72 65.65
N LEU BA 111 -8.75 -11.95 64.74
CA LEU BA 111 -9.34 -10.87 63.96
C LEU BA 111 -9.21 -11.28 62.51
N GLY BA 112 -10.16 -10.86 61.71
CA GLY BA 112 -10.10 -11.21 60.32
C GLY BA 112 -11.20 -10.48 59.61
N GLY BA 113 -11.55 -11.00 58.44
CA GLY BA 113 -12.59 -10.39 57.63
C GLY BA 113 -13.41 -11.42 56.88
N VAL BA 114 -14.62 -10.99 56.44
CA VAL BA 114 -15.46 -11.75 55.52
C VAL BA 114 -15.71 -10.91 54.29
N THR BA 115 -15.89 -11.61 53.19
CA THR BA 115 -16.05 -11.00 51.89
C THR BA 115 -16.64 -12.05 51.01
N GLY BA 116 -17.32 -11.60 49.97
CA GLY BA 116 -17.76 -12.53 48.98
C GLY BA 116 -19.24 -12.82 49.03
N SER BA 117 -19.58 -13.92 48.36
CA SER BA 117 -20.96 -14.30 48.25
C SER BA 117 -21.37 -15.04 49.52
N ALA BA 118 -22.65 -15.19 49.69
CA ALA BA 118 -23.08 -15.79 50.93
C ALA BA 118 -22.55 -17.20 51.06
N ALA BA 119 -22.25 -17.84 49.94
CA ALA BA 119 -21.66 -19.16 50.08
C ALA BA 119 -20.17 -19.08 50.39
N ASP BA 120 -19.46 -18.18 49.74
CA ASP BA 120 -18.06 -17.99 50.10
C ASP BA 120 -17.90 -17.62 51.56
N ILE BA 121 -18.87 -16.87 52.10
CA ILE BA 121 -18.80 -16.36 53.46
C ILE BA 121 -19.10 -17.46 54.43
N ALA BA 122 -19.97 -18.40 54.04
CA ALA BA 122 -20.24 -19.54 54.89
C ALA BA 122 -18.95 -20.26 55.22
N ILE BA 123 -18.09 -20.45 54.21
CA ILE BA 123 -16.80 -21.13 54.35
C ILE BA 123 -15.83 -20.34 55.23
N GLN BA 124 -15.67 -19.05 54.96
CA GLN BA 124 -14.79 -18.25 55.79
C GLN BA 124 -15.21 -18.41 57.22
N ALA BA 125 -16.52 -18.41 57.45
CA ALA BA 125 -17.04 -18.48 58.81
C ALA BA 125 -16.85 -19.84 59.46
N GLU BA 126 -16.90 -20.93 58.67
CA GLU BA 126 -16.53 -22.25 59.17
C GLU BA 126 -15.13 -22.28 59.74
N GLN BA 127 -14.18 -21.66 59.03
CA GLN BA 127 -12.80 -21.69 59.45
C GLN BA 127 -12.57 -20.84 60.71
N PHE BA 128 -13.31 -19.73 60.84
CA PHE BA 128 -13.20 -18.92 62.06
C PHE BA 128 -13.38 -19.79 63.30
N ALA BA 129 -14.43 -20.63 63.28
CA ALA BA 129 -14.68 -21.47 64.44
C ALA BA 129 -13.60 -22.53 64.63
N VAL BA 130 -13.13 -23.13 63.53
CA VAL BA 130 -12.01 -24.06 63.64
C VAL BA 130 -10.82 -23.36 64.24
N ILE BA 131 -10.38 -22.32 63.57
CA ILE BA 131 -9.16 -21.64 63.96
C ILE BA 131 -9.31 -21.11 65.38
N LYS BA 132 -10.46 -20.55 65.71
CA LYS BA 132 -10.61 -20.07 67.07
C LYS BA 132 -10.50 -21.21 68.11
N LYS BA 133 -11.03 -22.39 67.79
CA LYS BA 133 -10.97 -23.49 68.74
C LYS BA 133 -9.56 -24.09 68.84
N GLU BA 134 -8.85 -24.21 67.69
CA GLU BA 134 -7.49 -24.74 67.76
C GLU BA 134 -6.55 -23.80 68.49
N MET BA 135 -6.80 -22.49 68.36
CA MET BA 135 -5.90 -21.52 68.98
C MET BA 135 -6.09 -21.44 70.48
N PHE BA 136 -7.33 -21.56 70.95
CA PHE BA 136 -7.52 -21.58 72.39
C PHE BA 136 -6.97 -22.87 72.98
N ARG BA 137 -7.20 -23.99 72.29
CA ARG BA 137 -6.68 -25.24 72.82
C ARG BA 137 -5.18 -25.18 73.01
N LEU BA 138 -4.46 -24.59 72.05
CA LEU BA 138 -3.01 -24.51 72.17
C LEU BA 138 -2.60 -23.56 73.29
N ASN BA 139 -3.24 -22.38 73.39
CA ASN BA 139 -2.93 -21.47 74.50
C ASN BA 139 -3.27 -22.09 75.84
N ALA BA 140 -4.25 -22.95 75.87
CA ALA BA 140 -4.52 -23.68 77.10
C ALA BA 140 -3.40 -24.68 77.40
N GLU BA 141 -2.82 -25.30 76.37
CA GLU BA 141 -1.77 -26.28 76.64
C GLU BA 141 -0.50 -25.57 77.11
N PHE BA 142 -0.18 -24.43 76.46
CA PHE BA 142 1.00 -23.65 76.81
C PHE BA 142 0.91 -23.09 78.22
N THR BA 143 -0.24 -22.58 78.62
CA THR BA 143 -0.30 -21.91 79.91
C THR BA 143 -0.78 -22.82 81.03
N GLY BA 144 -1.52 -23.84 80.69
CA GLY BA 144 -2.11 -24.66 81.72
C GLY BA 144 -3.45 -24.21 82.21
N GLN BA 145 -3.99 -23.15 81.66
CA GLN BA 145 -5.30 -22.73 82.08
C GLN BA 145 -6.37 -23.56 81.40
N PRO BA 146 -7.55 -23.63 81.99
CA PRO BA 146 -8.67 -24.35 81.39
C PRO BA 146 -9.16 -23.63 80.17
N ILE BA 147 -9.63 -24.40 79.18
CA ILE BA 147 -10.07 -23.73 77.96
C ILE BA 147 -11.13 -22.70 78.29
N GLU BA 148 -11.88 -22.95 79.37
CA GLU BA 148 -13.00 -22.08 79.73
C GLU BA 148 -12.56 -20.68 80.10
N ARG BA 149 -11.34 -20.53 80.61
CA ARG BA 149 -10.77 -19.24 80.96
C ARG BA 149 -9.99 -18.57 79.84
N ILE BA 150 -9.20 -19.33 79.08
CA ILE BA 150 -8.57 -18.74 77.91
C ILE BA 150 -9.63 -18.13 77.03
N GLU BA 151 -10.66 -18.90 76.69
CA GLU BA 151 -11.71 -18.36 75.84
C GLU BA 151 -12.36 -17.13 76.48
N ALA BA 152 -12.58 -17.18 77.79
CA ALA BA 152 -13.25 -16.05 78.40
C ALA BA 152 -12.38 -14.81 78.39
N ASP BA 153 -11.11 -14.94 78.76
CA ASP BA 153 -10.26 -13.76 78.82
C ASP BA 153 -10.03 -13.19 77.45
N SER BA 154 -9.93 -14.07 76.45
CA SER BA 154 -9.59 -13.71 75.08
C SER BA 154 -10.75 -13.17 74.27
N ASP BA 155 -11.97 -13.17 74.77
CA ASP BA 155 -13.04 -12.49 74.07
C ASP BA 155 -12.63 -11.07 73.71
N ARG BA 156 -11.98 -10.39 74.65
CA ARG BA 156 -11.44 -9.07 74.41
C ARG BA 156 -10.06 -9.00 75.02
N ASP BA 157 -9.30 -8.02 74.57
CA ASP BA 157 -7.91 -7.94 74.96
C ASP BA 157 -7.75 -8.03 76.46
N ARG BA 158 -6.91 -8.96 76.89
CA ARG BA 158 -6.52 -9.09 78.28
C ARG BA 158 -5.02 -8.92 78.40
N TRP BA 159 -4.62 -7.89 79.13
CA TRP BA 159 -3.21 -7.54 79.30
C TRP BA 159 -2.62 -8.11 80.61
N PHE BA 160 -1.33 -8.45 80.53
CA PHE BA 160 -0.58 -8.98 81.64
C PHE BA 160 0.73 -8.24 81.76
N THR BA 161 1.11 -7.98 82.98
CA THR BA 161 2.48 -7.62 83.27
C THR BA 161 3.39 -8.85 83.34
N ALA BA 162 4.68 -8.60 83.32
CA ALA BA 162 5.60 -9.73 83.36
C ALA BA 162 5.23 -10.67 84.49
N ALA BA 163 4.82 -10.10 85.62
CA ALA BA 163 4.48 -10.91 86.78
C ALA BA 163 3.17 -11.68 86.57
N GLU BA 164 2.12 -11.00 86.12
CA GLU BA 164 0.84 -11.68 85.90
C GLU BA 164 0.97 -12.76 84.88
N ALA BA 165 1.88 -12.53 83.92
CA ALA BA 165 2.14 -13.49 82.88
C ALA BA 165 2.74 -14.78 83.42
N LEU BA 166 3.51 -14.67 84.52
CA LEU BA 166 4.10 -15.84 85.18
C LEU BA 166 3.05 -16.62 85.96
N GLU BA 167 2.14 -15.94 86.74
CA GLU BA 167 1.11 -16.68 87.50
C GLU BA 167 0.23 -17.44 86.53
N TYR BA 168 0.00 -16.88 85.35
CA TYR BA 168 -0.98 -17.45 84.42
C TYR BA 168 -0.45 -18.65 83.64
N GLY BA 169 0.83 -18.61 83.26
CA GLY BA 169 1.44 -19.71 82.53
C GLY BA 169 2.06 -19.36 81.20
N PHE BA 170 2.08 -18.09 80.80
CA PHE BA 170 2.68 -17.79 79.51
C PHE BA 170 4.18 -18.06 79.56
N VAL BA 171 4.87 -17.69 80.66
CA VAL BA 171 6.32 -17.83 80.79
C VAL BA 171 6.64 -18.62 82.04
N ASP BA 172 7.91 -18.97 82.15
CA ASP BA 172 8.42 -19.72 83.27
C ASP BA 172 9.29 -18.91 84.22
N HIS BA 173 9.84 -17.79 83.78
CA HIS BA 173 10.70 -17.01 84.64
C HIS BA 173 10.64 -15.53 84.26
N ILE BA 174 11.05 -14.70 85.22
CA ILE BA 174 11.31 -13.27 85.03
C ILE BA 174 12.77 -13.05 85.38
N ILE BA 175 13.51 -12.50 84.44
CA ILE BA 175 14.94 -12.22 84.55
C ILE BA 175 15.30 -11.06 85.44
N THR BA 176 16.50 -11.16 86.03
CA THR BA 176 17.10 -9.97 86.68
C THR BA 176 18.58 -9.50 86.76
C BEZ CA 1 17.13 -28.08 -69.88
O1 BEZ CA 1 18.18 -28.43 -69.47
C1 BEZ CA 1 16.83 -26.99 -70.89
C2 BEZ CA 1 17.64 -26.71 -71.93
C3 BEZ CA 1 17.31 -25.69 -72.78
C4 BEZ CA 1 16.17 -24.95 -72.59
C5 BEZ CA 1 15.36 -25.23 -71.53
C6 BEZ CA 1 15.67 -26.27 -70.69
H2 BEZ CA 1 18.41 -27.21 -72.06
H3 BEZ CA 1 17.87 -25.50 -73.50
H4 BEZ CA 1 15.96 -24.25 -73.17
H5 BEZ CA 1 14.59 -24.74 -71.39
H6 BEZ CA 1 15.11 -26.48 -69.97
N LEU CA 2 15.96 -28.64 -69.32
CA LEU CA 2 16.13 -29.63 -68.31
C LEU CA 2 15.69 -30.99 -68.82
N LEU CA 3 16.37 -32.18 -68.40
CA LEU CA 3 15.91 -33.47 -68.90
C LEU CA 3 15.62 -34.22 -67.59
C BEZ DA 1 1.23 -7.47 -74.13
O1 BEZ DA 1 2.28 -7.94 -74.25
C1 BEZ DA 1 0.57 -6.92 -75.41
C2 BEZ DA 1 1.24 -5.90 -76.07
C3 BEZ DA 1 0.68 -5.36 -77.21
C4 BEZ DA 1 -0.54 -5.83 -77.68
C5 BEZ DA 1 -1.19 -6.83 -77.00
C6 BEZ DA 1 -0.64 -7.36 -75.85
H2 BEZ DA 1 2.05 -5.60 -75.76
H3 BEZ DA 1 1.11 -4.68 -77.67
H4 BEZ DA 1 -0.91 -5.47 -78.46
H5 BEZ DA 1 -2.01 -7.15 -77.31
H6 BEZ DA 1 -1.09 -8.02 -75.38
N LEU DA 2 0.63 -7.37 -72.81
CA LEU DA 2 1.33 -7.80 -71.61
C LEU DA 2 0.72 -9.06 -71.19
N LEU DA 3 1.22 -10.28 -71.80
CA LEU DA 3 0.63 -11.56 -71.46
C LEU DA 3 1.11 -12.22 -70.16
C BEZ EA 1 27.26 -5.95 -66.53
O1 BEZ EA 1 28.13 -6.52 -66.01
C1 BEZ EA 1 27.10 -4.44 -66.61
C2 BEZ EA 1 28.17 -3.64 -66.76
C3 BEZ EA 1 28.03 -2.29 -66.93
C4 BEZ EA 1 26.80 -1.75 -66.97
C5 BEZ EA 1 25.74 -2.57 -66.85
C6 BEZ EA 1 25.88 -3.91 -66.71
H2 BEZ EA 1 29.02 -4.00 -66.76
H3 BEZ EA 1 28.78 -1.75 -67.01
H4 BEZ EA 1 26.69 -0.83 -67.06
H5 BEZ EA 1 24.89 -2.21 -66.89
H6 BEZ EA 1 25.14 -4.46 -66.68
N LEU EA 2 26.28 -6.69 -67.28
CA LEU EA 2 26.42 -8.11 -67.35
C LEU EA 2 26.35 -8.74 -68.75
N LEU EA 3 26.82 -10.13 -68.85
CA LEU EA 3 26.88 -10.92 -70.09
C LEU EA 3 26.42 -12.26 -69.55
C BEZ FA 1 9.09 12.70 -61.33
O1 BEZ FA 1 10.10 12.12 -61.60
C1 BEZ FA 1 8.75 14.05 -62.03
C2 BEZ FA 1 9.25 15.24 -61.57
C3 BEZ FA 1 8.95 16.44 -62.21
C4 BEZ FA 1 8.15 16.42 -63.31
C5 BEZ FA 1 7.64 15.23 -63.76
C6 BEZ FA 1 7.94 14.04 -63.14
H2 BEZ FA 1 9.81 15.25 -60.82
H3 BEZ FA 1 9.29 17.24 -61.88
H4 BEZ FA 1 7.94 17.21 -63.75
H5 BEZ FA 1 7.09 15.22 -64.52
H6 BEZ FA 1 7.59 13.24 -63.46
N LEU FA 2 8.20 12.09 -60.33
CA LEU FA 2 8.68 10.79 -59.83
C LEU FA 2 8.48 9.86 -61.06
N LEU FA 3 9.32 8.74 -61.60
CA LEU FA 3 8.94 7.90 -62.75
C LEU FA 3 8.77 6.47 -62.21
C BEZ GA 1 30.43 6.92 -45.96
O1 BEZ GA 1 31.29 6.18 -45.75
C1 BEZ GA 1 29.97 7.98 -45.01
C2 BEZ GA 1 30.79 8.60 -44.15
C3 BEZ GA 1 30.26 9.56 -43.31
C4 BEZ GA 1 28.90 9.85 -43.34
C5 BEZ GA 1 28.08 9.19 -44.22
C6 BEZ GA 1 28.62 8.25 -45.06
H2 BEZ GA 1 31.69 8.39 -44.12
H3 BEZ GA 1 30.82 10.02 -42.72
H4 BEZ GA 1 28.55 10.50 -42.77
H5 BEZ GA 1 27.18 9.36 -44.24
H6 BEZ GA 1 28.08 7.80 -45.68
N LEU GA 2 29.64 6.82 -47.16
CA LEU GA 2 29.89 5.80 -48.13
C LEU GA 2 30.55 6.47 -49.27
N LEU GA 3 31.35 5.72 -50.15
CA LEU GA 3 32.11 6.28 -51.24
C LEU GA 3 32.12 5.00 -52.01
C BEZ HA 1 7.62 16.39 -36.62
O1 BEZ HA 1 8.51 15.84 -36.07
C1 BEZ HA 1 7.20 17.85 -36.29
C2 BEZ HA 1 7.71 18.49 -35.20
C3 BEZ HA 1 7.39 19.79 -34.89
C4 BEZ HA 1 6.54 20.50 -35.68
C5 BEZ HA 1 6.02 19.90 -36.79
C6 BEZ HA 1 6.34 18.59 -37.09
H2 BEZ HA 1 8.29 18.02 -34.65
H3 BEZ HA 1 7.76 20.19 -34.13
H4 BEZ HA 1 6.32 21.39 -35.46
H5 BEZ HA 1 5.44 20.38 -37.34
H6 BEZ HA 1 5.98 18.20 -37.85
N LEU HA 2 6.96 15.66 -37.68
CA LEU HA 2 7.40 14.35 -38.02
C LEU HA 2 7.73 14.30 -39.52
N LEU HA 3 9.00 14.75 -40.11
CA LEU HA 3 9.35 14.67 -41.54
C LEU HA 3 9.31 13.21 -42.03
C BEZ IA 1 24.08 0.22 -22.85
O1 BEZ IA 1 24.96 -0.54 -22.80
C1 BEZ IA 1 23.07 0.24 -21.76
C2 BEZ IA 1 23.45 -0.05 -20.50
C3 BEZ IA 1 22.50 0.04 -19.51
C4 BEZ IA 1 21.23 0.44 -19.85
C5 BEZ IA 1 20.89 0.76 -21.14
C6 BEZ IA 1 21.85 0.67 -22.12
H2 BEZ IA 1 24.32 -0.31 -20.30
H3 BEZ IA 1 22.71 -0.18 -18.63
H4 BEZ IA 1 20.58 0.49 -19.19
H5 BEZ IA 1 20.04 1.04 -21.35
H6 BEZ IA 1 21.65 0.90 -23.00
N LEU IA 2 23.82 1.22 -23.86
CA LEU IA 2 24.77 1.28 -24.92
C LEU IA 2 25.57 2.55 -25.12
N LEU IA 3 26.76 2.51 -26.00
CA LEU IA 3 27.61 3.69 -26.22
C LEU IA 3 28.30 3.41 -27.54
C BEZ JA 1 -2.05 1.55 -19.31
O1 BEZ JA 1 -1.00 1.11 -19.04
C1 BEZ JA 1 -2.82 2.31 -18.21
C2 BEZ JA 1 -3.00 1.81 -16.96
C3 BEZ JA 1 -3.72 2.50 -15.99
C4 BEZ JA 1 -4.24 3.74 -16.25
C5 BEZ JA 1 -4.05 4.25 -17.51
C6 BEZ JA 1 -3.36 3.55 -18.48
H2 BEZ JA 1 -2.64 0.98 -16.74
H3 BEZ JA 1 -3.84 2.12 -15.15
H4 BEZ JA 1 -4.70 4.21 -15.61
H5 BEZ JA 1 -4.40 5.09 -17.71
H6 BEZ JA 1 -3.23 3.92 -19.31
N LEU JA 2 -2.60 1.33 -20.66
CA LEU JA 2 -1.83 0.67 -21.70
C LEU JA 2 -1.00 1.80 -22.39
N LEU JA 3 0.40 2.20 -22.16
CA LEU JA 3 1.03 3.19 -23.06
C LEU JA 3 1.55 2.52 -24.39
C BEZ KA 1 13.17 -20.55 -15.35
O1 BEZ KA 1 14.20 -21.11 -15.38
C1 BEZ KA 1 11.88 -21.21 -14.99
C2 BEZ KA 1 11.81 -22.26 -14.18
C3 BEZ KA 1 10.62 -22.82 -13.88
C4 BEZ KA 1 9.52 -22.31 -14.46
C5 BEZ KA 1 9.61 -21.25 -15.29
C6 BEZ KA 1 10.79 -20.69 -15.56
H2 BEZ KA 1 12.59 -22.61 -13.81
H3 BEZ KA 1 10.56 -23.53 -13.30
H4 BEZ KA 1 8.69 -22.68 -14.28
H5 BEZ KA 1 8.84 -20.91 -15.69
H6 BEZ KA 1 10.85 -19.95 -16.12
N LEU KA 2 12.97 -19.16 -15.65
CA LEU KA 2 14.10 -18.43 -16.05
C LEU KA 2 14.49 -17.45 -15.01
N LEU KA 3 15.74 -17.62 -14.27
CA LEU KA 3 16.14 -16.57 -13.34
C LEU KA 3 16.96 -15.57 -14.24
C BEZ LA 1 -12.82 -21.29 -22.21
O1 BEZ LA 1 -12.80 -22.09 -23.06
C1 BEZ LA 1 -13.89 -21.35 -21.05
C2 BEZ LA 1 -14.64 -22.47 -20.78
C3 BEZ LA 1 -15.62 -22.49 -19.80
C4 BEZ LA 1 -15.93 -21.32 -19.16
C5 BEZ LA 1 -15.28 -20.16 -19.52
C6 BEZ LA 1 -14.30 -20.17 -20.49
H2 BEZ LA 1 -14.49 -23.25 -21.27
H3 BEZ LA 1 -16.05 -23.28 -19.57
H4 BEZ LA 1 -16.58 -21.31 -18.50
H5 BEZ LA 1 -15.50 -19.37 -19.10
H6 BEZ LA 1 -13.92 -19.37 -20.77
N LEU LA 2 -11.75 -20.26 -22.34
CA LEU LA 2 -10.93 -20.10 -23.55
C LEU LA 2 -10.49 -18.66 -23.48
N LEU LA 3 -9.12 -18.53 -23.03
CA LEU LA 3 -8.64 -17.19 -22.79
C LEU LA 3 -7.29 -16.87 -23.30
C BEZ MA 1 5.74 -39.81 -28.35
O1 BEZ MA 1 6.88 -40.04 -28.37
C1 BEZ MA 1 4.61 -40.52 -29.09
C2 BEZ MA 1 4.53 -41.85 -29.19
C3 BEZ MA 1 3.46 -42.46 -29.82
C4 BEZ MA 1 2.46 -41.68 -30.32
C5 BEZ MA 1 2.53 -40.34 -30.18
C6 BEZ MA 1 3.60 -39.75 -29.55
H2 BEZ MA 1 5.20 -42.39 -28.83
H3 BEZ MA 1 3.42 -43.38 -29.90
H4 BEZ MA 1 1.73 -42.08 -30.75
H5 BEZ MA 1 1.86 -39.80 -30.53
H6 BEZ MA 1 3.62 -38.83 -29.44
N LEU MA 2 5.25 -38.67 -27.67
CA LEU MA 2 6.11 -37.82 -26.88
C LEU MA 2 5.89 -38.13 -25.43
N LEU MA 3 6.83 -37.60 -24.53
CA LEU MA 3 6.84 -37.95 -23.13
C LEU MA 3 7.91 -36.92 -22.82
C BEZ NA 1 -16.00 -33.85 -42.94
O1 BEZ NA 1 -15.03 -34.38 -42.54
C1 BEZ NA 1 -17.38 -34.57 -42.88
C2 BEZ NA 1 -17.69 -35.66 -43.64
C3 BEZ NA 1 -18.95 -36.22 -43.56
C4 BEZ NA 1 -19.88 -35.69 -42.70
C5 BEZ NA 1 -19.60 -34.60 -41.93
C6 BEZ NA 1 -18.33 -34.05 -42.01
H2 BEZ NA 1 -17.05 -36.02 -44.21
H3 BEZ NA 1 -19.17 -36.95 -44.09
H4 BEZ NA 1 -20.73 -36.08 -42.65
H5 BEZ NA 1 -20.24 -34.23 -41.36
H6 BEZ NA 1 -18.11 -33.33 -41.47
N LEU NA 2 -15.91 -32.46 -43.53
CA LEU NA 2 -14.60 -31.80 -43.50
C LEU NA 2 -14.39 -31.56 -41.95
N LEU NA 3 -13.33 -32.00 -41.01
CA LEU NA 3 -13.16 -31.54 -39.61
C LEU NA 3 -11.85 -30.70 -39.70
C BEZ OA 1 7.30 -43.31 -52.76
O1 BEZ OA 1 8.48 -43.38 -52.78
C1 BEZ OA 1 6.51 -43.17 -54.05
C2 BEZ OA 1 6.81 -43.83 -55.18
C3 BEZ OA 1 6.12 -43.62 -56.33
C4 BEZ OA 1 5.14 -42.65 -56.28
C5 BEZ OA 1 4.86 -41.93 -55.14
C6 BEZ OA 1 5.58 -42.15 -53.99
H2 BEZ OA 1 7.52 -44.44 -55.19
H3 BEZ OA 1 6.29 -44.09 -57.12
H4 BEZ OA 1 4.65 -42.48 -57.05
H5 BEZ OA 1 4.19 -41.28 -55.14
H6 BEZ OA 1 5.44 -41.64 -53.21
N LEU OA 2 6.49 -43.24 -51.55
CA LEU OA 2 7.02 -43.17 -50.22
C LEU OA 2 6.31 -44.24 -49.43
N LEU OA 3 7.16 -45.35 -49.04
CA LEU OA 3 6.74 -46.45 -48.17
C LEU OA 3 7.08 -45.73 -46.79
C BEZ PA 1 -9.58 -27.65 -65.95
O1 BEZ PA 1 -8.78 -28.43 -65.59
C1 BEZ PA 1 -10.64 -28.19 -66.96
C2 BEZ PA 1 -10.32 -28.72 -68.17
C3 BEZ PA 1 -11.34 -29.21 -68.98
C4 BEZ PA 1 -12.65 -29.21 -68.60
C5 BEZ PA 1 -12.99 -28.72 -67.37
C6 BEZ PA 1 -11.98 -28.25 -66.56
H2 BEZ PA 1 -9.43 -28.77 -68.44
H3 BEZ PA 1 -11.11 -29.54 -69.83
H4 BEZ PA 1 -13.31 -29.54 -69.17
H5 BEZ PA 1 -13.87 -28.71 -67.08
H6 BEZ PA 1 -12.19 -27.94 -65.70
N LEU PA 2 -9.57 -26.22 -65.47
CA LEU PA 2 -8.58 -25.91 -64.42
C LEU PA 2 -8.85 -27.00 -63.32
N LEU PA 3 -7.98 -27.51 -62.17
CA LEU PA 3 -8.36 -28.40 -61.04
C LEU PA 3 -7.36 -28.12 -59.88
C BEZ QA 1 5.30 -2.32 19.36
O1 BEZ QA 1 6.37 -2.60 19.74
C1 BEZ QA 1 5.06 -1.26 18.27
C2 BEZ QA 1 5.88 -1.12 17.18
C3 BEZ QA 1 5.62 -0.12 16.28
C4 BEZ QA 1 4.55 0.72 16.50
C5 BEZ QA 1 3.73 0.60 17.60
C6 BEZ QA 1 4.00 -0.40 18.49
H2 BEZ QA 1 6.61 -1.69 17.08
H3 BEZ QA 1 6.15 -0.02 15.52
H4 BEZ QA 1 4.37 1.39 15.88
H5 BEZ QA 1 3.01 1.18 17.73
H6 BEZ QA 1 3.46 -0.50 19.25
N LEU QA 2 4.08 -2.85 19.98
CA LEU QA 2 4.06 -3.82 21.10
C LEU QA 2 3.49 -5.08 20.59
N LEU QA 3 4.07 -6.31 20.96
CA LEU QA 3 3.63 -7.52 20.35
C LEU QA 3 3.92 -8.38 21.50
C BEZ RA 1 -10.35 18.88 15.01
O1 BEZ RA 1 -9.24 18.58 14.83
C1 BEZ RA 1 -11.14 19.36 13.78
C2 BEZ RA 1 -10.86 20.60 13.27
C3 BEZ RA 1 -11.53 21.04 12.15
C4 BEZ RA 1 -12.49 20.21 11.60
C5 BEZ RA 1 -12.79 18.98 12.13
C6 BEZ RA 1 -12.11 18.56 13.24
H2 BEZ RA 1 -10.21 21.14 13.67
H3 BEZ RA 1 -11.35 21.86 11.79
H4 BEZ RA 1 -12.95 20.49 10.84
H5 BEZ RA 1 -13.44 18.44 11.75
H6 BEZ RA 1 -12.29 17.73 13.61
N LEU RA 2 -10.94 18.80 16.33
CA LEU RA 2 -10.24 18.42 17.57
C LEU RA 2 -10.82 17.11 17.84
N LEU RA 3 -10.60 16.05 16.80
CA LEU RA 3 -11.15 14.69 16.87
C LEU RA 3 -10.86 14.23 18.25
C BEZ SA 1 15.57 19.75 22.55
O1 BEZ SA 1 16.40 19.15 23.16
C1 BEZ SA 1 15.49 21.27 22.48
C2 BEZ SA 1 16.56 22.04 22.16
C3 BEZ SA 1 16.48 23.40 22.06
C4 BEZ SA 1 15.28 24.01 22.24
C5 BEZ SA 1 14.20 23.23 22.53
C6 BEZ SA 1 14.29 21.87 22.63
H2 BEZ SA 1 17.38 21.62 22.02
H3 BEZ SA 1 17.24 23.91 21.85
H4 BEZ SA 1 15.20 24.94 22.17
H5 BEZ SA 1 13.38 23.64 22.67
H6 BEZ SA 1 13.52 21.36 22.80
N LEU SA 2 14.51 19.13 21.77
CA LEU SA 2 14.56 17.71 21.74
C LEU SA 2 14.44 17.04 20.38
N LEU SA 3 15.44 16.07 19.88
CA LEU SA 3 15.26 15.27 18.67
C LEU SA 3 14.66 13.90 19.18
C BEZ TA 1 -2.12 38.53 28.70
O1 BEZ TA 1 -1.06 38.06 28.55
C1 BEZ TA 1 -2.47 39.88 28.00
C2 BEZ TA 1 -2.04 41.12 28.42
C3 BEZ TA 1 -2.45 42.26 27.73
C4 BEZ TA 1 -3.27 42.14 26.62
C5 BEZ TA 1 -3.69 40.91 26.18
C6 BEZ TA 1 -3.28 39.78 26.87
H2 BEZ TA 1 -1.48 41.19 29.16
H3 BEZ TA 1 -2.17 43.09 28.02
H4 BEZ TA 1 -3.53 42.90 26.16
H5 BEZ TA 1 -4.23 40.83 25.43
H6 BEZ TA 1 -3.55 38.94 26.57
N LEU TA 2 -3.13 37.84 29.56
CA LEU TA 2 -2.75 36.51 30.10
C LEU TA 2 -3.00 35.58 28.84
N LEU TA 3 -2.13 34.55 28.18
CA LEU TA 3 -2.60 33.74 27.03
C LEU TA 3 -2.59 32.30 27.54
C BEZ UA 1 19.29 32.21 43.51
O1 BEZ UA 1 20.21 31.47 43.70
C1 BEZ UA 1 18.78 33.25 44.47
C2 BEZ UA 1 19.58 33.85 45.38
C3 BEZ UA 1 19.10 34.87 46.13
C4 BEZ UA 1 17.79 35.25 45.94
C5 BEZ UA 1 16.98 34.64 45.04
C6 BEZ UA 1 17.48 33.64 44.26
H2 BEZ UA 1 20.46 33.56 45.48
H3 BEZ UA 1 19.64 35.30 46.76
H4 BEZ UA 1 17.44 35.93 46.47
H5 BEZ UA 1 16.11 34.91 44.94
H6 BEZ UA 1 16.96 33.23 43.62
N LEU UA 2 18.63 32.38 42.21
CA LEU UA 2 19.06 31.47 41.18
C LEU UA 2 19.58 32.06 39.88
N LEU UA 3 20.89 31.71 39.33
CA LEU UA 3 21.33 32.19 38.02
C LEU UA 3 20.80 31.10 37.08
C BEZ VA 1 -3.14 41.99 53.50
O1 BEZ VA 1 -2.21 41.49 54.03
C1 BEZ VA 1 -3.60 43.45 53.74
C2 BEZ VA 1 -3.29 44.07 54.91
C3 BEZ VA 1 -3.71 45.36 55.16
C4 BEZ VA 1 -4.49 46.01 54.23
C5 BEZ VA 1 -4.86 45.37 53.07
C6 BEZ VA 1 -4.44 44.07 52.84
H2 BEZ VA 1 -2.78 43.62 55.55
H3 BEZ VA 1 -3.46 45.79 55.96
H4 BEZ VA 1 -4.76 46.88 54.38
H5 BEZ VA 1 -5.40 45.80 52.45
H6 BEZ VA 1 -4.73 43.62 52.07
N LEU VA 2 -3.87 41.25 52.49
CA LEU VA 2 -3.60 39.85 52.18
C LEU VA 2 -3.69 39.73 50.67
N LEU VA 3 -2.43 39.52 49.95
CA LEU VA 3 -2.18 39.32 48.52
C LEU VA 3 -2.03 37.82 48.38
C BEZ WA 1 13.41 25.52 66.24
O1 BEZ WA 1 14.21 24.65 66.27
C1 BEZ WA 1 12.37 25.72 67.32
C2 BEZ WA 1 12.58 25.29 68.59
C3 BEZ WA 1 11.62 25.46 69.56
C4 BEZ WA 1 10.45 26.06 69.19
C5 BEZ WA 1 10.24 26.48 67.91
C6 BEZ WA 1 11.21 26.32 66.96
H2 BEZ WA 1 13.37 24.87 68.81
H3 BEZ WA 1 11.76 25.16 70.43
H4 BEZ WA 1 9.78 26.19 69.83
H5 BEZ WA 1 9.44 26.88 67.68
H6 BEZ WA 1 11.08 26.63 66.09
N LEU WA 2 13.26 26.43 65.12
CA LEU WA 2 14.19 26.31 64.02
C LEU WA 2 14.87 27.65 63.79
N LEU WA 3 16.28 27.76 63.38
CA LEU WA 3 17.03 28.98 63.06
C LEU WA 3 17.41 28.84 61.57
C BEZ XA 1 -12.78 26.64 70.31
O1 BEZ XA 1 -11.62 26.85 70.27
C1 BEZ XA 1 -13.48 27.33 71.51
C2 BEZ XA 1 -14.19 26.68 72.46
C3 BEZ XA 1 -14.79 27.38 73.50
C4 BEZ XA 1 -14.69 28.77 73.57
C5 BEZ XA 1 -14.01 29.45 72.59
C6 BEZ XA 1 -13.41 28.74 71.57
H2 BEZ XA 1 -14.27 25.75 72.42
H3 BEZ XA 1 -15.24 26.92 74.16
H4 BEZ XA 1 -15.09 29.22 74.27
H5 BEZ XA 1 -13.95 30.38 72.63
H6 BEZ XA 1 -12.94 29.20 70.91
N LEU XA 2 -13.49 25.79 69.29
CA LEU XA 2 -12.77 25.28 68.10
C LEU XA 2 -12.02 26.57 67.61
N LEU XA 3 -10.63 26.72 67.16
CA LEU XA 3 -10.15 28.04 66.77
C LEU XA 3 -9.23 27.83 65.58
C BEZ YA 1 2.21 4.81 73.78
O1 BEZ YA 1 3.23 4.26 73.68
C1 BEZ YA 1 0.93 4.09 74.20
C2 BEZ YA 1 0.94 3.05 75.06
C3 BEZ YA 1 -0.21 2.43 75.43
C4 BEZ YA 1 -1.40 2.88 74.92
C5 BEZ YA 1 -1.39 3.93 74.05
C6 BEZ YA 1 -0.24 4.55 73.68
H2 BEZ YA 1 1.76 2.75 75.40
H3 BEZ YA 1 -0.19 1.72 76.03
H4 BEZ YA 1 -2.19 2.47 75.16
H5 BEZ YA 1 -2.21 4.22 73.69
H6 BEZ YA 1 -0.25 5.27 73.10
N LEU YA 2 2.09 6.21 73.53
CA LEU YA 2 3.31 6.90 73.17
C LEU YA 2 3.79 7.67 74.37
N LEU YA 3 5.20 7.94 74.58
CA LEU YA 3 5.80 8.72 75.63
C LEU YA 3 6.81 9.43 74.70
C BEZ ZA 1 -23.59 4.35 67.82
O1 BEZ ZA 1 -22.49 4.21 68.27
C1 BEZ ZA 1 -24.82 4.06 68.73
C2 BEZ ZA 1 -25.45 2.82 68.77
C3 BEZ ZA 1 -26.53 2.61 69.63
C4 BEZ ZA 1 -26.95 3.64 70.46
C5 BEZ ZA 1 -26.31 4.86 70.42
C6 BEZ ZA 1 -25.25 5.08 69.56
H2 BEZ ZA 1 -25.16 2.14 68.22
H3 BEZ ZA 1 -26.96 1.79 69.65
H4 BEZ ZA 1 -27.65 3.51 71.05
H5 BEZ ZA 1 -26.59 5.55 70.98
H6 BEZ ZA 1 -24.83 5.90 69.53
N LEU ZA 2 -23.70 4.79 66.43
CA LEU ZA 2 -22.45 5.03 65.72
C LEU ZA 2 -21.87 6.35 66.25
N LEU ZA 3 -20.52 6.48 66.84
CA LEU ZA 3 -20.01 7.80 67.20
C LEU ZA 3 -18.82 8.18 66.28
C BEZ AB 1 -5.51 -14.62 60.65
O1 BEZ AB 1 -4.43 -14.84 60.27
C1 BEZ AB 1 -6.72 -15.28 60.02
C2 BEZ AB 1 -6.79 -16.57 59.67
C3 BEZ AB 1 -7.95 -16.98 59.05
C4 BEZ AB 1 -8.99 -16.15 58.74
C5 BEZ AB 1 -8.87 -14.85 59.08
C6 BEZ AB 1 -7.74 -14.43 59.71
H2 BEZ AB 1 -6.08 -17.15 59.82
H3 BEZ AB 1 -8.02 -17.89 58.83
H4 BEZ AB 1 -9.75 -16.47 58.32
H5 BEZ AB 1 -9.56 -14.24 58.89
H6 BEZ AB 1 -7.64 -13.53 59.92
N LEU AB 2 -5.83 -13.60 61.62
CA LEU AB 2 -4.89 -12.70 62.25
C LEU AB 2 -5.14 -12.81 63.69
N LEU AB 3 -4.09 -12.52 64.56
CA LEU AB 3 -4.19 -12.64 65.99
C LEU AB 3 -3.16 -11.60 66.34
C BEZ BB 1 -27.55 -8.40 47.05
O1 BEZ BB 1 -26.61 -9.10 47.09
C1 BEZ BB 1 -29.03 -8.93 47.08
C2 BEZ BB 1 -29.39 -9.95 46.25
C3 BEZ BB 1 -30.66 -10.44 46.22
C4 BEZ BB 1 -31.60 -9.87 47.03
C5 BEZ BB 1 -31.27 -8.82 47.87
C6 BEZ BB 1 -29.98 -8.34 47.90
H2 BEZ BB 1 -28.75 -10.31 45.68
H3 BEZ BB 1 -30.89 -11.14 45.65
H4 BEZ BB 1 -32.47 -10.18 47.03
H5 BEZ BB 1 -31.93 -8.43 48.41
H6 BEZ BB 1 -29.75 -7.64 48.47
N LEU BB 2 -27.28 -6.97 46.96
CA LEU BB 2 -25.95 -6.38 46.91
C LEU BB 2 -25.71 -5.80 48.30
N LEU BB 3 -24.34 -5.75 48.89
CA LEU BB 3 -23.98 -5.26 50.24
C LEU BB 3 -22.52 -4.80 50.13
C BEZ CB 1 -4.46 -17.48 36.40
O1 BEZ CB 1 -3.39 -17.77 36.53
C1 BEZ CB 1 -5.05 -17.35 35.03
C2 BEZ CB 1 -4.53 -17.95 33.93
C3 BEZ CB 1 -5.13 -17.76 32.70
C4 BEZ CB 1 -6.23 -16.93 32.60
C5 BEZ CB 1 -6.70 -16.31 33.74
C6 BEZ CB 1 -6.11 -16.52 34.96
H2 BEZ CB 1 -3.77 -18.48 34.00
H3 BEZ CB 1 -4.80 -18.19 31.94
H4 BEZ CB 1 -6.64 -16.79 31.78
H5 BEZ CB 1 -7.44 -15.74 33.67
H6 BEZ CB 1 -6.44 -16.09 35.72
N LEU CB 2 -5.26 -17.17 37.56
CA LEU CB 2 -4.72 -17.23 38.91
C LEU CB 2 -5.33 -18.43 39.55
N LEU CB 3 -4.47 -19.38 40.16
CA LEU CB 3 -4.96 -20.58 40.79
C LEU CB 3 -4.06 -20.53 41.99
C BEZ DB 1 -21.79 -1.82 23.52
O1 BEZ DB 1 -20.87 -2.53 23.65
C1 BEZ DB 1 -22.88 -2.23 22.46
C2 BEZ DB 1 -22.53 -2.51 21.15
C3 BEZ DB 1 -23.49 -2.88 20.21
C4 BEZ DB 1 -24.81 -2.98 20.59
C5 BEZ DB 1 -25.17 -2.70 21.90
C6 BEZ DB 1 -24.21 -2.33 22.82
H2 BEZ DB 1 -21.63 -2.47 20.90
H3 BEZ DB 1 -23.24 -3.06 19.34
H4 BEZ DB 1 -25.46 -3.23 19.97
H5 BEZ DB 1 -26.06 -2.76 22.16
H6 BEZ DB 1 -24.46 -2.16 23.71
N LEU DB 2 -21.83 -0.63 24.39
CA LEU DB 2 -20.72 -0.44 25.36
C LEU DB 2 -20.96 -1.52 26.45
N LEU DB 3 -19.99 -2.06 27.44
CA LEU DB 3 -20.34 -2.98 28.52
C LEU DB 3 -19.52 -2.53 29.73
C10 AI4 EB . 21.13 -24.98 -73.29
C15 AI4 EB . 21.90 -27.88 -74.13
C17 AI4 EB . 23.91 -29.16 -74.83
C20 AI4 EB . 22.07 -30.07 -75.69
C21 AI4 EB . 23.19 -30.81 -76.09
C24 AI4 EB . 23.19 -32.05 -76.99
C26 AI4 EB . 17.89 -19.37 -68.78
C01 AI4 EB . 19.66 -23.68 -70.08
C02 AI4 EB . 18.77 -22.70 -70.59
C03 AI4 EB . 18.66 -22.48 -71.98
C04 AI4 EB . 19.47 -23.25 -72.91
C05 AI4 EB . 20.33 -24.19 -72.39
C06 AI4 EB . 20.44 -24.43 -70.98
C08 AI4 EB . 20.18 -23.81 -75.09
C14 AI4 EB . 22.66 -26.97 -73.40
C16 AI4 EB . 22.54 -29.00 -74.86
C18 AI4 EB . 24.68 -28.21 -74.06
C19 AI4 EB . 24.07 -27.15 -73.35
C25 AI4 EB . 18.54 -20.78 -69.13
C27 AI4 EB . 17.44 -19.12 -67.28
C29 AI4 EB . 20.19 -25.28 -68.35
C30 AI4 EB . 16.93 -21.19 -66.03
C31 AI4 EB . 16.04 -22.15 -65.56
C32 AI4 EB . 14.18 -21.07 -66.56
C33 AI4 EB . 15.12 -20.11 -67.03
C34 AI4 EB . 14.65 -22.15 -65.79
C35 AI4 EB . 13.86 -23.16 -65.27
C36 AI4 EB . 12.73 -23.19 -65.45
C37 AI4 EB . 11.87 -24.15 -64.98
C38 AI4 EB . 12.40 -25.42 -64.04
C39 AI4 EB . 13.99 -25.01 -64.04
C40 AI4 EB . 14.45 -23.92 -64.69
C41 AI4 EB . 11.28 -26.20 -63.75
F23 AI4 EB . 20.57 -27.59 -74.08
N07 AI4 EB . 19.41 -23.06 -74.26
N09 AI4 EB . 21.00 -24.75 -74.59
N22 AI4 EB . 24.27 -30.27 -75.57
N28 AI4 EB . 16.47 -20.16 -66.78
N42 AI4 EB . 11.04 -27.44 -62.99
O11 AI4 EB . 17.92 -21.93 -69.72
O12 AI4 EB . 19.80 -23.95 -68.71
O13 AI4 EB . 22.00 -25.92 -72.67
O43 AI4 EB . 10.16 -25.97 -64.11
H201 AI4 EB . 21.18 -30.25 -75.92
H242 AI4 EB . 22.82 -31.83 -77.85
H241 AI4 EB . 22.67 -32.75 -76.57
H243 AI4 EB . 24.11 -32.36 -77.10
H261 AI4 EB . 18.54 -18.68 -69.00
H262 AI4 EB . 17.11 -19.25 -69.34
H031 AI4 EB . 18.06 -21.84 -72.30
H061 AI4 EB . 21.03 -25.07 -70.65
H081 AI4 EB . 20.13 -23.67 -76.00
H181 AI4 EB . 25.61 -28.30 -74.02
H191 AI4 EB . 24.58 -26.56 -72.85
H252 AI4 EB . 17.94 -21.05 -68.41
H251 AI4 EB . 18.37 -20.44 -70.02
H271 AI4 EB . 18.22 -19.14 -66.72
H272 AI4 EB . 17.02 -18.25 -67.23
H292 AI4 EB . 21.13 -25.41 -68.59
H291 AI4 EB . 20.09 -25.40 -67.39
H293 AI4 EB . 19.64 -25.91 -68.82
H321 AI4 EB . 13.28 -20.99 -66.77
H331 AI4 EB . 14.80 -19.39 -67.54
H361 AI4 EB . 12.37 -22.49 -65.96
H371 AI4 EB . 10.97 -24.08 -65.18
H391 AI4 EB . 14.60 -25.55 -63.59
H401 AI4 EB . 15.37 -23.77 -64.65
H421 AI4 EB . 11.69 -27.84 -62.62
H422 AI4 EB . 10.24 -27.76 -62.91
H2 AI4 EB . 17.84 -21.24 -65.82
H3 AI4 EB . 16.38 -22.85 -65.05
C10 AI4 FB . 21.70 34.01 48.97
C15 AI4 FB . 24.15 34.68 47.15
C17 AI4 FB . 26.56 34.78 47.53
C20 AI4 FB . 25.90 36.16 45.88
C21 AI4 FB . 27.30 36.20 46.08
C24 AI4 FB . 28.31 37.06 45.32
C26 AI4 FB . 14.86 31.27 50.90
C01 AI4 FB . 18.69 31.73 48.52
C02 AI4 FB . 17.66 32.61 48.93
C03 AI4 FB . 17.96 33.91 49.35
C04 AI4 FB . 19.36 34.34 49.35
C05 AI4 FB . 20.36 33.50 48.95
C06 AI4 FB . 20.04 32.17 48.53
C08 AI4 FB . 20.96 36.03 49.77
C14 AI4 FB . 24.03 33.75 48.21
C16 AI4 FB . 25.44 35.20 46.84
C18 AI4 FB . 26.46 33.81 48.56
C19 AI4 FB . 25.20 33.31 48.90
C25 AI4 FB . 16.04 31.19 49.86
C27 AI4 FB . 13.80 30.17 50.64
C29 AI4 FB . 19.31 29.86 47.15
C30 AI4 FB . 14.06 29.02 48.49
C31 AI4 FB . 13.75 28.86 47.14
C32 AI4 FB . 12.19 30.69 47.19
C33 AI4 FB . 12.54 30.84 48.57
C34 AI4 FB . 12.82 29.67 46.46
C35 AI4 FB . 12.56 29.44 45.14
C36 AI4 FB . 11.81 30.06 44.55
C37 AI4 FB . 11.50 29.90 43.24
C38 AI4 FB . 12.19 28.69 42.38
C39 AI4 FB . 13.17 28.06 43.54
C40 AI4 FB . 13.17 28.58 44.77
C41 AI4 FB . 11.69 28.84 41.13
F23 AI4 FB . 23.02 35.08 46.48
N07 AI4 FB . 19.70 35.60 49.76
N09 AI4 FB . 21.94 35.23 49.38
N22 AI4 FB . 27.65 35.40 47.03
N28 AI4 FB . 13.45 30.01 49.19
N42 AI4 FB . 11.89 28.09 39.88
O11 AI4 FB . 16.30 32.19 48.90
O12 AI4 FB . 18.41 30.42 48.10
O13 AI4 FB . 22.76 33.16 48.58
O43 AI4 FB . 10.88 29.69 40.87
H201 AI4 FB . 25.40 36.65 45.27
H242 AI4 FB . 28.95 36.49 44.88
H241 AI4 FB . 28.75 37.65 45.94
H243 AI4 FB . 27.84 37.59 44.65
H261 AI4 FB . 15.22 31.16 51.79
H262 AI4 FB . 14.44 32.14 50.83
H031 AI4 FB . 17.29 34.49 49.62
H061 AI4 FB . 20.72 31.59 48.27
H081 AI4 FB . 21.15 36.90 50.05
H181 AI4 FB . 27.22 33.50 49.00
H191 AI4 FB . 25.11 32.69 49.57
H252 AI4 FB . 15.26 31.10 49.27
H251 AI4 FB . 16.35 31.90 50.43
H271 AI4 FB . 12.99 30.39 51.12
H272 AI4 FB . 14.14 29.32 50.96
H292 AI4 FB . 18.91 29.06 46.75
H291 AI4 FB . 20.13 29.61 47.59
H293 AI4 FB . 19.49 30.51 46.45
H321 AI4 FB . 11.58 31.26 46.80
H331 AI4 FB . 12.13 31.51 49.06
H361 AI4 FB . 11.38 30.75 45.01
H371 AI4 FB . 10.89 30.48 42.83
H391 AI4 FB . 13.74 27.35 43.34
H401 AI4 FB . 13.74 28.18 45.38
H421 AI4 FB . 12.45 27.43 39.87
H422 AI4 FB . 11.47 28.29 39.15
H2 AI4 FB . 14.69 28.47 48.89
H3 AI4 FB . 14.17 28.18 46.67
C10 AI4 GB . 32.52 8.71 -40.63
C15 AI4 GB . 35.14 9.29 -42.32
C17 AI4 GB . 37.51 9.33 -41.74
C20 AI4 GB . 37.06 10.67 -43.48
C21 AI4 GB . 38.42 10.72 -43.20
C24 AI4 GB . 39.47 11.57 -43.91
C26 AI4 GB . 25.21 7.01 -38.30
C01 AI4 GB . 29.56 6.31 -40.86
C02 AI4 GB . 28.58 7.17 -40.34
C03 AI4 GB . 28.92 8.48 -39.95
C04 AI4 GB . 30.28 8.97 -40.06
C05 AI4 GB . 31.21 8.15 -40.55
C06 AI4 GB . 30.88 6.80 -40.95
C08 AI4 GB . 31.89 10.71 -39.76
C14 AI4 GB . 34.84 8.42 -41.29
C16 AI4 GB . 36.48 9.78 -42.54
C18 AI4 GB . 37.21 8.40 -40.70
C19 AI4 GB . 35.89 7.95 -40.49
C25 AI4 GB . 26.57 6.53 -39.00
C27 AI4 GB . 24.07 5.92 -38.53
C29 AI4 GB . 30.12 4.37 -42.25
C30 AI4 GB . 24.74 5.04 -40.80
C31 AI4 GB . 24.65 4.80 -42.14
C32 AI4 GB . 22.42 5.60 -41.96
C33 AI4 GB . 22.59 5.88 -40.58
C34 AI4 GB . 23.46 5.05 -42.75
C35 AI4 GB . 23.34 4.76 -44.07
C36 AI4 GB . 22.36 4.96 -44.55
C37 AI4 GB . 22.05 4.76 -45.83
C38 AI4 GB . 23.08 4.13 -46.91
C39 AI4 GB . 24.35 3.96 -45.88
C40 AI4 GB . 24.26 4.32 -44.59
C41 AI4 GB . 22.31 4.11 -48.07
F23 AI4 GB . 34.08 9.63 -43.08
N07 AI4 GB . 30.65 10.22 -39.68
N09 AI4 GB . 32.81 9.90 -40.25
N22 AI4 GB . 38.65 9.93 -42.17
N28 AI4 GB . 23.78 5.62 -40.00
N42 AI4 GB . 22.72 3.63 -49.44
O11 AI4 GB . 27.20 6.73 -40.29
O12 AI4 GB . 29.28 4.97 -41.27
O13 AI4 GB . 33.52 7.92 -41.14
O43 AI4 GB . 21.08 4.49 -48.08
H201 AI4 GB . 36.61 11.13 -44.16
H242 AI4 GB . 39.30 12.51 -43.74
H241 AI4 GB . 39.43 11.40 -44.86
H243 AI4 GB . 40.36 11.35 -43.58
H261 AI4 GB . 25.36 7.12 -37.35
H262 AI4 GB . 24.93 7.85 -38.68
H031 AI4 GB . 28.26 9.04 -39.62
H061 AI4 GB . 31.56 6.26 -41.28
H081 AI4 GB . 32.09 11.57 -39.49
H181 AI4 GB . 37.89 8.08 -40.15
H191 AI4 GB . 35.71 7.33 -39.82
H252 AI4 GB . 26.77 7.48 -38.93
H251 AI4 GB . 25.95 6.04 -39.55
H271 AI4 GB . 23.25 6.23 -38.12
H272 AI4 GB . 24.34 5.09 -38.11
H292 AI4 GB . 30.97 4.14 -41.85
H291 AI4 GB . 30.27 4.99 -42.99
H293 AI4 GB . 29.69 3.57 -42.59
H321 AI4 GB . 21.60 5.78 -42.34
H331 AI4 GB . 21.90 6.25 -40.09
H361 AI4 GB . 21.71 5.32 -44.01
H371 AI4 GB . 21.19 4.99 -46.11
H391 AI4 GB . 25.15 3.61 -46.19
H401 AI4 GB . 25.01 4.19 -44.07
H421 AI4 GB . 23.53 3.31 -49.57
H422 AI4 GB . 22.17 3.65 -50.09
H2 AI4 GB . 25.54 4.78 -40.38
H3 AI4 GB . 25.38 4.48 -42.63
C10 AI4 HB . 24.05 -2.58 -17.51
C15 AI4 HB . 26.89 -0.84 -17.11
C17 AI4 HB . 28.84 -1.33 -15.70
C20 AI4 HB . 28.66 0.86 -16.09
C21 AI4 HB . 29.78 0.64 -15.28
C24 AI4 HB . 30.80 1.64 -14.72
C26 AI4 HB . 17.84 -6.35 -21.31
C01 AI4 HB . 22.01 -3.97 -20.49
C02 AI4 HB . 20.68 -3.77 -19.99
C03 AI4 HB . 20.54 -3.19 -18.72
C04 AI4 HB . 21.69 -2.82 -17.91
C05 AI4 HB . 22.96 -3.00 -18.39
C06 AI4 HB . 23.13 -3.61 -19.70
C08 AI4 HB . 22.54 -1.92 -15.84
C14 AI4 HB . 26.50 -2.19 -17.16
C16 AI4 HB . 28.04 -0.42 -16.34
C18 AI4 HB . 28.46 -2.72 -15.78
C19 AI4 HB . 27.32 -3.13 -16.50
C25 AI4 HB . 19.16 -5.52 -20.95
C27 AI4 HB . 17.84 -6.84 -22.81
C29 AI4 HB . 23.04 -4.08 -22.79
C30 AI4 HB . 19.09 -5.42 -24.37
C31 AI4 HB . 19.19 -4.33 -25.24
C32 AI4 HB . 16.90 -3.73 -24.85
C33 AI4 HB . 16.83 -4.84 -23.97
C34 AI4 HB . 18.10 -3.46 -25.51
C35 AI4 HB . 18.26 -2.40 -26.39
C36 AI4 HB . 17.40 -1.69 -26.63
C37 AI4 HB . 17.45 -0.64 -27.48
C38 AI4 HB . 18.85 -0.26 -28.26
C39 AI4 HB . 19.75 -1.49 -27.70
C40 AI4 HB . 19.29 -2.36 -26.80
C41 AI4 HB . 18.53 0.84 -29.00
F23 AI4 HB . 26.14 0.08 -17.75
N07 AI4 HB . 21.52 -2.28 -16.64
N09 AI4 HB . 23.79 -2.07 -16.29
N22 AI4 HB . 29.86 -0.65 -15.06
N28 AI4 HB . 17.91 -5.66 -23.74
N42 AI4 HB . 19.25 1.74 -29.93
O11 AI4 HB . 19.49 -4.10 -20.77
O12 AI4 HB . 22.13 -4.53 -21.80
O13 AI4 HB . 25.40 -2.74 -17.92
O43 AI4 HB . 17.43 1.30 -28.94
H201 AI4 HB . 28.36 1.68 -16.40
H242 AI4 HB . 30.58 1.84 -13.80
H241 AI4 HB . 31.69 1.27 -14.78
H243 AI4 HB . 30.75 2.46 -15.24
H261 AI4 HB . 17.78 -7.12 -20.73
H262 AI4 HB . 17.06 -5.79 -21.17
H031 AI4 HB . 19.68 -3.04 -18.39
H061 AI4 HB . 23.99 -3.76 -20.04
H081 AI4 HB . 22.38 -1.55 -14.99
H181 AI4 HB . 28.98 -3.36 -15.34
H191 AI4 HB . 27.11 -4.04 -16.54
H252 AI4 HB . 18.66 -5.35 -20.14
H251 AI4 HB . 19.05 -5.21 -21.87
H271 AI4 HB . 17.03 -7.34 -22.99
H272 AI4 HB . 18.61 -7.41 -22.95
H292 AI4 HB . 23.04 -3.11 -22.83
H291 AI4 HB . 23.95 -4.38 -22.57
H293 AI4 HB . 22.80 -4.44 -23.66
H321 AI4 HB . 16.15 -3.19 -24.98
H331 AI4 HB . 16.03 -5.02 -23.52
H361 AI4 HB . 16.59 -1.84 -26.20
H371 AI4 HB . 16.70 -0.11 -27.62
H391 AI4 HB . 20.63 -1.58 -28.00
H401 AI4 HB . 19.88 -3.01 -26.51
H421 AI4 HB . 18.84 2.40 -30.32
H422 AI4 HB . 20.07 1.56 -30.14
H2 AI4 HB . 19.83 -5.96 -24.23
H3 AI4 HB . 20.00 -4.17 -25.66
C10 AI4 IB . 13.74 22.26 71.80
C15 AI4 IB . 16.32 24.01 72.14
C17 AI4 IB . 18.56 23.80 73.12
C20 AI4 IB . 17.92 25.91 73.01
C21 AI4 IB . 19.19 25.80 73.57
C24 AI4 IB . 20.16 26.85 74.05
C26 AI4 IB . 7.26 19.17 68.63
C01 AI4 IB . 11.72 21.03 68.77
C02 AI4 IB . 10.40 21.38 69.20
C03 AI4 IB . 10.21 21.99 70.46
C04 AI4 IB . 11.37 22.26 71.30
C05 AI4 IB . 12.64 21.94 70.89
C06 AI4 IB . 12.84 21.31 69.60
C08 AI4 IB . 12.24 23.10 73.36
C14 AI4 IB . 16.19 22.62 71.99
C16 AI4 IB . 17.51 24.59 72.71
C18 AI4 IB . 18.43 22.39 72.97
C19 AI4 IB . 17.28 21.81 72.41
C25 AI4 IB . 8.72 19.78 68.41
C27 AI4 IB . 6.56 18.56 67.35
C29 AI4 IB . 12.78 21.19 66.62
C30 AI4 IB . 7.78 19.71 65.58
C31 AI4 IB . 7.92 20.70 64.63
C32 AI4 IB . 5.63 21.40 64.88
C33 AI4 IB . 5.53 20.40 65.91
C34 AI4 IB . 6.88 21.54 64.22
C35 AI4 IB . 7.16 22.44 63.21
C36 AI4 IB . 6.38 23.17 62.81
C37 AI4 IB . 6.57 24.07 61.82
C38 AI4 IB . 8.05 24.20 61.07
C39 AI4 IB . 8.85 23.04 61.89
C40 AI4 IB . 8.23 22.36 62.85
C41 AI4 IB . 7.85 25.19 60.13
F23 AI4 IB . 15.33 24.84 71.75
N07 AI4 IB . 11.21 22.83 72.54
N09 AI4 IB . 13.49 22.82 72.98
N22 AI4 IB . 19.56 24.57 73.62
N28 AI4 IB . 6.60 19.60 66.25
N42 AI4 IB . 8.70 25.86 59.11
O11 AI4 IB . 9.22 21.15 68.38
O12 AI4 IB . 11.96 20.45 67.51
O13 AI4 IB . 15.06 21.92 71.40
O43 AI4 IB . 6.81 25.78 60.01
H201 AI4 IB . 17.44 26.70 72.86
H242 AI4 IB . 20.96 26.85 73.49
H241 AI4 IB . 20.40 26.67 74.97
H243 AI4 IB . 19.73 27.73 73.99
H261 AI4 IB . 6.69 19.87 68.97
H262 AI4 IB . 7.33 18.46 69.30
H031 AI4 IB . 9.35 22.21 70.74
H061 AI4 IB . 13.69 21.08 69.31
H081 AI4 IB . 12.08 23.49 74.19
H181 AI4 IB . 19.13 21.84 73.25
H191 AI4 IB . 17.23 20.89 72.32
H252 AI4 IB . 8.59 20.02 69.34
H251 AI4 IB . 8.30 20.09 67.59
H271 AI4 IB . 7.03 17.76 67.06
H272 AI4 IB . 5.64 18.34 67.55
H292 AI4 IB . 13.70 21.14 66.91
H291 AI4 IB . 12.50 22.12 66.62
H293 AI4 IB . 12.71 20.83 65.73
H321 AI4 IB . 4.90 21.93 64.65
H331 AI4 IB . 4.73 20.31 66.36
H361 AI4 IB . 5.53 23.14 63.21
H371 AI4 IB . 5.87 24.63 61.56
H391 AI4 IB . 9.75 22.85 61.68
H401 AI4 IB . 8.76 21.72 63.29
H421 AI4 IB . 9.51 25.62 59.02
H422 AI4 IB . 8.38 26.50 58.61
H2 AI4 IB . 8.49 19.14 65.77
H3 AI4 IB . 8.76 20.80 64.23
C10 AI4 JB . 9.17 0.90 15.64
C15 AI4 JB . 9.89 -2.04 14.70
C17 AI4 JB . 11.93 -3.04 13.99
C20 AI4 JB . 10.14 -4.03 13.07
C21 AI4 JB . 11.31 -4.63 12.62
C24 AI4 JB . 11.41 -5.82 11.64
C26 AI4 JB . 6.46 7.05 19.65
C01 AI4 JB . 7.59 2.41 18.75
C02 AI4 JB . 6.86 3.47 18.15
C03 AI4 JB . 6.92 3.68 16.74
C04 AI4 JB . 7.72 2.80 15.89
C05 AI4 JB . 8.40 1.77 16.50
C06 AI4 JB . 8.37 1.53 17.95
C08 AI4 JB . 8.55 2.16 13.75
C14 AI4 JB . 10.56 -1.11 15.48
C16 AI4 JB . 10.57 -3.01 13.94
C18 AI4 JB . 12.65 -2.12 14.79
C19 AI4 JB . 11.95 -1.17 15.54
C25 AI4 JB . 6.88 5.51 19.41
C27 AI4 JB . 5.76 7.48 21.02
C29 AI4 JB . 7.52 0.89 20.68
C30 AI4 JB . 5.19 5.34 21.97
C31 AI4 JB . 4.35 4.32 22.35
C32 AI4 JB . 2.51 5.75 21.92
C33 AI4 JB . 3.40 6.76 21.48
C34 AI4 JB . 2.99 4.50 22.38
C35 AI4 JB . 2.24 3.44 22.83
C36 AI4 JB . 1.13 3.56 22.85
C37 AI4 JB . 0.25 2.63 23.26
C38 AI4 JB . 0.74 1.14 23.81
C39 AI4 JB . 2.36 1.35 23.64
C40 AI4 JB . 2.83 2.52 23.16
C41 AI4 JB . -0.47 0.53 24.13
F23 AI4 JB . 8.57 -2.03 14.65
N07 AI4 JB . 7.80 2.99 14.50
N09 AI4 JB . 9.21 1.14 14.32
N22 AI4 JB . 12.35 -4.03 13.17
N28 AI4 JB . 4.73 6.52 21.49
N42 AI4 JB . -0.84 -0.80 24.70
O11 AI4 JB . 6.10 4.36 18.98
O12 AI4 JB . 7.48 2.22 20.17
O13 AI4 JB . 9.86 -0.16 16.30
O43 AI4 JB . -1.53 1.16 24.03
H201 AI4 JB . 9.26 -4.25 12.84
H242 AI4 JB . 10.75 -5.72 10.95
H241 AI4 JB . 12.30 -5.83 11.24
H243 AI4 JB . 11.27 -6.65 12.13
H261 AI4 JB . 5.85 7.27 18.93
H262 AI4 JB . 7.26 7.57 19.56
H031 AI4 JB . 6.44 4.39 16.37
H061 AI4 JB . 8.83 0.82 18.33
H081 AI4 JB . 8.62 2.30 12.83
H181 AI4 JB . 13.58 -2.13 14.81
H191 AI4 JB . 12.42 -0.58 16.09
H252 AI4 JB . 6.32 5.40 20.19
H251 AI4 JB . 6.70 5.77 18.50
H271 AI4 JB . 5.33 8.35 20.89
H272 AI4 JB . 6.44 7.56 21.71
H292 AI4 JB . 7.21 0.89 21.59
H291 AI4 JB . 6.95 0.33 20.14
H293 AI4 JB . 8.43 0.56 20.64
H321 AI4 JB . 1.59 5.92 21.92
H331 AI4 JB . 3.08 7.57 21.18
H361 AI4 JB . 0.77 4.37 22.55
H371 AI4 JB . -0.66 2.82 23.24
H391 AI4 JB . 2.95 0.66 23.86
H401 AI4 JB . 3.76 2.59 23.09
H421 AI4 JB . -1.67 -1.02 24.81
H422 AI4 JB . -0.23 -1.39 24.87
H2 AI4 JB . 6.10 5.21 22.06
H3 AI4 JB . 4.71 3.50 22.60
C10 AI4 KB . 9.97 -44.57 -58.54
C15 AI4 KB . 10.33 -47.30 -57.35
C17 AI4 KB . 11.76 -49.23 -57.41
C20 AI4 KB . 9.61 -49.76 -56.93
C21 AI4 KB . 10.41 -50.88 -56.95
C24 AI4 KB . 9.99 -52.32 -56.73
C26 AI4 KB . 7.56 -37.33 -59.04
C01 AI4 KB . 9.40 -41.18 -56.89
C02 AI4 KB . 8.30 -40.73 -57.68
C03 AI4 KB . 7.76 -41.52 -58.72
C04 AI4 KB . 8.34 -42.83 -59.00
C05 AI4 KB . 9.41 -43.27 -58.24
C06 AI4 KB . 9.96 -42.46 -57.17
C08 AI4 KB . 8.42 -44.81 -60.24
C14 AI4 KB . 11.36 -46.43 -57.66
C16 AI4 KB . 10.51 -48.70 -57.22
C18 AI4 KB . 12.86 -48.36 -57.72
C19 AI4 KB . 12.66 -46.96 -57.84
C25 AI4 KB . 8.27 -38.36 -58.08
C27 AI4 KB . 7.53 -35.82 -58.57
C29 AI4 KB . 10.58 -41.17 -54.79
C30 AI4 KB . 7.98 -35.78 -56.17
C31 AI4 KB . 7.53 -35.69 -54.88
C32 AI4 KB . 5.23 -35.48 -55.53
C33 AI4 KB . 5.73 -35.58 -56.84
C34 AI4 KB . 6.18 -35.54 -54.51
C35 AI4 KB . 5.89 -35.46 -53.18
C36 AI4 KB . 4.82 -35.34 -52.83
C37 AI4 KB . 4.41 -35.26 -51.54
C38 AI4 KB . 5.52 -35.31 -50.30
C39 AI4 KB . 6.90 -35.50 -51.19
C40 AI4 KB . 6.81 -35.54 -52.53
C41 AI4 KB . 4.72 -35.20 -49.22
F23 AI4 KB . 9.10 -46.76 -57.15
N07 AI4 KB . 7.86 -43.62 -59.99
N09 AI4 KB . 9.45 -45.28 -59.52
N22 AI4 KB . 11.65 -50.57 -57.23
N28 AI4 KB . 7.06 -35.71 -57.16
N42 AI4 KB . 4.97 -35.18 -47.77
O11 AI4 KB . 7.70 -39.46 -57.38
O12 AI4 KB . 9.93 -40.41 -55.81
O13 AI4 KB . 11.08 -45.01 -57.73
O43 AI4 KB . 3.53 -35.09 -49.32
H201 AI4 KB . 8.70 -49.70 -56.76
H242 AI4 KB . 10.44 -52.90 -57.35
H241 AI4 KB . 10.21 -52.59 -55.82
H243 AI4 KB . 9.03 -52.40 -56.86
H261 AI4 KB . 6.64 -37.61 -59.16
H262 AI4 KB . 8.01 -37.36 -59.90
H031 AI4 KB . 7.05 -41.21 -59.23
H061 AI4 KB . 10.67 -42.78 -56.67
H081 AI4 KB . 8.09 -45.33 -60.94
H181 AI4 KB . 13.72 -48.71 -57.84
H191 AI4 KB . 13.38 -46.40 -58.04
H252 AI4 KB . 7.72 -37.89 -57.44
H251 AI4 KB . 8.06 -38.94 -58.83
H271 AI4 KB . 8.43 -35.45 -58.64
H272 AI4 KB . 6.94 -35.32 -59.15
H292 AI4 KB . 10.75 -40.60 -54.03
H291 AI4 KB . 11.42 -41.52 -55.13
H293 AI4 KB . 10.00 -41.90 -54.52
H321 AI4 KB . 4.33 -35.39 -55.36
H331 AI4 KB . 5.12 -35.55 -57.54
H361 AI4 KB . 4.15 -35.28 -53.48
H371 AI4 KB . 3.51 -35.19 -51.34
H391 AI4 KB . 7.72 -35.59 -50.76
H401 AI4 KB . 7.62 -35.65 -52.97
H421 AI4 KB . 5.78 -35.25 -47.48
H422 AI4 KB . 4.32 -35.10 -47.22
H2 AI4 KB . 8.89 -35.88 -56.36
H3 AI4 KB . 8.15 -35.74 -54.20
C10 AI4 LB . -1.81 -18.93 30.48
C15 AI4 LB . -1.56 -21.75 31.83
C17 AI4 LB . -0.07 -23.70 31.44
C20 AI4 LB . -2.05 -24.32 32.38
C21 AI4 LB . -1.23 -25.44 32.17
C24 AI4 LB . -1.55 -26.89 32.50
C26 AI4 LB . -3.05 -10.87 30.74
C01 AI4 LB . -2.20 -15.32 31.87
C02 AI4 LB . -3.25 -14.87 31.04
C03 AI4 LB . -3.78 -15.74 30.06
C04 AI4 LB . -3.27 -17.10 29.88
C05 AI4 LB . -2.25 -17.54 30.70
C06 AI4 LB . -1.70 -16.65 31.73
C08 AI4 LB . -3.31 -19.21 28.75
C14 AI4 LB . -0.61 -20.89 31.27
C16 AI4 LB . -1.28 -23.19 31.90
C18 AI4 LB . 0.91 -22.78 30.88
C19 AI4 LB . 0.64 -21.40 30.81
C25 AI4 LB . -2.94 -12.45 30.68
C27 AI4 LB . -2.41 -10.57 32.12
C29 AI4 LB . -0.94 -14.97 33.92
C30 AI4 LB . -4.73 -10.65 33.26
C31 AI4 LB . -5.51 -10.54 34.43
C32 AI4 LB . -3.43 -10.21 35.57
C33 AI4 LB . -2.70 -10.30 34.43
C34 AI4 LB . -4.83 -10.32 35.62
C35 AI4 LB . -5.44 -10.21 36.83
C36 AI4 LB . -6.58 -10.30 36.96
C37 AI4 LB . -7.24 -10.19 38.14
C38 AI4 LB . -6.37 -9.89 39.52
C39 AI4 LB . -4.86 -9.85 38.94
C40 AI4 LB . -4.68 -10.01 37.63
C41 AI4 LB . -7.30 -9.88 40.46
F23 AI4 LB . -2.70 -21.15 32.29
N07 AI4 LB . -3.78 -17.94 28.91
N09 AI4 LB . -2.34 -19.68 29.53
N22 AI4 LB . -0.09 -25.07 31.62
N28 AI4 LB . -3.35 -10.51 33.28
N42 AI4 LB . -7.13 -9.64 41.88
O11 AI4 LB . -3.77 -13.52 31.19
O12 AI4 LB . -1.70 -14.43 32.86
O13 AI4 LB . -0.77 -19.46 31.25
O43 AI4 LB . -8.46 -10.02 40.20
H201 AI4 LB . -2.91 -24.31 32.75
H242 AI4 LB . -1.22 -27.09 33.39
H241 AI4 LB . -2.51 -27.02 32.48
H243 AI4 LB . -1.13 -27.47 31.86
H261 AI4 LB . -2.56 -10.45 30.01
H262 AI4 LB . -3.98 -10.58 30.70
H031 AI4 LB . -4.47 -15.44 29.50
H061 AI4 LB . -1.02 -16.95 32.28
H081 AI4 LB . -3.67 -19.74 28.08
H181 AI4 LB . 1.73 -23.11 30.58
H191 AI4 LB . 1.27 -20.81 30.47
H252 AI4 LB . -3.72 -12.33 30.11
H251 AI4 LB . -2.79 -12.33 31.62
H271 AI4 LB . -1.96 -9.71 32.05
H272 AI4 LB . -1.75 -11.26 32.29
H292 AI4 LB . -0.08 -15.27 33.58
H291 AI4 LB . -0.80 -14.30 34.60
H293 AI4 LB . -1.42 -15.72 34.32
H321 AI4 LB . -2.97 -10.06 36.37
H331 AI4 LB . -1.77 -10.21 34.45
H361 AI4 LB . -7.08 -10.46 36.19
H371 AI4 LB . -8.16 -10.29 38.17
H391 AI4 LB . -4.14 -9.71 39.50
H401 AI4 LB . -3.80 -9.96 37.34
H421 AI4 LB . -6.33 -9.53 42.17
H422 AI4 LB . -7.80 -9.63 42.42
H2 AI4 LB . -5.15 -10.80 32.44
H3 AI4 LB . -6.43 -10.63 34.40
C10 AI4 MB . 31.42 -1.57 -65.17
C15 AI4 MB . 33.00 -2.78 -67.45
C17 AI4 MB . 35.28 -3.21 -68.14
C20 AI4 MB . 33.97 -2.97 -69.94
C21 AI4 MB . 35.29 -3.24 -70.34
C24 AI4 MB . 35.82 -3.33 -71.78
C26 AI4 MB . 25.55 -0.24 -60.24
C01 AI4 MB . 28.71 -2.81 -62.78
C02 AI4 MB . 27.73 -1.79 -62.96
C03 AI4 MB . 27.99 -0.73 -63.83
C04 AI4 MB . 29.24 -0.67 -64.56
C05 AI4 MB . 30.19 -1.66 -64.39
C06 AI4 MB . 29.94 -2.76 -63.48
C08 AI4 MB . 30.69 0.39 -66.12
C14 AI4 MB . 33.33 -2.82 -66.09
C16 AI4 MB . 33.99 -2.97 -68.50
C18 AI4 MB . 35.64 -3.25 -66.75
C19 AI4 MB . 34.67 -3.07 -65.74
C25 AI4 MB . 26.54 -1.22 -60.98
C27 AI4 MB . 24.72 -1.09 -59.23
C29 AI4 MB . 28.92 -5.18 -62.40
C30 AI4 MB . 24.28 -3.18 -60.42
C31 AI4 MB . 23.47 -4.09 -61.02
C32 AI4 MB . 21.54 -2.83 -60.45
C33 AI4 MB . 22.41 -1.89 -59.85
C34 AI4 MB . 22.10 -3.97 -61.05
C35 AI4 MB . 21.39 -4.96 -61.66
C36 AI4 MB . 20.26 -4.92 -61.72
C37 AI4 MB . 19.43 -5.83 -62.28
C38 AI4 MB . 20.11 -7.16 -62.97
C39 AI4 MB . 21.69 -6.87 -62.71
C40 AI4 MB . 22.06 -5.76 -62.07
C41 AI4 MB . 19.05 -7.83 -63.45
F23 AI4 MB . 31.69 -2.53 -67.73
N07 AI4 MB . 29.52 0.35 -65.44
N09 AI4 MB . 31.64 -0.55 -66.00
N22 AI4 MB . 36.03 -3.37 -69.27
N28 AI4 MB . 23.77 -2.05 -59.87
N42 AI4 MB . 18.86 -9.12 -64.15
O11 AI4 MB . 26.46 -1.82 -62.27
O12 AI4 MB . 28.51 -3.91 -61.92
O13 AI4 MB . 32.38 -2.62 -65.00
O43 AI4 MB . 17.95 -7.41 -63.21
H201 AI4 MB . 33.24 -2.83 -70.49
H242 AI4 MB . 36.75 -3.09 -71.79
H241 AI4 MB . 35.72 -4.24 -72.11
H243 AI4 MB . 35.32 -2.73 -72.35
H261 AI4 MB . 26.06 0.44 -59.78
H262 AI4 MB . 24.96 0.18 -60.88
H031 AI4 MB . 27.36 -0.05 -63.96
H061 AI4 MB . 30.59 -3.42 -63.35
H081 AI4 MB . 30.84 1.10 -66.70
H181 AI4 MB . 36.52 -3.40 -66.50
H191 AI4 MB . 34.91 -3.12 -64.84
H252 AI4 MB . 25.79 -1.82 -60.85
H251 AI4 MB . 26.65 -0.43 -61.54
H271 AI4 MB . 25.34 -1.58 -58.67
H272 AI4 MB . 24.21 -0.47 -58.67
H292 AI4 MB . 29.89 -5.24 -62.37
H291 AI4 MB . 28.54 -5.87 -61.83
H293 AI4 MB . 28.61 -5.31 -63.31
H321 AI4 MB . 20.63 -2.71 -60.44
H331 AI4 MB . 22.06 -1.13 -59.45
H361 AI4 MB . 19.84 -4.18 -61.33
H371 AI4 MB . 18.51 -5.70 -62.29
H391 AI4 MB . 22.33 -7.48 -62.99
H401 AI4 MB . 22.98 -5.64 -61.95
H421 AI4 MB . 18.08 -9.40 -64.38
H422 AI4 MB . 19.57 -9.57 -64.37
H2 AI4 MB . 25.20 -3.32 -60.39
H3 AI4 MB . 23.87 -4.82 -61.43
C10 AI4 NB . 19.78 24.32 24.02
C15 AI4 NB . 21.37 23.07 21.73
C17 AI4 NB . 23.64 22.74 21.04
C20 AI4 NB . 22.31 22.95 19.26
C21 AI4 NB . 23.61 22.73 18.79
C24 AI4 NB . 24.07 22.66 17.32
C26 AI4 NB . 13.67 25.68 29.08
C01 AI4 NB . 17.03 23.15 26.41
C02 AI4 NB . 16.21 24.32 26.34
C03 AI4 NB . 16.55 25.42 25.55
C04 AI4 NB . 17.77 25.37 24.78
C05 AI4 NB . 18.58 24.25 24.83
C06 AI4 NB . 18.24 23.09 25.66
C08 AI4 NB . 19.25 26.44 23.27
C14 AI4 NB . 21.70 23.07 23.05
C16 AI4 NB . 22.34 22.93 20.69
C18 AI4 NB . 24.00 22.69 22.42
C19 AI4 NB . 23.02 22.84 23.42
C25 AI4 NB . 14.87 24.95 28.35
C27 AI4 NB . 12.96 24.60 29.94
C29 AI4 NB . 16.42 20.80 26.67
C30 AI4 NB . 12.57 23.04 27.98
C31 AI4 NB . 11.86 22.10 27.25
C32 AI4 NB . 10.23 22.28 29.01
C33 AI4 NB . 10.97 23.23 29.69
C34 AI4 NB . 10.66 21.70 27.79
C35 AI4 NB . 9.91 20.78 27.13
C36 AI4 NB . 10.30 20.35 26.16
C37 AI4 NB . 9.66 19.42 25.40
C38 AI4 NB . 8.18 18.80 25.84
C39 AI4 NB . 8.01 19.66 27.23
C40 AI4 NB . 8.95 20.54 27.65
C41 AI4 NB . 7.90 17.92 24.83
F23 AI4 NB . 20.05 23.25 21.54
N07 AI4 NB . 18.11 26.44 24.00
N09 AI4 NB . 20.06 25.39 23.29
N22 AI4 NB . 24.37 22.62 19.88
N28 AI4 NB . 12.15 23.60 29.16
N42 AI4 NB . 8.49 17.43 23.56
O11 AI4 NB . 14.95 24.36 27.05
O12 AI4 NB . 16.58 22.09 27.25
O13 AI4 NB . 20.65 23.18 24.03
O43 AI4 NB . 6.85 17.32 24.89
H201 AI4 NB . 21.56 23.07 18.73
H242 AI4 NB . 23.66 23.38 16.82
H241 AI4 NB . 25.04 22.76 17.28
H243 AI4 NB . 23.81 21.81 16.94
H261 AI4 NB . 14.01 26.40 29.65
H262 AI4 NB . 13.06 26.06 28.43
H031 AI4 NB . 15.99 26.17 25.51
H061 AI4 NB . 18.80 22.35 25.71
H081 AI4 NB . 19.47 27.19 22.75
H181 AI4 NB . 24.88 22.57 22.66
H191 AI4 NB . 23.26 22.77 24.33
H252 AI4 NB . 14.82 25.75 27.81
H251 AI4 NB . 14.27 24.20 28.47
H271 AI4 NB . 13.63 24.11 30.45
H272 AI4 NB . 12.35 25.06 30.56
H292 AI4 NB . 15.92 20.23 27.27
H291 AI4 NB . 15.97 20.88 25.82
H293 AI4 NB . 17.31 20.41 26.51
H321 AI4 NB . 9.41 22.01 29.36
H331 AI4 NB . 10.66 23.58 30.49
H361 AI4 NB . 11.13 20.65 25.85
H371 AI4 NB . 10.05 19.12 24.62
H391 AI4 NB . 7.25 19.53 27.75
H401 AI4 NB . 8.76 21.01 28.43
H421 AI4 NB . 9.27 17.71 23.29
H422 AI4 NB . 8.09 16.83 23.08
H2 AI4 NB . 13.40 23.31 27.65
H3 AI4 NB . 12.18 21.75 26.46
C10 AI4 OB . 5.86 -45.09 -31.77
C15 AI4 OB . 6.84 -46.20 -29.10
C17 AI4 OB . 7.99 -48.19 -28.46
C20 AI4 OB . 6.64 -47.46 -26.79
C21 AI4 OB . 7.29 -48.63 -26.38
C24 AI4 OB . 7.17 -49.35 -25.02
C26 AI4 OB . 2.78 -39.60 -36.63
C01 AI4 OB . 5.80 -41.63 -33.31
C02 AI4 OB . 4.47 -41.64 -33.79
C03 AI4 OB . 3.62 -42.71 -33.60
C04 AI4 OB . 4.11 -43.89 -32.91
C05 AI4 OB . 5.42 -43.90 -32.45
C06 AI4 OB . 6.31 -42.76 -32.64
C08 AI4 OB . 3.73 -46.08 -32.09
C14 AI4 OB . 7.46 -46.22 -30.35
C16 AI4 OB . 7.11 -47.20 -28.13
C18 AI4 OB . 8.64 -48.23 -29.74
C19 AI4 OB . 8.37 -47.23 -30.68
C25 AI4 OB . 3.95 -40.25 -35.76
C27 AI4 OB . 3.08 -38.22 -37.31
C29 AI4 OB . 7.10 -39.96 -32.19
C30 AI4 OB . 4.36 -36.93 -35.60
C31 AI4 OB . 4.44 -36.00 -34.57
C32 AI4 OB . 2.08 -35.60 -34.75
C33 AI4 OB . 2.04 -36.54 -35.78
C34 AI4 OB . 3.30 -35.33 -34.14
C35 AI4 OB . 3.39 -34.43 -33.13
C36 AI4 OB . 2.46 -33.91 -32.81
C37 AI4 OB . 2.39 -32.99 -31.83
C38 AI4 OB . 3.73 -32.52 -30.98
C39 AI4 OB . 4.81 -33.48 -31.74
C40 AI4 OB . 4.43 -34.30 -32.72
C41 AI4 OB . 3.19 -31.61 -30.12
F23 AI4 OB . 5.99 -45.20 -28.84
N07 AI4 OB . 3.29 -44.99 -32.74
N09 AI4 OB . 5.00 -46.11 -31.63
N22 AI4 OB . 8.06 -49.02 -27.37
N28 AI4 OB . 3.17 -37.20 -36.21
N42 AI4 OB . 3.65 -30.70 -29.03
O11 AI4 OB . 3.88 -40.50 -34.39
O12 AI4 OB . 6.66 -40.52 -33.44
O13 AI4 OB . 7.19 -45.17 -31.29
O43 AI4 OB . 4.36 -31.62 -29.85
H201 AI4 OB . 6.03 -46.94 -26.31
H242 AI4 OB . 6.23 -49.52 -24.83
H241 AI4 OB . 7.65 -50.19 -25.07
H243 AI4 OB . 7.54 -48.80 -24.33
H261 AI4 OB . 2.01 -39.49 -36.05
H262 AI4 OB . 2.56 -40.24 -37.33
H031 AI4 OB . 2.73 -42.69 -33.91
H061 AI4 OB . 7.18 -42.79 -32.34
H081 AI4 OB . 3.17 -46.81 -31.95
H181 AI4 OB . 9.25 -48.90 -29.95
H191 AI4 OB . 8.78 -47.24 -31.51
H252 AI4 OB . 3.29 -40.97 -35.74
H251 AI4 OB . 3.94 -39.35 -35.41
H271 AI4 OB . 3.92 -38.25 -37.80
H272 AI4 OB . 2.36 -37.99 -37.92
H292 AI4 OB . 7.79 -40.52 -31.81
H291 AI4 OB . 6.35 -39.91 -31.58
H293 AI4 OB . 7.44 -39.06 -32.35
H321 AI4 OB . 1.30 -35.16 -34.47
H331 AI4 OB . 1.22 -36.74 -36.19
H361 AI4 OB . 1.67 -34.13 -33.26
H371 AI4 OB . 1.57 -32.59 -31.63
H391 AI4 OB . 5.71 -33.44 -31.49
H401 AI4 OB . 5.10 -34.83 -33.10
H421 AI4 OB . 4.48 -30.66 -28.79
H422 AI4 OB . 3.08 -30.18 -28.63
H2 AI4 OB . 5.13 -37.38 -35.87
H3 AI4 OB . 5.26 -35.83 -34.15
C10 AI4 PB . -5.61 -19.58 57.28
C15 AI4 PB . -4.51 -20.81 59.98
C17 AI4 PB . -3.13 -22.74 60.47
C20 AI4 PB . -4.53 -22.32 62.18
C21 AI4 PB . -3.75 -23.44 62.48
C24 AI4 PB . -3.77 -24.29 63.74
C26 AI4 PB . -8.47 -14.56 51.93
C01 AI4 PB . -5.86 -16.06 55.71
C02 AI4 PB . -7.20 -16.10 55.25
C03 AI4 PB . -7.99 -17.26 55.46
C04 AI4 PB . -7.43 -18.43 56.14
C05 AI4 PB . -6.14 -18.41 56.60
C06 AI4 PB . -5.34 -17.22 56.38
C08 AI4 PB . -7.70 -20.61 56.94
C14 AI4 PB . -3.93 -20.65 58.72
C16 AI4 PB . -4.12 -21.88 60.86
C18 AI4 PB . -2.52 -22.56 59.18
C19 AI4 PB . -2.91 -21.51 58.32
C25 AI4 PB . -7.52 -14.91 53.18
C27 AI4 PB . -8.44 -13.11 51.30
C29 AI4 PB . -4.20 -14.45 56.62
C30 AI4 PB . -7.36 -11.93 53.10
C31 AI4 PB . -7.34 -11.10 54.17
C32 AI4 PB . -9.53 -10.38 53.75
C33 AI4 PB . -9.55 -11.30 52.68
C34 AI4 PB . -8.37 -10.27 54.53
C35 AI4 PB . -8.17 -9.44 55.59
C36 AI4 PB . -8.97 -8.74 55.94
C37 AI4 PB . -8.82 -7.89 56.99
C38 AI4 PB . -7.42 -7.81 57.85
C39 AI4 PB . -6.57 -8.95 57.06
C40 AI4 PB . -7.14 -9.58 56.03
C41 AI4 PB . -7.63 -6.87 58.81
F23 AI4 PB . -5.46 -19.94 60.33
N07 AI4 PB . -8.21 -19.54 56.31
N09 AI4 PB . -6.43 -20.60 57.40
N22 AI4 PB . -2.95 -23.66 61.47
N28 AI4 PB . -8.48 -12.08 52.38
N42 AI4 PB . -6.82 -6.33 59.90
O11 AI4 PB . -7.77 -14.93 54.59
O12 AI4 PB . -5.04 -14.90 55.54
O13 AI4 PB . -4.27 -19.60 57.79
O43 AI4 PB . -8.67 -6.27 58.94
H201 AI4 PB . -5.20 -21.93 62.71
H242 AI4 PB . -2.90 -24.23 64.18
H241 AI4 PB . -3.92 -25.21 63.49
H243 AI4 PB . -4.46 -23.98 64.33
H261 AI4 PB . -8.25 -15.19 51.22
H262 AI4 PB . -9.39 -14.73 52.22
H031 AI4 PB . -8.87 -17.29 55.14
H061 AI4 PB . -4.46 -17.20 56.69
H081 AI4 PB . -8.23 -21.36 57.08
H181 AI4 PB . -1.86 -23.15 58.91
H191 AI4 PB . -2.49 -21.41 57.50
H252 AI4 PB . -7.64 -13.97 53.33
H251 AI4 PB . -8.13 -15.67 53.22
H271 AI4 PB . -7.63 -12.99 50.77
H272 AI4 PB . -9.22 -12.99 50.71
H292 AI4 PB . -4.71 -14.46 57.45
H291 AI4 PB . -3.90 -13.54 56.45
H293 AI4 PB . -3.43 -15.03 56.70
H321 AI4 PB . -10.27 -9.85 53.93
H331 AI4 PB . -10.32 -11.38 52.17
H361 AI4 PB . -9.77 -8.73 55.49
H371 AI4 PB . -9.53 -7.34 57.23
H391 AI4 PB . -5.70 -9.16 57.32
H401 AI4 PB . -6.61 -10.22 55.62
H421 AI4 PB . -6.02 -6.63 59.98
H422 AI4 PB . -7.12 -5.72 60.42
H2 AI4 PB . -6.59 -12.40 52.87
H3 AI4 PB . -6.56 -11.08 54.68
C10 AI4 QB . 12.17 -26.39 -13.55
C15 AI4 QB . 14.31 -25.67 -11.28
C17 AI4 QB . 15.92 -26.89 -9.94
C20 AI4 QB . 15.13 -25.06 -8.90
C21 AI4 QB . 16.05 -25.70 -8.09
C24 AI4 QB . 16.46 -25.23 -6.69
C26 AI4 QB . 7.89 -25.77 -20.21
C01 AI4 QB . 11.44 -25.00 -17.08
C02 AI4 QB . 10.02 -25.10 -17.12
C03 AI4 QB . 9.33 -25.62 -16.00
C04 AI4 QB . 10.09 -26.06 -14.82
C05 AI4 QB . 11.47 -25.95 -14.77
C06 AI4 QB . 12.18 -25.42 -15.93
C08 AI4 QB . 10.11 -26.94 -12.62
C14 AI4 QB . 14.35 -26.58 -12.30
C16 AI4 QB . 15.07 -25.83 -10.09
C18 AI4 QB . 16.00 -27.84 -11.01
C19 AI4 QB . 15.23 -27.66 -12.18
C25 AI4 QB . 9.15 -25.49 -19.32
C27 AI4 QB . 8.23 -25.38 -21.67
C29 AI4 QB . 13.28 -23.66 -17.98
C30 AI4 QB . 9.81 -23.47 -21.59
C31 AI4 QB . 10.08 -22.11 -21.61
C32 AI4 QB . 7.75 -21.64 -21.92
C33 AI4 QB . 7.52 -23.03 -21.87
C34 AI4 QB . 9.06 -21.17 -21.79
C35 AI4 QB . 9.34 -19.83 -21.83
C36 AI4 QB . 8.52 -19.07 -21.98
C37 AI4 QB . 8.68 -17.74 -22.05
C38 AI4 QB . 10.18 -17.06 -21.91
C39 AI4 QB . 11.04 -18.42 -21.72
C40 AI4 QB . 10.44 -19.61 -21.71
C41 AI4 QB . 9.94 -15.73 -22.02
F23 AI4 QB . 13.47 -24.64 -11.51
N07 AI4 QB . 9.42 -26.56 -13.71
N09 AI4 QB . 11.47 -26.88 -12.52
N22 AI4 QB . 16.51 -26.78 -8.71
N28 AI4 QB . 8.53 -23.91 -21.72
N42 AI4 QB . 10.72 -14.49 -22.01
O11 AI4 QB . 9.26 -24.61 -18.25
O12 AI4 QB . 12.16 -24.50 -18.19
O13 AI4 QB . 13.61 -26.31 -13.51
O43 AI4 QB . 8.83 -15.34 -22.18
H201 AI4 QB . 14.66 -24.28 -8.71
H242 AI4 QB . 17.38 -24.95 -6.69
H241 AI4 QB . 16.34 -25.95 -6.05
H243 AI4 QB . 15.90 -24.48 -6.43
H261 AI4 QB . 7.67 -26.72 -20.18
H262 AI4 QB . 7.13 -25.25 -19.90
H031 AI4 QB . 8.41 -25.69 -16.01
H061 AI4 QB . 13.11 -25.36 -15.92
H081 AI4 QB . 9.63 -27.26 -11.88
H181 AI4 QB . 16.56 -28.58 -10.92
H191 AI4 QB . 15.32 -28.27 -12.88
H252 AI4 QB . 9.07 -24.64 -19.78
H251 AI4 QB . 8.58 -25.93 -18.68
H271 AI4 QB . 9.00 -25.88 -21.98
H272 AI4 QB . 7.47 -25.57 -22.25
H292 AI4 QB . 13.53 -23.23 -18.81
H291 AI4 QB . 13.06 -22.99 -17.31
H293 AI4 QB . 14.03 -24.19 -17.66
H321 AI4 QB . 7.04 -21.04 -22.04
H331 AI4 QB . 6.64 -23.34 -21.94
H361 AI4 QB . 7.65 -19.39 -22.06
H371 AI4 QB . 7.94 -17.18 -22.17
H391 AI4 QB . 11.96 -18.38 -21.61
H401 AI4 QB . 10.98 -20.36 -21.58
H421 AI4 QB . 11.57 -14.54 -21.90
H422 AI4 QB . 10.33 -13.73 -22.09
H2 AI4 QB . 10.51 -24.09 -21.49
H3 AI4 QB . 10.95 -21.82 -21.51
C10 AI4 RB . 1.37 -1.27 75.51
C15 AI4 RB . 3.58 -0.72 77.73
C17 AI4 RB . 5.42 -1.88 78.86
C20 AI4 RB . 4.55 -0.17 80.09
C21 AI4 RB . 5.60 -0.78 80.79
C24 AI4 RB . 6.12 -0.41 82.20
C26 AI4 RB . -3.25 -0.20 68.97
C01 AI4 RB . 0.48 0.16 72.01
C02 AI4 RB . -0.94 0.27 72.13
C03 AI4 RB . -1.56 -0.13 73.32
C04 AI4 RB . -0.77 -0.64 74.45
C05 AI4 RB . 0.62 -0.75 74.34
C06 AI4 RB . 1.26 -0.35 73.09
C08 AI4 RB . -0.68 -1.48 76.66
C14 AI4 RB . 3.66 -1.58 76.65
C16 AI4 RB . 4.46 -0.89 78.85
C18 AI4 RB . 5.57 -2.76 77.75
C19 AI4 RB . 4.69 -2.58 76.66
C25 AI4 RB . -2.50 -0.18 70.36
C27 AI4 RB . -4.42 0.86 68.91
C29 AI4 RB . 2.47 1.13 71.13
C30 AI4 RB . -3.02 2.78 69.65
C31 AI4 RB . -2.46 4.03 69.49
C32 AI4 RB . -3.60 4.29 67.38
C33 AI4 RB . -4.15 3.01 67.59
C34 AI4 RB . -2.73 4.83 68.35
C35 AI4 RB . -2.17 6.07 68.20
C36 AI4 RB . -2.37 6.75 67.31
C37 AI4 RB . -1.85 8.00 67.09
C38 AI4 RB . -0.82 8.69 68.20
C39 AI4 RB . -0.81 7.46 69.26
C40 AI4 RB . -1.51 6.33 69.07
C41 AI4 RB . -0.52 9.92 67.68
F23 AI4 RB . 2.63 0.26 77.72
N07 AI4 RB . -1.39 -1.03 75.62
N09 AI4 RB . 0.65 -1.61 76.60
N22 AI4 RB . 6.07 -1.77 80.06
N28 AI4 RB . -3.85 2.25 68.70
N42 AI4 RB . 0.32 11.05 68.12
O11 AI4 RB . -1.80 0.81 71.11
O12 AI4 RB . 1.21 0.53 70.85
O13 AI4 RB . 2.81 -1.42 75.46
O43 AI4 RB . -0.98 10.27 66.62
H201 AI4 RB . 4.03 0.54 80.37
H242 AI4 RB . 6.25 -1.22 82.71
H241 AI4 RB . 6.96 0.06 82.11
H243 AI4 RB . 5.46 0.16 82.65
H261 AI4 RB . -3.62 -1.09 68.83
H262 AI4 RB . -2.62 0.00 68.27
H031 AI4 RB . -2.49 -0.07 73.41
H061 AI4 RB . 2.18 -0.42 73.00
H081 AI4 RB . -1.12 -1.72 77.44
H181 AI4 RB . 6.22 -3.43 77.73
H191 AI4 RB . 4.77 -3.13 75.92
H252 AI4 RB . -1.73 -0.06 69.78
H251 AI4 RB . -3.25 0.41 70.58
H271 AI4 RB . -4.92 0.84 69.74
H272 AI4 RB . -5.02 0.64 68.18
H292 AI4 RB . 2.37 1.81 71.82
H291 AI4 RB . 2.82 1.55 70.33
H293 AI4 RB . 3.10 0.45 71.43
H321 AI4 RB . -3.81 4.79 66.62
H331 AI4 RB . -4.72 2.65 66.94
H361 AI4 RB . -2.94 6.42 66.65
H371 AI4 RB . -2.08 8.47 66.32
H391 AI4 RB . -0.30 7.54 70.04
H401 AI4 RB . -1.45 5.68 69.73
H421 AI4 RB . 0.39 11.74 67.62
H422 AI4 RB . 0.75 10.99 68.85
H2 AI4 RB . -2.82 2.29 70.40
H3 AI4 RB . -1.89 4.37 70.14
#